data_6YFY
#
_entry.id   6YFY
#
loop_
_entity.id
_entity.type
_entity.pdbx_description
1 polymer D-Arg4,Leu10-Teixobactin
2 polymer 'Lipid II'
3 branched '2-acetamido-2-deoxy-beta-D-glucopyranose-(1-4)-N-acetyl-alpha-muramic acid'
4 non-polymer PHOSPHONATE
5 non-polymer 3-methylbut-2-en-1-ol
#
loop_
_entity_poly.entity_id
_entity_poly.type
_entity_poly.pdbx_seq_one_letter_code
_entity_poly.pdbx_strand_id
1 'polypeptide(L)' (ZAE)IS(DAR)(28J)IS(DTH)ALI A,B,E,F
2 'polypeptide(D)' A(DGL)K(DAL)(DAL) C,D,G,H
#
loop_
_chem_comp.id
_chem_comp.type
_chem_comp.name
_chem_comp.formula
2PO non-polymer PHOSPHONATE 'H O3 P -2'
MUB D-saccharide, alpha linking 'N-acetyl-alpha-muramic acid' 'C11 H19 N O8'
NAG D-saccharide, beta linking 2-acetamido-2-deoxy-beta-D-glucopyranose 'C8 H15 N O6'
P1W non-polymer 3-methylbut-2-en-1-ol 'C5 H10 O'
#
# COMPACT_ATOMS: atom_id res chain seq x y z
N ZAE A 1 -5.25 -16.32 -4.44
CA ZAE A 1 -5.95 -15.69 -3.27
C ZAE A 1 -5.60 -14.21 -3.10
O ZAE A 1 -6.39 -13.33 -3.45
CB ZAE A 1 -7.48 -15.86 -3.39
CG ZAE A 1 -8.20 -15.89 -2.07
CD1 ZAE A 1 -7.54 -16.26 -0.90
CD2 ZAE A 1 -9.55 -15.58 -1.99
CE1 ZAE A 1 -8.22 -16.29 0.31
CE2 ZAE A 1 -10.22 -15.60 -0.78
CZ ZAE A 1 -9.57 -15.97 0.37
C10 ZAE A 1 -5.67 -15.68 -5.70
H1 ZAE A 1 -5.50 -17.32 -4.49
HA ZAE A 1 -5.63 -16.21 -2.37
HB2 ZAE A 1 -7.87 -15.02 -3.96
HB3 ZAE A 1 -7.70 -16.77 -3.92
HD1 ZAE A 1 -6.50 -16.52 -0.94
HD2 ZAE A 1 -10.07 -15.30 -2.89
HE1 ZAE A 1 -7.70 -16.59 1.21
HE2 ZAE A 1 -11.27 -15.36 -0.74
HZ ZAE A 1 -10.09 -15.99 1.30
H11 ZAE A 1 -5.11 -16.10 -6.53
H12 ZAE A 1 -5.48 -14.61 -5.64
H13 ZAE A 1 -6.73 -15.84 -5.86
N ILE A 2 -4.41 -13.94 -2.57
CA ILE A 2 -3.96 -12.57 -2.34
C ILE A 2 -2.66 -12.26 -3.08
N SER A 3 -2.49 -11.01 -3.52
CA SER A 3 -1.25 -10.62 -4.19
C SER A 3 -0.87 -9.17 -3.86
N DAR A 4 0.45 -8.99 -3.68
CA DAR A 4 1.04 -7.70 -3.38
CB DAR A 4 1.81 -7.16 -4.60
CG DAR A 4 0.92 -6.65 -5.68
CD DAR A 4 1.65 -6.70 -7.00
NE DAR A 4 1.55 -8.01 -7.61
CZ DAR A 4 0.75 -8.27 -8.63
NH1 DAR A 4 0.72 -9.49 -9.16
NH2 DAR A 4 -0.10 -7.35 -9.09
C DAR A 4 2.04 -7.79 -2.25
O DAR A 4 3.04 -8.49 -2.36
H DAR A 4 1.04 -9.76 -3.75
HA DAR A 4 0.26 -7.00 -3.12
HB2 DAR A 4 2.43 -7.95 -5.00
HB3 DAR A 4 2.44 -6.36 -4.26
HG2 DAR A 4 0.65 -5.62 -5.47
HG3 DAR A 4 0.03 -7.25 -5.74
HD2 DAR A 4 2.69 -6.48 -6.83
HD3 DAR A 4 1.22 -5.97 -7.67
HE DAR A 4 2.12 -8.71 -7.25
HH11 DAR A 4 0.12 -9.68 -9.98
HH12 DAR A 4 1.29 -10.24 -8.75
HH21 DAR A 4 -0.72 -7.56 -9.90
HH22 DAR A 4 -0.15 -6.42 -8.64
N 28J A 5 1.79 -7.09 -1.16
CA 28J A 5 2.76 -7.12 -0.06
CB 28J A 5 2.23 -7.85 1.17
CG2 28J A 5 0.70 -7.83 1.17
CG1 28J A 5 2.74 -9.30 1.16
CD1 28J A 5 4.16 -9.44 1.63
C 28J A 5 3.23 -5.73 0.34
O 28J A 5 2.53 -4.73 0.08
HA 28J A 5 3.62 -7.66 -0.42
H22 28J A 5 2.58 -7.35 2.05
H23 28J A 5 0.34 -8.26 0.24
H24 28J A 5 0.36 -6.82 1.26
H25 28J A 5 0.33 -8.43 2.00
H26 28J A 5 2.67 -9.70 0.16
H27 28J A 5 2.11 -9.89 1.83
H28 28J A 5 4.23 -9.13 2.67
H29 28J A 5 4.80 -8.82 1.03
H30 28J A 5 4.47 -10.48 1.54
N ILE A 6 4.42 -5.68 0.95
CA ILE A 6 5.00 -4.44 1.44
C ILE A 6 6.28 -4.09 0.72
N SER A 7 6.28 -2.90 0.11
CA SER A 7 7.46 -2.38 -0.52
C SER A 7 7.70 -0.91 -0.22
N DTH A 8 8.61 -0.36 -1.06
CA DTH A 8 8.98 1.06 -1.07
CB DTH A 8 9.34 1.59 -2.48
CG2 DTH A 8 8.20 1.27 -3.45
OG1 DTH A 8 10.58 1.00 -2.98
C DTH A 8 10.20 1.30 -0.22
O DTH A 8 10.47 2.41 0.22
H DTH A 8 9.10 -0.97 -1.64
HA DTH A 8 8.15 1.63 -0.69
HB DTH A 8 9.48 2.67 -2.44
HG21 DTH A 8 8.00 0.21 -3.44
HG22 DTH A 8 8.48 1.57 -4.45
HG23 DTH A 8 7.32 1.80 -3.13
N ALA A 9 11.00 0.25 0.00
CA ALA A 9 12.25 0.38 0.76
C ALA A 9 13.42 0.74 -0.16
N LEU A 10 13.85 -0.22 -1.00
CA LEU A 10 14.94 0.05 -1.94
C LEU A 10 14.38 0.80 -3.13
N ILE A 11 13.17 0.41 -3.50
CA ILE A 11 12.48 1.04 -4.60
C ILE A 11 11.17 1.66 -4.11
N ZAE B 1 8.30 4.97 2.63
CA ZAE B 1 8.54 3.82 3.50
C ZAE B 1 7.80 2.58 3.04
O ZAE B 1 8.41 1.58 2.65
CB ZAE B 1 10.03 3.54 3.52
CG ZAE B 1 10.52 2.89 4.77
CD1 ZAE B 1 10.35 3.50 5.99
CD2 ZAE B 1 11.18 1.68 4.69
CE1 ZAE B 1 10.83 2.93 7.13
CE2 ZAE B 1 11.65 1.10 5.85
CZ ZAE B 1 11.48 1.73 7.07
C10 ZAE B 1 8.87 4.72 1.30
H1 ZAE B 1 8.78 5.80 3.03
HA ZAE B 1 8.22 4.05 4.49
HB2 ZAE B 1 10.30 2.91 2.69
HB3 ZAE B 1 10.56 4.48 3.42
HD1 ZAE B 1 9.85 4.45 6.03
HD2 ZAE B 1 11.31 1.19 3.74
HE1 ZAE B 1 10.70 3.43 8.08
HE2 ZAE B 1 12.16 0.15 5.80
HZ ZAE B 1 11.85 1.27 7.97
H11 ZAE B 1 8.34 3.89 0.85
H12 ZAE B 1 9.91 4.47 1.42
H13 ZAE B 1 8.76 5.60 0.68
N ILE B 2 6.49 2.66 3.08
CA ILE B 2 5.69 1.51 2.73
C ILE B 2 4.77 1.80 1.55
N SER B 3 4.86 0.91 0.55
CA SER B 3 4.03 1.01 -0.62
C SER B 3 3.70 -0.37 -1.15
N DAR B 4 2.44 -0.49 -1.57
CA DAR B 4 1.90 -1.70 -2.17
CB DAR B 4 1.87 -1.60 -3.69
CG DAR B 4 3.07 -2.15 -4.40
CD DAR B 4 3.19 -1.54 -5.77
NE DAR B 4 3.56 -0.14 -5.72
CZ DAR B 4 4.47 0.40 -6.51
NH1 DAR B 4 5.15 -0.36 -7.37
NH2 DAR B 4 4.76 1.69 -6.41
C DAR B 4 0.47 -1.88 -1.73
O DAR B 4 -0.32 -0.96 -1.89
H DAR B 4 1.85 0.28 -1.45
HA DAR B 4 2.50 -2.56 -1.87
HB2 DAR B 4 1.76 -0.55 -3.95
HB3 DAR B 4 1.00 -2.12 -4.05
HG2 DAR B 4 2.98 -3.21 -4.49
HG3 DAR B 4 3.95 -1.90 -3.83
HD2 DAR B 4 2.24 -1.63 -6.27
HD3 DAR B 4 3.93 -2.07 -6.32
HE DAR B 4 3.09 0.42 -5.05
HH11 DAR B 4 5.86 0.07 -8.00
HH12 DAR B 4 4.99 -1.39 -7.40
HH21 DAR B 4 5.46 2.12 -7.05
HH22 DAR B 4 4.31 2.27 -5.68
N 28J B 5 0.14 -3.03 -1.16
CA 28J B 5 -1.24 -3.24 -0.73
CB 28J B 5 -1.39 -2.99 0.77
CG2 28J B 5 -0.07 -3.25 1.50
CG1 28J B 5 -1.84 -1.56 0.99
CD1 28J B 5 -2.50 -1.31 2.32
C 28J B 5 -1.76 -4.66 -0.99
O 28J B 5 -0.94 -5.59 -1.14
HA 28J B 5 -1.87 -2.53 -1.24
H22 28J B 5 -2.13 -3.66 1.16
H23 28J B 5 0.22 -4.28 1.35
H24 28J B 5 -0.19 -3.05 2.55
H25 28J B 5 0.70 -2.60 1.10
H26 28J B 5 -2.57 -1.31 0.22
H27 28J B 5 -1.00 -0.90 0.90
H28 28J B 5 -1.76 -1.44 3.10
H29 28J B 5 -3.30 -2.02 2.47
H30 28J B 5 -2.88 -0.31 2.35
N ILE B 6 -3.10 -4.83 -1.12
CA ILE B 6 -3.69 -6.16 -1.28
C ILE B 6 -4.69 -6.22 -2.39
N SER B 7 -4.50 -7.22 -3.23
CA SER B 7 -5.39 -7.43 -4.33
C SER B 7 -5.35 -8.83 -4.93
N DTH B 8 -6.16 -8.92 -6.02
CA DTH B 8 -6.30 -10.10 -6.88
CB DTH B 8 -5.97 -9.77 -8.36
CG2 DTH B 8 -4.58 -9.14 -8.43
OG1 DTH B 8 -6.94 -8.88 -8.90
C DTH B 8 -7.75 -10.62 -6.92
O DTH B 8 -8.04 -11.65 -7.51
H DTH B 8 -6.69 -8.14 -6.24
HA DTH B 8 -5.61 -10.86 -6.55
HB DTH B 8 -5.99 -10.69 -8.96
HG21 DTH B 8 -4.35 -8.88 -9.45
HG22 DTH B 8 -3.85 -9.84 -8.05
HG23 DTH B 8 -4.57 -8.25 -7.82
N ALA B 9 -8.71 -9.79 -6.42
CA ALA B 9 -10.17 -10.11 -6.46
C ALA B 9 -10.77 -9.58 -7.69
N LEU B 10 -10.60 -8.29 -7.82
CA LEU B 10 -11.12 -7.58 -8.98
C LEU B 10 -10.17 -7.76 -10.12
N ILE B 11 -8.92 -7.49 -9.83
CA ILE B 11 -7.88 -7.64 -10.84
C ILE B 11 -6.81 -8.58 -10.31
N ZAE C 1 -7.05 -3.75 -5.35
CA ZAE C 1 -8.01 -2.99 -4.50
C ZAE C 1 -7.34 -1.83 -3.81
O ZAE C 1 -7.59 -0.66 -4.14
CB ZAE C 1 -9.17 -2.47 -5.33
CG ZAE C 1 -10.36 -2.01 -4.52
CD1 ZAE C 1 -11.63 -2.00 -5.08
CD2 ZAE C 1 -10.18 -1.54 -3.23
CE1 ZAE C 1 -12.72 -1.54 -4.34
CE2 ZAE C 1 -11.26 -1.10 -2.50
CZ ZAE C 1 -12.53 -1.09 -3.05
C10 ZAE C 1 -6.45 -2.86 -6.36
H1 ZAE C 1 -7.55 -4.51 -5.84
HA ZAE C 1 -8.39 -3.67 -3.74
HB2 ZAE C 1 -8.82 -1.62 -5.91
HB3 ZAE C 1 -9.50 -3.24 -6.01
HD1 ZAE C 1 -11.78 -2.36 -6.07
HD2 ZAE C 1 -9.20 -1.53 -2.80
HE1 ZAE C 1 -13.70 -1.53 -4.78
HE2 ZAE C 1 -11.12 -0.76 -1.50
HZ ZAE C 1 -13.37 -0.73 -2.48
H11 ZAE C 1 -7.22 -2.46 -6.99
H12 ZAE C 1 -5.74 -3.42 -6.95
H13 ZAE C 1 -5.94 -2.05 -5.86
N ILE C 2 -6.46 -2.12 -2.88
CA ILE C 2 -5.80 -1.05 -2.18
C ILE C 2 -4.33 -1.07 -2.49
N SER C 3 -3.85 0.10 -2.89
CA SER C 3 -2.46 0.29 -3.20
C SER C 3 -2.02 1.68 -2.84
N DAR C 4 -0.80 1.75 -2.36
CA DAR C 4 -0.20 3.00 -1.95
CB DAR C 4 0.79 3.49 -2.99
CG DAR C 4 0.22 4.49 -3.97
CD DAR C 4 1.08 4.59 -5.21
NE DAR C 4 1.10 3.34 -5.96
CZ DAR C 4 0.91 3.27 -7.28
NH1 DAR C 4 0.65 4.37 -7.98
NH2 DAR C 4 0.96 2.09 -7.89
C DAR C 4 0.52 2.81 -0.64
O DAR C 4 1.38 1.94 -0.54
H DAR C 4 -0.30 0.91 -2.26
HA DAR C 4 -1.00 3.73 -1.82
HB2 DAR C 4 1.14 2.63 -3.55
HB3 DAR C 4 1.62 3.95 -2.48
HG2 DAR C 4 0.16 5.46 -3.50
HG3 DAR C 4 -0.77 4.17 -4.26
HD2 DAR C 4 2.09 4.83 -4.91
HD3 DAR C 4 0.70 5.37 -5.85
HE DAR C 4 1.27 2.52 -5.47
HH11 DAR C 4 0.50 4.31 -9.01
HH12 DAR C 4 0.60 5.29 -7.51
HH21 DAR C 4 0.80 2.03 -8.91
HH22 DAR C 4 1.16 1.24 -7.34
N 28J C 5 0.16 3.61 0.36
CA 28J C 5 0.81 3.50 1.65
CB 28J C 5 -0.10 2.79 2.68
CG2 28J C 5 -1.57 3.05 2.38
CG1 28J C 5 0.19 1.28 2.71
CD1 28J C 5 -0.03 0.63 4.06
C 28J C 5 1.16 4.88 2.21
O 28J C 5 0.53 5.88 1.84
HA 28J C 5 1.71 2.92 1.53
H22 28J C 5 0.12 3.21 3.65
H23 28J C 5 -1.78 2.77 1.36
H24 28J C 5 -1.78 4.10 2.51
H25 28J C 5 -2.18 2.47 3.06
H26 28J C 5 1.21 1.11 2.42
H27 28J C 5 -0.47 0.79 1.99
H28 28J C 5 -1.04 0.82 4.39
H29 28J C 5 0.66 1.05 4.77
H30 28J C 5 0.14 -0.43 3.97
N ILE C 6 2.26 4.92 2.99
CA ILE C 6 2.64 6.16 3.67
C ILE C 6 4.14 6.36 3.70
N SER C 7 4.60 7.52 3.20
CA SER C 7 6.01 7.81 3.20
C SER C 7 6.32 9.30 3.26
N DTH C 8 7.51 9.60 3.76
CA DTH C 8 8.00 10.97 3.87
CB DTH C 8 8.78 11.37 2.59
CG2 DTH C 8 7.87 11.21 1.38
OG1 DTH C 8 9.94 10.56 2.42
C DTH C 8 9.02 11.23 4.99
O DTH C 8 9.31 12.40 5.26
H DTH C 8 8.07 8.87 4.10
HA DTH C 8 7.14 11.63 3.96
HB DTH C 8 9.12 12.42 2.67
HG21 DTH C 8 8.41 11.49 0.49
HG22 DTH C 8 7.01 11.85 1.49
HG23 DTH C 8 7.56 10.18 1.31
N ALA C 9 9.62 10.17 5.56
CA ALA C 9 10.71 10.30 6.55
C ALA C 9 12.03 10.34 5.84
N LEU C 10 12.43 9.15 5.43
CA LEU C 10 13.70 9.00 4.72
C LEU C 10 13.57 9.62 3.35
N ILE C 11 12.38 9.54 2.81
CA ILE C 11 12.14 10.13 1.51
C ILE C 11 10.97 11.09 1.60
N ZAE D 1 6.11 15.77 5.03
CA ZAE D 1 5.89 14.82 6.18
C ZAE D 1 5.38 13.46 5.70
O ZAE D 1 6.11 12.48 5.73
CB ZAE D 1 7.19 14.63 6.97
CG ZAE D 1 6.98 14.28 8.41
CD1 ZAE D 1 6.42 15.19 9.30
CD2 ZAE D 1 7.35 13.02 8.89
CE1 ZAE D 1 6.23 14.85 10.64
CE2 ZAE D 1 7.16 12.69 10.21
CZ ZAE D 1 6.60 13.60 11.09
C10 ZAE D 1 7.07 15.21 4.06
H1 ZAE D 1 6.48 16.66 5.38
HA ZAE D 1 5.15 15.26 6.83
HB2 ZAE D 1 7.77 13.83 6.51
HB3 ZAE D 1 7.77 15.55 6.94
HD1 ZAE D 1 6.13 16.16 8.95
HD2 ZAE D 1 7.78 12.31 8.21
HE1 ZAE D 1 5.78 15.56 11.32
HE2 ZAE D 1 7.45 11.70 10.57
HZ ZAE D 1 6.45 13.33 12.13
H11 ZAE D 1 7.20 15.89 3.24
H12 ZAE D 1 6.70 14.27 3.69
H13 ZAE D 1 8.03 15.06 4.55
N ILE D 2 4.13 13.41 5.26
CA ILE D 2 3.55 12.16 4.79
C ILE D 2 3.06 12.35 3.35
N SER D 3 3.19 11.30 2.54
CA SER D 3 2.71 11.34 1.17
C SER D 3 2.28 9.95 0.69
N DAR D 4 1.20 9.93 -0.07
CA DAR D 4 0.65 8.69 -0.58
CB DAR D 4 1.02 8.53 -2.04
CG DAR D 4 2.39 7.95 -2.23
CD DAR D 4 2.91 8.24 -3.63
NE DAR D 4 3.19 9.65 -3.80
CZ DAR D 4 4.40 10.16 -4.01
NH1 DAR D 4 4.55 11.46 -4.22
NH2 DAR D 4 5.47 9.37 -3.94
C DAR D 4 -0.85 8.64 -0.47
O DAR D 4 -1.54 9.47 -1.05
H DAR D 4 0.79 10.78 -0.34
HA DAR D 4 1.08 7.88 -0.01
HB2 DAR D 4 0.98 9.50 -2.52
HB3 DAR D 4 0.29 7.87 -2.50
HG2 DAR D 4 2.35 6.89 -2.08
HG3 DAR D 4 3.06 8.40 -1.52
HD2 DAR D 4 2.15 7.94 -4.34
HD3 DAR D 4 3.81 7.68 -3.79
HE DAR D 4 2.41 10.26 -3.82
HH11 DAR D 4 5.50 11.85 -4.37
HH12 DAR D 4 3.71 12.08 -4.26
HH21 DAR D 4 6.41 9.77 -4.14
HH22 DAR D 4 5.38 8.38 -3.67
N 28J D 5 -1.36 7.68 0.29
CA 28J D 5 -2.79 7.52 0.43
CB 28J D 5 -3.26 7.81 1.88
CG2 28J D 5 -2.13 7.52 2.86
CG1 28J D 5 -3.71 9.27 2.04
CD1 28J D 5 -5.05 9.56 1.39
C 28J D 5 -3.23 6.13 0.00
O 28J D 5 -2.40 5.23 -0.18
HA 28J D 5 -3.26 8.24 -0.22
H22 28J D 5 -4.08 7.15 2.12
H23 28J D 5 -1.31 8.19 2.66
H24 28J D 5 -1.80 6.50 2.75
H25 28J D 5 -2.48 7.68 3.87
H26 28J D 5 -2.98 9.92 1.60
H27 28J D 5 -3.81 9.50 3.09
H28 28J D 5 -5.83 8.97 1.86
H29 28J D 5 -5.00 9.32 0.34
H30 28J D 5 -5.29 10.61 1.49
N ILE D 6 -4.53 6.01 -0.25
CA ILE D 6 -5.16 4.75 -0.62
C ILE D 6 -5.87 4.80 -1.99
N SER D 7 -5.55 3.80 -2.85
CA SER D 7 -6.18 3.69 -4.19
C SER D 7 -6.20 2.25 -4.70
N DTH D 8 -6.90 2.06 -5.83
CA DTH D 8 -6.96 0.79 -6.56
CB DTH D 8 -6.07 0.70 -7.84
CG2 DTH D 8 -4.65 1.11 -7.52
OG1 DTH D 8 -6.63 1.54 -8.88
C DTH D 8 -8.43 0.60 -7.08
O DTH D 8 -8.66 -0.39 -7.77
H DTH D 8 -7.52 2.78 -6.11
HA DTH D 8 -6.74 -0.03 -5.89
HB DTH D 8 -6.09 -0.33 -8.22
HG21 DTH D 8 -4.20 0.36 -6.88
HG22 DTH D 8 -4.65 2.06 -7.02
HG23 DTH D 8 -4.10 1.17 -8.44
N ALA D 9 -9.32 1.56 -6.76
CA ALA D 9 -10.67 1.54 -7.21
C ALA D 9 -10.70 1.60 -8.72
N LEU D 10 -10.45 2.79 -9.17
CA LEU D 10 -10.33 3.14 -10.59
C LEU D 10 -9.08 2.55 -11.23
N ILE D 11 -7.92 2.86 -10.64
CA ILE D 11 -6.64 2.41 -11.19
C ILE D 11 -5.94 1.52 -10.15
N ALA E 1 16.97 -10.06 -0.42
CA ALA E 1 18.45 -9.88 -0.37
C ALA E 1 18.93 -9.29 1.00
N DGL E 2 19.40 -7.98 0.91
CA DGL E 2 19.80 -7.29 2.22
C DGL E 2 18.96 -7.76 3.47
O DGL E 2 17.69 -7.68 3.27
CB DGL E 2 21.09 -7.78 2.73
CG DGL E 2 21.67 -9.08 2.06
CD DGL E 2 22.02 -10.13 3.11
OE1 DGL E 2 22.95 -10.91 2.92
H DGL E 2 19.24 -7.47 0.09
HA DGL E 2 19.73 -6.24 1.96
HB2 DGL E 2 20.96 -7.90 3.78
HB3 DGL E 2 21.78 -6.96 2.56
HG2 DGL E 2 22.56 -8.82 1.54
HG3 DGL E 2 20.95 -9.51 1.34
N LYS E 3 21.29 -10.15 4.19
CA LYS E 3 21.47 -11.08 5.27
C LYS E 3 22.81 -10.91 6.02
N DAL E 4 23.23 -9.58 5.91
CA DAL E 4 24.48 -8.82 6.56
CB DAL E 4 26.00 -9.53 6.48
C DAL E 4 23.71 -8.12 7.86
O DAL E 4 23.99 -8.36 9.02
H DAL E 4 22.66 -9.05 5.32
HA DAL E 4 25.04 -8.07 6.01
HB1 DAL E 4 26.24 -9.79 5.47
HB2 DAL E 4 26.05 -10.45 7.09
HB3 DAL E 4 26.81 -8.81 6.85
N DAL E 5 22.67 -7.28 7.50
CA DAL E 5 21.77 -6.40 8.44
CB DAL E 5 22.89 -5.67 9.30
C DAL E 5 20.84 -7.45 9.27
O DAL E 5 20.53 -7.33 10.54
OXT DAL E 5 20.35 -8.31 8.55
H DAL E 5 22.44 -7.32 6.51
HA DAL E 5 21.09 -5.68 8.01
HB1 DAL E 5 23.57 -6.43 9.56
HB2 DAL E 5 22.42 -5.28 10.18
HB3 DAL E 5 23.43 -4.84 8.78
N ALA F 1 -17.35 -3.35 -1.91
CA ALA F 1 -18.19 -2.21 -2.33
C ALA F 1 -18.46 -2.31 -3.86
N DGL F 2 -19.67 -1.83 -4.24
CA DGL F 2 -19.98 -1.72 -5.72
C DGL F 2 -18.71 -1.80 -6.67
O DGL F 2 -18.62 -2.57 -7.59
CB DGL F 2 -20.63 -3.04 -6.15
CG DGL F 2 -20.01 -4.39 -5.58
CD DGL F 2 -19.44 -5.27 -6.70
OE1 DGL F 2 -20.15 -6.13 -7.25
H DGL F 2 -20.23 -1.29 -3.58
HA DGL F 2 -20.53 -0.79 -5.82
HB2 DGL F 2 -20.63 -3.02 -7.20
HB3 DGL F 2 -21.69 -2.95 -5.79
HG2 DGL F 2 -20.79 -4.95 -5.09
HG3 DGL F 2 -19.21 -4.20 -4.84
N LYS F 3 -18.20 -5.06 -7.06
CA LYS F 3 -17.51 -5.82 -8.09
C LYS F 3 -18.07 -5.62 -9.50
N DAL F 4 -18.25 -4.26 -9.75
CA DAL F 4 -18.70 -3.49 -11.08
CB DAL F 4 -20.28 -2.91 -11.22
C DAL F 4 -17.80 -4.35 -12.20
O DAL F 4 -18.29 -5.13 -12.99
H DAL F 4 -18.07 -3.70 -8.97
HA DAL F 4 -18.52 -2.43 -11.22
HB1 DAL F 4 -20.53 -2.32 -10.34
HB2 DAL F 4 -21.00 -3.73 -11.29
HB3 DAL F 4 -20.39 -2.22 -12.12
N DAL F 5 -16.44 -4.14 -12.09
CA DAL F 5 -15.31 -4.71 -13.00
CB DAL F 5 -15.71 -4.06 -14.38
C DAL F 5 -15.46 -6.33 -12.87
O DAL F 5 -15.05 -6.78 -11.82
OXT DAL F 5 -15.92 -7.10 -13.85
H DAL F 5 -16.18 -3.61 -11.26
HA DAL F 5 -14.26 -4.50 -12.78
HB1 DAL F 5 -16.74 -4.19 -14.44
HB2 DAL F 5 -15.22 -4.65 -15.15
HB3 DAL F 5 -15.44 -2.99 -14.52
N ALA G 1 10.30 1.86 11.29
CA ALA G 1 11.59 1.73 12.01
C ALA G 1 11.61 2.71 13.23
N DGL G 2 11.30 3.98 12.90
CA DGL G 2 11.11 5.06 13.93
C DGL G 2 9.95 4.67 14.91
O DGL G 2 8.93 5.32 14.95
CB DGL G 2 12.40 5.03 14.92
CG DGL G 2 12.76 6.39 15.65
CD DGL G 2 13.11 7.48 14.63
OE1 DGL G 2 14.29 7.70 14.34
H DGL G 2 11.02 4.20 11.94
HA DGL G 2 10.95 5.99 13.41
HB2 DGL G 2 13.18 4.71 14.30
HB3 DGL G 2 12.23 4.25 15.71
HG2 DGL G 2 13.61 6.24 16.27
HG3 DGL G 2 11.92 6.75 16.27
N LYS G 3 12.11 8.14 14.12
CA LYS G 3 12.28 9.21 13.16
C LYS G 3 12.80 8.73 11.79
N DAL G 4 13.46 9.79 11.15
CA DAL G 4 14.25 9.82 9.76
CB DAL G 4 15.34 8.61 9.38
C DAL G 4 14.45 11.48 9.62
O DAL G 4 14.94 12.16 10.49
H DAL G 4 13.38 10.63 11.63
HA DAL G 4 13.83 9.43 8.84
HB1 DAL G 4 16.23 8.69 10.00
HB2 DAL G 4 15.66 8.67 8.34
HB3 DAL G 4 14.91 7.58 9.58
N DAL G 5 13.90 12.00 8.46
CA DAL G 5 13.95 13.49 7.98
CB DAL G 5 15.51 13.68 7.78
C DAL G 5 13.27 14.37 9.17
O DAL G 5 12.05 14.32 9.16
OXT DAL G 5 13.95 15.15 9.99
H DAL G 5 13.35 11.34 7.94
HA DAL G 5 13.42 13.78 7.06
HB1 DAL G 5 15.93 13.25 8.63
HB2 DAL G 5 15.69 14.74 7.76
HB3 DAL G 5 15.94 13.22 6.86
N ALA H 1 -9.60 8.21 -13.77
CA ALA H 1 -10.56 7.64 -14.74
C ALA H 1 -12.01 8.09 -14.37
N DGL H 2 -12.82 8.23 -15.45
CA DGL H 2 -14.30 8.55 -15.24
C DGL H 2 -14.84 8.15 -13.79
O DGL H 2 -14.51 6.95 -13.41
CB DGL H 2 -14.45 10.06 -15.14
CG DGL H 2 -13.36 10.84 -14.27
CD DGL H 2 -13.97 11.50 -13.03
OE1 DGL H 2 -14.42 12.65 -13.09
H DGL H 2 -12.51 7.87 -16.35
HA DGL H 2 -14.82 8.05 -16.06
HB2 DGL H 2 -15.42 10.21 -14.77
HB3 DGL H 2 -14.40 10.42 -16.18
HG2 DGL H 2 -12.94 11.62 -14.88
HG3 DGL H 2 -12.54 10.18 -13.95
N LYS H 3 -14.00 10.79 -11.92
CA LYS H 3 -14.53 11.27 -10.67
C LYS H 3 -16.06 11.44 -10.63
N DAL H 4 -16.66 10.37 -11.31
CA DAL H 4 -18.21 9.99 -11.50
CB DAL H 4 -19.26 11.10 -12.23
C DAL H 4 -18.43 9.10 -10.11
O DAL H 4 -19.11 9.47 -9.18
H DAL H 4 -16.01 9.79 -11.75
HA DAL H 4 -18.55 9.43 -12.37
HB1 DAL H 4 -18.92 11.31 -13.23
HB2 DAL H 4 -19.28 12.04 -11.67
HB3 DAL H 4 -20.31 10.68 -12.31
N DAL H 5 -17.70 7.92 -10.09
CA DAL H 5 -17.71 6.81 -8.98
CB DAL H 5 -19.25 6.48 -8.92
C DAL H 5 -17.08 7.50 -7.65
O DAL H 5 -17.79 7.82 -6.58
OXT DAL H 5 -15.86 7.56 -7.68
H DAL H 5 -17.03 7.84 -10.84
HA DAL H 5 -17.13 5.90 -9.13
HB1 DAL H 5 -19.73 7.42 -8.89
HB2 DAL H 5 -19.43 5.96 -8.00
HB3 DAL H 5 -19.66 5.88 -9.77
C1 MUB I . 13.22 -6.89 -1.24
C2 MUB I . 13.03 -8.42 -1.25
C3 MUB I . 13.74 -9.01 -0.04
C4 MUB I . 14.97 -8.16 0.38
C5 MUB I . 14.50 -6.78 0.82
C6 MUB I . 15.58 -5.74 0.53
C7 MUB I . 10.97 -8.92 -0.13
C8 MUB I . 9.52 -9.29 -0.14
C9 MUB I . 14.78 -10.57 -1.52
C10 MUB I . 16.32 -10.47 -1.55
C11 MUB I . 13.98 -11.02 -2.79
O1 MUB I . 12.13 -6.29 -1.86
O3 MUB I . 14.09 -10.39 -0.27
O4 MUB I . 15.71 -8.86 1.43
O5 MUB I . 13.29 -6.39 0.11
O6 MUB I . 16.80 -6.08 1.16
O7 MUB I . 11.53 -8.75 0.95
O10 MUB I . 16.92 -10.89 -2.52
N2 MUB I . 11.62 -8.77 -1.28
H1 MUB I . 14.14 -6.58 -1.79
H2 MUB I . 13.41 -8.66 -2.28
HN2 MUB I . 11.13 -8.91 -2.14
H81 MUB I . 8.97 -8.55 -0.70
H82 MUB I . 9.15 -9.33 0.86
H83 MUB I . 9.43 -10.28 -0.60
H3 MUB I . 13.06 -9.11 0.82
H9 MUB I . 14.91 -9.47 -1.65
H111 MUB I . 13.43 -11.97 -2.63
H112 MUB I . 14.63 -11.16 -3.58
H113 MUB I . 13.29 -10.21 -3.07
H4 MUB I . 15.79 -8.27 -0.30
H5 MUB I . 14.34 -6.72 1.87
H61 MUB I . 15.26 -4.83 1.08
H62 MUB I . 15.68 -5.43 -0.55
HO6 MUB I . 16.73 -6.83 1.75
C1 NAG I . 14.91 -9.40 2.50
C2 NAG I . 15.81 -9.91 3.58
C3 NAG I . 14.98 -10.53 4.68
C4 NAG I . 13.91 -9.53 5.15
C5 NAG I . 13.12 -8.97 3.96
C6 NAG I . 12.13 -7.88 4.40
C7 NAG I . 16.32 -12.03 2.47
C8 NAG I . 17.38 -12.97 1.91
N2 NAG I . 16.74 -10.89 3.02
O3 NAG I . 15.83 -10.87 5.76
O4 NAG I . 13.02 -10.19 6.04
O5 NAG I . 14.02 -8.41 3.00
O6 NAG I . 11.42 -7.35 3.29
O7 NAG I . 15.15 -12.39 2.50
H1 NAG I . 14.33 -10.21 1.99
H2 NAG I . 16.55 -9.21 3.96
H3 NAG I . 14.45 -11.44 4.36
H4 NAG I . 14.48 -8.83 5.84
H5 NAG I . 12.49 -9.71 3.49
H61 NAG I . 12.66 -7.02 4.85
H62 NAG I . 11.48 -8.30 5.18
H81 NAG I . 18.05 -13.26 2.71
H82 NAG I . 17.93 -12.48 1.14
H83 NAG I . 16.89 -13.85 1.49
HN2 NAG I . 17.68 -10.63 2.97
HO3 NAG I . 15.31 -11.11 6.49
HO4 NAG I . 12.46 -10.80 5.55
HO6 NAG I . 11.71 -7.87 2.53
C1 MUB J . -13.29 -6.08 -3.04
C2 MUB J . -14.04 -6.17 -1.72
C3 MUB J . -15.52 -6.36 -2.00
C4 MUB J . -15.92 -5.59 -3.26
C5 MUB J . -15.22 -6.20 -4.47
C6 MUB J . -14.95 -5.16 -5.54
C7 MUB J . -13.98 -8.46 -0.97
C8 MUB J . -13.45 -9.52 -0.06
C9 MUB J . -15.96 -4.69 -0.34
C10 MUB J . -16.89 -3.50 -0.64
C11 MUB J . -14.79 -4.56 0.70
O1 MUB J . -11.99 -6.56 -2.92
O3 MUB J . -16.32 -5.99 -0.86
O4 MUB J . -17.37 -5.64 -3.39
O5 MUB J . -13.96 -6.82 -4.09
O6 MUB J . -14.48 -3.96 -4.97
O7 MUB J . -14.85 -8.74 -1.78
O10 MUB J . -17.26 -2.79 0.27
N2 MUB J . -13.52 -7.22 -0.85
H1 MUB J . -13.18 -5.02 -3.39
H2 MUB J . -13.72 -5.23 -1.22
HN2 MUB J . -12.79 -7.02 -0.18
H81 MUB J . -13.70 -9.27 0.96
H82 MUB J . -12.38 -9.58 -0.16
H83 MUB J . -13.88 -10.47 -0.35
H3 MUB J . -15.78 -7.42 -2.08
H9 MUB J . -15.52 -4.38 -1.32
H111 MUB J . -14.67 -5.47 1.32
H112 MUB J . -14.98 -3.76 1.33
H113 MUB J . -13.87 -4.33 0.15
H4 MUB J . -15.92 -4.52 -3.13
H5 MUB J . -15.82 -6.92 -4.96
H61 MUB J . -15.93 -4.89 -5.96
H62 MUB J . -14.30 -5.51 -6.41
HO6 MUB J . -15.05 -3.21 -5.16
C1 NAG J . -17.95 -6.94 -3.19
C2 NAG J . -19.41 -6.91 -3.59
C3 NAG J . -20.03 -8.27 -3.40
C4 NAG J . -19.18 -9.34 -4.09
C5 NAG J . -17.71 -9.24 -3.67
C6 NAG J . -16.82 -10.23 -4.39
C7 NAG J . -20.06 -5.83 -1.51
C8 NAG J . -20.83 -4.72 -0.80
N2 NAG J . -20.13 -5.89 -2.84
O3 NAG J . -21.34 -8.25 -3.95
O4 NAG J . -19.66 -10.63 -3.73
O5 NAG J . -17.23 -7.92 -3.93
O6 NAG J . -16.66 -9.89 -5.75
O7 NAG J . -19.54 -6.71 -0.83
H1 NAG J . -17.83 -7.10 -2.09
H2 NAG J . -19.64 -6.51 -4.55
H3 NAG J . -20.10 -8.55 -2.32
H4 NAG J . -19.46 -9.26 -5.17
H5 NAG J . -17.57 -9.46 -2.61
H61 NAG J . -17.29 -11.22 -4.36
H62 NAG J . -15.88 -10.31 -3.82
H81 NAG J . -21.88 -4.82 -1.05
H82 NAG J . -20.48 -3.77 -1.14
H83 NAG J . -20.68 -4.80 0.27
HN2 NAG J . -20.54 -5.17 -3.34
HO3 NAG J . -21.65 -9.14 -4.00
HO4 NAG J . -19.46 -10.82 -2.81
HO6 NAG J . -16.80 -8.94 -5.81
C1 MUB K . 8.27 5.20 8.21
C2 MUB K . 7.74 3.79 8.41
C3 MUB K . 7.59 3.50 9.89
C4 MUB K . 8.64 4.27 10.67
C5 MUB K . 8.34 5.77 10.55
C6 MUB K . 9.59 6.61 10.76
C7 MUB K . 5.33 3.76 8.31
C8 MUB K . 4.06 3.52 7.57
C9 MUB K . 8.70 1.43 9.42
C10 MUB K . 10.05 1.18 10.13
C11 MUB K . 8.38 0.76 8.04
O1 MUB K . 7.89 5.69 6.98
O3 MUB K . 7.64 2.10 10.16
O4 MUB K . 8.62 3.84 12.06
O5 MUB K . 7.79 6.08 9.24
O6 MUB K . 10.70 6.04 10.08
O7 MUB K . 5.28 4.15 9.47
O10 MUB K . 10.78 0.31 9.71
N2 MUB K . 6.49 3.57 7.69
H1 MUB K . 9.40 5.22 8.25
H2 MUB K . 8.47 3.17 7.82
HN2 MUB K . 6.49 3.27 6.73
H81 MUB K . 3.23 3.88 8.18
H82 MUB K . 3.93 2.48 7.39
H83 MUB K . 4.11 4.05 6.62
H3 MUB K . 6.58 3.72 10.24
H9 MUB K . 9.19 2.39 9.17
H111 MUB K . 8.53 1.46 7.19
H112 MUB K . 7.37 0.46 8.03
H113 MUB K . 8.99 -0.14 7.93
H4 MUB K . 9.64 3.91 10.50
H5 MUB K . 7.69 6.12 11.29
H61 MUB K . 9.86 6.48 11.84
H62 MUB K . 9.46 7.72 10.57
HO6 MUB K . 11.53 6.45 10.35
C1 NAG K . 7.32 3.59 12.60
C2 NAG K . 7.42 3.29 14.08
C3 NAG K . 6.06 3.01 14.65
C4 NAG K . 5.08 4.14 14.27
C5 NAG K . 5.11 4.42 12.77
C6 NAG K . 4.22 5.59 12.37
C7 NAG K . 8.13 0.99 13.76
C8 NAG K . 9.14 -0.10 14.05
N2 NAG K . 8.33 2.19 14.31
O3 NAG K . 6.16 2.91 16.05
O4 NAG K . 3.77 3.75 14.64
O5 NAG K . 6.46 4.70 12.35
O6 NAG K . 4.72 6.82 12.86
O7 NAG K . 7.10 0.71 13.16
H1 NAG K . 6.98 2.69 12.03
H2 NAG K . 7.96 3.98 14.71
H3 NAG K . 5.63 2.06 14.26
H4 NAG K . 5.31 4.95 15.01
H5 NAG K . 4.73 3.59 12.18
H61 NAG K . 3.23 5.48 12.79
H62 NAG K . 4.10 5.57 11.28
H81 NAG K . 10.11 0.21 13.67
H82 NAG K . 8.84 -1.01 13.55
H83 NAG K . 9.19 -0.28 15.12
HN2 NAG K . 9.17 2.38 14.77
HO3 NAG K . 6.73 3.61 16.35
HO4 NAG K . 3.77 3.33 15.51
HO6 NAG K . 5.69 6.71 12.89
C1 MUB L . -8.84 8.27 -8.92
C2 MUB L . -7.79 8.69 -9.96
C3 MUB L . -8.41 9.73 -10.90
C4 MUB L . -9.88 9.40 -11.10
C5 MUB L . -10.60 9.67 -9.76
C6 MUB L . -11.85 8.82 -9.66
C7 MUB L . -6.47 10.52 -9.14
C8 MUB L . -5.23 11.05 -8.53
C9 MUB L . -7.37 8.52 -12.70
C10 MUB L . -8.25 7.92 -13.80
C11 MUB L . -6.02 7.83 -12.28
O1 MUB L . -8.27 7.82 -7.74
O3 MUB L . -7.69 9.81 -12.15
O4 MUB L . -10.41 10.23 -12.18
O5 MUB L . -9.74 9.36 -8.63
O6 MUB L . -11.97 7.96 -10.79
O7 MUB L . -7.45 11.25 -9.22
O10 MUB L . -7.75 7.30 -14.72
N2 MUB L . -6.58 9.22 -9.34
H1 MUB L . -9.46 7.42 -9.29
H2 MUB L . -7.46 7.72 -10.39
HN2 MUB L . -5.77 8.64 -9.25
H81 MUB L . -4.40 10.78 -9.17
H82 MUB L . -5.09 10.61 -7.57
H83 MUB L . -5.33 12.12 -8.43
H3 MUB L . -8.26 10.75 -10.54
H9 MUB L . -8.15 8.03 -12.06
H111 MUB L . -5.13 8.32 -12.76
H112 MUB L . -6.04 6.83 -12.59
H113 MUB L . -5.94 7.83 -11.20
H4 MUB L . -10.08 8.49 -11.63
H5 MUB L . -10.94 10.67 -9.66
H61 MUB L . -12.72 9.50 -9.76
H62 MUB L . -11.97 8.26 -8.67
HO6 MUB L . -12.07 8.42 -11.61
C1 NAG L . -10.04 11.62 -12.11
C2 NAG L . -10.77 12.39 -13.19
C3 NAG L . -10.39 13.85 -13.13
C4 NAG L . -10.57 14.38 -11.70
C5 NAG L . -9.85 13.49 -10.67
C6 NAG L . -10.10 13.94 -9.25
C7 NAG L . -9.24 11.72 -14.97
C8 NAG L . -9.05 11.10 -16.34
N2 NAG L . -10.49 11.83 -14.49
O3 NAG L . -11.24 14.56 -14.02
O4 NAG L . -10.02 15.70 -11.63
O5 NAG L . -10.32 12.14 -10.80
O6 NAG L . -9.74 12.95 -8.31
O7 NAG L . -8.28 12.22 -14.40
H1 NAG L . -8.94 11.60 -12.31
H2 NAG L . -11.85 12.26 -13.25
H3 NAG L . -9.35 14.02 -13.43
H4 NAG L . -11.67 14.57 -11.63
H5 NAG L . -8.77 13.52 -10.79
H61 NAG L . -11.16 14.16 -9.07
H62 NAG L . -9.56 14.89 -9.11
H81 NAG L . -7.99 11.08 -16.58
H82 NAG L . -9.57 11.68 -17.08
H83 NAG L . -9.45 10.08 -16.34
HN2 NAG L . -11.23 11.40 -14.98
HO3 NAG L . -12.13 14.36 -13.82
HO4 NAG L . -10.25 16.19 -12.44
HO6 NAG L . -8.98 12.49 -8.69
P 2PO M . 12.23 -5.48 -3.28
O1P 2PO M . 13.49 -5.79 -4.01
O2P 2PO M . 10.96 -5.66 -4.04
O3P 2PO M . 12.31 -3.97 -2.80
P 2PO N . 11.15 -3.40 -1.84
O1P 2PO N . 11.33 -1.94 -1.71
O2P 2PO N . 9.85 -3.94 -2.32
O3P 2PO N . 11.48 -4.07 -0.44
C1 P1W O . 10.45 -4.75 0.28
C2 P1W O . 10.26 -4.06 1.62
C3 P1W O . 11.18 -3.93 2.55
C4 P1W O . 10.88 -3.21 3.85
C5 P1W O . 12.60 -4.46 2.40
H12 P1W O . 10.72 -5.78 0.43
H11 P1W O . 9.54 -4.71 -0.30
H2 P1W O . 9.42 -3.39 1.65
H41 P1W O . 11.79 -2.83 4.29
H42 P1W O . 10.23 -2.39 3.62
H51 P1W O . 13.19 -4.18 3.26
H52 P1W O . 13.05 -4.06 1.51
H53 P1W O . 12.57 -5.54 2.33
C1 P1W P . 10.17 -4.10 4.87
C2 P1W P . 11.03 -4.26 6.08
C3 P1W P . 10.56 -4.21 7.32
C4 P1W P . 11.42 -4.34 8.56
C5 P1W P . 9.07 -4.05 7.64
H12 P1W P . 9.23 -3.64 5.14
H11 P1W P . 9.98 -5.06 4.43
H2 P1W P . 12.08 -4.12 5.91
H41 P1W P . 10.90 -4.94 9.29
H42 P1W P . 12.36 -4.82 8.30
H51 P1W P . 8.93 -4.13 8.71
H52 P1W P . 8.51 -4.84 7.16
H53 P1W P . 8.71 -3.10 7.30
C1 P1W Q . 11.74 -2.97 9.17
C2 P1W Q . 13.03 -2.41 8.63
C3 P1W Q . 14.05 -1.96 9.37
C4 P1W Q . 15.34 -1.42 8.75
C5 P1W Q . 14.03 -1.94 10.90
H12 P1W Q . 10.93 -2.29 8.94
H11 P1W Q . 11.82 -3.07 10.24
H2 P1W Q . 13.07 -2.38 7.56
H43 P1W Q . 16.17 -1.56 9.44
H41 P1W Q . 15.23 -0.36 8.54
H42 P1W Q . 15.55 -1.94 7.84
H51 P1W Q . 13.23 -1.30 11.25
H52 P1W Q . 14.98 -1.55 11.25
H53 P1W Q . 13.89 -2.94 11.29
C1 P1W R . -9.58 -11.83 0.06
C2 P1W R . -10.89 -12.13 -0.62
C3 P1W R . -11.03 -12.38 -1.94
C4 P1W R . -12.36 -12.68 -2.62
C5 P1W R . -9.85 -12.39 -2.91
H12 P1W R . -8.76 -12.23 -0.53
H11 P1W R . -9.56 -12.27 1.04
H2 P1W R . -11.76 -11.86 -0.03
H41 P1W R . -13.17 -12.22 -2.07
H42 P1W R . -12.50 -13.75 -2.64
H51 P1W R . -8.96 -12.73 -2.38
H52 P1W R . -9.67 -11.39 -3.29
H53 P1W R . -10.05 -13.06 -3.73
C1 P1W S . -12.40 -12.16 -4.06
C2 P1W S . -13.08 -13.14 -4.96
C3 P1W S . -13.75 -12.82 -6.08
C4 P1W S . -14.41 -13.89 -6.97
C5 P1W S . -13.92 -11.39 -6.59
H12 P1W S . -12.94 -11.22 -4.09
H11 P1W S . -11.40 -12.00 -4.42
H2 P1W S . -13.11 -14.15 -4.58
H43 P1W S . -15.46 -13.97 -6.72
H41 P1W S . -13.94 -14.84 -6.81
H42 P1W S . -14.32 -13.60 -8.01
H51 P1W S . -14.62 -11.39 -7.42
H52 P1W S . -12.97 -11.02 -6.93
H53 P1W S . -14.30 -10.76 -5.80
P 2PO T . -10.70 -5.57 -3.10
O1P 2PO T . -11.15 -4.17 -2.98
O2P 2PO T . -9.59 -6.03 -2.23
O3P 2PO T . -10.26 -5.82 -4.62
P 2PO U . -8.88 -6.55 -4.96
O1P 2PO U . -8.81 -6.66 -6.47
O2P 2PO U . -7.79 -5.84 -4.24
O3P 2PO U . -9.11 -7.97 -4.22
C1 P1W V . -8.28 -8.51 -3.20
C2 P1W V . -9.09 -9.00 -1.99
C3 P1W V . -8.57 -9.79 -1.00
C4 P1W V . -9.39 -10.30 0.17
C5 P1W V . -7.12 -10.26 -0.95
H12 P1W V . -7.58 -7.76 -2.88
H11 P1W V . -7.74 -9.35 -3.62
H2 P1W V . -9.98 -8.43 -1.79
H41 P1W V . -10.36 -9.83 0.18
H42 P1W V . -8.88 -10.08 1.10
H51 P1W V . -7.02 -11.20 -1.47
H52 P1W V . -6.84 -10.41 0.09
H53 P1W V . -6.47 -9.51 -1.39
P 2PO W . 8.63 6.99 6.33
O1P 2PO W . 10.05 6.66 6.07
O2P 2PO W . 7.83 7.53 5.21
O3P 2PO W . 8.57 8.05 7.51
P 2PO X . 7.38 9.12 7.58
O1P 2PO X . 7.77 10.12 8.64
O2P 2PO X . 7.08 9.59 6.22
O3P 2PO X . 6.17 8.19 8.05
C1 P1W Y . 5.45 8.45 9.25
C2 P1W Y . 4.52 9.62 9.07
C3 P1W Y . 3.78 10.12 10.06
C4 P1W Y . 2.85 11.31 9.88
C5 P1W Y . 3.79 9.54 11.46
H12 P1W Y . 6.16 8.67 10.03
H11 P1W Y . 4.89 7.57 9.52
H2 P1W Y . 4.73 10.24 8.22
H41 P1W Y . 3.13 11.86 9.00
H42 P1W Y . 2.93 11.97 10.75
H51 P1W Y . 3.68 8.46 11.40
H52 P1W Y . 2.98 9.95 12.03
H53 P1W Y . 4.74 9.78 11.94
C1 P1W Z . 1.38 10.85 9.75
C2 P1W Z . 0.43 11.93 10.20
C3 P1W Z . -0.89 11.90 9.96
C4 P1W Z . -1.85 13.00 10.40
C5 P1W Z . -1.60 10.75 9.24
H12 P1W Z . 1.20 10.61 8.71
H11 P1W Z . 1.23 9.96 10.34
H2 P1W Z . 0.91 12.87 10.43
H41 P1W Z . -1.55 13.36 11.38
H42 P1W Z . -2.85 12.61 10.44
H51 P1W Z . -2.55 11.10 8.87
H52 P1W Z . -1.75 9.94 9.93
H53 P1W Z . -1.00 10.42 8.40
C1 P1W AA . -1.82 14.19 9.43
C2 P1W AA . -1.04 15.33 9.99
C3 P1W AA . 0.03 15.90 9.41
C4 P1W AA . 0.78 17.09 10.03
C5 P1W AA . 0.63 15.42 8.09
H12 P1W AA . -1.38 13.87 8.50
H11 P1W AA . -2.84 14.51 9.25
H2 P1W AA . -1.45 15.75 10.88
H43 P1W AA . 0.07 17.85 10.32
H41 P1W AA . 1.48 17.50 9.31
H42 P1W AA . 1.33 16.75 10.91
H51 P1W AA . 1.26 16.20 7.68
H52 P1W AA . -0.17 15.22 7.39
H53 P1W AA . 1.21 14.52 8.23
P 2PO BA . -7.28 6.52 -7.70
O1P 2PO BA . -7.77 5.54 -8.68
O2P 2PO BA . -5.85 6.96 -7.79
O3P 2PO BA . -7.47 5.88 -6.22
P 2PO CA . -8.88 5.50 -5.57
O1P 2PO CA . -9.40 4.34 -6.32
O2P 2PO CA . -8.74 5.37 -4.07
O3P 2PO CA . -9.83 6.72 -5.93
C1 P1W DA . -11.14 6.72 -5.36
C2 P1W DA . -11.02 7.21 -3.92
C3 P1W DA . -11.97 7.22 -2.98
C4 P1W DA . -11.59 7.77 -1.62
C5 P1W DA . -13.40 6.68 -3.10
H12 P1W DA . -11.54 5.71 -5.37
H11 P1W DA . -11.77 7.37 -5.94
H2 P1W DA . -10.01 7.28 -3.57
H41 P1W DA . -10.53 7.91 -1.58
H42 P1W DA . -11.89 7.07 -0.86
H51 P1W DA . -13.56 5.86 -2.40
H52 P1W DA . -13.55 6.30 -4.10
H53 P1W DA . -14.13 7.47 -2.90
C1 P1W EA . -12.26 9.12 -1.33
C2 P1W EA . -12.02 9.54 0.10
C3 P1W EA . -12.83 9.24 1.12
C4 P1W EA . -12.59 9.68 2.55
C5 P1W EA . -14.10 8.40 0.94
H12 P1W EA . -11.86 9.85 -2.02
H11 P1W EA . -13.33 9.03 -1.49
H2 P1W EA . -11.28 10.32 0.21
H41 P1W EA . -11.58 9.41 2.85
H42 P1W EA . -13.31 9.19 3.19
H51 P1W EA . -14.40 8.03 1.90
H52 P1W EA . -13.90 7.57 0.28
H53 P1W EA . -14.89 9.00 0.53
C1 P1W FA . -12.77 11.19 2.67
C2 P1W FA . -14.23 11.56 2.67
C3 P1W FA . -14.81 12.40 1.80
C4 P1W FA . -16.32 12.72 1.84
C5 P1W FA . -14.04 13.11 0.69
H12 P1W FA . -12.33 11.51 3.61
H11 P1W FA . -12.29 11.69 1.85
H2 P1W FA . -14.81 11.09 3.45
H43 P1W FA . -16.46 13.72 2.22
H41 P1W FA . -16.83 12.00 2.47
H42 P1W FA . -16.71 12.67 0.83
H51 P1W FA . -13.30 13.76 1.14
H52 P1W FA . -14.74 13.70 0.11
H53 P1W FA . -13.55 12.39 0.04
N ZAE A 1 -4.89 -16.22 -7.61
CA ZAE A 1 -5.88 -15.48 -6.74
C ZAE A 1 -5.39 -14.07 -6.41
O ZAE A 1 -5.79 -13.09 -7.03
CB ZAE A 1 -7.25 -15.40 -7.42
CG ZAE A 1 -8.41 -15.36 -6.44
CD1 ZAE A 1 -8.37 -16.11 -5.28
CD2 ZAE A 1 -9.54 -14.60 -6.71
CE1 ZAE A 1 -9.43 -16.08 -4.37
CE2 ZAE A 1 -10.60 -14.57 -5.81
CZ ZAE A 1 -10.54 -15.32 -4.65
C10 ZAE A 1 -4.75 -15.58 -8.93
H1 ZAE A 1 -5.22 -17.19 -7.75
HA ZAE A 1 -5.99 -16.03 -5.81
HB2 ZAE A 1 -7.30 -14.50 -8.02
HB3 ZAE A 1 -7.39 -16.26 -8.07
HD1 ZAE A 1 -7.49 -16.71 -5.05
HD2 ZAE A 1 -9.59 -14.02 -7.61
HE1 ZAE A 1 -9.38 -16.67 -3.47
HE2 ZAE A 1 -11.47 -13.97 -6.03
HZ ZAE A 1 -11.38 -15.30 -3.95
H11 ZAE A 1 -4.01 -16.12 -9.51
H12 ZAE A 1 -4.41 -14.55 -8.80
H13 ZAE A 1 -5.70 -15.59 -9.45
N ILE A 2 -4.51 -13.98 -5.43
CA ILE A 2 -3.98 -12.69 -5.01
C ILE A 2 -2.65 -12.43 -5.70
N SER A 3 -2.35 -11.17 -5.97
CA SER A 3 -1.08 -10.78 -6.56
C SER A 3 -0.70 -9.38 -6.12
N DAR A 4 0.56 -9.05 -6.31
CA DAR A 4 1.07 -7.76 -5.91
CB DAR A 4 1.76 -7.11 -7.09
CG DAR A 4 0.79 -6.61 -8.13
CD DAR A 4 0.16 -5.31 -7.70
NE DAR A 4 -0.48 -4.65 -8.80
CZ DAR A 4 -0.84 -3.36 -8.80
NH1 DAR A 4 -1.36 -2.84 -9.89
NH2 DAR A 4 -0.68 -2.64 -7.70
C DAR A 4 2.07 -7.87 -4.79
O DAR A 4 2.95 -8.73 -4.83
H DAR A 4 1.16 -9.68 -6.76
HA DAR A 4 0.25 -7.13 -5.60
HB2 DAR A 4 2.42 -7.84 -7.56
HB3 DAR A 4 2.35 -6.28 -6.74
HG2 DAR A 4 0.02 -7.36 -8.27
HG3 DAR A 4 1.32 -6.46 -9.06
HD2 DAR A 4 0.93 -4.67 -7.29
HD3 DAR A 4 -0.57 -5.51 -6.93
HE DAR A 4 -0.63 -5.18 -9.62
HH11 DAR A 4 -1.64 -1.83 -9.89
HH12 DAR A 4 -1.49 -3.42 -10.75
HH21 DAR A 4 -0.94 -1.64 -7.71
HH22 DAR A 4 -0.32 -3.07 -6.83
N 28J A 5 1.93 -7.01 -3.78
CA 28J A 5 2.87 -7.05 -2.69
CB 28J A 5 2.41 -7.95 -1.51
CG2 28J A 5 0.90 -7.89 -1.40
CG1 28J A 5 2.84 -9.40 -1.72
CD1 28J A 5 2.62 -10.29 -0.51
C 28J A 5 3.19 -5.63 -2.21
O 28J A 5 2.73 -4.64 -2.79
HA 28J A 5 3.80 -7.47 -3.08
H22 28J A 5 2.84 -7.57 -0.59
H23 28J A 5 0.58 -8.52 -0.59
H24 28J A 5 0.44 -8.23 -2.32
H25 28J A 5 0.58 -6.87 -1.20
H26 28J A 5 3.89 -9.43 -1.97
H27 28J A 5 2.27 -9.82 -2.54
H28 28J A 5 2.90 -11.30 -0.76
H29 28J A 5 1.58 -10.26 -0.24
H30 28J A 5 3.22 -9.93 0.32
N ILE A 6 4.02 -5.58 -1.17
CA ILE A 6 4.42 -4.33 -0.55
C ILE A 6 5.95 -4.24 -0.38
N SER A 7 6.54 -3.07 -0.69
CA SER A 7 7.99 -2.84 -0.52
C SER A 7 8.32 -1.37 -0.27
N DTH A 8 9.53 -1.14 0.26
CA DTH A 8 10.01 0.22 0.53
CB DTH A 8 10.95 0.80 -0.55
CG2 DTH A 8 10.28 0.71 -1.90
OG1 DTH A 8 12.21 0.10 -0.56
C DTH A 8 10.80 0.14 1.83
O DTH A 8 11.00 1.14 2.53
H DTH A 8 10.07 -1.91 0.52
HA DTH A 8 9.16 0.86 0.63
HB DTH A 8 11.18 1.85 -0.31
HG21 DTH A 8 9.37 1.28 -1.90
HG22 DTH A 8 10.07 -0.32 -2.14
HG23 DTH A 8 10.95 1.13 -2.65
N ALA A 9 11.27 -1.06 2.16
CA ALA A 9 12.07 -1.27 3.34
C ALA A 9 13.51 -0.84 3.09
N LEU A 10 14.28 -1.66 2.36
CA LEU A 10 15.66 -1.29 2.01
C LEU A 10 15.67 -0.54 0.70
N ILE A 11 14.63 -0.80 -0.09
CA ILE A 11 14.51 -0.15 -1.38
C ILE A 11 13.20 0.63 -1.44
N ZAE B 1 8.75 6.05 0.56
CA ZAE B 1 9.01 4.99 1.53
C ZAE B 1 8.41 3.67 1.11
O ZAE B 1 9.00 2.94 0.31
CB ZAE B 1 10.51 4.84 1.71
CG ZAE B 1 10.89 4.06 2.89
CD1 ZAE B 1 9.92 3.68 3.79
CD2 ZAE B 1 12.20 3.74 3.15
CE1 ZAE B 1 10.24 2.99 4.93
CE2 ZAE B 1 12.54 3.03 4.29
CZ ZAE B 1 11.55 2.66 5.18
C10 ZAE B 1 9.39 5.74 -0.73
H1 ZAE B 1 9.15 6.94 0.90
HA ZAE B 1 8.58 5.28 2.47
HB2 ZAE B 1 10.93 4.36 0.84
HB3 ZAE B 1 10.95 5.83 1.81
HD1 ZAE B 1 8.89 3.95 3.60
HD2 ZAE B 1 12.98 4.03 2.45
HE1 ZAE B 1 9.46 2.72 5.62
HE2 ZAE B 1 13.57 2.77 4.49
HZ ZAE B 1 11.79 2.12 6.08
H11 ZAE B 1 9.08 6.46 -1.47
H12 ZAE B 1 9.08 4.75 -1.05
H13 ZAE B 1 10.46 5.76 -0.62
N ILE B 2 7.24 3.38 1.63
CA ILE B 2 6.59 2.14 1.30
C ILE B 2 5.44 2.37 0.35
N SER B 3 5.40 1.48 -0.64
CA SER B 3 4.36 1.46 -1.62
C SER B 3 4.13 0.05 -2.07
N DAR B 4 3.01 -0.13 -2.72
CA DAR B 4 2.62 -1.42 -3.25
CB DAR B 4 2.77 -1.45 -4.76
CG DAR B 4 4.16 -1.79 -5.26
CD DAR B 4 4.16 -2.18 -6.73
NE DAR B 4 5.47 -2.60 -7.17
CZ DAR B 4 5.91 -3.87 -7.14
NH1 DAR B 4 5.12 -4.82 -6.63
NH2 DAR B 4 7.11 -4.17 -7.60
C DAR B 4 1.18 -1.66 -2.91
O DAR B 4 0.38 -0.73 -2.94
H DAR B 4 2.39 0.63 -2.81
HA DAR B 4 3.24 -2.18 -2.81
HB2 DAR B 4 2.51 -0.47 -5.14
HB3 DAR B 4 2.09 -2.17 -5.17
HG2 DAR B 4 4.55 -2.61 -4.68
HG3 DAR B 4 4.79 -0.92 -5.13
HD2 DAR B 4 3.85 -1.32 -7.31
HD3 DAR B 4 3.45 -2.98 -6.87
HE DAR B 4 6.09 -1.91 -7.52
HH11 DAR B 4 5.47 -5.81 -6.61
HH12 DAR B 4 4.18 -4.59 -6.26
HH21 DAR B 4 7.45 -5.15 -7.56
HH22 DAR B 4 7.73 -3.43 -7.98
N 28J B 5 0.85 -2.90 -2.57
CA 28J B 5 -0.52 -3.22 -2.23
CB 28J B 5 -0.79 -3.05 -0.71
CG2 28J B 5 0.37 -3.61 0.11
CG1 28J B 5 -0.98 -1.57 -0.35
CD1 28J B 5 -1.01 -1.30 1.14
C 28J B 5 -0.91 -4.63 -2.65
O 28J B 5 -0.13 -5.34 -3.34
HA 28J B 5 -1.15 -2.52 -2.75
H22 28J B 5 -1.68 -3.59 -0.45
H23 28J B 5 1.27 -3.06 -0.12
H24 28J B 5 0.51 -4.66 -0.13
H25 28J B 5 0.15 -3.51 1.16
H26 28J B 5 -1.92 -1.23 -0.78
H27 28J B 5 -0.17 -1.00 -0.78
H28 28J B 5 -1.30 -0.27 1.30
H29 28J B 5 -0.03 -1.46 1.55
H30 28J B 5 -1.73 -1.95 1.61
N ILE B 6 -2.15 -4.99 -2.32
CA ILE B 6 -2.66 -6.36 -2.55
C ILE B 6 -4.05 -6.40 -3.19
N SER B 7 -4.22 -7.28 -4.19
CA SER B 7 -5.51 -7.41 -4.86
C SER B 7 -5.76 -8.77 -5.51
N DTH B 8 -7.05 -9.10 -5.57
CA DTH B 8 -7.56 -10.30 -6.23
CB DTH B 8 -7.75 -10.20 -7.77
CG2 DTH B 8 -6.45 -9.79 -8.43
OG1 DTH B 8 -8.80 -9.27 -8.07
C DTH B 8 -9.06 -10.74 -5.82
O DTH B 8 -9.48 -11.72 -6.42
H DTH B 8 -7.67 -8.58 -5.03
HA DTH B 8 -6.91 -11.13 -6.02
HB DTH B 8 -8.07 -11.17 -8.17
HG21 DTH B 8 -5.69 -10.53 -8.23
HG22 DTH B 8 -6.13 -8.83 -8.05
HG23 DTH B 8 -6.60 -9.72 -9.50
N ALA B 9 -9.84 -9.90 -5.12
CA ALA B 9 -11.23 -10.17 -4.85
C ALA B 9 -12.11 -9.59 -5.91
N LEU B 10 -12.07 -8.30 -5.93
CA LEU B 10 -12.85 -7.49 -6.86
C LEU B 10 -12.33 -7.68 -8.29
N ILE B 11 -11.08 -8.10 -8.36
CA ILE B 11 -10.40 -8.28 -9.64
C ILE B 11 -9.24 -9.24 -9.42
N ZAE C 1 -7.26 -4.71 -4.17
CA ZAE C 1 -7.87 -4.32 -2.88
C ZAE C 1 -7.34 -2.98 -2.42
O ZAE C 1 -7.99 -1.95 -2.64
CB ZAE C 1 -9.38 -4.25 -3.02
CG ZAE C 1 -10.12 -4.29 -1.73
CD1 ZAE C 1 -9.81 -5.25 -0.78
CD2 ZAE C 1 -11.17 -3.41 -1.48
CE1 ZAE C 1 -10.51 -5.31 0.41
CE2 ZAE C 1 -11.87 -3.47 -0.29
CZ ZAE C 1 -11.55 -4.43 0.65
C10 ZAE C 1 -7.56 -3.71 -5.19
H1 ZAE C 1 -7.63 -5.62 -4.48
HA ZAE C 1 -7.61 -5.07 -2.14
HB2 ZAE C 1 -9.64 -3.32 -3.51
HB3 ZAE C 1 -9.72 -5.07 -3.62
HD1 ZAE C 1 -8.99 -5.93 -0.97
HD2 ZAE C 1 -11.41 -2.66 -2.22
HE1 ZAE C 1 -10.25 -6.07 1.15
HE2 ZAE C 1 -12.68 -2.78 -0.11
HZ ZAE C 1 -12.10 -4.49 1.58
H11 ZAE C 1 -7.11 -2.76 -4.91
H12 ZAE C 1 -8.64 -3.59 -5.26
H13 ZAE C 1 -7.17 -4.03 -6.14
N ILE C 2 -6.16 -2.97 -1.86
CA ILE C 2 -5.61 -1.73 -1.38
C ILE C 2 -4.24 -1.50 -1.99
N SER C 3 -3.98 -0.25 -2.31
CA SER C 3 -2.71 0.14 -2.86
C SER C 3 -2.39 1.56 -2.47
N DAR C 4 -1.11 1.85 -2.46
CA DAR C 4 -0.61 3.15 -2.08
CB DAR C 4 -0.13 3.90 -3.31
CG DAR C 4 -1.25 4.48 -4.16
CD DAR C 4 -1.83 5.73 -3.51
NE DAR C 4 -2.95 6.26 -4.28
CZ DAR C 4 -3.40 7.50 -4.17
NH1 DAR C 4 -2.86 8.33 -3.28
NH2 DAR C 4 -4.41 7.91 -4.93
C DAR C 4 0.53 2.98 -1.12
O DAR C 4 1.43 2.17 -1.38
H DAR C 4 -0.48 1.14 -2.70
HA DAR C 4 -1.41 3.69 -1.61
HB2 DAR C 4 0.45 3.23 -3.93
HB3 DAR C 4 0.52 4.71 -2.99
HG2 DAR C 4 -2.02 3.75 -4.28
HG3 DAR C 4 -0.84 4.74 -5.12
HD2 DAR C 4 -1.06 6.48 -3.45
HD3 DAR C 4 -2.17 5.47 -2.53
HE DAR C 4 -3.39 5.64 -4.92
HH11 DAR C 4 -3.22 9.31 -3.19
HH12 DAR C 4 -2.07 8.02 -2.68
HH21 DAR C 4 -4.77 8.87 -4.83
HH22 DAR C 4 -4.83 7.25 -5.62
N 28J C 5 0.50 3.73 -0.02
CA 28J C 5 1.55 3.67 0.97
CB 28J C 5 1.26 2.61 2.07
CG2 28J C 5 -0.18 2.71 2.53
CG1 28J C 5 1.57 1.19 1.55
CD1 28J C 5 1.69 0.16 2.65
C 28J C 5 1.76 5.02 1.65
O 28J C 5 0.93 5.93 1.49
HA 28J C 5 2.47 3.38 0.46
H22 28J C 5 1.90 2.82 2.91
H23 28J C 5 -0.37 1.96 3.29
H24 28J C 5 -0.85 2.54 1.70
H25 28J C 5 -0.37 3.69 2.95
H26 28J C 5 2.49 1.22 1.00
H27 28J C 5 0.77 0.88 0.89
H28 28J C 5 0.73 0.03 3.14
H29 28J C 5 2.42 0.48 3.38
H30 28J C 5 2.00 -0.79 2.23
N ILE C 6 2.91 5.17 2.31
CA ILE C 6 3.18 6.39 3.10
C ILE C 6 4.66 6.73 3.12
N SER C 7 4.97 8.02 2.98
CA SER C 7 6.36 8.46 3.01
C SER C 7 6.49 9.93 3.35
N DTH C 8 7.55 10.24 4.09
CA DTH C 8 7.86 11.62 4.48
CB DTH C 8 8.64 12.36 3.37
CG2 DTH C 8 7.81 12.38 2.11
OG1 DTH C 8 9.88 11.70 3.12
C DTH C 8 8.79 11.77 5.71
O DTH C 8 8.95 12.89 6.19
H DTH C 8 8.13 9.52 4.39
HA DTH C 8 6.93 12.14 4.65
HB DTH C 8 8.87 13.39 3.69
HG21 DTH C 8 6.88 12.92 2.28
HG22 DTH C 8 7.57 11.37 1.81
HG23 DTH C 8 8.36 12.86 1.32
N ALA C 9 9.46 10.69 6.14
CA ALA C 9 10.48 10.73 7.22
C ALA C 9 11.82 10.99 6.61
N LEU C 10 12.28 9.96 5.91
CA LEU C 10 13.58 10.01 5.25
C LEU C 10 13.48 10.91 4.05
N ILE C 11 12.35 10.83 3.38
CA ILE C 11 12.13 11.67 2.21
C ILE C 11 10.86 12.45 2.41
N ZAE D 1 5.39 17.10 4.04
CA ZAE D 1 5.30 16.23 5.27
C ZAE D 1 4.98 14.79 4.90
O ZAE D 1 5.89 14.00 4.61
CB ZAE D 1 6.61 16.29 6.07
CG ZAE D 1 6.45 15.88 7.51
CD1 ZAE D 1 5.41 16.37 8.28
CD2 ZAE D 1 7.36 14.99 8.09
CE1 ZAE D 1 5.28 16.00 9.61
CE2 ZAE D 1 7.22 14.61 9.41
CZ ZAE D 1 6.19 15.12 10.18
C10 ZAE D 1 6.53 16.71 3.20
H1 ZAE D 1 5.54 18.10 4.34
HA ZAE D 1 4.50 16.62 5.89
HB2 ZAE D 1 7.33 15.63 5.61
HB3 ZAE D 1 6.99 17.30 6.05
HD1 ZAE D 1 4.70 17.06 7.84
HD2 ZAE D 1 8.17 14.59 7.50
HE1 ZAE D 1 4.46 16.38 10.21
HE2 ZAE D 1 7.94 13.93 9.86
HZ ZAE D 1 6.09 14.82 11.22
H11 ZAE D 1 6.52 17.29 2.28
H12 ZAE D 1 6.45 15.66 2.95
H13 ZAE D 1 7.46 16.89 3.73
N ILE D 2 3.70 14.43 4.89
CA ILE D 2 3.29 13.08 4.55
C ILE D 2 2.86 13.04 3.09
N SER D 3 3.04 11.88 2.45
CA SER D 3 2.63 11.70 1.07
C SER D 3 2.24 10.25 0.81
N DAR D 4 1.32 10.08 -0.12
CA DAR D 4 0.80 8.78 -0.48
CB DAR D 4 1.37 8.35 -1.81
CG DAR D 4 2.87 8.16 -1.76
CD DAR D 4 3.34 7.32 -2.93
NE DAR D 4 4.67 6.80 -2.68
CZ DAR D 4 4.92 5.72 -1.97
NH1 DAR D 4 6.16 5.25 -1.91
NH2 DAR D 4 3.96 5.12 -1.28
C DAR D 4 -0.70 8.77 -0.58
O DAR D 4 -1.28 9.65 -1.22
H DAR D 4 1.00 10.87 -0.62
HA DAR D 4 1.12 8.07 0.28
HB2 DAR D 4 1.15 9.10 -2.55
HB3 DAR D 4 0.91 7.42 -2.10
HG2 DAR D 4 3.12 7.66 -0.84
HG3 DAR D 4 3.34 9.12 -1.79
HD2 DAR D 4 3.36 7.94 -3.82
HD3 DAR D 4 2.65 6.50 -3.08
HE DAR D 4 5.41 7.27 -3.12
HH11 DAR D 4 6.38 4.40 -1.35
HH12 DAR D 4 6.93 5.72 -2.45
HH21 DAR D 4 4.16 4.25 -0.75
HH22 DAR D 4 3.01 5.53 -1.25
N 28J D 5 -1.32 7.78 0.03
CA 28J D 5 -2.75 7.65 -0.04
CB 28J D 5 -3.48 8.32 1.15
CG2 28J D 5 -2.68 8.09 2.43
CG1 28J D 5 -3.67 9.83 0.93
CD1 28J D 5 -4.59 10.49 1.93
C 28J D 5 -3.13 6.19 -0.15
O 28J D 5 -2.29 5.30 -0.01
HA 28J D 5 -3.08 8.16 -0.95
H22 28J D 5 -4.45 7.86 1.28
H23 28J D 5 -1.71 8.57 2.33
H24 28J D 5 -2.54 7.03 2.58
H25 28J D 5 -3.21 8.52 3.27
H26 28J D 5 -4.08 9.99 -0.06
H27 28J D 5 -2.70 10.31 0.99
H28 28J D 5 -4.67 11.54 1.71
H29 28J D 5 -4.19 10.36 2.93
H30 28J D 5 -5.57 10.03 1.88
N ILE D 6 -4.39 5.97 -0.49
CA ILE D 6 -4.96 4.65 -0.62
C ILE D 6 -5.83 4.52 -1.88
N SER D 7 -5.70 3.39 -2.60
CA SER D 7 -6.54 3.14 -3.79
C SER D 7 -6.76 1.66 -4.04
N DTH D 8 -7.90 1.35 -4.66
CA DTH D 8 -8.25 -0.02 -5.02
CB DTH D 8 -7.99 -0.36 -6.52
CG2 DTH D 8 -6.56 0.02 -6.88
OG1 DTH D 8 -8.91 0.32 -7.38
C DTH D 8 -9.75 -0.24 -4.77
O DTH D 8 -10.29 -1.32 -5.02
H DTH D 8 -8.56 2.08 -4.81
HA DTH D 8 -7.66 -0.69 -4.41
HB DTH D 8 -8.13 -1.44 -6.68
HG21 DTH D 8 -5.87 -0.53 -6.27
HG22 DTH D 8 -6.42 1.08 -6.73
HG23 DTH D 8 -6.39 -0.22 -7.93
N ALA D 9 -10.42 0.79 -4.25
CA ALA D 9 -11.86 0.73 -4.01
C ALA D 9 -12.62 0.53 -5.32
N LEU D 10 -12.48 1.48 -6.25
CA LEU D 10 -13.13 1.36 -7.55
C LEU D 10 -12.21 0.60 -8.49
N ILE D 11 -11.04 1.18 -8.68
CA ILE D 11 -10.04 0.56 -9.55
C ILE D 11 -9.03 -0.19 -8.70
N ALA E 1 12.59 -6.07 -6.27
CA ALA E 1 13.80 -5.72 -7.07
C ALA E 1 14.87 -6.72 -6.97
N DGL E 2 16.16 -6.24 -7.03
CA DGL E 2 17.31 -7.16 -6.78
C DGL E 2 16.95 -8.42 -5.82
O DGL E 2 16.45 -8.10 -4.76
CB DGL E 2 17.57 -8.11 -8.02
CG DGL E 2 16.34 -8.46 -8.88
CD DGL E 2 16.45 -9.90 -9.44
OE1 DGL E 2 16.17 -10.10 -10.63
H DGL E 2 16.36 -5.31 -7.16
HA DGL E 2 18.07 -6.47 -6.45
HB2 DGL E 2 18.02 -9.03 -7.58
HB3 DGL E 2 18.32 -7.63 -8.59
HG2 DGL E 2 16.27 -7.79 -9.68
HG3 DGL E 2 15.42 -8.41 -8.28
N LYS E 3 16.86 -10.84 -8.62
CA LYS E 3 17.03 -12.23 -9.01
C LYS E 3 18.33 -12.48 -9.86
N DAL E 4 19.35 -12.95 -9.02
CA DAL E 4 20.76 -13.46 -9.36
CB DAL E 4 21.04 -14.09 -10.90
C DAL E 4 21.13 -14.16 -7.90
O DAL E 4 21.18 -15.41 -7.72
H DAL E 4 19.09 -12.96 -8.07
HA DAL E 4 21.55 -12.77 -9.65
HB1 DAL E 4 20.50 -14.97 -11.02
HB2 DAL E 4 22.11 -14.26 -11.07
HB3 DAL E 4 20.74 -13.37 -11.72
N DAL E 5 21.44 -13.29 -6.89
CA DAL E 5 21.92 -13.58 -5.46
CB DAL E 5 23.20 -14.39 -5.87
C DAL E 5 20.63 -14.43 -4.97
O DAL E 5 19.43 -13.88 -5.20
OXT DAL E 5 20.72 -15.39 -4.21
H DAL E 5 21.35 -12.33 -7.10
HA DAL E 5 22.17 -12.84 -4.70
HB1 DAL E 5 23.65 -14.02 -6.64
HB2 DAL E 5 22.85 -15.46 -6.02
HB3 DAL E 5 23.88 -14.47 -5.02
N ALA F 1 -17.44 -11.18 -1.31
CA ALA F 1 -18.59 -11.95 -1.85
C ALA F 1 -18.76 -13.27 -1.18
N DGL F 2 -18.93 -14.35 -2.09
CA DGL F 2 -18.98 -15.74 -1.44
C DGL F 2 -18.00 -15.94 -0.11
O DGL F 2 -18.56 -16.48 0.95
CB DGL F 2 -20.32 -16.03 -0.77
CG DGL F 2 -20.98 -14.83 0.01
CD DGL F 2 -21.06 -15.11 1.53
OE1 DGL F 2 -21.97 -15.82 1.96
H DGL F 2 -18.94 -14.23 -2.97
HA DGL F 2 -18.73 -16.38 -2.29
HB2 DGL F 2 -20.14 -16.87 -0.06
HB3 DGL F 2 -20.92 -16.36 -1.53
HG2 DGL F 2 -21.94 -14.67 -0.37
HG3 DGL F 2 -20.41 -13.90 -0.12
N LYS F 3 -20.13 -14.58 2.31
CA LYS F 3 -20.09 -14.77 3.75
C LYS F 3 -19.62 -16.20 4.19
N DAL F 4 -18.41 -16.51 3.55
CA DAL F 4 -17.48 -17.73 3.73
CB DAL F 4 -17.95 -19.21 3.09
C DAL F 4 -16.97 -17.41 5.28
O DAL F 4 -17.53 -17.88 6.32
H DAL F 4 -18.13 -15.83 2.89
HA DAL F 4 -16.62 -17.87 3.08
HB1 DAL F 4 -18.19 -19.09 2.08
HB2 DAL F 4 -18.78 -19.64 3.64
HB3 DAL F 4 -17.13 -19.99 3.17
N DAL F 5 -15.85 -16.64 5.39
CA DAL F 5 -15.06 -16.23 6.64
CB DAL F 5 -14.59 -17.68 7.02
C DAL F 5 -16.28 -15.59 7.49
O DAL F 5 -16.53 -15.94 8.63
OXT DAL F 5 -16.83 -14.47 7.00
H DAL F 5 -15.49 -16.27 4.54
HA DAL F 5 -14.21 -15.55 6.67
HB1 DAL F 5 -14.41 -18.24 6.25
HB2 DAL F 5 -15.40 -18.10 7.70
HB3 DAL F 5 -13.72 -17.62 7.69
N ALA G 1 11.14 0.80 8.37
CA ALA G 1 12.22 -0.20 8.11
C ALA G 1 13.47 0.12 8.92
N DGL G 2 14.60 0.12 8.19
CA DGL G 2 15.93 0.61 8.74
C DGL G 2 15.68 1.68 9.86
O DGL G 2 16.07 1.53 10.97
CB DGL G 2 16.59 -0.58 9.60
CG DGL G 2 15.57 -1.57 10.24
CD DGL G 2 15.66 -1.50 11.76
OE1 DGL G 2 16.38 -2.30 12.38
H DGL G 2 14.57 0.02 7.17
HA DGL G 2 16.50 0.96 7.89
HB2 DGL G 2 17.20 -0.11 10.32
HB3 DGL G 2 17.26 -1.12 8.90
HG2 DGL G 2 15.78 -2.56 9.93
HG3 DGL G 2 14.56 -1.33 9.94
N LYS G 3 14.96 -0.56 12.34
CA LYS G 3 14.96 -0.35 13.76
C LYS G 3 16.34 0.12 14.31
N DAL G 4 17.05 0.73 13.26
CA DAL G 4 18.41 1.47 13.28
CB DAL G 4 19.74 0.69 13.97
C DAL G 4 17.84 2.98 13.63
O DAL G 4 18.37 3.76 14.48
H DAL G 4 16.60 0.68 12.39
HA DAL G 4 19.06 1.50 12.40
HB1 DAL G 4 19.59 0.56 14.99
HB2 DAL G 4 20.68 1.25 13.78
HB3 DAL G 4 19.94 -0.32 13.51
N DAL G 5 16.78 3.40 12.88
CA DAL G 5 16.07 4.76 12.86
CB DAL G 5 17.31 5.60 12.37
C DAL G 5 15.68 4.83 14.44
O DAL G 5 15.84 5.85 15.09
OXT DAL G 5 14.92 3.84 14.91
H DAL G 5 16.39 2.73 12.25
HA DAL G 5 15.19 5.02 12.27
HB1 DAL G 5 17.88 5.11 11.75
HB2 DAL G 5 17.85 5.91 13.33
HB3 DAL G 5 16.97 6.55 11.95
N ALA H 1 -8.78 11.23 -8.87
CA ALA H 1 -8.97 11.58 -10.30
C ALA H 1 -10.42 11.70 -10.68
N DGL H 2 -10.80 11.15 -11.93
CA DGL H 2 -12.24 11.09 -12.20
C DGL H 2 -13.32 10.92 -11.09
O DGL H 2 -13.09 9.91 -10.34
CB DGL H 2 -12.80 12.54 -12.64
CG DGL H 2 -11.91 13.78 -12.31
CD DGL H 2 -12.66 14.79 -11.40
OE1 DGL H 2 -12.88 15.93 -11.83
H DGL H 2 -10.17 10.73 -12.48
HA DGL H 2 -12.18 10.23 -12.86
HB2 DGL H 2 -13.77 12.62 -12.10
HB3 DGL H 2 -13.01 12.48 -13.66
HG2 DGL H 2 -11.64 14.25 -13.20
HG3 DGL H 2 -10.99 13.48 -11.79
N LYS H 3 -13.04 14.37 -10.22
CA LYS H 3 -13.77 15.19 -9.28
C LYS H 3 -15.25 15.46 -9.72
N DAL H 4 -15.87 14.25 -10.05
CA DAL H 4 -17.34 13.96 -10.42
CB DAL H 4 -17.80 14.06 -12.04
C DAL H 4 -18.05 14.68 -9.12
O DAL H 4 -18.54 15.85 -9.14
H DAL H 4 -15.25 13.48 -10.03
HA DAL H 4 -17.70 12.94 -10.52
HB1 DAL H 4 -17.70 15.04 -12.36
HB2 DAL H 4 -18.83 13.70 -12.18
HB3 DAL H 4 -17.18 13.40 -12.69
N DAL H 5 -18.18 13.90 -7.99
CA DAL H 5 -18.87 14.20 -6.67
CB DAL H 5 -20.34 14.23 -7.23
C DAL H 5 -18.16 15.63 -6.35
O DAL H 5 -16.82 15.62 -6.22
OXT DAL H 5 -18.80 16.61 -6.01
H DAL H 5 -17.76 13.01 -8.04
HA DAL H 5 -18.83 13.59 -5.76
HB1 DAL H 5 -20.49 13.55 -7.90
HB2 DAL H 5 -20.50 15.30 -7.59
HB3 DAL H 5 -21.05 14.13 -6.40
C1 MUB I . 11.62 -5.47 -1.53
C2 MUB I . 10.50 -5.98 -2.42
C3 MUB I . 11.06 -7.03 -3.43
C4 MUB I . 12.60 -6.89 -3.67
C5 MUB I . 13.40 -6.95 -2.38
C6 MUB I . 14.59 -6.03 -2.42
C7 MUB I . 9.46 -7.85 -1.32
C8 MUB I . 8.33 -8.44 -0.54
C9 MUB I . 10.35 -5.66 -5.27
C10 MUB I . 11.51 -5.23 -6.16
C11 MUB I . 9.05 -4.79 -5.16
O1 MUB I . 11.08 -5.05 -0.32
O3 MUB I . 10.34 -6.98 -4.71
O4 MUB I . 12.99 -7.91 -4.63
O5 MUB I . 12.55 -6.56 -1.27
O6 MUB I . 15.22 -6.09 -3.69
O7 MUB I . 10.40 -8.55 -1.66
O10 MUB I . 11.41 -4.18 -6.82
N2 MUB I . 9.41 -6.56 -1.66
H1 MUB I . 12.18 -4.66 -2.00
H2 MUB I . 10.11 -5.02 -2.84
HN2 MUB I . 8.62 -6.03 -1.41
H81 MUB I . 7.41 -8.30 -1.08
H82 MUB I . 8.26 -7.95 0.41
H83 MUB I . 8.54 -9.49 -0.39
H3 MUB I . 10.88 -8.05 -3.11
H9 MUB I . 11.01 -5.29 -4.52
H111 MUB I . 8.16 -5.31 -5.58
H112 MUB I . 9.18 -3.91 -5.70
H113 MUB I . 8.88 -4.52 -4.11
H4 MUB I . 12.80 -6.09 -4.41
H5 MUB I . 13.79 -7.88 -2.20
H61 MUB I . 15.35 -6.49 -1.74
H62 MUB I . 14.43 -5.00 -2.04
HO6 MUB I . 15.55 -7.01 -3.92
C1 NAG I . 12.59 -9.24 -4.27
C2 NAG I . 13.17 -10.22 -5.26
C3 NAG I . 12.77 -11.64 -4.91
C4 NAG I . 13.07 -11.94 -3.44
C5 NAG I . 12.50 -10.84 -2.53
C6 NAG I . 12.88 -11.02 -1.07
C7 NAG I . 11.45 -9.78 -6.94
C8 NAG I . 11.07 -9.39 -8.35
N2 NAG I . 12.74 -9.87 -6.60
O3 NAG I . 13.48 -12.56 -5.73
O4 NAG I . 12.48 -13.18 -3.07
O5 NAG I . 13.00 -9.56 -2.93
O6 NAG I . 12.38 -9.97 -0.26
O7 NAG I . 10.55 -10.10 -6.14
H1 NAG I . 11.48 -9.20 -4.34
H2 NAG I . 14.23 -10.17 -5.43
H3 NAG I . 11.68 -11.81 -5.06
H4 NAG I . 14.16 -12.17 -3.43
H5 NAG I . 11.42 -10.80 -2.52
H61 NAG I . 13.97 -11.01 -0.93
H62 NAG I . 12.54 -12.03 -0.74
H81 NAG I . 11.49 -8.41 -8.57
H82 NAG I . 10.01 -9.35 -8.45
H83 NAG I . 11.45 -10.15 -9.02
HN2 NAG I . 13.41 -9.62 -7.26
HO3 NAG I . 13.18 -13.43 -5.53
HO4 NAG I . 11.52 -13.07 -3.00
HO6 NAG I . 11.91 -9.38 -0.85
C1 MUB J . -12.34 -11.67 -1.13
C2 MUB J . -13.15 -10.41 -0.85
C3 MUB J . -14.37 -10.81 0.04
C4 MUB J . -15.02 -12.13 -0.39
C5 MUB J . -13.99 -13.26 -0.38
C6 MUB J . -13.97 -13.98 -1.72
C7 MUB J . -12.29 -9.33 1.11
C8 MUB J . -11.56 -8.20 1.76
C9 MUB J . -15.80 -9.32 -1.20
C10 MUB J . -17.03 -9.99 -1.82
C11 MUB J . -15.17 -8.04 -1.84
O1 MUB J . -10.97 -11.41 -1.07
O3 MUB J . -15.37 -9.73 0.09
O4 MUB J . -16.12 -12.38 0.51
O5 MUB J . -12.68 -12.69 -0.18
O6 MUB J . -15.18 -14.72 -1.88
O7 MUB J . -12.58 -10.32 1.78
O10 MUB J . -17.66 -9.39 -2.72
N2 MUB J . -12.41 -9.34 -0.22
H1 MUB J . -12.54 -12.06 -2.14
H2 MUB J . -13.37 -10.05 -1.88
HN2 MUB J . -12.20 -8.52 -0.73
H81 MUB J . -11.60 -8.33 2.84
H82 MUB J . -12.03 -7.27 1.50
H83 MUB J . -10.54 -8.20 1.42
H3 MUB J . -14.09 -10.88 1.08
H9 MUB J . -15.33 -10.14 -1.67
H111 MUB J . -15.27 -7.15 -1.17
H112 MUB J . -15.69 -7.81 -2.72
H113 MUB J . -14.13 -8.23 -2.09
H4 MUB J . -15.68 -12.00 -1.27
H5 MUB J . -14.15 -13.95 0.32
H61 MUB J . -13.21 -14.78 -1.62
H62 MUB J . -13.71 -13.36 -2.60
HO6 MUB J . -15.71 -14.82 -1.06
C1 NAG J . -15.80 -12.25 1.90
C2 NAG J . -16.99 -12.68 2.74
C3 NAG J . -16.68 -12.59 4.22
C4 NAG J . -15.35 -13.31 4.53
C5 NAG J . -14.25 -12.83 3.58
C6 NAG J . -12.93 -13.56 3.80
C7 NAG J . -18.13 -10.52 2.55
C8 NAG J . -19.37 -9.74 2.16
N2 NAG J . -18.15 -11.86 2.39
O3 NAG J . -17.73 -13.22 4.96
O4 NAG J . -14.96 -13.03 5.86
O5 NAG J . -14.64 -13.02 2.23
O6 NAG J . -11.94 -13.14 2.87
O7 NAG J . -17.22 -9.95 3.16
H1 NAG J . -15.62 -11.16 2.01
H2 NAG J . -17.45 -13.61 2.53
H3 NAG J . -16.59 -11.55 4.56
H4 NAG J . -15.62 -14.39 4.55
H5 NAG J . -13.98 -11.78 3.73
H61 NAG J . -13.05 -14.64 3.64
H62 NAG J . -12.62 -13.42 4.84
H81 NAG J . -19.54 -9.88 1.09
H82 NAG J . -19.21 -8.70 2.35
H83 NAG J . -20.20 -10.09 2.75
HN2 NAG J . -18.89 -12.28 1.93
HO3 NAG J . -17.36 -13.55 5.76
HO4 NAG J . -15.60 -13.42 6.47
HO6 NAG J . -12.44 -12.84 2.11
C1 MUB K . 10.01 5.72 7.05
C2 MUB K . 9.06 4.69 7.66
C3 MUB K . 9.78 3.95 8.81
C4 MUB K . 11.26 3.72 8.52
C5 MUB K . 11.98 5.05 8.31
C6 MUB K . 12.97 4.98 7.15
C7 MUB K . 7.69 5.66 9.39
C8 MUB K . 6.41 6.23 9.86
C9 MUB K . 8.92 1.85 7.98
C10 MUB K . 9.96 0.76 7.69
C11 MUB K . 7.55 1.89 7.24
O1 MUB K . 9.29 6.86 6.71
O3 MUB K . 9.10 2.69 9.13
O4 MUB K . 11.84 2.95 9.59
O5 MUB K . 11.02 6.08 8.02
O6 MUB K . 13.99 4.04 7.43
O7 MUB K . 8.64 5.57 10.18
O10 MUB K . 9.64 -0.18 6.94
N2 MUB K . 7.81 5.27 8.13
H1 MUB K . 10.52 5.33 6.17
H2 MUB K . 8.76 4.08 6.78
HN2 MUB K . 7.03 5.31 7.53
H81 MUB K . 5.76 5.44 10.23
H82 MUB K . 5.92 6.72 9.03
H83 MUB K . 6.60 6.95 10.64
H3 MUB K . 9.67 4.47 9.74
H9 MUB K . 9.60 2.44 7.38
H111 MUB K . 6.69 1.76 7.94
H112 MUB K . 7.50 1.09 6.56
H113 MUB K . 7.45 2.82 6.67
H4 MUB K . 11.39 2.89 7.80
H5 MUB K . 12.53 5.32 9.08
H61 MUB K . 13.50 5.96 7.16
H62 MUB K . 12.49 4.85 6.15
HO6 MUB K . 13.95 3.74 8.38
C1 NAG K . 11.57 3.47 10.91
C2 NAG K . 12.28 2.61 11.93
C3 NAG K . 12.08 3.14 13.34
C4 NAG K . 12.38 4.64 13.38
C5 NAG K . 11.62 5.38 12.28
C6 NAG K . 11.93 6.88 12.24
C7 NAG K . 10.56 0.89 12.06
C8 NAG K . 10.17 -0.56 11.91
N2 NAG K . 11.83 1.24 11.82
O3 NAG K . 12.95 2.46 14.22
O4 NAG K . 11.96 5.17 14.64
O5 NAG K . 11.96 4.84 11.00
O6 NAG K . 11.33 7.52 11.12
O7 NAG K . 9.75 1.69 12.54
H1 NAG K . 10.46 3.37 10.99
H2 NAG K . 13.30 2.39 11.80
H3 NAG K . 11.04 3.01 13.69
H4 NAG K . 13.48 4.72 13.46
H5 NAG K . 10.54 5.35 12.40
H61 NAG K . 13.02 7.05 12.14
H62 NAG K . 11.66 7.32 13.20
H81 NAG K . 9.12 -0.68 12.17
H82 NAG K . 10.76 -1.17 12.56
H83 NAG K . 10.36 -0.87 10.88
HN2 NAG K . 12.45 0.58 11.46
HO3 NAG K . 13.72 3.00 14.34
HO4 NAG K . 12.49 4.79 15.34
HO6 NAG K . 11.05 6.80 10.55
C1 MUB L . -9.05 6.94 -6.62
C2 MUB L . -8.48 8.14 -5.89
C3 MUB L . -9.39 9.38 -6.12
C4 MUB L . -10.14 9.31 -7.46
C5 MUB L . -11.02 8.07 -7.54
C6 MUB L . -11.06 7.50 -8.95
C7 MUB L . -9.29 8.28 -3.62
C8 MUB L . -9.13 8.04 -2.17
C9 MUB L . -7.45 10.58 -6.87
C10 MUB L . -7.54 10.98 -8.34
C11 MUB L . -6.07 10.33 -6.18
O1 MUB L . -8.71 5.78 -5.94
O3 MUB L . -8.63 10.63 -6.05
O4 MUB L . -10.89 10.52 -7.69
O5 MUB L . -10.50 7.04 -6.66
O6 MUB L . -10.96 8.56 -9.90
O7 MUB L . -10.30 8.87 -4.04
O10 MUB L . -6.49 11.16 -8.98
N2 MUB L . -8.33 7.90 -4.46
H1 MUB L . -8.66 6.88 -7.64
H2 MUB L . -7.44 8.17 -6.30
HN2 MUB L . -7.52 7.47 -4.10
H81 MUB L . -8.84 7.01 -2.00
H82 MUB L . -10.06 8.23 -1.66
H83 MUB L . -8.37 8.71 -1.78
H3 MUB L . -10.11 9.52 -5.32
H9 MUB L . -7.74 9.64 -7.30
H111 MUB L . -5.88 11.06 -5.36
H112 MUB L . -5.31 10.46 -6.87
H113 MUB L . -6.03 9.31 -5.80
H4 MUB L . -9.46 9.55 -8.28
H5 MUB L . -11.99 8.25 -7.30
H61 MUB L . -12.10 7.13 -9.09
H62 MUB L . -10.39 6.64 -9.14
HO6 MUB L . -11.81 9.07 -9.98
C1 NAG L . -11.73 10.93 -6.59
C2 NAG L . -12.41 12.21 -6.95
C3 NAG L . -13.29 12.67 -5.79
C4 NAG L . -14.21 11.52 -5.34
C5 NAG L . -13.42 10.24 -5.10
C6 NAG L . -14.31 9.05 -4.77
C7 NAG L . -10.48 13.61 -6.40
C8 NAG L . -9.48 14.66 -6.84
N2 NAG L . -11.43 13.22 -7.28
O3 NAG L . -14.08 13.78 -6.21
O4 NAG L . -14.85 11.90 -4.12
O5 NAG L . -12.67 9.90 -6.27
O6 NAG L . -13.57 7.84 -4.72
O7 NAG L . -10.50 13.23 -5.23
H1 NAG L . -10.99 11.05 -5.76
H2 NAG L . -12.97 12.23 -7.85
H3 NAG L . -12.69 12.97 -4.91
H4 NAG L . -15.05 11.54 -6.07
H5 NAG L . -12.73 10.31 -4.25
H61 NAG L . -15.07 8.90 -5.56
H62 NAG L . -14.86 9.26 -3.84
H81 NAG L . -8.80 14.85 -6.02
H82 NAG L . -9.99 15.58 -7.08
H83 NAG L . -8.97 14.31 -7.72
HN2 NAG L . -11.39 13.55 -8.19
HO3 NAG L . -14.63 13.50 -6.91
HO4 NAG L . -15.16 12.80 -4.19
HO6 NAG L . -12.66 8.10 -4.80
P 2PO M . 11.99 -4.68 0.99
O1P 2PO M . 13.12 -5.61 1.14
O2P 2PO M . 12.32 -3.23 0.94
O3P 2PO M . 10.98 -4.92 2.20
P 2PO N . 9.45 -4.59 1.97
O1P 2PO N . 9.25 -3.13 2.02
O2P 2PO N . 8.98 -5.34 0.78
O3P 2PO N . 8.75 -5.24 3.26
C1 P1W O . 9.31 -5.04 4.55
C2 P1W O . 8.21 -5.03 5.57
C3 P1W O . 8.37 -4.91 6.90
C4 P1W O . 7.14 -4.90 7.79
C5 P1W O . 9.72 -4.77 7.59
H12 P1W O . 9.84 -4.10 4.57
H11 P1W O . 10.00 -5.85 4.76
H2 P1W O . 7.24 -4.81 5.16
H41 P1W O . 6.33 -5.40 7.29
H42 P1W O . 7.40 -5.42 8.69
H51 P1W O . 9.57 -4.39 8.59
H52 P1W O . 10.33 -4.09 7.02
H53 P1W O . 10.20 -5.73 7.64
C1 P1W P . 6.71 -3.50 8.18
C2 P1W P . 5.79 -3.59 9.34
C3 P1W P . 4.55 -3.09 9.34
C4 P1W P . 3.64 -3.14 10.53
C5 P1W P . 3.93 -2.45 8.09
H12 P1W P . 7.58 -2.93 8.44
H11 P1W P . 6.21 -3.03 7.34
H2 P1W P . 6.28 -3.80 10.29
H41 P1W P . 2.63 -2.93 10.21
H42 P1W P . 3.67 -4.13 10.98
H51 P1W P . 3.82 -3.20 7.33
H52 P1W P . 4.56 -1.65 7.74
H53 P1W P . 2.95 -2.05 8.34
C1 P1W Q . 4.05 -2.11 11.58
C2 P1W Q . 3.58 -0.73 11.22
C3 P1W Q . 2.61 -0.04 11.87
C4 P1W Q . 2.17 1.37 11.46
C5 P1W Q . 1.86 -0.59 13.08
H12 P1W Q . 3.64 -2.39 12.54
H11 P1W Q . 5.14 -2.10 11.65
H2 P1W Q . 4.06 -0.30 10.35
H43 P1W Q . 1.88 1.94 12.34
H41 P1W Q . 1.34 1.31 10.77
H42 P1W Q . 3.01 1.87 10.98
H51 P1W Q . 0.99 0.01 13.26
H52 P1W Q . 2.50 -0.57 13.93
H53 P1W Q . 1.56 -1.61 12.88
C1 P1W R . -5.47 -10.30 3.83
C2 P1W R . -5.37 -9.79 5.24
C3 P1W R . -5.51 -10.56 6.35
C4 P1W R . -5.41 -10.01 7.75
C5 P1W R . -5.75 -12.06 6.29
H12 P1W R . -5.68 -11.37 3.85
H11 P1W R . -4.53 -10.13 3.32
H2 P1W R . -5.43 -8.71 5.33
H41 P1W R . -5.03 -9.00 7.72
H42 P1W R . -4.75 -10.63 8.33
H51 P1W R . -4.89 -12.53 5.84
H52 P1W R . -6.62 -12.26 5.70
H53 P1W R . -5.89 -12.44 7.29
C1 P1W S . -6.78 -10.00 8.43
C2 P1W S . -6.88 -8.88 9.43
C3 P1W S . -7.83 -7.93 9.43
C4 P1W S . -7.88 -6.81 10.48
C5 P1W S . -8.96 -7.87 8.40
H12 P1W S . -7.54 -9.87 7.67
H11 P1W S . -6.93 -10.94 8.93
H2 P1W S . -6.08 -8.86 10.15
H43 P1W S . -8.49 -6.00 10.12
H41 P1W S . -6.88 -6.46 10.68
H42 P1W S . -8.31 -7.20 11.39
H51 P1W S . -9.73 -7.21 8.76
H52 P1W S . -9.37 -8.86 8.28
H53 P1W S . -8.58 -7.51 7.46
P 2PO T . -10.01 -11.96 -2.25
O1P 2PO T . -8.88 -12.67 -1.62
O2P 2PO T . -10.84 -12.72 -3.22
O3P 2PO T . -9.44 -10.63 -2.98
P 2PO U . -9.26 -9.20 -2.28
O1P 2PO U . -9.25 -8.18 -3.35
O2P 2PO U . -10.30 -9.05 -1.22
O3P 2PO U . -7.83 -9.24 -1.60
C1 P1W V . -7.51 -10.29 -0.69
C2 P1W V . -7.11 -9.70 0.65
C3 P1W V . -6.99 -10.37 1.81
C4 P1W V . -6.58 -9.60 3.06
C5 P1W V . -7.20 -11.88 1.99
H12 P1W V . -6.69 -10.87 -1.09
H11 P1W V . -8.38 -10.92 -0.56
H2 P1W V . -6.60 -8.77 0.56
H41 P1W V . -7.45 -9.51 3.70
H42 P1W V . -6.25 -8.62 2.77
H51 P1W V . -8.16 -12.16 1.57
H52 P1W V . -7.19 -12.12 3.05
H53 P1W V . -6.42 -12.41 1.49
P 2PO W . 9.30 7.42 5.18
O1P 2PO W . 10.41 8.40 5.04
O2P 2PO W . 9.28 6.29 4.25
O3P 2PO W . 7.91 8.20 5.04
P 2PO X . 6.94 8.38 6.30
O1P 2PO X . 5.75 9.18 5.83
O2P 2PO X . 6.71 7.06 6.92
O3P 2PO X . 7.86 9.24 7.28
C1 P1W Y . 7.30 10.23 8.15
C2 P1W Y . 6.37 9.58 9.16
C3 P1W Y . 5.39 10.25 9.78
C4 P1W Y . 4.46 9.58 10.78
C5 P1W Y . 5.14 11.72 9.56
H12 P1W Y . 6.74 10.95 7.55
H11 P1W Y . 8.10 10.73 8.66
H2 P1W Y . 6.29 8.51 9.06
H41 P1W Y . 4.71 8.52 10.86
H42 P1W Y . 3.44 9.68 10.44
H51 P1W Y . 4.25 12.01 10.10
H52 P1W Y . 5.02 11.90 8.51
H53 P1W Y . 5.99 12.28 9.94
C1 P1W Z . 4.58 10.23 12.17
C2 P1W Z . 4.39 9.20 13.27
C3 P1W Z . 3.17 8.77 13.68
C4 P1W Z . 2.99 7.75 14.79
C5 P1W Z . 1.86 9.25 13.07
H12 P1W Z . 5.56 10.66 12.26
H11 P1W Z . 3.83 11.00 12.27
H2 P1W Z . 5.25 9.08 13.91
H41 P1W Z . 3.70 6.96 14.66
H42 P1W Z . 1.99 7.36 14.74
H51 P1W Z . 1.07 9.12 13.78
H52 P1W Z . 1.64 8.66 12.18
H53 P1W Z . 1.93 10.29 12.80
C1 P1W AA . 3.20 8.39 16.17
C2 P1W AA . 2.01 9.20 16.58
C3 P1W AA . 1.95 10.54 16.65
C4 P1W AA . 0.69 11.31 17.06
C5 P1W AA . 3.15 11.44 16.33
H12 P1W AA . 3.35 7.61 16.89
H11 P1W AA . 4.06 9.03 16.14
H2 P1W AA . 1.10 8.61 16.71
H43 P1W AA . 0.97 12.19 17.61
H41 P1W AA . 0.08 10.67 17.69
H42 P1W AA . 0.13 11.58 16.18
H51 P1W AA . 2.80 12.46 16.26
H52 P1W AA . 3.58 11.13 15.40
H53 P1W AA . 3.88 11.35 17.12
P 2PO BA . -9.27 4.30 -6.35
O1P 2PO BA . -9.92 4.32 -7.68
O2P 2PO BA . -8.17 3.33 -6.17
O3P 2PO BA . -10.39 4.03 -5.24
P 2PO CA . -10.08 4.28 -3.69
O1P 2PO CA . -9.45 3.05 -3.15
O2P 2PO CA . -9.35 5.56 -3.56
O3P 2PO CA . -11.53 4.46 -3.02
C1 P1W DA . -11.84 5.60 -2.20
C2 P1W DA . -11.11 5.51 -0.88
C3 P1W DA . -11.33 4.59 0.09
C4 P1W DA . -10.49 4.61 1.35
C5 P1W DA . -12.38 3.48 0.00
H12 P1W DA . -12.90 5.64 -2.02
H11 P1W DA . -11.53 6.51 -2.71
H2 P1W DA . -10.18 6.03 -0.86
H41 P1W DA . -9.61 5.19 1.14
H42 P1W DA . -10.21 3.61 1.62
H51 P1W DA . -13.15 3.67 0.74
H52 P1W DA . -11.91 2.53 0.20
H53 P1W DA . -12.82 3.48 -0.98
C1 P1W EA . -11.20 5.28 2.54
C2 P1W EA . -11.09 6.76 2.41
C3 P1W EA . -12.14 7.56 2.27
C4 P1W EA . -12.02 9.06 2.12
C5 P1W EA . -13.58 7.06 2.32
H12 P1W EA . -12.23 4.98 2.53
H11 P1W EA . -10.73 4.96 3.45
H2 P1W EA . -10.09 7.12 2.17
H41 P1W EA . -11.16 9.41 2.66
H42 P1W EA . -12.91 9.53 2.50
H51 P1W EA . -13.71 6.28 1.58
H52 P1W EA . -14.25 7.88 2.11
H53 P1W EA . -13.80 6.66 3.30
C1 P1W FA . -11.87 9.43 0.63
C2 P1W FA . -13.21 9.55 -0.04
C3 P1W FA . -13.95 10.68 -0.11
C4 P1W FA . -15.30 10.73 -0.83
C5 P1W FA . -13.54 11.98 0.53
H12 P1W FA . -11.35 10.37 0.56
H11 P1W FA . -11.28 8.67 0.14
H2 P1W FA . -13.55 8.63 -0.51
H43 P1W FA . -16.10 10.83 -0.10
H41 P1W FA . -15.45 9.82 -1.40
H42 P1W FA . -15.32 11.58 -1.49
H51 P1W FA . -14.37 12.67 0.51
H52 P1W FA . -12.72 12.40 -0.03
H53 P1W FA . -13.22 11.82 1.55
N ZAE A 1 -5.67 -16.10 -3.31
CA ZAE A 1 -6.53 -15.21 -2.46
C ZAE A 1 -5.99 -13.79 -2.41
O ZAE A 1 -6.37 -12.94 -3.22
CB ZAE A 1 -7.99 -15.19 -2.95
CG ZAE A 1 -9.00 -14.75 -1.91
CD1 ZAE A 1 -9.49 -15.66 -0.97
CD2 ZAE A 1 -9.38 -13.42 -1.81
CE1 ZAE A 1 -10.45 -15.25 -0.05
CE2 ZAE A 1 -10.33 -13.02 -0.88
CZ ZAE A 1 -10.81 -13.93 0.05
C10 ZAE A 1 -5.69 -15.69 -4.72
H1 ZAE A 1 -6.02 -17.08 -3.27
HA ZAE A 1 -6.51 -15.62 -1.45
HB2 ZAE A 1 -8.07 -14.52 -3.79
HB3 ZAE A 1 -8.27 -16.19 -3.26
HD1 ZAE A 1 -9.20 -16.69 -1.03
HD2 ZAE A 1 -8.99 -12.71 -2.52
HE1 ZAE A 1 -10.83 -15.97 0.67
HE2 ZAE A 1 -10.62 -11.98 -0.82
HZ ZAE A 1 -11.54 -13.61 0.78
H11 ZAE A 1 -6.70 -15.74 -5.11
H12 ZAE A 1 -5.05 -16.33 -5.30
H13 ZAE A 1 -5.33 -14.67 -4.81
N ILE A 2 -5.08 -13.55 -1.48
CA ILE A 2 -4.50 -12.23 -1.32
C ILE A 2 -3.34 -12.04 -2.30
N SER A 3 -3.23 -10.83 -2.85
CA SER A 3 -2.13 -10.48 -3.74
C SER A 3 -1.62 -9.09 -3.46
N DAR A 4 -0.39 -8.85 -3.87
CA DAR A 4 0.25 -7.57 -3.67
CB DAR A 4 0.59 -6.96 -5.02
CG DAR A 4 0.09 -7.77 -6.19
CD DAR A 4 -1.28 -7.28 -6.61
NE DAR A 4 -1.48 -7.35 -8.06
CZ DAR A 4 -2.66 -7.57 -8.61
NH1 DAR A 4 -2.75 -7.74 -9.93
NH2 DAR A 4 -3.74 -7.64 -7.84
C DAR A 4 1.53 -7.72 -2.87
O DAR A 4 2.32 -8.62 -3.13
H DAR A 4 0.10 -9.56 -4.33
HA DAR A 4 -0.43 -6.92 -3.14
HB2 DAR A 4 1.66 -6.88 -5.10
HB3 DAR A 4 0.17 -5.98 -5.07
HG2 DAR A 4 0.01 -8.82 -5.90
HG3 DAR A 4 0.77 -7.68 -7.01
HD2 DAR A 4 -1.40 -6.26 -6.28
HD3 DAR A 4 -2.03 -7.90 -6.14
HE DAR A 4 -0.67 -7.30 -8.62
HH11 DAR A 4 -3.68 -7.92 -10.37
HH12 DAR A 4 -1.89 -7.75 -10.52
HH21 DAR A 4 -4.67 -7.84 -8.26
HH22 DAR A 4 -3.67 -7.48 -6.82
N 28J A 5 1.72 -6.85 -1.88
CA 28J A 5 2.93 -6.92 -1.10
CB 28J A 5 2.77 -7.83 0.16
CG2 28J A 5 4.10 -8.52 0.48
CG1 28J A 5 2.35 -7.01 1.39
CD1 28J A 5 2.10 -7.85 2.63
C 28J A 5 3.43 -5.53 -0.72
O 28J A 5 2.69 -4.53 -0.80
HA 28J A 5 3.68 -7.38 -1.72
H22 28J A 5 2.04 -8.59 -0.04
H23 28J A 5 4.89 -7.79 0.49
H24 28J A 5 4.30 -9.27 -0.27
H25 28J A 5 4.04 -8.98 1.45
H26 28J A 5 1.43 -6.48 1.17
H27 28J A 5 3.12 -6.30 1.63
H28 28J A 5 1.88 -7.21 3.47
H29 28J A 5 2.99 -8.43 2.85
H30 28J A 5 1.27 -8.52 2.46
N ILE A 6 4.72 -5.48 -0.39
CA ILE A 6 5.40 -4.26 0.04
C ILE A 6 6.71 -3.99 -0.73
N SER A 7 6.78 -2.83 -1.43
CA SER A 7 8.00 -2.45 -2.16
C SER A 7 8.43 -1.03 -1.80
N DTH A 8 9.64 -0.69 -2.25
CA DTH A 8 10.22 0.63 -1.99
CB DTH A 8 10.64 1.39 -3.27
CG2 DTH A 8 9.44 1.51 -4.20
OG1 DTH A 8 11.72 0.72 -3.93
C DTH A 8 11.47 0.49 -1.13
O DTH A 8 11.94 1.48 -0.55
H DTH A 8 10.16 -1.34 -2.78
HA DTH A 8 9.48 1.22 -1.46
HB DTH A 8 10.99 2.40 -3.01
HG21 DTH A 8 8.64 2.03 -3.70
HG22 DTH A 8 9.10 0.52 -4.48
HG23 DTH A 8 9.74 2.06 -5.08
N ALA A 9 12.02 -0.73 -1.06
CA ALA A 9 13.24 -1.01 -0.29
C ALA A 9 14.43 -0.55 -1.10
N LEU A 10 14.71 -1.30 -2.15
CA LEU A 10 15.81 -1.01 -3.04
C LEU A 10 15.38 0.04 -4.03
N ILE A 11 14.20 -0.15 -4.55
CA ILE A 11 13.62 0.79 -5.50
C ILE A 11 12.48 1.52 -4.83
N ZAE B 1 7.69 6.58 0.24
CA ZAE B 1 8.44 5.50 0.98
C ZAE B 1 7.88 4.11 0.66
O ZAE B 1 8.31 3.51 -0.34
CB ZAE B 1 9.94 5.54 0.64
CG ZAE B 1 10.83 4.77 1.60
CD1 ZAE B 1 11.68 5.44 2.47
CD2 ZAE B 1 10.89 3.37 1.56
CE1 ZAE B 1 12.50 4.73 3.35
CE2 ZAE B 1 11.70 2.67 2.45
CZ ZAE B 1 12.54 3.35 3.31
C10 ZAE B 1 7.94 6.51 -1.20
H1 ZAE B 1 8.01 7.51 0.58
HA ZAE B 1 8.32 5.66 2.04
HB2 ZAE B 1 10.08 5.12 -0.34
HB3 ZAE B 1 10.27 6.57 0.63
HD1 ZAE B 1 11.66 6.52 2.51
HD2 ZAE B 1 10.23 2.84 0.89
HE1 ZAE B 1 13.15 5.26 4.01
HE2 ZAE B 1 11.73 1.59 2.42
HZ ZAE B 1 13.18 2.82 3.98
H11 ZAE B 1 7.74 5.50 -1.55
H12 ZAE B 1 8.97 6.77 -1.42
H13 ZAE B 1 7.27 7.19 -1.72
N ILE B 2 6.91 3.59 1.43
CA ILE B 2 6.43 2.24 1.15
C ILE B 2 5.30 2.24 0.14
N SER B 3 5.50 1.41 -0.91
CA SER B 3 4.54 1.24 -1.97
C SER B 3 4.13 -0.20 -2.14
N DAR B 4 3.00 -0.34 -2.77
CA DAR B 4 2.41 -1.61 -3.04
CB DAR B 4 2.37 -1.94 -4.52
CG DAR B 4 3.27 -1.07 -5.36
CD DAR B 4 3.74 -1.86 -6.54
NE DAR B 4 4.40 -1.04 -7.53
CZ DAR B 4 5.71 -0.92 -7.61
NH1 DAR B 4 6.48 -1.55 -6.74
NH2 DAR B 4 6.24 -0.14 -8.52
C DAR B 4 1.03 -1.55 -2.56
O DAR B 4 0.35 -0.53 -2.75
H DAR B 4 2.52 0.47 -3.05
HA DAR B 4 2.95 -2.38 -2.49
HB2 DAR B 4 1.35 -1.83 -4.87
HB3 DAR B 4 2.67 -2.97 -4.64
HG2 DAR B 4 4.12 -0.75 -4.78
HG3 DAR B 4 2.71 -0.22 -5.71
HD2 DAR B 4 2.90 -2.35 -7.00
HD3 DAR B 4 4.44 -2.61 -6.20
HE DAR B 4 3.84 -0.55 -8.17
HH11 DAR B 4 7.52 -1.45 -6.80
HH12 DAR B 4 6.06 -2.13 -5.98
HH21 DAR B 4 7.28 -0.06 -8.58
HH22 DAR B 4 5.64 0.40 -9.17
N 28J B 5 0.62 -2.61 -1.89
CA 28J B 5 -0.72 -2.69 -1.42
CB 28J B 5 -0.89 -2.08 -0.01
CG2 28J B 5 -2.34 -1.74 0.24
CG1 28J B 5 -0.39 -3.06 1.06
CD1 28J B 5 -0.47 -2.50 2.46
C 28J B 5 -1.15 -4.12 -1.39
O 28J B 5 -0.31 -5.05 -1.39
HA 28J B 5 -1.34 -2.14 -2.11
H22 28J B 5 -0.31 -1.18 0.03
H23 28J B 5 -2.47 -1.49 1.29
H24 28J B 5 -2.97 -2.58 0.00
H25 28J B 5 -2.62 -0.88 -0.36
H26 28J B 5 0.64 -3.32 0.86
H27 28J B 5 -0.99 -3.96 1.02
H28 28J B 5 0.13 -1.61 2.53
H29 28J B 5 -0.10 -3.22 3.17
H30 28J B 5 -1.50 -2.26 2.70
N ILE B 6 -2.44 -4.28 -1.58
CA ILE B 6 -3.05 -5.58 -1.44
C ILE B 6 -4.33 -5.66 -2.28
N SER B 7 -4.58 -6.84 -2.85
CA SER B 7 -5.77 -7.03 -3.64
C SER B 7 -6.05 -8.49 -3.88
N DTH B 8 -7.08 -8.73 -4.66
CA DTH B 8 -7.44 -10.08 -5.03
CB DTH B 8 -7.76 -10.26 -6.54
CG2 DTH B 8 -6.54 -9.93 -7.38
OG1 DTH B 8 -8.87 -9.47 -6.96
C DTH B 8 -8.74 -10.49 -4.33
O DTH B 8 -9.15 -11.65 -4.42
H DTH B 8 -7.62 -7.97 -4.98
HA DTH B 8 -6.64 -10.75 -4.75
HB DTH B 8 -8.05 -11.31 -6.72
HG21 DTH B 8 -5.73 -10.59 -7.14
HG22 DTH B 8 -6.24 -8.91 -7.23
HG23 DTH B 8 -6.80 -10.07 -8.43
N ALA B 9 -9.41 -9.51 -3.72
CA ALA B 9 -10.72 -9.74 -3.12
C ALA B 9 -11.74 -9.92 -4.24
N LEU B 10 -12.16 -8.81 -4.86
CA LEU B 10 -13.13 -8.89 -5.97
C LEU B 10 -12.43 -9.32 -7.23
N ILE B 11 -11.35 -8.65 -7.50
CA ILE B 11 -10.57 -8.97 -8.68
C ILE B 11 -9.38 -9.79 -8.26
N ZAE C 1 -4.09 -4.55 -7.26
CA ZAE C 1 -5.32 -3.73 -6.96
C ZAE C 1 -4.98 -2.41 -6.26
O ZAE C 1 -4.59 -1.46 -6.94
CB ZAE C 1 -6.10 -3.43 -8.26
CG ZAE C 1 -7.56 -3.13 -8.06
CD1 ZAE C 1 -8.53 -4.05 -8.42
CD2 ZAE C 1 -7.97 -1.89 -7.54
CE1 ZAE C 1 -9.88 -3.78 -8.24
CE2 ZAE C 1 -9.32 -1.62 -7.36
CZ ZAE C 1 -10.27 -2.56 -7.73
C10 ZAE C 1 -3.17 -3.84 -8.17
H1 ZAE C 1 -4.38 -5.43 -7.72
HA ZAE C 1 -5.96 -4.30 -6.30
HB2 ZAE C 1 -5.65 -2.56 -8.74
HB3 ZAE C 1 -6.01 -4.28 -8.92
HD1 ZAE C 1 -8.22 -5.01 -8.82
HD2 ZAE C 1 -7.24 -1.16 -7.26
HE1 ZAE C 1 -10.62 -4.51 -8.52
HE2 ZAE C 1 -9.63 -0.67 -6.95
HZ ZAE C 1 -11.32 -2.34 -7.59
H11 ZAE C 1 -2.22 -4.37 -8.19
H12 ZAE C 1 -3.01 -2.83 -7.83
H13 ZAE C 1 -3.58 -3.83 -9.18
N ILE C 2 -5.07 -2.35 -4.92
CA ILE C 2 -4.76 -1.08 -4.25
C ILE C 2 -3.28 -0.89 -4.06
N SER C 3 -2.78 0.20 -4.66
CA SER C 3 -1.37 0.53 -4.59
C SER C 3 -1.12 1.90 -3.96
N DAR C 4 0.13 2.09 -3.59
CA DAR C 4 0.58 3.35 -3.06
CB DAR C 4 1.68 3.97 -3.96
CG DAR C 4 1.78 3.37 -5.36
CD DAR C 4 1.10 4.25 -6.37
NE DAR C 4 1.53 4.03 -7.75
CZ DAR C 4 0.70 4.16 -8.78
NH1 DAR C 4 -0.55 4.52 -8.57
NH2 DAR C 4 1.12 3.94 -10.02
C DAR C 4 1.14 3.04 -1.73
O DAR C 4 1.92 2.07 -1.63
H DAR C 4 0.73 1.31 -3.55
HA DAR C 4 -0.26 4.03 -2.98
HB2 DAR C 4 2.62 3.83 -3.46
HB3 DAR C 4 1.49 5.02 -4.06
HG2 DAR C 4 1.32 2.39 -5.37
HG3 DAR C 4 2.82 3.27 -5.62
HD2 DAR C 4 1.30 5.28 -6.12
HD3 DAR C 4 0.03 4.08 -6.32
HE DAR C 4 2.46 3.76 -7.91
HH11 DAR C 4 -1.21 4.65 -9.38
HH12 DAR C 4 -0.89 4.69 -7.60
HH21 DAR C 4 0.47 4.05 -10.83
HH22 DAR C 4 2.11 3.64 -10.19
N 28J C 5 0.76 3.75 -0.68
CA 28J C 5 1.30 3.41 0.59
CB 28J C 5 0.46 2.37 1.31
CG2 28J C 5 1.31 1.66 2.34
CG1 28J C 5 -0.74 3.05 1.97
CD1 28J C 5 -1.78 2.08 2.47
C 28J C 5 1.46 4.63 1.44
O 28J C 5 0.77 5.64 1.27
HA 28J C 5 2.28 2.98 0.41
H22 28J C 5 0.10 1.64 0.59
H23 28J C 5 0.69 1.04 2.95
H24 28J C 5 1.80 2.40 2.96
H25 28J C 5 2.06 1.06 1.84
H26 28J C 5 -1.22 3.71 1.26
H27 28J C 5 -0.39 3.63 2.81
H28 28J C 5 -2.59 2.63 2.92
H29 28J C 5 -1.33 1.43 3.22
H30 28J C 5 -2.14 1.48 1.65
N ILE C 6 2.45 4.64 2.27
CA ILE C 6 2.53 5.79 3.15
C ILE C 6 3.98 6.07 3.55
N SER C 7 4.30 7.37 3.71
CA SER C 7 5.60 7.74 4.13
C SER C 7 5.68 9.20 4.58
N DTH C 8 6.94 9.56 4.76
CA DTH C 8 7.36 10.85 5.16
CB DTH C 8 8.57 11.42 4.35
CG2 DTH C 8 8.31 11.35 2.85
OG1 DTH C 8 9.76 10.70 4.72
C DTH C 8 7.87 11.01 6.59
O DTH C 8 8.31 12.11 6.78
H DTH C 8 7.63 8.87 4.73
HA DTH C 8 6.53 11.53 5.08
HB DTH C 8 8.74 12.46 4.64
HG21 DTH C 8 9.17 11.75 2.31
HG22 DTH C 8 7.43 11.90 2.58
HG23 DTH C 8 8.18 10.30 2.55
N ALA C 9 7.99 9.86 7.43
CA ALA C 9 8.52 9.69 8.84
C ALA C 9 10.01 10.01 9.07
N LEU C 10 10.81 9.34 8.29
CA LEU C 10 12.29 9.42 8.37
C LEU C 10 12.77 10.15 7.14
N ILE C 11 11.91 10.06 6.13
CA ILE C 11 12.21 10.59 4.80
C ILE C 11 10.97 11.32 4.31
N ZAE D 1 3.12 16.05 7.07
CA ZAE D 1 3.50 14.83 7.86
C ZAE D 1 3.58 13.56 6.98
O ZAE D 1 4.61 13.30 6.36
CB ZAE D 1 4.84 15.06 8.57
CG ZAE D 1 5.09 14.10 9.72
CD1 ZAE D 1 4.42 14.25 10.93
CD2 ZAE D 1 6.00 13.06 9.58
CE1 ZAE D 1 4.67 13.37 11.98
CE2 ZAE D 1 6.25 12.18 10.62
CZ ZAE D 1 5.57 12.34 11.82
C10 ZAE D 1 4.12 16.37 6.04
H1 ZAE D 1 3.05 16.87 7.71
HA ZAE D 1 2.73 14.67 8.61
HB2 ZAE D 1 5.63 14.94 7.86
HB3 ZAE D 1 4.86 16.06 8.97
HD1 ZAE D 1 3.71 15.05 11.05
HD2 ZAE D 1 6.52 12.94 8.64
HE1 ZAE D 1 4.14 13.50 12.92
HE2 ZAE D 1 6.95 11.38 10.50
HZ ZAE D 1 5.77 11.66 12.65
H11 ZAE D 1 5.05 16.65 6.50
H12 ZAE D 1 3.76 17.20 5.43
H13 ZAE D 1 4.28 15.50 5.41
N ILE D 2 2.48 12.81 6.92
CA ILE D 2 2.41 11.54 6.15
C ILE D 2 2.03 11.84 4.69
N SER D 3 2.60 11.10 3.70
CA SER D 3 2.26 11.40 2.30
C SER D 3 2.11 10.12 1.48
N DAR D 4 1.45 10.28 0.33
CA DAR D 4 1.25 9.18 -0.60
CB DAR D 4 1.94 9.46 -1.95
CG DAR D 4 2.91 10.64 -1.91
CD DAR D 4 4.31 10.13 -1.54
NE DAR D 4 5.41 10.89 -2.10
CZ DAR D 4 6.53 11.11 -1.43
NH1 DAR D 4 7.48 11.82 -2.02
NH2 DAR D 4 6.69 10.59 -0.21
C DAR D 4 -0.24 9.01 -0.79
O DAR D 4 -0.93 9.97 -1.11
H DAR D 4 1.05 11.15 0.12
HA DAR D 4 1.65 8.28 -0.16
HB2 DAR D 4 1.18 9.65 -2.69
HB3 DAR D 4 2.49 8.58 -2.23
HG2 DAR D 4 2.58 11.37 -1.19
HG3 DAR D 4 2.95 11.10 -2.90
HD2 DAR D 4 4.38 9.10 -1.88
HD3 DAR D 4 4.39 10.17 -0.47
HE DAR D 4 5.29 11.28 -2.99
HH11 DAR D 4 8.38 12.01 -1.53
HH12 DAR D 4 7.34 12.20 -2.98
HH21 DAR D 4 7.55 10.80 0.33
HH22 DAR D 4 5.95 10.00 0.18
N 28J D 5 -0.75 7.81 -0.55
CA 28J D 5 -2.18 7.57 -0.71
CB 28J D 5 -2.99 7.83 0.62
CG2 28J D 5 -4.48 8.06 0.33
CG1 28J D 5 -2.88 6.64 1.57
CD1 28J D 5 -3.55 6.84 2.92
C 28J D 5 -2.45 6.15 -1.29
O 28J D 5 -1.58 5.28 -1.35
HA 28J D 5 -2.51 8.29 -1.44
H22 28J D 5 -2.59 8.71 1.10
H23 28J D 5 -4.97 8.36 1.23
H24 28J D 5 -4.92 7.17 -0.07
H25 28J D 5 -4.57 8.86 -0.40
H26 28J D 5 -1.83 6.42 1.75
H27 28J D 5 -3.34 5.78 1.11
H28 28J D 5 -3.29 6.02 3.59
H29 28J D 5 -4.63 6.86 2.79
H30 28J D 5 -3.22 7.78 3.35
N ILE D 6 -3.64 5.96 -1.82
CA ILE D 6 -4.06 4.67 -2.38
C ILE D 6 -4.55 4.83 -3.83
N SER D 7 -4.10 3.96 -4.75
CA SER D 7 -4.55 4.04 -6.14
C SER D 7 -4.48 2.71 -6.83
N DTH D 8 -4.60 2.78 -8.14
CA DTH D 8 -4.55 1.60 -8.96
CB DTH D 8 -3.99 1.85 -10.37
CG2 DTH D 8 -2.73 2.70 -10.24
OG1 DTH D 8 -4.97 2.48 -11.21
C DTH D 8 -6.00 1.06 -9.09
O DTH D 8 -6.18 -0.12 -9.36
H DTH D 8 -4.78 3.67 -8.58
HA DTH D 8 -3.94 0.86 -8.46
HB DTH D 8 -3.74 0.90 -10.83
HG21 DTH D 8 -2.29 2.81 -11.21
HG22 DTH D 8 -2.03 2.22 -9.57
HG23 DTH D 8 -2.99 3.67 -9.85
N ALA D 9 -6.96 1.95 -8.89
CA ALA D 9 -8.28 1.68 -8.95
C ALA D 9 -8.61 1.53 -10.44
N LEU D 10 -8.97 2.63 -11.06
CA LEU D 10 -9.37 2.68 -12.48
C LEU D 10 -8.16 2.74 -13.40
N ILE D 11 -7.03 2.97 -12.77
CA ILE D 11 -5.75 3.08 -13.48
C ILE D 11 -4.66 2.45 -12.61
N ALA E 1 11.33 -8.98 -8.79
CA ALA E 1 12.21 -9.52 -9.86
C ALA E 1 13.54 -10.00 -9.25
N DGL E 2 14.45 -10.55 -10.18
CA DGL E 2 15.83 -10.94 -9.65
C DGL E 2 16.36 -10.05 -8.42
O DGL E 2 16.05 -8.84 -8.44
CB DGL E 2 15.79 -12.34 -8.95
CG DGL E 2 14.63 -12.60 -7.93
CD DGL E 2 15.13 -12.95 -6.50
OE1 DGL E 2 15.43 -14.12 -6.22
H DGL E 2 14.27 -10.55 -11.10
HA DGL E 2 16.45 -10.85 -10.54
HB2 DGL E 2 16.75 -12.40 -8.44
HB3 DGL E 2 15.77 -13.09 -9.72
HG2 DGL E 2 14.09 -13.44 -8.30
HG3 DGL E 2 13.96 -11.74 -7.85
N LYS E 3 15.18 -11.98 -5.64
CA LYS E 3 15.61 -12.15 -4.26
C LYS E 3 17.17 -12.30 -4.11
N DAL E 4 17.79 -11.84 -5.26
CA DAL E 4 19.35 -11.68 -5.59
CB DAL E 4 20.33 -13.05 -5.74
C DAL E 4 19.64 -10.28 -4.68
O DAL E 4 20.33 -10.23 -3.67
H DAL E 4 17.15 -11.59 -5.95
HA DAL E 4 19.71 -11.53 -6.60
HB1 DAL E 4 20.51 -13.53 -4.78
HB2 DAL E 4 21.31 -12.82 -6.18
HB3 DAL E 4 19.86 -13.84 -6.40
N DAL E 5 18.97 -9.16 -5.12
CA DAL E 5 19.05 -7.58 -4.66
CB DAL E 5 20.69 -7.56 -4.64
C DAL E 5 18.44 -7.87 -3.12
O DAL E 5 19.24 -7.91 -2.12
OXT DAL E 5 17.19 -8.05 -2.94
H DAL E 5 18.26 -9.37 -5.84
HA DAL E 5 18.59 -6.72 -5.14
HB1 DAL E 5 21.12 -7.35 -5.60
HB2 DAL E 5 20.92 -8.52 -4.33
HB3 DAL E 5 21.08 -6.81 -3.89
N ALA F 1 -16.22 0.29 -3.72
CA ALA F 1 -17.68 0.20 -3.52
C ALA F 1 -18.00 -0.55 -2.23
N DGL F 2 -18.78 -1.71 -2.37
CA DGL F 2 -19.03 -2.54 -1.13
C DGL F 2 -17.79 -2.58 -0.11
O DGL F 2 -17.98 -2.10 1.10
CB DGL F 2 -20.10 -1.86 -0.17
CG DGL F 2 -20.12 -0.29 -0.11
CD DGL F 2 -19.83 0.28 1.29
OE1 DGL F 2 -20.76 0.56 2.06
H DGL F 2 -19.07 -2.00 -3.22
HA DGL F 2 -19.29 -3.52 -1.55
HB2 DGL F 2 -19.84 -2.26 0.82
HB3 DGL F 2 -21.07 -2.23 -0.44
HG2 DGL F 2 -21.11 0.00 -0.38
HG3 DGL F 2 -19.41 0.15 -0.81
N LYS F 3 -18.58 0.48 1.61
CA LYS F 3 -18.14 1.00 2.87
C LYS F 3 -18.36 0.05 4.08
N DAL F 4 -18.52 -1.26 3.61
CA DAL F 4 -18.67 -2.64 4.41
CB DAL F 4 -19.93 -2.81 5.54
C DAL F 4 -17.04 -3.00 4.61
O DAL F 4 -16.50 -3.24 5.68
H DAL F 4 -18.51 -1.29 2.63
HA DAL F 4 -19.18 -3.50 3.98
HB1 DAL F 4 -19.75 -2.25 6.45
HB2 DAL F 4 -20.08 -3.87 5.83
HB3 DAL F 4 -20.92 -2.46 5.13
N DAL F 5 -16.29 -2.92 3.46
CA DAL F 5 -14.70 -3.29 3.14
CB DAL F 5 -14.86 -4.82 3.72
C DAL F 5 -14.09 -2.26 4.30
O DAL F 5 -14.33 -1.01 4.26
OXT DAL F 5 -13.35 -2.74 5.24
H DAL F 5 -16.80 -2.49 2.68
HA DAL F 5 -14.19 -3.23 2.17
HB1 DAL F 5 -15.25 -5.51 3.01
HB2 DAL F 5 -15.51 -4.68 4.52
HB3 DAL F 5 -13.87 -5.21 4.11
N ALA G 1 6.85 5.12 14.88
CA ALA G 1 6.24 5.24 16.23
C ALA G 1 4.71 5.25 16.13
N DGL G 2 4.17 4.57 15.03
CA DGL G 2 2.64 4.47 14.94
C DGL G 2 2.09 4.03 13.49
O DGL G 2 0.80 4.00 13.32
CB DGL G 2 2.09 3.28 15.82
CG DGL G 2 2.40 1.82 15.32
CD DGL G 2 1.21 1.13 14.63
OE1 DGL G 2 0.43 0.42 15.29
H DGL G 2 4.72 4.12 14.42
HA DGL G 2 2.33 5.48 15.24
HB2 DGL G 2 1.01 3.43 15.80
HB3 DGL G 2 2.44 3.41 16.83
HG2 DGL G 2 2.65 1.27 16.20
HG3 DGL G 2 3.26 1.80 14.64
N LYS G 3 1.09 1.29 13.35
CA LYS G 3 0.02 0.70 12.56
C LYS G 3 -1.41 1.14 12.99
N DAL G 4 -1.35 2.39 13.60
CA DAL G 4 -2.52 3.34 14.14
CB DAL G 4 -3.68 2.73 15.22
C DAL G 4 -2.77 4.24 12.74
O DAL G 4 -3.86 4.43 12.21
H DAL G 4 -0.42 2.70 13.70
HA DAL G 4 -2.37 4.02 14.98
HB1 DAL G 4 -3.21 2.19 16.05
HB2 DAL G 4 -4.38 2.03 14.72
HB3 DAL G 4 -4.31 3.54 15.68
N DAL G 5 -1.63 4.71 12.14
CA DAL G 5 -1.40 5.70 10.88
CB DAL G 5 -2.42 6.86 11.44
C DAL G 5 -2.14 4.70 9.75
O DAL G 5 -1.88 3.48 9.71
OXT DAL G 5 -3.04 5.20 8.94
H DAL G 5 -0.76 4.30 12.53
HA DAL G 5 -0.45 6.11 10.51
HB1 DAL G 5 -2.71 7.54 10.69
HB2 DAL G 5 -1.83 7.32 12.17
HB3 DAL G 5 -3.33 6.41 11.92
N ALA H 1 -12.34 12.36 -12.92
CA ALA H 1 -12.53 12.97 -14.25
C ALA H 1 -12.60 11.89 -15.34
N DGL H 2 -13.13 12.33 -16.57
CA DGL H 2 -13.12 11.34 -17.73
C DGL H 2 -11.94 10.24 -17.66
O DGL H 2 -10.82 10.65 -17.30
CB DGL H 2 -14.36 10.38 -17.66
CG DGL H 2 -14.77 9.84 -16.24
CD DGL H 2 -15.04 8.31 -16.21
OE1 DGL H 2 -16.13 7.88 -15.80
H DGL H 2 -13.34 13.24 -16.71
HA DGL H 2 -13.05 11.99 -18.60
HB2 DGL H 2 -14.07 9.54 -18.30
HB3 DGL H 2 -15.20 10.87 -18.12
HG2 DGL H 2 -15.68 10.34 -16.00
HG3 DGL H 2 -14.01 10.07 -15.49
N LYS H 3 -14.07 7.54 -16.59
CA LYS H 3 -14.16 6.09 -16.62
C LYS H 3 -15.03 5.53 -17.78
N DAL H 4 -14.19 5.16 -18.84
CA DAL H 4 -14.55 4.42 -20.22
CB DAL H 4 -16.13 4.53 -20.85
C DAL H 4 -13.58 3.06 -20.03
O DAL H 4 -13.92 2.04 -19.44
H DAL H 4 -13.25 5.38 -18.66
HA DAL H 4 -14.32 4.89 -21.18
HB1 DAL H 4 -16.83 3.95 -20.25
HB2 DAL H 4 -16.19 4.17 -21.89
HB3 DAL H 4 -16.51 5.59 -20.85
N DAL H 5 -12.30 3.18 -20.54
CA DAL H 5 -11.07 2.09 -20.70
CB DAL H 5 -12.02 0.99 -21.45
C DAL H 5 -10.96 1.76 -19.06
O DAL H 5 -11.04 0.56 -18.64
OXT DAL H 5 -10.81 2.71 -18.21
H DAL H 5 -12.07 4.15 -20.80
HA DAL H 5 -10.10 2.25 -21.17
HB1 DAL H 5 -12.08 1.12 -22.51
HB2 DAL H 5 -12.94 1.15 -21.00
HB3 DAL H 5 -11.68 -0.06 -21.23
C1 MUB I . 11.16 -5.70 -5.05
C2 MUB I . 9.91 -6.50 -5.38
C3 MUB I . 10.25 -7.96 -5.57
C4 MUB I . 11.74 -8.11 -5.91
C5 MUB I . 12.62 -7.60 -4.79
C6 MUB I . 13.98 -7.16 -5.33
C7 MUB I . 8.68 -7.32 -3.44
C8 MUB I . 7.56 -7.20 -2.40
C9 MUB I . 9.38 -7.80 -7.81
C10 MUB I . 10.13 -8.35 -9.02
C11 MUB I . 8.36 -6.65 -7.99
O1 MUB I . 10.83 -4.49 -4.45
O3 MUB I . 9.40 -8.55 -6.58
O4 MUB I . 12.01 -9.52 -6.22
O5 MUB I . 12.00 -6.46 -4.15
O6 MUB I . 13.80 -6.07 -6.21
O7 MUB I . 9.46 -8.28 -3.35
O10 MUB I . 9.58 -8.28 -10.13
N2 MUB I . 8.83 -6.35 -4.35
H1 MUB I . 11.78 -5.53 -5.93
H2 MUB I . 9.50 -5.94 -6.25
HN2 MUB I . 8.22 -5.62 -4.44
H81 MUB I . 6.60 -7.14 -2.91
H82 MUB I . 7.70 -6.32 -1.81
H83 MUB I . 7.59 -8.07 -1.76
H3 MUB I . 9.95 -8.54 -4.70
H9 MUB I . 10.30 -7.36 -7.56
H111 MUB I . 7.49 -6.79 -7.33
H112 MUB I . 7.99 -6.66 -8.97
H113 MUB I . 8.84 -5.67 -7.84
H4 MUB I . 11.97 -7.84 -6.94
H5 MUB I . 12.89 -8.26 -4.11
H61 MUB I . 14.30 -7.97 -6.02
H62 MUB I . 14.77 -6.97 -4.56
HO6 MUB I . 13.99 -5.19 -5.84
C1 NAG I . 11.35 -10.46 -5.37
C2 NAG I . 11.69 -11.86 -5.82
C3 NAG I . 10.96 -12.87 -4.96
C4 NAG I . 11.22 -12.59 -3.48
C5 NAG I . 10.93 -11.12 -3.14
C6 NAG I . 11.25 -10.75 -1.69
C7 NAG I . 10.13 -12.12 -7.67
C8 NAG I . 9.91 -12.28 -9.17
N2 NAG I . 11.37 -12.02 -7.24
O3 NAG I . 11.42 -14.18 -5.27
O4 NAG I . 10.37 -13.42 -2.69
O5 NAG I . 11.70 -10.27 -4.00
O6 NAG I . 11.25 -9.35 -1.50
O7 NAG I . 9.16 -12.14 -6.92
H1 NAG I . 10.28 -10.26 -5.53
H2 NAG I . 12.63 -12.15 -5.90
H3 NAG I . 9.89 -12.81 -5.12
H4 NAG I . 12.24 -13.01 -3.27
H5 NAG I . 9.88 -10.85 -3.22
H61 NAG I . 12.24 -11.12 -1.38
H62 NAG I . 10.51 -11.27 -1.06
H81 NAG I . 10.20 -11.36 -9.68
H82 NAG I . 8.87 -12.47 -9.36
H83 NAG I . 10.50 -13.12 -9.53
HN2 NAG I . 12.09 -12.00 -7.89
HO3 NAG I . 11.26 -14.39 -6.17
HO4 NAG I . 10.38 -14.32 -3.07
HO6 NAG I . 10.65 -8.99 -2.16
C1 MUB J . -12.46 -2.93 -4.16
C2 MUB J . -12.28 -1.43 -4.41
C3 MUB J . -12.93 -0.62 -3.28
C4 MUB J . -14.10 -1.41 -2.68
C5 MUB J . -13.60 -2.72 -2.06
C6 MUB J . -14.65 -3.81 -2.15
C7 MUB J . -10.16 -0.63 -3.53
C8 MUB J . -8.73 -0.15 -3.71
C9 MUB J . -14.10 0.71 -4.95
C10 MUB J . -15.62 0.78 -4.87
C11 MUB J . -13.38 0.97 -6.31
O1 MUB J . -11.53 -3.72 -4.84
O3 MUB J . -13.32 0.71 -3.72
O4 MUB J . -14.77 -0.58 -1.70
O5 MUB J . -12.41 -3.19 -2.74
O6 MUB J . -15.35 -3.67 -3.37
O7 MUB J . -10.60 -0.72 -2.38
O10 MUB J . -16.22 1.31 -5.80
N2 MUB J . -10.87 -1.03 -4.59
H1 MUB J . -13.41 -3.33 -4.48
H2 MUB J . -12.71 -1.26 -5.42
HN2 MUB J . -10.55 -0.94 -5.50
H81 MUB J . -8.15 -0.93 -4.21
H82 MUB J . -8.28 0.07 -2.76
H83 MUB J . -8.73 0.76 -4.32
H3 MUB J . -12.16 -0.28 -2.57
H9 MUB J . -14.21 -0.33 -4.86
H111 MUB J . -12.70 1.84 -6.22
H112 MUB J . -14.10 1.22 -7.02
H113 MUB J . -12.85 0.08 -6.65
H4 MUB J . -14.97 -1.42 -3.32
H5 MUB J . -13.46 -2.73 -1.09
H61 MUB J . -15.42 -3.58 -1.37
H62 MUB J . -14.25 -4.85 -2.02
HO6 MUB J . -16.26 -3.38 -3.26
C1 NAG J . -13.93 -0.02 -0.69
C2 NAG J . -14.79 0.70 0.31
C3 NAG J . -13.92 1.35 1.34
C4 NAG J . -12.96 0.31 1.96
C5 NAG J . -12.22 -0.47 0.87
C6 NAG J . -11.37 -1.61 1.44
C7 NAG J . -15.17 2.70 -1.01
C8 NAG J . -16.16 3.65 -1.69
N2 NAG J . -15.67 1.67 -0.36
O3 NAG J . -14.71 1.91 2.37
O4 NAG J . -12.01 0.99 2.78
O5 NAG J . -13.15 -1.04 -0.05
O6 NAG J . -10.80 -2.41 0.41
O7 NAG J . -13.97 2.99 -0.99
H1 NAG J . -13.28 0.69 -1.24
H2 NAG J . -15.55 0.31 0.79
H3 NAG J . -13.30 2.13 0.90
H4 NAG J . -13.60 -0.24 2.70
H5 NAG J . -11.48 0.10 0.32
H61 NAG J . -11.99 -2.30 2.05
H62 NAG J . -10.63 -1.18 2.12
H81 NAG J . -16.78 4.10 -0.93
H82 NAG J . -16.77 3.09 -2.38
H83 NAG J . -15.60 4.40 -2.24
HN2 NAG J . -16.62 1.49 -0.42
HO3 NAG J . -15.19 2.65 2.05
HO4 NAG J . -12.49 1.47 3.47
HO6 NAG J . -11.15 -2.03 -0.41
C1 MUB K . 6.82 5.58 9.54
C2 MUB K . 7.99 5.05 10.34
C3 MUB K . 7.51 4.05 11.39
C4 MUB K . 6.11 4.37 11.91
C5 MUB K . 5.10 4.42 10.77
C6 MUB K . 4.11 5.57 10.96
C7 MUB K . 8.94 3.12 9.20
C8 MUB K . 9.98 2.46 8.31
C9 MUB K . 8.67 5.16 13.18
C10 MUB K . 8.21 5.24 14.64
C11 MUB K . 9.56 6.30 12.57
O1 MUB K . 7.22 5.86 8.22
O3 MUB K . 8.49 3.93 12.46
O4 MUB K . 5.80 3.34 12.88
O5 MUB K . 5.77 4.58 9.50
O6 MUB K . 4.83 6.77 11.15
O7 MUB K . 8.10 2.39 9.76
O10 MUB K . 9.08 5.28 15.51
N2 MUB K . 9.02 4.43 9.46
H1 MUB K . 6.38 6.46 10.00
H2 MUB K . 8.45 6.00 10.70
HN2 MUB K . 9.67 5.01 9.04
H81 MUB K . 10.96 2.63 8.73
H82 MUB K . 9.94 2.86 7.32
H83 MUB K . 9.77 1.39 8.27
H3 MUB K . 7.54 3.03 10.98
H9 MUB K . 7.68 5.43 12.97
H111 MUB K . 10.33 5.85 11.91
H112 MUB K . 10.07 6.78 13.37
H113 MUB K . 8.95 7.04 12.06
H4 MUB K . 6.07 5.13 12.68
H5 MUB K . 4.46 3.65 10.70
H61 MUB K . 3.64 5.42 11.94
H62 MUB K . 3.29 5.68 10.20
HO6 MUB K . 4.33 7.58 11.01
C1 NAG K . 6.08 1.99 12.49
C2 NAG K . 5.37 1.01 13.39
C3 NAG K . 5.74 -0.40 13.02
C4 NAG K . 5.50 -0.63 11.52
C5 NAG K . 6.15 0.47 10.67
C6 NAG K . 5.81 0.36 9.19
C7 NAG K . 6.91 1.23 15.26
C8 NAG K . 7.15 1.54 16.74
N2 NAG K . 5.68 1.29 14.80
O3 NAG K . 4.96 -1.32 13.76
O4 NAG K . 6.04 -1.89 11.14
O5 NAG K . 5.71 1.76 11.13
O6 NAG K . 4.47 0.75 8.93
O7 NAG K . 7.86 0.85 14.58
H1 NAG K . 7.17 1.91 12.63
H2 NAG K . 4.38 1.05 13.51
H3 NAG K . 6.79 -0.58 13.20
H4 NAG K . 4.38 -0.78 11.44
H5 NAG K . 7.24 0.44 10.67
H61 NAG K . 5.90 -0.68 8.81
H62 NAG K . 6.54 0.97 8.65
H81 NAG K . 8.21 1.62 16.92
H82 NAG K . 6.75 0.75 17.35
H83 NAG K . 6.63 2.46 16.98
HN2 NAG K . 4.97 1.60 15.39
HO3 NAG K . 5.30 -2.20 13.67
HO4 NAG K . 5.52 -2.58 11.58
HO6 NAG K . 4.31 1.51 9.50
C1 MUB L . -9.34 9.28 -10.77
C2 MUB L . -10.40 9.96 -9.94
C3 MUB L . -11.73 9.87 -10.65
C4 MUB L . -11.54 9.72 -12.15
C5 MUB L . -10.81 8.43 -12.47
C6 MUB L . -10.05 8.55 -13.78
C7 MUB L . -11.29 8.32 -8.38
C8 MUB L . -11.41 7.70 -6.99
C9 MUB L . -11.87 12.26 -10.48
C10 MUB L . -12.10 13.05 -11.76
C11 MUB L . -11.15 12.93 -9.26
O1 MUB L . -8.28 8.89 -9.97
O3 MUB L . -12.56 11.01 -10.31
O4 MUB L . -12.83 9.80 -12.81
O5 MUB L . -9.87 8.11 -11.42
O6 MUB L . -9.57 9.87 -13.92
O7 MUB L . -12.01 7.88 -9.29
O10 MUB L . -12.15 14.29 -11.67
N2 MUB L . -10.49 9.37 -8.58
H1 MUB L . -8.98 9.93 -11.57
H2 MUB L . -9.97 10.98 -9.79
HN2 MUB L . -9.93 9.75 -7.87
H81 MUB L . -12.15 6.90 -7.01
H82 MUB L . -11.71 8.45 -6.28
H83 MUB L . -10.43 7.31 -6.70
H3 MUB L . -12.34 9.06 -10.20
H9 MUB L . -11.13 11.78 -11.04
H111 MUB L . -11.72 12.75 -8.34
H112 MUB L . -11.13 13.97 -9.41
H113 MUB L . -10.13 12.58 -9.18
H4 MUB L . -11.23 10.63 -12.65
H5 MUB L . -11.38 7.63 -12.65
H61 MUB L . -10.84 8.52 -14.55
H62 MUB L . -9.30 7.76 -14.06
HO6 MUB L . -9.96 10.37 -14.66
C1 NAG L . -13.88 9.01 -12.22
C2 NAG L . -15.14 9.20 -13.04
C3 NAG L . -16.26 8.37 -12.49
C4 NAG L . -15.81 6.91 -12.30
C5 NAG L . -14.50 6.84 -11.51
C6 NAG L . -13.98 5.43 -11.37
C7 NAG L . -15.79 11.31 -12.01
C8 NAG L . -16.14 12.79 -12.17
N2 NAG L . -15.49 10.63 -13.10
O3 NAG L . -17.37 8.39 -13.39
O4 NAG L . -16.81 6.19 -11.59
O5 NAG L . -13.50 7.63 -12.17
O6 NAG L . -12.81 5.38 -10.57
O7 NAG L . -15.87 10.79 -10.90
H1 NAG L . -13.99 9.42 -11.21
H2 NAG L . -15.11 9.08 -14.02
H3 NAG L . -16.58 8.73 -11.52
H4 NAG L . -15.85 6.45 -13.33
H5 NAG L . -14.58 7.18 -10.48
H61 NAG L . -13.66 5.13 -12.39
H62 NAG L . -14.80 4.78 -11.02
H81 NAG L . -17.02 12.86 -12.79
H82 NAG L . -15.32 13.31 -12.64
H83 NAG L . -16.32 13.22 -11.19
HN2 NAG L . -15.43 11.09 -13.94
HO3 NAG L . -17.11 8.16 -14.27
HO4 NAG L . -17.68 6.41 -11.96
HO6 NAG L . -12.60 6.29 -10.36
P 2PO M . 12.00 -3.47 -3.97
O1P 2PO M . 13.17 -3.63 -4.87
O2P 2PO M . 11.40 -2.12 -3.83
O3P 2PO M . 12.39 -4.01 -2.51
P 2PO N . 11.25 -4.30 -1.44
O1P 2PO N . 10.60 -3.00 -1.05
O2P 2PO N . 10.41 -5.38 -1.96
O3P 2PO N . 12.13 -4.91 -0.25
C1 P1W O . 11.92 -6.19 0.36
C2 P1W O . 12.63 -6.34 1.71
C3 P1W O . 12.61 -7.47 2.48
C4 P1W O . 13.31 -7.54 3.82
C5 P1W O . 11.93 -8.81 2.08
H12 P1W O . 12.24 -6.96 -0.31
H11 P1W O . 10.85 -6.28 0.54
H2 P1W O . 13.30 -5.54 1.97
H41 P1W O . 13.61 -8.56 4.02
H42 P1W O . 14.19 -6.90 3.81
H51 P1W O . 11.42 -8.68 1.14
H52 P1W O . 11.22 -9.08 2.84
H53 P1W O . 12.68 -9.59 1.99
C1 P1W P . 12.37 -7.05 4.95
C2 P1W P . 13.13 -6.22 5.94
C3 P1W P . 13.00 -4.89 6.05
C4 P1W P . 13.80 -4.08 7.05
C5 P1W P . 12.04 -4.04 5.20
H12 P1W P . 11.58 -6.46 4.51
H11 P1W P . 11.93 -7.91 5.44
H2 P1W P . 13.97 -6.73 6.39
H41 P1W P . 13.14 -3.45 7.63
H42 P1W P . 14.33 -4.75 7.72
H51 P1W P . 11.02 -4.35 5.40
H52 P1W P . 12.25 -4.19 4.16
H53 P1W P . 12.15 -3.00 5.44
C1 P1W Q . 14.82 -3.20 6.34
C2 P1W Q . 15.53 -2.29 7.30
C3 P1W Q . 16.83 -1.96 7.24
C4 P1W Q . 17.50 -1.00 8.24
C5 P1W Q . 17.79 -2.50 6.17
H12 P1W Q . 15.55 -3.82 5.85
H11 P1W Q . 14.31 -2.59 5.61
H2 P1W Q . 14.90 -1.87 8.07
H43 P1W Q . 17.66 -0.04 7.79
H41 P1W Q . 18.45 -1.42 8.57
H42 P1W Q . 16.85 -0.88 9.10
H51 P1W Q . 18.21 -3.43 6.51
H52 P1W Q . 18.58 -1.79 6.01
H53 P1W Q . 17.26 -2.66 5.24
C1 P1W R . -7.80 -6.15 3.54
C2 P1W R . -8.41 -6.55 4.84
C3 P1W R . -8.10 -5.98 6.01
C4 P1W R . -8.73 -6.43 7.31
C5 P1W R . -7.12 -4.83 6.15
H12 P1W R . -7.42 -7.01 3.01
H11 P1W R . -6.99 -5.46 3.73
H2 P1W R . -8.90 -7.51 4.81
H41 P1W R . -9.81 -6.50 7.19
H42 P1W R . -8.50 -5.73 8.10
H51 P1W R . -7.10 -4.50 7.19
H52 P1W R . -7.43 -4.01 5.53
H53 P1W R . -6.12 -5.15 5.86
C1 P1W S . -8.20 -7.82 7.70
C2 P1W S . -6.81 -7.73 8.26
C3 P1W S . -5.80 -8.54 7.90
C4 P1W S . -4.39 -8.41 8.48
C5 P1W S . -5.96 -9.68 6.88
H12 P1W S . -8.86 -8.25 8.44
H11 P1W S . -8.19 -8.44 6.82
H2 P1W S . -6.60 -6.80 8.79
H43 P1W S . -4.41 -7.80 9.38
H41 P1W S . -3.74 -7.94 7.75
H42 P1W S . -4.01 -9.38 8.72
H51 P1W S . -5.07 -10.29 6.91
H52 P1W S . -6.08 -9.26 5.90
H53 P1W S . -6.82 -10.29 7.13
P 2PO T . -10.96 -5.09 -4.16
O1P 2PO T . -12.04 -5.62 -3.27
O2P 2PO T . -10.47 -5.96 -5.23
O3P 2PO T . -9.71 -4.71 -3.20
P 2PO U . -8.19 -5.12 -3.49
O1P 2PO U . -8.21 -6.38 -4.30
O2P 2PO U . -7.47 -3.92 -4.03
O3P 2PO U . -7.68 -5.42 -2.01
C1 P1W V . -7.77 -4.47 -0.96
C2 P1W V . -8.34 -5.12 0.26
C3 P1W V . -8.19 -4.68 1.52
C4 P1W V . -8.83 -5.45 2.67
C5 P1W V . -7.38 -3.41 1.89
H12 P1W V . -8.41 -3.65 -1.27
H11 P1W V . -6.79 -4.09 -0.74
H2 P1W V . -9.11 -5.85 0.05
H41 P1W V . -9.49 -6.21 2.26
H42 P1W V . -9.39 -4.81 3.29
H51 P1W V . -7.96 -2.80 2.57
H52 P1W V . -7.17 -2.85 1.00
H53 P1W V . -6.45 -3.69 2.38
P 2PO W . 6.24 6.68 7.24
O1P 2PO W . 4.99 5.90 7.05
O2P 2PO W . 6.13 8.09 7.69
O3P 2PO W . 7.03 6.67 5.88
P 2PO X . 8.61 6.59 5.94
O1P 2PO X . 9.18 7.96 6.00
O2P 2PO X . 9.00 5.57 6.97
O3P 2PO X . 8.93 5.98 4.51
C1 P1W Y . 9.15 4.59 4.39
C2 P1W Y . 7.96 3.89 4.99
C3 P1W Y . 7.87 2.57 5.21
C4 P1W Y . 6.61 2.00 5.81
C5 P1W Y . 8.98 1.55 4.90
H12 P1W Y . 10.05 4.33 4.92
H11 P1W Y . 9.25 4.35 3.35
H2 P1W Y . 7.29 4.55 5.52
H41 P1W Y . 5.76 2.33 5.21
H42 P1W Y . 6.50 2.38 6.82
H51 P1W Y . 9.07 0.86 5.72
H52 P1W Y . 9.92 2.07 4.77
H53 P1W Y . 8.74 1.00 3.99
C1 P1W Z . 6.63 0.47 5.85
C2 P1W Z . 5.25 -0.08 6.01
C3 P1W Z . 5.01 -1.37 6.31
C4 P1W Z . 3.61 -1.93 6.47
C5 P1W Z . 6.12 -2.41 6.53
H12 P1W Z . 7.05 0.13 4.92
H11 P1W Z . 7.25 0.15 6.67
H2 P1W Z . 4.47 0.51 5.53
H41 P1W Z . 3.45 -2.72 5.75
H42 P1W Z . 2.89 -1.15 6.31
H51 P1W Z . 6.90 -2.25 5.81
H52 P1W Z . 5.71 -3.40 6.40
H53 P1W Z . 6.52 -2.32 7.53
C1 P1W AA . 3.40 -2.51 7.86
C2 P1W AA . 3.17 -3.99 7.80
C3 P1W AA . 2.92 -4.78 8.86
C4 P1W AA . 2.66 -6.28 8.74
C5 P1W AA . 2.87 -4.25 10.30
H12 P1W AA . 4.28 -2.31 8.46
H11 P1W AA . 2.55 -2.03 8.31
H2 P1W AA . 3.13 -4.40 6.80
H43 P1W AA . 3.57 -6.83 8.93
H41 P1W AA . 2.31 -6.50 7.74
H42 P1W AA . 1.91 -6.58 9.45
H51 P1W AA . 3.63 -4.75 10.89
H52 P1W AA . 1.90 -4.47 10.72
H53 P1W AA . 3.05 -3.18 10.32
P 2PO BA . -6.92 8.35 -10.65
O1P 2PO BA . -6.86 8.83 -12.06
O2P 2PO BA . -5.77 8.62 -9.75
O3P 2PO BA . -7.16 6.80 -10.68
P 2PO CA . -6.52 5.90 -9.57
O1P 2PO CA . -6.89 4.51 -9.85
O2P 2PO CA . -5.08 6.22 -9.40
O3P 2PO CA . -7.31 6.40 -8.27
C1 P1W DA . -6.65 7.07 -7.20
C2 P1W DA . -7.70 7.60 -6.23
C3 P1W DA . -7.48 8.45 -5.19
C4 P1W DA . -8.62 8.92 -4.28
C5 P1W DA . -6.10 8.99 -4.81
H12 P1W DA . -6.05 7.88 -7.60
H11 P1W DA . -6.01 6.35 -6.71
H2 P1W DA . -8.65 7.10 -6.30
H41 P1W DA . -9.49 9.18 -4.90
H42 P1W DA . -8.32 9.80 -3.72
H51 P1W DA . -5.82 9.78 -5.50
H52 P1W DA . -5.37 8.19 -4.87
H53 P1W DA . -6.12 9.38 -3.79
C1 P1W EA . -9.04 7.82 -3.29
C2 P1W EA . -10.28 8.22 -2.58
C3 P1W EA . -10.29 8.97 -1.48
C4 P1W EA . -11.58 9.34 -0.77
C5 P1W EA . -9.02 9.51 -0.81
H12 P1W EA . -9.20 6.91 -3.83
H11 P1W EA . -8.25 7.66 -2.56
H2 P1W EA . -11.14 7.58 -2.81
H41 P1W EA . -11.39 9.44 0.29
H42 P1W EA . -12.33 8.58 -0.94
H51 P1W EA . -8.33 9.86 -1.58
H52 P1W EA . -8.55 8.73 -0.25
H53 P1W EA . -9.27 10.33 -0.16
C1 P1W FA . -12.08 10.68 -1.31
C2 P1W FA . -13.48 10.94 -0.83
C3 P1W FA . -14.56 10.99 -1.63
C4 P1W FA . -15.98 11.25 -1.11
C5 P1W FA . -14.47 10.81 -3.14
H12 P1W FA . -11.43 11.47 -0.97
H11 P1W FA . -12.07 10.64 -2.39
H2 P1W FA . -13.58 11.04 0.24
H43 P1W FA . -16.01 11.08 -0.04
H41 P1W FA . -16.68 10.57 -1.59
H42 P1W FA . -16.27 12.27 -1.32
H51 P1W FA . -15.47 10.80 -3.55
H52 P1W FA . -13.97 9.88 -3.36
H53 P1W FA . -13.90 11.63 -3.59
N ZAE A 1 -5.44 -16.27 -2.11
CA ZAE A 1 -6.54 -15.25 -2.00
C ZAE A 1 -6.03 -13.84 -2.28
O ZAE A 1 -6.12 -13.33 -3.41
CB ZAE A 1 -7.68 -15.59 -2.96
CG ZAE A 1 -9.04 -15.75 -2.29
CD1 ZAE A 1 -9.14 -16.29 -1.02
CD2 ZAE A 1 -10.18 -15.30 -2.91
CE1 ZAE A 1 -10.37 -16.47 -0.41
CE2 ZAE A 1 -11.42 -15.47 -2.32
CZ ZAE A 1 -11.51 -16.01 -1.05
C10 ZAE A 1 -4.84 -16.28 -3.46
H1 ZAE A 1 -5.81 -17.22 -1.92
HA ZAE A 1 -6.92 -15.28 -0.99
HB2 ZAE A 1 -7.78 -14.80 -3.68
HB3 ZAE A 1 -7.46 -16.52 -3.46
HD1 ZAE A 1 -8.25 -16.64 -0.52
HD2 ZAE A 1 -10.12 -14.86 -3.90
HE1 ZAE A 1 -10.45 -16.89 0.57
HE2 ZAE A 1 -12.31 -15.12 -2.82
HZ ZAE A 1 -12.48 -16.13 -0.58
H11 ZAE A 1 -4.07 -17.04 -3.51
H12 ZAE A 1 -4.40 -15.31 -3.66
H13 ZAE A 1 -5.61 -16.49 -4.19
N ILE A 2 -5.47 -13.21 -1.26
CA ILE A 2 -4.96 -11.85 -1.40
C ILE A 2 -3.55 -11.88 -1.98
N SER A 3 -3.27 -10.94 -2.87
CA SER A 3 -1.94 -10.82 -3.47
C SER A 3 -1.43 -9.39 -3.35
N DAR A 4 -0.12 -9.27 -3.45
CA DAR A 4 0.56 -7.98 -3.34
CB DAR A 4 1.20 -7.63 -4.66
CG DAR A 4 0.20 -7.60 -5.77
CD DAR A 4 -0.14 -6.18 -6.12
NE DAR A 4 -0.99 -5.60 -5.12
CZ DAR A 4 -1.20 -4.30 -5.01
NH1 DAR A 4 -2.02 -3.85 -4.09
NH2 DAR A 4 -0.56 -3.46 -5.82
C DAR A 4 1.63 -8.00 -2.30
O DAR A 4 2.60 -8.76 -2.43
H DAR A 4 0.42 -10.06 -3.64
HA DAR A 4 -0.18 -7.24 -3.09
HB2 DAR A 4 1.94 -8.37 -4.89
HB3 DAR A 4 1.65 -6.66 -4.57
HG2 DAR A 4 -0.70 -8.10 -5.45
HG3 DAR A 4 0.62 -8.10 -6.63
HD2 DAR A 4 -0.64 -6.16 -7.07
HD3 DAR A 4 0.77 -5.61 -6.19
HE DAR A 4 -1.44 -6.21 -4.49
HH11 DAR A 4 -2.21 -2.84 -3.98
HH12 DAR A 4 -2.48 -4.53 -3.43
HH21 DAR A 4 -0.75 -2.44 -5.76
HH22 DAR A 4 0.14 -3.81 -6.50
N 28J A 5 1.49 -7.18 -1.27
CA 28J A 5 2.52 -7.13 -0.26
CB 28J A 5 2.05 -7.67 1.10
CG2 28J A 5 0.54 -7.55 1.22
CG1 28J A 5 2.45 -9.15 1.27
CD1 28J A 5 3.94 -9.37 1.37
C 28J A 5 3.07 -5.72 -0.14
O 28J A 5 2.44 -4.73 -0.57
HA 28J A 5 3.33 -7.76 -0.60
H22 28J A 5 2.50 -7.09 1.88
H23 28J A 5 0.23 -7.92 2.19
H24 28J A 5 0.06 -8.13 0.44
H25 28J A 5 0.25 -6.52 1.12
H26 28J A 5 2.08 -9.71 0.43
H27 28J A 5 2.00 -9.53 2.18
H28 28J A 5 4.34 -8.81 2.20
H29 28J A 5 4.42 -9.04 0.46
H30 28J A 5 4.14 -10.42 1.52
N ILE A 6 4.28 -5.65 0.40
CA ILE A 6 4.98 -4.39 0.66
C ILE A 6 6.22 -4.21 -0.27
N SER A 7 6.48 -2.96 -0.69
CA SER A 7 7.64 -2.65 -1.56
C SER A 7 8.11 -1.22 -1.35
N DTH A 8 8.98 -0.77 -2.25
CA DTH A 8 9.51 0.59 -2.18
CB DTH A 8 9.82 1.22 -3.58
CG2 DTH A 8 8.64 1.03 -4.50
OG1 DTH A 8 10.99 0.65 -4.16
C DTH A 8 10.83 0.53 -1.40
O DTH A 8 11.47 1.55 -1.13
H DTH A 8 9.28 -1.39 -2.96
HA DTH A 8 8.81 1.22 -1.67
HB DTH A 8 10.02 2.30 -3.46
HG21 DTH A 8 7.76 1.50 -4.06
HG22 DTH A 8 8.45 -0.02 -4.65
HG23 DTH A 8 8.85 1.50 -5.45
N ALA A 9 11.23 -0.69 -1.03
CA ALA A 9 12.48 -0.91 -0.33
C ALA A 9 13.62 -0.31 -1.16
N LEU A 10 13.93 -0.93 -2.31
CA LEU A 10 15.01 -0.40 -3.18
C LEU A 10 14.42 0.48 -4.23
N ILE A 11 13.40 -0.03 -4.86
CA ILE A 11 12.73 0.71 -5.90
C ILE A 11 11.45 1.32 -5.34
N ZAE B 1 8.06 5.93 1.24
CA ZAE B 1 9.03 4.81 1.53
C ZAE B 1 8.41 3.40 1.30
O ZAE B 1 8.98 2.61 0.55
CB ZAE B 1 10.30 4.98 0.67
CG ZAE B 1 11.56 4.63 1.42
CD1 ZAE B 1 12.31 5.64 2.02
CD2 ZAE B 1 11.91 3.31 1.66
CE1 ZAE B 1 13.47 5.33 2.72
CE2 ZAE B 1 13.06 2.99 2.35
CZ ZAE B 1 13.81 4.00 2.94
C10 ZAE B 1 7.79 6.03 -0.20
H1 ZAE B 1 8.47 6.83 1.55
HA ZAE B 1 9.31 4.88 2.57
HB2 ZAE B 1 10.24 4.33 -0.19
HB3 ZAE B 1 10.38 6.01 0.34
HD1 ZAE B 1 12.05 6.68 1.86
HD2 ZAE B 1 11.32 2.52 1.20
HE1 ZAE B 1 14.05 6.10 3.17
HE2 ZAE B 1 13.34 1.96 2.51
HZ ZAE B 1 14.69 3.76 3.50
H11 ZAE B 1 7.15 6.88 -0.38
H12 ZAE B 1 7.30 5.13 -0.54
H13 ZAE B 1 8.72 6.16 -0.74
N ILE B 2 7.24 3.08 1.94
CA ILE B 2 6.65 1.75 1.73
C ILE B 2 5.43 1.82 0.82
N SER B 3 5.53 1.10 -0.30
CA SER B 3 4.45 0.99 -1.26
C SER B 3 3.98 -0.44 -1.42
N DAR B 4 2.93 -0.54 -2.19
CA DAR B 4 2.35 -1.81 -2.52
CB DAR B 4 2.32 -2.04 -4.03
CG DAR B 4 3.68 -1.96 -4.74
CD DAR B 4 4.15 -3.33 -5.20
NE DAR B 4 4.44 -4.23 -4.09
CZ DAR B 4 4.54 -5.56 -4.22
NH1 DAR B 4 4.36 -6.13 -5.41
NH2 DAR B 4 4.82 -6.32 -3.17
C DAR B 4 0.96 -1.79 -2.01
O DAR B 4 0.28 -0.77 -2.12
H DAR B 4 2.45 0.29 -2.44
HA DAR B 4 2.92 -2.60 -2.04
HB2 DAR B 4 1.68 -1.29 -4.47
HB3 DAR B 4 1.90 -3.02 -4.22
HG2 DAR B 4 4.41 -1.54 -4.06
HG3 DAR B 4 3.58 -1.33 -5.59
HD2 DAR B 4 5.05 -3.20 -5.78
HD3 DAR B 4 3.39 -3.78 -5.82
HE DAR B 4 4.55 -3.83 -3.20
HH11 DAR B 4 4.43 -7.16 -5.52
HH12 DAR B 4 4.11 -5.54 -6.24
HH21 DAR B 4 4.90 -7.35 -3.28
HH22 DAR B 4 4.94 -5.90 -2.23
N 28J B 5 0.53 -2.88 -1.43
CA 28J B 5 -0.82 -2.89 -0.92
CB 28J B 5 -0.92 -2.35 0.52
CG2 28J B 5 0.45 -2.47 1.19
CG1 28J B 5 -1.37 -0.90 0.50
CD1 28J B 5 -2.79 -0.70 0.04
C 28J B 5 -1.42 -4.26 -1.00
O 28J B 5 -0.72 -5.28 -0.97
HA 28J B 5 -1.40 -2.23 -1.55
H22 28J B 5 -1.62 -2.95 1.07
H23 28J B 5 0.36 -2.07 2.19
H24 28J B 5 1.17 -1.90 0.64
H25 28J B 5 0.75 -3.50 1.24
H26 28J B 5 -0.72 -0.34 -0.16
H27 28J B 5 -1.29 -0.50 1.50
H28 28J B 5 -3.45 -1.27 0.69
H29 28J B 5 -2.90 -1.05 -0.98
H30 28J B 5 -3.04 0.34 0.09
N ILE B 6 -2.74 -4.25 -1.23
CA ILE B 6 -3.50 -5.48 -1.22
C ILE B 6 -4.53 -5.55 -2.35
N SER B 7 -4.66 -6.77 -2.90
CA SER B 7 -5.62 -7.02 -3.97
C SER B 7 -5.87 -8.52 -4.17
N DTH B 8 -6.69 -8.82 -5.17
CA DTH B 8 -7.07 -10.19 -5.53
CB DTH B 8 -7.03 -10.45 -7.05
CG2 DTH B 8 -5.65 -10.09 -7.59
OG1 DTH B 8 -8.02 -9.67 -7.71
C DTH B 8 -8.48 -10.48 -5.03
O DTH B 8 -8.94 -11.62 -5.07
H DTH B 8 -7.09 -8.07 -5.68
HA DTH B 8 -6.36 -10.86 -5.04
HB DTH B 8 -7.24 -11.51 -7.27
HG21 DTH B 8 -5.61 -10.27 -8.65
HG22 DTH B 8 -4.90 -10.68 -7.09
HG23 DTH B 8 -5.46 -9.05 -7.39
N ALA B 9 -9.19 -9.42 -4.63
CA ALA B 9 -10.60 -9.48 -4.20
C ALA B 9 -11.45 -9.33 -5.40
N LEU B 10 -11.20 -8.24 -6.09
CA LEU B 10 -11.92 -7.91 -7.31
C LEU B 10 -11.27 -8.60 -8.47
N ILE B 11 -9.98 -8.37 -8.62
CA ILE B 11 -9.25 -8.99 -9.70
C ILE B 11 -8.15 -9.86 -9.13
N ZAE C 1 -4.40 -4.39 -7.13
CA ZAE C 1 -5.55 -3.44 -6.98
C ZAE C 1 -5.15 -2.17 -6.22
O ZAE C 1 -4.66 -1.22 -6.84
CB ZAE C 1 -6.05 -3.04 -8.37
CG ZAE C 1 -7.56 -2.90 -8.47
CD1 ZAE C 1 -8.35 -4.01 -8.66
CD2 ZAE C 1 -8.18 -1.65 -8.46
CE1 ZAE C 1 -9.73 -3.90 -8.78
CE2 ZAE C 1 -9.56 -1.54 -8.58
CZ ZAE C 1 -10.32 -2.67 -8.76
C10 ZAE C 1 -3.32 -3.75 -7.92
H1 ZAE C 1 -4.71 -5.24 -7.64
HA ZAE C 1 -6.34 -3.94 -6.44
HB2 ZAE C 1 -5.62 -2.09 -8.63
HB3 ZAE C 1 -5.74 -3.78 -9.09
HD1 ZAE C 1 -7.89 -4.99 -8.66
HD2 ZAE C 1 -7.57 -0.76 -8.31
HE1 ZAE C 1 -10.32 -4.80 -8.93
HE2 ZAE C 1 -10.02 -0.56 -8.54
HZ ZAE C 1 -11.40 -2.58 -8.86
H11 ZAE C 1 -2.45 -4.39 -7.97
H12 ZAE C 1 -3.06 -2.81 -7.47
H13 ZAE C 1 -3.68 -3.56 -8.93
N ILE C 2 -5.34 -2.13 -4.90
CA ILE C 2 -5.01 -0.90 -4.16
C ILE C 2 -3.55 -0.85 -3.79
N SER C 3 -2.89 0.16 -4.37
CA SER C 3 -1.48 0.40 -4.10
C SER C 3 -1.28 1.77 -3.47
N DAR C 4 -0.03 1.96 -3.11
CA DAR C 4 0.40 3.19 -2.48
CB DAR C 4 1.38 3.93 -3.37
CG DAR C 4 0.84 4.26 -4.75
CD DAR C 4 0.75 5.74 -4.96
NE DAR C 4 -0.43 6.31 -4.35
CZ DAR C 4 -0.59 7.61 -4.14
NH1 DAR C 4 0.37 8.47 -4.46
NH2 DAR C 4 -1.71 8.04 -3.57
C DAR C 4 1.09 2.84 -1.19
O DAR C 4 1.88 1.89 -1.19
H DAR C 4 0.61 1.25 -3.25
HA DAR C 4 -0.46 3.81 -2.27
HB2 DAR C 4 2.27 3.33 -3.49
HB3 DAR C 4 1.65 4.85 -2.89
HG2 DAR C 4 -0.13 3.82 -4.86
HG3 DAR C 4 1.51 3.84 -5.49
HD2 DAR C 4 0.74 5.94 -6.02
HD3 DAR C 4 1.63 6.21 -4.52
HE DAR C 4 -1.14 5.69 -4.09
HH11 DAR C 4 0.24 9.49 -4.31
HH12 DAR C 4 1.26 8.12 -4.87
HH21 DAR C 4 -1.84 9.06 -3.40
HH22 DAR C 4 -2.44 7.37 -3.28
N 28J C 5 0.78 3.58 -0.11
CA 28J C 5 1.41 3.33 1.16
CB 28J C 5 0.59 2.35 2.04
CG2 28J C 5 -0.89 2.41 1.69
CG1 28J C 5 1.11 0.92 1.88
CD1 28J C 5 2.02 0.48 3.00
C 28J C 5 1.61 4.61 1.96
O 28J C 5 0.88 5.61 1.76
HA 28J C 5 2.37 2.88 0.98
H22 28J C 5 0.69 2.65 3.07
H23 28J C 5 -1.25 3.43 1.81
H24 28J C 5 -1.45 1.75 2.33
H25 28J C 5 -1.03 2.12 0.65
H26 28J C 5 1.67 0.85 0.96
H27 28J C 5 0.27 0.24 1.85
H28 28J C 5 2.50 -0.46 2.73
H29 28J C 5 1.44 0.34 3.90
H30 28J C 5 2.78 1.24 3.18
N ILE C 6 2.67 4.61 2.77
CA ILE C 6 2.91 5.73 3.70
C ILE C 6 4.38 6.20 3.62
N SER C 7 4.57 7.52 3.81
CA SER C 7 5.90 8.09 3.78
C SER C 7 5.93 9.48 4.31
N DTH C 8 7.15 9.91 4.59
CA DTH C 8 7.42 11.24 5.06
CB DTH C 8 8.32 12.07 4.11
CG2 DTH C 8 7.73 12.05 2.72
OG1 DTH C 8 9.67 11.54 4.09
C DTH C 8 8.25 11.23 6.38
O DTH C 8 8.44 12.32 6.92
H DTH C 8 7.91 9.28 4.53
HA DTH C 8 6.49 11.77 5.25
HB DTH C 8 8.40 13.10 4.47
HG21 DTH C 8 6.75 12.49 2.76
HG22 DTH C 8 7.66 11.05 2.36
HG23 DTH C 8 8.35 12.64 2.07
N ALA C 9 8.70 10.05 6.84
CA ALA C 9 9.54 9.92 7.90
C ALA C 9 10.95 10.37 7.45
N LEU C 10 11.66 9.46 6.81
CA LEU C 10 13.02 9.69 6.32
C LEU C 10 13.08 10.78 5.26
N ILE C 11 12.10 10.73 4.41
CA ILE C 11 11.99 11.67 3.28
C ILE C 11 10.58 12.24 3.25
N ZAE D 1 2.94 15.67 7.49
CA ZAE D 1 3.55 14.47 8.19
C ZAE D 1 3.52 13.23 7.30
O ZAE D 1 4.53 12.87 6.69
CB ZAE D 1 4.99 14.76 8.64
CG ZAE D 1 5.33 14.22 10.01
CD1 ZAE D 1 4.84 14.83 11.16
CD2 ZAE D 1 6.14 13.09 10.14
CE1 ZAE D 1 5.15 14.34 12.42
CE2 ZAE D 1 6.45 12.59 11.40
CZ ZAE D 1 5.96 13.21 12.54
C10 ZAE D 1 3.70 16.03 6.28
H1 ZAE D 1 2.94 16.49 8.13
HA ZAE D 1 2.96 14.28 9.07
HB2 ZAE D 1 5.67 14.31 7.92
HB3 ZAE D 1 5.15 15.83 8.65
HD1 ZAE D 1 4.21 15.70 11.06
HD2 ZAE D 1 6.52 12.59 9.27
HE1 ZAE D 1 4.77 14.82 13.30
HE2 ZAE D 1 7.08 11.72 11.49
HZ ZAE D 1 6.21 12.82 13.52
H11 ZAE D 1 3.24 16.88 5.81
H12 ZAE D 1 3.69 15.20 5.59
H13 ZAE D 1 4.72 16.27 6.55
N ILE D 2 2.36 12.60 7.21
CA ILE D 2 2.23 11.38 6.41
C ILE D 2 1.92 11.74 4.96
N SER D 3 2.43 10.93 4.03
CA SER D 3 2.17 11.12 2.61
C SER D 3 1.97 9.80 1.91
N DAR D 4 1.35 9.89 0.72
CA DAR D 4 1.07 8.73 -0.11
CB DAR D 4 1.83 8.85 -1.43
CG DAR D 4 3.30 9.16 -1.26
CD DAR D 4 4.11 7.92 -1.56
NE DAR D 4 4.17 7.00 -0.45
CZ DAR D 4 4.36 5.71 -0.63
NH1 DAR D 4 4.29 4.87 0.40
NH2 DAR D 4 4.61 5.26 -1.86
C DAR D 4 -0.41 8.66 -0.43
O DAR D 4 -0.96 9.59 -1.01
H DAR D 4 1.07 10.77 0.41
HA DAR D 4 1.38 7.84 0.41
HB2 DAR D 4 1.37 9.63 -2.03
HB3 DAR D 4 1.74 7.90 -1.95
HG2 DAR D 4 3.47 9.48 -0.24
HG3 DAR D 4 3.57 9.95 -1.95
HD2 DAR D 4 5.10 8.22 -1.84
HD3 DAR D 4 3.64 7.42 -2.39
HE DAR D 4 3.97 7.34 0.45
HH11 DAR D 4 4.45 3.85 0.26
HH12 DAR D 4 4.00 5.23 1.33
HH21 DAR D 4 4.71 4.24 -2.04
HH22 DAR D 4 4.73 5.93 -2.64
N 28J D 5 -1.05 7.56 -0.05
CA 28J D 5 -2.46 7.42 -0.36
CB 28J D 5 -3.36 7.68 0.88
CG2 28J D 5 -2.76 7.01 2.12
CG1 28J D 5 -3.51 9.18 1.15
CD1 28J D 5 -4.20 9.94 0.04
C 28J D 5 -2.76 6.06 -1.00
O 28J D 5 -1.96 5.11 -0.88
HA 28J D 5 -2.70 8.18 -1.09
H22 28J D 5 -4.33 7.25 0.70
H23 28J D 5 -3.41 7.19 2.97
H24 28J D 5 -1.78 7.42 2.31
H25 28J D 5 -2.69 5.95 1.95
H26 28J D 5 -2.53 9.61 1.29
H27 28J D 5 -4.09 9.33 2.05
H28 28J D 5 -3.56 9.97 -0.84
H29 28J D 5 -4.41 10.95 0.35
H30 28J D 5 -5.13 9.44 -0.22
N ILE D 6 -3.89 6.00 -1.74
CA ILE D 6 -4.38 4.79 -2.42
C ILE D 6 -4.50 4.96 -3.96
N SER D 7 -4.04 3.94 -4.72
CA SER D 7 -4.14 3.94 -6.20
C SER D 7 -4.02 2.52 -6.76
N DTH D 8 -3.71 2.42 -8.05
CA DTH D 8 -3.53 1.11 -8.72
CB DTH D 8 -2.48 1.17 -9.89
CG2 DTH D 8 -1.18 1.74 -9.37
OG1 DTH D 8 -2.97 1.97 -10.99
C DTH D 8 -4.88 0.70 -9.40
O DTH D 8 -4.98 -0.47 -9.80
H DTH D 8 -3.62 3.26 -8.59
HA DTH D 8 -3.23 0.37 -8.00
HB DTH D 8 -2.31 0.16 -10.29
HG21 DTH D 8 -0.82 1.12 -8.56
HG22 DTH D 8 -1.32 2.74 -9.02
HG23 DTH D 8 -0.45 1.73 -10.17
N ALA D 9 -5.79 1.65 -9.51
CA ALA D 9 -7.00 1.60 -10.17
C ALA D 9 -6.64 1.85 -11.64
N LEU D 10 -6.68 3.12 -12.00
CA LEU D 10 -6.38 3.62 -13.35
C LEU D 10 -5.03 3.13 -13.86
N ILE D 11 -4.06 3.25 -13.01
CA ILE D 11 -2.67 2.85 -13.31
C ILE D 11 -2.12 2.02 -12.15
N ALA E 1 16.73 -9.45 -6.90
CA ALA E 1 18.20 -9.20 -7.00
C ALA E 1 18.84 -9.41 -5.64
N DGL E 2 20.18 -9.80 -5.70
CA DGL E 2 20.76 -9.92 -4.29
C DGL E 2 20.24 -8.77 -3.25
O DGL E 2 20.51 -7.64 -3.43
CB DGL E 2 20.38 -11.10 -3.56
CG DGL E 2 21.47 -11.69 -2.51
CD DGL E 2 20.91 -11.86 -1.08
OE1 DGL E 2 21.16 -12.85 -0.40
H DGL E 2 20.64 -9.93 -6.50
HA DGL E 2 21.82 -9.89 -4.53
HB2 DGL E 2 20.22 -11.86 -4.34
HB3 DGL E 2 19.48 -10.86 -3.11
HG2 DGL E 2 22.29 -10.98 -2.45
HG3 DGL E 2 21.91 -12.67 -2.82
N LYS E 3 20.17 -10.86 -0.61
CA LYS E 3 19.55 -10.86 0.71
C LYS E 3 20.56 -10.90 1.90
N DAL E 4 21.15 -9.64 2.07
CA DAL E 4 22.12 -9.10 3.16
CB DAL E 4 23.37 -10.17 3.73
C DAL E 4 20.98 -8.32 4.15
O DAL E 4 20.29 -8.89 4.94
H DAL E 4 20.90 -9.00 1.35
HA DAL E 4 22.92 -8.40 2.87
HB1 DAL E 4 22.87 -11.05 4.14
HB2 DAL E 4 23.95 -9.71 4.53
HB3 DAL E 4 24.09 -10.53 2.89
N DAL E 5 20.93 -6.94 3.94
CA DAL E 5 20.02 -5.88 4.71
CB DAL E 5 20.66 -6.25 6.10
C DAL E 5 18.59 -6.63 4.42
O DAL E 5 17.86 -6.95 5.49
OXT DAL E 5 18.32 -7.10 3.29
H DAL E 5 21.53 -6.59 3.22
HA DAL E 5 19.93 -4.81 4.52
HB1 DAL E 5 21.68 -6.36 5.96
HB2 DAL E 5 20.18 -7.15 6.40
HB3 DAL E 5 20.46 -5.46 6.83
N ALA F 1 -15.54 -0.27 -0.80
CA ALA F 1 -16.91 0.08 -1.31
C ALA F 1 -17.73 -1.17 -1.49
N DGL F 2 -18.49 -1.22 -2.66
CA DGL F 2 -19.20 -2.53 -2.83
C DGL F 2 -18.49 -3.81 -2.19
O DGL F 2 -19.15 -4.46 -1.30
CB DGL F 2 -20.44 -2.60 -2.12
CG DGL F 2 -20.55 -1.71 -0.76
CD DGL F 2 -20.91 -2.56 0.49
OE1 DGL F 2 -22.05 -2.62 0.92
H DGL F 2 -18.40 -0.53 -3.32
HA DGL F 2 -19.26 -2.54 -3.91
HB2 DGL F 2 -20.57 -3.65 -1.87
HB3 DGL F 2 -21.16 -2.32 -2.83
HG2 DGL F 2 -21.36 -0.99 -0.88
HG3 DGL F 2 -19.63 -1.14 -0.53
N LYS F 3 -19.91 -3.24 1.05
CA LYS F 3 -20.05 -4.08 2.24
C LYS F 3 -20.77 -5.43 2.00
N DAL F 4 -20.33 -5.98 0.79
CA DAL F 4 -20.62 -7.36 0.12
CB DAL F 4 -22.28 -7.74 -0.28
C DAL F 4 -19.60 -8.32 1.09
O DAL F 4 -20.01 -9.08 1.93
H DAL F 4 -19.75 -5.37 0.26
HA DAL F 4 -20.40 -7.52 -0.94
HB1 DAL F 4 -22.84 -7.72 0.66
HB2 DAL F 4 -22.37 -8.73 -0.71
HB3 DAL F 4 -22.76 -6.96 -0.99
N DAL F 5 -18.24 -8.14 0.79
CA DAL F 5 -17.10 -8.88 1.52
CB DAL F 5 -17.39 -10.36 1.02
C DAL F 5 -17.33 -8.63 3.11
O DAL F 5 -17.09 -7.48 3.45
OXT DAL F 5 -17.89 -9.53 3.91
H DAL F 5 -18.00 -7.44 0.13
HA DAL F 5 -16.06 -8.59 1.34
HB1 DAL F 5 -18.40 -10.44 1.23
HB2 DAL F 5 -16.79 -11.01 1.65
HB3 DAL F 5 -17.17 -10.52 -0.02
N ALA G 1 7.23 -0.81 10.59
CA ALA G 1 8.05 -2.04 10.82
C ALA G 1 9.42 -1.67 11.38
N DGL G 2 10.36 -2.70 11.42
CA DGL G 2 11.71 -2.23 11.84
C DGL G 2 12.09 -0.70 11.64
O DGL G 2 12.70 -0.10 12.56
CB DGL G 2 11.85 -2.26 13.27
CG DGL G 2 10.72 -1.52 14.14
CD DGL G 2 11.30 -0.65 15.28
OE1 DGL G 2 10.82 -0.65 16.39
H DGL G 2 10.16 -3.55 10.96
HA DGL G 2 12.30 -2.90 11.20
HB2 DGL G 2 12.82 -1.79 13.45
HB3 DGL G 2 11.92 -3.30 13.49
HG2 DGL G 2 10.10 -2.28 14.61
HG3 DGL G 2 10.04 -0.89 13.53
N LYS G 3 12.38 0.08 14.98
CA LYS G 3 13.04 0.96 15.92
C LYS G 3 13.94 0.24 16.96
N DAL G 4 15.21 0.86 17.00
CA DAL G 4 16.44 0.63 17.94
CB DAL G 4 16.16 0.64 19.66
C DAL G 4 17.56 1.61 17.12
O DAL G 4 17.70 2.78 17.34
H DAL G 4 15.33 1.54 16.29
HA DAL G 4 16.84 -0.39 18.07
HB1 DAL G 4 15.43 -0.14 19.86
HB2 DAL G 4 15.74 1.59 19.99
HB3 DAL G 4 17.11 0.40 20.27
N DAL G 5 18.32 0.90 16.17
CA DAL G 5 19.41 1.55 15.28
CB DAL G 5 20.45 1.98 16.39
C DAL G 5 18.70 2.78 14.49
O DAL G 5 19.43 3.77 14.42
OXT DAL G 5 17.53 2.70 13.90
H DAL G 5 18.08 -0.05 16.01
HA DAL G 5 19.88 0.95 14.50
HB1 DAL G 5 19.80 2.39 17.12
HB2 DAL G 5 21.08 2.74 15.96
HB3 DAL G 5 21.02 1.17 16.78
N ALA H 1 -14.16 8.46 -13.15
CA ALA H 1 -15.01 7.69 -14.11
C ALA H 1 -15.83 6.66 -13.36
N DGL H 2 -16.21 5.53 -14.09
CA DGL H 2 -16.88 4.50 -13.27
C DGL H 2 -16.61 4.46 -11.71
O DGL H 2 -15.42 4.24 -11.32
CB DGL H 2 -18.31 4.72 -13.19
CG DGL H 2 -18.80 6.25 -13.29
CD DGL H 2 -19.89 6.61 -12.24
OE1 DGL H 2 -20.85 7.30 -12.53
H DGL H 2 -15.81 5.38 -14.98
HA DGL H 2 -16.50 3.61 -13.78
HB2 DGL H 2 -18.59 4.31 -12.23
HB3 DGL H 2 -18.70 4.12 -13.96
HG2 DGL H 2 -19.26 6.41 -14.26
HG3 DGL H 2 -17.98 6.99 -13.19
N LYS H 3 -19.74 6.08 -11.03
CA LYS H 3 -20.65 6.31 -9.92
C LYS H 3 -22.11 5.83 -10.16
N DAL H 4 -22.10 4.45 -10.39
CA DAL H 4 -23.27 3.43 -10.57
CB DAL H 4 -23.99 3.28 -12.16
C DAL H 4 -24.12 3.77 -9.15
O DAL H 4 -25.02 4.55 -9.07
H DAL H 4 -21.19 4.07 -10.48
HA DAL H 4 -23.05 2.35 -10.64
HB1 DAL H 4 -24.37 4.26 -12.42
HB2 DAL H 4 -24.81 2.58 -12.16
HB3 DAL H 4 -23.22 2.99 -12.98
N DAL H 5 -23.66 3.03 -8.04
CA DAL H 5 -24.24 3.15 -6.62
CB DAL H 5 -25.66 2.47 -6.86
C DAL H 5 -24.30 4.73 -6.26
O DAL H 5 -25.42 5.38 -5.98
OXT DAL H 5 -23.21 5.28 -6.40
H DAL H 5 -22.87 2.46 -8.18
HA DAL H 5 -23.73 2.69 -5.78
HB1 DAL H 5 -25.96 2.93 -7.75
HB2 DAL H 5 -26.30 2.77 -6.03
HB3 DAL H 5 -25.62 1.40 -6.95
C1 MUB I . 13.07 -6.48 -5.40
C2 MUB I . 12.67 -7.88 -5.98
C3 MUB I . 13.67 -8.92 -5.42
C4 MUB I . 14.96 -8.26 -5.00
C5 MUB I . 14.72 -7.28 -3.85
C6 MUB I . 15.80 -6.21 -3.83
C7 MUB I . 11.02 -9.08 -4.71
C8 MUB I . 9.59 -9.46 -4.48
C9 MUB I . 14.36 -9.47 -7.67
C10 MUB I . 15.87 -9.25 -7.93
C11 MUB I . 13.34 -9.41 -8.89
O1 MUB I . 12.06 -5.56 -5.59
O3 MUB I . 13.91 -9.97 -6.40
O4 MUB I . 15.94 -9.28 -4.63
O5 MUB I . 13.45 -6.59 -4.04
O6 MUB I . 15.96 -5.62 -5.10
O7 MUB I . 11.87 -9.43 -3.90
O10 MUB I . 16.25 -8.96 -9.06
N2 MUB I . 11.30 -8.23 -5.69
H1 MUB I . 13.97 -6.05 -5.95
H2 MUB I . 12.66 -7.69 -7.07
HN2 MUB I . 10.57 -7.98 -6.32
H81 MUB I . 9.22 -9.94 -5.37
H82 MUB I . 9.02 -8.58 -4.29
H83 MUB I . 9.54 -10.12 -3.62
H3 MUB I . 13.24 -9.52 -4.65
H9 MUB I . 14.39 -8.43 -7.27
H111 MUB I . 12.85 -10.40 -9.09
H112 MUB I . 13.85 -9.13 -9.73
H113 MUB I . 12.59 -8.65 -8.66
H4 MUB I . 15.53 -7.96 -5.87
H5 MUB I . 14.72 -7.67 -2.94
H61 MUB I . 16.78 -6.72 -3.64
H62 MUB I . 15.66 -5.45 -3.00
HO6 MUB I . 15.46 -4.81 -5.23
C1 NAG I . 15.44 -10.30 -3.77
C2 NAG I . 16.54 -11.31 -3.49
C3 NAG I . 16.03 -12.42 -2.60
C4 NAG I . 15.39 -11.79 -1.34
C5 NAG I . 14.38 -10.71 -1.71
C6 NAG I . 13.82 -9.98 -0.48
C7 NAG I . 16.36 -12.57 -5.59
C8 NAG I . 17.04 -13.09 -6.84
N2 NAG I . 17.12 -11.88 -4.74
O3 NAG I . 17.12 -13.24 -2.24
O4 NAG I . 14.74 -12.80 -0.59
O5 NAG I . 14.98 -9.72 -2.55
O6 NAG I . 12.76 -9.11 -0.83
O7 NAG I . 15.22 -12.93 -5.35
H1 NAG I . 14.58 -10.76 -4.35
H2 NAG I . 17.53 -10.98 -3.14
H3 NAG I . 15.24 -13.04 -3.08
H4 NAG I . 16.27 -11.55 -0.68
H5 NAG I . 13.48 -11.10 -2.20
H61 NAG I . 14.58 -9.37 -0.01
H62 NAG I . 13.54 -10.74 0.26
H81 NAG I . 17.84 -13.76 -6.56
H82 NAG I . 17.45 -12.28 -7.42
H83 NAG I . 16.30 -13.62 -7.45
HN2 NAG I . 18.01 -11.62 -4.95
HO3 NAG I . 17.48 -13.58 -3.03
HO4 NAG I . 15.29 -13.58 -0.55
HO6 NAG I . 12.69 -9.17 -1.79
C1 MUB J . -11.39 -2.59 -2.77
C2 MUB J . -11.47 -1.74 -1.47
C3 MUB J . -12.69 -2.18 -0.69
C4 MUB J . -13.90 -2.47 -1.60
C5 MUB J . -13.57 -3.60 -2.57
C6 MUB J . -14.00 -3.26 -3.99
C7 MUB J . -10.12 -2.80 0.20
C8 MUB J . -8.88 -2.86 1.03
C9 MUB J . -13.16 0.12 -0.19
C10 MUB J . -14.55 0.63 -0.65
C11 MUB J . -11.93 1.12 -0.11
O1 MUB J . -10.09 -2.82 -3.10
O3 MUB J . -13.03 -1.20 0.34
O4 MUB J . -15.08 -2.79 -0.79
O5 MUB J . -12.13 -3.81 -2.61
O6 MUB J . -15.35 -2.81 -4.02
O7 MUB J . -10.97 -3.67 0.35
O10 MUB J . -14.74 1.84 -0.77
N2 MUB J . -10.24 -1.84 -0.68
H1 MUB J . -11.82 -2.02 -3.62
H2 MUB J . -11.45 -0.72 -1.89
HN2 MUB J . -9.51 -1.16 -0.76
H81 MUB J . -8.82 -1.97 1.63
H82 MUB J . -8.03 -2.93 0.38
H83 MUB J . -8.92 -3.76 1.65
H3 MUB J . -12.49 -3.04 -0.06
H9 MUB J . -13.14 -0.27 -1.24
H111 MUB J . -11.43 1.11 0.89
H112 MUB J . -12.27 2.08 -0.30
H113 MUB J . -11.23 0.86 -0.90
H4 MUB J . -14.34 -1.55 -1.99
H5 MUB J . -14.03 -4.49 -2.35
H61 MUB J . -14.05 -4.22 -4.53
H62 MUB J . -13.29 -2.59 -4.58
HO6 MUB J . -15.93 -3.33 -3.47
C1 NAG J . -14.81 -3.68 0.29
C2 NAG J . -16.04 -3.85 1.13
C3 NAG J . -15.77 -4.78 2.30
C4 NAG J . -15.12 -6.08 1.78
C5 NAG J . -13.94 -5.79 0.87
C6 NAG J . -13.33 -7.05 0.27
C7 NAG J . -15.73 -1.79 2.41
C8 NAG J . -16.27 -0.43 2.85
N2 NAG J . -16.49 -2.55 1.61
O3 NAG J . -16.98 -5.06 2.95
O4 NAG J . -14.68 -6.85 2.89
O5 NAG J . -14.34 -4.93 -0.21
O6 NAG J . -12.46 -6.76 -0.82
O7 NAG J . -14.68 -2.19 2.91
H1 NAG J . -14.00 -3.15 0.87
H2 NAG J . -17.00 -4.12 0.63
H3 NAG J . -15.05 -4.33 3.04
H4 NAG J . -15.99 -6.68 1.42
H5 NAG J . -13.09 -5.33 1.40
H61 NAG J . -14.11 -7.72 -0.13
H62 NAG J . -12.85 -7.62 1.08
H81 NAG J . -15.56 0.02 3.52
H82 NAG J . -17.20 -0.56 3.36
H83 NAG J . -16.42 0.18 1.96
HN2 NAG J . -17.32 -2.20 1.24
HO3 NAG J . -16.98 -5.98 3.17
HO4 NAG J . -15.43 -7.18 3.38
HO6 NAG J . -12.59 -5.82 -0.97
C1 MUB K . 7.47 3.38 7.86
C2 MUB K . 6.20 2.94 8.60
C3 MUB K . 6.62 2.46 9.99
C4 MUB K . 7.98 1.75 10.05
C5 MUB K . 9.10 2.63 9.46
C6 MUB K . 9.89 1.86 8.42
C7 MUB K . 5.21 4.84 9.69
C8 MUB K . 4.17 5.90 9.76
C9 MUB K . 5.29 0.50 9.75
C10 MUB K . 6.01 -0.84 9.99
C11 MUB K . 4.07 0.58 8.72
O1 MUB K . 7.17 4.40 7.01
O3 MUB K . 5.58 1.64 10.57
O4 MUB K . 8.27 1.37 11.42
O5 MUB K . 8.49 3.77 8.79
O6 MUB K . 9.92 0.46 8.72
O7 MUB K . 6.14 4.85 10.49
O10 MUB K . 5.44 -1.88 9.72
N2 MUB K . 5.20 4.00 8.67
H1 MUB K . 7.87 2.50 7.28
H2 MUB K . 5.79 2.22 7.86
HN2 MUB K . 4.43 4.03 8.03
H81 MUB K . 4.25 6.39 10.73
H82 MUB K . 3.21 5.46 9.67
H83 MUB K . 4.33 6.59 8.94
H3 MUB K . 6.66 3.30 10.69
H9 MUB K . 6.19 0.66 9.12
H111 MUB K . 4.37 0.97 7.73
H112 MUB K . 3.34 1.20 9.12
H113 MUB K . 3.64 -0.43 8.64
H4 MUB K . 7.89 0.72 9.70
H5 MUB K . 9.77 2.98 10.16
H61 MUB K . 10.96 2.15 8.54
H62 MUB K . 9.60 2.06 7.34
HO6 MUB K . 10.53 0.18 9.41
C1 NAG K . 8.23 2.45 12.36
C2 NAG K . 8.45 1.93 13.77
C3 NAG K . 8.33 3.08 14.75
C4 NAG K . 9.28 4.22 14.32
C5 NAG K . 9.09 4.59 12.85
C6 NAG K . 10.10 5.63 12.37
C7 NAG K . 6.16 1.07 13.89
C8 NAG K . 5.22 -0.07 14.22
N2 NAG K . 7.47 0.89 14.08
O3 NAG K . 8.67 2.61 16.03
O4 NAG K . 9.03 5.36 15.13
O5 NAG K . 9.23 3.43 12.03
O6 NAG K . 9.74 6.17 11.11
O7 NAG K . 5.67 2.17 13.59
H1 NAG K . 7.20 2.87 12.22
H2 NAG K . 9.36 1.33 13.95
H3 NAG K . 7.30 3.51 14.79
H4 NAG K . 10.28 3.88 14.70
H5 NAG K . 8.12 5.06 12.65
H61 NAG K . 11.09 5.20 12.25
H62 NAG K . 10.19 6.40 13.15
H81 NAG K . 5.33 -0.32 15.28
H82 NAG K . 5.46 -0.92 13.63
H83 NAG K . 4.19 0.24 14.02
HN2 NAG K . 7.82 0.02 14.32
HO3 NAG K . 9.40 2.03 15.93
HO4 NAG K . 8.98 5.10 16.05
HO6 NAG K . 9.40 5.40 10.61
C1 MUB L . -9.91 7.28 -10.52
C2 MUB L . -10.50 8.68 -10.84
C3 MUB L . -11.99 8.63 -10.54
C4 MUB L . -12.69 7.36 -11.07
C5 MUB L . -12.03 6.12 -10.48
C6 MUB L . -11.62 5.18 -11.59
C7 MUB L . -10.25 10.03 -8.87
C8 MUB L . -9.57 11.11 -8.11
C9 MUB L . -12.38 10.05 -12.43
C10 MUB L . -13.25 9.38 -13.53
C11 MUB L . -11.32 11.17 -12.83
O1 MUB L . -8.73 7.42 -9.85
O3 MUB L . -12.65 9.83 -11.04
O4 MUB L . -14.12 7.44 -10.73
O5 MUB L . -10.83 6.51 -9.75
O6 MUB L . -11.58 5.84 -12.84
O7 MUB L . -11.14 9.38 -8.33
O10 MUB L . -13.11 9.72 -14.70
N2 MUB L . -9.82 9.72 -10.09
H1 MUB L . -9.73 6.73 -11.49
H2 MUB L . -10.17 8.83 -11.90
HN2 MUB L . -9.09 10.28 -10.50
H81 MUB L . -9.65 12.02 -8.69
H82 MUB L . -8.55 10.86 -7.98
H83 MUB L . -10.06 11.21 -7.15
H3 MUB L . -12.19 8.73 -9.47
H9 MUB L . -11.82 9.09 -12.51
H111 MUB L . -11.57 12.16 -12.39
H112 MUB L . -11.31 11.27 -13.87
H113 MUB L . -10.33 10.82 -12.52
H4 MUB L . -12.91 7.39 -12.13
H5 MUB L . -12.69 5.58 -9.84
H61 MUB L . -12.48 4.48 -11.72
H62 MUB L . -10.73 4.51 -11.39
HO6 MUB L . -11.52 5.26 -13.61
C1 NAG L . -14.40 7.67 -9.34
C2 NAG L . -15.85 7.38 -9.05
C3 NAG L . -16.15 7.65 -7.58
C4 NAG L . -15.13 6.91 -6.69
C5 NAG L . -13.70 7.18 -7.15
C6 NAG L . -12.67 6.38 -6.35
C7 NAG L . -16.54 9.54 -10.02
C8 NAG L . -17.46 10.31 -10.94
N2 NAG L . -16.71 8.21 -9.88
O3 NAG L . -17.46 7.23 -7.30
O4 NAG L . -15.29 7.34 -5.35
O5 NAG L . -13.55 6.84 -8.53
O6 NAG L . -11.37 6.53 -6.89
O7 NAG L . -15.74 10.17 -9.33
H1 NAG L . -14.14 8.76 -9.21
H2 NAG L . -16.21 6.38 -9.37
H3 NAG L . -16.07 8.75 -7.31
H4 NAG L . -15.53 5.87 -6.64
H5 NAG L . -13.41 8.22 -6.99
H61 NAG L . -12.90 5.31 -6.38
H62 NAG L . -12.76 6.69 -5.31
H81 NAG L . -17.19 11.36 -10.92
H82 NAG L . -18.48 10.21 -10.61
H83 NAG L . -17.38 9.90 -11.95
HN2 NAG L . -17.36 7.74 -10.45
HO3 NAG L . -18.04 7.71 -7.87
HO4 NAG L . -16.20 7.28 -5.08
HO6 NAG L . -11.49 6.42 -7.84
P 2PO M . 12.38 -3.97 -5.68
O1P 2PO M . 13.84 -3.82 -5.86
O2P 2PO M . 11.51 -3.33 -6.72
O3P 2PO M . 11.99 -3.30 -4.24
P 2PO N . 11.22 -4.07 -3.08
O1P 2PO N . 10.73 -3.03 -2.08
O2P 2PO N . 10.24 -4.99 -3.70
O3P 2PO N . 12.44 -4.92 -2.44
C1 P1W O . 12.36 -5.59 -1.18
C2 P1W O . 11.24 -6.62 -1.20
C3 P1W O . 10.17 -6.58 -0.40
C4 P1W O . 9.08 -7.65 -0.51
C5 P1W O . 9.95 -5.48 0.65
H12 P1W O . 12.19 -4.87 -0.39
H11 P1W O . 13.30 -6.09 -1.00
H2 P1W O . 11.23 -7.25 -2.04
H41 P1W O . 8.21 -7.21 -0.94
H42 P1W O . 9.43 -8.46 -1.14
H51 P1W O . 8.98 -5.59 1.09
H52 P1W O . 10.03 -4.51 0.20
H53 P1W O . 10.71 -5.57 1.43
C1 P1W P . 8.72 -8.20 0.87
C2 P1W P . 9.84 -9.03 1.41
C3 P1W P . 9.68 -10.23 1.98
C4 P1W P . 10.84 -11.01 2.55
C5 P1W P . 8.34 -10.93 2.07
H12 P1W P . 8.52 -7.38 1.52
H11 P1W P . 7.82 -8.82 0.79
H2 P1W P . 10.76 -8.48 1.58
H41 P1W P . 10.77 -12.05 2.24
H42 P1W P . 11.78 -10.59 2.20
H51 P1W P . 8.43 -11.78 2.73
H52 P1W P . 8.03 -11.27 1.09
H53 P1W P . 7.59 -10.26 2.47
C1 P1W Q . 10.82 -10.95 4.09
C2 P1W Q . 11.89 -11.83 4.68
C3 P1W Q . 12.83 -11.40 5.53
C4 P1W Q . 13.91 -12.32 6.11
C5 P1W Q . 12.93 -9.95 6.03
H12 P1W Q . 10.97 -9.94 4.40
H11 P1W Q . 9.86 -11.29 4.45
H2 P1W Q . 11.64 -12.87 4.66
H43 P1W Q . 14.06 -13.17 5.46
H41 P1W Q . 13.61 -12.67 7.09
H42 P1W Q . 14.84 -11.78 6.21
H51 P1W Q . 13.64 -9.90 6.83
H52 P1W Q . 11.96 -9.65 6.40
H53 P1W Q . 13.23 -9.29 5.22
C1 P1W R . -10.46 -8.77 0.53
C2 P1W R . -10.40 -9.99 -0.35
C3 P1W R . -11.40 -10.88 -0.47
C4 P1W R . -11.31 -12.11 -1.34
C5 P1W R . -12.74 -10.75 0.26
H12 P1W R . -10.84 -9.05 1.51
H11 P1W R . -11.14 -8.05 0.09
H2 P1W R . -9.41 -10.24 -0.68
H41 P1W R . -11.53 -12.99 -0.74
H42 P1W R . -10.32 -12.19 -1.74
H51 P1W R . -13.24 -11.70 0.24
H52 P1W R . -13.34 -10.00 -0.24
H53 P1W R . -12.57 -10.45 1.29
C1 P1W S . -12.31 -12.04 -2.50
C2 P1W S . -11.69 -12.57 -3.78
C3 P1W S . -12.37 -13.17 -4.77
C4 P1W S . -11.68 -13.69 -6.05
C5 P1W S . -13.87 -13.43 -4.74
H12 P1W S . -13.17 -12.64 -2.26
H11 P1W S . -12.61 -11.02 -2.66
H2 P1W S . -10.63 -12.39 -3.85
H43 P1W S . -10.63 -13.41 -6.03
H41 P1W S . -12.16 -13.25 -6.91
H42 P1W S . -11.77 -14.76 -6.09
H51 P1W S . -14.14 -13.80 -3.76
H52 P1W S . -14.12 -14.16 -5.48
H53 P1W S . -14.41 -12.50 -4.93
P 2PO T . -9.66 -2.86 -4.66
O1P 2PO T . -10.64 -2.06 -5.43
O2P 2PO T . -8.23 -2.54 -4.83
O3P 2PO T . -9.88 -4.38 -5.07
P 2PO U . -8.74 -5.46 -4.84
O1P 2PO U . -9.01 -6.51 -5.87
O2P 2PO U . -7.42 -4.78 -4.80
O3P 2PO U . -9.05 -5.97 -3.34
C1 P1W V . -8.43 -5.43 -2.15
C2 P1W V . -8.90 -6.14 -0.88
C3 P1W V . -8.59 -7.43 -0.57
C4 P1W V . -9.08 -8.11 0.69
C5 P1W V . -7.71 -8.30 -1.44
H12 P1W V . -8.64 -4.38 -2.09
H11 P1W V . -7.36 -5.57 -2.25
H2 P1W V . -9.33 -5.49 -0.13
H41 P1W V . -9.13 -7.38 1.47
H42 P1W V . -8.36 -8.88 0.98
H51 P1W V . -6.78 -7.77 -1.64
H52 P1W V . -8.22 -8.50 -2.37
H53 P1W V . -7.50 -9.23 -0.92
P 2PO W . 8.05 4.63 5.69
O1P 2PO W . 9.26 3.79 5.80
O2P 2PO W . 7.20 4.48 4.47
O3P 2PO W . 8.48 6.18 5.86
P 2PO X . 9.94 6.63 5.42
O1P 2PO X . 10.40 5.80 4.30
O2P 2PO X . 9.94 8.09 5.25
O3P 2PO X . 10.84 6.28 6.68
C1 P1W Y . 10.27 5.60 7.80
C2 P1W Y . 11.37 5.16 8.73
C3 P1W Y . 12.15 4.09 8.50
C4 P1W Y . 13.23 3.68 9.49
C5 P1W Y . 12.11 3.22 7.23
H12 P1W Y . 9.73 4.73 7.44
H11 P1W Y . 9.59 6.26 8.31
H2 P1W Y . 11.81 6.01 9.21
H41 P1W Y . 12.95 2.73 9.94
H42 P1W Y . 13.30 4.43 10.26
H51 P1W Y . 11.10 3.18 6.86
H52 P1W Y . 12.46 2.23 7.45
H53 P1W Y . 12.75 3.67 6.47
C1 P1W Z . 14.60 3.52 8.83
C2 P1W Z . 14.80 2.16 8.18
C3 P1W Z . 15.15 1.97 6.89
C4 P1W Z . 15.35 0.60 6.25
C5 P1W Z . 15.40 3.12 5.91
H12 P1W Z . 14.72 4.30 8.09
H11 P1W Z . 15.36 3.65 9.59
H2 P1W Z . 14.42 1.33 8.76
H41 P1W Z . 15.06 -0.16 6.97
H42 P1W Z . 16.40 0.48 6.01
H51 P1W Z . 16.10 2.79 5.16
H52 P1W Z . 15.78 3.97 6.44
H53 P1W Z . 14.46 3.38 5.42
C1 P1W AA . 14.54 0.44 4.98
C2 P1W AA . 14.08 -0.98 4.81
C3 P1W AA . 12.83 -1.43 4.99
C4 P1W AA . 12.43 -2.90 4.78
C5 P1W AA . 11.67 -0.53 5.41
H12 P1W AA . 13.67 1.09 5.03
H11 P1W AA . 15.13 0.73 4.12
H2 P1W AA . 14.86 -1.65 4.49
H43 P1W AA . 13.15 -3.38 4.13
H41 P1W AA . 11.45 -2.95 4.33
H42 P1W AA . 12.41 -3.40 5.74
H51 P1W AA . 10.75 -1.11 5.41
H52 P1W AA . 11.59 0.28 4.73
H53 P1W AA . 11.85 -0.14 6.42
P 2PO BA . -7.69 6.19 -9.65
O1P 2PO BA . -7.68 5.78 -8.22
O2P 2PO BA . -7.92 5.15 -10.68
O3P 2PO BA . -6.29 6.89 -9.96
P 2PO CA . -4.95 6.16 -9.51
O1P 2PO CA . -5.04 4.76 -10.00
O2P 2PO CA . -3.78 6.98 -9.93
O3P 2PO CA . -5.03 6.19 -7.92
C1 P1W DA . -5.11 7.43 -7.20
C2 P1W DA . -6.51 7.60 -6.63
C3 P1W DA . -7.02 8.77 -6.17
C4 P1W DA . -8.43 8.85 -5.63
C5 P1W DA . -6.24 10.07 -6.14
H12 P1W DA . -4.88 8.23 -7.91
H11 P1W DA . -4.38 7.43 -6.40
H2 P1W DA . -6.97 6.67 -6.31
H41 P1W DA . -9.01 8.01 -6.01
H42 P1W DA . -8.90 9.77 -5.97
H51 P1W DA . -6.83 10.82 -5.61
H52 P1W DA . -6.06 10.41 -7.15
H53 P1W DA . -5.31 9.92 -5.63
C1 P1W EA . -8.49 8.82 -4.09
C2 P1W EA . -8.57 10.20 -3.52
C3 P1W EA . -8.08 10.54 -2.31
C4 P1W EA . -8.21 11.95 -1.76
C5 P1W EA . -7.37 9.57 -1.37
H12 P1W EA . -9.35 8.25 -3.79
H11 P1W EA . -7.59 8.34 -3.73
H2 P1W EA . -9.24 10.87 -4.02
H41 P1W EA . -8.46 11.89 -0.70
H42 P1W EA . -8.98 12.48 -2.28
H51 P1W EA . -7.98 8.70 -1.26
H52 P1W EA . -7.23 10.05 -0.40
H53 P1W EA . -6.41 9.30 -1.78
C1 P1W FA . -6.89 12.70 -1.91
C2 P1W FA . -6.72 13.25 -3.31
C3 P1W FA . -5.60 13.17 -4.05
C4 P1W FA . -5.51 13.73 -5.49
C5 P1W FA . -4.32 12.53 -3.55
H12 P1W FA . -6.87 13.53 -1.20
H11 P1W FA . -6.06 12.04 -1.71
H2 P1W FA . -7.63 13.65 -3.73
H43 P1W FA . -4.48 13.97 -5.71
H41 P1W FA . -6.12 14.61 -5.57
H42 P1W FA . -5.86 12.98 -6.18
H51 P1W FA . -3.52 12.73 -4.25
H52 P1W FA . -4.47 11.46 -3.47
H53 P1W FA . -4.05 12.93 -2.58
N ZAE A 1 -6.25 -15.65 -4.63
CA ZAE A 1 -7.15 -14.63 -4.01
C ZAE A 1 -6.44 -13.28 -3.84
O ZAE A 1 -6.35 -12.49 -4.78
CB ZAE A 1 -8.44 -14.43 -4.83
CG ZAE A 1 -9.67 -14.90 -4.10
CD1 ZAE A 1 -10.33 -16.04 -4.51
CD2 ZAE A 1 -10.17 -14.17 -3.03
CE1 ZAE A 1 -11.46 -16.49 -3.82
CE2 ZAE A 1 -11.30 -14.62 -2.34
CZ ZAE A 1 -11.95 -15.77 -2.76
C10 ZAE A 1 -5.82 -15.24 -5.97
H1 ZAE A 1 -6.77 -16.55 -4.73
HA ZAE A 1 -7.43 -14.98 -3.02
HB2 ZAE A 1 -8.54 -13.38 -5.06
HB3 ZAE A 1 -8.35 -14.98 -5.75
HD1 ZAE A 1 -9.96 -16.61 -5.34
HD2 ZAE A 1 -9.67 -13.27 -2.71
HE1 ZAE A 1 -11.97 -17.38 -4.14
HE2 ZAE A 1 -11.68 -14.04 -1.51
HZ ZAE A 1 -12.83 -16.11 -2.22
H11 ZAE A 1 -5.04 -15.91 -6.32
H12 ZAE A 1 -5.42 -14.23 -5.92
H13 ZAE A 1 -6.66 -15.26 -6.65
N ILE A 2 -5.95 -13.02 -2.64
CA ILE A 2 -5.29 -11.76 -2.34
C ILE A 2 -3.79 -11.78 -2.67
N SER A 3 -3.31 -10.77 -3.44
CA SER A 3 -1.90 -10.70 -3.76
C SER A 3 -1.40 -9.25 -3.84
N DAR A 4 -0.07 -9.12 -3.73
CA DAR A 4 0.63 -7.83 -3.79
CB DAR A 4 1.22 -7.61 -5.18
CG DAR A 4 0.20 -7.24 -6.22
CD DAR A 4 -0.46 -5.95 -5.86
NE DAR A 4 -0.76 -5.15 -7.02
CZ DAR A 4 -0.89 -3.84 -6.99
NH1 DAR A 4 -1.11 -3.17 -8.11
NH2 DAR A 4 -0.85 -3.20 -5.83
C DAR A 4 1.80 -7.80 -2.82
O DAR A 4 2.75 -8.56 -2.97
H DAR A 4 0.47 -9.93 -3.60
HA DAR A 4 -0.06 -7.04 -3.56
HB2 DAR A 4 1.74 -8.51 -5.50
HB3 DAR A 4 1.94 -6.81 -5.11
HG2 DAR A 4 -0.54 -8.02 -6.29
HG3 DAR A 4 0.70 -7.14 -7.18
HD2 DAR A 4 0.21 -5.39 -5.21
HD3 DAR A 4 -1.37 -6.16 -5.34
HE DAR A 4 -0.84 -5.62 -7.88
HH11 DAR A 4 -1.20 -2.13 -8.08
HH12 DAR A 4 -1.20 -3.67 -9.01
HH21 DAR A 4 -0.96 -2.16 -5.80
HH22 DAR A 4 -0.75 -3.72 -4.93
N 28J A 5 1.75 -6.90 -1.85
CA 28J A 5 2.87 -6.79 -0.92
CB 28J A 5 2.59 -7.51 0.41
CG2 28J A 5 1.20 -7.16 0.92
CG1 28J A 5 2.73 -9.02 0.21
CD1 28J A 5 2.50 -9.83 1.47
C 28J A 5 3.23 -5.35 -0.64
O 28J A 5 2.54 -4.42 -1.08
HA 28J A 5 3.71 -7.27 -1.39
H22 28J A 5 3.32 -7.17 1.14
H23 28J A 5 1.03 -7.68 1.85
H24 28J A 5 0.47 -7.49 0.20
H25 28J A 5 1.13 -6.11 1.07
H26 28J A 5 3.73 -9.24 -0.14
H27 28J A 5 2.02 -9.34 -0.53
H28 28J A 5 2.64 -10.87 1.26
H29 28J A 5 1.48 -9.66 1.81
H30 28J A 5 3.19 -9.52 2.23
N ILE A 6 4.38 -5.18 0.03
CA ILE A 6 4.86 -3.87 0.42
C ILE A 6 6.36 -3.74 0.25
N SER A 7 6.76 -2.79 -0.56
CA SER A 7 8.15 -2.48 -0.72
C SER A 7 8.40 -1.04 -1.16
N DTH A 8 9.67 -0.84 -1.54
CA DTH A 8 10.20 0.43 -2.03
CB DTH A 8 11.11 0.23 -3.29
CG2 DTH A 8 10.37 -0.62 -4.31
OG1 DTH A 8 12.37 -0.39 -2.94
C DTH A 8 11.06 1.12 -0.97
O DTH A 8 11.30 2.32 -1.06
H DTH A 8 10.28 -1.60 -1.47
HA DTH A 8 9.38 1.06 -2.30
HB DTH A 8 11.34 1.22 -3.72
HG21 DTH A 8 9.44 -0.14 -4.59
HG22 DTH A 8 10.17 -1.59 -3.88
HG23 DTH A 8 11.00 -0.73 -5.18
N ALA A 9 11.53 0.36 0.04
CA ALA A 9 12.42 0.90 1.08
C ALA A 9 13.86 0.87 0.61
N LEU A 10 14.40 -0.34 0.52
CA LEU A 10 15.79 -0.53 0.05
C LEU A 10 15.85 -0.42 -1.45
N ILE A 11 14.83 -0.97 -2.06
CA ILE A 11 14.75 -0.94 -3.51
C ILE A 11 13.43 -0.28 -3.91
N ZAE B 1 8.43 5.90 0.72
CA ZAE B 1 8.85 4.83 1.68
C ZAE B 1 8.11 3.51 1.41
O ZAE B 1 8.56 2.72 0.58
CB ZAE B 1 10.37 4.62 1.57
CG ZAE B 1 11.10 4.67 2.89
CD1 ZAE B 1 12.18 5.53 3.06
CD2 ZAE B 1 10.70 3.89 3.95
CE1 ZAE B 1 12.87 5.57 4.27
CE2 ZAE B 1 11.38 3.93 5.16
CZ ZAE B 1 12.45 4.78 5.32
C10 ZAE B 1 8.69 5.48 -0.67
H1 ZAE B 1 8.97 6.77 0.91
HA ZAE B 1 8.60 5.15 2.68
HB2 ZAE B 1 10.55 3.64 1.14
HB3 ZAE B 1 10.79 5.37 0.92
HD1 ZAE B 1 12.51 6.16 2.24
HD2 ZAE B 1 9.86 3.22 3.83
HE1 ZAE B 1 13.71 6.24 4.40
HE2 ZAE B 1 11.05 3.30 5.97
HZ ZAE B 1 12.98 4.81 6.26
H11 ZAE B 1 8.27 6.19 -1.36
H12 ZAE B 1 8.23 4.51 -0.83
H13 ZAE B 1 9.75 5.40 -0.83
N ILE B 2 7.00 3.26 2.09
CA ILE B 2 6.30 1.99 1.88
C ILE B 2 5.20 2.08 0.82
N SER B 3 5.21 1.10 -0.11
CA SER B 3 4.21 1.03 -1.16
C SER B 3 3.91 -0.41 -1.56
N DAR B 4 2.69 -0.57 -2.06
CA DAR B 4 2.15 -1.85 -2.52
CB DAR B 4 2.29 -2.03 -4.03
CG DAR B 4 3.66 -2.37 -4.53
CD DAR B 4 4.01 -3.77 -4.12
NE DAR B 4 5.23 -4.26 -4.73
CZ DAR B 4 5.58 -5.55 -4.69
NH1 DAR B 4 4.81 -6.42 -4.04
NH2 DAR B 4 6.70 -5.95 -5.27
C DAR B 4 0.68 -1.89 -2.22
O DAR B 4 0.01 -0.85 -2.35
H DAR B 4 2.12 0.23 -2.13
HA DAR B 4 2.66 -2.64 -2.00
HB2 DAR B 4 1.95 -1.14 -4.52
HB3 DAR B 4 1.63 -2.85 -4.32
HG2 DAR B 4 4.38 -1.68 -4.12
HG3 DAR B 4 3.67 -2.29 -5.61
HD2 DAR B 4 3.20 -4.42 -4.42
HD3 DAR B 4 4.11 -3.81 -3.05
HE DAR B 4 5.82 -3.60 -5.16
HH11 DAR B 4 5.07 -7.42 -4.02
HH12 DAR B 4 3.97 -6.08 -3.53
HH21 DAR B 4 6.95 -6.96 -5.26
HH22 DAR B 4 7.34 -5.26 -5.73
N 28J B 5 0.18 -3.06 -1.81
CA 28J B 5 -1.23 -3.23 -1.52
CB 28J B 5 -1.57 -2.83 -0.07
CG2 28J B 5 -0.80 -3.69 0.94
CG1 28J B 5 -1.33 -1.35 0.14
CD1 28J B 5 -1.78 -0.84 1.48
C 28J B 5 -1.72 -4.66 -1.72
O 28J B 5 -0.91 -5.59 -1.75
HA 28J B 5 -1.79 -2.56 -2.18
H22 28J B 5 -2.62 -3.05 0.07
H23 28J B 5 -1.15 -3.45 1.95
H24 28J B 5 0.25 -3.48 0.88
H25 28J B 5 -0.98 -4.73 0.75
H26 28J B 5 -1.86 -0.81 -0.63
H27 28J B 5 -0.27 -1.15 0.04
H28 28J B 5 -1.98 -1.67 2.13
H29 28J B 5 -2.68 -0.25 1.35
H30 28J B 5 -1.01 -0.21 1.91
N ILE B 6 -3.03 -4.81 -1.95
CA ILE B 6 -3.65 -6.14 -1.99
C ILE B 6 -4.80 -6.23 -2.96
N SER B 7 -4.79 -7.26 -3.76
CA SER B 7 -5.88 -7.46 -4.66
C SER B 7 -5.95 -8.83 -5.31
N DTH B 8 -6.83 -8.82 -6.31
CA DTH B 8 -7.09 -9.94 -7.23
CB DTH B 8 -7.34 -9.45 -8.69
CG2 DTH B 8 -6.38 -8.31 -9.01
OG1 DTH B 8 -8.70 -9.03 -8.86
C DTH B 8 -8.29 -10.82 -6.86
O DTH B 8 -8.34 -11.95 -7.33
H DTH B 8 -7.38 -8.02 -6.42
HA DTH B 8 -6.23 -10.57 -7.24
HB DTH B 8 -7.16 -10.28 -9.38
HG21 DTH B 8 -6.59 -7.46 -8.37
HG22 DTH B 8 -6.51 -8.00 -10.05
HG23 DTH B 8 -5.36 -8.63 -8.86
N ALA B 9 -9.26 -10.34 -6.07
CA ALA B 9 -10.42 -11.16 -5.69
C ALA B 9 -11.46 -11.18 -6.78
N LEU B 10 -12.08 -10.06 -6.94
CA LEU B 10 -13.13 -9.91 -7.96
C LEU B 10 -12.51 -9.49 -9.28
N ILE B 11 -11.31 -8.96 -9.18
CA ILE B 11 -10.59 -8.48 -10.37
C ILE B 11 -9.13 -8.89 -10.22
N ZAE C 1 -4.73 -3.84 -7.32
CA ZAE C 1 -5.96 -3.25 -6.67
C ZAE C 1 -5.62 -2.08 -5.76
O ZAE C 1 -5.39 -0.96 -6.24
CB ZAE C 1 -7.00 -2.81 -7.72
CG ZAE C 1 -8.11 -3.81 -7.80
CD1 ZAE C 1 -7.86 -5.08 -8.31
CD2 ZAE C 1 -9.34 -3.52 -7.28
CE1 ZAE C 1 -8.86 -6.03 -8.30
CE2 ZAE C 1 -10.36 -4.47 -7.28
CZ ZAE C 1 -10.09 -5.73 -7.77
C10 ZAE C 1 -4.28 -2.99 -8.44
H1 ZAE C 1 -4.95 -4.78 -7.71
HA ZAE C 1 -6.40 -4.03 -6.07
HB2 ZAE C 1 -7.42 -1.86 -7.42
HB3 ZAE C 1 -6.54 -2.71 -8.69
HD1 ZAE C 1 -6.89 -5.32 -8.73
HD2 ZAE C 1 -9.55 -2.52 -6.89
HE1 ZAE C 1 -8.67 -7.03 -8.69
HE2 ZAE C 1 -11.33 -4.23 -6.88
HZ ZAE C 1 -10.87 -6.48 -7.75
H11 ZAE C 1 -3.23 -3.19 -8.64
H12 ZAE C 1 -4.39 -1.95 -8.16
H13 ZAE C 1 -4.86 -3.20 -9.32
N ILE C 2 -5.59 -2.30 -4.43
CA ILE C 2 -5.26 -1.22 -3.48
C ILE C 2 -3.76 -1.00 -3.45
N SER C 3 -3.34 0.25 -3.57
CA SER C 3 -1.95 0.57 -3.46
C SER C 3 -1.73 1.94 -2.89
N DAR C 4 -0.49 2.21 -2.67
CA DAR C 4 -0.06 3.49 -2.17
CB DAR C 4 0.60 4.33 -3.26
CG DAR C 4 -0.36 4.96 -4.27
CD DAR C 4 -1.35 5.91 -3.61
NE DAR C 4 -2.00 6.80 -4.57
CZ DAR C 4 -2.54 7.97 -4.23
NH1 DAR C 4 -2.49 8.39 -2.97
NH2 DAR C 4 -3.12 8.73 -5.15
C DAR C 4 0.94 3.24 -1.08
O DAR C 4 1.83 2.40 -1.25
H DAR C 4 0.18 1.47 -2.75
HA DAR C 4 -0.92 3.99 -1.76
HB2 DAR C 4 1.30 3.71 -3.81
HB3 DAR C 4 1.14 5.13 -2.79
HG2 DAR C 4 -0.91 4.17 -4.77
HG3 DAR C 4 0.21 5.51 -4.99
HD2 DAR C 4 -0.82 6.50 -2.88
HD3 DAR C 4 -2.11 5.32 -3.11
HE DAR C 4 -2.04 6.50 -5.50
HH11 DAR C 4 -2.91 9.30 -2.71
HH12 DAR C 4 -2.05 7.79 -2.23
HH21 DAR C 4 -3.54 9.64 -4.89
HH22 DAR C 4 -3.18 8.40 -6.14
N 28J C 5 0.77 3.90 0.03
CA 28J C 5 1.70 3.73 1.11
CB 28J C 5 1.34 2.51 1.99
CG2 28J C 5 -0.17 2.44 2.19
CG1 28J C 5 1.87 1.22 1.36
CD1 28J C 5 1.68 -0.01 2.21
C 28J C 5 1.80 4.95 1.97
O 28J C 5 0.95 5.85 1.89
HA 28J C 5 2.67 3.54 0.68
H22 28J C 5 1.80 2.65 2.96
H23 28J C 5 -0.51 3.37 2.64
H24 28J C 5 -0.41 1.62 2.84
H25 28J C 5 -0.65 2.30 1.24
H26 28J C 5 2.92 1.34 1.17
H27 28J C 5 1.35 1.06 0.41
H28 28J C 5 0.93 -0.64 1.76
H29 28J C 5 1.36 0.28 3.19
H30 28J C 5 2.61 -0.55 2.26
N ILE C 6 2.90 5.01 2.69
CA ILE C 6 3.10 6.10 3.64
C ILE C 6 4.57 6.41 3.90
N SER C 7 4.90 7.70 3.64
CA SER C 7 6.26 8.19 3.82
C SER C 7 6.36 9.71 3.64
N DTH C 8 7.61 10.16 3.63
CA DTH C 8 7.96 11.59 3.42
CB DTH C 8 9.02 11.82 2.32
CG2 DTH C 8 8.56 11.30 0.98
OG1 DTH C 8 10.28 11.23 2.70
C DTH C 8 8.69 12.24 4.60
O DTH C 8 9.09 13.39 4.47
H DTH C 8 8.32 9.52 3.82
HA DTH C 8 7.07 12.13 3.16
HB DTH C 8 9.23 12.91 2.24
HG21 DTH C 8 7.66 11.82 0.68
HG22 DTH C 8 8.39 10.24 1.02
HG23 DTH C 8 9.33 11.51 0.23
N ALA C 9 8.96 11.47 5.65
CA ALA C 9 9.73 11.94 6.80
C ALA C 9 11.19 11.82 6.49
N LEU C 10 11.60 10.60 6.40
CA LEU C 10 12.98 10.23 6.16
C LEU C 10 13.40 10.66 4.77
N ILE C 11 12.43 10.63 3.87
CA ILE C 11 12.67 10.97 2.48
C ILE C 11 11.43 11.62 1.94
N ZAE D 1 4.87 16.45 5.38
CA ZAE D 1 5.67 15.32 5.96
C ZAE D 1 5.30 13.98 5.32
O ZAE D 1 5.84 13.60 4.29
CB ZAE D 1 7.17 15.56 5.80
CG ZAE D 1 7.86 16.04 7.06
CD1 ZAE D 1 8.58 17.23 7.06
CD2 ZAE D 1 7.77 15.30 8.24
CE1 ZAE D 1 9.21 17.67 8.21
CE2 ZAE D 1 8.40 15.74 9.39
CZ ZAE D 1 9.12 16.94 9.38
C10 ZAE D 1 5.13 16.60 3.93
H1 ZAE D 1 5.13 17.34 5.85
HA ZAE D 1 5.44 15.26 7.02
HB2 ZAE D 1 7.65 14.63 5.51
HB3 ZAE D 1 7.34 16.30 5.03
HD1 ZAE D 1 8.65 17.81 6.15
HD2 ZAE D 1 7.21 14.38 8.25
HE1 ZAE D 1 9.78 18.60 8.20
HE2 ZAE D 1 8.32 15.17 10.30
HZ ZAE D 1 9.61 17.28 10.28
H11 ZAE D 1 4.41 17.30 3.51
H12 ZAE D 1 5.03 15.64 3.44
H13 ZAE D 1 6.12 16.99 3.78
N ILE D 2 4.34 13.30 5.92
CA ILE D 2 3.89 12.01 5.42
C ILE D 2 2.86 12.22 4.31
N SER D 3 2.98 11.42 3.25
CA SER D 3 2.04 11.46 2.15
C SER D 3 1.87 10.08 1.55
N DAR D 4 0.85 9.94 0.71
CA DAR D 4 0.54 8.69 0.08
CB DAR D 4 0.77 8.80 -1.42
CG DAR D 4 2.23 8.77 -1.79
CD DAR D 4 2.83 7.43 -1.44
NE DAR D 4 3.91 7.09 -2.33
CZ DAR D 4 4.48 5.90 -2.35
NH1 DAR D 4 5.47 5.67 -3.20
NH2 DAR D 4 4.08 4.96 -1.50
C DAR D 4 -0.91 8.31 0.30
O DAR D 4 -1.81 9.02 -0.13
H DAR D 4 0.31 10.73 0.51
HA DAR D 4 1.18 7.92 0.49
HB2 DAR D 4 0.35 9.74 -1.77
HB3 DAR D 4 0.28 7.98 -1.92
HG2 DAR D 4 2.75 9.54 -1.24
HG3 DAR D 4 2.33 8.94 -2.85
HD2 DAR D 4 2.06 6.68 -1.51
HD3 DAR D 4 3.21 7.48 -0.44
HE DAR D 4 4.23 7.79 -2.95
HH11 DAR D 4 5.93 4.73 -3.22
HH12 DAR D 4 5.80 6.42 -3.85
HH21 DAR D 4 4.53 4.02 -1.51
HH22 DAR D 4 3.34 5.16 -0.82
N 28J D 5 -1.15 7.19 0.97
CA 28J D 5 -2.51 6.75 1.20
CB 28J D 5 -2.92 6.89 2.70
CG2 28J D 5 -1.82 6.34 3.59
CG1 28J D 5 -3.18 8.36 3.05
CD1 28J D 5 -3.80 8.56 4.42
C 28J D 5 -2.73 5.30 0.71
O 28J D 5 -1.79 4.65 0.24
HA 28J D 5 -3.16 7.39 0.62
H22 28J D 5 -3.82 6.32 2.86
H23 28J D 5 -0.94 6.93 3.47
H24 28J D 5 -1.62 5.31 3.33
H25 28J D 5 -2.15 6.39 4.62
H26 28J D 5 -3.84 8.79 2.32
H27 28J D 5 -2.25 8.90 3.03
H28 28J D 5 -4.05 9.61 4.56
H29 28J D 5 -3.10 8.24 5.18
H30 28J D 5 -4.71 7.98 4.50
N ILE D 6 -4.00 4.87 0.77
CA ILE D 6 -4.42 3.52 0.38
C ILE D 6 -5.76 3.50 -0.39
N SER D 7 -5.74 3.03 -1.65
CA SER D 7 -6.93 2.92 -2.51
C SER D 7 -6.73 1.83 -3.56
N DTH D 8 -7.84 1.23 -4.00
CA DTH D 8 -7.81 0.18 -5.02
CB DTH D 8 -8.08 0.68 -6.46
CG2 DTH D 8 -7.20 1.88 -6.76
OG1 DTH D 8 -9.47 1.00 -6.63
C DTH D 8 -8.80 -0.92 -4.69
O DTH D 8 -8.53 -2.09 -4.90
H DTH D 8 -8.69 1.44 -3.57
HA DTH D 8 -6.82 -0.27 -5.01
HB DTH D 8 -7.85 -0.12 -7.18
HG21 DTH D 8 -7.42 2.68 -6.08
HG22 DTH D 8 -7.38 2.21 -7.79
HG23 DTH D 8 -6.18 1.59 -6.66
N ALA D 9 -9.96 -0.51 -4.15
CA ALA D 9 -11.01 -1.34 -3.77
C ALA D 9 -11.97 -1.35 -4.95
N LEU D 10 -12.86 -0.39 -4.96
CA LEU D 10 -13.87 -0.18 -6.02
C LEU D 10 -13.26 0.40 -7.27
N ILE D 11 -12.11 0.97 -7.07
CA ILE D 11 -11.37 1.65 -8.11
C ILE D 11 -9.88 1.34 -7.97
N ALA E 1 15.61 -10.15 5.08
CA ALA E 1 17.01 -10.55 5.24
C ALA E 1 17.72 -9.65 6.22
N DGL E 2 17.80 -9.99 7.44
CA DGL E 2 18.75 -9.24 8.45
C DGL E 2 20.10 -8.72 7.72
O DGL E 2 20.77 -9.68 7.21
CB DGL E 2 18.05 -7.82 8.63
CG DGL E 2 18.26 -7.11 10.05
CD DGL E 2 17.99 -5.58 10.00
OE1 DGL E 2 18.29 -4.85 10.95
H DGL E 2 17.37 -10.87 7.81
HA DGL E 2 18.92 -9.89 9.31
HB2 DGL E 2 17.03 -7.92 8.42
HB3 DGL E 2 18.54 -7.22 7.87
HG2 DGL E 2 19.28 -7.23 10.38
HG3 DGL E 2 17.60 -7.54 10.82
N LYS E 3 17.44 -5.13 8.90
CA LYS E 3 17.12 -3.76 8.67
C LYS E 3 18.35 -2.80 8.54
N DAL E 4 18.85 -2.85 7.25
CA DAL E 4 19.98 -2.01 6.57
CB DAL E 4 21.55 -2.66 6.65
C DAL E 4 19.50 -0.46 7.01
O DAL E 4 19.76 0.02 8.10
H DAL E 4 18.39 -3.49 6.66
HA DAL E 4 20.12 -2.01 5.49
HB1 DAL E 4 21.91 -2.69 7.65
HB2 DAL E 4 22.27 -2.02 6.07
HB3 DAL E 4 21.64 -3.68 6.20
N DAL E 5 18.74 0.19 6.07
CA DAL E 5 18.12 1.63 6.11
CB DAL E 5 19.59 2.30 6.28
C DAL E 5 17.39 1.49 7.54
O DAL E 5 17.77 2.17 8.56
OXT DAL E 5 16.40 0.71 7.59
H DAL E 5 18.53 -0.34 5.24
HA DAL E 5 17.47 2.09 5.37
HB1 DAL E 5 20.12 2.12 5.36
HB2 DAL E 5 20.07 1.95 7.10
HB3 DAL E 5 19.44 3.42 6.35
N ALA F 1 -16.48 -10.02 2.26
CA ALA F 1 -16.80 -10.12 3.71
C ALA F 1 -17.05 -8.73 4.26
N DGL F 2 -16.44 -7.70 3.58
CA DGL F 2 -16.77 -6.30 3.99
C DGL F 2 -18.21 -5.90 4.29
O DGL F 2 -18.55 -5.05 5.10
CB DGL F 2 -16.16 -6.11 5.42
CG DGL F 2 -14.60 -6.18 5.61
CD DGL F 2 -14.09 -7.59 5.92
OE1 DGL F 2 -13.87 -8.38 5.01
H DGL F 2 -16.00 -7.91 2.73
HA DGL F 2 -16.42 -5.73 3.14
HB2 DGL F 2 -16.64 -6.85 6.06
HB3 DGL F 2 -16.52 -5.12 5.75
HG2 DGL F 2 -14.29 -5.52 6.41
HG3 DGL F 2 -14.07 -5.84 4.69
N LYS F 3 -13.86 -7.89 7.19
CA LYS F 3 -13.38 -9.17 7.64
C LYS F 3 -11.96 -9.59 7.16
N DAL F 4 -11.13 -9.79 8.24
CA DAL F 4 -9.64 -10.28 8.33
CB DAL F 4 -8.59 -9.84 7.07
C DAL F 4 -9.90 -11.86 8.87
O DAL F 4 -10.64 -12.64 8.26
H DAL F 4 -11.55 -9.60 9.12
HA DAL F 4 -8.95 -9.77 9.02
HB1 DAL F 4 -8.66 -8.74 6.95
HB2 DAL F 4 -8.84 -10.30 6.14
HB3 DAL F 4 -7.51 -10.06 7.32
N DAL F 5 -9.31 -12.18 10.05
CA DAL F 5 -9.33 -13.53 10.85
CB DAL F 5 -8.67 -14.32 9.61
C DAL F 5 -10.92 -13.73 10.89
O DAL F 5 -11.61 -12.80 11.32
OXT DAL F 5 -11.45 -14.85 10.51
H DAL F 5 -8.80 -11.44 10.50
HA DAL F 5 -8.89 -13.73 11.82
HB1 DAL F 5 -7.69 -13.92 9.45
HB2 DAL F 5 -9.26 -14.28 8.77
HB3 DAL F 5 -8.53 -15.41 9.92
N ALA G 1 7.50 13.43 15.43
CA ALA G 1 6.58 14.02 16.42
C ALA G 1 5.87 12.97 17.27
N DGL G 2 5.30 13.37 18.46
CA DGL G 2 4.44 12.34 19.08
C DGL G 2 3.74 11.22 18.31
O DGL G 2 4.05 10.00 18.44
CB DGL G 2 5.32 11.42 19.96
CG DGL G 2 6.79 11.13 19.44
CD DGL G 2 7.14 9.64 19.44
OE1 DGL G 2 8.24 9.24 19.81
H DGL G 2 5.34 14.30 18.72
HA DGL G 2 3.68 13.03 19.46
HB2 DGL G 2 4.77 10.47 20.01
HB3 DGL G 2 5.35 11.83 20.96
HG2 DGL G 2 7.48 11.64 20.09
HG3 DGL G 2 6.93 11.53 18.43
N LYS G 3 6.21 8.81 19.01
CA LYS G 3 6.36 7.38 18.92
C LYS G 3 6.38 6.66 20.31
N DAL G 4 5.32 7.09 21.07
CA DAL G 4 4.80 6.61 22.48
CB DAL G 4 5.87 6.71 23.77
C DAL G 4 3.90 5.27 21.98
O DAL G 4 4.34 4.13 22.03
H DAL G 4 4.79 7.82 20.66
HA DAL G 4 4.15 7.25 23.07
HB1 DAL G 4 6.69 6.03 23.64
HB2 DAL G 4 5.37 6.43 24.72
HB3 DAL G 4 6.28 7.73 23.92
N DAL G 5 2.65 5.55 21.49
CA DAL G 5 1.55 4.60 20.95
CB DAL G 5 1.48 3.81 22.38
C DAL G 5 2.46 3.81 19.88
O DAL G 5 2.33 2.54 19.88
OXT DAL G 5 2.89 4.41 18.83
H DAL G 5 2.42 6.53 21.44
HA DAL G 5 0.59 4.86 20.52
HB1 DAL G 5 1.09 4.50 23.09
HB2 DAL G 5 2.38 3.41 22.64
HB3 DAL G 5 0.70 2.98 22.28
N ALA H 1 -15.74 6.42 -5.65
CA ALA H 1 -16.77 5.92 -6.61
C ALA H 1 -18.08 5.64 -5.91
N DGL H 2 -18.79 4.51 -6.36
CA DGL H 2 -19.93 4.15 -5.51
C DGL H 2 -20.04 4.50 -4.02
O DGL H 2 -18.96 4.27 -3.34
CB DGL H 2 -21.18 4.97 -5.96
CG DGL H 2 -20.92 6.50 -6.31
CD DGL H 2 -22.01 7.44 -5.77
OE1 DGL H 2 -22.41 8.38 -6.44
H DGL H 2 -18.41 3.96 -7.06
HA DGL H 2 -19.83 3.07 -5.61
HB2 DGL H 2 -21.87 4.92 -5.12
HB3 DGL H 2 -21.63 4.46 -6.80
HG2 DGL H 2 -20.90 6.59 -7.39
HG3 DGL H 2 -19.94 6.83 -5.93
N LYS H 3 -22.49 7.16 -4.58
CA LYS H 3 -23.51 7.93 -3.89
C LYS H 3 -24.86 7.94 -4.66
N DAL H 4 -24.96 6.85 -5.49
CA DAL H 4 -26.18 6.32 -6.35
CB DAL H 4 -26.47 7.10 -7.82
C DAL H 4 -27.29 6.04 -5.12
O DAL H 4 -28.16 6.84 -4.84
H DAL H 4 -24.14 6.31 -5.53
HA DAL H 4 -26.07 5.41 -6.94
HB1 DAL H 4 -25.55 7.08 -8.42
HB2 DAL H 4 -26.78 8.12 -7.70
HB3 DAL H 4 -27.26 6.57 -8.43
N DAL H 5 -27.10 4.86 -4.44
CA DAL H 5 -27.94 4.27 -3.25
CB DAL H 5 -29.29 4.25 -4.16
C DAL H 5 -27.89 5.55 -2.29
O DAL H 5 -28.96 6.17 -1.94
OXT DAL H 5 -26.77 5.88 -1.85
H DAL H 5 -26.31 4.31 -4.71
HA DAL H 5 -27.74 3.35 -2.71
HB1 DAL H 5 -29.14 3.52 -4.93
HB2 DAL H 5 -29.53 5.18 -4.51
HB3 DAL H 5 -30.13 3.85 -3.50
C1 MUB I . 13.46 -6.40 2.88
C2 MUB I . 12.72 -7.66 3.29
C3 MUB I . 13.03 -7.94 4.76
C4 MUB I . 14.47 -7.56 5.10
C5 MUB I . 14.65 -6.04 4.94
C6 MUB I . 16.04 -5.72 4.41
C7 MUB I . 10.50 -7.15 4.07
C8 MUB I . 9.03 -7.05 3.83
C9 MUB I . 13.32 -10.22 4.07
C10 MUB I . 14.75 -10.77 4.22
C11 MUB I . 12.34 -10.77 2.98
O1 MUB I . 12.70 -5.73 1.91
O3 MUB I . 12.79 -9.33 5.08
O4 MUB I . 14.84 -7.98 6.44
O5 MUB I . 13.68 -5.53 3.99
O6 MUB I . 16.41 -6.66 3.39
O7 MUB I . 10.96 -6.84 5.17
O10 MUB I . 15.04 -11.81 3.64
N2 MUB I . 11.28 -7.54 3.07
H1 MUB I . 14.45 -6.64 2.43
H2 MUB I . 13.07 -8.36 2.51
HN2 MUB I . 10.88 -7.79 2.20
H81 MUB I . 8.67 -8.00 3.47
H82 MUB I . 8.83 -6.29 3.11
H83 MUB I . 8.55 -6.79 4.77
H3 MUB I . 12.33 -7.43 5.43
H9 MUB I . 13.87 -9.41 3.60
H111 MUB I . 11.50 -11.33 3.44
H112 MUB I . 12.86 -11.44 2.37
H113 MUB I . 11.99 -9.95 2.35
H4 MUB I . 15.19 -8.23 4.64
H5 MUB I . 14.60 -5.52 5.84
H61 MUB I . 16.76 -5.96 5.21
H62 MUB I . 16.23 -4.68 4.08
HO6 MUB I . 17.25 -7.11 3.52
C1 NAG I . 13.87 -7.65 7.43
C2 NAG I . 14.35 -8.17 8.77
C3 NAG I . 13.30 -7.84 9.83
C4 NAG I . 12.97 -6.35 9.81
C5 NAG I . 12.62 -5.88 8.40
C6 NAG I . 12.42 -4.37 8.31
C7 NAG I . 13.73 -10.49 8.37
C8 NAG I . 14.11 -11.96 8.35
N2 NAG I . 14.64 -9.58 8.75
O3 NAG I . 13.81 -8.21 11.10
O4 NAG I . 11.86 -6.11 10.66
O5 NAG I . 13.68 -6.23 7.49
O6 NAG I . 12.59 -3.89 6.98
O7 NAG I . 12.56 -10.18 8.14
H1 NAG I . 12.94 -8.16 7.11
H2 NAG I . 15.32 -7.81 9.08
H3 NAG I . 12.36 -8.40 9.65
H4 NAG I . 13.81 -5.88 10.37
H5 NAG I . 11.69 -6.30 8.03
H61 NAG I . 13.16 -3.84 8.92
H62 NAG I . 11.43 -4.14 8.73
H81 NAG I . 14.37 -12.26 9.36
H82 NAG I . 14.96 -12.10 7.71
H83 NAG I . 13.27 -12.54 7.98
HN2 NAG I . 15.56 -9.88 8.92
HO3 NAG I . 13.85 -9.17 11.13
HO4 NAG I . 11.99 -6.56 11.49
HO6 NAG I . 12.80 -4.67 6.45
C1 MUB J . -12.60 -8.36 -1.19
C2 MUB J . -13.75 -9.38 -1.25
C3 MUB J . -15.03 -8.71 -0.76
C4 MUB J . -14.77 -7.95 0.54
C5 MUB J . -13.75 -6.84 0.28
C6 MUB J . -12.65 -6.85 1.32
C7 MUB J . -14.92 -9.44 -3.34
C8 MUB J . -15.18 -10.05 -4.68
C9 MUB J . -15.72 -10.86 0.05
C10 MUB J . -16.14 -11.10 1.51
C11 MUB J . -15.08 -12.02 -0.81
O1 MUB J . -11.81 -8.39 -2.35
O3 MUB J . -16.13 -9.64 -0.61
O4 MUB J . -16.00 -7.42 1.07
O5 MUB J . -13.11 -7.03 -1.03
O6 MUB J . -12.14 -8.17 1.50
O7 MUB J . -15.40 -8.33 -3.10
O10 MUB J . -16.20 -12.25 1.94
N2 MUB J . -13.96 -9.95 -2.58
H1 MUB J . -11.90 -8.59 -0.37
H2 MUB J . -13.34 -10.24 -0.66
HN2 MUB J . -13.59 -10.85 -2.79
H81 MUB J . -15.62 -11.03 -4.55
H82 MUB J . -14.26 -10.15 -5.22
H83 MUB J . -15.85 -9.39 -5.23
H3 MUB J . -15.45 -8.04 -1.51
H9 MUB J . -14.91 -10.36 0.53
H111 MUB J . -15.70 -12.26 -1.69
H112 MUB J . -15.02 -12.87 -0.22
H113 MUB J . -14.07 -11.73 -1.09
H4 MUB J . -14.61 -8.63 1.38
H5 MUB J . -14.17 -5.90 0.31
H61 MUB J . -13.14 -6.65 2.29
H62 MUB J . -11.84 -6.10 1.18
HO6 MUB J . -12.17 -8.51 2.40
C1 NAG J . -16.84 -6.81 0.11
C2 NAG J . -18.13 -6.37 0.80
C3 NAG J . -19.03 -5.67 -0.21
C4 NAG J . -18.28 -4.56 -0.93
C5 NAG J . -16.97 -5.07 -1.53
C6 NAG J . -16.13 -3.97 -2.16
C7 NAG J . -19.19 -8.56 0.72
C8 NAG J . -19.86 -9.69 1.45
N2 NAG J . -18.80 -7.48 1.40
O3 NAG J . -20.15 -5.13 0.49
O4 NAG J . -19.08 -4.04 -1.98
O5 NAG J . -16.17 -5.68 -0.50
O6 NAG J . -14.85 -4.44 -2.55
O7 NAG J . -19.11 -8.58 -0.52
H1 NAG J . -17.06 -7.59 -0.63
H2 NAG J . -18.02 -5.74 1.67
H3 NAG J . -19.41 -6.38 -0.98
H4 NAG J . -18.27 -3.72 -0.19
H5 NAG J . -17.11 -5.79 -2.33
H61 NAG J . -15.96 -3.13 -1.48
H62 NAG J . -16.70 -3.57 -3.01
H81 NAG J . -20.80 -9.33 1.86
H82 NAG J . -19.23 -10.05 2.25
H83 NAG J . -20.03 -10.50 0.75
HN2 NAG J . -18.89 -7.49 2.40
HO3 NAG J . -20.52 -5.83 1.03
HO4 NAG J . -19.97 -3.91 -1.64
HO6 NAG J . -14.59 -5.06 -1.87
C1 MUB K . 7.45 10.36 11.27
C2 MUB K . 8.44 11.43 11.74
C3 MUB K . 8.93 11.05 13.14
C4 MUB K . 7.81 10.51 14.03
C5 MUB K . 7.22 9.24 13.37
C6 MUB K . 5.70 9.28 13.38
C7 MUB K . 10.74 11.02 11.17
C8 MUB K . 11.93 11.23 10.27
C9 MUB K . 9.05 13.44 13.48
C10 MUB K . 8.18 14.17 14.51
C11 MUB K . 9.51 14.15 12.16
O1 MUB K . 7.58 10.10 9.89
O3 MUB K . 9.60 12.14 13.82
O4 MUB K . 8.32 10.22 15.35
O5 MUB K . 7.64 9.14 11.98
O6 MUB K . 5.23 10.55 12.93
O7 MUB K . 10.79 10.13 12.01
O10 MUB K . 8.18 15.41 14.52
N2 MUB K . 9.59 11.60 10.85
H1 MUB K . 6.41 10.71 11.40
H2 MUB K . 7.87 12.37 11.62
HN2 MUB K . 9.57 12.32 10.17
H81 MUB K . 12.67 10.48 10.50
H82 MUB K . 12.33 12.21 10.45
H83 MUB K . 11.59 11.16 9.25
H3 MUB K . 9.73 10.32 13.13
H9 MUB K . 8.10 12.98 13.25
H111 MUB K . 10.62 14.20 12.10
H112 MUB K . 9.16 15.13 12.16
H113 MUB K . 9.09 13.63 11.30
H4 MUB K . 7.13 11.27 14.38
H5 MUB K . 7.48 8.37 13.87
H61 MUB K . 5.39 9.26 14.45
H62 MUB K . 5.19 8.42 12.87
HO6 MUB K . 4.39 10.83 13.32
C1 NAG K . 9.59 9.57 15.34
C2 NAG K . 9.97 9.22 16.76
C3 NAG K . 11.35 8.57 16.74
C4 NAG K . 11.38 7.39 15.77
C5 NAG K . 10.85 7.79 14.39
C6 NAG K . 10.70 6.60 13.45
C7 NAG K . 10.62 11.50 17.31
C8 NAG K . 10.54 12.68 18.24
N2 NAG K . 9.95 10.37 17.61
O3 NAG K . 11.67 8.13 18.05
O4 NAG K . 12.70 6.91 15.63
O5 NAG K . 9.55 8.40 14.51
O6 NAG K . 10.06 6.96 12.24
O7 NAG K . 11.39 11.54 16.34
H1 NAG K . 10.30 10.32 14.93
H2 NAG K . 9.29 8.60 17.33
H3 NAG K . 12.13 9.28 16.40
H4 NAG K . 10.86 6.56 16.34
H5 NAG K . 11.51 8.47 13.86
H61 NAG K . 10.11 5.78 13.89
H62 NAG K . 11.71 6.18 13.28
H81 NAG K . 9.50 12.97 18.35
H82 NAG K . 11.09 13.51 17.85
H83 NAG K . 10.96 12.40 19.20
HN2 NAG K . 9.35 10.38 18.39
HO3 NAG K . 11.64 8.90 18.62
HO4 NAG K . 13.09 6.83 16.51
HO6 NAG K . 9.50 7.70 12.47
C1 MUB L . -13.14 4.09 -2.50
C2 MUB L . -12.77 5.52 -2.79
C3 MUB L . -14.02 6.37 -2.71
C4 MUB L . -15.26 5.52 -2.97
C5 MUB L . -15.41 4.50 -1.85
C6 MUB L . -16.27 3.32 -2.26
C7 MUB L . -12.09 6.71 -0.81
C8 MUB L . -11.01 7.24 0.08
C9 MUB L . -13.45 7.11 -4.92
C10 MUB L . -14.45 6.66 -6.01
C11 MUB L . -11.95 7.36 -5.27
O1 MUB L . -12.00 3.36 -2.16
O3 MUB L . -13.97 7.50 -3.62
O4 MUB L . -16.44 6.32 -3.13
O5 MUB L . -14.11 3.98 -1.44
O6 MUB L . -16.61 3.43 -3.64
O7 MUB L . -13.27 6.80 -0.45
O10 MUB L . -14.06 6.61 -7.18
N2 MUB L . -11.74 6.02 -1.87
H1 MUB L . -13.64 3.62 -3.37
H2 MUB L . -12.24 5.42 -3.74
HN2 MUB L . -10.80 5.98 -2.14
H81 MUB L . -10.40 7.94 -0.49
H82 MUB L . -10.41 6.42 0.42
H83 MUB L . -11.48 7.73 0.92
H3 MUB L . -14.13 6.88 -1.75
H9 MUB L . -13.52 6.05 -4.67
H111 MUB L . -11.69 8.43 -5.17
H112 MUB L . -11.78 7.09 -6.27
H113 MUB L . -11.32 6.73 -4.63
H4 MUB L . -15.27 5.16 -4.01
H5 MUB L . -15.88 4.87 -1.01
H61 MUB L . -17.26 3.39 -1.75
H62 MUB L . -15.83 2.32 -2.03
HO6 MUB L . -17.48 3.82 -3.82
C1 NAG L . -16.66 7.24 -2.06
C2 NAG L . -18.00 7.91 -2.30
C3 NAG L . -18.29 8.88 -1.17
C4 NAG L . -18.15 8.18 0.20
C5 NAG L . -16.81 7.45 0.30
C6 NAG L . -16.70 6.63 1.58
C7 NAG L . -17.21 9.53 -3.92
C8 NAG L . -17.32 10.15 -5.29
N2 NAG L . -18.06 8.57 -3.58
O3 NAG L . -19.62 9.38 -1.32
O4 NAG L . -18.23 9.15 1.23
O5 NAG L . -16.66 6.55 -0.81
O6 NAG L . -15.51 5.85 1.60
O7 NAG L . -16.43 10.02 -3.09
H1 NAG L . -15.82 7.97 -2.11
H2 NAG L . -18.86 7.28 -2.43
H3 NAG L . -17.59 9.74 -1.18
H4 NAG L . -19.11 7.62 0.31
H5 NAG L . -15.96 8.12 0.35
H61 NAG L . -17.53 5.93 1.70
H62 NAG L . -16.76 7.33 2.43
H81 NAG L . -16.54 10.91 -5.39
H82 NAG L . -18.28 10.61 -5.41
H83 NAG L . -17.19 9.38 -6.04
HN2 NAG L . -18.67 8.20 -4.26
HO3 NAG L . -19.73 9.61 -2.24
HO4 NAG L . -19.00 9.71 1.08
HO6 NAG L . -15.04 6.08 0.80
P 2PO M . 12.66 -6.28 0.39
O1P 2PO M . 13.99 -6.82 0.06
O2P 2PO M . 11.47 -7.16 0.20
O3P 2PO M . 12.41 -4.92 -0.41
P 2PO N . 11.82 -3.67 0.40
O1P 2PO N . 12.25 -2.42 -0.29
O2P 2PO N . 10.39 -3.89 0.64
O3P 2PO N . 12.59 -3.77 1.81
C1 P1W O . 12.16 -2.99 2.93
C2 P1W O . 11.08 -3.72 3.70
C3 P1W O . 10.38 -3.17 4.72
C4 P1W O . 9.30 -3.92 5.49
C5 P1W O . 10.65 -1.75 5.20
H12 P1W O . 11.76 -2.06 2.57
H11 P1W O . 13.00 -2.80 3.57
H2 P1W O . 10.70 -4.61 3.22
H41 P1W O . 9.41 -4.98 5.29
H42 P1W O . 9.42 -3.74 6.53
H51 P1W O . 11.64 -1.45 4.90
H52 P1W O . 10.59 -1.71 6.29
H53 P1W O . 9.92 -1.08 4.78
C1 P1W P . 7.89 -3.49 5.06
C2 P1W P . 6.90 -3.81 6.16
C3 P1W P . 6.54 -2.92 7.12
C4 P1W P . 5.57 -3.25 8.23
C5 P1W P . 7.08 -1.51 7.17
H12 P1W P . 7.88 -2.44 4.88
H11 P1W P . 7.60 -4.03 4.18
H2 P1W P . 6.68 -4.86 6.29
H41 P1W P . 5.75 -4.25 8.57
H42 P1W P . 5.70 -2.55 9.03
H51 P1W P . 7.05 -1.15 8.18
H52 P1W P . 6.46 -0.86 6.55
H53 P1W P . 8.09 -1.47 6.80
C1 P1W Q . 4.12 -3.16 7.73
C2 P1W Q . 3.67 -1.72 7.64
C3 P1W Q . 2.91 -1.08 8.57
C4 P1W Q . 2.50 0.38 8.42
C5 P1W Q . 2.39 -1.75 9.83
H12 P1W Q . 4.05 -3.61 6.75
H11 P1W Q . 3.47 -3.69 8.42
H2 P1W Q . 4.04 -1.19 6.78
H43 P1W Q . 1.56 0.44 7.88
H41 P1W Q . 3.26 0.92 7.89
H42 P1W Q . 2.37 0.81 9.40
H51 P1W Q . 3.22 -2.19 10.38
H52 P1W Q . 1.69 -2.53 9.56
H53 P1W Q . 1.89 -1.03 10.46
C1 P1W R . -10.78 -3.86 0.64
C2 P1W R . -11.57 -3.55 1.90
C3 P1W R . -12.25 -2.41 2.09
C4 P1W R . -12.99 -2.11 3.37
C5 P1W R . -12.34 -1.31 1.04
H12 P1W R . -10.18 -4.74 0.79
H11 P1W R . -10.14 -3.03 0.40
H2 P1W R . -11.27 -4.16 2.74
H41 P1W R . -12.97 -1.03 3.56
H42 P1W R . -12.53 -2.62 4.20
H51 P1W R . -11.50 -1.39 0.36
H52 P1W R . -12.33 -0.34 1.52
H53 P1W R . -13.26 -1.42 0.48
C1 P1W S . -14.45 -2.55 3.24
C2 P1W S . -15.01 -2.92 4.60
C3 P1W S . -15.31 -2.04 5.58
C4 P1W S . -15.89 -2.48 6.93
C5 P1W S . -15.10 -0.54 5.45
H12 P1W S . -15.04 -1.75 2.83
H11 P1W S . -14.50 -3.41 2.60
H2 P1W S . -15.28 -3.95 4.70
H43 P1W S . -16.86 -2.95 6.78
H41 P1W S . -16.02 -1.61 7.57
H42 P1W S . -15.22 -3.18 7.41
H51 P1W S . -14.08 -0.30 5.75
H52 P1W S . -15.79 -0.03 6.11
H53 P1W S . -15.26 -0.23 4.44
P 2PO T . -10.19 -8.55 -2.22
O1P 2PO T . -9.65 -7.36 -1.58
O2P 2PO T . -9.89 -9.88 -1.61
O3P 2PO T . -9.65 -8.61 -3.74
P 2PO U . -9.78 -7.38 -4.77
O1P 2PO U . -8.65 -6.46 -4.54
O2P 2PO U . -10.00 -7.93 -6.16
O3P 2PO U . -11.12 -6.65 -4.31
C1 P1W V . -11.12 -5.22 -4.21
C2 P1W V . -11.68 -4.81 -2.88
C3 P1W V . -10.99 -4.50 -1.77
C4 P1W V . -11.74 -4.12 -0.52
C5 P1W V . -9.46 -4.48 -1.67
H12 P1W V . -11.72 -4.82 -5.01
H11 P1W V . -10.11 -4.87 -4.31
H2 P1W V . -12.73 -4.56 -2.91
H41 P1W V . -12.40 -4.93 -0.26
H42 P1W V . -12.32 -3.23 -0.71
H51 P1W V . -9.13 -3.51 -1.32
H52 P1W V . -9.03 -4.69 -2.62
H53 P1W V . -9.14 -5.24 -0.95
P 2PO W . 6.35 10.44 8.89
O1P 2PO W . 5.16 9.71 9.35
O2P 2PO W . 6.25 11.92 8.73
O3P 2PO W . 6.78 9.84 7.44
P 2PO X . 7.79 8.61 7.27
O1P 2PO X . 8.67 8.90 6.08
O2P 2PO X . 8.45 8.33 8.57
O3P 2PO X . 6.84 7.39 6.91
C1 P1W Y . 5.48 7.43 7.31
C2 P1W Y . 5.14 6.15 8.04
C3 P1W Y . 4.26 6.00 9.04
C4 P1W Y . 4.05 4.65 9.65
C5 P1W Y . 3.39 7.14 9.64
H12 P1W Y . 4.86 7.52 6.43
H11 P1W Y . 5.33 8.26 7.95
H2 P1W Y . 5.50 5.26 7.56
H41 P1W Y . 4.60 3.92 9.07
H42 P1W Y . 3.01 4.40 9.65
H51 P1W Y . 2.51 6.71 10.12
H52 P1W Y . 3.08 7.80 8.86
H53 P1W Y . 3.97 7.67 10.38
C1 P1W Z . 4.57 4.63 11.08
C2 P1W Z . 3.48 4.18 12.00
C3 P1W Z . 3.35 2.89 12.41
C4 P1W Z . 2.23 2.40 13.32
C5 P1W Z . 4.35 1.80 12.03
H12 P1W Z . 5.42 3.96 11.13
H11 P1W Z . 4.90 5.63 11.35
H2 P1W Z . 2.64 4.84 12.05
H41 P1W Z . 1.69 3.25 13.71
H42 P1W Z . 2.65 1.84 14.12
H51 P1W Z . 3.94 0.84 12.32
H52 P1W Z . 5.28 1.98 12.55
H53 P1W Z . 4.51 1.81 10.97
C1 P1W AA . 1.25 1.51 12.53
C2 P1W AA . 0.28 0.86 13.49
C3 P1W AA . -1.05 0.76 13.28
C4 P1W AA . -2.00 0.09 14.29
C5 P1W AA . -1.75 1.30 12.04
H12 P1W AA . 0.72 2.11 11.83
H11 P1W AA . 1.81 0.74 12.02
H2 P1W AA . 0.74 0.38 14.32
H43 P1W AA . -2.95 0.59 14.28
H41 P1W AA . -1.57 0.15 15.28
H42 P1W AA . -2.12 -0.95 14.02
H51 P1W AA . -2.72 0.83 11.94
H52 P1W AA . -1.14 1.08 11.17
H53 P1W AA . -1.88 2.38 12.13
P 2PO BA . -10.79 3.16 -3.23
O1P 2PO BA . -11.11 1.99 -4.09
O2P 2PO BA . -10.51 4.45 -3.89
O3P 2PO BA . -9.54 2.76 -2.30
P 2PO CA . -9.77 1.87 -0.98
O1P 2PO CA . -8.68 2.15 -0.01
O2P 2PO CA . -11.15 2.05 -0.53
O3P 2PO CA . -9.58 0.37 -1.55
C1 P1W DA . -8.80 -0.59 -0.80
C2 P1W DA . -9.14 -0.45 0.65
C3 P1W DA . -8.68 -1.21 1.68
C4 P1W DA . -9.11 -0.89 3.10
C5 P1W DA . -7.71 -2.39 1.55
H12 P1W DA . -7.75 -0.37 -0.95
H11 P1W DA . -9.02 -1.58 -1.15
H2 P1W DA . -9.88 0.30 0.85
H41 P1W DA . -10.01 -0.29 3.05
H42 P1W DA . -8.33 -0.31 3.58
H51 P1W DA . -6.69 -2.03 1.55
H52 P1W DA . -7.91 -2.92 0.64
H53 P1W DA . -7.84 -3.06 2.39
C1 P1W EA . -9.39 -2.14 3.92
C2 P1W EA . -8.26 -2.43 4.87
C3 P1W EA . -7.72 -3.67 5.01
C4 P1W EA . -6.58 -3.95 5.97
C5 P1W EA . -8.17 -4.88 4.21
H12 P1W EA . -10.30 -1.97 4.49
H11 P1W EA . -9.54 -2.97 3.26
H2 P1W EA . -8.06 -1.66 5.60
H41 P1W EA . -6.25 -3.04 6.43
H42 P1W EA . -5.76 -4.40 5.43
H51 P1W EA . -7.58 -4.94 3.31
H52 P1W EA . -9.21 -4.77 3.95
H53 P1W EA . -8.03 -5.78 4.80
C1 P1W FA . -7.04 -4.92 7.07
C2 P1W FA . -6.19 -6.16 7.07
C3 P1W FA . -5.66 -6.74 8.18
C4 P1W FA . -4.82 -8.02 8.13
C5 P1W FA . -5.85 -6.18 9.58
H12 P1W FA . -6.96 -4.43 8.02
H11 P1W FA . -8.07 -5.20 6.90
H2 P1W FA . -6.04 -6.61 6.11
H43 P1W FA . -3.82 -7.81 8.47
H41 P1W FA . -4.77 -8.38 7.11
H42 P1W FA . -5.26 -8.77 8.76
H51 P1W FA . -5.25 -6.74 10.27
H52 P1W FA . -6.89 -6.27 9.87
H53 P1W FA . -5.57 -5.13 9.61
N ZAE A 1 -5.15 -16.37 -4.48
CA ZAE A 1 -6.31 -15.65 -3.85
C ZAE A 1 -5.91 -14.27 -3.32
O ZAE A 1 -6.39 -13.25 -3.81
CB ZAE A 1 -7.47 -15.51 -4.83
CG ZAE A 1 -8.83 -15.61 -4.18
CD1 ZAE A 1 -9.40 -16.84 -3.92
CD2 ZAE A 1 -9.54 -14.46 -3.84
CE1 ZAE A 1 -10.66 -16.93 -3.33
CE2 ZAE A 1 -10.79 -14.54 -3.25
CZ ZAE A 1 -11.35 -15.79 -3.00
C10 ZAE A 1 -4.61 -15.62 -5.64
H1 ZAE A 1 -5.44 -17.30 -4.81
HA ZAE A 1 -6.64 -16.25 -3.00
HB2 ZAE A 1 -7.41 -14.55 -5.32
HB3 ZAE A 1 -7.40 -16.29 -5.58
HD1 ZAE A 1 -8.86 -17.74 -4.18
HD2 ZAE A 1 -9.11 -13.50 -4.04
HE1 ZAE A 1 -11.09 -17.90 -3.12
HE2 ZAE A 1 -11.33 -13.65 -2.98
HZ ZAE A 1 -12.32 -15.85 -2.53
H11 ZAE A 1 -3.78 -16.16 -6.06
H12 ZAE A 1 -4.27 -14.64 -5.31
H13 ZAE A 1 -5.38 -15.50 -6.39
N ILE A 2 -5.01 -14.25 -2.35
CA ILE A 2 -4.56 -12.99 -1.77
C ILE A 2 -3.23 -12.58 -2.42
N SER A 3 -3.07 -11.28 -2.63
CA SER A 3 -1.83 -10.75 -3.17
C SER A 3 -1.60 -9.34 -2.66
N DAR A 4 -0.39 -8.85 -2.88
CA DAR A 4 -0.01 -7.53 -2.42
CB DAR A 4 0.07 -6.60 -3.62
CG DAR A 4 -1.19 -5.78 -3.80
CD DAR A 4 -0.96 -4.66 -4.78
NE DAR A 4 -1.08 -5.12 -6.14
CZ DAR A 4 -1.19 -4.32 -7.20
NH1 DAR A 4 -1.25 -4.85 -8.41
NH2 DAR A 4 -1.26 -3.01 -7.04
C DAR A 4 1.33 -7.52 -1.74
O DAR A 4 2.28 -8.11 -2.26
H DAR A 4 0.26 -9.38 -3.38
HA DAR A 4 -0.77 -7.17 -1.75
HB2 DAR A 4 0.22 -7.18 -4.51
HB3 DAR A 4 0.90 -5.93 -3.48
HG2 DAR A 4 -1.47 -5.36 -2.84
HG3 DAR A 4 -1.97 -6.42 -4.16
HD2 DAR A 4 0.04 -4.26 -4.63
HD3 DAR A 4 -1.68 -3.87 -4.60
HE DAR A 4 -1.04 -6.09 -6.28
HH11 DAR A 4 -1.34 -4.24 -9.24
HH12 DAR A 4 -1.21 -5.89 -8.53
HH21 DAR A 4 -1.31 -2.39 -7.88
HH22 DAR A 4 -1.26 -2.59 -6.09
N 28J A 5 1.44 -6.86 -0.59
CA 28J A 5 2.72 -6.79 0.10
CB 28J A 5 2.78 -7.78 1.29
CG2 28J A 5 1.40 -7.91 1.93
CG1 28J A 5 3.25 -9.17 0.83
CD1 28J A 5 4.73 -9.26 0.57
C 28J A 5 3.05 -5.36 0.54
O 28J A 5 2.15 -4.51 0.70
HA 28J A 5 3.47 -7.09 -0.61
H22 28J A 5 3.47 -7.40 2.03
H23 28J A 5 0.70 -8.27 1.20
H24 28J A 5 1.07 -6.95 2.30
H25 28J A 5 1.44 -8.61 2.76
H26 28J A 5 2.73 -9.44 -0.07
H27 28J A 5 3.00 -9.89 1.60
H28 28J A 5 5.28 -8.99 1.47
H29 28J A 5 5.01 -8.58 -0.22
H30 28J A 5 4.99 -10.27 0.29
N ILE A 6 4.36 -5.09 0.67
CA ILE A 6 4.90 -3.80 1.10
C ILE A 6 6.19 -3.40 0.33
N SER A 7 6.19 -2.18 -0.24
CA SER A 7 7.36 -1.64 -0.97
C SER A 7 7.28 -0.12 -1.02
N DTH A 8 8.36 0.51 -1.48
CA DTH A 8 8.43 1.96 -1.61
CB DTH A 8 8.12 2.49 -3.02
CG2 DTH A 8 6.76 2.02 -3.44
OG1 DTH A 8 9.13 2.08 -3.96
C DTH A 8 9.90 2.53 -1.41
O DTH A 8 9.97 3.75 -1.36
H DTH A 8 9.19 -0.02 -1.69
HA DTH A 8 7.77 2.41 -0.88
HB DTH A 8 8.14 3.59 -3.00
HG21 DTH A 8 6.02 2.40 -2.76
HG22 DTH A 8 6.73 0.94 -3.43
HG23 DTH A 8 6.55 2.38 -4.44
N ALA A 9 10.91 1.68 -1.39
CA ALA A 9 12.20 2.06 -1.35
C ALA A 9 12.66 2.22 -2.82
N LEU A 10 13.00 1.10 -3.44
CA LEU A 10 13.45 1.05 -4.85
C LEU A 10 12.48 1.73 -5.79
N ILE A 11 11.23 1.59 -5.43
CA ILE A 11 10.11 2.13 -6.23
C ILE A 11 9.00 2.57 -5.30
N ZAE B 1 7.44 6.03 0.73
CA ZAE B 1 7.99 5.03 1.68
C ZAE B 1 7.19 3.73 1.73
O ZAE B 1 7.38 2.86 0.89
CB ZAE B 1 9.42 4.73 1.27
CG ZAE B 1 10.26 4.18 2.38
CD1 ZAE B 1 10.27 4.80 3.60
CD2 ZAE B 1 11.04 3.05 2.20
CE1 ZAE B 1 11.05 4.34 4.61
CE2 ZAE B 1 11.83 2.57 3.22
CZ ZAE B 1 11.83 3.23 4.45
C10 ZAE B 1 7.47 5.51 -0.66
H1 ZAE B 1 8.01 6.89 0.76
HA ZAE B 1 8.00 5.47 2.66
HB2 ZAE B 1 9.42 4.02 0.47
HB3 ZAE B 1 9.89 5.64 0.94
HD1 ZAE B 1 9.66 5.68 3.75
HD2 ZAE B 1 11.04 2.54 1.24
HE1 ZAE B 1 11.05 4.86 5.56
HE2 ZAE B 1 12.44 1.69 3.10
HZ ZAE B 1 12.44 2.88 5.26
H11 ZAE B 1 7.03 6.23 -1.33
H12 ZAE B 1 6.91 4.59 -0.69
H13 ZAE B 1 8.49 5.31 -0.95
N ILE B 2 6.29 3.61 2.70
CA ILE B 2 5.52 2.37 2.85
C ILE B 2 4.37 2.33 1.88
N SER B 3 4.39 1.29 1.06
CA SER B 3 3.33 1.05 0.09
C SER B 3 3.08 -0.42 -0.03
N DAR B 4 1.95 -0.71 -0.64
CA DAR B 4 1.54 -2.07 -0.87
CB DAR B 4 2.00 -2.55 -2.24
CG DAR B 4 3.32 -3.31 -2.25
CD DAR B 4 3.40 -4.27 -3.42
NE DAR B 4 4.18 -3.71 -4.52
CZ DAR B 4 4.89 -4.46 -5.38
NH1 DAR B 4 4.94 -5.78 -5.24
NH2 DAR B 4 5.56 -3.87 -6.35
C DAR B 4 0.04 -2.16 -0.83
O DAR B 4 -0.63 -1.17 -1.16
H DAR B 4 1.35 0.04 -0.88
HA DAR B 4 1.96 -2.71 -0.10
HB2 DAR B 4 2.11 -1.69 -2.88
HB3 DAR B 4 1.24 -3.20 -2.66
HG2 DAR B 4 3.41 -3.86 -1.32
HG3 DAR B 4 4.12 -2.59 -2.32
HD2 DAR B 4 2.41 -4.49 -3.76
HD3 DAR B 4 3.88 -5.19 -3.08
HE DAR B 4 4.17 -2.74 -4.63
HH11 DAR B 4 5.49 -6.35 -5.91
HH12 DAR B 4 4.42 -6.24 -4.46
HH21 DAR B 4 6.12 -4.44 -7.03
HH22 DAR B 4 5.53 -2.84 -6.46
N 28J B 5 -0.50 -3.30 -0.40
CA 28J B 5 -1.94 -3.45 -0.33
CB 28J B 5 -2.48 -2.93 1.03
CG2 28J B 5 -1.50 -3.24 2.16
CG1 28J B 5 -2.72 -1.42 0.98
CD1 28J B 5 -3.78 -0.92 1.93
C 28J B 5 -2.40 -4.89 -0.55
O 28J B 5 -1.63 -5.85 -0.30
HA 28J B 5 -2.37 -2.83 -1.11
H22 28J B 5 -3.41 -3.42 1.25
H23 28J B 5 -0.55 -2.76 1.97
H24 28J B 5 -1.35 -4.31 2.22
H25 28J B 5 -1.91 -2.89 3.10
H26 28J B 5 -3.00 -1.14 -0.03
H27 28J B 5 -1.79 -0.91 1.22
H28 28J B 5 -3.46 -1.10 2.95
H29 28J B 5 -4.70 -1.44 1.74
H30 28J B 5 -3.92 0.14 1.77
N ILE B 6 -3.62 -5.03 -1.11
CA ILE B 6 -4.27 -6.34 -1.31
C ILE B 6 -5.01 -6.46 -2.66
N SER B 7 -4.88 -7.64 -3.29
CA SER B 7 -5.54 -7.91 -4.57
C SER B 7 -5.55 -9.39 -4.93
N DTH B 8 -6.54 -9.80 -5.74
CA DTH B 8 -6.62 -11.18 -6.24
CB DTH B 8 -6.06 -11.33 -7.69
CG2 DTH B 8 -4.62 -10.84 -7.71
OG1 DTH B 8 -6.86 -10.58 -8.62
C DTH B 8 -8.12 -11.69 -6.32
O DTH B 8 -8.31 -12.88 -6.05
H DTH B 8 -7.29 -9.17 -5.97
HA DTH B 8 -6.06 -11.83 -5.58
HB DTH B 8 -6.10 -12.38 -8.01
HG21 DTH B 8 -4.04 -11.44 -7.04
HG22 DTH B 8 -4.58 -9.80 -7.42
HG23 DTH B 8 -4.24 -10.95 -8.72
N ALA B 9 -9.04 -10.82 -6.71
CA ALA B 9 -10.41 -11.03 -6.92
C ALA B 9 -10.61 -10.95 -8.44
N LEU B 10 -10.82 -9.73 -8.95
CA LEU B 10 -10.95 -9.45 -10.40
C LEU B 10 -9.63 -9.68 -11.14
N ILE B 11 -8.55 -9.52 -10.39
CA ILE B 11 -7.19 -9.69 -10.94
C ILE B 11 -6.32 -10.47 -9.94
N ZAE C 1 -5.56 -4.44 -6.00
CA ZAE C 1 -6.20 -3.20 -6.48
C ZAE C 1 -5.84 -2.04 -5.57
O ZAE C 1 -5.51 -0.96 -6.04
CB ZAE C 1 -5.71 -2.88 -7.87
CG ZAE C 1 -6.81 -2.81 -8.86
CD1 ZAE C 1 -7.53 -3.95 -9.15
CD2 ZAE C 1 -7.05 -1.66 -9.59
CE1 ZAE C 1 -8.55 -3.92 -10.08
CE2 ZAE C 1 -8.08 -1.62 -10.52
CZ ZAE C 1 -8.79 -2.77 -10.81
C10 ZAE C 1 -4.12 -4.23 -5.83
H1 ZAE C 1 -5.70 -5.20 -6.69
HA ZAE C 1 -7.27 -3.34 -6.49
HB2 ZAE C 1 -5.21 -1.92 -7.86
HB3 ZAE C 1 -5.02 -3.63 -8.19
HD1 ZAE C 1 -7.34 -4.84 -8.59
HD2 ZAE C 1 -6.48 -0.77 -9.36
HE1 ZAE C 1 -9.12 -4.82 -10.30
HE2 ZAE C 1 -8.26 -0.71 -11.07
HZ ZAE C 1 -9.57 -2.75 -11.55
H11 ZAE C 1 -3.88 -3.20 -6.01
H12 ZAE C 1 -3.59 -4.85 -6.54
H13 ZAE C 1 -3.83 -4.50 -4.82
N ILE C 2 -5.87 -2.28 -4.28
CA ILE C 2 -5.57 -1.21 -3.37
C ILE C 2 -4.11 -1.20 -2.99
N SER C 3 -3.52 -0.05 -3.18
CA SER C 3 -2.14 0.15 -2.80
C SER C 3 -1.94 1.58 -2.36
N DAR C 4 -0.80 1.81 -1.75
CA DAR C 4 -0.44 3.11 -1.26
CB DAR C 4 0.56 3.76 -2.22
CG DAR C 4 -0.03 4.20 -3.54
CD DAR C 4 0.99 4.93 -4.37
NE DAR C 4 2.17 4.12 -4.60
CZ DAR C 4 3.01 4.32 -5.61
NH1 DAR C 4 2.79 5.30 -6.48
NH2 DAR C 4 4.07 3.55 -5.75
C DAR C 4 0.22 2.99 0.09
O DAR C 4 0.79 1.92 0.37
H DAR C 4 -0.18 1.04 -1.63
HA DAR C 4 -1.33 3.71 -1.18
HB2 DAR C 4 1.34 3.05 -2.41
HB3 DAR C 4 0.97 4.62 -1.73
HG2 DAR C 4 -0.88 4.84 -3.35
HG3 DAR C 4 -0.37 3.31 -4.08
HD2 DAR C 4 1.27 5.83 -3.85
HD3 DAR C 4 0.55 5.18 -5.32
HE DAR C 4 2.36 3.40 -3.97
HH11 DAR C 4 3.45 5.46 -7.27
HH12 DAR C 4 1.95 5.90 -6.38
HH21 DAR C 4 4.74 3.69 -6.53
HH22 DAR C 4 4.24 2.77 -5.06
N 28J C 5 0.14 4.04 0.93
CA 28J C 5 0.78 3.98 2.25
CB 28J C 5 -0.13 3.32 3.29
CG2 28J C 5 -1.58 3.62 3.00
CG1 28J C 5 0.13 1.80 3.33
CD1 28J C 5 -0.48 1.13 4.54
C 28J C 5 1.20 5.35 2.79
O 28J C 5 0.60 6.37 2.40
HA 28J C 5 1.67 3.36 2.15
H22 28J C 5 0.12 3.74 4.26
H23 28J C 5 -1.75 4.68 3.03
H24 28J C 5 -2.21 3.13 3.73
H25 28J C 5 -1.83 3.25 2.02
H26 28J C 5 1.19 1.62 3.35
H27 28J C 5 -0.29 1.36 2.45
H28 28J C 5 -0.17 0.09 4.55
H29 28J C 5 -1.56 1.18 4.48
H30 28J C 5 -0.15 1.61 5.43
N ILE C 6 2.27 5.35 3.61
CA ILE C 6 2.72 6.59 4.28
C ILE C 6 4.22 6.59 4.57
N SER C 7 4.87 7.72 4.30
CA SER C 7 6.30 7.85 4.59
C SER C 7 6.81 9.26 4.49
N DTH C 8 7.88 9.49 5.27
CA DTH C 8 8.61 10.75 5.34
CB DTH C 8 9.71 10.83 4.25
CG2 DTH C 8 9.10 10.54 2.90
OG1 DTH C 8 10.76 9.89 4.52
C DTH C 8 9.41 10.94 6.66
O DTH C 8 10.03 11.98 6.82
H DTH C 8 8.19 8.75 5.85
HA DTH C 8 7.90 11.56 5.20
HB DTH C 8 10.16 11.84 4.25
HG21 DTH C 8 9.85 10.58 2.13
HG22 DTH C 8 8.32 11.26 2.69
HG23 DTH C 8 8.66 9.54 2.92
N ALA C 9 9.48 9.89 7.52
CA ALA C 9 10.34 9.92 8.74
C ALA C 9 11.73 9.51 8.38
N LEU C 10 11.80 8.27 7.91
CA LEU C 10 13.06 7.66 7.52
C LEU C 10 13.53 8.30 6.24
N ILE C 11 12.65 8.31 5.27
CA ILE C 11 12.96 8.92 3.99
C ILE C 11 11.88 9.93 3.64
N ZAE D 1 6.73 16.70 3.03
CA ZAE D 1 7.66 15.69 3.67
C ZAE D 1 7.11 14.27 3.57
O ZAE D 1 7.78 13.37 3.04
CB ZAE D 1 9.05 15.76 3.04
CG ZAE D 1 10.14 15.24 3.96
CD1 ZAE D 1 10.43 15.89 5.15
CD2 ZAE D 1 10.88 14.12 3.63
CE1 ZAE D 1 11.42 15.42 6.00
CE2 ZAE D 1 11.87 13.64 4.47
CZ ZAE D 1 12.15 14.30 5.65
C10 ZAE D 1 6.52 16.40 1.59
H1 ZAE D 1 7.13 17.64 3.10
HA ZAE D 1 7.74 15.95 4.72
HB2 ZAE D 1 9.07 15.17 2.14
HB3 ZAE D 1 9.28 16.79 2.79
HD1 ZAE D 1 9.87 16.76 5.44
HD2 ZAE D 1 10.66 13.61 2.71
HE1 ZAE D 1 11.65 15.93 6.92
HE2 ZAE D 1 12.42 12.76 4.19
HZ ZAE D 1 12.91 13.92 6.30
H11 ZAE D 1 5.90 17.17 1.15
H12 ZAE D 1 6.03 15.43 1.49
H13 ZAE D 1 7.48 16.38 1.08
N ILE D 2 5.90 14.07 4.07
CA ILE D 2 5.26 12.75 4.04
C ILE D 2 4.42 12.61 2.78
N SER D 3 4.46 11.44 2.18
CA SER D 3 3.65 11.21 1.00
C SER D 3 3.20 9.75 0.90
N DAR D 4 2.26 9.50 -0.02
CA DAR D 4 1.69 8.18 -0.23
CB DAR D 4 2.24 7.50 -1.47
CG DAR D 4 3.64 6.98 -1.30
CD DAR D 4 4.19 6.51 -2.62
NE DAR D 4 4.35 7.62 -3.55
CZ DAR D 4 5.02 7.51 -4.66
NH1 DAR D 4 5.11 8.56 -5.48
NH2 DAR D 4 5.63 6.39 -4.92
C DAR D 4 0.21 8.26 -0.40
O DAR D 4 -0.29 8.89 -1.33
H DAR D 4 1.94 10.25 -0.60
HA DAR D 4 1.92 7.57 0.64
HB2 DAR D 4 2.22 8.19 -2.30
HB3 DAR D 4 1.60 6.65 -1.71
HG2 DAR D 4 3.63 6.17 -0.60
HG3 DAR D 4 4.26 7.78 -0.92
HD2 DAR D 4 3.52 5.78 -3.05
HD3 DAR D 4 5.15 6.06 -2.45
HE DAR D 4 3.91 8.46 -3.33
HH11 DAR D 4 5.70 8.49 -6.34
HH12 DAR D 4 4.57 9.42 -5.27
HH21 DAR D 4 6.14 6.26 -5.83
HH22 DAR D 4 5.63 5.62 -4.22
N 28J D 5 -0.51 7.62 0.49
CA 28J D 5 -1.95 7.61 0.38
CB 28J D 5 -2.67 8.14 1.67
CG2 28J D 5 -1.92 7.66 2.90
CG1 28J D 5 -2.74 9.68 1.70
CD1 28J D 5 -4.16 10.23 1.55
C 28J D 5 -2.44 6.24 -0.03
O 28J D 5 -1.64 5.35 -0.39
HA 28J D 5 -2.19 8.29 -0.43
H22 28J D 5 -3.66 7.74 1.69
H23 28J D 5 -0.92 8.06 2.88
H24 28J D 5 -1.89 6.58 2.90
H25 28J D 5 -2.43 8.01 3.79
H26 28J D 5 -2.15 10.09 0.90
H27 28J D 5 -2.36 10.03 2.65
H28 28J D 5 -4.60 9.84 0.64
H29 28J D 5 -4.12 11.31 1.50
H30 28J D 5 -4.75 9.92 2.40
N ILE D 6 -3.77 6.14 -0.07
CA ILE D 6 -4.51 4.91 -0.41
C ILE D 6 -5.37 5.03 -1.68
N SER D 7 -5.05 4.22 -2.73
CA SER D 7 -5.87 4.22 -3.98
C SER D 7 -5.76 2.88 -4.76
N DTH D 8 -6.75 2.67 -5.65
CA DTH D 8 -6.83 1.45 -6.51
CB DTH D 8 -6.19 1.62 -7.90
CG2 DTH D 8 -4.72 1.95 -7.74
OG1 DTH D 8 -6.86 2.64 -8.65
C DTH D 8 -8.28 1.01 -6.89
O DTH D 8 -8.39 -0.06 -7.48
H DTH D 8 -7.47 3.33 -5.70
HA DTH D 8 -6.35 0.64 -5.99
HB DTH D 8 -6.29 0.68 -8.47
HG21 DTH D 8 -4.60 2.83 -7.12
HG22 DTH D 8 -4.27 2.12 -8.71
HG23 DTH D 8 -4.22 1.12 -7.27
N ALA D 9 -9.29 1.86 -6.73
CA ALA D 9 -10.63 1.59 -7.18
C ALA D 9 -10.81 2.06 -8.59
N LEU D 10 -10.77 3.36 -8.69
CA LEU D 10 -10.93 4.02 -9.98
C LEU D 10 -9.65 3.94 -10.78
N ILE D 11 -8.55 3.94 -10.06
CA ILE D 11 -7.24 3.89 -10.70
C ILE D 11 -6.41 2.83 -9.99
N ALA E 1 19.11 -7.37 -1.87
CA ALA E 1 20.59 -7.33 -1.69
C ALA E 1 20.96 -7.40 -0.20
N DGL E 2 22.15 -6.73 0.14
CA DGL E 2 22.46 -6.63 1.60
C DGL E 2 21.25 -6.69 2.61
O DGL E 2 20.27 -5.87 2.38
CB DGL E 2 23.20 -7.87 2.04
CG DGL E 2 22.71 -9.26 1.43
CD DGL E 2 22.51 -10.35 2.51
OE1 DGL E 2 23.03 -11.45 2.39
H DGL E 2 22.55 -6.16 -0.55
HA DGL E 2 22.96 -5.67 1.64
HB2 DGL E 2 23.06 -7.87 3.11
HB3 DGL E 2 24.24 -7.71 1.81
HG2 DGL E 2 23.49 -9.62 0.77
HG3 DGL E 2 21.78 -9.17 0.85
N LYS E 3 21.76 -10.02 3.54
CA LYS E 3 21.45 -10.92 4.64
C LYS E 3 22.66 -11.31 5.50
N DAL E 4 23.54 -10.23 5.61
CA DAL E 4 24.89 -10.04 6.43
CB DAL E 4 26.37 -10.53 5.78
C DAL E 4 24.28 -10.36 7.98
O DAL E 4 24.60 -11.33 8.64
H DAL E 4 23.29 -9.48 5.02
HA DAL E 4 25.40 -9.08 6.40
HB1 DAL E 4 26.47 -10.10 4.78
HB2 DAL E 4 26.42 -11.62 5.69
HB3 DAL E 4 27.24 -10.16 6.41
N DAL E 5 23.29 -9.45 8.36
CA DAL E 5 22.54 -9.49 9.75
CB DAL E 5 23.76 -9.31 10.76
C DAL E 5 21.77 -10.90 9.90
O DAL E 5 21.84 -11.69 10.93
OXT DAL E 5 20.97 -11.06 8.97
H DAL E 5 22.99 -8.83 7.67
HA DAL E 5 21.76 -8.74 9.92
HB1 DAL E 5 24.46 -10.02 10.43
HB2 DAL E 5 23.42 -9.56 11.74
HB3 DAL E 5 24.24 -8.29 10.78
N ALA F 1 -16.80 -2.00 -5.53
CA ALA F 1 -18.19 -2.05 -6.08
C ALA F 1 -18.94 -3.28 -5.54
N DGL F 2 -19.93 -3.78 -6.39
CA DGL F 2 -20.58 -5.07 -5.99
C DGL F 2 -19.74 -6.05 -5.07
O DGL F 2 -20.13 -6.40 -3.94
CB DGL F 2 -21.72 -4.79 -5.05
CG DGL F 2 -21.45 -3.77 -3.86
CD DGL F 2 -21.96 -4.30 -2.49
OE1 DGL F 2 -22.90 -3.76 -1.92
H DGL F 2 -19.96 -3.41 -7.31
HA DGL F 2 -20.77 -5.51 -6.96
HB2 DGL F 2 -21.97 -5.76 -4.66
HB3 DGL F 2 -22.54 -4.43 -5.67
HG2 DGL F 2 -21.99 -2.86 -4.06
HG3 DGL F 2 -20.38 -3.52 -3.75
N LYS F 3 -21.33 -5.36 -2.00
CA LYS F 3 -21.68 -5.97 -0.73
C LYS F 3 -23.03 -6.73 -0.72
N DAL F 4 -23.15 -7.47 -1.91
CA DAL F 4 -24.26 -8.49 -2.39
CB DAL F 4 -25.82 -7.95 -2.75
C DAL F 4 -23.83 -9.81 -1.41
O DAL F 4 -24.38 -10.08 -0.35
H DAL F 4 -22.42 -7.29 -2.55
HA DAL F 4 -24.30 -8.78 -3.44
HB1 DAL F 4 -26.30 -7.65 -1.83
HB2 DAL F 4 -26.42 -8.72 -3.22
HB3 DAL F 4 -25.79 -7.03 -3.43
N DAL F 5 -22.72 -10.50 -1.91
CA DAL F 5 -22.08 -11.78 -1.23
CB DAL F 5 -23.28 -12.82 -1.35
C DAL F 5 -21.67 -11.42 0.30
O DAL F 5 -20.81 -10.53 0.33
OXT DAL F 5 -22.04 -12.08 1.35
H DAL F 5 -22.26 -10.08 -2.67
HA DAL F 5 -21.16 -12.16 -1.67
HB1 DAL F 5 -24.07 -12.32 -0.85
HB2 DAL F 5 -23.02 -13.70 -0.81
HB3 DAL F 5 -23.61 -13.10 -2.39
N ALA G 1 6.56 0.35 11.01
CA ALA G 1 7.15 -0.99 11.26
C ALA G 1 7.97 -1.00 12.58
N DGL G 2 9.33 -0.95 12.37
CA DGL G 2 10.34 -0.76 13.46
C DGL G 2 10.24 0.70 13.98
O DGL G 2 11.22 1.34 14.33
CB DGL G 2 9.87 -1.69 14.75
CG DGL G 2 9.60 -0.91 16.08
CD DGL G 2 10.90 -0.55 16.80
OE1 DGL G 2 11.68 -1.43 17.19
H DGL G 2 9.66 -0.86 11.42
HA DGL G 2 11.34 -0.99 13.08
HB2 DGL G 2 10.67 -2.37 14.87
HB3 DGL G 2 8.94 -2.26 14.50
HG2 DGL G 2 9.05 -1.54 16.76
HG3 DGL G 2 9.03 0.02 15.92
N LYS G 3 11.14 0.73 16.93
CA LYS G 3 12.31 1.25 17.57
C LYS G 3 13.62 0.79 16.88
N DAL G 4 13.50 0.97 15.50
CA DAL G 4 14.55 0.75 14.33
CB DAL G 4 14.95 -0.82 13.84
C DAL G 4 15.61 2.01 14.70
O DAL G 4 16.70 1.86 15.21
H DAL G 4 12.60 1.26 15.22
HA DAL G 4 14.22 0.80 13.30
HB1 DAL G 4 14.05 -1.33 13.52
HB2 DAL G 4 15.41 -1.39 14.65
HB3 DAL G 4 15.67 -0.81 12.94
N DAL G 5 15.03 3.27 14.47
CA DAL G 5 15.76 4.66 14.71
CB DAL G 5 16.95 4.54 13.66
C DAL G 5 16.25 4.72 16.25
O DAL G 5 15.29 4.64 17.02
OXT DAL G 5 17.47 5.00 16.65
H DAL G 5 14.07 3.26 14.24
HA DAL G 5 15.17 5.56 14.57
HB1 DAL G 5 17.38 3.61 13.87
HB2 DAL G 5 17.65 5.32 13.88
HB3 DAL G 5 16.66 4.60 12.57
N ALA H 1 -17.90 9.18 -5.95
CA ALA H 1 -19.33 8.80 -5.90
C ALA H 1 -19.83 8.72 -4.45
N DGL H 2 -20.95 7.90 -4.27
CA DGL H 2 -21.39 7.65 -2.85
C DGL H 2 -20.30 7.77 -1.73
O DGL H 2 -19.08 7.38 -2.07
CB DGL H 2 -22.29 8.76 -2.41
CG DGL H 2 -21.69 10.24 -2.47
CD DGL H 2 -21.66 10.93 -1.08
OE1 DGL H 2 -22.67 11.46 -0.63
H DGL H 2 -21.22 7.31 -5.02
HA DGL H 2 -21.78 6.63 -2.92
HB2 DGL H 2 -22.55 8.50 -1.41
HB3 DGL H 2 -23.17 8.70 -3.05
HG2 DGL H 2 -22.32 10.83 -3.11
HG3 DGL H 2 -20.66 10.26 -2.88
N LYS H 3 -20.52 10.88 -0.42
CA LYS H 3 -20.32 11.48 0.88
C LYS H 3 -21.15 10.84 2.03
N DAL H 4 -21.38 9.49 1.73
CA DAL H 4 -22.08 8.34 2.56
CB DAL H 4 -23.76 8.25 2.64
C DAL H 4 -20.98 8.25 3.84
O DAL H 4 -21.06 8.91 4.87
H DAL H 4 -21.08 9.24 0.82
HA DAL H 4 -22.23 7.36 2.11
HB1 DAL H 4 -24.12 9.09 3.24
HB2 DAL H 4 -24.09 7.33 3.12
HB3 DAL H 4 -24.24 8.34 1.61
N DAL H 5 -19.90 7.41 3.57
CA DAL H 5 -18.70 7.11 4.55
CB DAL H 5 -19.46 6.31 5.71
C DAL H 5 -18.07 8.52 5.05
O DAL H 5 -17.66 9.48 4.28
OXT DAL H 5 -18.18 8.63 6.28
H DAL H 5 -19.85 7.08 2.63
HA DAL H 5 -17.85 6.55 4.15
HB1 DAL H 5 -18.70 6.15 6.43
HB2 DAL H 5 -19.79 5.39 5.31
HB3 DAL H 5 -20.32 6.85 6.19
C1 MUB I . 15.37 -4.00 -1.13
C2 MUB I . 15.35 -5.29 -1.98
C3 MUB I . 15.99 -6.40 -1.14
C4 MUB I . 17.28 -5.96 -0.42
C5 MUB I . 16.98 -4.77 0.51
C6 MUB I . 17.91 -3.60 0.21
C7 MUB I . 13.26 -6.42 -1.65
C8 MUB I . 11.90 -6.80 -2.12
C9 MUB I . 16.98 -7.23 -3.15
C10 MUB I . 18.51 -7.22 -3.09
C11 MUB I . 16.23 -7.07 -4.53
O1 MUB I . 14.19 -3.35 -1.27
O3 MUB I . 16.24 -7.56 -1.97
O4 MUB I . 17.81 -7.08 0.35
O5 MUB I . 15.62 -4.31 0.25
O6 MUB I . 17.95 -3.31 -1.17
O7 MUB I . 13.61 -6.73 -0.50
O10 MUB I . 19.15 -7.21 -4.14
N2 MUB I . 14.02 -5.64 -2.40
H1 MUB I . 16.25 -3.36 -1.47
H2 MUB I . 15.85 -4.94 -2.90
HN2 MUB I . 13.71 -5.40 -3.32
H81 MUB I . 11.41 -7.38 -1.35
H82 MUB I . 11.98 -7.38 -3.02
H83 MUB I . 11.34 -5.88 -2.34
H3 MUB I . 15.27 -6.80 -0.42
H9 MUB I . 17.16 -6.19 -2.81
H111 MUB I . 15.64 -7.98 -4.80
H112 MUB I . 16.93 -6.91 -5.28
H113 MUB I . 15.59 -6.18 -4.48
H4 MUB I . 18.13 -5.89 -1.08
H5 MUB I . 17.08 -4.96 1.53
H61 MUB I . 18.96 -3.96 0.41
H62 MUB I . 17.73 -2.68 0.84
HO6 MUB I . 18.79 -2.98 -1.51
C1 NAG I . 16.87 -7.70 1.23
C2 NAG I . 17.56 -8.78 2.04
C3 NAG I . 16.54 -9.48 2.91
C4 NAG I . 15.76 -8.43 3.74
C5 NAG I . 15.20 -7.33 2.86
C6 NAG I . 14.52 -6.22 3.66
C7 NAG I . 17.53 -10.38 0.19
C8 NAG I . 18.29 -11.34 -0.71
N2 NAG I . 18.21 -9.73 1.14
O3 NAG I . 17.23 -10.36 3.77
O4 NAG I . 14.70 -9.08 4.41
O5 NAG I . 16.25 -6.73 2.08
O6 NAG I . 14.29 -5.06 2.86
O7 NAG I . 16.30 -10.35 0.12
H1 NAG I . 16.12 -8.15 0.52
H2 NAG I . 18.46 -8.54 2.60
H3 NAG I . 15.80 -10.04 2.32
H4 NAG I . 16.47 -8.18 4.58
H5 NAG I . 14.42 -7.67 2.19
H61 NAG I . 15.16 -5.88 4.49
H62 NAG I . 13.62 -6.63 4.10
H81 NAG I . 18.75 -12.10 -0.08
H82 NAG I . 19.06 -10.82 -1.24
H83 NAG I . 17.60 -11.79 -1.41
HN2 NAG I . 19.18 -9.79 1.17
HO3 NAG I . 17.64 -11.03 3.23
HO4 NAG I . 15.03 -9.86 4.87
HO6 NAG I . 14.89 -5.15 2.11
C1 MUB J . -12.29 -4.78 -5.81
C2 MUB J . -12.58 -3.31 -5.39
C3 MUB J . -13.83 -3.33 -4.51
C4 MUB J . -15.01 -4.09 -5.15
C5 MUB J . -14.58 -5.50 -5.51
C6 MUB J . -14.68 -5.71 -7.01
C7 MUB J . -11.26 -2.99 -3.44
C8 MUB J . -10.12 -2.37 -2.73
C9 MUB J . -14.47 -1.16 -5.32
C10 MUB J . -15.88 -1.06 -5.91
C11 MUB J . -13.32 -0.21 -5.85
O1 MUB J . -10.98 -5.10 -5.51
O3 MUB J . -14.23 -1.98 -4.16
O4 MUB J . -16.13 -4.09 -4.20
O5 MUB J . -13.18 -5.68 -5.14
O6 MUB J . -16.03 -5.84 -7.42
O7 MUB J . -11.94 -3.83 -2.86
O10 MUB J . -16.16 -0.13 -6.67
N2 MUB J . -11.47 -2.71 -4.72
H1 MUB J . -12.44 -4.88 -6.92
H2 MUB J . -12.65 -2.78 -6.37
HN2 MUB J . -10.89 -2.01 -5.16
H81 MUB J . -10.23 -1.28 -2.79
H82 MUB J . -9.21 -2.65 -3.21
H83 MUB J . -10.13 -2.71 -1.71
H3 MUB J . -13.61 -3.72 -3.51
H9 MUB J . -14.44 -2.03 -5.99
H111 MUB J . -12.96 0.50 -5.05
H112 MUB J . -13.67 0.35 -6.64
H113 MUB J . -12.51 -0.84 -6.22
H4 MUB J . -15.58 -3.50 -5.87
H5 MUB J . -15.16 -6.26 -5.04
H61 MUB J . -14.29 -6.73 -7.18
H62 MUB J . -14.08 -5.02 -7.66
HO6 MUB J . -16.66 -5.99 -6.71
C1 NAG J . -15.81 -4.55 -2.89
C2 NAG J . -17.03 -4.51 -1.99
C3 NAG J . -16.62 -4.94 -0.59
C4 NAG J . -15.89 -6.30 -0.66
C5 NAG J . -14.73 -6.26 -1.65
C6 NAG J . -14.04 -7.60 -1.80
C7 NAG J . -16.88 -2.09 -1.63
C8 NAG J . -17.56 -0.73 -1.66
N2 NAG J . -17.60 -3.16 -1.97
O3 NAG J . -17.77 -5.05 0.21
O4 NAG J . -15.38 -6.61 0.64
O5 NAG J . -15.22 -5.86 -2.94
O6 NAG J . -13.06 -7.57 -2.83
O7 NAG J . -15.73 -2.18 -1.17
H1 NAG J . -15.07 -3.79 -2.53
H2 NAG J . -17.93 -5.04 -2.32
H3 NAG J . -15.92 -4.22 -0.12
H4 NAG J . -16.72 -7.04 -0.77
H5 NAG J . -13.93 -5.60 -1.34
H61 NAG J . -14.75 -8.40 -2.07
H62 NAG J . -13.63 -7.88 -0.82
H81 NAG J . -17.92 -0.55 -2.67
H82 NAG J . -16.85 0.03 -1.40
H83 NAG J . -18.37 -0.73 -0.95
HN2 NAG J . -18.49 -3.05 -2.33
HO3 NAG J . -18.14 -4.18 0.31
HO4 NAG J . -16.03 -6.38 1.32
HO6 NAG J . -13.41 -6.96 -3.47
C1 MUB K . 8.26 4.99 9.28
C2 MUB K . 6.80 4.51 9.41
C3 MUB K . 6.64 3.76 10.74
C4 MUB K . 7.83 2.88 11.10
C5 MUB K . 9.14 3.67 11.12
C6 MUB K . 10.21 2.99 10.29
C7 MUB K . 5.34 6.17 10.41
C8 MUB K . 4.36 7.28 10.28
C9 MUB K . 5.32 2.07 9.68
C10 MUB K . 5.87 0.64 9.88
C11 MUB K . 4.45 2.43 8.42
O1 MUB K . 8.32 6.24 8.72
O3 MUB K . 5.41 3.01 10.76
O4 MUB K . 7.58 2.27 12.41
O5 MUB K . 8.91 4.99 10.55
O6 MUB K . 9.72 2.61 9.01
O7 MUB K . 5.72 5.82 11.53
O10 MUB K . 5.56 -0.23 9.06
N2 MUB K . 5.86 5.61 9.31
H1 MUB K . 8.83 4.29 8.61
H2 MUB K . 6.62 3.95 8.48
HN2 MUB K . 5.53 5.93 8.42
H81 MUB K . 3.41 6.88 9.95
H82 MUB K . 4.72 7.98 9.56
H83 MUB K . 4.26 7.76 11.24
H3 MUB K . 6.45 4.44 11.56
H9 MUB K . 6.39 2.26 9.36
H111 MUB K . 3.42 2.74 8.70
H112 MUB K . 4.38 1.61 7.80
H113 MUB K . 4.96 3.22 7.87
H4 MUB K . 7.80 1.92 10.60
H5 MUB K . 9.55 3.75 12.06
H61 MUB K . 10.41 2.02 10.80
H62 MUB K . 11.19 3.56 10.24
HO6 MUB K . 10.11 1.78 8.72
C1 NAG K . 7.06 3.17 13.39
C2 NAG K . 7.01 2.47 14.74
C3 NAG K . 6.45 3.40 15.79
C4 NAG K . 7.22 4.73 15.77
C5 NAG K . 7.28 5.31 14.36
C6 NAG K . 8.10 6.59 14.27
C7 NAG K . 4.92 1.27 14.29
C8 NAG K . 4.18 -0.04 14.21
N2 NAG K . 6.20 1.25 14.65
O3 NAG K . 6.59 2.78 17.06
O4 NAG K . 6.57 5.66 16.63
O5 NAG K . 7.86 4.36 13.46
O6 NAG K . 8.23 7.06 12.95
O7 NAG K . 4.30 2.33 14.15
H1 NAG K . 6.04 3.40 13.02
H2 NAG K . 7.89 1.97 15.10
H3 NAG K . 5.39 3.64 15.62
H4 NAG K . 8.18 4.51 16.33
H5 NAG K . 6.30 5.61 13.99
H61 NAG K . 9.12 6.44 14.65
H62 NAG K . 7.65 7.33 14.95
H81 NAG K . 3.16 0.16 13.89
H82 NAG K . 4.16 -0.51 15.18
H83 NAG K . 4.67 -0.69 13.49
HN2 NAG K . 6.67 0.40 14.75
HO3 NAG K . 6.14 1.95 17.03
HO4 NAG K . 6.31 5.23 17.44
HO6 NAG K . 7.42 6.78 12.51
C1 MUB L . -13.62 6.78 -4.95
C2 MUB L . -13.59 8.21 -5.56
C3 MUB L . -14.70 9.03 -4.88
C4 MUB L . -15.88 8.20 -4.34
C5 MUB L . -15.44 7.08 -3.39
C6 MUB L . -16.18 5.78 -3.71
C7 MUB L . -12.07 9.63 -4.38
C8 MUB L . -10.75 10.32 -4.25
C9 MUB L . -15.68 9.59 -7.00
C10 MUB L . -17.17 9.23 -7.10
C11 MUB L . -14.78 9.61 -8.29
O1 MUB L . -12.41 6.16 -5.10
O3 MUB L . -15.15 10.08 -5.76
O4 MUB L . -16.78 9.14 -3.67
O5 MUB L . -14.02 6.82 -3.58
O6 MUB L . -15.92 5.35 -5.03
O7 MUB L . -12.84 9.65 -3.42
O10 MUB L . -17.69 9.10 -8.21
N2 MUB L . -12.30 8.84 -5.42
H1 MUB L . -14.33 6.14 -5.54
H2 MUB L . -13.68 8.01 -6.65
HN2 MUB L . -11.64 8.83 -6.19
H81 MUB L . -10.74 10.90 -3.34
H82 MUB L . -10.61 10.98 -5.09
H83 MUB L . -9.97 9.57 -4.25
H3 MUB L . -14.29 9.62 -4.08
H9 MUB L . -15.64 8.54 -6.64
H111 MUB L . -14.29 10.60 -8.46
H112 MUB L . -15.36 9.40 -9.13
H113 MUB L . -14.02 8.83 -8.20
H4 MUB L . -16.59 7.97 -5.13
H5 MUB L . -15.62 7.27 -2.40
H61 MUB L . -17.26 6.06 -3.74
H62 MUB L . -16.08 4.97 -2.94
HO6 MUB L . -15.48 4.50 -5.09
C1 NAG L . -16.16 9.97 -2.70
C2 NAG L . -17.13 10.93 -2.10
C3 NAG L . -16.38 11.87 -1.18
C4 NAG L . -15.57 11.06 -0.16
C5 NAG L . -14.69 10.02 -0.84
C6 NAG L . -13.98 9.11 0.15
C7 NAG L . -17.13 12.38 -4.07
C8 NAG L . -17.91 13.10 -5.14
N2 NAG L . -17.82 11.67 -3.16
O3 NAG L . -17.31 12.70 -0.52
O4 NAG L . -14.75 11.96 0.59
O5 NAG L . -15.48 9.19 -1.71
O6 NAG L . -13.26 8.08 -0.50
O7 NAG L . -15.92 12.57 -3.96
H1 NAG L . -15.42 10.55 -3.32
H2 NAG L . -18.05 10.58 -1.63
H3 NAG L . -15.66 12.50 -1.75
H4 NAG L . -16.35 10.74 0.58
H5 NAG L . -13.87 10.46 -1.42
H61 NAG L . -14.68 8.61 0.83
H62 NAG L . -13.34 9.74 0.78
H81 NAG L . -18.46 12.37 -5.73
H82 NAG L . -17.24 13.64 -5.79
H83 NAG L . -18.59 13.80 -4.68
HN2 NAG L . -18.77 11.54 -3.26
HO3 NAG L . -17.72 13.25 -1.18
HO4 NAG L . -15.28 12.68 0.91
HO6 NAG L . -13.70 7.97 -1.36
P 2PO M . 13.86 -2.52 -2.61
O1P 2PO M . 14.15 -1.10 -2.35
O2P 2PO M . 14.53 -3.17 -3.77
O3P 2PO M . 12.28 -2.71 -2.72
P 2PO N . 11.32 -1.75 -1.88
O1P 2PO N . 11.90 -1.50 -0.55
O2P 2PO N . 10.99 -0.59 -2.74
O3P 2PO N . 9.99 -2.62 -1.70
C1 P1W O . 9.98 -3.75 -0.81
C2 P1W O . 10.03 -3.27 0.61
C3 P1W O . 10.55 -3.98 1.64
C4 P1W O . 10.55 -3.46 3.06
C5 P1W O . 11.27 -5.34 1.49
H12 P1W O . 10.85 -4.36 -1.00
H11 P1W O . 9.09 -4.32 -0.97
H2 P1W O . 10.20 -2.22 0.63
H41 P1W O . 11.54 -3.11 3.30
H42 P1W O . 9.86 -2.63 3.12
H51 P1W O . 11.62 -5.46 0.47
H52 P1W O . 10.58 -6.14 1.73
H53 P1W O . 12.12 -5.38 2.17
C1 P1W P . 10.13 -4.53 4.08
C2 P1W P . 11.21 -4.79 5.12
C3 P1W P . 11.20 -4.26 6.37
C4 P1W P . 12.28 -4.53 7.39
C5 P1W P . 10.12 -3.31 6.88
H12 P1W P . 9.24 -4.19 4.57
H11 P1W P . 9.92 -5.44 3.56
H2 P1W P . 12.11 -5.23 4.73
H41 P1W P . 11.91 -4.26 8.37
H42 P1W P . 12.53 -5.57 7.39
H51 P1W P . 10.33 -3.06 7.90
H52 P1W P . 9.15 -3.80 6.81
H53 P1W P . 10.09 -2.41 6.28
C1 P1W Q . 13.55 -3.72 7.11
C2 P1W Q . 13.37 -2.27 7.48
C3 P1W Q . 14.11 -1.25 7.02
C4 P1W Q . 13.86 0.21 7.42
C5 P1W Q . 15.28 -1.43 6.05
H12 P1W Q . 14.36 -4.14 7.69
H11 P1W Q . 13.79 -3.78 6.06
H2 P1W Q . 12.55 -2.09 8.16
H43 P1W Q . 14.68 0.57 8.04
H41 P1W Q . 12.93 0.27 7.99
H42 P1W Q . 13.79 0.82 6.53
H51 P1W Q . 16.05 -2.01 6.54
H52 P1W Q . 15.67 -0.46 5.79
H53 P1W Q . 14.96 -1.95 5.16
C1 P1W R . -11.26 -9.89 0.21
C2 P1W R . -12.75 -10.15 0.13
C3 P1W R . -13.28 -11.24 -0.47
C4 P1W R . -14.77 -11.47 -0.53
C5 P1W R . -12.47 -12.34 -1.14
H12 P1W R . -10.72 -10.79 -0.04
H11 P1W R . -11.01 -9.59 1.22
H2 P1W R . -13.36 -9.31 0.38
H41 P1W R . -15.20 -11.38 0.47
H42 P1W R . -14.96 -12.47 -0.91
H51 P1W R . -13.14 -12.97 -1.70
H52 P1W R . -11.96 -12.93 -0.39
H53 P1W R . -11.74 -11.90 -1.81
C1 P1W S . -15.46 -10.45 -1.45
C2 P1W S . -16.77 -10.99 -1.96
C3 P1W S . -17.75 -10.24 -2.49
C4 P1W S . -19.06 -10.84 -3.02
C5 P1W S . -17.66 -8.72 -2.62
H12 P1W S . -15.63 -9.55 -0.89
H11 P1W S . -14.81 -10.24 -2.28
H2 P1W S . -16.87 -12.05 -1.90
H43 P1W S . -19.83 -10.74 -2.27
H41 P1W S . -18.92 -11.89 -3.25
H42 P1W S . -19.36 -10.31 -3.91
H51 P1W S . -18.34 -8.39 -3.40
H52 P1W S . -16.65 -8.45 -2.89
H53 P1W S . -17.92 -8.24 -1.68
P 2PO T . -9.75 -4.63 -6.45
O1P 2PO T . -10.21 -4.57 -7.85
O2P 2PO T . -9.14 -3.41 -5.88
O3P 2PO T . -8.69 -5.84 -6.33
P 2PO U . -9.16 -7.33 -5.97
O1P 2PO U . -10.58 -7.31 -5.53
O2P 2PO U . -8.80 -8.21 -7.10
O3P 2PO U . -8.20 -7.70 -4.73
C1 P1W V . -8.46 -8.86 -3.93
C2 P1W V . -9.52 -8.51 -2.88
C3 P1W V . -9.78 -9.24 -1.75
C4 P1W V . -10.82 -8.79 -0.76
C5 P1W V . -9.12 -10.59 -1.40
H12 P1W V . -7.54 -9.14 -3.45
H11 P1W V . -8.82 -9.65 -4.55
H2 P1W V . -10.32 -7.90 -3.27
H41 P1W V . -11.68 -8.43 -1.29
H42 P1W V . -10.41 -7.97 -0.18
H51 P1W V . -8.88 -10.61 -0.35
H52 P1W V . -8.22 -10.70 -1.98
H53 P1W V . -9.81 -11.40 -1.63
P 2PO W . 8.52 6.48 7.12
O1P 2PO W . 9.96 6.67 6.84
O2P 2PO W . 7.80 5.43 6.37
O3P 2PO W . 7.76 7.87 6.85
P 2PO X . 6.71 8.47 7.89
O1P 2PO X . 5.35 7.90 7.52
O2P 2PO X . 7.23 8.25 9.25
O3P 2PO X . 6.81 10.02 7.55
C1 P1W Y . 5.71 10.90 7.79
C2 P1W Y . 5.09 10.62 9.14
C3 P1W Y . 4.09 11.34 9.68
C4 P1W Y . 3.48 11.06 11.05
C5 P1W Y . 3.47 12.53 8.94
H12 P1W Y . 4.97 10.75 7.01
H11 P1W Y . 6.07 11.92 7.74
H2 P1W Y . 5.23 9.61 9.48
H41 P1W Y . 3.49 9.99 11.24
H42 P1W Y . 2.47 11.42 11.07
H51 P1W Y . 3.92 12.62 7.97
H52 P1W Y . 3.64 13.42 9.51
H53 P1W Y . 2.40 12.36 8.84
C1 P1W Z . 4.30 11.77 12.14
C2 P1W Z . 5.76 11.33 12.11
C3 P1W Z . 6.73 12.03 11.49
C4 P1W Z . 8.18 11.59 11.46
C5 P1W Z . 6.49 13.36 10.77
H12 P1W Z . 4.25 12.84 11.95
H11 P1W Z . 3.88 11.55 13.11
H2 P1W Z . 5.89 10.28 12.29
H41 P1W Z . 8.54 11.58 10.44
H42 P1W Z . 8.26 10.58 11.87
H51 P1W Z . 6.02 14.05 11.45
H52 P1W Z . 5.85 13.20 9.91
H53 P1W Z . 7.43 13.78 10.43
C1 P1W AA . 9.08 12.51 12.29
C2 P1W AA . 10.49 12.51 11.76
C3 P1W AA . 11.48 11.73 12.19
C4 P1W AA . 12.90 11.77 11.61
C5 P1W AA . 11.31 10.70 13.32
H12 P1W AA . 8.68 13.52 12.24
H11 P1W AA . 9.09 12.19 13.32
H2 P1W AA . 10.69 13.33 11.08
H43 P1W AA . 13.57 12.28 12.29
H41 P1W AA . 12.88 12.31 10.66
H42 P1W AA . 13.25 10.77 11.43
H51 P1W AA . 10.61 9.95 13.01
H52 P1W AA . 10.94 11.21 14.19
H53 P1W AA . 12.27 10.25 13.56
P 2PO BA . -12.12 4.79 -4.29
O1P 2PO BA . -11.71 5.17 -2.92
O2P 2PO BA . -13.26 3.85 -4.43
O3P 2PO BA . -10.86 4.15 -5.05
P 2PO CA . -9.52 4.99 -5.35
O1P 2PO CA . -9.08 4.61 -6.70
O2P 2PO CA . -9.73 6.44 -5.05
O3P 2PO CA . -8.48 4.44 -4.28
C1 P1W DA . -8.93 3.86 -3.05
C2 P1W DA . -9.24 4.96 -2.03
C3 P1W DA . -9.79 4.77 -0.81
C4 P1W DA . -10.03 5.96 0.08
C5 P1W DA . -10.17 3.40 -0.19
H12 P1W DA . -8.17 3.22 -2.67
H11 P1W DA . -9.83 3.30 -3.25
H2 P1W DA . -8.76 5.90 -2.23
H41 P1W DA . -11.07 6.24 0.02
H42 P1W DA . -9.40 6.78 -0.23
H51 P1W DA . -10.34 2.68 -0.98
H52 P1W DA . -11.08 3.52 0.37
H53 P1W DA . -9.38 3.05 0.47
C1 P1W EA . -9.70 5.63 1.54
C2 P1W EA . -10.58 6.42 2.47
C3 P1W EA . -10.28 6.67 3.75
C4 P1W EA . -11.18 7.45 4.69
C5 P1W EA . -8.97 6.23 4.40
H12 P1W EA . -9.87 4.58 1.70
H11 P1W EA . -8.66 5.87 1.74
H2 P1W EA . -11.61 6.51 2.14
H41 P1W EA . -12.20 7.38 4.36
H42 P1W EA . -10.87 8.49 4.68
H51 P1W EA . -8.85 6.74 5.33
H52 P1W EA . -8.14 6.47 3.74
H53 P1W EA . -8.98 5.16 4.57
C1 P1W FA . -11.08 6.92 6.12
C2 P1W FA . -12.30 7.30 6.91
C3 P1W FA . -13.09 6.43 7.56
C4 P1W FA . -14.33 6.89 8.37
C5 P1W FA . -12.87 4.92 7.58
H12 P1W FA . -10.99 5.85 6.09
H11 P1W FA . -10.21 7.34 6.60
H2 P1W FA . -12.54 8.35 6.88
H43 P1W FA . -14.21 6.59 9.40
H41 P1W FA . -15.21 6.44 7.95
H42 P1W FA . -14.41 7.96 8.31
H51 P1W FA . -13.73 4.44 7.99
H52 P1W FA . -12.00 4.71 8.18
H53 P1W FA . -12.69 4.56 6.57
N ZAE A 1 -8.18 -13.92 -1.37
CA ZAE A 1 -7.91 -13.10 -0.13
C ZAE A 1 -7.23 -11.77 -0.48
O ZAE A 1 -7.80 -10.93 -1.18
CB ZAE A 1 -9.20 -12.84 0.66
CG ZAE A 1 -9.01 -11.97 1.88
CD1 ZAE A 1 -8.43 -12.48 3.02
CD2 ZAE A 1 -9.46 -10.66 1.88
CE1 ZAE A 1 -8.25 -11.68 4.15
CE2 ZAE A 1 -9.28 -9.85 2.99
CZ ZAE A 1 -8.70 -10.37 4.14
C10 ZAE A 1 -9.27 -13.32 -2.16
H1 ZAE A 1 -8.46 -14.87 -1.09
HA ZAE A 1 -7.23 -13.66 0.49
HB2 ZAE A 1 -9.91 -12.36 0.01
HB3 ZAE A 1 -9.61 -13.79 0.98
HD1 ZAE A 1 -8.07 -13.50 3.04
HD2 ZAE A 1 -9.91 -10.25 0.99
HE1 ZAE A 1 -7.80 -12.08 5.03
HE2 ZAE A 1 -9.63 -8.83 2.98
HZ ZAE A 1 -8.58 -9.74 5.01
H11 ZAE A 1 -9.34 -13.82 -3.12
H12 ZAE A 1 -9.08 -12.28 -2.32
H13 ZAE A 1 -10.20 -13.44 -1.63
N ILE A 2 -6.03 -11.58 0.02
CA ILE A 2 -5.31 -10.33 -0.19
C ILE A 2 -3.91 -10.53 -0.77
N SER A 3 -3.59 -9.87 -1.91
CA SER A 3 -2.25 -9.99 -2.48
C SER A 3 -1.54 -8.64 -2.54
N DAR A 4 -0.23 -8.68 -2.20
CA DAR A 4 0.66 -7.52 -2.20
CB DAR A 4 1.62 -7.61 -3.39
CG DAR A 4 0.94 -7.70 -4.73
CD DAR A 4 0.26 -6.39 -5.04
NE DAR A 4 -0.23 -6.34 -6.39
CZ DAR A 4 -0.71 -5.23 -6.96
NH1 DAR A 4 -1.12 -5.25 -8.21
NH2 DAR A 4 -0.81 -4.10 -6.24
C DAR A 4 1.52 -7.47 -0.95
O DAR A 4 2.38 -8.33 -0.76
H DAR A 4 0.14 -9.56 -1.93
HA DAR A 4 0.07 -6.63 -2.28
HB2 DAR A 4 2.26 -8.48 -3.27
HB3 DAR A 4 2.25 -6.73 -3.39
HG2 DAR A 4 0.21 -8.48 -4.71
HG3 DAR A 4 1.69 -7.91 -5.49
HD2 DAR A 4 0.98 -5.59 -4.90
HD3 DAR A 4 -0.55 -6.25 -4.36
HE DAR A 4 -0.20 -7.16 -6.91
HH11 DAR A 4 -1.46 -4.38 -8.66
HH12 DAR A 4 -1.11 -6.13 -8.75
HH21 DAR A 4 -1.18 -3.24 -6.69
HH22 DAR A 4 -0.53 -4.09 -5.25
N 28J A 5 1.33 -6.46 -0.12
CA 28J A 5 2.15 -6.36 1.09
CB 28J A 5 1.32 -6.53 2.37
CG2 28J A 5 -0.16 -6.69 2.02
CG1 28J A 5 1.82 -7.74 3.14
CD1 28J A 5 3.13 -7.52 3.85
C 28J A 5 2.94 -5.05 1.17
O 28J A 5 2.42 -3.98 0.82
HA 28J A 5 2.87 -7.18 1.06
H22 28J A 5 1.43 -5.65 2.98
H23 28J A 5 -0.29 -7.59 1.42
H24 28J A 5 -0.50 -5.84 1.45
H25 28J A 5 -0.74 -6.78 2.93
H26 28J A 5 1.94 -8.58 2.46
H27 28J A 5 1.08 -8.01 3.89
H28 28J A 5 3.04 -6.69 4.52
H29 28J A 5 3.90 -7.32 3.12
H30 28J A 5 3.39 -8.41 4.41
N ILE A 6 4.21 -5.15 1.62
CA ILE A 6 5.08 -3.98 1.80
C ILE A 6 6.13 -3.88 0.71
N SER A 7 6.29 -2.68 0.18
CA SER A 7 7.35 -2.42 -0.78
C SER A 7 8.11 -1.12 -0.52
N DTH A 8 9.22 -1.02 -1.32
CA DTH A 8 10.15 0.13 -1.32
CB DTH A 8 10.09 0.91 -2.66
CG2 DTH A 8 8.66 1.38 -2.90
OG1 DTH A 8 10.54 0.09 -3.74
C DTH A 8 11.63 -0.28 -1.18
O DTH A 8 12.44 0.46 -0.62
H DTH A 8 9.43 -1.77 -1.91
HA DTH A 8 9.84 0.81 -0.53
HB DTH A 8 10.76 1.78 -2.60
HG21 DTH A 8 8.35 2.04 -2.11
HG22 DTH A 8 7.99 0.52 -2.94
HG23 DTH A 8 8.62 1.90 -3.85
N ALA A 9 12.02 -1.39 -1.83
CA ALA A 9 13.42 -1.89 -1.88
C ALA A 9 13.99 -1.68 -3.22
N LEU A 10 13.49 -2.51 -4.10
CA LEU A 10 13.89 -2.50 -5.48
C LEU A 10 13.00 -1.56 -6.23
N ILE A 11 11.92 -1.18 -5.56
CA ILE A 11 10.97 -0.24 -6.14
C ILE A 11 10.46 0.68 -5.04
N ZAE B 1 8.47 4.90 4.50
CA ZAE B 1 7.51 4.01 5.21
C ZAE B 1 7.28 2.68 4.48
O ZAE B 1 8.22 1.94 4.20
CB ZAE B 1 7.99 3.76 6.65
CG ZAE B 1 7.16 2.71 7.36
CD1 ZAE B 1 5.95 3.03 7.96
CD2 ZAE B 1 7.66 1.42 7.51
CE1 ZAE B 1 5.19 2.04 8.57
CE2 ZAE B 1 6.91 0.43 8.13
CZ ZAE B 1 5.70 0.76 8.72
C10 ZAE B 1 9.78 4.24 4.32
H1 ZAE B 1 8.62 5.77 5.04
HA ZAE B 1 6.57 4.53 5.26
HB2 ZAE B 1 9.01 3.44 6.63
HB3 ZAE B 1 7.91 4.67 7.21
HD1 ZAE B 1 5.57 4.03 7.86
HD2 ZAE B 1 8.60 1.16 7.06
HE1 ZAE B 1 4.24 2.30 9.03
HE2 ZAE B 1 7.31 -0.57 8.23
HZ ZAE B 1 5.12 0.00 9.21
H11 ZAE B 1 10.39 4.81 3.63
H12 ZAE B 1 9.62 3.24 3.92
H13 ZAE B 1 10.28 4.17 5.27
N ILE B 2 6.02 2.42 4.13
CA ILE B 2 5.65 1.16 3.46
C ILE B 2 4.81 1.39 2.21
N SER B 3 5.03 0.57 1.18
CA SER B 3 4.26 0.71 -0.05
C SER B 3 3.57 -0.58 -0.46
N DAR B 4 2.61 -0.40 -1.38
CA DAR B 4 1.84 -1.51 -1.95
CB DAR B 4 1.74 -1.35 -3.48
CG DAR B 4 3.06 -1.40 -4.20
CD DAR B 4 3.56 -2.82 -4.31
NE DAR B 4 4.71 -2.93 -5.19
CZ DAR B 4 5.44 -4.04 -5.31
NH1 DAR B 4 5.19 -5.10 -4.55
NH2 DAR B 4 6.47 -4.06 -6.15
C DAR B 4 0.42 -1.54 -1.42
O DAR B 4 -0.34 -0.57 -1.59
H DAR B 4 2.40 0.52 -1.67
HA DAR B 4 2.33 -2.43 -1.72
HB2 DAR B 4 1.26 -0.42 -3.71
HB3 DAR B 4 1.13 -2.16 -3.85
HG2 DAR B 4 3.80 -0.81 -3.65
HG3 DAR B 4 2.94 -0.98 -5.18
HD2 DAR B 4 2.76 -3.43 -4.71
HD3 DAR B 4 3.83 -3.17 -3.34
HE DAR B 4 4.93 -2.15 -5.74
HH11 DAR B 4 5.75 -5.97 -4.66
HH12 DAR B 4 4.43 -5.07 -3.85
HH21 DAR B 4 7.02 -4.94 -6.26
HH22 DAR B 4 6.72 -3.23 -6.70
N 28J B 5 0.05 -2.65 -0.79
CA 28J B 5 -1.31 -2.76 -0.27
CB 28J B 5 -1.38 -2.34 1.20
CG2 28J B 5 -0.03 -1.81 1.67
CG1 28J B 5 -2.46 -1.28 1.35
CD1 28J B 5 -2.99 -1.14 2.75
C 28J B 5 -1.90 -4.18 -0.44
O 28J B 5 -1.19 -5.17 -0.28
HA 28J B 5 -1.92 -2.07 -0.83
H22 28J B 5 -1.64 -3.21 1.80
H23 28J B 5 -0.07 -1.60 2.73
H24 28J B 5 0.21 -0.91 1.14
H25 28J B 5 0.73 -2.55 1.49
H26 28J B 5 -3.28 -1.52 0.71
H27 28J B 5 -2.03 -0.33 1.07
H28 28J B 5 -2.16 -1.04 3.45
H29 28J B 5 -3.56 -2.01 3.02
H30 28J B 5 -3.61 -0.27 2.82
N ILE B 6 -3.21 -4.23 -0.78
CA ILE B 6 -3.93 -5.50 -0.95
C ILE B 6 -4.84 -5.45 -2.15
N SER B 7 -4.90 -6.56 -2.84
CA SER B 7 -5.80 -6.71 -3.95
C SER B 7 -6.10 -8.18 -4.27
N DTH B 8 -6.82 -8.32 -5.40
CA DTH B 8 -7.21 -9.58 -5.99
CB DTH B 8 -6.10 -10.27 -6.83
CG2 DTH B 8 -4.87 -10.50 -5.97
OG1 DTH B 8 -5.77 -9.49 -8.00
C DTH B 8 -8.32 -9.46 -7.13
O DTH B 8 -8.74 -10.46 -7.66
H DTH B 8 -7.17 -7.51 -5.80
HA DTH B 8 -7.49 -10.24 -5.18
HB DTH B 8 -6.47 -11.24 -7.20
HG21 DTH B 8 -4.10 -10.99 -6.54
HG22 DTH B 8 -5.13 -11.12 -5.11
HG23 DTH B 8 -4.50 -9.55 -5.62
N ALA B 9 -8.47 -8.24 -7.65
CA ALA B 9 -9.22 -7.98 -8.89
C ALA B 9 -8.29 -7.81 -10.05
N LEU B 10 -7.55 -6.74 -9.94
CA LEU B 10 -6.61 -6.31 -10.97
C LEU B 10 -5.47 -7.28 -11.10
N ILE B 11 -5.45 -8.20 -10.16
CA ILE B 11 -4.43 -9.20 -10.07
C ILE B 11 -4.73 -10.03 -8.84
N ZAE C 1 -7.45 -3.28 -5.35
CA ZAE C 1 -7.47 -3.03 -3.87
C ZAE C 1 -6.93 -1.66 -3.47
O ZAE C 1 -7.32 -0.63 -4.01
CB ZAE C 1 -8.89 -3.12 -3.37
CG ZAE C 1 -9.18 -2.63 -1.98
CD1 ZAE C 1 -8.74 -3.34 -0.87
CD2 ZAE C 1 -9.91 -1.46 -1.79
CE1 ZAE C 1 -9.07 -2.92 0.42
CE2 ZAE C 1 -10.23 -1.04 -0.51
CZ ZAE C 1 -9.79 -1.75 0.59
C10 ZAE C 1 -8.38 -2.39 -6.06
H1 ZAE C 1 -7.75 -4.26 -5.53
HA ZAE C 1 -6.89 -3.79 -3.38
HB2 ZAE C 1 -9.51 -2.55 -4.05
HB3 ZAE C 1 -9.20 -4.15 -3.42
HD1 ZAE C 1 -8.16 -4.24 -1.01
HD2 ZAE C 1 -10.25 -0.91 -2.64
HE1 ZAE C 1 -8.73 -3.50 1.27
HE2 ZAE C 1 -10.80 -0.14 -0.37
HZ ZAE C 1 -10.05 -1.43 1.59
H11 ZAE C 1 -8.08 -2.27 -7.09
H12 ZAE C 1 -8.37 -1.42 -5.57
H13 ZAE C 1 -9.38 -2.78 -6.02
N ILE C 2 -5.99 -1.65 -2.56
CA ILE C 2 -5.47 -0.41 -2.03
C ILE C 2 -3.96 -0.33 -2.20
N SER C 3 -3.51 0.65 -2.96
CA SER C 3 -2.08 0.77 -3.16
C SER C 3 -1.55 2.11 -2.69
N DAR C 4 -0.33 2.01 -2.15
CA DAR C 4 0.42 3.15 -1.64
CB DAR C 4 1.56 3.53 -2.59
CG DAR C 4 1.12 3.81 -4.00
CD DAR C 4 0.37 5.12 -4.07
NE DAR C 4 0.13 5.54 -5.44
CZ DAR C 4 -0.32 6.74 -5.78
NH1 DAR C 4 -0.65 7.63 -4.84
NH2 DAR C 4 -0.48 7.05 -7.06
C DAR C 4 1.04 2.86 -0.28
O DAR C 4 1.91 1.98 -0.17
H DAR C 4 0.09 1.11 -2.07
HA DAR C 4 -0.26 3.98 -1.55
HB2 DAR C 4 2.27 2.71 -2.62
HB3 DAR C 4 2.04 4.41 -2.21
HG2 DAR C 4 0.48 3.02 -4.35
HG3 DAR C 4 1.99 3.88 -4.64
HD2 DAR C 4 0.95 5.89 -3.58
HD3 DAR C 4 -0.58 5.01 -3.56
HE DAR C 4 0.31 4.87 -6.15
HH11 DAR C 4 -0.96 8.58 -5.11
HH12 DAR C 4 -0.59 7.37 -3.84
HH21 DAR C 4 -0.81 8.00 -7.33
HH22 DAR C 4 -0.29 6.35 -7.80
N 28J C 5 0.60 3.58 0.74
CA 28J C 5 1.16 3.41 2.07
CB 28J C 5 0.24 2.53 2.94
CG2 28J C 5 -1.01 2.13 2.18
CG1 28J C 5 1.02 1.28 3.40
CD1 28J C 5 0.54 0.71 4.70
C 28J C 5 1.39 4.75 2.78
O 28J C 5 0.58 5.68 2.65
HA 28J C 5 2.10 2.91 1.97
H22 28J C 5 -0.05 3.10 3.81
H23 28J C 5 -1.54 3.02 1.88
H24 28J C 5 -1.64 1.54 2.82
H25 28J C 5 -0.74 1.56 1.30
H26 28J C 5 2.06 1.55 3.52
H27 28J C 5 0.93 0.52 2.64
H28 28J C 5 1.03 -0.24 4.88
H29 28J C 5 -0.53 0.55 4.65
H30 28J C 5 0.76 1.40 5.50
N ILE C 6 2.52 4.84 3.53
CA ILE C 6 2.87 6.06 4.28
C ILE C 6 4.34 6.34 4.20
N SER C 7 4.66 7.60 4.07
CA SER C 7 6.03 8.04 4.06
C SER C 7 6.15 9.50 4.43
N DTH C 8 7.42 9.96 4.40
CA DTH C 8 7.76 11.31 4.72
CB DTH C 8 7.74 12.21 3.45
CG2 DTH C 8 6.29 12.28 2.97
OG1 DTH C 8 8.60 11.75 2.40
C DTH C 8 9.27 11.47 5.15
O DTH C 8 9.69 12.41 5.81
H DTH C 8 8.16 9.37 4.21
HA DTH C 8 7.03 11.67 5.42
HB DTH C 8 8.07 13.22 3.70
HG21 DTH C 8 5.64 12.43 3.81
HG22 DTH C 8 6.03 11.36 2.46
HG23 DTH C 8 6.20 13.11 2.29
N ALA C 9 10.08 10.67 4.45
CA ALA C 9 11.54 10.82 4.53
C ALA C 9 12.10 10.85 3.15
N LEU C 10 11.81 9.81 2.43
CA LEU C 10 12.31 9.67 1.09
C LEU C 10 11.69 10.75 0.24
N ILE C 11 10.52 11.15 0.74
CA ILE C 11 9.71 12.20 0.17
C ILE C 11 8.73 12.66 1.27
N ZAE D 1 4.81 13.98 8.16
CA ZAE D 1 3.61 13.14 8.55
C ZAE D 1 3.53 11.85 7.72
O ZAE D 1 4.46 11.05 7.70
CB ZAE D 1 3.67 12.78 10.05
CG ZAE D 1 2.66 11.75 10.48
CD1 ZAE D 1 1.31 12.08 10.64
CD2 ZAE D 1 3.04 10.42 10.68
CE1 ZAE D 1 0.39 11.13 11.05
CE2 ZAE D 1 2.12 9.47 11.10
CZ ZAE D 1 0.79 9.81 11.24
C10 ZAE D 1 6.06 13.39 8.66
H1 ZAE D 1 4.71 14.93 8.58
HA ZAE D 1 2.73 13.72 8.37
HB2 ZAE D 1 4.65 12.40 10.28
HB3 ZAE D 1 3.49 13.67 10.62
HD1 ZAE D 1 1.00 13.11 10.48
HD2 ZAE D 1 4.08 10.15 10.56
HE1 ZAE D 1 -0.66 11.41 11.17
HE2 ZAE D 1 2.43 8.45 11.26
HZ ZAE D 1 0.07 9.07 11.56
H11 ZAE D 1 6.90 13.89 8.20
H12 ZAE D 1 6.08 12.34 8.40
H13 ZAE D 1 6.12 13.49 9.73
N ILE D 2 2.41 11.67 7.05
CA ILE D 2 2.19 10.45 6.27
C ILE D 2 1.79 10.77 4.81
N SER D 3 2.68 10.46 3.84
CA SER D 3 2.36 10.68 2.45
C SER D 3 2.11 9.36 1.71
N DAR D 4 1.14 9.44 0.77
CA DAR D 4 0.73 8.32 -0.09
CB DAR D 4 1.20 8.57 -1.52
CG DAR D 4 2.69 8.50 -1.71
CD DAR D 4 3.20 7.16 -1.26
NE DAR D 4 4.60 6.99 -1.57
CZ DAR D 4 5.24 5.82 -1.52
NH1 DAR D 4 6.51 5.74 -1.84
NH2 DAR D 4 4.60 4.74 -1.08
C DAR D 4 -0.79 8.20 -0.14
O DAR D 4 -1.46 9.06 -0.70
H DAR D 4 0.67 10.30 0.65
HA DAR D 4 1.16 7.42 0.29
HB2 DAR D 4 0.85 9.53 -1.85
HB3 DAR D 4 0.76 7.81 -2.15
HG2 DAR D 4 3.15 9.28 -1.11
HG3 DAR D 4 2.93 8.65 -2.75
HD2 DAR D 4 2.64 6.39 -1.77
HD3 DAR D 4 3.07 7.06 -0.20
HE DAR D 4 5.10 7.79 -1.85
HH11 DAR D 4 7.00 4.82 -1.81
HH12 DAR D 4 7.04 6.59 -2.13
HH21 DAR D 4 5.09 3.82 -1.05
HH22 DAR D 4 3.61 4.81 -0.75
N 28J D 5 -1.33 7.13 0.41
CA 28J D 5 -2.78 6.93 0.37
CB 28J D 5 -3.42 7.13 1.76
CG2 28J D 5 -2.34 7.16 2.83
CG1 28J D 5 -4.24 8.42 1.77
CD1 28J D 5 -5.61 8.28 1.16
C 28J D 5 -3.19 5.56 -0.20
O 28J D 5 -2.42 4.59 -0.08
HA 28J D 5 -3.19 7.69 -0.28
H22 28J D 5 -4.07 6.30 1.96
H23 28J D 5 -1.66 7.96 2.62
H24 28J D 5 -1.81 6.22 2.83
H25 28J D 5 -2.80 7.31 3.80
H26 28J D 5 -3.70 9.18 1.22
H27 28J D 5 -4.36 8.74 2.79
H28 28J D 5 -6.19 7.59 1.75
H29 28J D 5 -5.52 7.92 0.16
H30 28J D 5 -6.10 9.25 1.16
N ILE D 6 -4.40 5.49 -0.80
CA ILE D 6 -4.96 4.25 -1.38
C ILE D 6 -5.27 4.43 -2.85
N SER D 7 -4.98 3.40 -3.59
CA SER D 7 -5.29 3.36 -5.00
C SER D 7 -5.45 1.94 -5.50
N DTH D 8 -6.01 1.84 -6.73
CA DTH D 8 -6.22 0.60 -7.39
CB DTH D 8 -4.97 -0.01 -8.06
CG2 DTH D 8 -4.05 -0.49 -6.94
OG1 DTH D 8 -4.29 0.91 -8.94
C DTH D 8 -7.19 0.65 -8.61
O DTH D 8 -7.75 -0.34 -8.94
H DTH D 8 -6.39 2.62 -7.17
HA DTH D 8 -6.58 -0.10 -6.64
HB DTH D 8 -5.28 -0.88 -8.66
HG21 DTH D 8 -3.10 -0.82 -7.36
HG22 DTH D 8 -4.50 -1.31 -6.40
HG23 DTH D 8 -3.87 0.32 -6.25
N ALA D 9 -6.89 1.75 -9.43
CA ALA D 9 -7.44 2.00 -10.83
C ALA D 9 -6.37 2.29 -11.86
N LEU D 10 -5.55 3.24 -11.47
CA LEU D 10 -4.48 3.77 -12.30
C LEU D 10 -3.31 2.82 -12.15
N ILE D 11 -3.28 2.30 -10.93
CA ILE D 11 -2.29 1.40 -10.42
C ILE D 11 -3.02 0.44 -9.46
N ALA E 1 13.22 -12.08 1.53
CA ALA E 1 14.01 -13.29 1.24
C ALA E 1 15.24 -12.89 0.41
N DGL E 2 15.96 -13.94 -0.12
CA DGL E 2 17.04 -13.51 -1.03
C DGL E 2 16.99 -12.07 -1.70
O DGL E 2 15.81 -11.67 -2.09
CB DGL E 2 18.26 -13.29 -0.31
CG DGL E 2 18.14 -12.54 1.12
CD DGL E 2 19.07 -11.31 1.20
OE1 DGL E 2 19.54 -10.96 2.27
H DGL E 2 15.56 -14.87 -0.13
HA DGL E 2 16.94 -14.31 -1.77
HB2 DGL E 2 18.92 -12.74 -0.97
HB3 DGL E 2 18.65 -14.28 -0.21
HG2 DGL E 2 18.42 -13.22 1.90
HG3 DGL E 2 17.10 -12.21 1.32
N LYS E 3 19.37 -10.69 0.07
CA LYS E 3 20.22 -9.51 -0.02
C LYS E 3 21.69 -9.75 0.42
N DAL E 4 22.28 -10.72 -0.40
CA DAL E 4 23.76 -11.23 -0.48
CB DAL E 4 24.42 -11.94 0.94
C DAL E 4 24.41 -9.94 -1.34
O DAL E 4 25.49 -9.46 -1.10
H DAL E 4 21.65 -11.13 -1.02
HA DAL E 4 24.02 -12.16 -0.97
HB1 DAL E 4 24.38 -11.21 1.74
HB2 DAL E 4 25.47 -12.23 0.79
HB3 DAL E 4 23.83 -12.88 1.31
N DAL E 5 23.65 -9.54 -2.43
CA DAL E 5 24.02 -8.44 -3.42
CB DAL E 5 25.26 -9.08 -4.07
C DAL E 5 24.24 -7.14 -2.47
O DAL E 5 23.28 -6.75 -1.62
OXT DAL E 5 25.19 -6.43 -2.75
H DAL E 5 22.74 -9.98 -2.53
HA DAL E 5 23.34 -8.11 -4.21
HB1 DAL E 5 25.86 -9.29 -3.29
HB2 DAL E 5 25.69 -8.33 -4.75
HB3 DAL E 5 25.02 -9.95 -4.63
N ALA F 1 -18.46 -4.55 -9.13
CA ALA F 1 -19.84 -4.54 -8.56
C ALA F 1 -19.96 -3.45 -7.49
N DGL F 2 -20.97 -3.63 -6.58
CA DGL F 2 -20.97 -2.63 -5.47
C DGL F 2 -19.63 -1.85 -5.13
O DGL F 2 -19.50 -0.67 -5.48
CB DGL F 2 -21.76 -1.45 -5.81
CG DGL F 2 -21.90 -1.11 -7.39
CD DGL F 2 -21.67 0.39 -7.67
OE1 DGL F 2 -22.52 1.05 -8.24
H DGL F 2 -21.45 -4.51 -6.53
HA DGL F 2 -21.28 -3.30 -4.67
HB2 DGL F 2 -21.31 -0.64 -5.29
HB3 DGL F 2 -22.71 -1.66 -5.37
HG2 DGL F 2 -22.90 -1.36 -7.72
HG3 DGL F 2 -21.19 -1.70 -8.00
N LYS F 3 -20.54 0.92 -7.25
CA LYS F 3 -20.17 2.31 -7.45
C LYS F 3 -20.90 3.32 -6.51
N DAL F 4 -21.33 2.66 -5.35
CA DAL F 4 -22.00 3.22 -4.05
CB DAL F 4 -23.49 4.04 -4.22
C DAL F 4 -20.61 3.80 -3.31
O DAL F 4 -20.50 4.92 -2.93
H DAL F 4 -21.20 1.68 -5.40
HA DAL F 4 -22.54 2.56 -3.36
HB1 DAL F 4 -23.34 4.90 -4.85
HB2 DAL F 4 -23.88 4.38 -3.25
HB3 DAL F 4 -24.32 3.41 -4.72
N DAL F 5 -19.64 2.82 -3.08
CA DAL F 5 -18.29 3.08 -2.37
CB DAL F 5 -18.76 3.40 -0.95
C DAL F 5 -17.59 4.29 -3.19
O DAL F 5 -17.30 5.27 -2.50
OXT DAL F 5 -17.26 4.19 -4.46
H DAL F 5 -19.80 1.91 -3.46
HA DAL F 5 -17.53 2.30 -2.33
HB1 DAL F 5 -19.62 3.95 -1.11
HB2 DAL F 5 -17.98 3.98 -0.45
HB3 DAL F 5 -18.99 2.53 -0.38
N ALA G 1 19.34 7.84 6.87
CA ALA G 1 20.67 8.28 7.35
C ALA G 1 20.91 7.79 8.78
N DGL G 2 20.03 6.83 9.22
CA DGL G 2 20.38 6.26 10.55
C DGL G 2 21.89 6.01 10.92
O DGL G 2 22.37 6.46 11.95
CB DGL G 2 20.12 7.21 11.60
CG DGL G 2 18.57 7.65 11.81
CD DGL G 2 18.34 9.13 11.45
OE1 DGL G 2 17.31 9.71 11.79
H DGL G 2 19.43 6.34 8.55
HA DGL G 2 19.80 5.33 10.47
HB2 DGL G 2 20.72 8.06 11.40
HB3 DGL G 2 20.50 6.72 12.48
HG2 DGL G 2 18.28 7.52 12.84
HG3 DGL G 2 17.88 7.03 11.20
N LYS G 3 19.31 9.75 10.80
CA LYS G 3 19.25 11.15 10.38
C LYS G 3 19.28 12.17 11.54
N DAL G 4 20.53 12.11 12.18
CA DAL G 4 21.13 13.02 13.32
CB DAL G 4 20.55 12.76 14.91
C DAL G 4 21.17 14.46 12.47
O DAL G 4 20.33 15.31 12.61
H DAL G 4 21.10 11.39 11.86
HA DAL G 4 22.12 12.81 13.74
HB1 DAL G 4 19.48 12.97 14.92
HB2 DAL G 4 21.03 13.44 15.62
HB3 DAL G 4 20.68 11.67 15.30
N DAL G 5 22.29 14.63 11.69
CA DAL G 5 22.60 15.90 10.85
CB DAL G 5 22.94 16.91 11.97
C DAL G 5 21.26 16.17 9.99
O DAL G 5 20.83 15.20 9.39
OXT DAL G 5 20.60 17.32 10.07
H DAL G 5 22.92 13.86 11.60
HA DAL G 5 23.41 15.90 10.11
HB1 DAL G 5 22.22 16.70 12.68
HB2 DAL G 5 22.83 17.91 11.55
HB3 DAL G 5 23.91 16.78 12.36
N ALA H 1 -11.29 10.49 -14.59
CA ALA H 1 -12.52 10.45 -15.41
C ALA H 1 -13.71 10.96 -14.59
N DGL H 2 -14.94 10.52 -15.02
CA DGL H 2 -16.06 10.91 -14.12
C DGL H 2 -15.74 11.29 -12.61
O DGL H 2 -15.02 10.43 -11.95
CB DGL H 2 -16.61 12.19 -14.49
CG DGL H 2 -15.57 13.29 -15.05
CD DGL H 2 -15.76 14.67 -14.39
OE1 DGL H 2 -15.58 15.69 -15.02
H DGL H 2 -15.01 9.75 -15.68
HA DGL H 2 -16.64 10.00 -14.20
HB2 DGL H 2 -17.12 12.56 -13.63
HB3 DGL H 2 -17.35 11.93 -15.23
HG2 DGL H 2 -15.72 13.42 -16.12
HG3 DGL H 2 -14.51 12.96 -14.92
N LYS H 3 -16.17 14.68 -13.13
CA LYS H 3 -16.38 15.89 -12.35
C LYS H 3 -17.39 16.88 -12.98
N DAL H 4 -18.67 16.31 -12.98
CA DAL H 4 -20.05 16.95 -13.38
CB DAL H 4 -20.18 18.65 -13.35
C DAL H 4 -21.06 15.86 -12.58
O DAL H 4 -21.90 16.20 -11.80
H DAL H 4 -18.68 15.37 -12.70
HA DAL H 4 -20.35 17.02 -14.42
HB1 DAL H 4 -20.04 18.99 -12.33
HB2 DAL H 4 -21.18 18.98 -13.67
HB3 DAL H 4 -19.40 19.20 -14.00
N DAL H 5 -20.89 14.55 -12.98
CA DAL H 5 -21.71 13.31 -12.52
CB DAL H 5 -23.06 13.93 -12.93
C DAL H 5 -21.31 13.34 -10.95
O DAL H 5 -20.00 13.55 -10.66
OXT DAL H 5 -22.08 12.92 -10.09
H DAL H 5 -20.11 14.37 -13.61
HA DAL H 5 -21.61 12.28 -12.88
HB1 DAL H 5 -23.41 14.46 -12.15
HB2 DAL H 5 -23.71 13.07 -13.20
HB3 DAL H 5 -22.98 14.55 -13.83
C1 MUB I . 10.90 -8.41 -1.05
C2 MUB I . 10.71 -8.77 0.43
C3 MUB I . 12.08 -8.94 1.07
C4 MUB I . 13.06 -9.71 0.16
C5 MUB I . 13.24 -8.96 -1.17
C6 MUB I . 13.06 -9.91 -2.35
C7 MUB I . 10.49 -6.79 1.78
C8 MUB I . 9.65 -5.80 2.51
C9 MUB I . 11.25 -10.80 2.35
C10 MUB I . 12.02 -12.12 2.17
C11 MUB I . 9.71 -10.79 2.70
O1 MUB I . 9.98 -7.46 -1.43
O3 MUB I . 11.98 -9.55 2.38
O4 MUB I . 14.34 -9.86 0.86
O5 MUB I . 12.23 -7.92 -1.29
O6 MUB I . 11.83 -10.62 -2.26
O7 MUB I . 11.70 -6.65 1.76
O10 MUB I . 11.59 -13.14 2.67
N2 MUB I . 9.89 -7.77 1.14
H1 MUB I . 10.72 -9.30 -1.69
H2 MUB I . 10.04 -9.66 0.35
HN2 MUB I . 8.89 -7.86 1.19
H81 MUB I . 10.29 -5.06 2.97
H82 MUB I . 9.08 -6.31 3.27
H83 MUB I . 8.96 -5.34 1.80
H3 MUB I . 12.52 -7.98 1.33
H9 MUB I . 11.28 -10.82 1.24
H111 MUB I . 9.50 -10.37 3.71
H112 MUB I . 9.36 -11.77 2.68
H113 MUB I . 9.18 -10.23 1.92
H4 MUB I . 12.89 -10.78 0.16
H5 MUB I . 14.18 -8.54 -1.27
H61 MUB I . 13.83 -10.71 -2.22
H62 MUB I . 13.24 -9.44 -3.36
HO6 MUB I . 11.59 -11.06 -3.10
C1 NAG I . 14.93 -8.63 1.31
C2 NAG I . 16.16 -8.89 2.13
C3 NAG I . 16.68 -7.56 2.67
C4 NAG I . 16.87 -6.57 1.49
C5 NAG I . 15.62 -6.49 0.63
C6 NAG I . 15.82 -5.62 -0.61
C7 NAG I . 14.95 -9.49 4.18
C8 NAG I . 14.70 -10.50 5.28
N2 NAG I . 15.86 -9.79 3.24
O3 NAG I . 17.91 -7.79 3.32
O4 NAG I . 17.17 -5.29 2.01
O5 NAG I . 15.23 -7.79 0.19
O6 NAG I . 16.64 -6.25 -1.57
O7 NAG I . 14.42 -8.38 4.26
H1 NAG I . 14.11 -8.17 1.93
H2 NAG I . 16.97 -9.48 1.67
H3 NAG I . 15.97 -7.07 3.39
H4 NAG I . 17.86 -6.88 1.05
H5 NAG I . 14.79 -6.02 1.15
H61 NAG I . 16.33 -4.69 -0.34
H62 NAG I . 14.83 -5.32 -0.97
H81 NAG I . 15.63 -10.69 5.81
H82 NAG I . 14.33 -11.41 4.86
H83 NAG I . 13.95 -10.10 5.96
HN2 NAG I . 16.27 -10.67 3.20
HO3 NAG I . 18.39 -8.41 2.81
HO4 NAG I . 17.81 -5.37 2.72
HO6 NAG I . 16.56 -7.20 -1.40
C1 MUB J . -13.79 -6.38 -7.46
C2 MUB J . -14.31 -6.04 -8.86
C3 MUB J . -15.02 -4.67 -8.78
C4 MUB J . -15.99 -4.59 -7.60
C5 MUB J . -15.20 -4.82 -6.30
C6 MUB J . -15.84 -5.97 -5.53
C7 MUB J . -12.71 -4.87 -10.23
C8 MUB J . -11.69 -4.87 -11.32
C9 MUB J . -16.56 -5.42 -10.48
C10 MUB J . -18.04 -5.47 -10.03
C11 MUB J . -16.03 -6.39 -11.60
O1 MUB J . -12.52 -6.91 -7.50
O3 MUB J . -15.70 -4.36 -10.02
O4 MUB J . -16.66 -3.30 -7.63
O5 MUB J . -13.84 -5.23 -6.60
O6 MUB J . -16.15 -7.06 -6.39
O7 MUB J . -12.73 -3.91 -9.46
O10 MUB J . -18.79 -6.31 -10.51
N2 MUB J . -13.28 -6.03 -9.90
H1 MUB J . -14.43 -7.21 -7.00
H2 MUB J . -14.93 -6.93 -9.13
HN2 MUB J . -13.24 -6.80 -10.54
H81 MUB J . -11.35 -3.86 -11.47
H82 MUB J . -12.14 -5.23 -12.23
H83 MUB J . -10.88 -5.53 -11.04
H3 MUB J . -14.30 -3.86 -8.77
H9 MUB J . -16.41 -5.97 -9.53
H111 MUB J . -15.71 -5.86 -12.53
H112 MUB J . -16.79 -7.05 -11.87
H113 MUB J . -15.21 -6.99 -11.19
H4 MUB J . -16.91 -5.14 -7.78
H5 MUB J . -15.17 -3.99 -5.68
H61 MUB J . -16.85 -5.60 -5.24
H62 MUB J . -15.31 -6.29 -4.58
HO6 MUB J . -16.95 -7.54 -6.17
C1 NAG J . -15.79 -2.16 -7.75
C2 NAG J . -16.59 -0.90 -7.78
C3 NAG J . -15.66 0.29 -7.94
C4 NAG J . -14.56 0.23 -6.87
C5 NAG J . -13.88 -1.13 -6.81
C6 NAG J . -12.95 -1.22 -5.63
C7 NAG J . -17.17 -0.91 -10.17
C8 NAG J . -18.24 -0.96 -11.24
N2 NAG J . -17.56 -0.92 -8.88
O3 NAG J . -16.42 1.47 -7.79
O4 NAG J . -13.57 1.21 -7.16
O5 NAG J . -14.87 -2.16 -6.66
O6 NAG J . -13.67 -1.22 -4.41
O7 NAG J . -15.99 -0.80 -10.51
H1 NAG J . -15.26 -2.34 -8.75
H2 NAG J . -17.33 -0.72 -6.96
H3 NAG J . -15.14 0.30 -8.94
H4 NAG J . -15.07 0.64 -5.98
H5 NAG J . -13.28 -1.35 -7.68
H61 NAG J . -12.27 -0.36 -5.58
H62 NAG J . -12.32 -2.11 -5.77
H81 NAG J . -18.82 -1.87 -11.13
H82 NAG J . -17.78 -0.95 -12.21
H83 NAG J . -18.88 -0.09 -11.14
HN2 NAG J . -18.49 -1.01 -8.64
HO3 NAG J . -17.18 1.40 -8.33
HO4 NAG J . -14.04 2.02 -7.39
HO6 NAG J . -14.51 -1.63 -4.61
C1 MUB K . 13.88 8.04 7.67
C2 MUB K . 14.72 7.60 6.47
C3 MUB K . 15.93 6.85 7.00
C4 MUB K . 16.65 7.55 8.18
C5 MUB K . 15.63 7.83 9.28
C6 MUB K . 15.53 9.33 9.53
C7 MUB K . 13.98 5.45 5.66
C8 MUB K . 13.19 4.66 4.69
C9 MUB K . 17.40 7.75 5.32
C10 MUB K . 18.82 8.22 5.68
C11 MUB K . 16.56 8.44 4.18
O1 MUB K . 12.55 7.73 7.46
O3 MUB K . 16.87 6.55 5.94
O4 MUB K . 17.72 6.68 8.64
O5 MUB K . 14.32 7.38 8.86
O6 MUB K . 15.45 10.05 8.31
O7 MUB K . 14.21 4.95 6.76
O10 MUB K . 19.49 8.81 4.85
N2 MUB K . 13.96 6.79 5.52
H1 MUB K . 13.98 9.15 7.85
H2 MUB K . 14.87 8.58 5.94
HN2 MUB K . 13.76 7.18 4.62
H81 MUB K . 13.59 4.81 3.69
H82 MUB K . 12.17 5.00 4.72
H83 MUB K . 13.23 3.61 4.98
H3 MUB K . 15.67 5.84 7.30
H9 MUB K . 17.18 8.34 6.24
H111 MUB K . 15.88 9.23 4.57
H112 MUB K . 16.00 7.72 3.70
H113 MUB K . 17.27 8.87 3.45
H4 MUB K . 17.33 8.34 7.86
H5 MUB K . 15.85 7.38 10.20
H61 MUB K . 16.51 9.65 9.95
H62 MUB K . 14.73 9.63 10.28
HO6 MUB K . 15.30 11.00 8.40
C1 NAG K . 17.29 5.38 9.09
C2 NAG K . 18.49 4.51 9.47
C3 NAG K . 18.06 3.16 9.97
C4 NAG K . 16.98 3.33 11.06
C5 NAG K . 15.86 4.26 10.58
C6 NAG K . 14.78 4.48 11.65
C7 NAG K . 18.98 4.06 7.10
C8 NAG K . 20.00 3.97 5.98
N2 NAG K . 19.41 4.38 8.34
O3 NAG K . 19.19 2.49 10.51
O4 NAG K . 16.42 2.07 11.37
O5 NAG K . 16.39 5.52 10.20
O6 NAG K . 15.27 5.25 12.74
O7 NAG K . 17.82 3.73 6.87
H1 NAG K . 16.75 4.98 8.19
H2 NAG K . 19.21 5.01 10.16
H3 NAG K . 17.62 2.51 9.17
H4 NAG K . 17.57 3.57 11.98
H5 NAG K . 15.29 3.84 9.75
H61 NAG K . 14.44 3.54 12.07
H62 NAG K . 13.92 4.94 11.15
H81 NAG K . 19.49 3.76 5.05
H82 NAG K . 20.69 3.17 6.20
H83 NAG K . 20.55 4.90 5.92
HN2 NAG K . 20.34 4.63 8.49
HO3 NAG K . 19.79 2.34 9.79
HO4 NAG K . 17.14 1.43 11.54
HO6 NAG K . 15.31 6.15 12.40
C1 MUB L . -9.49 7.40 -10.81
C2 MUB L . -8.71 8.46 -11.63
C3 MUB L . -9.61 9.70 -11.77
C4 MUB L . -11.10 9.41 -12.08
C5 MUB L . -11.67 8.44 -11.03
C6 MUB L . -12.23 7.20 -11.73
C7 MUB L . -7.36 9.75 -10.14
C8 MUB L . -6.03 10.09 -9.56
C9 MUB L . -8.90 10.04 -14.04
C10 MUB L . -10.09 10.01 -15.02
C11 MUB L . -7.46 9.59 -14.50
O1 MUB L . -8.65 6.80 -9.87
O3 MUB L . -9.07 10.62 -12.74
O4 MUB L . -11.79 10.69 -12.07
O5 MUB L . -10.61 8.00 -10.13
O6 MUB L . -11.27 6.60 -12.58
O7 MUB L . -8.36 10.28 -9.69
O10 MUB L . -9.92 9.65 -16.17
N2 MUB L . -7.42 8.79 -11.05
H1 MUB L . -9.86 6.59 -11.48
H2 MUB L . -8.46 7.89 -12.56
HN2 MUB L . -6.57 8.39 -11.38
H81 MUB L . -5.34 10.31 -10.36
H82 MUB L . -5.66 9.26 -9.00
H83 MUB L . -6.16 10.94 -8.90
H3 MUB L . -9.58 10.30 -10.87
H9 MUB L . -9.40 9.10 -13.70
H111 MUB L . -6.73 10.42 -14.47
H112 MUB L . -7.52 9.24 -15.47
H113 MUB L . -7.14 8.76 -13.87
H4 MUB L . -11.29 9.23 -13.14
H5 MUB L . -12.42 8.85 -10.47
H61 MUB L . -13.00 7.59 -12.44
H62 MUB L . -12.76 6.48 -11.03
HO6 MUB L . -11.50 5.69 -12.84
C1 NAG L . -11.50 11.53 -10.94
C2 NAG L . -12.38 12.77 -10.95
C3 NAG L . -11.98 13.67 -9.79
C4 NAG L . -12.00 12.85 -8.48
C5 NAG L . -11.18 11.58 -8.61
C6 NAG L . -11.29 10.70 -7.35
C7 NAG L . -11.02 13.95 -12.61
C8 NAG L . -10.94 14.66 -13.95
N2 NAG L . -12.21 13.48 -12.21
O3 NAG L . -12.89 14.75 -9.72
O4 NAG L . -11.47 13.64 -7.43
O5 NAG L . -11.64 10.80 -9.72
O6 NAG L . -12.60 10.19 -7.18
O7 NAG L . -10.03 13.95 -11.89
H1 NAG L . -10.42 11.82 -11.12
H2 NAG L . -13.48 12.65 -11.01
H3 NAG L . -10.95 14.09 -9.89
H4 NAG L . -13.09 12.81 -8.22
H5 NAG L . -10.11 11.77 -8.71
H61 NAG L . -11.05 11.25 -6.45
H62 NAG L . -10.53 9.91 -7.45
H81 NAG L . -11.62 15.50 -13.95
H82 NAG L . -11.22 13.98 -14.74
H83 NAG L . -9.91 14.99 -14.12
HN2 NAG L . -12.98 13.51 -12.81
HO3 NAG L . -12.76 15.26 -10.49
HO4 NAG L . -11.84 14.53 -7.48
HO6 NAG L . -12.96 10.03 -8.06
P 2PO M . 9.91 -6.97 -2.98
O1P 2PO M . 10.80 -7.84 -3.78
O2P 2PO M . 8.49 -6.84 -3.41
O3P 2PO M . 10.54 -5.52 -2.95
P 2PO N . 9.64 -4.24 -2.67
O1P 2PO N . 10.43 -3.08 -3.23
O2P 2PO N . 8.27 -4.49 -3.17
O3P 2PO N . 9.59 -4.25 -1.06
C1 P1W O . 10.70 -3.97 -0.18
C2 P1W O . 10.30 -3.02 0.96
C3 P1W O . 11.19 -2.44 1.83
C4 P1W O . 10.78 -1.51 2.96
C5 P1W O . 12.71 -2.66 1.79
H12 P1W O . 11.50 -3.55 -0.77
H11 P1W O . 11.02 -4.91 0.25
H2 P1W O . 9.32 -2.58 0.84
H41 P1W O . 10.06 -2.01 3.61
H42 P1W O . 11.64 -1.23 3.56
H51 P1W O . 13.15 -1.96 1.09
H52 P1W O . 12.92 -3.67 1.46
H53 P1W O . 13.12 -2.51 2.78
C1 P1W P . 10.13 -0.25 2.40
C2 P1W P . 11.13 0.89 2.37
C3 P1W P . 10.91 2.10 1.81
C4 P1W P . 11.94 3.21 1.76
C5 P1W P . 9.57 2.48 1.18
H12 P1W P . 9.78 -0.46 1.39
H11 P1W P . 9.28 0.04 3.01
H2 P1W P . 12.14 0.57 2.57
H41 P1W P . 11.54 4.02 1.15
H42 P1W P . 12.12 3.58 2.76
H51 P1W P . 8.95 1.60 1.13
H52 P1W P . 9.74 2.86 0.18
H53 P1W P . 9.09 3.23 1.78
C1 P1W Q . 13.27 2.75 1.16
C2 P1W Q . 13.51 3.39 -0.18
C3 P1W Q . 14.48 3.05 -1.05
C4 P1W Q . 14.65 3.75 -2.40
C5 P1W Q . 15.51 1.95 -0.77
H12 P1W Q . 14.07 3.03 1.83
H11 P1W Q . 13.26 1.68 1.04
H2 P1W Q . 12.89 4.24 -0.38
H43 P1W Q . 15.70 3.96 -2.58
H41 P1W Q . 14.09 4.68 -2.41
H42 P1W Q . 14.28 3.10 -3.19
H51 P1W Q . 16.00 1.69 -1.70
H52 P1W Q . 15.01 1.10 -0.38
H53 P1W Q . 16.24 2.31 -0.06
C1 P1W R . -11.35 -7.64 0.73
C2 P1W R . -12.37 -6.55 0.47
C3 P1W R . -13.29 -6.18 1.37
C4 P1W R . -14.30 -5.10 1.10
C5 P1W R . -13.44 -6.80 2.75
H12 P1W R . -11.79 -8.61 0.55
H11 P1W R . -11.03 -7.58 1.76
H2 P1W R . -12.51 -6.30 -0.56
H41 P1W R . -13.82 -4.28 0.58
H42 P1W R . -14.72 -4.75 2.03
H51 P1W R . -14.21 -6.29 3.29
H52 P1W R . -12.50 -6.72 3.29
H53 P1W R . -13.70 -7.85 2.65
C1 P1W S . -15.44 -5.64 0.22
C2 P1W S . -16.49 -4.58 -0.03
C3 P1W S . -17.81 -4.76 0.08
C4 P1W S . -18.84 -3.64 -0.16
C5 P1W S . -18.43 -6.10 0.47
H12 P1W S . -15.03 -5.96 -0.72
H11 P1W S . -15.90 -6.48 0.71
H2 P1W S . -16.09 -3.63 -0.31
H43 P1W S . -19.59 -3.99 -0.87
H41 P1W S . -18.34 -2.77 -0.57
H42 P1W S . -19.32 -3.38 0.76
H51 P1W S . -19.51 -6.03 0.41
H52 P1W S . -18.14 -6.33 1.48
H53 P1W S . -18.08 -6.88 -0.19
P 2PO T . -11.94 -7.79 -6.26
O1P 2PO T . -12.58 -7.30 -5.04
O2P 2PO T . -12.07 -9.23 -6.56
O3P 2PO T . -10.35 -7.44 -6.19
P 2PO U . -9.75 -5.97 -5.95
O1P 2PO U . -8.40 -5.92 -6.58
O2P 2PO U . -10.75 -4.93 -6.37
O3P 2PO U . -9.56 -5.90 -4.38
C1 P1W V . -10.68 -5.57 -3.56
C2 P1W V . -10.38 -6.02 -2.15
C3 P1W V . -10.51 -7.26 -1.63
C4 P1W V . -10.13 -7.48 -0.18
C5 P1W V . -10.95 -8.53 -2.40
H12 P1W V . -11.56 -6.07 -3.94
H11 P1W V . -10.84 -4.49 -3.59
H2 P1W V . -9.90 -5.26 -1.55
H41 P1W V . -9.57 -6.63 0.17
H42 P1W V . -9.52 -8.37 -0.09
H51 P1W V . -10.91 -9.39 -1.73
H52 P1W V . -10.28 -8.71 -3.23
H53 P1W V . -11.96 -8.41 -2.77
P 2PO W . 11.32 8.52 8.15
O1P 2PO W . 10.57 7.60 9.02
O2P 2PO W . 11.82 9.79 8.77
O3P 2PO W . 10.44 8.92 6.86
P 2PO X . 9.71 7.79 5.94
O1P 2PO X . 9.58 8.35 4.59
O2P 2PO X . 10.40 6.46 6.05
O3P 2PO X . 8.22 7.67 6.52
C1 P1W Y . 7.59 8.85 7.02
C2 P1W Y . 7.85 8.93 8.52
C3 P1W Y . 7.17 8.36 9.55
C4 P1W Y . 7.64 8.57 10.96
C5 P1W Y . 5.93 7.45 9.45
H12 P1W Y . 6.52 8.77 6.84
H11 P1W Y . 7.97 9.71 6.51
H2 P1W Y . 8.80 9.39 8.75
H41 P1W Y . 8.07 9.56 11.03
H42 P1W Y . 8.39 7.84 11.21
H51 P1W Y . 5.05 8.03 9.66
H52 P1W Y . 6.01 6.67 10.19
H53 P1W Y . 5.86 7.00 8.47
C1 P1W Z . 6.50 8.47 12.00
C2 P1W Z . 6.29 9.79 12.74
C3 P1W Z . 5.32 10.01 13.62
C4 P1W Z . 5.13 11.34 14.34
C5 P1W Z . 4.29 8.96 14.00
H12 P1W Z . 5.60 8.18 11.49
H11 P1W Z . 6.77 7.71 12.72
H2 P1W Z . 6.92 10.59 12.42
H41 P1W Z . 6.03 11.92 14.24
H42 P1W Z . 4.96 11.14 15.39
H51 P1W Z . 3.42 9.07 13.38
H52 P1W Z . 4.02 9.08 15.03
H53 P1W Z . 4.71 7.98 13.85
C1 P1W AA . 3.95 12.14 13.79
C2 P1W AA . 3.48 13.16 14.79
C3 P1W AA . 2.40 13.94 14.65
C4 P1W AA . 1.98 14.96 15.72
C5 P1W AA . 1.47 13.89 13.44
H12 P1W AA . 4.26 12.64 12.89
H11 P1W AA . 3.13 11.47 13.56
H2 P1W AA . 4.11 13.23 15.67
H43 P1W AA . 1.14 14.57 16.29
H41 P1W AA . 1.68 15.88 15.23
H42 P1W AA . 2.81 15.15 16.39
H51 P1W AA . 1.08 12.89 13.33
H52 P1W AA . 2.04 14.15 12.56
H53 P1W AA . 0.66 14.58 13.56
P 2PO BA . -9.13 5.57 -8.93
O1P 2PO BA . -9.28 6.07 -7.55
O2P 2PO BA . -10.30 4.89 -9.55
O3P 2PO BA . -7.88 4.54 -8.95
P 2PO CA . -6.47 4.94 -8.30
O1P 2PO CA . -5.43 4.07 -8.82
O2P 2PO CA . -6.28 6.40 -8.52
O3P 2PO CA . -6.66 4.58 -6.72
C1 P1W DA . -7.24 5.57 -5.79
C2 P1W DA . -8.28 4.82 -5.01
C3 P1W DA . -9.45 5.18 -4.40
C4 P1W DA . -10.29 4.05 -3.80
C5 P1W DA . -10.04 6.58 -4.24
H12 P1W DA . -7.74 6.33 -6.36
H11 P1W DA . -6.48 5.99 -5.16
H2 P1W DA . -8.16 3.80 -5.18
H41 P1W DA . -9.62 3.34 -3.30
H42 P1W DA . -10.81 3.53 -4.59
H51 P1W DA . -9.68 7.22 -5.03
H52 P1W DA . -9.74 6.99 -3.28
H53 P1W DA . -11.13 6.52 -4.28
C1 P1W EA . -11.30 4.54 -2.78
C2 P1W EA . -11.19 3.73 -1.52
C3 P1W EA . -11.07 4.25 -0.32
C4 P1W EA . -10.93 3.43 0.95
C5 P1W EA . -11.09 5.75 -0.06
H12 P1W EA . -11.10 5.58 -2.58
H11 P1W EA . -12.29 4.43 -3.18
H2 P1W EA . -10.93 2.69 -1.67
H41 P1W EA . -11.04 4.06 1.81
H42 P1W EA . -9.95 2.97 0.96
H51 P1W EA . -10.28 6.21 -0.61
H52 P1W EA . -10.95 5.94 0.99
H53 P1W EA . -12.02 6.17 -0.38
C1 P1W FA . -12.00 2.32 1.00
C2 P1W FA . -11.70 1.34 2.12
C3 P1W FA . -12.62 0.82 2.94
C4 P1W FA . -12.25 -0.19 4.06
C5 P1W FA . -14.10 1.17 2.89
H12 P1W FA . -12.97 2.77 1.17
H11 P1W FA . -12.01 1.78 0.06
H2 P1W FA . -10.67 1.03 2.17
H43 P1W FA . -12.44 -1.19 3.71
H41 P1W FA . -12.85 0.01 4.93
H42 P1W FA . -11.21 -0.08 4.30
H51 P1W FA . -14.22 2.22 3.08
H52 P1W FA . -14.62 0.60 3.63
H53 P1W FA . -14.49 0.94 1.91
N ZAE A 1 -2.46 -13.98 -11.06
CA ZAE A 1 -3.77 -13.31 -10.72
C ZAE A 1 -3.57 -12.23 -9.66
O ZAE A 1 -3.57 -11.03 -9.97
CB ZAE A 1 -4.41 -12.69 -11.97
CG ZAE A 1 -5.91 -12.88 -12.04
CD1 ZAE A 1 -6.49 -14.07 -11.61
CD2 ZAE A 1 -6.74 -11.88 -12.53
CE1 ZAE A 1 -7.85 -14.25 -11.67
CE2 ZAE A 1 -8.11 -12.07 -12.61
CZ ZAE A 1 -8.67 -13.24 -12.17
C10 ZAE A 1 -1.47 -13.03 -11.58
H1 ZAE A 1 -2.62 -14.72 -11.76
HA ZAE A 1 -4.44 -14.05 -10.32
HB2 ZAE A 1 -4.22 -11.62 -11.98
HB3 ZAE A 1 -3.98 -13.14 -12.85
HD1 ZAE A 1 -5.86 -14.85 -11.21
HD2 ZAE A 1 -6.29 -10.96 -12.88
HE1 ZAE A 1 -8.29 -15.18 -11.34
HE2 ZAE A 1 -8.74 -11.27 -13.00
HZ ZAE A 1 -9.73 -13.39 -12.23
H11 ZAE A 1 -0.54 -13.54 -11.78
H12 ZAE A 1 -1.29 -12.25 -10.86
H13 ZAE A 1 -1.84 -12.59 -12.49
N ILE A 2 -3.41 -12.65 -8.42
CA ILE A 2 -3.23 -11.71 -7.32
C ILE A 2 -1.76 -11.30 -7.26
N SER A 3 -1.52 -10.01 -7.06
CA SER A 3 -0.17 -9.49 -6.90
C SER A 3 -0.16 -8.24 -6.04
N DAR A 4 1.03 -7.80 -5.71
CA DAR A 4 1.21 -6.63 -4.87
CB DAR A 4 1.65 -5.46 -5.73
CG DAR A 4 0.57 -4.97 -6.67
CD DAR A 4 1.14 -3.99 -7.66
NE DAR A 4 0.18 -3.64 -8.70
CZ DAR A 4 0.54 -3.34 -9.93
NH1 DAR A 4 -0.38 -3.04 -10.83
NH2 DAR A 4 1.83 -3.30 -10.25
C DAR A 4 2.22 -6.87 -3.78
O DAR A 4 3.28 -7.44 -4.03
H DAR A 4 1.83 -8.23 -6.08
HA DAR A 4 0.25 -6.39 -4.43
HB2 DAR A 4 2.51 -5.76 -6.32
HB3 DAR A 4 1.94 -4.64 -5.08
HG2 DAR A 4 -0.20 -4.49 -6.09
HG3 DAR A 4 0.16 -5.82 -7.20
HD2 DAR A 4 2.01 -4.44 -8.13
HD3 DAR A 4 1.44 -3.10 -7.14
HE DAR A 4 -0.77 -3.65 -8.46
HH11 DAR A 4 -0.11 -2.81 -11.81
HH12 DAR A 4 -1.39 -3.03 -10.56
HH21 DAR A 4 2.13 -3.07 -11.22
HH22 DAR A 4 2.55 -3.50 -9.53
N 28J A 5 1.89 -6.45 -2.55
CA 28J A 5 2.81 -6.61 -1.44
CB 28J A 5 2.24 -7.59 -0.36
CG2 28J A 5 0.75 -7.85 -0.60
CG1 28J A 5 2.99 -8.93 -0.36
CD1 28J A 5 4.29 -8.90 0.43
C 28J A 5 3.18 -5.25 -0.82
O 28J A 5 2.80 -4.18 -1.32
HA 28J A 5 3.71 -7.05 -1.84
H22 28J A 5 2.34 -7.12 0.61
H23 28J A 5 0.64 -8.43 -1.50
H24 28J A 5 0.23 -6.92 -0.72
H25 28J A 5 0.34 -8.40 0.23
H26 28J A 5 3.23 -9.21 -1.38
H27 28J A 5 2.35 -9.68 0.08
H28 28J A 5 4.96 -8.19 0.00
H29 28J A 5 4.74 -9.88 0.41
H30 28J A 5 4.08 -8.62 1.46
N ILE A 6 3.98 -5.32 0.23
CA ILE A 6 4.40 -4.15 0.99
C ILE A 6 5.94 -3.91 1.03
N SER A 7 6.47 -2.86 0.35
CA SER A 7 7.92 -2.60 0.39
C SER A 7 8.27 -1.12 0.43
N DTH A 8 9.38 -0.83 1.10
CA DTH A 8 9.81 0.54 1.27
CB DTH A 8 10.91 0.97 0.28
CG2 DTH A 8 10.37 0.72 -1.12
OG1 DTH A 8 12.13 0.24 0.48
C DTH A 8 10.39 0.75 2.68
O DTH A 8 10.31 1.85 3.23
H DTH A 8 9.92 -1.57 1.47
HA DTH A 8 8.95 1.17 1.12
HB DTH A 8 11.14 2.03 0.40
HG21 DTH A 8 11.14 0.99 -1.84
HG22 DTH A 8 9.50 1.33 -1.28
HG23 DTH A 8 10.13 -0.32 -1.23
N ALA A 9 10.98 -0.31 3.23
CA ALA A 9 11.59 -0.25 4.54
C ALA A 9 13.06 -0.04 4.37
N LEU A 10 13.71 -1.08 3.89
CA LEU A 10 15.13 -1.09 3.65
C LEU A 10 15.43 -0.57 2.27
N ILE A 11 14.40 -0.53 1.46
CA ILE A 11 14.51 -0.05 0.12
C ILE A 11 13.27 0.77 -0.19
N ZAE B 1 7.90 5.85 -0.90
CA ZAE B 1 8.73 4.87 -0.15
C ZAE B 1 8.01 3.52 -0.03
O ZAE B 1 8.14 2.66 -0.91
CB ZAE B 1 10.08 4.67 -0.85
CG ZAE B 1 11.26 4.89 0.04
CD1 ZAE B 1 11.31 4.29 1.27
CD2 ZAE B 1 12.31 5.69 -0.36
CE1 ZAE B 1 12.39 4.48 2.13
CE2 ZAE B 1 13.41 5.90 0.49
CZ ZAE B 1 13.45 5.29 1.73
C10 ZAE B 1 7.57 5.30 -2.22
H1 ZAE B 1 8.44 6.73 -1.03
HA ZAE B 1 8.91 5.24 0.86
HB2 ZAE B 1 10.13 3.65 -1.22
HB3 ZAE B 1 10.14 5.36 -1.68
HD1 ZAE B 1 10.49 3.69 1.59
HD2 ZAE B 1 12.29 6.17 -1.32
HE1 ZAE B 1 12.41 4.00 3.09
HE2 ZAE B 1 14.22 6.53 0.16
HZ ZAE B 1 14.29 5.44 2.38
H11 ZAE B 1 8.46 5.23 -2.83
H12 ZAE B 1 6.85 5.97 -2.71
H13 ZAE B 1 7.12 4.33 -2.11
N ILE B 2 7.25 3.34 1.03
CA ILE B 2 6.52 2.10 1.18
C ILE B 2 5.24 2.14 0.42
N SER B 3 5.09 1.17 -0.47
CA SER B 3 3.91 1.02 -1.27
C SER B 3 3.71 -0.42 -1.68
N DAR B 4 2.59 -0.64 -2.31
CA DAR B 4 2.26 -1.95 -2.78
CB DAR B 4 2.59 -2.09 -4.25
CG DAR B 4 4.04 -2.45 -4.55
CD DAR B 4 4.34 -2.44 -6.05
NE DAR B 4 5.78 -2.51 -6.33
CZ DAR B 4 6.36 -1.88 -7.35
NH1 DAR B 4 5.64 -1.16 -8.20
NH2 DAR B 4 7.67 -2.00 -7.54
C DAR B 4 0.79 -2.15 -2.55
O DAR B 4 0.03 -1.18 -2.61
H DAR B 4 1.96 0.10 -2.40
HA DAR B 4 2.81 -2.67 -2.20
HB2 DAR B 4 2.36 -1.15 -4.75
HB3 DAR B 4 1.95 -2.85 -4.67
HG2 DAR B 4 4.25 -3.44 -4.15
HG3 DAR B 4 4.67 -1.72 -4.07
HD2 DAR B 4 3.94 -1.53 -6.47
HD3 DAR B 4 3.87 -3.29 -6.50
HE DAR B 4 6.33 -3.05 -5.72
HH11 DAR B 4 6.09 -0.67 -8.99
HH12 DAR B 4 4.61 -1.08 -8.07
HH21 DAR B 4 8.12 -1.51 -8.34
HH22 DAR B 4 8.25 -2.56 -6.88
N 28J B 5 0.39 -3.39 -2.27
CA 28J B 5 -1.01 -3.68 -2.04
CB 28J B 5 -1.42 -3.52 -0.55
CG2 28J B 5 -0.33 -4.05 0.37
CG1 28J B 5 -1.74 -2.04 -0.23
CD1 28J B 5 -2.55 -1.86 1.04
C 28J B 5 -1.35 -5.09 -2.47
O 28J B 5 -0.48 -5.96 -2.63
HA 28J B 5 -1.59 -3.00 -2.63
H22 28J B 5 -2.30 -4.11 -0.39
H23 28J B 5 -0.21 -5.10 0.21
H24 28J B 5 -0.62 -3.87 1.40
H25 28J B 5 0.59 -3.54 0.17
H26 28J B 5 -2.29 -1.61 -1.05
H27 28J B 5 -0.81 -1.49 -0.10
H28 28J B 5 -2.02 -2.27 1.88
H29 28J B 5 -3.50 -2.36 0.93
H30 28J B 5 -2.72 -0.81 1.21
N ILE B 6 -2.62 -5.27 -2.77
CA ILE B 6 -3.12 -6.60 -3.08
C ILE B 6 -4.35 -6.51 -3.96
N SER B 7 -4.34 -7.25 -5.07
CA SER B 7 -5.47 -7.25 -5.98
C SER B 7 -5.33 -8.34 -7.01
N DTH B 8 -6.45 -8.77 -7.56
CA DTH B 8 -6.45 -9.83 -8.54
CB DTH B 8 -6.65 -9.30 -9.97
CG2 DTH B 8 -5.47 -8.41 -10.33
OG1 DTH B 8 -7.86 -8.56 -10.04
C DTH B 8 -7.59 -10.84 -8.37
O DTH B 8 -7.66 -11.82 -9.10
H DTH B 8 -7.30 -8.36 -7.30
HA DTH B 8 -5.48 -10.31 -8.49
HB DTH B 8 -6.72 -10.13 -10.68
HG21 DTH B 8 -5.42 -7.59 -9.65
HG22 DTH B 8 -5.59 -8.05 -11.35
HG23 DTH B 8 -4.56 -8.99 -10.27
N ALA B 9 -8.53 -10.53 -7.47
CA ALA B 9 -9.77 -11.31 -7.29
C ALA B 9 -10.80 -10.73 -8.19
N LEU B 10 -11.01 -9.44 -7.99
CA LEU B 10 -11.98 -8.72 -8.78
C LEU B 10 -11.34 -8.30 -10.09
N ILE B 11 -10.17 -7.70 -9.99
CA ILE B 11 -9.49 -7.27 -11.20
C ILE B 11 -8.18 -7.99 -11.30
N ZAE C 1 -5.16 -3.24 -8.09
CA ZAE C 1 -6.38 -2.94 -7.28
C ZAE C 1 -6.05 -2.05 -6.10
O ZAE C 1 -6.06 -0.81 -6.21
CB ZAE C 1 -7.42 -2.26 -8.17
CG ZAE C 1 -8.75 -2.92 -8.11
CD1 ZAE C 1 -8.84 -4.29 -7.93
CD2 ZAE C 1 -9.92 -2.18 -8.26
CE1 ZAE C 1 -10.07 -4.93 -7.89
CE2 ZAE C 1 -11.17 -2.81 -8.21
CZ ZAE C 1 -11.24 -4.18 -8.02
C10 ZAE C 1 -4.54 -1.97 -8.52
H1 ZAE C 1 -5.42 -3.79 -8.92
HA ZAE C 1 -6.79 -3.88 -6.92
HB2 ZAE C 1 -7.54 -1.24 -7.83
HB3 ZAE C 1 -7.07 -2.25 -9.18
HD1 ZAE C 1 -7.93 -4.86 -7.83
HD2 ZAE C 1 -9.86 -1.12 -8.39
HE1 ZAE C 1 -10.13 -5.99 -7.75
HE2 ZAE C 1 -12.07 -2.23 -8.31
HZ ZAE C 1 -12.20 -4.67 -7.99
H11 ZAE C 1 -3.59 -2.17 -9.00
H12 ZAE C 1 -4.38 -1.34 -7.65
H13 ZAE C 1 -5.20 -1.48 -9.22
N ILE C 2 -5.77 -2.64 -4.96
CA ILE C 2 -5.45 -1.84 -3.81
C ILE C 2 -3.96 -1.61 -3.72
N SER C 3 -3.61 -0.32 -3.67
CA SER C 3 -2.22 0.10 -3.55
C SER C 3 -2.13 1.45 -2.89
N DAR C 4 -0.93 1.79 -2.54
CA DAR C 4 -0.66 3.05 -1.91
CB DAR C 4 -0.27 4.10 -2.94
CG DAR C 4 -1.46 4.80 -3.62
CD DAR C 4 -1.00 5.81 -4.66
NE DAR C 4 -2.13 6.47 -5.34
CZ DAR C 4 -2.28 6.52 -6.67
NH1 DAR C 4 -1.35 5.98 -7.46
NH2 DAR C 4 -3.32 7.13 -7.20
C DAR C 4 0.46 2.84 -0.93
O DAR C 4 1.28 1.94 -1.14
H DAR C 4 -0.21 1.13 -2.66
HA DAR C 4 -1.54 3.36 -1.38
HB2 DAR C 4 0.31 3.62 -3.71
HB3 DAR C 4 0.33 4.85 -2.46
HG2 DAR C 4 -2.04 5.32 -2.86
HG3 DAR C 4 -2.07 4.05 -4.10
HD2 DAR C 4 -0.41 5.30 -5.40
HD3 DAR C 4 -0.40 6.57 -4.18
HE DAR C 4 -2.81 6.89 -4.77
HH11 DAR C 4 -1.47 6.01 -8.50
HH12 DAR C 4 -0.50 5.55 -7.05
HH21 DAR C 4 -3.43 7.16 -8.24
HH22 DAR C 4 -4.04 7.57 -6.59
N 28J C 5 0.50 3.65 0.12
CA 28J C 5 1.54 3.51 1.12
CB 28J C 5 1.19 2.50 2.23
CG2 28J C 5 -0.31 2.49 2.50
CG1 28J C 5 1.70 1.09 1.86
CD1 28J C 5 1.76 0.13 3.04
C 28J C 5 1.85 4.84 1.76
O 28J C 5 1.14 5.85 1.58
HA 28J C 5 2.43 3.17 0.61
H22 28J C 5 1.69 2.82 3.13
H23 28J C 5 -0.62 3.48 2.77
H24 28J C 5 -0.52 1.80 3.30
H25 28J C 5 -0.84 2.18 1.60
H26 28J C 5 2.69 1.16 1.45
H27 28J C 5 1.05 0.66 1.11
H28 28J C 5 0.76 -0.02 3.43
H29 28J C 5 2.39 0.54 3.79
H30 28J C 5 2.16 -0.83 2.70
N ILE C 6 2.97 4.87 2.43
CA ILE C 6 3.33 6.06 3.19
C ILE C 6 4.82 6.33 3.05
N SER C 7 5.17 7.59 2.81
CA SER C 7 6.56 7.96 2.66
C SER C 7 6.74 9.45 2.72
N DTH C 8 7.98 9.91 2.60
CA DTH C 8 8.26 11.32 2.67
CB DTH C 8 9.13 11.79 1.49
CG2 DTH C 8 8.39 11.52 0.20
OG1 DTH C 8 10.38 11.12 1.50
C DTH C 8 9.06 11.70 3.93
O DTH C 8 9.27 12.89 4.16
H DTH C 8 8.71 9.26 2.46
HA DTH C 8 7.32 11.85 2.64
HB DTH C 8 9.34 12.87 1.58
HG21 DTH C 8 7.47 12.07 0.18
HG22 DTH C 8 8.17 10.46 0.12
HG23 DTH C 8 9.00 11.82 -0.64
N ALA C 9 9.56 10.71 4.68
CA ALA C 9 10.45 10.93 5.83
C ALA C 9 11.85 10.92 5.34
N LEU C 10 12.17 9.80 4.71
CA LEU C 10 13.49 9.60 4.15
C LEU C 10 13.59 10.30 2.83
N ILE C 11 12.59 10.10 2.00
CA ILE C 11 12.60 10.74 0.71
C ILE C 11 11.33 11.55 0.54
N ZAE D 1 5.58 16.96 3.55
CA ZAE D 1 6.55 15.92 4.04
C ZAE D 1 6.03 14.52 3.79
O ZAE D 1 6.47 13.84 2.86
CB ZAE D 1 7.93 16.09 3.39
CG ZAE D 1 9.08 16.01 4.36
CD1 ZAE D 1 8.91 16.44 5.68
CD2 ZAE D 1 10.32 15.52 3.97
CE1 ZAE D 1 9.97 16.39 6.58
CE2 ZAE D 1 11.38 15.46 4.87
CZ ZAE D 1 11.20 15.90 6.17
C10 ZAE D 1 5.39 16.88 2.08
H1 ZAE D 1 5.94 17.91 3.76
HA ZAE D 1 6.66 16.07 5.10
HB2 ZAE D 1 8.06 15.29 2.66
HB3 ZAE D 1 7.98 17.04 2.88
HD1 ZAE D 1 7.96 16.82 6.00
HD2 ZAE D 1 10.46 15.17 2.96
HE1 ZAE D 1 9.83 16.72 7.59
HE2 ZAE D 1 12.34 15.07 4.55
HZ ZAE D 1 12.02 15.86 6.88
H11 ZAE D 1 4.67 17.63 1.76
H12 ZAE D 1 5.01 15.90 1.83
H13 ZAE D 1 6.33 17.03 1.57
N ILE D 2 5.08 14.10 4.60
CA ILE D 2 4.51 12.77 4.47
C ILE D 2 3.40 12.80 3.42
N SER D 3 3.41 11.82 2.52
CA SER D 3 2.38 11.69 1.51
C SER D 3 2.19 10.25 1.09
N DAR D 4 1.03 9.98 0.50
CA DAR D 4 0.70 8.65 0.07
CB DAR D 4 1.00 8.50 -1.41
CG DAR D 4 2.47 8.29 -1.68
CD DAR D 4 2.80 8.63 -3.13
NE DAR D 4 4.20 8.45 -3.43
CZ DAR D 4 4.83 9.17 -4.35
NH1 DAR D 4 6.12 8.97 -4.57
NH2 DAR D 4 4.15 10.07 -5.04
C DAR D 4 -0.77 8.34 0.32
O DAR D 4 -1.65 9.11 -0.08
H DAR D 4 0.41 10.72 0.33
HA DAR D 4 1.30 7.95 0.62
HB2 DAR D 4 0.69 9.40 -1.92
HB3 DAR D 4 0.45 7.66 -1.80
HG2 DAR D 4 2.71 7.26 -1.51
HG3 DAR D 4 3.05 8.92 -1.04
HD2 DAR D 4 2.53 9.66 -3.30
HD3 DAR D 4 2.22 7.98 -3.78
HE DAR D 4 4.70 7.78 -2.92
HH11 DAR D 4 6.61 9.53 -5.28
HH12 DAR D 4 6.63 8.24 -4.03
HH21 DAR D 4 4.63 10.65 -5.75
HH22 DAR D 4 3.12 10.19 -4.88
N 28J D 5 -1.02 7.21 0.98
CA 28J D 5 -2.38 6.80 1.26
CB 28J D 5 -2.63 6.62 2.78
CG2 28J D 5 -1.34 6.86 3.56
CG1 28J D 5 -3.73 7.57 3.29
CD1 28J D 5 -5.06 6.88 3.58
C 28J D 5 -2.69 5.50 0.50
O 28J D 5 -1.84 4.95 -0.20
HA 28J D 5 -3.03 7.57 0.90
H22 28J D 5 -2.94 5.60 2.96
H23 28J D 5 -1.53 6.71 4.62
H24 28J D 5 -1.02 7.88 3.41
H25 28J D 5 -0.58 6.18 3.23
H26 28J D 5 -3.91 8.33 2.54
H27 28J D 5 -3.40 8.04 4.20
H28 28J D 5 -5.78 7.17 2.83
H29 28J D 5 -5.41 7.18 4.55
H30 28J D 5 -4.91 5.81 3.54
N ILE D 6 -3.92 5.08 0.62
CA ILE D 6 -4.39 3.85 -0.02
C ILE D 6 -5.42 4.12 -1.14
N SER D 7 -5.29 3.54 -2.37
CA SER D 7 -6.32 3.78 -3.42
C SER D 7 -6.46 2.66 -4.46
N DTH D 8 -7.43 2.86 -5.39
CA DTH D 8 -7.67 1.92 -6.53
CB DTH D 8 -7.83 2.59 -7.94
CG2 DTH D 8 -6.74 3.60 -8.18
OG1 DTH D 8 -9.11 3.19 -8.09
C DTH D 8 -8.94 1.08 -6.24
O DTH D 8 -9.04 -0.05 -6.73
H DTH D 8 -8.08 3.58 -5.24
HA DTH D 8 -6.83 1.24 -6.57
HB DTH D 8 -7.76 1.81 -8.71
HG21 DTH D 8 -5.77 3.12 -8.11
HG22 DTH D 8 -6.79 4.38 -7.42
HG23 DTH D 8 -6.84 4.04 -9.15
N ALA D 9 -9.90 1.62 -5.49
CA ALA D 9 -11.13 0.91 -5.13
C ALA D 9 -12.13 1.04 -6.21
N LEU D 10 -12.50 2.28 -6.34
CA LEU D 10 -13.49 2.70 -7.31
C LEU D 10 -12.81 3.31 -8.51
N ILE D 11 -11.55 3.65 -8.34
CA ILE D 11 -10.79 4.28 -9.42
C ILE D 11 -9.39 3.70 -9.40
N ALA E 1 14.93 -8.64 -1.52
CA ALA E 1 16.34 -9.10 -1.67
C ALA E 1 16.69 -10.05 -0.56
N DGL E 2 18.05 -10.30 -0.52
CA DGL E 2 18.54 -11.20 0.68
C DGL E 2 17.66 -10.75 2.06
O DGL E 2 17.34 -9.64 2.15
CB DGL E 2 18.15 -12.66 0.58
CG DGL E 2 16.85 -12.98 -0.27
CD DGL E 2 15.78 -13.70 0.58
OE1 DGL E 2 14.89 -14.36 0.02
H DGL E 2 18.67 -10.01 -1.15
HA DGL E 2 19.62 -11.06 0.70
HB2 DGL E 2 18.02 -12.98 1.60
HB3 DGL E 2 18.99 -13.14 0.16
HG2 DGL E 2 17.12 -13.60 -1.07
HG3 DGL E 2 16.39 -12.07 -0.66
N LYS E 3 15.93 -13.65 1.89
CA LYS E 3 15.00 -14.27 2.81
C LYS E 3 14.50 -15.66 2.29
N DAL E 4 15.48 -16.63 2.56
CA DAL E 4 15.44 -18.19 2.39
CB DAL E 4 15.54 -18.81 0.78
C DAL E 4 14.27 -18.56 3.53
O DAL E 4 13.07 -18.70 3.25
H DAL E 4 16.32 -16.29 2.96
HA DAL E 4 16.32 -18.80 2.58
HB1 DAL E 4 14.69 -18.54 0.24
HB2 DAL E 4 15.66 -19.89 0.78
HB3 DAL E 4 16.45 -18.41 0.24
N DAL E 5 14.71 -18.59 4.85
CA DAL E 5 13.94 -19.03 6.14
CB DAL E 5 13.51 -20.43 5.63
C DAL E 5 12.79 -17.86 6.03
O DAL E 5 13.16 -16.62 6.18
OXT DAL E 5 11.58 -18.15 5.99
H DAL E 5 15.70 -18.41 4.97
HA DAL E 5 14.35 -19.10 7.14
HB1 DAL E 5 14.28 -21.05 5.43
HB2 DAL E 5 12.90 -20.26 4.70
HB3 DAL E 5 12.80 -20.90 6.34
N ALA F 1 -14.00 -4.00 -1.22
CA ALA F 1 -15.35 -3.38 -1.16
C ALA F 1 -16.41 -4.41 -1.09
N DGL F 2 -17.61 -4.08 -0.38
CA DGL F 2 -18.74 -5.03 -0.49
C DGL F 2 -18.82 -6.09 -1.68
O DGL F 2 -18.59 -7.31 -1.49
CB DGL F 2 -18.65 -6.10 0.69
CG DGL F 2 -17.22 -6.65 1.05
CD DGL F 2 -17.15 -8.21 1.11
OE1 DGL F 2 -17.35 -8.78 2.19
H DGL F 2 -17.66 -3.21 0.02
HA DGL F 2 -19.55 -4.31 -0.55
HB2 DGL F 2 -19.28 -6.93 0.34
HB3 DGL F 2 -19.09 -5.65 1.50
HG2 DGL F 2 -16.93 -6.26 1.97
HG3 DGL F 2 -16.46 -6.35 0.30
N LYS F 3 -17.01 -8.86 -0.03
CA LYS F 3 -16.94 -10.30 -0.13
C LYS F 3 -18.26 -11.01 0.28
N DAL F 4 -19.35 -10.33 -0.30
CA DAL F 4 -20.88 -10.69 -0.34
CB DAL F 4 -21.82 -10.25 1.03
C DAL F 4 -20.77 -12.21 -1.05
O DAL F 4 -20.83 -13.27 -0.40
H DAL F 4 -19.11 -9.51 -0.79
HA DAL F 4 -21.57 -10.09 -0.91
HB1 DAL F 4 -21.51 -10.82 1.86
HB2 DAL F 4 -22.89 -10.42 0.84
HB3 DAL F 4 -21.73 -9.16 1.28
N DAL F 5 -20.50 -12.22 -2.40
CA DAL F 5 -20.49 -13.42 -3.41
CB DAL F 5 -21.90 -13.96 -3.08
C DAL F 5 -19.27 -14.21 -2.66
O DAL F 5 -18.16 -13.68 -2.41
OXT DAL F 5 -19.53 -15.39 -2.16
H DAL F 5 -20.43 -11.32 -2.83
HA DAL F 5 -20.34 -13.37 -4.50
HB1 DAL F 5 -22.66 -13.34 -3.38
HB2 DAL F 5 -21.94 -14.12 -1.98
HB3 DAL F 5 -22.04 -14.97 -3.51
N ALA G 1 13.11 1.15 11.16
CA ALA G 1 14.30 0.52 11.78
C ALA G 1 15.35 1.54 12.10
N DGL G 2 16.50 1.10 12.80
CA DGL G 2 17.63 2.06 12.93
C DGL G 2 17.76 3.28 11.90
O DGL G 2 17.56 4.46 12.27
CB DGL G 2 17.43 2.94 14.22
CG DGL G 2 15.98 3.51 14.47
CD DGL G 2 15.98 5.06 14.64
OE1 DGL G 2 16.34 5.56 15.71
H DGL G 2 16.57 0.16 13.02
HA DGL G 2 18.46 1.36 12.83
HB2 DGL G 2 18.14 3.77 14.09
HB3 DGL G 2 17.74 2.32 15.01
HG2 DGL G 2 15.59 3.07 15.34
HG3 DGL G 2 15.30 3.29 13.62
N LYS G 3 15.65 5.78 13.58
CA LYS G 3 15.60 7.22 13.59
C LYS G 3 17.00 7.90 13.39
N DAL G 4 17.85 7.00 12.71
CA DAL G 4 19.30 7.20 12.14
CB DAL G 4 20.59 7.23 13.27
C DAL G 4 18.96 8.35 10.97
O DAL G 4 18.98 9.57 11.19
H DAL G 4 17.47 6.11 12.55
HA DAL G 4 19.84 6.38 11.68
HB1 DAL G 4 20.51 8.07 13.89
HB2 DAL G 4 21.56 7.24 12.75
HB3 DAL G 4 20.61 6.30 13.92
N DAL G 5 18.54 7.85 9.74
CA DAL G 5 18.28 8.61 8.40
CB DAL G 5 19.68 9.30 8.31
C DAL G 5 17.09 9.56 8.99
O DAL G 5 16.07 9.09 9.54
OXT DAL G 5 17.30 10.85 9.03
H DAL G 5 18.52 6.85 9.68
HA DAL G 5 18.02 8.17 7.44
HB1 DAL G 5 20.44 8.67 8.10
HB2 DAL G 5 19.84 9.82 9.29
HB3 DAL G 5 19.66 10.13 7.57
N ALA H 1 -16.99 4.70 1.35
CA ALA H 1 -17.41 4.28 2.71
C ALA H 1 -16.24 3.87 3.55
N DGL H 2 -16.50 3.36 4.84
CA DGL H 2 -15.37 2.75 5.59
C DGL H 2 -14.01 2.35 4.86
O DGL H 2 -14.18 1.44 3.96
CB DGL H 2 -14.71 3.87 6.51
CG DGL H 2 -14.74 5.35 5.96
CD DGL H 2 -13.37 6.08 6.16
OE1 DGL H 2 -13.35 7.28 6.45
H DGL H 2 -17.43 3.25 5.10
HA DGL H 2 -15.88 1.88 5.98
HB2 DGL H 2 -13.68 3.53 6.64
HB3 DGL H 2 -15.23 3.80 7.41
HG2 DGL H 2 -15.49 5.89 6.45
HG3 DGL H 2 -14.93 5.38 4.86
N LYS H 3 -12.28 5.34 6.11
CA LYS H 3 -10.94 5.87 6.29
C LYS H 3 -10.58 6.17 7.78
N DAL H 4 -9.49 5.36 8.16
CA DAL H 4 -8.64 5.36 9.49
CB DAL H 4 -8.37 6.88 10.25
C DAL H 4 -7.49 4.22 9.07
O DAL H 4 -6.30 4.51 8.90
H DAL H 4 -9.18 4.72 7.48
HA DAL H 4 -9.10 5.07 10.43
HB1 DAL H 4 -7.92 6.73 11.18
HB2 DAL H 4 -9.29 7.44 10.37
HB3 DAL H 4 -7.69 7.55 9.62
N DAL H 5 -7.96 2.95 8.82
CA DAL H 5 -7.16 1.59 8.57
CB DAL H 5 -6.20 1.74 9.79
C DAL H 5 -6.52 2.12 7.16
O DAL H 5 -5.24 2.04 7.03
OXT DAL H 5 -7.20 2.69 6.26
H DAL H 5 -8.95 2.85 8.95
HA DAL H 5 -7.57 0.59 8.52
HB1 DAL H 5 -5.35 1.16 9.73
HB2 DAL H 5 -6.80 1.47 10.69
HB3 DAL H 5 -5.93 2.80 9.94
C1 MUB I . 12.45 -5.95 1.61
C2 MUB I . 11.72 -6.39 0.34
C3 MUB I . 12.05 -7.88 0.10
C4 MUB I . 13.35 -8.32 0.80
C5 MUB I . 13.23 -8.15 2.31
C6 MUB I . 14.59 -7.96 2.95
C7 MUB I . 9.50 -7.22 0.75
C8 MUB I . 8.02 -6.99 0.83
C9 MUB I . 12.90 -7.31 -2.07
C10 MUB I . 14.36 -7.72 -2.35
C11 MUB I . 12.24 -6.14 -2.90
O1 MUB I . 11.84 -4.80 2.11
O3 MUB I . 12.05 -8.20 -1.31
O4 MUB I . 13.60 -9.71 0.43
O5 MUB I . 12.42 -6.98 2.63
O6 MUB I . 15.57 -7.68 1.98
O7 MUB I . 9.95 -8.31 1.05
O10 MUB I . 14.93 -7.25 -3.33
N2 MUB I . 10.30 -6.20 0.40
H1 MUB I . 13.52 -5.71 1.41
H2 MUB I . 12.07 -5.68 -0.42
HN2 MUB I . 9.90 -5.32 0.19
H81 MUB I . 7.66 -6.67 -0.15
H82 MUB I . 7.78 -6.23 1.55
H83 MUB I . 7.54 -7.92 1.13
H3 MUB I . 11.22 -8.52 0.41
H9 MUB I . 13.34 -6.85 -1.20
H111 MUB I . 11.30 -6.47 -3.38
H112 MUB I . 12.89 -5.82 -3.63
H113 MUB I . 12.06 -5.29 -2.22
H4 MUB I . 14.26 -8.00 0.29
H5 MUB I . 12.82 -8.99 2.77
H61 MUB I . 14.88 -8.96 3.32
H62 MUB I . 14.63 -7.26 3.83
HO6 MUB I . 16.29 -8.31 1.93
C1 NAG I . 12.45 -10.57 0.52
C2 NAG I . 12.82 -11.99 0.16
C3 NAG I . 11.55 -12.85 0.22
C4 NAG I . 10.82 -12.67 1.56
C5 NAG I . 10.63 -11.19 1.87
C6 NAG I . 10.02 -10.94 3.24
C7 NAG I . 12.80 -11.65 -2.26
C8 NAG I . 13.54 -11.74 -3.57
N2 NAG I . 13.43 -12.04 -1.14
O3 NAG I . 11.94 -14.22 0.06
O4 NAG I . 9.55 -13.30 1.48
O5 NAG I . 11.88 -10.49 1.83
O6 NAG I . 9.80 -9.57 3.49
O7 NAG I . 11.61 -11.32 -2.24
H1 NAG I . 11.76 -10.12 -0.23
H2 NAG I . 13.59 -12.45 0.70
H3 NAG I . 10.84 -12.58 -0.57
H4 NAG I . 11.36 -13.33 2.27
H5 NAG I . 9.93 -10.68 1.20
H61 NAG I . 10.66 -11.30 4.05
H62 NAG I . 9.09 -11.56 3.32
H81 NAG I . 13.76 -12.78 -3.78
H82 NAG I . 14.46 -11.19 -3.51
H83 NAG I . 12.93 -11.30 -4.35
HN2 NAG I . 14.37 -12.30 -1.20
HO3 NAG I . 12.70 -14.36 0.66
HO4 NAG I . 9.64 -14.16 1.07
HO6 NAG I . 9.84 -9.14 2.62
C1 MUB J . -11.24 -7.56 -3.40
C2 MUB J . -10.61 -6.56 -2.42
C3 MUB J . -11.52 -6.43 -1.19
C4 MUB J . -13.01 -6.69 -1.55
C5 MUB J . -13.21 -8.10 -2.10
C6 MUB J . -14.30 -8.12 -3.17
C7 MUB J . -9.09 -7.64 -0.89
C8 MUB J . -7.69 -8.02 -0.52
C9 MUB J . -11.53 -4.05 -1.44
C10 MUB J . -12.85 -3.27 -1.37
C11 MUB J . -10.30 -3.47 -2.23
O1 MUB J . -10.26 -8.14 -4.18
O3 MUB J . -11.33 -5.16 -0.54
O4 MUB J . -13.80 -6.46 -0.34
O5 MUB J . -11.98 -8.58 -2.70
O6 MUB J . -15.59 -8.05 -2.60
O7 MUB J . -10.00 -7.90 -0.14
O10 MUB J . -12.82 -2.05 -1.39
N2 MUB J . -9.28 -6.93 -2.01
H1 MUB J . -11.96 -7.07 -4.09
H2 MUB J . -10.52 -5.68 -3.06
HN2 MUB J . -8.52 -6.76 -2.62
H81 MUB J . -7.66 -8.27 0.53
H82 MUB J . -7.01 -7.20 -0.71
H83 MUB J . -7.39 -8.86 -1.14
H3 MUB J . -11.20 -7.09 -0.38
H9 MUB J . -12.09 -4.63 -2.14
H111 MUB J . -9.36 -3.57 -1.67
H112 MUB J . -10.46 -2.46 -2.43
H113 MUB J . -10.24 -3.99 -3.21
H4 MUB J . -13.46 -5.82 -2.05
H5 MUB J . -13.56 -8.78 -1.41
H61 MUB J . -14.28 -9.15 -3.60
H62 MUB J . -14.17 -7.43 -4.06
HO6 MUB J . -15.90 -7.16 -2.48
C1 NAG J . -13.31 -7.18 0.81
C2 NAG J . -14.27 -7.02 1.97
C3 NAG J . -13.72 -7.75 3.19
C4 NAG J . -13.34 -9.20 2.82
C5 NAG J . -12.46 -9.23 1.57
C6 NAG J . -12.14 -10.65 1.11
C7 NAG J . -13.50 -4.77 2.48
C8 NAG J . -13.85 -3.32 2.75
N2 NAG J . -14.50 -5.63 2.24
O3 NAG J . -14.74 -7.76 4.18
O4 NAG J . -12.62 -9.76 3.91
O5 NAG J . -13.10 -8.54 0.49
O6 NAG J . -11.46 -10.66 -0.14
O7 NAG J . -12.34 -5.15 2.61
H1 NAG J . -12.34 -6.67 1.01
H2 NAG J . -15.28 -7.26 1.84
H3 NAG J . -12.83 -7.26 3.59
H4 NAG J . -14.30 -9.76 2.86
H5 NAG J . -11.47 -8.80 1.71
H61 NAG J . -13.06 -11.23 0.95
H62 NAG J . -11.59 -11.16 1.92
H81 NAG J . -14.45 -3.27 3.64
H82 NAG J . -14.40 -2.92 1.92
H83 NAG J . -12.92 -2.76 2.86
HN2 NAG J . -15.41 -5.28 2.16
HO3 NAG J . -15.06 -6.86 4.27
HO4 NAG J . -13.09 -9.60 4.73
HO6 NAG J . -11.82 -9.90 -0.62
C1 MUB K . 11.60 4.48 7.62
C2 MUB K . 10.75 3.45 8.37
C3 MUB K . 11.05 3.59 9.87
C4 MUB K . 12.55 3.78 10.11
C5 MUB K . 13.03 5.08 9.47
C6 MUB K . 14.34 4.90 8.74
C7 MUB K . 8.58 4.38 8.87
C8 MUB K . 7.11 4.46 8.56
C9 MUB K . 10.89 1.21 10.06
C10 MUB K . 12.05 0.43 10.69
C11 MUB K . 9.95 0.50 9.01
O1 MUB K . 10.86 5.04 6.59
O3 MUB K . 10.51 2.48 10.62
O4 MUB K . 12.81 3.78 11.55
O5 MUB K . 12.04 5.54 8.49
O6 MUB K . 14.32 3.76 7.91
O7 MUB K . 9.04 4.99 9.81
O10 MUB K . 11.95 -0.79 10.85
N2 MUB K . 9.34 3.56 8.13
H1 MUB K . 12.49 4.03 7.17
H2 MUB K . 11.06 2.51 7.89
HN2 MUB K . 8.93 3.09 7.35
H81 MUB K . 6.99 4.79 7.54
H82 MUB K . 6.64 5.18 9.21
H83 MUB K . 6.67 3.50 8.73
H3 MUB K . 10.45 4.40 10.31
H9 MUB K . 11.71 1.63 9.49
H111 MUB K . 10.41 -0.40 8.57
H112 MUB K . 9.76 1.17 8.23
H113 MUB K . 8.98 0.27 9.49
H4 MUB K . 13.13 2.85 9.95
H5 MUB K . 13.22 5.84 10.11
H61 MUB K . 15.09 4.63 9.52
H62 MUB K . 14.74 5.81 8.20
HO6 MUB K . 15.18 3.38 7.73
C1 NAG K . 11.94 4.64 12.30
C2 NAG K . 12.30 4.61 13.76
C3 NAG K . 11.30 5.46 14.53
C4 NAG K . 11.20 6.87 13.90
C5 NAG K . 10.98 6.77 12.39
C6 NAG K . 10.99 8.14 11.71
C7 NAG K . 11.25 2.45 14.17
C8 NAG K . 11.36 1.03 14.70
N2 NAG K . 12.31 3.24 14.24
O3 NAG K . 11.76 5.56 15.87
O4 NAG K . 10.11 7.56 14.49
O5 NAG K . 11.99 5.96 11.78
O6 NAG K . 10.92 8.03 10.30
O7 NAG K . 10.15 2.88 13.80
H1 NAG K . 10.94 4.18 12.10
H2 NAG K . 13.27 4.83 14.09
H3 NAG K . 10.29 5.03 14.51
H4 NAG K . 12.07 7.43 14.31
H5 NAG K . 10.00 6.39 12.11
H61 NAG K . 11.93 8.68 11.92
H62 NAG K . 10.19 8.76 12.14
H81 NAG K . 10.42 0.54 14.58
H82 NAG K . 11.62 1.06 15.74
H83 NAG K . 12.15 0.53 14.15
HN2 NAG K . 13.17 2.87 14.55
HO3 NAG K . 11.74 4.67 16.25
HO4 NAG K . 10.13 7.44 15.44
HO6 NAG K . 11.54 7.31 10.07
C1 MUB L . -13.35 5.77 -1.28
C2 MUB L . -14.69 6.04 -1.97
C3 MUB L . -15.50 7.01 -1.07
C4 MUB L . -15.12 6.98 0.45
C5 MUB L . -13.62 7.17 0.69
C6 MUB L . -13.11 6.19 1.72
C7 MUB L . -14.52 7.91 -3.47
C8 MUB L . -14.35 8.46 -4.87
C9 MUB L . -17.31 5.43 -1.01
C10 MUB L . -17.88 5.03 0.36
C11 MUB L . -17.37 4.42 -2.21
O1 MUB L . -12.38 5.43 -2.22
O3 MUB L . -16.92 6.80 -1.25
O4 MUB L . -15.92 7.97 1.14
O5 MUB L . -12.88 6.93 -0.54
O6 MUB L . -13.48 4.85 1.40
O7 MUB L . -14.59 8.68 -2.53
O10 MUB L . -19.09 5.10 0.54
N2 MUB L . -14.53 6.59 -3.29
H1 MUB L . -13.44 4.93 -0.53
H2 MUB L . -15.08 5.02 -2.12
HN2 MUB L . -14.45 5.98 -4.08
H81 MUB L . -15.17 8.10 -5.48
H82 MUB L . -13.42 8.11 -5.29
H83 MUB L . -14.35 9.53 -4.80
H3 MUB L . -15.40 8.04 -1.42
H9 MUB L . -16.40 5.21 -0.48
H111 MUB L . -17.64 4.93 -3.15
H112 MUB L . -18.08 3.70 -2.02
H113 MUB L . -16.39 3.91 -2.31
H4 MUB L . -15.65 6.16 0.96
H5 MUB L . -13.39 8.11 1.05
H61 MUB L . -13.69 6.38 2.66
H62 MUB L . -12.03 6.28 1.99
HO6 MUB L . -14.09 4.43 2.00
C1 NAG L . -15.92 9.28 0.52
C2 NAG L . -16.55 10.29 1.46
C3 NAG L . -16.58 11.65 0.77
C4 NAG L . -15.20 12.03 0.23
C5 NAG L . -14.60 10.88 -0.58
C6 NAG L . -13.17 11.16 -1.01
C7 NAG L . -18.79 9.47 0.91
C8 NAG L . -20.15 9.02 1.37
N2 NAG L . -17.88 9.84 1.81
O3 NAG L . -17.01 12.61 1.74
O4 NAG L . -15.31 13.18 -0.58
O5 NAG L . -14.60 9.67 0.17
O6 NAG L . -12.60 10.06 -1.70
O7 NAG L . -18.58 9.59 -0.30
H1 NAG L . -16.54 9.10 -0.39
H2 NAG L . -16.16 10.37 2.43
H3 NAG L . -17.28 11.67 -0.08
H4 NAG L . -14.66 12.41 1.13
H5 NAG L . -15.11 10.71 -1.54
H61 NAG L . -12.50 11.37 -0.16
H62 NAG L . -13.17 12.08 -1.62
H81 NAG L . -20.77 8.82 0.52
H82 NAG L . -20.61 9.79 1.96
H83 NAG L . -20.03 8.13 2.00
HN2 NAG L . -18.10 9.75 2.76
HO3 NAG L . -17.88 12.33 2.06
HO4 NAG L . -15.84 13.84 -0.13
HO6 NAG L . -13.35 9.49 -1.92
P 2PO M . 11.71 -3.43 1.24
O1P 2PO M . 12.97 -2.66 1.32
O2P 2PO M . 11.20 -3.78 -0.13
O3P 2PO M . 10.56 -2.63 2.00
P 2PO N . 9.62 -3.37 3.03
O1P 2PO N . 8.56 -2.42 3.51
O2P 2PO N . 9.20 -4.67 2.42
O3P 2PO N . 10.64 -3.67 4.22
C1 P1W O . 10.41 -4.74 5.11
C2 P1W O . 8.93 -4.97 5.21
C3 P1W O . 8.13 -4.38 6.09
C4 P1W O . 6.64 -4.67 6.07
C5 P1W O . 8.62 -3.39 7.14
H12 P1W O . 10.80 -4.50 6.09
H11 P1W O . 10.90 -5.63 4.74
H2 P1W O . 8.50 -5.43 4.34
H41 P1W O . 6.13 -3.88 5.55
H42 P1W O . 6.47 -5.61 5.54
H51 P1W O . 9.45 -2.81 6.73
H52 P1W O . 8.94 -3.93 8.01
H53 P1W O . 7.82 -2.72 7.40
C1 P1W P . 6.07 -4.80 7.47
C2 P1W P . 4.70 -4.18 7.52
C3 P1W P . 4.34 -3.25 8.42
C4 P1W P . 2.95 -2.66 8.47
C5 P1W P . 5.31 -2.66 9.44
H12 P1W P . 6.01 -5.84 7.72
H11 P1W P . 6.72 -4.28 8.16
H2 P1W P . 3.94 -4.73 6.98
H41 P1W P . 3.00 -1.59 8.43
H42 P1W P . 2.38 -3.03 7.63
H51 P1W P . 5.66 -3.44 10.10
H52 P1W P . 4.79 -1.90 10.02
H53 P1W P . 6.15 -2.21 8.94
C1 P1W Q . 2.24 -3.08 9.76
C2 P1W Q . 0.91 -2.41 9.89
C3 P1W Q . 0.56 -1.57 10.89
C4 P1W Q . -0.81 -0.90 10.96
C5 P1W Q . 1.50 -1.20 12.04
H12 P1W Q . 2.10 -4.15 9.75
H11 P1W Q . 2.85 -2.82 10.60
H2 P1W Q . 0.32 -2.44 8.99
H43 P1W Q . -1.33 -1.25 11.85
H41 P1W Q . -1.39 -1.18 10.08
H42 P1W Q . -0.69 0.16 10.99
H51 P1W Q . 1.00 -0.49 12.68
H52 P1W Q . 2.39 -0.76 11.62
H53 P1W Q . 1.75 -2.08 12.60
C1 P1W R . -6.58 -14.13 -4.12
C2 P1W R . -6.16 -15.29 -4.99
C3 P1W R . -4.99 -15.96 -4.84
C4 P1W R . -4.58 -17.12 -5.72
C5 P1W R . -3.97 -15.64 -3.74
H12 P1W R . -6.63 -13.24 -4.71
H11 P1W R . -5.85 -14.01 -3.34
H2 P1W R . -6.72 -15.38 -5.91
H41 P1W R . -5.30 -17.91 -5.63
H42 P1W R . -3.61 -17.47 -5.42
H51 P1W R . -3.62 -14.64 -3.88
H52 P1W R . -3.15 -16.33 -3.80
H53 P1W R . -4.45 -15.73 -2.77
C1 P1W S . -4.52 -16.69 -7.19
C2 P1W S . -3.37 -17.37 -7.89
C3 P1W S . -3.51 -18.19 -8.96
C4 P1W S . -2.30 -18.84 -9.65
C5 P1W S . -4.85 -18.53 -9.60
H12 P1W S . -5.44 -16.97 -7.67
H11 P1W S . -4.38 -15.62 -7.25
H2 P1W S . -2.41 -17.16 -7.49
H43 P1W S . -2.38 -18.70 -10.72
H41 P1W S . -2.30 -19.91 -9.42
H42 P1W S . -1.40 -18.39 -9.28
H51 P1W S . -5.37 -17.61 -9.84
H52 P1W S . -5.43 -19.12 -8.90
H53 P1W S . -4.69 -19.10 -10.52
P 2PO T . -9.35 -7.22 -5.15
O1P 2PO T . -9.55 -7.65 -6.56
O2P 2PO T . -9.60 -5.78 -4.84
O3P 2PO T . -7.85 -7.57 -4.72
P 2PO U . -7.47 -9.04 -4.17
O1P 2PO U . -7.25 -9.90 -5.39
O2P 2PO U . -6.37 -8.89 -3.20
O3P 2PO U . -8.81 -9.46 -3.37
C1 P1W V . -8.93 -10.65 -2.56
C2 P1W V . -8.39 -11.88 -3.26
C3 P1W V . -8.50 -13.16 -2.75
C4 P1W V . -7.96 -14.37 -3.47
C5 P1W V . -9.21 -13.48 -1.43
H12 P1W V . -9.97 -10.80 -2.32
H11 P1W V . -8.38 -10.49 -1.63
H2 P1W V . -8.13 -11.74 -4.28
H41 P1W V . -8.65 -14.67 -4.24
H42 P1W V . -7.85 -15.18 -2.76
H51 P1W V . -8.74 -12.93 -0.63
H52 P1W V . -9.15 -14.54 -1.24
H53 P1W V . -10.25 -13.19 -1.50
P 2PO W . 10.76 4.27 5.18
O1P 2PO W . 11.93 3.35 5.03
O2P 2PO W . 9.42 3.69 5.06
O3P 2PO W . 10.89 5.44 4.10
P 2PO X . 9.79 6.58 4.01
O1P 2PO X . 10.44 7.80 3.39
O2P 2PO X . 8.59 6.01 3.38
O3P 2PO X . 9.45 6.81 5.57
C1 P1W Y . 8.28 7.51 6.01
C2 P1W Y . 8.15 7.48 7.53
C3 P1W Y . 7.60 8.51 8.26
C4 P1W Y . 7.48 8.48 9.77
C5 P1W Y . 7.05 9.77 7.61
H12 P1W Y . 7.41 7.06 5.57
H11 P1W Y . 8.36 8.55 5.69
H2 P1W Y . 8.23 6.50 7.97
H41 P1W Y . 8.08 9.27 10.20
H42 P1W Y . 7.83 7.52 10.13
H51 P1W Y . 5.97 9.72 7.61
H52 P1W Y . 7.42 9.84 6.59
H53 P1W Y . 7.38 10.63 8.16
C1 P1W Z . 6.02 8.65 10.23
C2 P1W Z . 5.95 9.38 11.56
C3 P1W Z . 5.57 10.67 11.68
C4 P1W Z . 5.50 11.39 13.00
C5 P1W Z . 5.14 11.54 10.48
H12 P1W Z . 5.49 9.21 9.48
H11 P1W Z . 5.57 7.68 10.35
H2 P1W Z . 6.49 8.90 12.36
H41 P1W Z . 5.60 10.69 13.80
H42 P1W Z . 4.56 11.91 13.08
H51 P1W Z . 4.14 11.26 10.20
H52 P1W Z . 5.81 11.37 9.66
H53 P1W Z . 5.16 12.58 10.76
C1 P1W AA . 6.63 12.43 13.12
C2 P1W AA . 7.16 12.47 14.53
C3 P1W AA . 8.29 11.86 14.95
C4 P1W AA . 8.79 11.96 16.40
C5 P1W AA . 9.19 11.02 14.05
H12 P1W AA . 7.44 12.15 12.46
H11 P1W AA . 6.26 13.40 12.86
H2 P1W AA . 6.55 13.02 15.21
H43 P1W AA . 8.04 12.46 17.01
H41 P1W AA . 9.70 12.54 16.43
H42 P1W AA . 8.97 10.97 16.78
H51 P1W AA . 9.86 10.43 14.66
H52 P1W AA . 9.76 11.69 13.42
H53 P1W AA . 8.58 10.38 13.43
P 2PO BA . -11.21 4.38 -1.87
O1P 2PO BA . -10.10 5.09 -1.18
O2P 2PO BA . -11.79 3.17 -1.19
O3P 2PO BA . -10.67 3.94 -3.28
P 2PO CA . -9.97 5.00 -4.22
O1P 2PO CA . -8.70 5.44 -3.58
O2P 2PO CA . -9.92 4.48 -5.60
O3P 2PO CA . -10.98 6.22 -4.20
C1 P1W DA . -10.47 7.53 -4.09
C2 P1W DA . -10.37 7.87 -2.62
C3 P1W DA . -9.75 8.93 -2.08
C4 P1W DA . -9.72 9.14 -0.59
C5 P1W DA . -8.97 9.98 -2.88
H12 P1W DA . -11.13 8.22 -4.58
H11 P1W DA . -9.50 7.57 -4.55
H2 P1W DA . -10.97 7.24 -1.99
H41 P1W DA . -10.56 8.63 -0.14
H42 P1W DA . -9.74 10.18 -0.36
H51 P1W DA . -7.93 9.97 -2.56
H52 P1W DA . -9.39 10.96 -2.68
H53 P1W DA . -9.03 9.76 -3.93
C1 P1W EA . -8.43 8.52 -0.09
C2 P1W EA . -8.07 9.19 1.22
C3 P1W EA . -6.81 9.54 1.56
C4 P1W EA . -6.46 10.18 2.88
C5 P1W EA . -5.62 9.41 0.61
H12 P1W EA . -8.60 7.47 0.08
H11 P1W EA . -7.64 8.66 -0.81
H2 P1W EA . -8.79 9.03 2.00
H41 P1W EA . -6.50 11.26 2.78
H42 P1W EA . -5.45 9.89 3.17
H51 P1W EA . -5.85 9.94 -0.31
H52 P1W EA . -5.45 8.37 0.39
H53 P1W EA . -4.74 9.84 1.05
C1 P1W FA . -7.42 9.75 3.98
C2 P1W FA . -6.94 10.20 5.33
C3 P1W FA . -6.85 9.42 6.43
C4 P1W FA . -6.33 9.95 7.78
C5 P1W FA . -7.27 7.96 6.45
H12 P1W FA . -8.39 10.19 3.80
H11 P1W FA . -7.51 8.68 3.99
H2 P1W FA . -6.67 11.23 5.37
H43 P1W FA . -5.44 9.40 8.06
H41 P1W FA . -7.09 9.81 8.54
H42 P1W FA . -6.10 11.00 7.68
H51 P1W FA . -6.64 7.41 7.13
H52 P1W FA . -7.16 7.55 5.46
H53 P1W FA . -8.30 7.87 6.77
N ZAE A 1 -5.92 -14.13 -7.52
CA ZAE A 1 -6.08 -14.02 -6.02
C ZAE A 1 -5.60 -12.67 -5.50
O ZAE A 1 -6.32 -11.68 -5.57
CB ZAE A 1 -7.56 -14.22 -5.63
CG ZAE A 1 -7.74 -14.83 -4.26
CD1 ZAE A 1 -8.01 -16.19 -4.12
CD2 ZAE A 1 -7.70 -14.03 -3.11
CE1 ZAE A 1 -8.17 -16.75 -2.86
CE2 ZAE A 1 -7.86 -14.59 -1.86
CZ ZAE A 1 -8.13 -15.94 -1.73
C10 ZAE A 1 -6.91 -13.29 -8.22
H1 ZAE A 1 -6.07 -15.11 -7.81
HA ZAE A 1 -5.50 -14.80 -5.56
HB2 ZAE A 1 -8.06 -13.27 -5.64
HB3 ZAE A 1 -8.03 -14.87 -6.35
HD1 ZAE A 1 -8.05 -16.81 -4.99
HD2 ZAE A 1 -7.49 -12.98 -3.20
HE1 ZAE A 1 -8.38 -17.80 -2.76
HE2 ZAE A 1 -7.82 -13.98 -0.98
HZ ZAE A 1 -8.26 -16.37 -0.76
H11 ZAE A 1 -6.84 -13.46 -9.29
H12 ZAE A 1 -6.70 -12.24 -8.02
H13 ZAE A 1 -7.90 -13.53 -7.88
N ILE A 2 -4.38 -12.63 -4.99
CA ILE A 2 -3.83 -11.39 -4.47
C ILE A 2 -2.52 -11.07 -5.19
N SER A 3 -2.20 -9.78 -5.29
CA SER A 3 -0.96 -9.34 -5.91
C SER A 3 -0.47 -8.05 -5.26
N DAR A 4 0.84 -7.98 -5.10
CA DAR A 4 1.47 -6.83 -4.48
CB DAR A 4 2.39 -6.16 -5.48
CG DAR A 4 1.75 -5.97 -6.84
CD DAR A 4 0.98 -4.67 -6.89
NE DAR A 4 -0.14 -4.67 -5.96
CZ DAR A 4 -0.84 -3.57 -5.65
NH1 DAR A 4 -1.83 -3.64 -4.78
NH2 DAR A 4 -0.53 -2.41 -6.20
C DAR A 4 2.29 -7.23 -3.28
O DAR A 4 3.24 -8.00 -3.40
H DAR A 4 1.41 -8.70 -5.46
HA DAR A 4 0.70 -6.15 -4.19
HB2 DAR A 4 3.27 -6.76 -5.60
HB3 DAR A 4 2.67 -5.19 -5.10
HG2 DAR A 4 1.08 -6.80 -7.03
HG3 DAR A 4 2.53 -5.96 -7.59
HD2 DAR A 4 0.60 -4.53 -7.89
HD3 DAR A 4 1.65 -3.86 -6.64
HE DAR A 4 -0.40 -5.52 -5.55
HH11 DAR A 4 -2.37 -2.80 -4.53
HH12 DAR A 4 -2.08 -4.56 -4.34
HH21 DAR A 4 -1.06 -1.55 -5.95
HH22 DAR A 4 0.26 -2.35 -6.87
N 28J A 5 1.92 -6.69 -2.13
CA 28J A 5 2.65 -6.97 -0.91
CB 28J A 5 1.91 -7.97 0.03
CG2 28J A 5 1.69 -9.28 -0.69
CG1 28J A 5 2.71 -8.22 1.32
CD1 28J A 5 1.87 -8.81 2.45
C 28J A 5 2.95 -5.68 -0.18
O 28J A 5 2.28 -4.65 -0.36
HA 28J A 5 3.59 -7.42 -1.18
H22 28J A 5 0.94 -7.55 0.29
H23 28J A 5 2.65 -9.70 -0.96
H24 28J A 5 1.10 -9.12 -1.58
H25 28J A 5 1.18 -9.98 -0.03
H26 28J A 5 3.13 -7.29 1.67
H27 28J A 5 3.51 -8.92 1.11
H28 28J A 5 2.51 -8.96 3.31
H29 28J A 5 1.47 -9.75 2.14
H30 28J A 5 1.08 -8.13 2.70
N ILE A 6 4.02 -5.72 0.60
CA ILE A 6 4.49 -4.62 1.42
C ILE A 6 6.01 -4.33 1.23
N SER A 7 6.37 -3.16 0.64
CA SER A 7 7.81 -2.80 0.49
C SER A 7 8.02 -1.27 0.32
N DTH A 8 9.24 -0.90 -0.07
CA DTH A 8 9.62 0.51 -0.28
CB DTH A 8 10.32 0.75 -1.64
CG2 DTH A 8 9.50 0.11 -2.74
OG1 DTH A 8 11.64 0.22 -1.64
C DTH A 8 10.62 0.96 0.79
O DTH A 8 11.11 2.08 0.70
H DTH A 8 9.92 -1.60 -0.19
HA DTH A 8 8.73 1.10 -0.23
HB DTH A 8 10.40 1.83 -1.82
HG21 DTH A 8 8.51 0.53 -2.75
HG22 DTH A 8 9.44 -0.96 -2.58
HG23 DTH A 8 9.98 0.30 -3.69
N ALA A 9 10.98 0.08 1.71
CA ALA A 9 11.96 0.34 2.74
C ALA A 9 13.32 0.35 2.15
N LEU A 10 13.60 -0.77 1.55
CA LEU A 10 14.90 -0.98 0.92
C LEU A 10 14.93 -0.31 -0.43
N ILE A 11 13.91 -0.57 -1.22
CA ILE A 11 13.84 -0.01 -2.56
C ILE A 11 12.47 0.61 -2.72
N ZAE B 1 8.19 4.58 3.57
CA ZAE B 1 7.66 3.59 4.56
C ZAE B 1 7.16 2.30 3.89
O ZAE B 1 7.94 1.37 3.66
CB ZAE B 1 8.72 3.22 5.60
CG ZAE B 1 8.12 2.87 6.93
CD1 ZAE B 1 8.57 3.47 8.08
CD2 ZAE B 1 7.04 1.98 7.00
CE1 ZAE B 1 8.00 3.17 9.31
CE2 ZAE B 1 6.47 1.67 8.22
CZ ZAE B 1 6.94 2.28 9.38
C10 ZAE B 1 8.87 3.94 2.45
H1 ZAE B 1 8.87 5.21 4.05
HA ZAE B 1 6.82 4.05 5.08
HB2 ZAE B 1 9.28 2.38 5.25
HB3 ZAE B 1 9.38 4.06 5.75
HD1 ZAE B 1 9.40 4.15 8.04
HD2 ZAE B 1 6.68 1.51 6.10
HE1 ZAE B 1 8.36 3.64 10.21
HE2 ZAE B 1 5.65 0.97 8.27
HZ ZAE B 1 6.49 2.04 10.33
H11 ZAE B 1 8.12 3.48 1.80
H12 ZAE B 1 9.53 3.17 2.82
H13 ZAE B 1 9.43 4.66 1.90
N ILE B 2 5.88 2.23 3.57
CA ILE B 2 5.32 1.04 2.96
C ILE B 2 4.56 1.42 1.72
N SER B 3 4.79 0.67 0.66
CA SER B 3 4.11 0.91 -0.60
C SER B 3 3.62 -0.40 -1.21
N DAR B 4 2.43 -0.30 -1.77
CA DAR B 4 1.82 -1.45 -2.40
CB DAR B 4 1.63 -1.21 -3.88
CG DAR B 4 2.88 -0.73 -4.60
CD DAR B 4 3.80 -1.90 -4.93
NE DAR B 4 4.44 -2.44 -3.74
CZ DAR B 4 5.29 -3.47 -3.74
NH1 DAR B 4 5.59 -4.08 -4.89
NH2 DAR B 4 5.82 -3.89 -2.60
C DAR B 4 0.48 -1.75 -1.78
O DAR B 4 -0.44 -0.92 -1.86
H DAR B 4 1.95 0.56 -1.76
HA DAR B 4 2.47 -2.30 -2.26
HB2 DAR B 4 0.86 -0.47 -4.02
HB3 DAR B 4 1.31 -2.13 -4.34
HG2 DAR B 4 3.40 -0.04 -3.97
HG3 DAR B 4 2.59 -0.25 -5.51
HD2 DAR B 4 4.57 -1.56 -5.61
HD3 DAR B 4 3.22 -2.67 -5.41
HE DAR B 4 4.22 -2.01 -2.88
HH11 DAR B 4 6.26 -4.88 -4.89
HH12 DAR B 4 5.15 -3.78 -5.78
HH21 DAR B 4 6.49 -4.69 -2.61
HH22 DAR B 4 5.59 -3.42 -1.72
N 28J B 5 0.37 -2.93 -1.17
CA 28J B 5 -0.86 -3.36 -0.56
CB 28J B 5 -0.77 -3.37 0.99
CG2 28J B 5 -1.72 -2.35 1.57
CG1 28J B 5 -1.10 -4.76 1.55
CD1 28J B 5 -1.09 -4.82 3.07
C 28J B 5 -1.27 -4.74 -1.08
O 28J B 5 -0.41 -5.55 -1.48
HA 28J B 5 -1.64 -2.66 -0.85
H22 28J B 5 0.24 -3.09 1.28
H23 28J B 5 -2.74 -2.61 1.32
H24 28J B 5 -1.50 -1.37 1.19
H25 28J B 5 -1.63 -2.34 2.66
H26 28J B 5 -0.36 -5.47 1.19
H27 28J B 5 -2.08 -5.05 1.21
H28 28J B 5 -1.34 -5.82 3.39
H29 28J B 5 -1.84 -4.14 3.46
H30 28J B 5 -0.11 -4.55 3.44
N ILE B 6 -2.57 -4.98 -1.14
CA ILE B 6 -3.13 -6.28 -1.55
C ILE B 6 -4.28 -6.14 -2.55
N SER B 7 -4.07 -6.51 -3.83
CA SER B 7 -5.16 -6.45 -4.84
C SER B 7 -4.84 -7.26 -6.09
N DTH B 8 -5.90 -7.59 -6.82
CA DTH B 8 -5.82 -8.36 -8.08
CB DTH B 8 -6.17 -7.51 -9.33
CG2 DTH B 8 -5.27 -6.29 -9.36
OG1 DTH B 8 -7.54 -7.11 -9.29
C DTH B 8 -6.85 -9.53 -8.12
O DTH B 8 -6.75 -10.31 -9.07
H DTH B 8 -6.79 -7.37 -6.46
HA DTH B 8 -4.82 -8.74 -8.18
HB DTH B 8 -6.02 -8.12 -10.23
HG21 DTH B 8 -5.42 -5.69 -8.48
HG22 DTH B 8 -5.49 -5.70 -10.24
HG23 DTH B 8 -4.23 -6.61 -9.39
N ALA B 9 -7.79 -9.59 -7.18
CA ALA B 9 -8.84 -10.60 -7.11
C ALA B 9 -9.90 -10.31 -8.12
N LEU B 10 -10.51 -9.21 -7.82
CA LEU B 10 -11.59 -8.61 -8.54
C LEU B 10 -11.05 -7.77 -9.67
N ILE B 11 -10.07 -6.93 -9.32
CA ILE B 11 -9.47 -6.03 -10.29
C ILE B 11 -8.00 -6.39 -10.43
N ZAE C 1 -8.33 -4.04 -4.25
CA ZAE C 1 -8.26 -3.87 -2.77
C ZAE C 1 -7.66 -2.53 -2.34
O ZAE C 1 -8.28 -1.47 -2.52
CB ZAE C 1 -9.65 -3.99 -2.17
CG ZAE C 1 -9.65 -4.30 -0.69
CD1 ZAE C 1 -9.94 -5.58 -0.23
CD2 ZAE C 1 -9.37 -3.30 0.24
CE1 ZAE C 1 -9.92 -5.87 1.12
CE2 ZAE C 1 -9.35 -3.59 1.60
CZ ZAE C 1 -9.64 -4.87 2.04
C10 ZAE C 1 -9.53 -3.43 -4.81
H1 ZAE C 1 -8.33 -5.06 -4.50
HA ZAE C 1 -7.65 -4.67 -2.37
HB2 ZAE C 1 -10.17 -3.05 -2.30
HB3 ZAE C 1 -10.19 -4.77 -2.67
HD1 ZAE C 1 -10.16 -6.36 -0.94
HD2 ZAE C 1 -9.13 -2.31 -0.10
HE1 ZAE C 1 -10.16 -6.87 1.47
HE2 ZAE C 1 -9.13 -2.81 2.31
HZ ZAE C 1 -9.64 -5.09 3.10
H11 ZAE C 1 -9.58 -3.61 -5.88
H12 ZAE C 1 -9.50 -2.36 -4.63
H13 ZAE C 1 -10.41 -3.85 -4.33
N ILE C 2 -6.45 -2.56 -1.80
CA ILE C 2 -5.81 -1.35 -1.32
C ILE C 2 -4.41 -1.24 -1.91
N SER C 3 -4.08 -0.06 -2.39
CA SER C 3 -2.77 0.18 -2.93
C SER C 3 -2.26 1.53 -2.51
N DAR C 4 -0.95 1.60 -2.34
CA DAR C 4 -0.30 2.82 -1.94
CB DAR C 4 0.65 3.31 -3.02
CG DAR C 4 0.02 3.47 -4.39
CD DAR C 4 -0.73 4.78 -4.52
NE DAR C 4 -2.03 4.73 -3.85
CZ DAR C 4 -2.83 5.78 -3.70
NH1 DAR C 4 -2.46 6.98 -4.16
NH2 DAR C 4 -3.99 5.65 -3.08
C DAR C 4 0.47 2.63 -0.65
O DAR C 4 1.33 1.75 -0.57
H DAR C 4 -0.41 0.78 -2.48
HA DAR C 4 -1.06 3.56 -1.78
HB2 DAR C 4 1.47 2.60 -3.10
HB3 DAR C 4 1.05 4.27 -2.72
HG2 DAR C 4 -0.67 2.66 -4.56
HG3 DAR C 4 0.81 3.44 -5.14
HD2 DAR C 4 -0.87 5.00 -5.57
HD3 DAR C 4 -0.13 5.57 -4.07
HE DAR C 4 -2.30 3.87 -3.49
HH11 DAR C 4 -3.09 7.80 -4.04
HH12 DAR C 4 -1.53 7.10 -4.62
HH21 DAR C 4 -4.61 6.46 -2.96
HH22 DAR C 4 -4.27 4.72 -2.71
N 28J C 5 0.13 3.44 0.35
CA 28J C 5 0.80 3.36 1.64
CB 28J C 5 -0.05 2.57 2.68
CG2 28J C 5 0.79 1.48 3.33
CG1 28J C 5 -0.60 3.51 3.75
CD1 28J C 5 -1.42 2.82 4.82
C 28J C 5 1.16 4.76 2.18
O 28J C 5 0.50 5.76 1.86
HA 28J C 5 1.73 2.82 1.49
H22 28J C 5 -0.87 2.10 2.16
H23 28J C 5 0.17 0.94 4.04
H24 28J C 5 1.62 1.92 3.85
H25 28J C 5 1.14 0.79 2.57
H26 28J C 5 -1.24 4.26 3.29
H27 28J C 5 0.22 4.01 4.25
H28 28J C 5 -2.18 2.21 4.36
H29 28J C 5 -1.88 3.56 5.46
H30 28J C 5 -0.77 2.18 5.41
N ILE C 6 2.26 4.81 2.95
CA ILE C 6 2.74 6.04 3.61
C ILE C 6 4.27 6.18 3.52
N SER C 7 4.75 7.19 2.78
CA SER C 7 6.19 7.47 2.65
C SER C 7 6.43 8.87 2.07
N DTH C 8 7.66 9.13 1.63
CA DTH C 8 8.03 10.40 1.04
CB DTH C 8 9.09 10.31 -0.10
CG2 DTH C 8 8.75 9.17 -1.01
OG1 DTH C 8 10.43 10.15 0.45
C DTH C 8 8.54 11.32 2.24
O DTH C 8 8.10 12.46 2.28
H DTH C 8 8.38 8.45 1.77
HA DTH C 8 7.14 10.90 0.67
HB DTH C 8 9.10 11.25 -0.66
HG21 DTH C 8 7.78 9.34 -1.46
HG22 DTH C 8 8.72 8.24 -0.45
HG23 DTH C 8 9.49 9.10 -1.79
N ALA C 9 9.22 10.71 3.20
CA ALA C 9 9.64 11.29 4.35
C ALA C 9 11.01 11.85 4.00
N LEU C 10 12.04 10.99 4.14
CA LEU C 10 13.45 11.24 3.70
C LEU C 10 13.68 11.00 2.18
N ILE C 11 12.81 10.21 1.57
CA ILE C 11 12.90 9.88 0.12
C ILE C 11 11.50 10.03 -0.52
N ZAE D 1 6.75 15.23 4.48
CA ZAE D 1 5.99 14.47 5.54
C ZAE D 1 5.57 13.09 5.03
O ZAE D 1 6.39 12.17 4.93
CB ZAE D 1 6.82 14.32 6.83
CG ZAE D 1 5.99 14.22 8.08
CD1 ZAE D 1 5.95 15.27 8.99
CD2 ZAE D 1 5.24 13.07 8.35
CE1 ZAE D 1 5.19 15.18 10.15
CE2 ZAE D 1 4.48 12.98 9.51
CZ ZAE D 1 4.46 14.03 10.42
C10 ZAE D 1 8.09 14.66 4.26
H1 ZAE D 1 6.87 16.21 4.78
HA ZAE D 1 5.10 15.04 5.77
HB2 ZAE D 1 7.42 13.43 6.75
HB3 ZAE D 1 7.47 15.18 6.92
HD1 ZAE D 1 6.52 16.16 8.80
HD2 ZAE D 1 5.25 12.26 7.64
HE1 ZAE D 1 5.17 15.99 10.86
HE2 ZAE D 1 3.90 12.09 9.70
HZ ZAE D 1 3.87 13.96 11.31
H11 ZAE D 1 8.67 15.33 3.65
H12 ZAE D 1 8.00 13.70 3.77
H13 ZAE D 1 8.60 14.52 5.21
N ILE D 2 4.29 12.95 4.72
CA ILE D 2 3.76 11.68 4.24
C ILE D 2 3.07 11.90 2.91
N SER D 3 3.35 11.02 1.95
CA SER D 3 2.68 11.07 0.65
C SER D 3 2.20 9.68 0.26
N DAR D 4 1.10 9.65 -0.47
CA DAR D 4 0.50 8.41 -0.90
CB DAR D 4 0.53 8.33 -2.41
CG DAR D 4 1.91 8.50 -3.00
CD DAR D 4 2.70 7.20 -2.90
NE DAR D 4 3.04 6.88 -1.53
CZ DAR D 4 3.70 5.78 -1.17
NH1 DAR D 4 3.95 5.54 0.11
NH2 DAR D 4 4.08 4.90 -2.09
C DAR D 4 -0.93 8.29 -0.42
O DAR D 4 -1.78 9.09 -0.82
H DAR D 4 0.70 10.50 -0.76
HA DAR D 4 1.08 7.60 -0.49
HB2 DAR D 4 -0.11 9.11 -2.82
HB3 DAR D 4 0.14 7.37 -2.72
HG2 DAR D 4 2.44 9.28 -2.46
HG3 DAR D 4 1.82 8.78 -4.04
HD2 DAR D 4 3.60 7.31 -3.48
HD3 DAR D 4 2.10 6.40 -3.31
HE DAR D 4 2.79 7.53 -0.84
HH11 DAR D 4 4.46 4.68 0.38
HH12 DAR D 4 3.64 6.21 0.83
HH21 DAR D 4 4.58 4.04 -1.83
HH22 DAR D 4 3.85 5.07 -3.10
N 28J D 5 -1.21 7.30 0.42
CA 28J D 5 -2.58 7.10 0.91
CB 28J D 5 -2.74 7.62 2.36
CG2 28J D 5 -4.09 8.35 2.51
CG1 28J D 5 -2.69 6.47 3.37
CD1 28J D 5 -2.91 6.89 4.82
C 28J D 5 -3.01 5.63 0.78
O 28J D 5 -2.18 4.72 0.62
HA 28J D 5 -3.22 7.69 0.27
H22 28J D 5 -1.96 8.33 2.57
H23 28J D 5 -4.14 8.81 3.49
H24 28J D 5 -4.90 7.64 2.41
H25 28J D 5 -4.17 9.11 1.75
H26 28J D 5 -1.72 5.99 3.31
H27 28J D 5 -3.44 5.75 3.13
H28 28J D 5 -3.94 7.16 4.96
H29 28J D 5 -2.28 7.75 5.03
H30 28J D 5 -2.64 6.08 5.48
N ILE D 6 -4.34 5.43 0.78
CA ILE D 6 -5.00 4.12 0.70
C ILE D 6 -6.21 4.11 -0.26
N SER D 7 -6.04 3.50 -1.44
CA SER D 7 -7.12 3.38 -2.45
C SER D 7 -6.83 2.25 -3.45
N DTH D 8 -7.77 1.99 -4.36
CA DTH D 8 -7.55 0.95 -5.39
CB DTH D 8 -7.35 1.49 -6.83
CG2 DTH D 8 -6.22 2.52 -6.82
OG1 DTH D 8 -8.56 2.05 -7.37
C DTH D 8 -8.78 0.01 -5.45
O DTH D 8 -8.63 -1.05 -6.10
H DTH D 8 -8.66 2.47 -4.31
HA DTH D 8 -6.71 0.35 -5.11
HB DTH D 8 -7.08 0.68 -7.50
HG21 DTH D 8 -5.31 2.06 -6.48
HG22 DTH D 8 -6.48 3.35 -6.17
HG23 DTH D 8 -6.08 2.88 -7.83
N ALA D 9 -9.88 0.44 -4.88
CA ALA D 9 -11.11 -0.21 -4.79
C ALA D 9 -11.70 -0.12 -6.21
N LEU D 10 -12.38 1.00 -6.50
CA LEU D 10 -13.00 1.25 -7.81
C LEU D 10 -11.94 1.51 -8.87
N ILE D 11 -11.00 2.33 -8.48
CA ILE D 11 -9.89 2.75 -9.36
C ILE D 11 -8.59 2.19 -8.80
N ALA E 1 12.69 -5.69 10.60
CA ALA E 1 11.76 -6.11 11.68
C ALA E 1 10.32 -6.32 11.10
N DGL E 2 9.35 -5.53 11.75
CA DGL E 2 7.97 -5.57 11.13
C DGL E 2 7.89 -6.00 9.60
O DGL E 2 8.57 -5.27 8.76
CB DGL E 2 7.22 -6.74 11.68
CG DGL E 2 8.08 -7.91 12.34
CD DGL E 2 7.60 -9.32 11.86
OE1 DGL E 2 7.56 -10.26 12.67
H DGL E 2 9.65 -4.81 12.33
HA DGL E 2 7.61 -4.56 11.30
HB2 DGL E 2 6.60 -7.08 10.88
HB3 DGL E 2 6.60 -6.31 12.46
HG2 DGL E 2 7.96 -7.88 13.40
HG3 DGL E 2 9.16 -7.83 12.09
N LYS E 3 7.24 -9.43 10.61
CA LYS E 3 6.80 -10.67 10.00
C LYS E 3 5.37 -11.12 10.45
N DAL E 4 4.41 -10.31 9.79
CA DAL E 4 2.82 -10.40 9.79
CB DAL E 4 1.95 -9.62 11.06
C DAL E 4 2.67 -12.00 9.27
O DAL E 4 2.47 -12.94 10.02
H DAL E 4 4.82 -9.60 9.28
HA DAL E 4 2.22 -9.75 9.16
HB1 DAL E 4 2.19 -10.11 12.00
HB2 DAL E 4 0.86 -9.71 10.91
HB3 DAL E 4 2.21 -8.51 11.17
N DAL E 5 2.81 -12.18 7.91
CA DAL E 5 2.66 -13.46 7.08
CB DAL E 5 1.14 -13.71 7.39
C DAL E 5 3.72 -14.47 7.89
O DAL E 5 3.25 -15.52 8.68
OXT DAL E 5 4.88 -14.16 7.88
H DAL E 5 3.10 -11.34 7.42
HA DAL E 5 2.88 -13.51 6.02
HB1 DAL E 5 1.05 -14.01 8.34
HB2 DAL E 5 0.80 -14.51 6.69
HB3 DAL E 5 0.44 -12.83 7.17
N ALA F 1 -18.35 -8.02 -4.91
CA ALA F 1 -19.37 -9.05 -5.26
C ALA F 1 -18.67 -10.43 -5.52
N DGL F 2 -19.37 -11.23 -6.45
CA DGL F 2 -18.65 -12.51 -6.86
C DGL F 2 -17.08 -12.54 -6.63
O DGL F 2 -16.54 -13.32 -5.81
CB DGL F 2 -19.00 -13.60 -5.90
CG DGL F 2 -19.47 -13.16 -4.44
CD DGL F 2 -18.64 -13.86 -3.32
OE1 DGL F 2 -19.23 -14.42 -2.39
H DGL F 2 -20.07 -10.81 -6.98
HA DGL F 2 -18.93 -12.59 -7.92
HB2 DGL F 2 -18.14 -14.22 -5.87
HB3 DGL F 2 -19.82 -14.11 -6.37
HG2 DGL F 2 -20.49 -13.44 -4.30
HG3 DGL F 2 -19.38 -12.07 -4.27
N LYS F 3 -17.35 -13.83 -3.44
CA LYS F 3 -16.43 -14.42 -2.48
C LYS F 3 -16.37 -15.99 -2.53
N DAL F 4 -16.49 -16.39 -3.88
CA DAL F 4 -16.39 -17.85 -4.52
CB DAL F 4 -17.81 -18.82 -4.58
C DAL F 4 -14.88 -18.27 -3.92
O DAL F 4 -14.69 -18.71 -2.79
H DAL F 4 -16.69 -15.65 -4.48
HA DAL F 4 -16.41 -17.99 -5.60
HB1 DAL F 4 -18.10 -19.08 -3.57
HB2 DAL F 4 -17.61 -19.78 -5.11
HB3 DAL F 4 -18.69 -18.31 -5.08
N DAL F 5 -13.82 -18.05 -4.80
CA DAL F 5 -12.34 -18.39 -4.61
CB DAL F 5 -12.44 -19.96 -4.61
C DAL F 5 -12.00 -17.71 -3.11
O DAL F 5 -11.35 -18.41 -2.38
OXT DAL F 5 -12.28 -16.40 -2.81
H DAL F 5 -14.09 -17.55 -5.63
HA DAL F 5 -11.58 -18.05 -5.31
HB1 DAL F 5 -13.08 -20.22 -3.85
HB2 DAL F 5 -11.43 -20.36 -4.41
HB3 DAL F 5 -12.77 -20.44 -5.59
N ALA G 1 18.05 4.20 6.34
CA ALA G 1 19.39 4.74 6.60
C ALA G 1 19.46 6.25 6.17
N DGL G 2 20.79 6.75 6.15
CA DGL G 2 20.91 8.17 5.61
C DGL G 2 19.97 8.53 4.39
O DGL G 2 19.09 9.44 4.48
CB DGL G 2 20.34 9.14 6.59
CG DGL G 2 20.69 8.90 8.15
CD DGL G 2 19.46 9.16 9.07
OE1 DGL G 2 18.68 8.25 9.34
H DGL G 2 21.52 6.14 6.23
HA DGL G 2 21.98 8.22 5.37
HB2 DGL G 2 19.28 9.10 6.42
HB3 DGL G 2 20.73 10.09 6.30
HG2 DGL G 2 21.45 9.59 8.42
HG3 DGL G 2 21.05 7.88 8.35
N LYS G 3 19.32 10.38 9.53
CA LYS G 3 18.22 10.80 10.38
C LYS G 3 18.21 10.11 11.79
N DAL G 4 18.89 10.96 12.71
CA DAL G 4 19.08 10.81 14.29
CB DAL G 4 20.29 9.72 14.87
C DAL G 4 17.45 10.85 14.73
O DAL G 4 16.72 9.88 14.74
H DAL G 4 19.30 11.72 12.28
HA DAL G 4 19.65 11.53 14.86
HB1 DAL G 4 21.24 9.99 14.43
HB2 DAL G 4 20.08 8.68 14.57
HB3 DAL G 4 20.43 9.76 16.00
N DAL G 5 16.99 12.12 15.07
CA DAL G 5 15.62 12.53 15.59
CB DAL G 5 15.65 11.69 16.93
C DAL G 5 14.63 11.91 14.39
O DAL G 5 13.65 11.31 14.78
OXT DAL G 5 14.82 12.23 13.06
H DAL G 5 17.66 12.85 14.89
HA DAL G 5 15.33 13.57 15.77
HB1 DAL G 5 15.58 10.71 16.70
HB2 DAL G 5 14.77 12.02 17.54
HB3 DAL G 5 16.55 11.88 17.61
N ALA H 1 -13.10 9.29 -8.24
CA ALA H 1 -14.19 9.51 -9.22
C ALA H 1 -15.05 8.20 -9.34
N DGL H 2 -15.91 8.21 -10.47
CA DGL H 2 -16.65 6.91 -10.71
C DGL H 2 -16.01 5.61 -10.04
O DGL H 2 -14.83 5.23 -10.48
CB DGL H 2 -17.93 6.90 -9.94
CG DGL H 2 -18.02 7.90 -8.69
CD DGL H 2 -18.43 7.16 -7.37
OE1 DGL H 2 -19.45 7.51 -6.77
H DGL H 2 -15.78 8.89 -11.14
HA DGL H 2 -16.67 6.86 -11.80
HB2 DGL H 2 -18.07 5.89 -9.64
HB3 DGL H 2 -18.67 7.19 -10.66
HG2 DGL H 2 -18.77 8.62 -8.89
HG3 DGL H 2 -17.07 8.43 -8.49
N LYS H 3 -17.66 6.18 -6.99
CA LYS H 3 -17.89 5.41 -5.78
C LYS H 3 -19.04 4.34 -5.90
N DAL H 4 -18.74 3.49 -7.00
CA DAL H 4 -19.51 2.20 -7.51
CB DAL H 4 -20.83 2.39 -8.60
C DAL H 4 -19.49 1.32 -6.07
O DAL H 4 -20.34 1.41 -5.22
H DAL H 4 -17.97 3.79 -7.50
HA DAL H 4 -19.10 1.58 -8.32
HB1 DAL H 4 -21.64 2.90 -8.09
HB2 DAL H 4 -21.23 1.40 -8.93
HB3 DAL H 4 -20.57 3.00 -9.53
N DAL H 5 -18.39 0.50 -5.91
CA DAL H 5 -18.07 -0.49 -4.79
CB DAL H 5 -19.33 -1.42 -4.98
C DAL H 5 -18.15 0.53 -3.46
O DAL H 5 -19.06 0.29 -2.43
OXT DAL H 5 -17.51 1.54 -3.52
H DAL H 5 -17.69 0.62 -6.64
HA DAL H 5 -17.14 -1.06 -4.74
HB1 DAL H 5 -19.26 -1.86 -5.87
HB2 DAL H 5 -20.22 -0.77 -4.92
HB3 DAL H 5 -19.48 -2.19 -4.15
C1 MUB I . 12.81 -5.21 6.13
C2 MUB I . 14.09 -4.91 6.85
C3 MUB I . 14.52 -6.16 7.66
C4 MUB I . 13.39 -7.08 8.21
C5 MUB I . 12.29 -7.31 7.19
C6 MUB I . 10.98 -6.76 7.67
C7 MUB I . 16.07 -5.37 5.55
C8 MUB I . 17.19 -4.94 4.68
C9 MUB I . 14.84 -4.86 9.65
C10 MUB I . 14.00 -5.35 10.85
C11 MUB I . 15.26 -3.35 9.51
O1 MUB I . 12.78 -4.59 4.88
O3 MUB I . 15.40 -5.84 8.73
O4 MUB I . 13.98 -8.34 8.68
O5 MUB I . 12.63 -6.63 5.93
O6 MUB I . 11.11 -5.42 8.11
O7 MUB I . 15.87 -6.58 5.71
O10 MUB I . 14.55 -5.54 11.91
N2 MUB I . 15.19 -4.49 5.98
H1 MUB I . 11.92 -4.81 6.68
H2 MUB I . 13.84 -3.98 7.42
HN2 MUB I . 15.35 -3.51 5.84
H81 MUB I . 16.78 -4.37 3.85
H82 MUB I . 17.71 -5.79 4.28
H83 MUB I . 17.87 -4.33 5.26
H3 MUB I . 15.19 -6.80 7.06
H9 MUB I . 13.87 -4.94 9.19
H111 MUB I . 16.36 -3.21 9.57
H112 MUB I . 14.83 -2.81 10.30
H113 MUB I . 14.85 -2.95 8.58
H4 MUB I . 13.13 -6.78 9.22
H5 MUB I . 12.12 -8.32 6.98
H61 MUB I . 10.74 -7.30 8.61
H62 MUB I . 10.09 -6.90 6.99
HO6 MUB I . 10.30 -5.00 8.41
C1 NAG I . 13.52 -9.50 8.01
C2 NAG I . 12.08 -9.85 8.44
C3 NAG I . 11.67 -11.11 7.75
C4 NAG I . 11.88 -10.97 6.24
C5 NAG I . 13.33 -10.59 5.91
C6 NAG I . 13.55 -10.37 4.41
C7 NAG I . 12.72 -10.91 10.55
C8 NAG I . 12.59 -10.99 12.06
N2 NAG I . 12.00 -10.00 9.91
O3 NAG I . 10.29 -11.36 8.02
O4 NAG I . 11.57 -12.21 5.60
O5 NAG I . 13.67 -9.39 6.60
O6 NAG I . 13.04 -9.12 3.98
O7 NAG I . 13.40 -11.76 9.97
H1 NAG I . 14.18 -10.31 8.41
H2 NAG I . 11.34 -9.09 8.36
H3 NAG I . 12.25 -11.98 8.08
H4 NAG I . 11.04 -10.31 5.90
H5 NAG I . 14.05 -11.36 6.17
H61 NAG I . 13.06 -11.14 3.81
H62 NAG I . 14.63 -10.48 4.24
H81 NAG I . 13.12 -11.88 12.41
H82 NAG I . 11.55 -11.08 12.34
H83 NAG I . 13.00 -10.10 12.52
HN2 NAG I . 11.48 -9.35 10.40
HO3 NAG I . 10.23 -11.99 8.72
HO4 NAG I . 10.77 -12.58 6.00
HO6 NAG I . 13.12 -8.54 4.75
C1 MUB J . -14.04 -7.76 -3.27
C2 MUB J . -14.89 -6.57 -3.60
C3 MUB J . -16.14 -6.56 -2.67
C4 MUB J . -16.84 -7.92 -2.56
C5 MUB J . -15.83 -9.02 -2.29
C6 MUB J . -15.74 -9.99 -3.45
C7 MUB J . -14.08 -4.69 -2.32
C8 MUB J . -13.36 -3.39 -2.26
C9 MUB J . -17.53 -5.71 -4.44
C10 MUB J . -18.68 -6.70 -4.72
C11 MUB J . -17.01 -4.73 -5.54
O1 MUB J . -12.71 -7.34 -3.06
O3 MUB J . -17.07 -5.55 -3.07
O4 MUB J . -17.87 -7.87 -1.50
O5 MUB J . -14.49 -8.44 -2.09
O6 MUB J . -15.56 -9.30 -4.66
O7 MUB J . -14.43 -5.24 -1.28
O10 MUB J . -19.81 -6.31 -4.66
N2 MUB J . -14.19 -5.30 -3.50
H1 MUB J . -14.01 -8.53 -4.05
H2 MUB J . -15.05 -6.71 -4.68
HN2 MUB J . -13.89 -4.84 -4.33
H81 MUB J . -13.37 -3.05 -1.22
H82 MUB J . -13.85 -2.67 -2.87
H83 MUB J . -12.34 -3.54 -2.60
H3 MUB J . -15.89 -6.19 -1.67
H9 MUB J . -16.96 -6.63 -4.57
H111 MUB J . -17.15 -3.67 -5.27
H112 MUB J . -17.53 -4.91 -6.43
H113 MUB J . -15.94 -4.95 -5.74
H4 MUB J . -17.61 -8.06 -3.32
H5 MUB J . -16.06 -9.62 -1.49
H61 MUB J . -16.75 -10.46 -3.58
H62 MUB J . -15.01 -10.85 -3.31
HO6 MUB J . -15.64 -9.85 -5.46
C1 NAG J . -17.42 -8.30 -0.23
C2 NAG J . -17.69 -9.80 -0.05
C3 NAG J . -17.24 -10.23 1.30
C4 NAG J . -15.78 -9.79 1.53
C5 NAG J . -15.59 -8.29 1.29
C6 NAG J . -14.15 -7.85 1.43
C7 NAG J . -20.05 -9.57 0.52
C8 NAG J . -21.50 -9.92 0.23
N2 NAG J . -19.13 -10.10 -0.27
O3 NAG J . -17.34 -11.63 1.40
O4 NAG J . -15.41 -10.10 2.87
O5 NAG J . -16.04 -7.97 -0.03
O6 NAG J . -13.30 -8.48 0.47
O7 NAG J . -19.79 -8.92 1.52
H1 NAG J . -18.07 -7.74 0.51
H2 NAG J . -17.38 -10.49 -0.78
H3 NAG J . -17.84 -9.77 2.10
H4 NAG J . -15.17 -10.54 0.94
H5 NAG J . -16.11 -7.67 2.01
H61 NAG J . -13.75 -8.13 2.41
H62 NAG J . -14.11 -6.74 1.38
H81 NAG J . -22.14 -9.33 0.87
H82 NAG J . -21.67 -10.96 0.43
H83 NAG J . -21.72 -9.72 -0.82
HN2 NAG J . -19.38 -10.61 -1.05
HO3 NAG J . -18.25 -11.87 1.37
HO4 NAG J . -15.75 -10.97 3.11
HO6 NAG J . -13.79 -8.45 -0.36
C1 MUB K . 13.36 5.28 5.69
C2 MUB K . 13.87 3.88 5.75
C3 MUB K . 14.51 3.63 7.15
C4 MUB K . 15.34 4.80 7.64
C5 MUB K . 14.53 6.08 7.66
C6 MUB K . 15.26 7.18 6.90
C7 MUB K . 12.16 2.36 6.49
C8 MUB K . 11.08 1.36 6.21
C9 MUB K . 16.31 2.40 6.15
C10 MUB K . 17.73 2.87 6.52
C11 MUB K . 16.02 1.73 4.77
O1 MUB K . 12.08 5.30 5.09
O3 MUB K . 15.28 2.42 7.17
O4 MUB K . 15.89 4.49 8.98
O5 MUB K . 13.22 5.87 7.01
O6 MUB K . 15.72 6.71 5.65
O7 MUB K . 12.40 2.67 7.65
O10 MUB K . 18.49 2.08 7.06
N2 MUB K . 12.84 2.88 5.49
H1 MUB K . 14.03 5.96 5.12
H2 MUB K . 14.52 3.85 4.86
HN2 MUB K . 12.62 2.63 4.55
H81 MUB K . 11.45 0.37 6.47
H82 MUB K . 10.81 1.39 5.18
H83 MUB K . 10.21 1.62 6.82
H3 MUB K . 13.74 3.40 7.89
H9 MUB K . 16.22 3.47 5.99
H111 MUB K . 15.68 0.68 4.88
H112 MUB K . 16.89 1.73 4.21
H113 MUB K . 15.28 2.32 4.22
H4 MUB K . 16.34 4.80 7.23
H5 MUB K . 14.39 6.47 8.64
H61 MUB K . 16.20 7.36 7.45
H62 MUB K . 14.74 8.19 6.84
HO6 MUB K . 16.61 6.98 5.42
C1 NAG K . 15.14 5.00 10.07
C2 NAG K . 15.65 6.40 10.45
C3 NAG K . 14.84 6.94 11.58
C4 NAG K . 13.34 6.83 11.26
C5 NAG K . 12.94 5.41 10.86
C6 NAG K . 11.48 5.30 10.46
C7 NAG K . 17.55 5.47 11.72
C8 NAG K . 19.04 5.48 12.02
N2 NAG K . 17.09 6.34 10.79
O3 NAG K . 15.19 8.30 11.79
O4 NAG K . 12.59 7.21 12.41
O5 NAG K . 13.74 4.98 9.76
O6 NAG K . 11.27 5.78 9.14
O7 NAG K . 16.79 4.80 12.42
H1 NAG K . 15.37 4.30 10.92
H2 NAG K . 15.74 7.09 9.65
H3 NAG K . 15.02 6.38 12.52
H4 NAG K . 13.16 7.68 10.54
H5 NAG K . 13.05 4.69 11.67
H61 NAG K . 10.82 5.89 11.10
H62 NAG K . 11.19 4.24 10.57
H81 NAG K . 19.23 4.75 12.81
H82 NAG K . 19.34 6.45 12.35
H83 NAG K . 19.59 5.21 11.12
HN2 NAG K . 17.71 6.85 10.27
HO3 NAG K . 16.11 8.33 12.00
HO4 NAG K . 13.14 7.74 12.99
HO6 NAG K . 12.05 5.54 8.62
C1 MUB L . -11.85 6.58 -4.67
C2 MUB L . -10.96 7.72 -5.05
C3 MUB L . -11.76 9.05 -4.87
C4 MUB L . -13.24 8.91 -5.26
C5 MUB L . -13.92 7.80 -4.50
C6 MUB L . -14.68 6.91 -5.46
C7 MUB L . -9.66 8.46 -3.16
C8 MUB L . -8.38 8.51 -2.39
C9 MUB L . -11.00 9.87 -7.00
C10 MUB L . -12.13 10.24 -7.98
C11 MUB L . -9.59 9.42 -7.53
O1 MUB L . -11.11 5.60 -4.00
O3 MUB L . -11.17 10.13 -5.58
O4 MUB L . -13.91 10.21 -5.06
O5 MUB L . -12.93 6.98 -3.79
O6 MUB L . -13.82 6.43 -6.47
O7 MUB L . -10.69 8.92 -2.64
O10 MUB L . -12.14 11.35 -8.47
N2 MUB L . -9.72 7.79 -4.30
H1 MUB L . -12.31 6.09 -5.56
H2 MUB L . -10.63 7.46 -6.08
HN2 MUB L . -8.89 7.40 -4.70
H81 MUB L . -8.09 7.49 -2.16
H82 MUB L . -8.52 9.06 -1.49
H83 MUB L . -7.63 9.00 -3.02
H3 MUB L . -11.67 9.42 -3.85
H9 MUB L . -11.60 8.97 -6.94
H111 MUB L . -8.79 10.14 -7.24
H112 MUB L . -9.62 9.38 -8.57
H113 MUB L . -9.37 8.42 -7.16
H4 MUB L . -13.37 8.99 -6.32
H5 MUB L . -14.64 8.15 -3.81
H61 MUB L . -15.36 7.58 -6.02
H62 MUB L . -15.32 6.09 -5.00
HO6 MUB L . -14.20 6.38 -7.36
C1 NAG L . -14.59 10.34 -3.83
C2 NAG L . -16.05 9.85 -3.97
C3 NAG L . -16.76 9.99 -2.66
C4 NAG L . -15.94 9.32 -1.54
C5 NAG L . -14.51 9.87 -1.51
C6 NAG L . -13.65 9.21 -0.43
C7 NAG L . -16.83 11.94 -4.99
C8 NAG L . -17.55 12.64 -6.13
N2 NAG L . -16.72 10.60 -5.04
O3 NAG L . -18.02 9.36 -2.76
O4 NAG L . -16.57 9.58 -0.29
O5 NAG L . -13.89 9.67 -2.78
O6 NAG L . -13.42 7.84 -0.71
O7 NAG L . -16.48 12.59 -4.01
H1 NAG L . -14.61 11.45 -3.64
H2 NAG L . -16.18 8.89 -4.40
H3 NAG L . -16.89 11.04 -2.38
H4 NAG L . -16.11 8.22 -1.68
H5 NAG L . -14.47 10.93 -1.23
H61 NAG L . -14.13 9.24 0.55
H62 NAG L . -12.73 9.80 -0.34
H81 NAG L . -17.54 13.71 -5.94
H82 NAG L . -18.56 12.30 -6.19
H83 NAG L . -17.04 12.42 -7.07
HN2 NAG L . -17.02 10.12 -5.83
HO3 NAG L . -18.54 9.84 -3.40
HO4 NAG L . -17.53 9.47 -0.37
HO6 NAG L . -13.08 7.82 -1.62
P 2PO M . 11.39 -3.96 4.35
O1P 2PO M . 10.50 -5.07 3.97
O2P 2PO M . 10.90 -2.96 5.33
O3P 2PO M . 11.84 -3.18 3.02
P 2PO N . 11.45 -3.69 1.55
O1P 2PO N . 10.04 -4.10 1.60
O2P 2PO N . 11.86 -2.68 0.52
O3P 2PO N . 12.36 -4.99 1.33
C1 P1W O . 11.81 -6.14 0.67
C2 P1W O . 10.82 -6.85 1.57
C3 P1W O . 9.91 -7.79 1.19
C4 P1W O . 9.00 -8.41 2.23
C5 P1W O . 9.73 -8.34 -0.25
H12 P1W O . 12.61 -6.80 0.41
H11 P1W O . 11.30 -5.81 -0.22
H2 P1W O . 11.03 -6.76 2.63
H41 P1W O . 8.62 -7.63 2.88
H42 P1W O . 8.18 -8.89 1.72
H51 P1W O . 10.60 -8.93 -0.52
H52 P1W O . 9.64 -7.52 -0.94
H53 P1W O . 8.84 -8.96 -0.30
C1 P1W P . 9.74 -9.45 3.05
C2 P1W P . 8.82 -10.60 3.38
C3 P1W P . 8.99 -11.84 2.90
C4 P1W P . 8.06 -12.99 3.20
C5 P1W P . 10.19 -12.24 2.02
H12 P1W P . 10.58 -9.80 2.50
H11 P1W P . 10.08 -9.00 3.98
H2 P1W P . 7.86 -10.31 3.76
H41 P1W P . 8.56 -13.92 2.99
H42 P1W P . 7.78 -12.96 4.24
H51 P1W P . 10.09 -13.27 1.75
H52 P1W P . 11.10 -12.10 2.59
H53 P1W P . 10.22 -11.63 1.14
C1 P1W Q . 6.78 -12.92 2.35
C2 P1W Q . 6.09 -14.24 2.32
C3 P1W Q . 5.96 -15.02 1.24
C4 P1W Q . 5.24 -16.38 1.27
C5 P1W Q . 6.50 -14.64 -0.14
H12 P1W Q . 6.13 -12.17 2.77
H11 P1W Q . 7.05 -12.63 1.35
H2 P1W Q . 5.65 -14.54 3.26
H43 P1W Q . 5.61 -17.01 0.47
H41 P1W Q . 4.17 -16.23 1.17
H42 P1W Q . 5.45 -16.87 2.22
H51 P1W Q . 7.59 -14.69 -0.12
H52 P1W Q . 6.19 -13.65 -0.38
H53 P1W Q . 6.13 -15.33 -0.89
C1 P1W R . -8.06 -9.48 1.96
C2 P1W R . -7.35 -8.24 2.39
C3 P1W R . -7.44 -7.72 3.62
C4 P1W R . -6.74 -6.46 4.04
C5 P1W R . -8.28 -8.37 4.74
H12 P1W R . -8.69 -9.83 2.76
H11 P1W R . -7.34 -10.24 1.70
H2 P1W R . -7.01 -7.62 1.58
H41 P1W R . -7.42 -5.82 4.59
H42 P1W R . -6.38 -5.95 3.16
H51 P1W R . -8.16 -7.79 5.65
H52 P1W R . -7.93 -9.38 4.91
H53 P1W R . -9.31 -8.39 4.46
C1 P1W S . -5.55 -6.80 4.94
C2 P1W S . -4.64 -5.60 5.06
C3 P1W S . -4.70 -4.68 6.04
C4 P1W S . -3.75 -3.48 6.11
C5 P1W S . -5.71 -4.75 7.19
H12 P1W S . -5.90 -7.08 5.91
H11 P1W S . -4.99 -7.62 4.50
H2 P1W S . -3.82 -5.60 4.35
H43 P1W S . -2.75 -3.79 5.84
H41 P1W S . -3.75 -3.08 7.11
H42 P1W S . -4.09 -2.72 5.42
H51 P1W S . -6.70 -4.90 6.78
H52 P1W S . -5.68 -3.82 7.74
H53 P1W S . -5.46 -5.57 7.84
P 2PO T . -11.69 -7.25 -4.33
O1P 2PO T . -11.72 -8.51 -5.08
O2P 2PO T . -11.94 -6.00 -5.09
O3P 2PO T . -10.25 -7.14 -3.64
P 2PO U . -8.91 -7.43 -4.45
O1P 2PO U . -9.27 -7.32 -5.88
O2P 2PO U . -7.83 -6.54 -3.94
O3P 2PO U . -8.56 -8.95 -4.08
C1 P1W V . -7.68 -9.31 -2.99
C2 P1W V . -8.26 -8.89 -1.66
C3 P1W V . -8.35 -9.69 -0.56
C4 P1W V . -8.94 -9.19 0.74
C5 P1W V . -7.84 -11.14 -0.54
H12 P1W V . -6.72 -8.83 -3.13
H11 P1W V . -7.55 -10.39 -3.01
H2 P1W V . -8.36 -7.83 -1.52
H41 P1W V . -9.90 -9.66 0.89
H42 P1W V . -9.07 -8.12 0.68
H51 P1W V . -6.76 -11.15 -0.65
H52 P1W V . -8.29 -11.68 -1.34
H53 P1W V . -8.10 -11.60 0.42
P 2PO W . 11.88 4.97 3.50
O1P 2PO W . 12.91 5.66 2.71
O2P 2PO W . 11.69 3.50 3.32
O3P 2PO W . 10.47 5.65 3.20
P 2PO X . 10.21 7.03 3.92
O1P 2PO X . 11.03 8.09 3.30
O2P 2PO X . 8.74 7.21 4.01
O3P 2PO X . 10.75 6.69 5.39
C1 P1W Y . 10.13 7.24 6.54
C2 P1W Y . 8.82 6.56 6.73
C3 P1W Y . 7.69 7.10 7.17
C4 P1W Y . 6.48 6.23 7.27
C5 P1W Y . 7.50 8.58 7.60
H12 P1W Y . 9.97 8.30 6.39
H11 P1W Y . 10.77 7.07 7.40
H2 P1W Y . 8.75 5.60 6.26
H41 P1W Y . 6.80 5.20 7.14
H42 P1W Y . 5.78 6.49 6.49
H51 P1W Y . 6.95 9.10 6.82
H52 P1W Y . 8.47 9.04 7.72
H53 P1W Y . 6.96 8.62 8.52
C1 P1W Z . 5.81 6.37 8.64
C2 P1W Z . 6.83 6.20 9.76
C3 P1W Z . 6.49 6.05 11.05
C4 P1W Z . 7.52 5.91 12.15
C5 P1W Z . 5.05 6.01 11.56
H12 P1W Z . 5.36 7.34 8.70
H11 P1W Z . 5.05 5.61 8.73
H2 P1W Z . 7.85 6.41 9.47
H41 P1W Z . 8.19 5.09 11.92
H42 P1W Z . 7.02 5.70 13.10
H51 P1W Z . 5.03 6.35 12.58
H52 P1W Z . 4.69 4.99 11.51
H53 P1W Z . 4.43 6.64 10.95
C1 P1W AA . 8.35 7.18 12.32
C2 P1W AA . 7.50 8.32 12.82
C3 P1W AA . 7.40 9.53 12.25
C4 P1W AA . 6.50 10.64 12.81
C5 P1W AA . 8.18 9.93 11.00
H12 P1W AA . 9.16 7.01 13.01
H11 P1W AA . 8.76 7.46 11.36
H2 P1W AA . 6.94 8.09 13.71
H43 P1W AA . 7.08 11.34 13.39
H41 P1W AA . 5.72 10.21 13.43
H42 P1W AA . 6.02 11.17 11.99
H51 P1W AA . 8.00 10.98 10.79
H52 P1W AA . 7.85 9.32 10.17
H53 P1W AA . 9.25 9.78 11.16
P 2PO BA . -10.90 4.12 -4.65
O1P 2PO BA . -11.84 3.96 -5.77
O2P 2PO BA . -9.44 3.91 -4.90
O3P 2PO BA . -11.33 3.13 -3.49
P 2PO CA . -10.58 3.09 -2.10
O1P 2PO CA . -9.67 1.91 -2.12
O2P 2PO CA . -9.99 4.43 -1.80
O3P 2PO CA . -11.81 2.83 -1.10
C1 P1W DA . -11.97 1.61 -0.41
C2 P1W DA . -11.18 1.63 0.88
C3 P1W DA . -11.07 0.64 1.80
C4 P1W DA . -10.21 0.78 3.05
C5 P1W DA . -11.81 -0.70 1.65
H12 P1W DA . -11.65 0.80 -1.05
H11 P1W DA . -13.02 1.49 -0.19
H2 P1W DA . -10.88 2.64 1.20
H41 P1W DA . -9.46 1.54 2.87
H42 P1W DA . -9.72 -0.17 3.26
H51 P1W DA . -12.73 -0.55 1.10
H52 P1W DA . -12.04 -1.09 2.63
H53 P1W DA . -11.18 -1.40 1.11
C1 P1W EA . -11.02 1.19 4.28
C2 P1W EA . -10.17 1.14 5.50
C3 P1W EA . -10.40 0.32 6.54
C4 P1W EA . -9.52 0.33 7.76
C5 P1W EA . -11.55 -0.69 6.60
H12 P1W EA . -11.38 2.19 4.14
H11 P1W EA . -11.87 0.51 4.41
H2 P1W EA . -9.51 1.98 5.63
H41 P1W EA . -10.11 0.15 8.65
H42 P1W EA . -9.02 1.29 7.85
H51 P1W EA . -12.48 -0.16 6.74
H52 P1W EA . -11.39 -1.36 7.45
H53 P1W EA . -11.58 -1.27 5.70
C1 P1W FA . -8.46 -0.78 7.65
C2 P1W FA . -7.61 -0.85 8.88
C3 P1W FA . -7.68 -1.82 9.82
C4 P1W FA . -6.76 -1.86 11.06
C5 P1W FA . -8.69 -2.96 9.75
H12 P1W FA . -8.96 -1.73 7.50
H11 P1W FA . -7.82 -0.57 6.80
H2 P1W FA . -6.85 -0.09 8.95
H43 P1W FA . -5.86 -2.40 10.82
H41 P1W FA . -7.28 -2.35 11.87
H42 P1W FA . -6.52 -0.86 11.35
H51 P1W FA . -8.46 -3.60 8.91
H52 P1W FA . -9.68 -2.54 9.62
H53 P1W FA . -8.66 -3.53 10.67
N ZAE A 1 -3.98 -15.60 -7.37
CA ZAE A 1 -5.18 -15.01 -6.70
C ZAE A 1 -4.83 -13.71 -5.96
O ZAE A 1 -4.98 -12.61 -6.50
CB ZAE A 1 -6.29 -14.74 -7.72
CG ZAE A 1 -6.30 -15.70 -8.89
CD1 ZAE A 1 -6.08 -15.25 -10.18
CD2 ZAE A 1 -6.55 -17.04 -8.68
CE1 ZAE A 1 -6.09 -16.14 -11.24
CE2 ZAE A 1 -6.56 -17.93 -9.74
CZ ZAE A 1 -6.35 -17.47 -11.02
C10 ZAE A 1 -3.22 -14.59 -8.13
H1 ZAE A 1 -4.28 -16.34 -8.04
HA ZAE A 1 -5.54 -15.72 -5.97
HB2 ZAE A 1 -7.25 -14.81 -7.22
HB3 ZAE A 1 -6.18 -13.74 -8.12
HD1 ZAE A 1 -5.89 -14.20 -10.35
HD2 ZAE A 1 -6.72 -17.41 -7.68
HE1 ZAE A 1 -5.93 -15.78 -12.25
HE2 ZAE A 1 -6.76 -18.98 -9.56
HZ ZAE A 1 -6.36 -18.16 -11.86
H11 ZAE A 1 -2.37 -15.05 -8.60
H12 ZAE A 1 -2.89 -13.81 -7.44
H13 ZAE A 1 -3.86 -14.14 -8.88
N ILE A 2 -4.34 -13.85 -4.74
CA ILE A 2 -3.98 -12.70 -3.92
C ILE A 2 -2.59 -12.22 -4.32
N SER A 3 -2.42 -10.91 -4.39
CA SER A 3 -1.13 -10.31 -4.69
C SER A 3 -1.02 -8.95 -4.01
N DAR A 4 0.21 -8.48 -3.93
CA DAR A 4 0.51 -7.22 -3.28
CB DAR A 4 0.91 -6.23 -4.35
CG DAR A 4 -0.28 -5.66 -5.07
CD DAR A 4 0.18 -4.93 -6.33
NE DAR A 4 -0.17 -3.53 -6.27
CZ DAR A 4 -0.04 -2.70 -7.29
NH1 DAR A 4 -0.46 -1.45 -7.18
NH2 DAR A 4 0.55 -3.10 -8.40
C DAR A 4 1.65 -7.33 -2.29
O DAR A 4 2.68 -7.92 -2.61
H DAR A 4 0.94 -8.98 -4.34
HA DAR A 4 -0.37 -6.86 -2.78
HB2 DAR A 4 1.54 -6.74 -5.08
HB3 DAR A 4 1.47 -5.43 -3.90
HG2 DAR A 4 -0.77 -4.95 -4.42
HG3 DAR A 4 -0.95 -6.45 -5.35
HD2 DAR A 4 -0.32 -5.38 -7.18
HD3 DAR A 4 1.25 -5.03 -6.42
HE DAR A 4 -0.56 -3.19 -5.43
HH11 DAR A 4 -0.37 -0.79 -7.98
HH12 DAR A 4 -0.91 -1.12 -6.29
HH21 DAR A 4 0.63 -2.46 -9.21
HH22 DAR A 4 0.95 -4.06 -8.46
N 28J A 5 1.48 -6.77 -1.09
CA 28J A 5 2.57 -6.82 -0.13
CB 28J A 5 2.26 -7.80 1.05
CG2 28J A 5 3.51 -8.60 1.42
CG1 28J A 5 1.79 -7.03 2.29
CD1 28J A 5 1.22 -7.92 3.37
C 28J A 5 2.97 -5.43 0.38
O 28J A 5 2.14 -4.50 0.44
HA 28J A 5 3.43 -7.22 -0.65
H22 28J A 5 1.49 -8.49 0.75
H23 28J A 5 3.81 -9.21 0.59
H24 28J A 5 3.30 -9.23 2.27
H25 28J A 5 4.31 -7.91 1.67
H26 28J A 5 1.03 -6.31 2.01
H27 28J A 5 2.64 -6.51 2.72
H28 28J A 5 0.92 -7.31 4.22
H29 28J A 5 1.97 -8.63 3.69
H30 28J A 5 0.35 -8.44 3.00
N ILE A 6 4.27 -5.28 0.67
CA ILE A 6 4.85 -4.04 1.20
C ILE A 6 6.24 -3.69 0.61
N SER A 7 6.39 -2.51 -0.04
CA SER A 7 7.71 -2.10 -0.56
C SER A 7 8.03 -0.64 -0.23
N DTH A 8 9.00 -0.13 -0.97
CA DTH A 8 9.50 1.23 -0.81
CB DTH A 8 10.04 1.84 -2.12
CG2 DTH A 8 9.01 1.68 -3.21
OG1 DTH A 8 11.27 1.22 -2.51
C DTH A 8 10.59 1.08 0.23
O DTH A 8 11.21 2.04 0.67
H DTH A 8 9.41 -0.70 -1.66
HA DTH A 8 8.68 1.85 -0.45
HB DTH A 8 10.26 2.91 -1.97
HG21 DTH A 8 8.10 2.18 -2.92
HG22 DTH A 8 8.82 0.63 -3.37
HG23 DTH A 8 9.39 2.12 -4.12
N ALA A 9 10.86 -0.19 0.55
CA ALA A 9 11.93 -0.53 1.48
C ALA A 9 13.26 -0.16 0.86
N LEU A 10 13.59 -0.75 -0.29
CA LEU A 10 14.83 -0.44 -0.99
C LEU A 10 14.58 0.54 -2.07
N ILE A 11 13.58 0.24 -2.88
CA ILE A 11 13.23 1.14 -3.95
C ILE A 11 11.93 1.83 -3.61
N ZAE B 1 7.03 6.34 -0.31
CA ZAE B 1 7.90 5.39 0.40
C ZAE B 1 7.26 4.04 0.52
O ZAE B 1 7.34 3.21 -0.38
CB ZAE B 1 9.20 5.26 -0.34
CG ZAE B 1 9.64 6.50 -1.02
CD1 ZAE B 1 10.15 6.44 -2.31
CD2 ZAE B 1 9.59 7.73 -0.37
CE1 ZAE B 1 10.60 7.56 -2.95
CE2 ZAE B 1 10.04 8.86 -1.02
CZ ZAE B 1 10.55 8.78 -2.31
C10 ZAE B 1 6.63 5.77 -1.60
H1 ZAE B 1 7.56 7.22 -0.49
HA ZAE B 1 8.08 5.77 1.40
HB2 ZAE B 1 9.97 4.97 0.36
HB3 ZAE B 1 9.10 4.50 -1.09
HD1 ZAE B 1 10.17 5.48 -2.80
HD2 ZAE B 1 9.20 7.79 0.63
HE1 ZAE B 1 11.00 7.48 -3.95
HE2 ZAE B 1 10.00 9.82 -0.51
HZ ZAE B 1 10.91 9.67 -2.80
H11 ZAE B 1 5.87 6.39 -2.06
H12 ZAE B 1 6.24 4.77 -1.44
H13 ZAE B 1 7.50 5.71 -2.25
N ILE B 2 6.57 3.84 1.61
CA ILE B 2 5.97 2.56 1.84
C ILE B 2 4.64 2.48 1.13
N SER B 3 4.60 1.51 0.24
CA SER B 3 3.44 1.22 -0.54
C SER B 3 3.25 -0.25 -0.65
N DAR B 4 2.06 -0.61 -0.99
CA DAR B 4 1.70 -1.98 -1.17
CB DAR B 4 1.90 -2.39 -2.62
CG DAR B 4 3.20 -3.13 -2.89
CD DAR B 4 3.42 -3.28 -4.38
NE DAR B 4 4.19 -4.46 -4.73
CZ DAR B 4 4.45 -4.80 -5.99
NH1 DAR B 4 3.97 -4.05 -6.97
NH2 DAR B 4 5.15 -5.89 -6.26
C DAR B 4 0.25 -2.14 -0.82
O DAR B 4 -0.49 -1.15 -0.84
H DAR B 4 1.37 0.10 -1.11
HA DAR B 4 2.30 -2.58 -0.52
HB2 DAR B 4 1.87 -1.50 -3.22
HB3 DAR B 4 1.07 -3.03 -2.91
HG2 DAR B 4 3.16 -4.11 -2.43
HG3 DAR B 4 4.01 -2.57 -2.47
HD2 DAR B 4 3.95 -2.41 -4.73
HD3 DAR B 4 2.45 -3.34 -4.86
HE DAR B 4 4.55 -5.02 -4.01
HH11 DAR B 4 4.16 -4.29 -7.97
HH12 DAR B 4 3.38 -3.21 -6.75
HH21 DAR B 4 5.35 -6.15 -7.24
HH22 DAR B 4 5.51 -6.48 -5.48
N 28J B 5 -0.15 -3.36 -0.47
CA 28J B 5 -1.53 -3.59 -0.14
CB 28J B 5 -1.81 -3.35 1.37
CG2 28J B 5 -3.25 -2.90 1.58
CG1 28J B 5 -1.53 -4.61 2.19
CD1 28J B 5 -1.54 -4.39 3.69
C 28J B 5 -1.96 -5.01 -0.49
O 28J B 5 -1.12 -5.93 -0.54
HA 28J B 5 -2.13 -2.90 -0.70
H22 28J B 5 -1.16 -2.55 1.71
H23 28J B 5 -3.49 -2.93 2.63
H24 28J B 5 -3.92 -3.57 1.04
H25 28J B 5 -3.38 -1.89 1.21
H26 28J B 5 -0.57 -5.00 1.91
H27 28J B 5 -2.30 -5.34 1.96
H28 28J B 5 -0.80 -3.66 3.95
H29 28J B 5 -1.34 -5.32 4.19
H30 28J B 5 -2.52 -4.03 3.99
N ILE B 6 -3.24 -5.15 -0.86
CA ILE B 6 -3.81 -6.48 -1.11
C ILE B 6 -4.83 -6.48 -2.25
N SER B 7 -4.78 -7.53 -3.08
CA SER B 7 -5.72 -7.64 -4.19
C SER B 7 -5.91 -9.06 -4.67
N DTH B 8 -6.84 -9.21 -5.64
CA DTH B 8 -7.14 -10.49 -6.26
CB DTH B 8 -7.03 -10.42 -7.80
CG2 DTH B 8 -5.64 -9.92 -8.17
OG1 DTH B 8 -8.02 -9.54 -8.33
C DTH B 8 -8.58 -10.92 -5.98
O DTH B 8 -9.02 -12.00 -6.37
H DTH B 8 -7.35 -8.42 -5.90
HA DTH B 8 -6.42 -11.22 -5.90
HB DTH B 8 -7.19 -11.41 -8.25
HG21 DTH B 8 -5.48 -8.94 -7.75
HG22 DTH B 8 -5.56 -9.86 -9.26
HG23 DTH B 8 -4.90 -10.60 -7.79
N ALA B 9 -9.36 -10.01 -5.35
CA ALA B 9 -10.80 -10.21 -5.12
C ALA B 9 -11.55 -9.74 -6.32
N LEU B 10 -11.33 -8.48 -6.63
CA LEU B 10 -11.97 -7.86 -7.77
C LEU B 10 -11.27 -8.30 -9.02
N ILE B 11 -9.96 -8.12 -9.04
CA ILE B 11 -9.20 -8.54 -10.19
C ILE B 11 -8.11 -9.48 -9.75
N ZAE C 1 -4.31 -4.30 -6.33
CA ZAE C 1 -5.57 -3.56 -6.07
C ZAE C 1 -5.33 -2.39 -5.18
O ZAE C 1 -4.87 -1.34 -5.61
CB ZAE C 1 -6.13 -3.08 -7.39
CG ZAE C 1 -5.91 -4.00 -8.53
CD1 ZAE C 1 -5.47 -3.50 -9.75
CD2 ZAE C 1 -6.18 -5.36 -8.42
CE1 ZAE C 1 -5.31 -4.33 -10.84
CE2 ZAE C 1 -6.02 -6.20 -9.50
CZ ZAE C 1 -5.58 -5.69 -10.72
C10 ZAE C 1 -3.33 -3.38 -6.93
H1 ZAE C 1 -4.50 -5.07 -7.00
HA ZAE C 1 -6.26 -4.22 -5.60
HB2 ZAE C 1 -7.19 -2.95 -7.28
HB3 ZAE C 1 -5.67 -2.14 -7.65
HD1 ZAE C 1 -5.26 -2.46 -9.85
HD2 ZAE C 1 -6.53 -5.76 -7.47
HE1 ZAE C 1 -4.98 -3.94 -11.77
HE2 ZAE C 1 -6.24 -7.24 -9.41
HZ ZAE C 1 -5.47 -6.34 -11.56
H11 ZAE C 1 -2.37 -3.87 -6.99
H12 ZAE C 1 -3.25 -2.50 -6.32
H13 ZAE C 1 -3.65 -3.11 -7.92
N ILE C 2 -5.58 -2.57 -3.91
CA ILE C 2 -5.43 -1.49 -3.00
C ILE C 2 -3.99 -1.35 -2.59
N SER C 3 -3.42 -0.27 -3.09
CA SER C 3 -2.07 0.08 -2.81
C SER C 3 -2.00 1.49 -2.32
N DAR C 4 -0.91 1.76 -1.66
CA DAR C 4 -0.65 3.06 -1.11
CB DAR C 4 0.15 3.91 -2.08
CG DAR C 4 -0.68 4.85 -2.93
CD DAR C 4 0.14 5.43 -4.06
NE DAR C 4 -0.34 6.74 -4.48
CZ DAR C 4 0.27 7.49 -5.38
NH1 DAR C 4 1.38 7.07 -5.96
NH2 DAR C 4 -0.22 8.68 -5.69
C DAR C 4 0.15 2.89 0.15
O DAR C 4 0.79 1.85 0.33
H DAR C 4 -0.26 1.04 -1.52
HA DAR C 4 -1.59 3.54 -0.88
HB2 DAR C 4 0.70 3.25 -2.73
HB3 DAR C 4 0.87 4.50 -1.51
HG2 DAR C 4 -1.05 5.66 -2.31
HG3 DAR C 4 -1.50 4.29 -3.34
HD2 DAR C 4 0.09 4.76 -4.90
HD3 DAR C 4 1.17 5.51 -3.74
HE DAR C 4 -1.16 7.07 -4.05
HH11 DAR C 4 1.87 7.67 -6.67
HH12 DAR C 4 1.79 6.14 -5.71
HH21 DAR C 4 0.25 9.28 -6.39
HH22 DAR C 4 -1.10 9.02 -5.23
N 28J C 5 0.08 3.88 1.03
CA 28J C 5 0.82 3.81 2.27
CB 28J C 5 -0.02 3.17 3.39
CG2 28J C 5 0.87 2.43 4.38
CG1 28J C 5 -0.86 4.23 4.13
CD1 28J C 5 -1.88 3.65 5.10
C 28J C 5 1.26 5.19 2.72
O 28J C 5 0.56 6.19 2.46
HA 28J C 5 1.69 3.20 2.11
H22 28J C 5 -0.69 2.45 2.94
H23 28J C 5 1.73 3.04 4.62
H24 28J C 5 1.21 1.50 3.94
H25 28J C 5 0.31 2.21 5.29
H26 28J C 5 -1.40 4.82 3.39
H27 28J C 5 -0.20 4.88 4.68
H28 28J C 5 -2.50 4.45 5.49
H29 28J C 5 -1.36 3.17 5.91
H30 28J C 5 -2.50 2.93 4.58
N ILE C 6 2.46 5.26 3.31
CA ILE C 6 2.93 6.52 3.91
C ILE C 6 4.45 6.63 3.90
N SER C 7 4.95 7.87 3.72
CA SER C 7 6.39 8.08 3.73
C SER C 7 6.78 9.55 3.87
N DTH C 8 8.05 9.75 4.22
CA DTH C 8 8.63 11.07 4.38
CB DTH C 8 9.53 11.42 3.16
CG2 DTH C 8 8.71 11.33 1.88
OG1 DTH C 8 10.65 10.53 3.08
C DTH C 8 9.56 11.18 5.59
O DTH C 8 10.13 12.24 5.81
H DTH C 8 8.60 8.97 4.42
HA DTH C 8 7.82 11.80 4.42
HB DTH C 8 9.93 12.45 3.27
HG21 DTH C 8 9.35 11.48 1.03
HG22 DTH C 8 7.93 12.07 1.90
HG23 DTH C 8 8.26 10.34 1.83
N ALA C 9 9.78 10.07 6.32
CA ALA C 9 10.73 10.00 7.45
C ALA C 9 12.10 9.80 6.91
N LEU C 10 12.19 8.78 6.07
CA LEU C 10 13.45 8.43 5.45
C LEU C 10 13.60 9.21 4.17
N ILE C 11 12.64 9.04 3.29
CA ILE C 11 12.69 9.76 2.04
C ILE C 11 11.55 10.75 2.00
N ZAE D 1 5.24 17.10 2.90
CA ZAE D 1 6.00 16.21 3.85
C ZAE D 1 5.57 14.74 3.72
O ZAE D 1 6.24 13.93 3.10
CB ZAE D 1 7.51 16.31 3.59
CG ZAE D 1 7.95 17.66 3.08
CD1 ZAE D 1 8.50 17.81 1.81
CD2 ZAE D 1 7.83 18.78 3.89
CE1 ZAE D 1 8.91 19.05 1.36
CE2 ZAE D 1 8.23 20.02 3.44
CZ ZAE D 1 8.78 20.16 2.18
C10 ZAE D 1 5.18 16.50 1.54
H1 ZAE D 1 5.71 18.01 2.83
HA ZAE D 1 5.80 16.53 4.85
HB2 ZAE D 1 8.04 16.11 4.50
HB3 ZAE D 1 7.79 15.58 2.84
HD1 ZAE D 1 8.60 16.94 1.18
HD2 ZAE D 1 7.40 18.68 4.88
HE1 ZAE D 1 9.34 19.16 0.37
HE2 ZAE D 1 8.13 20.89 4.09
HZ ZAE D 1 9.10 21.13 1.82
H11 ZAE D 1 4.60 17.15 0.90
H12 ZAE D 1 4.70 15.54 1.60
H13 ZAE D 1 6.18 16.40 1.15
N ILE D 2 4.42 14.42 4.31
CA ILE D 2 3.90 13.06 4.27
C ILE D 2 3.16 12.85 2.95
N SER D 3 3.32 11.67 2.35
CA SER D 3 2.63 11.33 1.13
C SER D 3 2.19 9.88 1.13
N DAR D 4 1.26 9.56 0.25
CA DAR D 4 0.72 8.22 0.15
CB DAR D 4 1.29 7.54 -1.06
CG DAR D 4 2.77 7.74 -1.19
CD DAR D 4 3.22 7.55 -2.62
NE DAR D 4 3.52 6.15 -2.89
CZ DAR D 4 4.10 5.72 -3.99
NH1 DAR D 4 4.42 4.43 -4.10
NH2 DAR D 4 4.32 6.54 -5.01
C DAR D 4 -0.78 8.23 0.03
O DAR D 4 -1.36 9.17 -0.53
H DAR D 4 0.96 10.25 -0.39
HA DAR D 4 1.00 7.68 1.03
HB2 DAR D 4 0.81 7.95 -1.94
HB3 DAR D 4 1.08 6.48 -1.00
HG2 DAR D 4 3.27 7.01 -0.57
HG3 DAR D 4 3.03 8.73 -0.87
HD2 DAR D 4 4.11 8.15 -2.79
HD3 DAR D 4 2.43 7.89 -3.29
HE DAR D 4 3.32 5.52 -2.17
HH11 DAR D 4 4.88 4.08 -4.96
HH12 DAR D 4 4.24 3.78 -3.31
HH21 DAR D 4 4.82 6.19 -5.86
HH22 DAR D 4 3.99 7.52 -4.97
N 28J D 5 -1.41 7.19 0.54
CA 28J D 5 -2.86 7.08 0.43
CB 28J D 5 -3.59 7.76 1.62
CG2 28J D 5 -4.98 8.20 1.19
CG1 28J D 5 -3.69 6.83 2.83
CD1 28J D 5 -4.25 7.49 4.07
C 28J D 5 -3.27 5.62 0.32
O 28J D 5 -2.50 4.71 0.65
HA 28J D 5 -3.15 7.59 -0.47
H22 28J D 5 -3.03 8.65 1.91
H23 28J D 5 -5.46 8.72 2.00
H24 28J D 5 -5.56 7.33 0.93
H25 28J D 5 -4.91 8.85 0.33
H26 28J D 5 -2.71 6.44 3.07
H27 28J D 5 -4.35 6.00 2.58
H28 28J D 5 -3.57 8.26 4.41
H29 28J D 5 -4.37 6.75 4.85
H30 28J D 5 -5.21 7.95 3.85
N ILE D 6 -4.46 5.44 -0.24
CA ILE D 6 -5.07 4.12 -0.38
C ILE D 6 -6.08 4.04 -1.56
N SER D 7 -5.72 3.25 -2.60
CA SER D 7 -6.61 3.05 -3.77
C SER D 7 -6.29 1.79 -4.58
N DTH D 8 -7.27 1.41 -5.42
CA DTH D 8 -7.16 0.29 -6.36
CB DTH D 8 -6.40 0.56 -7.70
CG2 DTH D 8 -5.00 1.06 -7.45
OG1 DTH D 8 -7.17 1.47 -8.49
C DTH D 8 -8.56 -0.15 -6.94
O DTH D 8 -8.51 -0.75 -8.00
H DTH D 8 -8.14 1.83 -5.30
HA DTH D 8 -6.70 -0.55 -5.85
HB DTH D 8 -6.35 -0.38 -8.28
HG21 DTH D 8 -4.50 1.21 -8.38
HG22 DTH D 8 -4.46 0.35 -6.84
HG23 DTH D 8 -5.07 2.00 -6.91
N ALA D 9 -9.66 0.39 -6.44
CA ALA D 9 -10.97 0.20 -7.00
C ALA D 9 -11.10 0.86 -8.34
N LEU D 10 -11.09 2.15 -8.29
CA LEU D 10 -11.24 2.98 -9.48
C LEU D 10 -10.06 2.80 -10.42
N ILE D 11 -8.88 2.71 -9.83
CA ILE D 11 -7.63 2.62 -10.60
C ILE D 11 -6.69 1.70 -9.83
N ALA E 1 17.31 -10.20 -0.57
CA ALA E 1 18.21 -10.43 0.60
C ALA E 1 17.46 -10.50 1.86
N DGL E 2 17.90 -9.80 2.96
CA DGL E 2 17.02 -9.63 4.13
C DGL E 2 15.41 -9.71 4.06
O DGL E 2 14.98 -9.30 2.91
CB DGL E 2 17.19 -11.00 5.04
CG DGL E 2 17.21 -12.36 4.28
CD DGL E 2 16.23 -13.38 4.90
OE1 DGL E 2 16.56 -14.58 5.00
H DGL E 2 18.74 -9.20 2.88
HA DGL E 2 17.32 -8.63 4.41
HB2 DGL E 2 16.37 -10.94 5.71
HB3 DGL E 2 18.13 -10.87 5.59
HG2 DGL E 2 18.18 -12.77 4.29
HG3 DGL E 2 16.91 -12.22 3.23
N LYS E 3 15.08 -12.92 5.36
CA LYS E 3 14.06 -13.75 5.98
C LYS E 3 14.46 -14.29 7.40
N DAL E 4 13.96 -13.42 8.39
CA DAL E 4 13.95 -13.56 9.94
CB DAL E 4 13.75 -15.14 10.60
C DAL E 4 13.07 -12.19 10.34
O DAL E 4 11.94 -12.23 10.86
H DAL E 4 13.48 -12.62 8.02
HA DAL E 4 14.89 -13.54 10.49
HB1 DAL E 4 14.45 -15.79 10.16
HB2 DAL E 4 12.75 -15.52 10.44
HB3 DAL E 4 13.89 -15.16 11.72
N DAL E 5 13.60 -11.00 9.91
CA DAL E 5 13.15 -9.50 10.23
CB DAL E 5 12.82 -9.73 11.76
C DAL E 5 11.76 -9.63 9.29
O DAL E 5 10.64 -9.29 9.85
OXT DAL E 5 11.74 -10.13 8.16
H DAL E 5 14.49 -11.05 9.45
HA DAL E 5 13.73 -8.60 10.07
HB1 DAL E 5 13.65 -9.67 12.38
HB2 DAL E 5 12.34 -10.69 11.82
HB3 DAL E 5 12.06 -8.99 12.09
N ALA F 1 -15.46 -2.50 0.57
CA ALA F 1 -16.78 -1.84 0.44
C ALA F 1 -17.49 -2.26 -0.77
N DGL F 2 -18.55 -1.56 -1.16
CA DGL F 2 -19.17 -1.84 -2.52
C DGL F 2 -18.08 -2.38 -3.68
O DGL F 2 -18.38 -3.41 -4.33
CB DGL F 2 -20.05 -3.19 -2.47
CG DGL F 2 -19.51 -4.32 -1.54
CD DGL F 2 -19.41 -5.66 -2.28
OE1 DGL F 2 -20.01 -6.66 -1.87
H DGL F 2 -18.97 -0.79 -0.60
HA DGL F 2 -19.67 -0.90 -2.75
HB2 DGL F 2 -20.05 -3.49 -3.47
HB3 DGL F 2 -21.05 -2.89 -2.16
HG2 DGL F 2 -20.17 -4.44 -0.70
HG3 DGL F 2 -18.52 -4.07 -1.15
N LYS F 3 -18.69 -5.67 -3.39
CA LYS F 3 -18.50 -6.86 -4.22
C LYS F 3 -19.78 -7.22 -5.05
N DAL F 4 -20.19 -6.12 -5.81
CA DAL F 4 -21.29 -6.01 -6.89
CB DAL F 4 -22.90 -6.40 -6.43
C DAL F 4 -20.45 -6.60 -8.22
O DAL F 4 -20.36 -7.82 -8.48
H DAL F 4 -19.64 -5.30 -5.65
HA DAL F 4 -21.70 -5.03 -7.15
HB1 DAL F 4 -23.16 -5.89 -5.56
HB2 DAL F 4 -23.04 -7.47 -6.28
HB3 DAL F 4 -23.66 -6.12 -7.23
N DAL F 5 -19.73 -5.68 -8.92
CA DAL F 5 -18.95 -5.82 -10.33
CB DAL F 5 -20.11 -6.53 -11.11
C DAL F 5 -17.89 -6.97 -9.68
O DAL F 5 -17.83 -8.15 -10.08
OXT DAL F 5 -17.06 -6.56 -8.80
H DAL F 5 -19.82 -4.73 -8.62
HA DAL F 5 -18.50 -5.03 -10.92
HB1 DAL F 5 -20.80 -5.87 -11.54
HB2 DAL F 5 -20.59 -7.18 -10.40
HB3 DAL F 5 -19.68 -7.20 -11.90
N ALA G 1 12.85 0.52 8.75
CA ALA G 1 14.12 0.17 9.45
C ALA G 1 14.69 1.36 10.19
N DGL G 2 16.09 1.38 10.25
CA DGL G 2 16.69 2.68 10.84
C DGL G 2 15.75 4.02 10.56
O DGL G 2 15.28 4.56 11.59
CB DGL G 2 16.76 2.67 12.36
CG DGL G 2 15.44 2.24 13.09
CD DGL G 2 15.17 3.09 14.32
OE1 DGL G 2 15.21 2.59 15.46
H DGL G 2 16.64 0.71 9.79
HA DGL G 2 17.66 2.72 10.35
HB2 DGL G 2 16.99 3.66 12.61
HB3 DGL G 2 17.56 2.01 12.66
HG2 DGL G 2 15.52 1.21 13.38
HG3 DGL G 2 14.58 2.34 12.42
N LYS G 3 14.92 4.38 14.12
CA LYS G 3 14.66 5.32 15.18
C LYS G 3 15.93 5.65 16.01
N DAL G 4 17.07 5.46 15.23
CA DAL G 4 18.57 5.79 15.51
CB DAL G 4 19.47 4.63 16.41
C DAL G 4 18.43 7.43 15.85
O DAL G 4 18.33 7.89 17.00
H DAL G 4 16.88 5.12 14.30
HA DAL G 4 19.32 5.65 14.74
HB1 DAL G 4 19.10 4.56 17.39
HB2 DAL G 4 20.53 4.85 16.41
HB3 DAL G 4 19.40 3.58 15.95
N DAL G 5 18.29 8.24 14.75
CA DAL G 5 18.32 9.85 14.66
CB DAL G 5 19.59 10.07 15.56
C DAL G 5 16.91 9.98 15.58
O DAL G 5 15.83 9.47 15.26
OXT DAL G 5 17.01 10.60 16.70
H DAL G 5 18.35 7.79 13.86
HA DAL G 5 18.37 10.45 13.74
HB1 DAL G 5 20.49 10.03 15.02
HB2 DAL G 5 19.55 9.32 16.32
HB3 DAL G 5 19.51 11.05 16.07
N ALA H 1 -19.66 3.42 -5.30
CA ALA H 1 -21.06 2.90 -5.20
C ALA H 1 -21.42 2.60 -3.80
N DGL H 2 -22.25 1.53 -3.53
CA DGL H 2 -22.41 1.07 -2.14
C DGL H 2 -21.38 1.44 -0.95
O DGL H 2 -20.18 1.11 -1.27
CB DGL H 2 -23.68 1.93 -1.49
CG DGL H 2 -23.77 3.43 -1.88
CD DGL H 2 -24.03 4.33 -0.65
OE1 DGL H 2 -25.01 5.10 -0.62
H DGL H 2 -22.57 0.93 -4.30
HA DGL H 2 -22.41 -0.01 -2.32
HB2 DGL H 2 -23.53 1.80 -0.46
HB3 DGL H 2 -24.58 1.40 -1.82
HG2 DGL H 2 -24.57 3.57 -2.58
HG3 DGL H 2 -22.84 3.78 -2.34
N LYS H 3 -23.20 4.20 0.37
CA LYS H 3 -23.30 4.97 1.61
C LYS H 3 -24.49 4.50 2.52
N DAL H 4 -24.63 3.12 2.44
CA DAL H 4 -25.54 2.16 3.26
CB DAL H 4 -27.12 2.71 3.66
C DAL H 4 -24.40 1.52 4.32
O DAL H 4 -24.30 1.86 5.52
H DAL H 4 -23.99 2.68 1.81
HA DAL H 4 -26.05 1.33 2.77
HB1 DAL H 4 -27.05 3.51 4.34
HB2 DAL H 4 -27.74 1.93 4.07
HB3 DAL H 4 -27.69 3.07 2.74
N DAL H 5 -23.45 0.70 3.75
CA DAL H 5 -22.34 -0.24 4.45
CB DAL H 5 -23.22 -0.72 5.64
C DAL H 5 -21.43 1.12 4.93
O DAL H 5 -21.09 1.19 6.15
OXT DAL H 5 -21.14 2.06 4.15
H DAL H 5 -23.57 0.51 2.77
HA DAL H 5 -21.78 -1.05 3.99
HB1 DAL H 5 -23.79 -1.57 5.42
HB2 DAL H 5 -23.84 0.10 5.90
HB3 DAL H 5 -22.58 -0.94 6.51
C1 MUB I . 14.38 -6.57 -2.12
C2 MUB I . 14.63 -7.78 -3.04
C3 MUB I . 14.53 -9.07 -2.16
C4 MUB I . 14.88 -8.78 -0.69
C5 MUB I . 13.93 -7.77 -0.06
C6 MUB I . 14.64 -6.87 0.94
C7 MUB I . 12.63 -8.55 -4.14
C8 MUB I . 11.80 -8.63 -5.39
C9 MUB I . 16.73 -9.73 -2.93
C10 MUB I . 17.76 -9.99 -1.85
C11 MUB I . 17.18 -9.30 -4.38
O1 MUB I . 13.91 -5.45 -2.86
O3 MUB I . 15.37 -10.15 -2.71
O4 MUB I . 14.82 -10.04 0.03
O5 MUB I . 13.40 -6.90 -1.12
O6 MUB I . 15.80 -7.51 1.44
O7 MUB I . 12.21 -9.04 -3.09
O10 MUB I . 18.98 -10.07 -2.16
N2 MUB I . 13.78 -7.88 -4.18
H1 MUB I . 15.24 -6.26 -1.55
H2 MUB I . 15.62 -7.56 -3.47
HN2 MUB I . 14.11 -7.52 -5.04
H81 MUB I . 12.39 -9.07 -6.19
H82 MUB I . 11.49 -7.65 -5.67
H83 MUB I . 10.92 -9.24 -5.18
H3 MUB I . 13.55 -9.55 -2.30
H9 MUB I . 16.61 -8.84 -2.38
H111 MUB I . 17.04 -8.22 -4.55
H112 MUB I . 16.60 -9.81 -5.08
H113 MUB I . 18.23 -9.61 -4.53
H4 MUB I . 15.96 -8.70 -0.51
H5 MUB I . 13.17 -8.14 0.43
H61 MUB I . 13.97 -6.78 1.84
H62 MUB I . 14.86 -5.85 0.54
HO6 MUB I . 15.63 -8.30 2.00
C1 NAG I . 13.66 -10.81 -0.22
C2 NAG I . 13.72 -12.12 0.54
C3 NAG I . 12.53 -12.94 0.18
C4 NAG I . 11.24 -12.13 0.46
C5 NAG I . 11.29 -10.77 -0.24
C6 NAG I . 10.10 -9.87 0.11
C7 NAG I . 15.25 -13.28 -0.96
C8 NAG I . 16.58 -14.02 -1.16
N2 NAG I . 15.01 -12.86 0.26
O3 NAG I . 12.51 -14.12 0.97
O4 NAG I . 10.12 -12.86 -0.01
O5 NAG I . 12.47 -10.06 0.11
O6 NAG I . 10.01 -9.63 1.50
O7 NAG I . 14.45 -13.22 -1.88
H1 NAG I . 13.67 -11.04 -1.31
H2 NAG I . 13.90 -12.19 1.57
H3 NAG I . 12.52 -13.20 -0.88
H4 NAG I . 11.10 -12.18 1.56
H5 NAG I . 11.22 -10.81 -1.33
H61 NAG I . 9.15 -10.36 -0.18
H62 NAG I . 10.17 -8.96 -0.50
H81 NAG I . 16.65 -14.30 -2.21
H82 NAG I . 16.59 -14.91 -0.57
H83 NAG I . 17.39 -13.37 -0.86
HN2 NAG I . 15.65 -12.92 0.98
HO3 NAG I . 12.64 -13.88 1.88
HO4 NAG I . 10.23 -13.78 0.20
HO6 NAG I . 10.58 -8.86 1.65
C1 MUB J . -11.51 -3.80 -2.04
C2 MUB J . -11.58 -3.82 -0.50
C3 MUB J . -12.84 -4.62 -0.09
C4 MUB J . -13.98 -4.31 -1.06
C5 MUB J . -13.64 -4.91 -2.42
C6 MUB J . -14.22 -4.13 -3.57
C7 MUB J . -10.29 -5.68 0.31
C8 MUB J . -9.05 -6.24 0.96
C9 MUB J . -13.22 -2.93 1.58
C10 MUB J . -14.56 -2.21 1.58
C11 MUB J . -11.94 -2.23 2.19
O1 MUB J . -10.15 -3.84 -2.41
O3 MUB J . -13.19 -4.33 1.31
O4 MUB J . -15.23 -4.82 -0.56
O5 MUB J . -12.18 -4.94 -2.58
O6 MUB J . -14.47 -2.80 -3.18
O7 MUB J . -11.23 -6.45 0.08
O10 MUB J . -14.84 -1.42 2.51
N2 MUB J . -10.41 -4.37 0.12
H1 MUB J . -11.96 -2.91 -2.45
H2 MUB J . -11.57 -2.74 -0.25
HN2 MUB J . -9.65 -3.78 0.33
H81 MUB J . -8.19 -6.02 0.34
H82 MUB J . -9.14 -7.30 1.08
H83 MUB J . -8.95 -5.77 1.93
H3 MUB J . -12.61 -5.69 0.01
H9 MUB J . -13.26 -2.65 0.57
H111 MUB J . -11.27 -1.87 1.39
H112 MUB J . -11.41 -2.94 2.75
H113 MUB J . -12.25 -1.43 2.87
H4 MUB J . -14.33 -3.26 -1.01
H5 MUB J . -14.02 -5.84 -2.57
H61 MUB J . -15.25 -4.53 -3.72
H62 MUB J . -13.69 -4.19 -4.55
HO6 MUB J . -15.40 -2.49 -3.29
C1 NAG J . -15.16 -6.15 -0.02
C2 NAG J . -16.56 -6.64 0.22
C3 NAG J . -16.54 -8.05 0.80
C4 NAG J . -15.65 -8.97 -0.07
C5 NAG J . -14.30 -8.32 -0.35
C6 NAG J . -13.42 -9.13 -1.29
C7 NAG J . -16.90 -5.52 2.36
C8 NAG J . -17.69 -4.55 3.21
N2 NAG J . -17.29 -5.71 1.12
O3 NAG J . -17.85 -8.56 0.84
O4 NAG J . -15.46 -10.20 0.60
O5 NAG J . -14.45 -7.02 -0.92
O6 NAG J . -14.07 -9.39 -2.52
O7 NAG J . -16.01 -6.19 2.89
H1 NAG J . -14.58 -6.02 0.92
H2 NAG J . -17.28 -6.60 -0.53
H3 NAG J . -16.10 -8.05 1.80
H4 NAG J . -16.31 -9.26 -0.93
H5 NAG J . -13.65 -8.23 0.54
H61 NAG J . -13.19 -10.13 -0.85
H62 NAG J . -12.45 -8.64 -1.39
H81 NAG J . -17.28 -4.54 4.21
H82 NAG J . -18.72 -4.87 3.26
H83 NAG J . -17.65 -3.57 2.75
HN2 NAG J . -18.01 -5.19 0.73
HO3 NAG J . -18.42 -7.91 1.26
HO4 NAG J . -16.29 -10.53 0.92
HO6 NAG J . -14.37 -8.54 -2.84
C1 MUB K . 10.24 3.72 6.49
C2 MUB K . 9.35 2.48 6.66
C3 MUB K . 9.57 1.93 8.10
C4 MUB K . 10.71 2.69 8.78
C5 MUB K . 10.19 4.13 8.89
C6 MUB K . 11.15 5.05 9.61
C7 MUB K . 7.13 3.03 7.44
C8 MUB K . 5.69 3.29 7.16
C9 MUB K . 10.91 0.11 7.25
C10 MUB K . 12.18 -0.36 7.93
C11 MUB K . 10.68 -0.12 5.70
O1 MUB K . 9.93 4.30 5.25
O3 MUB K . 9.78 0.47 8.07
O4 MUB K . 11.10 2.18 10.08
O5 MUB K . 9.99 4.66 7.54
O6 MUB K . 12.48 4.59 9.46
O7 MUB K . 7.54 3.03 8.61
O10 MUB K . 12.53 -1.56 7.80
N2 MUB K . 7.96 2.73 6.42
H1 MUB K . 11.29 3.47 6.50
H2 MUB K . 9.68 1.84 5.83
HN2 MUB K . 7.61 2.72 5.51
H81 MUB K . 5.22 3.74 8.03
H82 MUB K . 5.19 2.37 6.94
H83 MUB K . 5.62 3.95 6.31
H3 MUB K . 8.64 1.95 8.67
H9 MUB K . 11.39 1.04 7.36
H111 MUB K . 9.64 -0.41 5.49
H112 MUB K . 11.30 -0.89 5.38
H113 MUB K . 10.97 0.79 5.17
H4 MUB K . 11.72 2.52 8.37
H5 MUB K . 9.33 4.23 9.42
H61 MUB K . 10.96 4.88 10.70
H62 MUB K . 11.05 6.14 9.42
HO6 MUB K . 12.70 3.85 10.07
C1 NAG K . 10.03 2.06 11.01
C2 NAG K . 10.61 1.61 12.34
C3 NAG K . 9.50 1.43 13.35
C4 NAG K . 8.63 2.71 13.43
C5 NAG K . 8.21 3.16 12.04
C6 NAG K . 7.46 4.49 12.04
C7 NAG K . 10.80 -0.77 11.83
C8 NAG K . 11.68 -2.00 11.67
N2 NAG K . 11.38 0.35 12.18
O3 NAG K . 10.05 1.16 14.63
O4 NAG K . 7.48 2.45 14.21
O5 NAG K . 9.35 3.32 11.18
O6 NAG K . 8.33 5.59 12.35
O7 NAG K . 9.57 -0.88 11.72
H1 NAG K . 9.35 1.32 10.55
H2 NAG K . 11.39 2.13 12.78
H3 NAG K . 8.82 0.62 13.06
H4 NAG K . 9.22 3.40 14.09
H5 NAG K . 7.49 2.51 11.54
H61 NAG K . 6.68 4.51 12.82
H62 NAG K . 6.93 4.61 11.09
H81 NAG K . 12.36 -1.84 10.85
H82 NAG K . 11.07 -2.86 11.47
H83 NAG K . 12.21 -2.16 12.60
HN2 NAG K . 12.35 0.42 12.27
HO3 NAG K . 10.73 1.83 14.80
HO4 NAG K . 7.72 1.96 14.99
HO6 NAG K . 8.64 5.90 11.50
C1 MUB L . -15.11 2.53 -4.07
C2 MUB L . -15.22 3.81 -4.94
C3 MUB L . -16.45 4.61 -4.40
C4 MUB L . -17.31 3.73 -3.48
C5 MUB L . -16.50 3.31 -2.25
C6 MUB L . -17.16 2.13 -1.56
C7 MUB L . -14.03 5.73 -4.17
C8 MUB L . -12.83 6.64 -4.20
C9 MUB L . -17.61 4.15 -6.47
C10 MUB L . -19.05 3.67 -6.51
C11 MUB L . -16.60 3.79 -7.63
O1 MUB L . -13.88 1.90 -4.31
O3 MUB L . -17.24 5.16 -5.53
O4 MUB L . -18.51 4.47 -3.12
O5 MUB L . -15.18 2.87 -2.68
O6 MUB L . -17.91 1.37 -2.49
O7 MUB L . -14.88 5.92 -3.31
O10 MUB L . -19.64 3.57 -7.61
N2 MUB L . -14.06 4.62 -4.93
H1 MUB L . -15.90 1.82 -4.27
H2 MUB L . -15.31 3.37 -5.96
HN2 MUB L . -13.37 4.51 -5.64
H81 MUB L . -12.95 7.42 -3.46
H82 MUB L . -12.74 7.08 -5.18
H83 MUB L . -11.95 6.05 -3.99
H3 MUB L . -16.12 5.54 -3.94
H9 MUB L . -17.55 3.38 -5.77
H111 MUB L . -15.86 4.60 -7.79
H112 MUB L . -17.13 3.68 -8.51
H113 MUB L . -16.11 2.84 -7.40
H4 MUB L . -17.90 2.98 -4.02
H5 MUB L . -16.40 4.05 -1.54
H61 MUB L . -17.96 2.57 -0.93
H62 MUB L . -16.52 1.52 -0.89
HO6 MUB L . -18.84 1.19 -2.23
C1 NAG L . -18.28 5.83 -2.73
C2 NAG L . -19.54 6.41 -2.13
C3 NAG L . -19.32 7.86 -1.81
C4 NAG L . -18.08 8.02 -0.91
C5 NAG L . -16.88 7.29 -1.50
C6 NAG L . -15.67 7.28 -0.58
C7 NAG L . -20.74 6.86 -4.22
C8 NAG L . -21.96 6.62 -5.10
N2 NAG L . -20.70 6.23 -3.05
O3 NAG L . -20.45 8.38 -1.13
O4 NAG L . -17.77 9.40 -0.78
O5 NAG L . -17.20 5.92 -1.78
O6 NAG L . -15.95 6.63 0.65
O7 NAG L . -19.89 7.68 -4.56
H1 NAG L . -18.02 6.34 -3.67
H2 NAG L . -19.99 5.92 -1.31
H3 NAG L . -19.14 8.45 -2.71
H4 NAG L . -18.43 7.74 0.11
H5 NAG L . -16.46 7.75 -2.41
H61 NAG L . -15.36 8.31 -0.30
H62 NAG L . -14.82 6.84 -1.11
H81 NAG L . -22.04 5.55 -5.30
H82 NAG L . -21.85 7.14 -6.03
H83 NAG L . -22.83 6.99 -4.58
HN2 NAG L . -21.39 5.60 -2.79
HO3 NAG L . -21.20 8.33 -1.71
HO4 NAG L . -18.56 9.88 -0.54
HO6 NAG L . -15.87 5.70 0.45
P 2PO M . 12.90 -4.41 -2.17
O1P 2PO M . 13.09 -4.48 -0.70
O2P 2PO M . 13.12 -3.09 -2.82
O3P 2PO M . 11.40 -4.91 -2.50
P 2PO N . 10.07 -4.00 -2.34
O1P 2PO N . 10.41 -2.89 -1.38
O2P 2PO N . 9.59 -3.63 -3.69
O3P 2PO N . 9.07 -5.09 -1.68
C1 P1W O . 9.46 -6.24 -0.91
C2 P1W O . 10.02 -5.88 0.45
C3 P1W O . 9.50 -6.27 1.65
C4 P1W O . 10.11 -5.84 2.97
C5 P1W O . 8.26 -7.17 1.78
H12 P1W O . 10.17 -6.83 -1.46
H11 P1W O . 8.57 -6.84 -0.74
H2 P1W O . 11.01 -5.41 0.42
H41 P1W O . 10.93 -5.17 2.78
H42 P1W O . 9.37 -5.34 3.58
H51 P1W O . 7.98 -7.23 2.82
H52 P1W O . 8.51 -8.17 1.42
H53 P1W O . 7.45 -6.76 1.20
C1 P1W P . 10.64 -7.05 3.75
C2 P1W P . 10.23 -6.97 5.21
C3 P1W P . 9.38 -7.83 5.81
C4 P1W P . 9.01 -7.71 7.26
C5 P1W P . 8.78 -9.05 5.11
H12 P1W P . 10.24 -7.95 3.32
H11 P1W P . 11.72 -7.07 3.69
H2 P1W P . 10.42 -6.00 5.65
H41 P1W P . 9.21 -8.64 7.78
H42 P1W P . 9.57 -6.91 7.72
H51 P1W P . 9.55 -9.60 4.61
H52 P1W P . 8.05 -8.71 4.38
H53 P1W P . 8.28 -9.68 5.83
C1 P1W Q . 7.51 -7.40 7.39
C2 P1W Q . 7.07 -7.60 8.81
C3 P1W Q . 6.76 -6.60 9.67
C4 P1W Q . 6.32 -6.88 11.10
C5 P1W Q . 6.80 -5.12 9.30
H12 P1W Q . 7.34 -6.37 7.11
H11 P1W Q . 6.95 -8.04 6.74
H2 P1W Q . 6.99 -8.63 9.11
H43 P1W Q . 5.31 -6.53 11.24
H41 P1W Q . 6.99 -6.36 11.78
H42 P1W Q . 6.37 -7.94 11.29
H51 P1W Q . 7.81 -4.86 9.00
H52 P1W Q . 6.52 -4.53 10.17
H53 P1W Q . 6.11 -4.93 8.50
C1 P1W R . -9.42 -11.61 0.24
C2 P1W R . -10.69 -12.28 -0.23
C3 P1W R . -10.70 -13.38 -1.02
C4 P1W R . -11.98 -14.04 -1.49
C5 P1W R . -9.43 -14.08 -1.50
H12 P1W R . -8.62 -11.86 -0.42
H11 P1W R . -9.19 -11.95 1.24
H2 P1W R . -11.57 -11.66 -0.13
H41 P1W R . -12.79 -13.75 -0.84
H42 P1W R . -11.85 -15.10 -1.47
H51 P1W R . -8.76 -14.20 -0.66
H52 P1W R . -8.98 -13.50 -2.27
H53 P1W R . -9.69 -15.06 -1.89
C1 P1W S . -12.33 -13.61 -2.92
C2 P1W S . -13.73 -14.00 -3.27
C3 P1W S . -14.58 -13.27 -4.03
C4 P1W S . -16.00 -13.75 -4.36
C5 P1W S . -14.21 -11.92 -4.63
H12 P1W S . -12.24 -12.53 -3.00
H11 P1W S . -11.64 -14.08 -3.61
H2 P1W S . -14.04 -14.95 -2.88
H43 P1W S . -16.65 -12.89 -4.45
H41 P1W S . -16.36 -14.39 -3.57
H42 P1W S . -15.98 -14.29 -5.30
H51 P1W S . -14.91 -11.68 -5.42
H52 P1W S . -13.21 -11.96 -5.03
H53 P1W S . -14.27 -11.16 -3.86
P 2PO T . -9.74 -3.44 -3.92
O1P 2PO T . -10.65 -2.37 -4.42
O2P 2PO T . -8.29 -3.18 -3.97
O3P 2PO T . -10.03 -4.77 -4.74
P 2PO U . -8.99 -5.97 -4.69
O1P 2PO U . -9.20 -6.80 -5.95
O2P 2PO U . -7.66 -5.40 -4.43
O3P 2PO U . -9.48 -6.75 -3.39
C1 P1W V . -8.66 -7.74 -2.77
C2 P1W V . -9.36 -8.33 -1.56
C3 P1W V . -8.91 -9.45 -0.96
C4 P1W V . -9.57 -10.08 0.26
C5 P1W V . -7.69 -10.20 -1.47
H12 P1W V . -7.74 -7.28 -2.46
H11 P1W V . -8.45 -8.52 -3.49
H2 P1W V . -9.98 -7.64 -1.02
H41 P1W V . -10.62 -9.81 0.26
H42 P1W V . -9.11 -9.68 1.15
H51 P1W V . -8.01 -10.98 -2.13
H52 P1W V . -7.16 -10.61 -0.63
H53 P1W V . -7.05 -9.51 -2.01
P 2PO W . 9.42 5.84 5.20
O1P 2PO W . 10.57 6.74 4.93
O2P 2PO W . 8.25 5.94 4.31
O3P 2PO W . 8.92 6.11 6.69
P 2PO X . 7.55 6.86 6.95
O1P 2PO X . 7.76 8.32 6.62
O2P 2PO X . 6.47 6.13 6.26
O3P 2PO X . 7.37 6.64 8.52
C1 P1W Y . 7.36 7.72 9.45
C2 P1W Y . 6.20 8.65 9.17
C3 P1W Y . 6.04 9.82 9.83
C4 P1W Y . 4.89 10.77 9.56
C5 P1W Y . 7.00 10.27 10.92
H12 P1W Y . 8.28 8.26 9.34
H11 P1W Y . 7.28 7.33 10.44
H2 P1W Y . 5.72 8.50 8.22
H41 P1W Y . 4.85 11.51 10.34
H42 P1W Y . 3.97 10.21 9.55
H51 P1W Y . 7.90 10.63 10.46
H52 P1W Y . 7.22 9.42 11.55
H53 P1W Y . 6.54 11.05 11.50
C1 P1W Z . 5.07 11.47 8.21
C2 P1W Z . 6.38 12.23 8.15
C3 P1W Z . 6.49 13.55 8.40
C4 P1W Z . 7.79 14.30 8.33
C5 P1W Z . 5.30 14.43 8.81
H12 P1W Z . 5.05 10.73 7.44
H11 P1W Z . 4.25 12.17 8.06
H2 P1W Z . 7.16 11.71 7.61
H41 P1W Z . 8.59 13.66 8.68
H42 P1W Z . 7.74 15.18 8.94
H51 P1W Z . 4.69 14.63 7.96
H52 P1W Z . 5.67 15.36 9.22
H53 P1W Z . 4.72 13.93 9.57
C1 P1W AA . 8.12 14.72 6.89
C2 P1W AA . 9.24 15.71 6.86
C3 P1W AA . 10.17 15.81 5.88
C4 P1W AA . 11.28 16.86 5.91
C5 P1W AA . 10.22 14.89 4.68
H12 P1W AA . 8.40 13.85 6.33
H11 P1W AA . 7.24 15.17 6.45
H2 P1W AA . 9.20 16.44 7.65
H43 P1W AA . 11.79 16.88 4.97
H41 P1W AA . 12.00 16.62 6.70
H42 P1W AA . 10.85 17.83 6.12
H51 P1W AA . 10.68 15.41 3.85
H52 P1W AA . 9.21 14.61 4.40
H53 P1W AA . 10.78 14.00 4.92
P 2PO BA . -12.59 2.27 -3.43
O1P 2PO BA . -12.97 3.28 -2.41
O2P 2PO BA . -11.94 1.01 -2.96
O3P 2PO BA . -11.59 2.95 -4.47
P 2PO CA . -10.01 2.71 -4.44
O1P 2PO CA . -9.77 1.35 -3.89
O2P 2PO CA . -9.45 3.03 -5.77
O3P 2PO CA . -9.48 3.79 -3.38
C1 P1W DA . -10.41 4.73 -2.82
C2 P1W DA . -10.20 4.75 -1.33
C3 P1W DA . -10.14 3.70 -0.51
C4 P1W DA . -9.93 3.96 0.96
C5 P1W DA . -10.22 2.24 -0.98
H12 P1W DA . -11.42 4.43 -3.06
H11 P1W DA . -10.20 5.71 -3.23
H2 P1W DA . -9.74 5.63 -0.97
H41 P1W DA . -9.91 5.04 1.12
H42 P1W DA . -8.98 3.55 1.28
H51 P1W DA . -11.25 1.96 -1.14
H52 P1W DA . -9.78 1.59 -0.25
H53 P1W DA . -9.69 2.13 -1.93
C1 P1W EA . -11.03 3.38 1.82
C2 P1W EA . -10.44 2.83 3.08
C3 P1W EA . -11.10 1.99 3.89
C4 P1W EA . -10.50 1.48 5.17
C5 P1W EA . -12.48 1.42 3.56
H12 P1W EA . -11.73 4.15 2.04
H11 P1W EA . -11.51 2.58 1.28
H2 P1W EA . -9.60 3.40 3.46
H41 P1W EA . -9.46 1.78 5.23
H42 P1W EA . -10.57 0.41 5.21
H51 P1W EA . -12.46 1.04 2.56
H52 P1W EA . -13.21 2.20 3.66
H53 P1W EA . -12.71 0.62 4.24
C1 P1W FA . -11.25 2.07 6.37
C2 P1W FA . -10.70 1.55 7.66
C3 P1W FA . -11.44 0.99 8.65
C4 P1W FA . -10.83 0.47 9.95
C5 P1W FA . -12.95 0.85 8.56
H12 P1W FA . -11.15 3.15 6.34
H11 P1W FA . -12.30 1.81 6.29
H2 P1W FA . -9.63 1.61 7.75
H43 P1W FA . -10.96 1.20 10.73
H41 P1W FA . -9.77 0.29 9.80
H42 P1W FA . -11.31 -0.45 10.22
H51 P1W FA . -13.39 1.78 8.26
H52 P1W FA . -13.33 0.56 9.53
H53 P1W FA . -13.20 0.07 7.84
N ZAE A 1 -3.98 -15.34 -9.34
CA ZAE A 1 -5.11 -14.36 -9.13
C ZAE A 1 -4.67 -13.19 -8.26
O ZAE A 1 -4.71 -12.04 -8.69
CB ZAE A 1 -5.64 -13.83 -10.47
CG ZAE A 1 -7.14 -13.68 -10.50
CD1 ZAE A 1 -7.81 -13.59 -11.72
CD2 ZAE A 1 -7.88 -13.63 -9.33
CE1 ZAE A 1 -9.19 -13.44 -11.76
CE2 ZAE A 1 -9.26 -13.49 -9.37
CZ ZAE A 1 -9.91 -13.39 -10.58
C10 ZAE A 1 -2.86 -14.73 -10.06
H1 ZAE A 1 -4.31 -16.15 -9.88
HA ZAE A 1 -5.91 -14.89 -8.62
HB2 ZAE A 1 -5.20 -12.87 -10.66
HB3 ZAE A 1 -5.35 -14.52 -11.26
HD1 ZAE A 1 -7.25 -13.63 -12.64
HD2 ZAE A 1 -7.38 -13.71 -8.38
HE1 ZAE A 1 -9.69 -13.36 -12.70
HE2 ZAE A 1 -9.82 -13.45 -8.44
HZ ZAE A 1 -10.99 -13.26 -10.61
H11 ZAE A 1 -2.52 -13.84 -9.54
H12 ZAE A 1 -3.17 -14.46 -11.06
H13 ZAE A 1 -2.04 -15.44 -10.13
N ILE A 2 -4.24 -13.48 -7.05
CA ILE A 2 -3.81 -12.44 -6.13
C ILE A 2 -2.33 -12.14 -6.36
N SER A 3 -2.00 -10.85 -6.42
CA SER A 3 -0.62 -10.42 -6.58
C SER A 3 -0.40 -9.05 -5.96
N DAR A 4 0.87 -8.67 -5.92
CA DAR A 4 1.28 -7.40 -5.37
CB DAR A 4 2.09 -6.64 -6.40
CG DAR A 4 2.14 -7.33 -7.75
CD DAR A 4 2.99 -6.51 -8.68
NE DAR A 4 2.98 -6.96 -10.07
CZ DAR A 4 2.32 -6.31 -11.00
NH1 DAR A 4 2.31 -6.76 -12.25
NH2 DAR A 4 1.65 -5.21 -10.67
C DAR A 4 2.13 -7.61 -4.13
O DAR A 4 3.09 -8.38 -4.16
H DAR A 4 1.56 -9.28 -6.27
HA DAR A 4 0.39 -6.84 -5.11
HB2 DAR A 4 3.10 -6.53 -6.04
HB3 DAR A 4 1.66 -5.66 -6.54
HG2 DAR A 4 1.13 -7.40 -8.15
HG3 DAR A 4 2.56 -8.32 -7.63
HD2 DAR A 4 4.00 -6.53 -8.32
HD3 DAR A 4 2.64 -5.50 -8.67
HE DAR A 4 3.46 -7.78 -10.30
HH11 DAR A 4 1.76 -6.24 -12.98
HH12 DAR A 4 2.83 -7.61 -12.50
HH21 DAR A 4 1.15 -4.66 -11.39
HH22 DAR A 4 1.60 -4.92 -9.67
N 28J A 5 1.77 -6.94 -3.03
CA 28J A 5 2.55 -7.07 -1.83
CB 28J A 5 1.81 -7.87 -0.72
CG2 28J A 5 0.32 -7.97 -1.05
CG1 28J A 5 2.36 -9.30 -0.57
CD1 28J A 5 1.77 -10.08 0.59
C 28J A 5 2.99 -5.68 -1.34
O 28J A 5 2.72 -4.65 -1.98
HA 28J A 5 3.44 -7.62 -2.09
H22 28J A 5 1.90 -7.35 0.22
H23 28J A 5 -0.21 -8.45 -0.23
H24 28J A 5 0.18 -8.55 -1.95
H25 28J A 5 -0.08 -6.98 -1.20
H26 28J A 5 3.43 -9.25 -0.42
H27 28J A 5 2.15 -9.86 -1.48
H28 28J A 5 0.73 -10.31 0.38
H29 28J A 5 1.82 -9.49 1.49
H30 28J A 5 2.32 -11.00 0.74
N ILE A 6 3.75 -5.68 -0.25
CA ILE A 6 4.25 -4.46 0.37
C ILE A 6 5.80 -4.40 0.39
N SER A 7 6.38 -3.35 -0.22
CA SER A 7 7.84 -3.15 -0.28
C SER A 7 8.15 -1.68 0.01
N DTH A 8 9.29 -1.43 0.64
CA DTH A 8 9.66 -0.07 0.97
CB DTH A 8 10.60 0.59 -0.06
CG2 DTH A 8 9.96 0.50 -1.40
OG1 DTH A 8 11.89 -0.02 -0.05
C DTH A 8 10.39 -0.04 2.33
O DTH A 8 10.36 1.00 2.97
H DTH A 8 9.87 -2.18 0.94
HA DTH A 8 8.78 0.53 1.09
HB DTH A 8 10.74 1.64 0.20
HG21 DTH A 8 9.05 1.06 -1.41
HG22 DTH A 8 9.74 -0.54 -1.64
HG23 DTH A 8 10.64 0.90 -2.15
N ALA A 9 10.96 -1.15 2.70
CA ALA A 9 11.65 -1.30 3.83
C ALA A 9 13.10 -0.93 3.48
N LEU A 10 13.82 -1.90 2.95
CA LEU A 10 15.23 -1.74 2.51
C LEU A 10 15.37 -0.87 1.29
N ILE A 11 14.30 -0.84 0.54
CA ILE A 11 14.24 -0.09 -0.71
C ILE A 11 12.91 0.63 -0.81
N ZAE B 1 7.91 5.69 0.70
CA ZAE B 1 8.77 4.50 0.92
C ZAE B 1 7.94 3.22 0.90
O ZAE B 1 8.19 2.33 0.08
CB ZAE B 1 9.86 4.40 -0.15
CG ZAE B 1 11.24 4.23 0.41
CD1 ZAE B 1 12.33 4.85 -0.19
CD2 ZAE B 1 11.46 3.42 1.52
CE1 ZAE B 1 13.60 4.70 0.32
CE2 ZAE B 1 12.74 3.28 2.04
CZ ZAE B 1 13.82 3.90 1.43
C10 ZAE B 1 7.13 5.56 -0.55
H1 ZAE B 1 8.50 6.54 0.62
HA ZAE B 1 9.24 4.59 1.89
HB2 ZAE B 1 9.65 3.56 -0.79
HB3 ZAE B 1 9.84 5.31 -0.75
HD1 ZAE B 1 12.17 5.48 -1.05
HD2 ZAE B 1 10.63 2.95 2.00
HE1 ZAE B 1 14.43 5.17 -0.15
HE2 ZAE B 1 12.91 2.66 2.90
HZ ZAE B 1 14.81 3.77 1.82
H11 ZAE B 1 7.79 5.67 -1.40
H12 ZAE B 1 6.36 6.32 -0.58
H13 ZAE B 1 6.67 4.58 -0.59
N ILE B 2 6.93 3.13 1.76
CA ILE B 2 6.13 1.91 1.76
C ILE B 2 4.94 2.07 0.85
N SER B 3 4.95 1.23 -0.19
CA SER B 3 3.89 1.19 -1.17
C SER B 3 3.71 -0.18 -1.72
N DAR B 4 2.52 -0.39 -2.19
CA DAR B 4 2.18 -1.64 -2.77
CB DAR B 4 2.35 -1.64 -4.28
CG DAR B 4 1.49 -0.60 -5.05
CD DAR B 4 1.85 -0.50 -6.52
NE DAR B 4 3.07 0.29 -6.76
CZ DAR B 4 3.74 0.29 -7.92
NH1 DAR B 4 3.31 -0.44 -8.94
NH2 DAR B 4 4.83 1.03 -8.06
C DAR B 4 0.77 -1.92 -2.39
O DAR B 4 -0.03 -0.97 -2.30
H DAR B 4 1.82 0.31 -2.04
HA DAR B 4 2.82 -2.40 -2.34
HB2 DAR B 4 2.11 -2.61 -4.66
HB3 DAR B 4 3.38 -1.43 -4.51
HG2 DAR B 4 1.59 0.37 -4.57
HG3 DAR B 4 0.45 -0.92 -4.97
HD2 DAR B 4 1.03 -0.01 -7.03
HD3 DAR B 4 1.99 -1.49 -6.92
HE DAR B 4 3.41 0.83 -6.01
HH11 DAR B 4 3.83 -0.43 -9.85
HH12 DAR B 4 2.48 -1.05 -8.83
HH21 DAR B 4 5.34 1.04 -8.97
HH22 DAR B 4 5.18 1.61 -7.27
N 28J B 5 0.45 -3.19 -2.12
CA 28J B 5 -0.90 -3.53 -1.75
CB 28J B 5 -1.12 -3.51 -0.21
CG2 28J B 5 -0.16 -4.44 0.52
CG1 28J B 5 -0.95 -2.07 0.31
CD1 28J B 5 -1.17 -1.93 1.81
C 28J B 5 -1.24 -4.91 -2.27
O 28J B 5 -0.44 -5.59 -2.93
HA 28J B 5 -1.56 -2.80 -2.20
H22 28J B 5 -2.13 -3.83 -0.02
H23 28J B 5 -0.34 -4.37 1.57
H24 28J B 5 0.86 -4.14 0.30
H25 28J B 5 -0.32 -5.45 0.18
H26 28J B 5 -1.66 -1.43 -0.19
H27 28J B 5 0.05 -1.74 0.09
H28 28J B 5 -0.48 -2.58 2.33
H29 28J B 5 -2.18 -2.20 2.06
H30 28J B 5 -0.98 -0.90 2.10
N ILE B 6 -2.49 -5.26 -2.07
CA ILE B 6 -2.94 -6.61 -2.44
C ILE B 6 -4.14 -6.55 -3.37
N SER B 7 -4.15 -7.39 -4.42
CA SER B 7 -5.27 -7.40 -5.34
C SER B 7 -5.41 -8.73 -6.04
N DTH B 8 -6.66 -9.05 -6.36
CA DTH B 8 -6.97 -10.31 -7.04
CB DTH B 8 -7.38 -10.07 -8.52
CG2 DTH B 8 -6.25 -9.36 -9.23
OG1 DTH B 8 -8.57 -9.29 -8.59
C DTH B 8 -8.15 -11.11 -6.44
O DTH B 8 -8.25 -12.31 -6.68
H DTH B 8 -7.39 -8.44 -6.12
HA DTH B 8 -6.08 -10.92 -7.04
HB DTH B 8 -7.59 -11.04 -9.02
HG21 DTH B 8 -6.04 -8.44 -8.73
HG22 DTH B 8 -6.53 -9.17 -10.26
HG23 DTH B 8 -5.37 -9.99 -9.21
N ALA B 9 -9.07 -10.43 -5.72
CA ALA B 9 -10.30 -11.04 -5.19
C ALA B 9 -11.42 -10.77 -6.12
N LEU B 10 -11.77 -9.49 -6.15
CA LEU B 10 -12.84 -9.02 -6.99
C LEU B 10 -12.32 -8.85 -8.41
N ILE B 11 -11.04 -8.53 -8.49
CA ILE B 11 -10.44 -8.36 -9.80
C ILE B 11 -9.19 -9.19 -9.87
N ZAE C 1 -6.75 -4.25 -4.83
CA ZAE C 1 -7.90 -3.42 -4.34
C ZAE C 1 -7.41 -2.34 -3.40
O ZAE C 1 -8.00 -1.26 -3.31
CB ZAE C 1 -8.66 -2.81 -5.53
CG ZAE C 1 -10.13 -2.65 -5.26
CD1 ZAE C 1 -11.00 -2.50 -6.31
CD2 ZAE C 1 -10.64 -2.69 -3.97
CE1 ZAE C 1 -12.36 -2.38 -6.09
CE2 ZAE C 1 -12.00 -2.55 -3.74
CZ ZAE C 1 -12.87 -2.40 -4.81
C10 ZAE C 1 -5.81 -3.39 -5.58
H1 ZAE C 1 -7.10 -5.00 -5.45
HA ZAE C 1 -8.58 -4.07 -3.79
HB2 ZAE C 1 -8.26 -1.83 -5.75
HB3 ZAE C 1 -8.55 -3.45 -6.39
HD1 ZAE C 1 -10.61 -2.47 -7.31
HD2 ZAE C 1 -9.96 -2.81 -3.14
HE1 ZAE C 1 -13.04 -2.26 -6.93
HE2 ZAE C 1 -12.38 -2.58 -2.73
HZ ZAE C 1 -13.93 -2.31 -4.63
H11 ZAE C 1 -4.92 -3.95 -5.86
H12 ZAE C 1 -5.53 -2.55 -4.97
H13 ZAE C 1 -6.30 -3.03 -6.48
N ILE C 2 -6.32 -2.61 -2.71
CA ILE C 2 -5.75 -1.60 -1.83
C ILE C 2 -4.31 -1.39 -2.19
N SER C 3 -3.97 -0.12 -2.38
CA SER C 3 -2.63 0.28 -2.69
C SER C 3 -2.36 1.66 -2.17
N DAR C 4 -1.10 1.97 -2.16
CA DAR C 4 -0.66 3.26 -1.69
CB DAR C 4 -0.03 4.08 -2.80
CG DAR C 4 -0.64 3.88 -4.17
CD DAR C 4 0.01 4.75 -5.22
NE DAR C 4 -0.51 4.43 -6.56
CZ DAR C 4 -1.24 5.26 -7.30
NH1 DAR C 4 -1.60 6.45 -6.84
NH2 DAR C 4 -1.62 4.88 -8.51
C DAR C 4 0.34 3.04 -0.60
O DAR C 4 1.07 2.03 -0.65
H DAR C 4 -0.44 1.29 -2.44
HA DAR C 4 -1.51 3.78 -1.29
HB2 DAR C 4 1.03 3.80 -2.86
HB3 DAR C 4 -0.10 5.12 -2.54
HG2 DAR C 4 -1.70 4.11 -4.12
HG3 DAR C 4 -0.52 2.84 -4.45
HD2 DAR C 4 1.07 4.59 -5.21
HD3 DAR C 4 -0.20 5.79 -5.00
HE DAR C 4 -0.27 3.55 -6.92
HH11 DAR C 4 -2.17 7.08 -7.44
HH12 DAR C 4 -1.31 6.75 -5.89
HH21 DAR C 4 -2.20 5.51 -9.10
HH22 DAR C 4 -1.34 3.94 -8.88
N 28J C 5 0.31 3.92 0.40
CA 28J C 5 1.24 3.85 1.50
CB 28J C 5 0.66 3.02 2.68
CG2 28J C 5 -0.82 3.32 2.87
CG1 28J C 5 0.88 1.53 2.45
CD1 28J C 5 0.84 0.69 3.71
C 28J C 5 1.61 5.23 2.00
O 28J C 5 0.91 6.23 1.72
HA 28J C 5 2.13 3.35 1.15
H22 28J C 5 1.18 3.32 3.58
H23 28J C 5 -1.36 3.08 1.97
H24 28J C 5 -0.96 4.36 3.09
H25 28J C 5 -1.20 2.73 3.69
H26 28J C 5 1.85 1.38 1.98
H27 28J C 5 0.12 1.16 1.78
H28 28J C 5 1.60 1.02 4.39
H29 28J C 5 1.01 -0.35 3.45
H30 28J C 5 -0.13 0.79 4.17
N ILE C 6 2.78 5.29 2.64
CA ILE C 6 3.24 6.53 3.28
C ILE C 6 4.70 6.82 2.92
N SER C 7 4.99 8.10 2.66
CA SER C 7 6.34 8.53 2.32
C SER C 7 6.54 10.02 2.61
N DTH C 8 7.78 10.47 2.51
CA DTH C 8 8.07 11.90 2.69
CB DTH C 8 8.82 12.56 1.50
CG2 DTH C 8 7.95 12.52 0.25
OG1 DTH C 8 10.08 11.92 1.29
C DTH C 8 9.00 12.15 3.89
O DTH C 8 9.19 13.32 4.24
H DTH C 8 8.53 9.81 2.39
HA DTH C 8 7.14 12.45 2.86
HB DTH C 8 9.07 13.61 1.72
HG21 DTH C 8 7.05 13.08 0.43
HG22 DTH C 8 7.69 11.49 0.01
HG23 DTH C 8 8.48 12.96 -0.58
N ALA C 9 9.61 11.13 4.42
CA ALA C 9 10.54 11.23 5.48
C ALA C 9 11.96 11.41 4.90
N LEU C 10 12.57 10.36 4.26
CA LEU C 10 13.92 10.57 3.66
C LEU C 10 13.82 11.45 2.43
N ILE C 11 12.70 11.31 1.78
CA ILE C 11 12.42 12.09 0.56
C ILE C 11 11.08 12.76 0.70
N ZAE D 1 5.66 16.40 5.39
CA ZAE D 1 6.32 15.26 6.12
C ZAE D 1 5.66 13.92 5.81
O ZAE D 1 6.32 12.90 5.65
CB ZAE D 1 7.82 15.18 5.77
CG ZAE D 1 8.66 14.73 6.93
CD1 ZAE D 1 10.04 14.94 6.91
CD2 ZAE D 1 8.08 14.09 8.03
CE1 ZAE D 1 10.82 14.52 7.99
CE2 ZAE D 1 8.87 13.68 9.09
CZ ZAE D 1 10.24 13.89 9.07
C10 ZAE D 1 5.75 16.23 3.93
H1 ZAE D 1 6.12 17.29 5.64
HA ZAE D 1 6.23 15.44 7.19
HB2 ZAE D 1 7.95 14.48 4.96
HB3 ZAE D 1 8.16 16.16 5.47
HD1 ZAE D 1 10.49 15.43 6.07
HD2 ZAE D 1 7.03 13.92 8.04
HE1 ZAE D 1 11.88 14.69 7.97
HE2 ZAE D 1 8.41 13.18 9.94
HZ ZAE D 1 10.85 13.58 9.91
H11 ZAE D 1 5.33 17.09 3.44
H12 ZAE D 1 5.21 15.34 3.64
H13 ZAE D 1 6.79 16.13 3.64
N ILE D 2 4.33 13.93 5.72
CA ILE D 2 3.58 12.71 5.43
C ILE D 2 2.92 12.83 4.06
N SER D 3 3.04 11.78 3.26
CA SER D 3 2.41 11.74 1.94
C SER D 3 2.03 10.32 1.58
N DAR D 4 1.01 10.24 0.73
CA DAR D 4 0.50 8.96 0.28
CB DAR D 4 0.87 8.75 -1.18
CG DAR D 4 2.34 8.91 -1.42
CD DAR D 4 2.64 8.77 -2.89
NE DAR D 4 3.91 9.36 -3.19
CZ DAR D 4 4.99 8.67 -3.51
NH1 DAR D 4 6.09 9.32 -3.82
NH2 DAR D 4 4.96 7.35 -3.48
C DAR D 4 -1.01 8.89 0.40
O DAR D 4 -1.71 9.76 -0.12
H DAR D 4 0.63 11.06 0.37
HA DAR D 4 0.94 8.18 0.87
HB2 DAR D 4 0.33 9.47 -1.79
HB3 DAR D 4 0.58 7.76 -1.47
HG2 DAR D 4 2.87 8.16 -0.87
HG3 DAR D 4 2.64 9.89 -1.09
HD2 DAR D 4 1.86 9.25 -3.46
HD3 DAR D 4 2.67 7.71 -3.13
HE DAR D 4 3.95 10.35 -3.19
HH11 DAR D 4 6.94 8.79 -4.07
HH12 DAR D 4 6.11 10.37 -3.79
HH21 DAR D 4 5.79 6.79 -3.73
HH22 DAR D 4 4.08 6.85 -3.20
N 28J D 5 -1.49 7.86 1.07
CA 28J D 5 -2.92 7.68 1.21
CB 28J D 5 -3.41 7.99 2.65
CG2 28J D 5 -2.35 7.56 3.66
CG1 28J D 5 -3.71 9.49 2.83
CD1 28J D 5 -5.08 9.89 2.33
C 28J D 5 -3.32 6.27 0.78
O 28J D 5 -2.47 5.37 0.66
HA 28J D 5 -3.40 8.39 0.54
H22 28J D 5 -4.31 7.43 2.84
H23 28J D 5 -1.46 8.16 3.52
H24 28J D 5 -2.11 6.52 3.53
H25 28J D 5 -2.73 7.71 4.67
H26 28J D 5 -2.96 10.06 2.29
H27 28J D 5 -3.66 9.73 3.88
H28 28J D 5 -5.24 10.95 2.54
H29 28J D 5 -5.84 9.32 2.83
H30 28J D 5 -5.14 9.73 1.26
N ILE D 6 -4.61 6.13 0.47
CA ILE D 6 -5.22 4.86 0.07
C ILE D 6 -5.83 4.91 -1.35
N SER D 7 -5.42 3.97 -2.23
CA SER D 7 -5.99 3.89 -3.58
C SER D 7 -6.52 2.49 -3.87
N DTH D 8 -7.22 2.38 -5.00
CA DTH D 8 -7.81 1.11 -5.42
CB DTH D 8 -7.53 0.78 -6.90
CG2 DTH D 8 -6.04 0.86 -7.15
OG1 DTH D 8 -8.22 1.69 -7.76
C DTH D 8 -9.33 1.13 -5.18
O DTH D 8 -9.93 0.06 -5.03
H DTH D 8 -7.35 3.17 -5.57
HA DTH D 8 -7.38 0.32 -4.80
HB DTH D 8 -7.89 -0.24 -7.14
HG21 DTH D 8 -5.55 0.01 -6.69
HG22 DTH D 8 -5.64 1.76 -6.70
HG23 DTH D 8 -5.85 0.87 -8.21
N ALA D 9 -9.95 2.33 -5.18
CA ALA D 9 -11.39 2.47 -5.00
C ALA D 9 -12.05 2.49 -6.35
N LEU D 10 -11.65 3.45 -7.18
CA LEU D 10 -12.17 3.62 -8.51
C LEU D 10 -11.26 2.89 -9.48
N ILE D 11 -9.97 3.01 -9.21
CA ILE D 11 -8.97 2.34 -10.03
C ILE D 11 -8.19 1.38 -9.15
N ALA E 1 13.96 -7.72 -4.36
CA ALA E 1 15.22 -7.58 -5.14
C ALA E 1 16.40 -8.24 -4.37
N DGL E 2 17.68 -7.92 -4.94
CA DGL E 2 18.86 -8.40 -4.12
C DGL E 2 18.65 -8.56 -2.56
O DGL E 2 17.91 -7.70 -1.98
CB DGL E 2 19.18 -9.81 -4.45
CG DGL E 2 17.94 -10.77 -4.82
CD DGL E 2 17.91 -12.06 -3.94
OE1 DGL E 2 17.56 -13.13 -4.45
H DGL E 2 17.73 -7.27 -5.61
HA DGL E 2 19.59 -7.63 -4.36
HB2 DGL E 2 19.71 -10.18 -3.57
HB3 DGL E 2 19.83 -9.76 -5.28
HG2 DGL E 2 18.06 -11.06 -5.82
HG3 DGL E 2 16.97 -10.26 -4.68
N LYS E 3 18.32 -11.94 -2.70
CA LYS E 3 18.32 -13.05 -1.76
C LYS E 3 19.39 -14.16 -2.09
N DAL E 4 20.69 -13.64 -1.86
CA DAL E 4 22.09 -14.36 -1.94
CB DAL E 4 22.18 -15.95 -2.54
C DAL E 4 22.77 -13.75 -0.53
O DAL E 4 22.92 -14.42 0.51
H DAL E 4 20.68 -12.70 -1.63
HA DAL E 4 22.76 -14.17 -2.78
HB1 DAL E 4 21.70 -16.61 -1.85
HB2 DAL E 4 23.24 -16.29 -2.63
HB3 DAL E 4 21.69 -16.07 -3.56
N DAL E 5 23.08 -12.40 -0.55
CA DAL E 5 23.75 -11.52 0.52
CB DAL E 5 24.98 -12.47 0.75
C DAL E 5 22.60 -11.59 1.71
O DAL E 5 22.94 -12.02 2.96
OXT DAL E 5 21.46 -11.38 1.39
H DAL E 5 22.78 -11.95 -1.40
HA DAL E 5 24.04 -10.49 0.38
HB1 DAL E 5 25.51 -12.59 -0.09
HB2 DAL E 5 24.56 -13.46 1.10
HB3 DAL E 5 25.65 -12.15 1.63
N ALA F 1 -13.93 -3.26 -0.28
CA ALA F 1 -15.17 -2.49 -0.57
C ALA F 1 -16.41 -3.40 -0.34
N DGL F 2 -17.35 -3.27 -1.44
CA DGL F 2 -18.53 -4.23 -1.28
C DGL F 2 -18.15 -5.66 -0.62
O DGL F 2 -18.76 -5.94 0.52
CB DGL F 2 -19.56 -3.75 -0.33
CG DGL F 2 -19.03 -2.94 0.97
CD DGL F 2 -19.70 -3.44 2.29
OE1 DGL F 2 -20.30 -2.64 3.01
H DGL F 2 -17.18 -2.75 -2.15
HA DGL F 2 -18.89 -4.31 -2.30
HB2 DGL F 2 -20.09 -4.65 -0.02
HB3 DGL F 2 -20.20 -3.13 -0.88
HG2 DGL F 2 -19.30 -1.93 0.84
HG3 DGL F 2 -17.95 -3.03 1.10
N LYS F 3 -19.64 -4.72 2.54
CA LYS F 3 -20.19 -5.33 3.74
C LYS F 3 -21.76 -5.40 3.75
N DAL F 4 -22.21 -5.78 2.46
CA DAL F 4 -23.68 -6.07 1.95
CB DAL F 4 -24.85 -4.84 2.01
C DAL F 4 -23.82 -7.65 2.51
O DAL F 4 -24.07 -7.95 3.69
H DAL F 4 -21.49 -5.83 1.81
HA DAL F 4 -23.92 -6.04 0.89
HB1 DAL F 4 -25.08 -4.63 3.03
HB2 DAL F 4 -25.79 -5.16 1.50
HB3 DAL F 4 -24.50 -3.88 1.50
N DAL F 5 -23.54 -8.64 1.59
CA DAL F 5 -23.61 -10.17 1.73
CB DAL F 5 -25.14 -10.23 2.05
C DAL F 5 -22.63 -10.39 3.02
O DAL F 5 -21.52 -9.94 2.98
OXT DAL F 5 -23.12 -10.95 4.17
H DAL F 5 -23.21 -8.28 0.71
HA DAL F 5 -23.32 -10.87 0.95
HB1 DAL F 5 -25.68 -9.93 1.26
HB2 DAL F 5 -25.31 -9.55 2.93
HB3 DAL F 5 -25.50 -11.26 2.43
N ALA G 1 15.39 6.85 11.24
CA ALA G 1 15.77 7.61 12.46
C ALA G 1 14.53 8.28 13.07
N DGL G 2 14.80 8.99 14.26
CA DGL G 2 13.63 9.75 14.79
C DGL G 2 12.61 10.31 13.73
O DGL G 2 11.49 9.63 13.57
CB DGL G 2 12.66 8.89 15.52
CG DGL G 2 12.93 7.30 15.55
CD DGL G 2 11.61 6.49 15.33
OE1 DGL G 2 11.39 5.51 16.05
H DGL G 2 15.67 9.07 14.57
HA DGL G 2 14.15 10.53 15.34
HB2 DGL G 2 11.69 9.10 15.06
HB3 DGL G 2 12.66 9.25 16.50
HG2 DGL G 2 13.31 7.06 16.48
HG3 DGL G 2 13.62 6.99 14.75
N LYS G 3 10.77 6.94 14.43
CA LYS G 3 9.53 6.29 14.11
C LYS G 3 8.31 6.77 14.98
N DAL G 4 7.66 7.83 14.28
CA DAL G 4 6.34 8.61 14.66
CB DAL G 4 6.44 10.03 15.59
C DAL G 4 5.33 7.30 14.91
O DAL G 4 5.36 6.58 15.93
H DAL G 4 8.12 8.10 13.47
HA DAL G 4 5.87 9.30 13.94
HB1 DAL G 4 6.78 9.79 16.58
HB2 DAL G 4 5.43 10.52 15.70
HB3 DAL G 4 7.14 10.81 15.14
N DAL G 5 4.50 6.98 13.86
CA DAL G 5 3.42 5.89 13.74
CB DAL G 5 2.54 6.43 14.92
C DAL G 5 4.31 4.56 14.12
O DAL G 5 5.13 4.18 13.32
OXT DAL G 5 4.23 4.00 15.37
H DAL G 5 4.66 7.54 13.04
HA DAL G 5 2.84 5.68 12.84
HB1 DAL G 5 2.11 7.29 14.69
HB2 DAL G 5 3.22 6.55 15.80
HB3 DAL G 5 1.74 5.67 15.31
N ALA H 1 -8.36 14.22 -7.56
CA ALA H 1 -8.93 15.17 -8.55
C ALA H 1 -10.39 15.52 -8.17
N DGL H 2 -11.23 15.59 -9.34
CA DGL H 2 -12.71 15.83 -8.97
C DGL H 2 -13.18 15.04 -7.63
O DGL H 2 -12.93 13.86 -7.51
CB DGL H 2 -13.00 17.22 -8.61
CG DGL H 2 -11.77 18.11 -8.06
CD DGL H 2 -12.12 18.87 -6.73
OE1 DGL H 2 -11.71 20.03 -6.56
H DGL H 2 -10.92 15.43 -10.17
HA DGL H 2 -13.22 15.50 -9.87
HB2 DGL H 2 -13.77 17.15 -7.84
HB3 DGL H 2 -13.38 17.67 -9.48
HG2 DGL H 2 -11.55 18.83 -8.79
HG3 DGL H 2 -10.87 17.51 -7.85
N LYS H 3 -12.90 18.24 -5.88
CA LYS H 3 -13.29 18.81 -4.60
C LYS H 3 -14.06 20.18 -4.72
N DAL H 4 -15.07 20.04 -5.71
CA DAL H 4 -16.18 21.07 -6.16
CB DAL H 4 -15.71 22.50 -6.96
C DAL H 4 -17.20 20.93 -4.83
O DAL H 4 -17.25 21.75 -3.90
H DAL H 4 -15.03 19.19 -6.18
HA DAL H 4 -16.74 20.92 -7.08
HB1 DAL H 4 -15.18 23.13 -6.29
HB2 DAL H 4 -16.61 23.07 -7.31
HB3 DAL H 4 -15.06 22.31 -7.87
N DAL H 5 -17.94 19.77 -4.80
CA DAL H 5 -19.01 19.33 -3.78
CB DAL H 5 -19.93 20.58 -3.93
C DAL H 5 -18.12 19.28 -2.40
O DAL H 5 -18.38 20.14 -1.37
OXT DAL H 5 -17.14 18.56 -2.38
H DAL H 5 -17.72 19.11 -5.52
HA DAL H 5 -19.57 18.39 -3.85
HB1 DAL H 5 -20.33 20.63 -4.84
HB2 DAL H 5 -19.28 21.48 -3.73
HB3 DAL H 5 -20.74 20.67 -3.11
C1 MUB I . 12.39 -6.40 -0.24
C2 MUB I . 11.36 -6.95 -1.17
C3 MUB I . 11.88 -8.31 -1.74
C4 MUB I . 13.40 -8.34 -1.62
C5 MUB I . 13.80 -8.36 -0.16
C6 MUB I . 15.24 -7.90 0.02
C7 MUB I . 9.69 -8.31 -0.13
C8 MUB I . 8.33 -8.49 0.47
C9 MUB I . 11.54 -7.31 -3.89
C10 MUB I . 12.77 -7.16 -4.79
C11 MUB I . 10.33 -6.32 -4.00
O1 MUB I . 11.79 -5.45 0.58
O3 MUB I . 11.42 -8.51 -3.09
O4 MUB I . 13.91 -9.49 -2.36
O5 MUB I . 12.96 -7.44 0.59
O6 MUB I . 15.63 -7.07 -1.05
O7 MUB I . 10.51 -9.24 -0.02
O10 MUB I . 12.64 -6.63 -5.90
N2 MUB I . 10.06 -7.13 -0.58
H1 MUB I . 13.26 -5.98 -0.81
H2 MUB I . 11.23 -6.09 -1.86
HN2 MUB I . 9.39 -6.39 -0.66
H81 MUB I . 7.59 -8.23 -0.28
H82 MUB I . 8.23 -7.83 1.31
H83 MUB I . 8.21 -9.51 0.79
H3 MUB I . 11.39 -9.13 -1.22
H9 MUB I . 12.24 -6.86 -3.20
H111 MUB I . 9.53 -6.70 -4.67
H112 MUB I . 10.67 -5.42 -4.39
H113 MUB I . 9.94 -6.12 -2.99
H4 MUB I . 13.87 -7.62 -2.29
H5 MUB I . 13.76 -9.29 0.28
H61 MUB I . 15.90 -8.80 -0.13
H62 MUB I . 15.49 -7.43 1.02
HO6 MUB I . 16.50 -7.23 -1.44
C1 NAG I . 13.25 -10.70 -2.06
C2 NAG I . 13.87 -11.82 -2.84
C3 NAG I . 13.09 -13.07 -2.62
C4 NAG I . 12.99 -13.37 -1.12
C5 NAG I . 12.47 -12.15 -0.34
C6 NAG I . 12.50 -12.35 1.16
C7 NAG I . 12.85 -11.27 -5.01
C8 NAG I . 13.02 -10.93 -6.47
N2 NAG I . 13.95 -11.48 -4.28
O3 NAG I . 13.75 -14.15 -3.27
O4 NAG I . 12.10 -14.46 -0.91
O5 NAG I . 13.26 -11.01 -0.66
O6 NAG I . 12.19 -11.14 1.87
O7 NAG I . 11.73 -11.48 -4.56
H1 NAG I . 12.19 -10.52 -2.41
H2 NAG I . 14.90 -11.99 -2.72
H3 NAG I . 12.07 -12.99 -3.01
H4 NAG I . 13.98 -13.81 -0.85
H5 NAG I . 11.43 -11.92 -0.54
H61 NAG I . 13.49 -12.65 1.52
H62 NAG I . 11.82 -13.17 1.42
H81 NAG I . 13.60 -10.01 -6.54
H82 NAG I . 12.06 -10.77 -6.93
H83 NAG I . 13.53 -11.74 -6.97
HN2 NAG I . 14.83 -11.32 -4.66
HO3 NAG I . 13.78 -13.95 -4.20
HO4 NAG I . 12.30 -15.14 -1.55
HO6 NAG I . 11.80 -10.57 1.20
C1 MUB J . -11.37 -7.10 -2.29
C2 MUB J . -10.84 -6.09 -1.30
C3 MUB J . -11.85 -5.98 -0.12
C4 MUB J . -13.28 -6.09 -0.67
C5 MUB J . -13.51 -7.46 -1.26
C6 MUB J . -14.41 -7.42 -2.48
C7 MUB J . -9.41 -7.08 0.34
C8 MUB J . -8.06 -7.41 0.88
C9 MUB J . -11.46 -3.61 -0.20
C10 MUB J . -12.67 -2.71 -0.48
C11 MUB J . -10.02 -3.15 -0.59
O1 MUB J . -10.30 -7.80 -2.85
O3 MUB J . -11.65 -4.77 0.64
O4 MUB J . -14.24 -5.77 0.37
O5 MUB J . -12.25 -8.06 -1.65
O6 MUB J . -15.13 -6.20 -2.51
O7 MUB J . -10.40 -7.47 0.97
O10 MUB J . -12.50 -1.52 -0.75
N2 MUB J . -9.54 -6.40 -0.78
H1 MUB J . -11.91 -6.62 -3.12
H2 MUB J . -10.70 -5.19 -1.93
HN2 MUB J . -8.71 -6.10 -1.27
H81 MUB J . -7.45 -7.82 0.08
H82 MUB J . -8.14 -8.12 1.68
H83 MUB J . -7.60 -6.49 1.26
H3 MUB J . -11.65 -6.73 0.63
H9 MUB J . -11.88 -4.10 -1.06
H111 MUB J . -9.37 -2.96 0.29
H112 MUB J . -10.07 -2.27 -1.14
H113 MUB J . -9.58 -3.92 -1.25
H4 MUB J . -13.53 -5.20 -1.27
H5 MUB J . -14.00 -8.10 -0.64
H61 MUB J . -15.20 -8.17 -2.30
H62 MUB J . -13.91 -7.65 -3.47
HO6 MUB J . -15.87 -6.16 -1.90
C1 NAG J . -14.09 -6.53 1.55
C2 NAG J . -15.17 -6.14 2.53
C3 NAG J . -15.03 -6.90 3.80
C4 NAG J . -14.95 -8.41 3.50
C5 NAG J . -13.87 -8.71 2.45
C6 NAG J . -13.82 -10.18 2.07
C7 NAG J . -14.07 -4.09 3.26
C8 NAG J . -14.12 -2.59 3.46
N2 NAG J . -15.14 -4.68 2.76
O3 NAG J . -16.15 -6.65 4.63
O4 NAG J . -14.62 -9.10 4.70
O5 NAG J . -14.12 -7.94 1.27
O6 NAG J . -12.90 -10.42 1.01
O7 NAG J . -13.10 -4.73 3.68
H1 NAG J . -13.07 -6.23 1.93
H2 NAG J . -16.15 -6.17 2.18
H3 NAG J . -14.11 -6.63 4.34
H4 NAG J . -16.00 -8.72 3.32
H5 NAG J . -12.86 -8.51 2.80
H61 NAG J . -14.79 -10.53 1.70
H62 NAG J . -13.61 -10.78 2.97
H81 NAG J . -14.95 -2.36 4.13
H82 NAG J . -14.27 -2.09 2.53
H83 NAG J . -13.18 -2.26 3.90
HN2 NAG J . -15.89 -4.15 2.44
HO3 NAG J . -16.19 -5.71 4.77
HO4 NAG J . -15.16 -8.76 5.42
HO6 NAG J . -12.94 -9.62 0.47
C1 MUB K . 11.89 5.89 8.34
C2 MUB K . 13.25 5.33 8.05
C3 MUB K . 13.67 4.41 9.24
C4 MUB K . 13.06 4.87 10.58
C5 MUB K . 11.55 4.96 10.55
C6 MUB K . 11.05 6.22 11.23
C7 MUB K . 12.97 3.32 6.75
C8 MUB K . 13.06 2.59 5.45
C9 MUB K . 15.81 5.50 9.18
C10 MUB K . 16.31 6.20 10.45
C11 MUB K . 16.24 6.00 7.76
O1 MUB K . 11.20 6.11 7.14
O3 MUB K . 15.10 4.24 9.32
O4 MUB K . 13.52 3.98 11.65
O5 MUB K . 11.10 5.00 9.15
O6 MUB K . 11.72 7.36 10.72
O7 MUB K . 12.53 2.74 7.75
O10 MUB K . 17.50 6.11 10.74
N2 MUB K . 13.34 4.60 6.82
H1 MUB K . 11.95 6.87 8.85
H2 MUB K . 13.84 6.25 7.88
HN2 MUB K . 13.69 5.05 5.99
H81 MUB K . 12.66 1.58 5.60
H82 MUB K . 14.08 2.52 5.14
H83 MUB K . 12.48 3.12 4.71
H3 MUB K . 13.37 3.38 9.06
H9 MUB K . 14.92 6.07 9.45
H111 MUB K . 17.00 5.34 7.29
H112 MUB K . 16.65 6.95 7.84
H113 MUB K . 15.35 6.08 7.13
H4 MUB K . 13.65 5.69 10.98
H5 MUB K . 11.08 4.20 11.04
H61 MUB K . 11.40 6.17 12.28
H62 MUB K . 9.94 6.35 11.24
HO6 MUB K . 12.24 7.85 11.40
C1 NAG K . 13.27 2.61 11.43
C2 NAG K . 13.45 1.88 12.73
C3 NAG K . 13.22 0.42 12.55
C4 NAG K . 11.84 0.19 11.88
C5 NAG K . 11.69 1.03 10.61
C6 NAG K . 10.31 0.92 9.99
C7 NAG K . 15.90 1.89 12.52
C8 NAG K . 17.25 2.19 13.14
N2 NAG K . 14.81 2.15 13.25
O3 NAG K . 13.25 -0.23 13.81
O4 NAG K . 11.71 -1.18 11.54
O5 NAG K . 11.95 2.40 10.90
O6 NAG K . 10.03 2.02 9.12
O7 NAG K . 15.83 1.32 11.44
H1 NAG K . 14.03 2.30 10.67
H2 NAG K . 12.94 2.24 13.56
H3 NAG K . 13.96 -0.04 11.88
H4 NAG K . 11.11 0.32 12.72
H5 NAG K . 12.36 0.71 9.81
H61 NAG K . 9.53 0.94 10.76
H62 NAG K . 10.24 -0.06 9.49
H81 NAG K . 17.38 1.56 14.00
H82 NAG K . 17.29 3.22 13.45
H83 NAG K . 18.02 2.01 12.40
HN2 NAG K . 14.89 2.59 14.11
HO3 NAG K . 14.14 -0.19 14.13
HO4 NAG K . 12.05 -1.73 12.26
HO6 NAG K . 10.85 2.53 9.09
C1 MUB L . -8.81 9.43 -7.15
C2 MUB L . -7.75 10.15 -6.38
C3 MUB L . -8.41 11.37 -5.67
C4 MUB L . -9.62 11.84 -6.47
C5 MUB L . -10.70 10.79 -6.49
C6 MUB L . -11.50 10.91 -7.78
C7 MUB L . -7.30 9.45 -4.12
C8 MUB L . -6.55 8.61 -3.14
C9 MUB L . -6.64 12.65 -6.65
C10 MUB L . -7.09 13.68 -7.70
C11 MUB L . -5.19 12.06 -6.70
O1 MUB L . -8.44 8.09 -7.31
O3 MUB L . -7.47 12.44 -5.48
O4 MUB L . -10.09 13.12 -5.93
O5 MUB L . -10.09 9.46 -6.46
O6 MUB L . -10.64 10.91 -8.90
O7 MUB L . -8.30 10.07 -3.71
O10 MUB L . -6.29 14.04 -8.57
N2 MUB L . -7.05 9.34 -5.41
H1 MUB L . -9.01 9.88 -8.14
H2 MUB L . -7.00 10.34 -7.15
HN2 MUB L . -6.23 8.84 -5.71
H81 MUB L . -6.86 8.87 -2.14
H82 MUB L . -5.49 8.81 -3.24
H83 MUB L . -6.74 7.57 -3.35
H3 MUB L . -8.66 11.12 -4.64
H9 MUB L . -7.25 12.03 -7.27
H111 MUB L . -4.57 12.36 -5.82
H112 MUB L . -4.71 12.41 -7.56
H113 MUB L . -5.26 10.97 -6.78
H4 MUB L . -9.31 12.34 -7.39
H5 MUB L . -11.38 10.89 -5.72
H61 MUB L . -11.93 11.95 -7.79
H62 MUB L . -12.35 10.17 -7.88
HO6 MUB L . -10.95 11.41 -9.67
C1 NAG L . -10.32 13.11 -4.52
C2 NAG L . -10.83 14.47 -4.11
C3 NAG L . -11.00 14.50 -2.63
C4 NAG L . -11.92 13.34 -2.19
C5 NAG L . -11.41 12.00 -2.74
C6 NAG L . -12.33 10.84 -2.43
C7 NAG L . -8.62 15.55 -4.13
C8 NAG L . -7.72 16.67 -4.63
N2 NAG L . -9.88 15.53 -4.56
O3 NAG L . -11.59 15.74 -2.25
O4 NAG L . -11.94 13.29 -0.77
O5 NAG L . -11.25 12.09 -4.15
O6 NAG L . -12.32 9.86 -3.46
O7 NAG L . -8.19 14.79 -3.26
H1 NAG L . -9.32 12.90 -4.07
H2 NAG L . -11.66 14.84 -4.61
H3 NAG L . -10.05 14.37 -2.09
H4 NAG L . -12.95 13.69 -2.42
H5 NAG L . -10.47 11.69 -2.29
H61 NAG L . -13.38 11.16 -2.33
H62 NAG L . -12.06 10.44 -1.44
H81 NAG L . -6.75 16.58 -4.14
H82 NAG L . -8.16 17.62 -4.39
H83 NAG L . -7.62 16.58 -5.71
HN2 NAG L . -10.18 16.15 -5.23
HO3 NAG L . -12.35 15.86 -2.80
HO4 NAG L . -12.01 14.18 -0.41
HO6 NAG L . -11.72 10.20 -4.13
P 2PO M . 11.54 -3.98 0.00
O1P 2PO M . 12.61 -3.09 0.47
O2P 2PO M . 11.31 -4.08 -1.49
O3P 2PO M . 10.17 -3.58 0.73
P 2PO N . 9.66 -4.44 1.97
O1P 2PO N . 8.91 -3.59 2.90
O2P 2PO N . 9.01 -5.65 1.43
O3P 2PO N . 11.02 -4.89 2.68
C1 P1W O . 11.06 -6.05 3.53
C2 P1W O . 9.93 -5.99 4.50
C3 P1W O . 9.44 -7.08 5.19
C4 P1W O . 8.26 -6.96 6.13
C5 P1W O . 10.09 -8.47 5.17
H12 P1W O . 11.99 -6.06 4.08
H11 P1W O . 10.99 -6.93 2.92
H2 P1W O . 9.98 -5.08 5.04
H41 P1W O . 8.40 -7.62 6.96
H42 P1W O . 8.19 -5.94 6.49
H51 P1W O . 11.16 -8.37 5.07
H52 P1W O . 9.69 -9.04 4.34
H53 P1W O . 9.86 -9.00 6.10
C1 P1W P . 6.92 -7.32 5.45
C2 P1W P . 6.50 -8.75 5.75
C3 P1W P . 5.20 -9.17 5.70
C4 P1W P . 4.79 -10.59 5.99
C5 P1W P . 4.04 -8.26 5.33
H12 P1W P . 6.17 -6.64 5.81
H11 P1W P . 7.04 -7.21 4.38
H2 P1W P . 7.25 -9.35 6.24
H41 P1W P . 4.80 -10.75 7.06
H42 P1W P . 3.79 -10.77 5.62
H51 P1W P . 3.14 -8.63 5.82
H52 P1W P . 3.89 -8.26 4.26
H53 P1W P . 4.23 -7.25 5.65
C1 P1W Q . 5.74 -11.61 5.34
C2 P1W Q . 5.68 -11.50 3.85
C3 P1W Q . 5.08 -12.39 3.02
C4 P1W Q . 5.04 -12.23 1.50
C5 P1W Q . 4.38 -13.65 3.54
H12 P1W Q . 6.74 -11.41 5.67
H11 P1W Q . 5.45 -12.60 5.64
H2 P1W Q . 6.14 -10.62 3.43
H43 P1W Q . 5.24 -13.18 1.03
H41 P1W Q . 5.79 -11.50 1.20
H42 P1W Q . 4.07 -11.87 1.21
H51 P1W Q . 3.90 -14.15 2.70
H52 P1W Q . 3.64 -13.36 4.26
H53 P1W Q . 5.10 -14.32 3.99
C1 P1W R . -7.84 -13.98 -2.34
C2 P1W R . -6.65 -14.90 -2.34
C3 P1W R . -6.18 -15.52 -3.45
C4 P1W R . -4.98 -16.44 -3.45
C5 P1W R . -6.79 -15.31 -4.84
H12 P1W R . -8.60 -14.38 -2.99
H11 P1W R . -7.54 -13.01 -2.70
H2 P1W R . -6.38 -15.28 -1.37
H41 P1W R . -4.77 -16.74 -2.43
H42 P1W R . -4.13 -15.92 -3.85
H51 P1W R . -6.02 -15.45 -5.58
H52 P1W R . -7.19 -14.32 -4.91
H53 P1W R . -7.58 -16.04 -5.01
C1 P1W S . -5.25 -17.70 -4.29
C2 P1W S . -3.98 -18.49 -4.48
C3 P1W S . -3.06 -18.25 -5.44
C4 P1W S . -1.79 -19.09 -5.57
C5 P1W S . -3.20 -17.14 -6.47
H12 P1W S . -5.98 -18.31 -3.79
H11 P1W S . -5.63 -17.40 -5.26
H2 P1W S . -3.87 -19.31 -3.79
H43 P1W S . -1.67 -19.72 -4.69
H41 P1W S . -0.93 -18.43 -5.67
H42 P1W S . -1.85 -19.71 -6.45
H51 P1W S . -4.04 -17.35 -7.11
H52 P1W S . -2.30 -17.12 -7.08
H53 P1W S . -3.33 -16.18 -5.99
P 2PO T . -9.50 -7.12 -4.07
O1P 2PO T . -9.75 -7.90 -5.31
O2P 2PO T . -9.80 -5.67 -4.10
O3P 2PO T . -7.99 -7.30 -3.64
P 2PO U . -7.50 -8.62 -2.92
O1P 2PO U . -7.13 -9.62 -4.00
O2P 2PO U . -6.49 -8.26 -1.90
O3P 2PO U . -8.83 -9.06 -2.15
C1 P1W V . -8.81 -9.92 -1.01
C2 P1W V . -8.65 -11.37 -1.41
C3 P1W V . -8.59 -12.39 -0.52
C4 P1W V . -8.43 -13.83 -0.92
C5 P1W V . -8.72 -12.15 0.98
H12 P1W V . -9.73 -9.79 -0.46
H11 P1W V . -7.98 -9.62 -0.38
H2 P1W V . -8.92 -11.57 -2.43
H41 P1W V . -9.38 -14.34 -0.87
H42 P1W V . -7.75 -14.31 -0.23
H51 P1W V . -8.50 -13.07 1.50
H52 P1W V . -9.72 -11.84 1.21
H53 P1W V . -8.02 -11.39 1.29
P 2PO W . 11.91 7.00 6.00
O1P 2PO W . 12.86 7.93 6.65
O2P 2PO W . 12.46 6.07 4.96
O3P 2PO W . 10.69 7.84 5.36
P 2PO X . 10.19 7.67 3.83
O1P 2PO X . 10.59 8.92 3.09
O2P 2PO X . 10.63 6.31 3.37
O3P 2PO X . 8.58 7.66 4.01
C1 P1W Y . 7.84 6.48 4.30
C2 P1W Y . 8.35 5.87 5.58
C3 P1W Y . 7.93 4.70 6.09
C4 P1W Y . 8.49 4.12 7.37
C5 P1W Y . 6.88 3.85 5.41
H12 P1W Y . 7.94 5.77 3.49
H11 P1W Y . 6.79 6.73 4.41
H2 P1W Y . 9.28 6.27 5.91
H41 P1W Y . 9.21 4.82 7.81
H42 P1W Y . 9.00 3.20 7.15
H51 P1W Y . 5.92 4.01 5.89
H52 P1W Y . 7.16 2.82 5.50
H53 P1W Y . 6.81 4.12 4.37
C1 P1W Z . 7.39 3.83 8.40
C2 P1W Z . 7.41 4.85 9.51
C3 P1W Z . 6.33 5.51 9.96
C4 P1W Z . 6.37 6.52 11.07
C5 P1W Z . 4.91 5.24 9.43
H12 P1W Z . 6.44 3.87 7.90
H11 P1W Z . 7.54 2.84 8.82
H2 P1W Z . 8.40 5.18 9.79
H41 P1W Z . 6.71 6.05 11.99
H42 P1W Z . 5.38 6.93 11.23
H51 P1W Z . 4.90 5.38 8.36
H52 P1W Z . 4.23 5.94 9.89
H53 P1W Z . 4.61 4.23 9.66
C1 P1W AA . 7.33 7.67 10.74
C2 P1W AA . 6.56 8.93 10.48
C3 P1W AA . 7.06 10.03 9.90
C4 P1W AA . 6.22 11.29 9.66
C5 P1W AA . 8.51 10.15 9.44
H12 P1W AA . 7.99 7.83 11.57
H11 P1W AA . 7.90 7.42 9.87
H2 P1W AA . 5.54 8.92 10.85
H43 P1W AA . 5.17 11.02 9.58
H41 P1W AA . 6.54 11.77 8.74
H42 P1W AA . 6.35 11.98 10.47
H51 P1W AA . 8.63 11.04 8.85
H52 P1W AA . 8.76 9.28 8.84
H53 P1W AA . 9.17 10.20 10.30
P 2PO BA . -7.29 7.70 -8.39
O1P 2PO BA . -7.66 8.25 -9.70
O2P 2PO BA . -5.96 8.05 -7.83
O3P 2PO BA . -7.41 6.10 -8.43
P 2PO CA . -7.25 5.27 -7.08
O1P 2PO CA . -6.76 3.89 -7.43
O2P 2PO CA . -6.49 6.08 -6.12
O3P 2PO CA . -8.78 5.23 -6.59
C1 P1W DA . -9.19 5.02 -5.23
C2 P1W DA . -9.40 6.34 -4.48
C3 P1W DA . -9.61 6.44 -3.14
C4 P1W DA . -9.84 7.79 -2.48
C5 P1W DA . -9.62 5.25 -2.16
H12 P1W DA . -8.45 4.42 -4.73
H11 P1W DA . -10.12 4.48 -5.25
H2 P1W DA . -9.20 7.21 -5.06
H41 P1W DA . -9.91 8.56 -3.24
H42 P1W DA . -9.01 8.01 -1.83
H51 P1W DA . -9.11 4.42 -2.61
H52 P1W DA . -10.65 4.97 -1.96
H53 P1W DA . -9.13 5.54 -1.24
C1 P1W EA . -11.13 7.77 -1.66
C2 P1W EA . -10.94 8.57 -0.39
C3 P1W EA . -11.57 8.28 0.77
C4 P1W EA . -11.40 9.11 2.02
C5 P1W EA . -12.52 7.09 0.95
H12 P1W EA . -11.92 8.21 -2.25
H11 P1W EA . -11.39 6.75 -1.40
H2 P1W EA . -10.50 9.54 -0.53
H41 P1W EA . -10.36 9.43 2.10
H42 P1W EA . -11.66 8.51 2.89
H51 P1W EA . -13.30 7.15 0.19
H52 P1W EA . -12.97 7.13 1.93
H53 P1W EA . -11.98 6.17 0.84
C1 P1W FA . -12.30 10.35 1.99
C2 P1W FA . -13.74 10.00 2.23
C3 P1W FA . -14.79 10.60 1.62
C4 P1W FA . -16.25 10.17 1.89
C5 P1W FA . -14.66 11.75 0.64
H12 P1W FA . -11.97 11.04 2.75
H11 P1W FA . -12.20 10.82 1.02
H2 P1W FA . -13.89 9.18 2.90
H43 P1W FA . -16.72 10.89 2.53
H41 P1W FA . -16.26 9.19 2.37
H42 P1W FA . -16.77 10.11 0.95
H51 P1W FA . -15.43 12.47 0.83
H52 P1W FA . -14.76 11.36 -0.36
H53 P1W FA . -13.68 12.22 0.74
N ZAE A 1 -6.24 -15.25 -5.83
CA ZAE A 1 -5.75 -15.10 -4.41
C ZAE A 1 -5.36 -13.65 -4.10
O ZAE A 1 -6.22 -12.77 -4.01
CB ZAE A 1 -6.82 -15.58 -3.41
CG ZAE A 1 -6.43 -15.36 -1.97
CD1 ZAE A 1 -5.36 -16.05 -1.42
CD2 ZAE A 1 -7.13 -14.48 -1.15
CE1 ZAE A 1 -5.00 -15.86 -0.08
CE2 ZAE A 1 -6.78 -14.29 0.17
CZ ZAE A 1 -5.71 -14.98 0.70
C10 ZAE A 1 -7.60 -14.69 -6.00
H1 ZAE A 1 -6.27 -16.25 -6.08
HA ZAE A 1 -4.88 -15.72 -4.29
HB2 ZAE A 1 -7.74 -15.03 -3.59
HB3 ZAE A 1 -6.99 -16.62 -3.56
HD1 ZAE A 1 -4.79 -16.73 -2.03
HD2 ZAE A 1 -7.97 -13.93 -1.57
HE1 ZAE A 1 -4.17 -16.40 0.33
HE2 ZAE A 1 -7.34 -13.60 0.78
HZ ZAE A 1 -5.43 -14.84 1.74
H11 ZAE A 1 -7.89 -14.77 -7.04
H12 ZAE A 1 -7.61 -13.65 -5.71
H13 ZAE A 1 -8.29 -15.24 -5.38
N ILE A 2 -4.07 -13.42 -3.95
CA ILE A 2 -3.58 -12.09 -3.63
C ILE A 2 -2.54 -11.68 -4.67
N SER A 3 -2.42 -10.37 -4.88
CA SER A 3 -1.42 -9.82 -5.80
C SER A 3 -0.95 -8.46 -5.31
N DAR A 4 0.33 -8.22 -5.51
CA DAR A 4 0.95 -6.98 -5.09
CB DAR A 4 1.41 -6.22 -6.32
CG DAR A 4 0.36 -6.18 -7.40
CD DAR A 4 -0.48 -4.94 -7.24
NE DAR A 4 -1.20 -4.93 -5.98
CZ DAR A 4 -1.88 -3.88 -5.54
NH1 DAR A 4 -2.54 -3.94 -4.39
NH2 DAR A 4 -1.84 -2.74 -6.22
C DAR A 4 2.15 -7.22 -4.22
O DAR A 4 3.11 -7.86 -4.65
H DAR A 4 0.86 -8.88 -6.00
HA DAR A 4 0.22 -6.39 -4.56
HB2 DAR A 4 2.29 -6.69 -6.72
HB3 DAR A 4 1.65 -5.21 -6.03
HG2 DAR A 4 -0.27 -7.04 -7.31
HG3 DAR A 4 0.84 -6.15 -8.36
HD2 DAR A 4 -1.20 -4.90 -8.04
HD3 DAR A 4 0.15 -4.06 -7.28
HE DAR A 4 -1.21 -5.76 -5.46
HH11 DAR A 4 -3.08 -3.12 -4.07
HH12 DAR A 4 -2.53 -4.81 -3.84
HH21 DAR A 4 -2.40 -1.92 -5.90
HH22 DAR A 4 -1.25 -2.65 -7.08
N 28J A 5 2.11 -6.70 -3.00
CA 28J A 5 3.25 -6.87 -2.12
CB 28J A 5 3.08 -8.06 -1.14
CG2 28J A 5 1.67 -8.07 -0.56
CG1 28J A 5 3.34 -9.40 -1.84
CD1 28J A 5 4.82 -9.71 -2.05
C 28J A 5 3.53 -5.57 -1.35
O 28J A 5 2.88 -4.54 -1.57
HA 28J A 5 4.10 -7.08 -2.74
H22 28J A 5 3.78 -7.94 -0.32
H23 28J A 5 0.96 -8.18 -1.38
H24 28J A 5 1.48 -7.14 -0.05
H25 28J A 5 1.55 -8.89 0.11
H26 28J A 5 2.86 -9.39 -2.81
H27 28J A 5 2.92 -10.19 -1.25
H28 28J A 5 5.25 -8.96 -2.69
H29 28J A 5 4.92 -10.67 -2.49
H30 28J A 5 5.32 -9.68 -1.10
N ILE A 6 4.57 -5.64 -0.53
CA ILE A 6 5.01 -4.54 0.33
C ILE A 6 6.47 -4.13 0.04
N SER A 7 6.72 -2.81 -0.22
CA SER A 7 8.10 -2.28 -0.45
C SER A 7 8.22 -0.77 -0.15
N DTH A 8 9.36 -0.19 -0.54
CA DTH A 8 9.66 1.24 -0.33
CB DTH A 8 10.11 1.97 -1.61
CG2 DTH A 8 9.06 1.79 -2.69
OG1 DTH A 8 11.37 1.45 -2.05
C DTH A 8 10.82 1.41 0.65
O DTH A 8 11.29 2.54 0.79
H DTH A 8 10.05 -0.77 -0.97
HA DTH A 8 8.76 1.71 0.04
HB DTH A 8 10.26 3.03 -1.40
HG21 DTH A 8 8.12 2.18 -2.34
HG22 DTH A 8 8.96 0.75 -2.94
HG23 DTH A 8 9.37 2.35 -3.57
N ALA A 9 11.34 0.34 1.22
CA ALA A 9 12.49 0.37 2.10
C ALA A 9 13.70 0.66 1.30
N LEU A 10 13.89 -0.21 0.35
CA LEU A 10 15.04 -0.12 -0.54
C LEU A 10 14.74 0.87 -1.65
N ILE A 11 13.68 0.60 -2.37
CA ILE A 11 13.31 1.46 -3.48
C ILE A 11 11.97 2.09 -3.17
N ZAE B 1 9.07 4.05 3.70
CA ZAE B 1 8.16 3.25 4.58
C ZAE B 1 7.47 2.12 3.81
O ZAE B 1 8.14 1.15 3.43
CB ZAE B 1 8.97 2.66 5.74
CG ZAE B 1 8.27 1.52 6.42
CD1 ZAE B 1 6.99 1.67 6.88
CD2 ZAE B 1 8.92 0.29 6.59
CE1 ZAE B 1 6.33 0.63 7.50
CE2 ZAE B 1 8.26 -0.76 7.21
CZ ZAE B 1 6.96 -0.60 7.67
C10 ZAE B 1 10.38 3.36 3.60
H1 ZAE B 1 9.23 4.99 4.11
HA ZAE B 1 7.40 3.91 4.98
HB2 ZAE B 1 9.90 2.28 5.35
HB3 ZAE B 1 9.17 3.42 6.47
HD1 ZAE B 1 6.50 2.62 6.75
HD2 ZAE B 1 9.92 0.16 6.23
HE1 ZAE B 1 5.33 0.76 7.84
HE2 ZAE B 1 8.76 -1.71 7.34
HZ ZAE B 1 6.45 -1.41 8.15
H11 ZAE B 1 10.24 2.31 3.46
H12 ZAE B 1 10.93 3.54 4.51
H13 ZAE B 1 10.94 3.78 2.76
N ILE B 2 6.17 2.20 3.56
CA ILE B 2 5.53 1.09 2.86
C ILE B 2 4.78 1.59 1.64
N SER B 3 4.99 0.85 0.53
CA SER B 3 4.35 1.11 -0.73
C SER B 3 3.97 -0.16 -1.43
N DAR B 4 2.83 -0.10 -2.06
CA DAR B 4 2.32 -1.19 -2.83
CB DAR B 4 2.23 -0.83 -4.33
CG DAR B 4 3.49 -0.22 -4.96
CD DAR B 4 4.49 -1.28 -5.40
NE DAR B 4 5.02 -2.05 -4.27
CZ DAR B 4 5.40 -3.33 -4.37
NH1 DAR B 4 5.29 -3.98 -5.52
NH2 DAR B 4 5.87 -3.96 -3.30
C DAR B 4 0.95 -1.50 -2.33
O DAR B 4 0.08 -0.63 -2.40
H DAR B 4 2.25 0.69 -1.89
HA DAR B 4 2.97 -2.05 -2.70
HB2 DAR B 4 1.42 -0.14 -4.47
HB3 DAR B 4 2.02 -1.74 -4.88
HG2 DAR B 4 3.97 0.45 -4.24
HG3 DAR B 4 3.20 0.35 -5.83
HD2 DAR B 4 5.31 -0.78 -5.89
HD3 DAR B 4 4.00 -1.95 -6.08
HE DAR B 4 5.09 -1.60 -3.40
HH11 DAR B 4 5.60 -4.97 -5.60
HH12 DAR B 4 4.89 -3.50 -6.35
HH21 DAR B 4 6.17 -4.96 -3.38
HH22 DAR B 4 5.94 -3.48 -2.38
N 28J B 5 0.77 -2.68 -1.78
CA 28J B 5 -0.54 -3.03 -1.28
CB 28J B 5 -0.66 -2.80 0.26
CG2 28J B 5 0.48 -3.52 1.00
CG1 28J B 5 -0.59 -1.31 0.58
CD1 28J B 5 -1.86 -0.54 0.25
C 28J B 5 -0.91 -4.48 -1.66
O 28J B 5 -0.09 -5.24 -2.20
HA 28J B 5 -1.25 -2.38 -1.76
H22 28J B 5 -1.60 -3.20 0.60
H23 28J B 5 0.36 -3.36 2.06
H24 28J B 5 1.42 -3.14 0.67
H25 28J B 5 0.42 -4.58 0.80
H26 28J B 5 0.23 -0.87 0.03
H27 28J B 5 -0.41 -1.19 1.63
H28 28J B 5 -2.35 -1.02 -0.59
H29 28J B 5 -1.60 0.47 -0.02
H30 28J B 5 -2.50 -0.54 1.10
N ILE B 6 -2.21 -4.78 -1.49
CA ILE B 6 -2.76 -6.13 -1.72
C ILE B 6 -4.14 -6.14 -2.39
N SER B 7 -4.27 -6.89 -3.50
CA SER B 7 -5.56 -7.03 -4.21
C SER B 7 -5.52 -8.15 -5.24
N DTH B 8 -6.71 -8.70 -5.54
CA DTH B 8 -6.88 -9.75 -6.54
CB DTH B 8 -7.29 -9.20 -7.94
CG2 DTH B 8 -6.27 -8.19 -8.40
OG1 DTH B 8 -8.61 -8.61 -7.89
C DTH B 8 -8.02 -10.80 -6.19
O DTH B 8 -7.81 -11.92 -6.65
H DTH B 8 -7.51 -8.44 -5.01
HA DTH B 8 -5.98 -10.33 -6.63
HB DTH B 8 -7.34 -10.03 -8.66
HG21 DTH B 8 -5.34 -8.69 -8.62
HG22 DTH B 8 -6.10 -7.45 -7.63
HG23 DTH B 8 -6.64 -7.70 -9.29
N ALA B 9 -9.05 -10.43 -5.45
CA ALA B 9 -10.13 -11.22 -5.16
C ALA B 9 -11.21 -10.92 -6.20
N LEU B 10 -11.96 -9.86 -5.89
CA LEU B 10 -12.94 -9.23 -6.80
C LEU B 10 -12.28 -8.58 -8.04
N ILE B 11 -11.12 -7.95 -7.83
CA ILE B 11 -10.41 -7.24 -8.92
C ILE B 11 -8.99 -7.81 -9.03
N ZAE C 1 -8.42 -4.26 -3.97
CA ZAE C 1 -8.27 -3.95 -2.54
C ZAE C 1 -7.74 -2.55 -2.35
O ZAE C 1 -8.37 -1.57 -2.74
CB ZAE C 1 -9.62 -4.09 -1.84
CG ZAE C 1 -9.63 -3.45 -0.50
CD1 ZAE C 1 -8.76 -3.90 0.48
CD2 ZAE C 1 -10.51 -2.42 -0.21
CE1 ZAE C 1 -8.76 -3.30 1.74
CE2 ZAE C 1 -10.51 -1.82 1.03
CZ ZAE C 1 -9.65 -2.27 2.02
C10 ZAE C 1 -9.59 -3.58 -4.51
H1 ZAE C 1 -8.56 -5.28 -4.09
HA ZAE C 1 -7.57 -4.66 -2.11
HB2 ZAE C 1 -10.37 -3.62 -2.43
HB3 ZAE C 1 -9.85 -5.14 -1.71
HD1 ZAE C 1 -8.08 -4.70 0.28
HD2 ZAE C 1 -11.18 -2.08 -0.98
HE1 ZAE C 1 -8.09 -3.66 2.49
HE2 ZAE C 1 -11.20 -1.02 1.24
HZ ZAE C 1 -9.65 -1.81 2.99
H11 ZAE C 1 -9.45 -3.45 -5.58
H12 ZAE C 1 -9.70 -2.62 -4.03
H13 ZAE C 1 -10.47 -4.19 -4.34
N ILE C 2 -6.56 -2.44 -1.79
CA ILE C 2 -5.97 -1.16 -1.55
C ILE C 2 -4.55 -1.15 -2.11
N SER C 3 -4.14 0.01 -2.61
CA SER C 3 -2.81 0.19 -3.13
C SER C 3 -2.30 1.57 -2.84
N DAR C 4 -1.02 1.62 -2.60
CA DAR C 4 -0.38 2.87 -2.29
CB DAR C 4 0.50 3.33 -3.44
CG DAR C 4 -0.13 3.15 -4.82
CD DAR C 4 -0.61 4.46 -5.41
NE DAR C 4 -1.92 4.84 -4.91
CZ DAR C 4 -2.32 6.11 -4.76
NH1 DAR C 4 -1.48 7.11 -5.00
NH2 DAR C 4 -3.56 6.35 -4.34
C DAR C 4 0.45 2.67 -1.06
O DAR C 4 1.35 1.80 -1.05
H DAR C 4 -0.50 0.78 -2.63
HA DAR C 4 -1.13 3.59 -2.08
HB2 DAR C 4 1.43 2.79 -3.42
HB3 DAR C 4 0.70 4.39 -3.31
HG2 DAR C 4 -0.99 2.47 -4.73
HG3 DAR C 4 0.59 2.70 -5.47
HD2 DAR C 4 -0.65 4.36 -6.48
HD3 DAR C 4 0.10 5.23 -5.14
HE DAR C 4 -2.55 4.12 -4.69
HH11 DAR C 4 -1.80 8.09 -4.89
HH12 DAR C 4 -0.51 6.91 -5.31
HH21 DAR C 4 -3.87 7.35 -4.21
HH22 DAR C 4 -4.21 5.57 -4.13
N 28J C 5 0.10 3.43 -0.02
CA 28J C 5 0.82 3.39 1.25
CB 28J C 5 0.02 2.71 2.38
CG2 28J C 5 -1.46 3.05 2.29
CG1 28J C 5 0.21 1.18 2.35
CD1 28J C 5 -0.17 0.47 3.64
C 28J C 5 1.14 4.79 1.70
O 28J C 5 0.68 5.79 1.12
HA 28J C 5 1.74 2.84 1.09
H22 28J C 5 0.39 3.09 3.32
H23 28J C 5 -1.83 2.77 1.31
H24 28J C 5 -1.59 4.12 2.43
H25 28J C 5 -2.00 2.51 3.05
H26 28J C 5 1.25 0.96 2.16
H27 28J C 5 -0.39 0.77 1.56
H28 28J C 5 0.35 0.92 4.48
H29 28J C 5 0.08 -0.57 3.58
H30 28J C 5 -1.24 0.56 3.80
N ILE C 6 2.06 4.86 2.65
CA ILE C 6 2.39 6.13 3.29
C ILE C 6 3.88 6.19 3.59
N SER C 7 4.48 7.33 3.30
CA SER C 7 5.89 7.51 3.53
C SER C 7 6.28 8.96 3.43
N DTH C 8 7.33 9.32 4.16
CA DTH C 8 7.87 10.68 4.09
CB DTH C 8 8.91 10.89 2.95
CG2 DTH C 8 8.28 10.60 1.60
OG1 DTH C 8 10.08 10.08 3.14
C DTH C 8 8.67 11.08 5.32
O DTH C 8 9.04 12.26 5.38
H DTH C 8 7.72 8.67 4.80
HA DTH C 8 7.05 11.38 3.95
HB DTH C 8 9.25 11.93 2.96
HG21 DTH C 8 7.93 9.58 1.58
HG22 DTH C 8 9.01 10.75 0.82
HG23 DTH C 8 7.45 11.28 1.45
N ALA C 9 9.02 10.16 6.18
CA ALA C 9 9.85 10.45 7.30
C ALA C 9 11.26 10.74 6.80
N LEU C 10 12.05 9.66 6.57
CA LEU C 10 13.43 9.81 6.05
C LEU C 10 13.38 10.09 4.55
N ILE C 11 12.55 9.31 3.89
CA ILE C 11 12.38 9.50 2.44
C ILE C 11 11.13 10.33 2.21
N ZAE D 1 6.78 15.69 4.52
CA ZAE D 1 5.47 15.34 5.17
C ZAE D 1 5.04 13.91 4.85
O ZAE D 1 5.67 12.94 5.27
CB ZAE D 1 5.53 15.51 6.70
CG ZAE D 1 4.25 15.11 7.40
CD1 ZAE D 1 3.07 15.78 7.12
CD2 ZAE D 1 4.24 14.07 8.31
CE1 ZAE D 1 1.91 15.41 7.76
CE2 ZAE D 1 3.07 13.71 8.96
CZ ZAE D 1 1.90 14.37 8.68
C10 ZAE D 1 7.91 15.09 5.25
H1 ZAE D 1 6.90 16.72 4.52
HA ZAE D 1 4.72 16.01 4.77
HB2 ZAE D 1 6.33 14.90 7.08
HB3 ZAE D 1 5.73 16.55 6.92
HD1 ZAE D 1 3.06 16.59 6.41
HD2 ZAE D 1 5.15 13.54 8.53
HE1 ZAE D 1 0.99 15.95 7.55
HE2 ZAE D 1 3.07 12.89 9.67
HZ ZAE D 1 0.98 14.10 9.18
H11 ZAE D 1 8.82 15.25 4.70
H12 ZAE D 1 7.75 14.02 5.36
H13 ZAE D 1 8.00 15.54 6.23
N ILE D 2 3.98 13.78 4.07
CA ILE D 2 3.46 12.47 3.70
C ILE D 2 3.47 12.34 2.18
N SER D 3 3.62 11.11 1.70
CA SER D 3 3.60 10.83 0.27
C SER D 3 2.99 9.48 -0.01
N DAR D 4 2.26 9.42 -1.11
CA DAR D 4 1.60 8.21 -1.53
CB DAR D 4 2.16 7.75 -2.86
CG DAR D 4 3.67 7.74 -2.86
CD DAR D 4 4.15 6.35 -2.58
NE DAR D 4 4.51 6.18 -1.20
CZ DAR D 4 4.13 5.14 -0.49
NH1 DAR D 4 4.57 5.00 0.74
NH2 DAR D 4 3.28 4.27 -1.03
C DAR D 4 0.12 8.42 -1.68
O DAR D 4 -0.32 9.26 -2.47
H DAR D 4 2.18 10.22 -1.67
HA DAR D 4 1.77 7.45 -0.79
HB2 DAR D 4 1.82 8.42 -3.64
HB3 DAR D 4 1.82 6.75 -3.06
HG2 DAR D 4 4.03 8.41 -2.09
HG3 DAR D 4 4.02 8.06 -3.83
HD2 DAR D 4 5.00 6.14 -3.20
HD3 DAR D 4 3.36 5.66 -2.81
HE DAR D 4 5.09 6.87 -0.79
HH11 DAR D 4 4.28 4.17 1.30
HH12 DAR D 4 5.20 5.71 1.17
HH21 DAR D 4 2.98 3.44 -0.50
HH22 DAR D 4 2.89 4.44 -1.97
N 28J D 5 -0.66 7.67 -0.91
CA 28J D 5 -2.09 7.77 -1.01
CB 28J D 5 -2.70 8.68 0.10
CG2 28J D 5 -2.05 8.38 1.45
CG1 28J D 5 -2.52 10.17 -0.24
CD1 28J D 5 -3.36 10.64 -1.41
C 28J D 5 -2.70 6.37 -0.96
O 28J D 5 -2.01 5.36 -0.78
HA 28J D 5 -2.32 8.21 -1.96
H22 28J D 5 -3.76 8.46 0.18
H23 28J D 5 -0.99 8.57 1.38
H24 28J D 5 -2.23 7.36 1.72
H25 28J D 5 -2.47 9.04 2.21
H26 28J D 5 -1.48 10.35 -0.48
H27 28J D 5 -2.79 10.76 0.62
H28 28J D 5 -3.27 11.72 -1.51
H29 28J D 5 -4.39 10.38 -1.24
H30 28J D 5 -3.01 10.17 -2.32
N ILE D 6 -3.99 6.33 -1.23
CA ILE D 6 -4.78 5.10 -1.20
C ILE D 6 -5.61 4.93 -2.51
N SER D 7 -5.54 3.73 -3.16
CA SER D 7 -6.35 3.45 -4.38
C SER D 7 -6.65 1.95 -4.54
N DTH D 8 -7.30 1.61 -5.66
CA DTH D 8 -7.69 0.22 -5.96
CB DTH D 8 -7.07 -0.32 -7.27
CG2 DTH D 8 -5.58 -0.15 -7.22
OG1 DTH D 8 -7.60 0.39 -8.39
C DTH D 8 -9.21 0.13 -6.15
O DTH D 8 -9.73 -0.93 -6.48
H DTH D 8 -7.53 2.33 -6.30
HA DTH D 8 -7.37 -0.41 -5.16
HB DTH D 8 -7.32 -1.38 -7.40
HG21 DTH D 8 -5.17 -0.75 -6.41
HG22 DTH D 8 -5.33 0.90 -7.05
HG23 DTH D 8 -5.13 -0.48 -8.15
N ALA D 9 -9.89 1.27 -6.03
CA ALA D 9 -11.32 1.36 -6.24
C ALA D 9 -11.60 1.31 -7.68
N LEU D 10 -10.97 2.24 -8.34
CA LEU D 10 -11.11 2.39 -9.77
C LEU D 10 -10.14 1.48 -10.48
N ILE D 11 -8.88 1.61 -10.12
CA ILE D 11 -7.86 0.78 -10.75
C ILE D 11 -7.18 -0.05 -9.69
N ALA E 1 11.75 -6.14 7.87
CA ALA E 1 10.61 -6.49 8.72
C ALA E 1 10.31 -8.04 8.66
N DGL E 2 8.94 -8.33 8.88
CA DGL E 2 8.52 -9.79 8.67
C DGL E 2 9.44 -10.63 7.67
O DGL E 2 9.73 -10.08 6.51
CB DGL E 2 8.78 -10.56 9.93
CG DGL E 2 10.11 -10.20 10.73
CD DGL E 2 10.90 -11.48 11.14
OE1 DGL E 2 11.35 -11.59 12.30
H DGL E 2 8.31 -7.58 8.84
HA DGL E 2 7.49 -9.71 8.31
HB2 DGL E 2 8.76 -11.59 9.65
HB3 DGL E 2 7.94 -10.35 10.58
HG2 DGL E 2 9.83 -9.70 11.63
HG3 DGL E 2 10.78 -9.57 10.14
N LYS E 3 11.05 -12.40 10.24
CA LYS E 3 11.78 -13.63 10.45
C LYS E 3 11.15 -14.56 11.54
N DAL E 4 9.78 -14.75 11.23
CA DAL E 4 8.68 -15.66 11.93
CB DAL E 4 8.36 -15.46 13.61
C DAL E 4 9.02 -17.09 11.10
O DAL E 4 9.58 -18.06 11.60
H DAL E 4 9.49 -14.21 10.48
HA DAL E 4 7.61 -15.44 11.86
HB1 DAL E 4 9.20 -15.79 14.18
HB2 DAL E 4 7.48 -16.06 13.92
HB3 DAL E 4 8.14 -14.38 13.86
N DAL E 5 8.62 -17.08 9.79
CA DAL E 5 8.63 -18.21 8.73
CB DAL E 5 7.78 -19.29 9.59
C DAL E 5 10.29 -18.52 8.67
O DAL E 5 10.76 -19.74 9.02
OXT DAL E 5 11.01 -17.60 8.41
H DAL E 5 8.31 -16.18 9.47
HA DAL E 5 8.25 -18.13 7.72
HB1 DAL E 5 8.33 -19.68 10.30
HB2 DAL E 5 7.43 -20.04 8.86
HB3 DAL E 5 6.79 -18.84 10.02
N ALA F 1 -16.14 -11.05 2.15
CA ALA F 1 -16.28 -12.26 2.99
C ALA F 1 -15.97 -11.94 4.50
N DGL F 2 -15.35 -13.02 5.17
CA DGL F 2 -14.88 -12.73 6.60
C DGL F 2 -14.50 -11.21 6.90
O DGL F 2 -14.97 -10.62 7.92
CB DGL F 2 -16.03 -12.89 7.56
CG DGL F 2 -17.41 -12.22 7.13
CD DGL F 2 -18.05 -11.39 8.29
OE1 DGL F 2 -19.29 -11.33 8.39
H DGL F 2 -15.01 -13.75 4.63
HA DGL F 2 -14.02 -13.40 6.72
HB2 DGL F 2 -15.68 -12.49 8.49
HB3 DGL F 2 -16.20 -13.94 7.65
HG2 DGL F 2 -18.10 -12.99 6.88
HG3 DGL F 2 -17.29 -11.54 6.28
N LYS F 3 -17.23 -10.81 9.12
CA LYS F 3 -17.66 -9.99 10.25
C LYS F 3 -18.47 -10.78 11.33
N DAL F 4 -17.57 -11.25 12.30
CA DAL F 4 -17.85 -12.02 13.68
CB DAL F 4 -19.20 -11.57 14.63
C DAL F 4 -16.24 -12.22 14.16
O DAL F 4 -15.78 -11.78 15.21
H DAL F 4 -16.64 -11.08 12.07
HA DAL F 4 -18.36 -12.99 13.69
HB1 DAL F 4 -19.05 -10.59 15.02
HB2 DAL F 4 -19.34 -12.26 15.49
HB3 DAL F 4 -20.15 -11.57 14.03
N DAL F 5 -15.47 -12.89 13.25
CA DAL F 5 -13.99 -13.37 13.36
CB DAL F 5 -14.10 -13.97 14.86
C DAL F 5 -13.20 -11.89 13.25
O DAL F 5 -12.39 -11.62 14.09
OXT DAL F 5 -13.42 -11.10 12.16
H DAL F 5 -15.93 -13.06 12.38
HA DAL F 5 -13.52 -14.09 12.68
HB1 DAL F 5 -14.13 -13.24 15.52
HB2 DAL F 5 -13.22 -14.62 14.98
HB3 DAL F 5 -15.00 -14.70 14.99
N ALA G 1 14.79 5.89 11.31
CA ALA G 1 15.88 6.78 11.77
C ALA G 1 15.33 7.79 12.82
N DGL G 2 16.28 8.10 13.84
CA DGL G 2 15.84 9.21 14.81
C DGL G 2 14.76 10.23 14.24
O DGL G 2 13.59 10.25 14.74
CB DGL G 2 15.02 8.66 15.94
CG DGL G 2 14.09 7.40 15.62
CD DGL G 2 12.63 7.63 16.09
OE1 DGL G 2 12.21 7.05 17.12
H DGL G 2 17.18 7.79 13.72
HA DGL G 2 16.80 9.68 15.05
HB2 DGL G 2 14.42 9.48 16.28
HB3 DGL G 2 15.71 8.36 16.69
HG2 DGL G 2 14.47 6.57 16.15
HG3 DGL G 2 14.05 7.18 14.55
N LYS G 3 11.89 8.44 15.39
CA LYS G 3 10.50 8.72 15.68
C LYS G 3 10.31 9.69 16.90
N DAL G 4 11.14 10.81 16.72
CA DAL G 4 11.26 12.15 17.59
CB DAL G 4 12.38 12.19 18.89
C DAL G 4 9.64 12.60 17.57
O DAL G 4 8.88 12.47 18.54
H DAL G 4 11.70 10.75 15.94
HA DAL G 4 11.89 12.99 17.28
HB1 DAL G 4 13.37 12.02 18.53
HB2 DAL G 4 12.14 11.42 19.65
HB3 DAL G 4 12.36 13.20 19.41
N DAL G 5 9.22 13.13 16.36
CA DAL G 5 7.86 13.76 16.01
CB DAL G 5 7.82 14.97 17.08
C DAL G 5 6.79 12.50 16.31
O DAL G 5 6.99 11.51 15.64
OXT DAL G 5 5.88 12.54 17.30
H DAL G 5 9.88 13.06 15.64
HA DAL G 5 7.64 14.14 15.01
HB1 DAL G 5 7.98 14.56 17.99
HB2 DAL G 5 6.80 15.40 17.02
HB3 DAL G 5 8.53 15.82 16.86
N ALA H 1 -15.52 11.64 -4.78
CA ALA H 1 -15.33 13.04 -4.35
C ALA H 1 -15.21 14.00 -5.59
N DGL H 2 -16.48 14.30 -6.16
CA DGL H 2 -16.47 15.34 -7.29
C DGL H 2 -15.47 15.01 -8.51
O DGL H 2 -15.92 14.30 -9.47
CB DGL H 2 -17.78 15.34 -8.03
CG DGL H 2 -19.05 15.86 -7.23
CD DGL H 2 -20.19 16.35 -8.18
OE1 DGL H 2 -20.54 17.54 -8.16
H DGL H 2 -17.27 14.04 -5.67
HA DGL H 2 -16.18 16.25 -6.76
HB2 DGL H 2 -17.92 14.32 -8.34
HB3 DGL H 2 -17.65 15.98 -8.88
HG2 DGL H 2 -18.76 16.68 -6.63
HG3 DGL H 2 -19.49 15.07 -6.59
N LYS H 3 -20.71 15.47 -8.99
CA LYS H 3 -21.78 15.76 -9.92
C LYS H 3 -21.31 16.51 -11.22
N DAL H 4 -20.78 17.76 -10.84
CA DAL H 4 -20.07 18.89 -11.72
CB DAL H 4 -18.64 19.64 -11.12
C DAL H 4 -21.46 19.63 -12.31
O DAL H 4 -22.53 19.05 -12.44
H DAL H 4 -20.90 17.95 -9.89
HA DAL H 4 -19.40 18.64 -12.54
HB1 DAL H 4 -18.87 20.24 -10.27
HB2 DAL H 4 -18.18 20.29 -11.89
HB3 DAL H 4 -17.86 18.88 -10.82
N DAL H 5 -21.28 20.94 -12.67
CA DAL H 5 -22.32 22.00 -13.15
CB DAL H 5 -21.25 23.04 -13.76
C DAL H 5 -22.95 22.45 -11.65
O DAL H 5 -22.17 23.11 -10.75
OXT DAL H 5 -24.06 22.06 -11.37
H DAL H 5 -20.33 21.23 -12.66
HA DAL H 5 -23.13 21.80 -13.84
HB1 DAL H 5 -21.69 23.73 -14.30
HB2 DAL H 5 -20.55 22.42 -14.36
HB3 DAL H 5 -20.55 23.50 -12.95
C1 MUB I . 11.82 -5.24 3.14
C2 MUB I . 13.10 -5.05 3.91
C3 MUB I . 13.28 -6.19 4.91
C4 MUB I . 11.96 -6.92 5.24
C5 MUB I . 11.23 -7.42 3.99
C6 MUB I . 9.73 -7.30 4.17
C7 MUB I . 15.03 -6.05 2.83
C8 MUB I . 16.26 -5.96 1.98
C9 MUB I . 13.34 -4.61 6.71
C10 MUB I . 12.16 -4.85 7.68
C11 MUB I . 13.99 -3.21 6.54
O1 MUB I . 11.83 -4.54 1.95
O3 MUB I . 13.97 -5.77 6.11
O4 MUB I . 12.25 -7.98 6.18
O5 MUB I . 11.62 -6.65 2.83
O6 MUB I . 9.34 -5.93 4.27
O7 MUB I . 14.62 -7.17 3.15
O10 MUB I . 11.75 -3.91 8.33
N2 MUB I . 14.31 -4.96 3.03
H1 MUB I . 10.95 -4.88 3.72
H2 MUB I . 12.99 -4.00 4.29
HN2 MUB I . 14.64 -4.07 2.78
H81 MUB I . 16.74 -5.01 2.14
H82 MUB I . 15.99 -6.03 0.94
H83 MUB I . 16.92 -6.78 2.23
H3 MUB I . 14.00 -6.93 4.52
H9 MUB I . 12.51 -4.65 6.04
H111 MUB I . 15.06 -3.20 6.86
H112 MUB I . 13.48 -2.52 7.14
H113 MUB I . 13.90 -2.89 5.50
H4 MUB I . 11.43 -6.33 5.97
H5 MUB I . 11.39 -8.44 3.79
H61 MUB I . 9.50 -7.69 5.18
H62 MUB I . 9.10 -7.87 3.43
HO6 MUB I . 8.97 -5.56 3.47
C1 NAG I . 13.34 -8.84 5.80
C2 NAG I . 13.49 -9.95 6.81
C3 NAG I . 14.64 -10.87 6.42
C4 NAG I . 14.54 -11.30 4.95
C5 NAG I . 14.31 -10.08 4.04
C6 NAG I . 14.09 -10.49 2.58
C7 NAG I . 14.70 -8.60 8.43
C8 NAG I . 14.80 -8.05 9.83
N2 NAG I . 13.68 -9.40 8.11
O3 NAG I . 14.61 -12.02 7.25
O4 NAG I . 15.76 -11.94 4.56
O5 NAG I . 13.16 -9.35 4.49
O6 NAG I . 13.80 -9.37 1.76
O7 NAG I . 15.62 -8.40 7.62
H1 NAG I . 14.21 -8.16 5.84
H2 NAG I . 12.64 -10.52 7.01
H3 NAG I . 15.61 -10.37 6.54
H4 NAG I . 13.79 -12.14 4.96
H5 NAG I . 15.16 -9.41 3.97
H61 NAG I . 13.24 -11.17 2.47
H62 NAG I . 14.99 -11.03 2.25
H81 NAG I . 15.70 -7.46 9.92
H82 NAG I . 14.84 -8.86 10.54
H83 NAG I . 13.93 -7.44 10.03
HN2 NAG I . 12.97 -9.53 8.79
HO3 NAG I . 14.78 -11.75 8.15
HO4 NAG I . 16.01 -12.56 5.26
HO6 NAG I . 13.89 -8.59 2.33
C1 MUB J . -12.12 -8.66 0.30
C2 MUB J . -13.53 -8.38 -0.09
C3 MUB J . -14.44 -8.35 1.15
C4 MUB J . -14.02 -9.36 2.24
C5 MUB J . -12.56 -9.12 2.66
C6 MUB J . -11.83 -10.45 2.71
C7 MUB J . -13.71 -5.96 -0.12
C8 MUB J . -13.81 -4.65 -0.88
C9 MUB J . -16.03 -9.75 0.03
C10 MUB J . -16.26 -11.07 0.78
C11 MUB J . -16.25 -9.66 -1.52
O1 MUB J . -11.24 -7.93 -0.49
O3 MUB J . -15.83 -8.54 0.78
O4 MUB J . -14.94 -9.20 3.35
O5 MUB J . -11.88 -8.26 1.70
O6 MUB J . -11.86 -11.10 1.46
O7 MUB J . -13.67 -5.95 1.10
O10 MUB J . -16.64 -12.05 0.16
N2 MUB J . -13.65 -7.09 -0.83
H1 MUB J . -11.88 -9.74 0.28
H2 MUB J . -13.69 -9.14 -0.88
HN2 MUB J . -13.67 -7.09 -1.81
H81 MUB J . -14.74 -4.65 -1.43
H82 MUB J . -12.99 -4.55 -1.56
H83 MUB J . -13.78 -3.85 -0.15
H3 MUB J . -14.46 -7.36 1.60
H9 MUB J . -15.02 -10.08 0.17
H111 MUB J . -17.05 -8.94 -1.79
H112 MUB J . -16.52 -10.60 -1.88
H113 MUB J . -15.29 -9.39 -2.00
H4 MUB J . -14.37 -10.36 2.06
H5 MUB J . -12.47 -8.72 3.65
H61 MUB J . -12.43 -11.13 3.35
H62 MUB J . -10.80 -10.44 3.16
HO6 MUB J . -11.53 -12.00 1.45
C1 NAG J . -15.24 -7.84 3.73
C2 NAG J . -16.14 -7.81 4.94
C3 NAG J . -16.45 -6.36 5.29
C4 NAG J . -15.16 -5.54 5.39
C5 NAG J . -14.28 -5.73 4.16
C6 NAG J . -12.93 -5.03 4.30
C7 NAG J . -18.20 -8.18 3.69
C8 NAG J . -19.42 -9.03 3.45
N2 NAG J . -17.33 -8.54 4.65
O3 NAG J . -17.13 -6.34 6.54
O4 NAG J . -15.50 -4.15 5.51
O5 NAG J . -14.03 -7.12 3.96
O6 NAG J . -12.13 -5.23 3.14
O7 NAG J . -18.08 -7.11 3.09
H1 NAG J . -15.78 -7.44 2.85
H2 NAG J . -15.83 -8.33 5.78
H3 NAG J . -17.08 -5.88 4.53
H4 NAG J . -14.76 -5.78 6.42
H5 NAG J . -14.69 -5.29 3.25
H61 NAG J . -12.36 -5.41 5.14
H62 NAG J . -13.14 -3.97 4.50
H81 NAG J . -19.93 -9.19 4.39
H82 NAG J . -19.13 -9.99 3.05
H83 NAG J . -20.07 -8.54 2.73
HN2 NAG J . -17.48 -9.41 5.09
HO3 NAG J . -17.92 -6.86 6.44
HO4 NAG J . -16.26 -4.04 6.11
HO6 NAG J . -12.72 -5.48 2.43
C1 MUB K . 10.47 6.42 9.41
C2 MUB K . 11.06 5.02 9.48
C3 MUB K . 11.63 4.76 10.89
C4 MUB K . 11.98 6.08 11.54
C5 MUB K . 10.72 6.94 11.74
C6 MUB K . 11.09 8.42 11.79
C7 MUB K . 9.46 3.29 10.07
C8 MUB K . 8.50 2.21 9.68
C9 MUB K . 13.74 4.14 9.88
C10 MUB K . 14.97 4.96 10.31
C11 MUB K . 13.67 3.46 8.48
O1 MUB K . 9.60 6.59 8.34
O3 MUB K . 12.73 3.83 10.87
O4 MUB K . 12.66 5.81 12.80
O5 MUB K . 9.79 6.74 10.66
O6 MUB K . 11.66 8.82 10.56
O7 MUB K . 9.54 3.62 11.26
O10 MUB K . 16.06 4.69 9.84
N2 MUB K . 10.08 3.97 9.12
H1 MUB K . 11.24 7.19 9.27
H2 MUB K . 11.75 5.00 8.62
HN2 MUB K . 10.01 3.70 8.17
H81 MUB K . 8.09 1.75 10.58
H82 MUB K . 8.99 1.45 9.10
H83 MUB K . 7.69 2.66 9.09
H3 MUB K . 10.95 4.20 11.53
H9 MUB K . 13.35 5.15 9.75
H111 MUB K . 13.76 2.35 8.55
H112 MUB K . 14.47 3.81 7.89
H113 MUB K . 12.73 3.75 7.99
H4 MUB K . 12.89 6.52 11.14
H5 MUB K . 10.27 6.79 12.66
H61 MUB K . 11.93 8.55 12.51
H62 MUB K . 10.25 9.10 12.09
HO6 MUB K . 12.28 9.56 10.62
C1 NAG K . 12.05 4.77 13.59
C2 NAG K . 12.75 4.69 14.92
C3 NAG K . 12.08 3.63 15.80
C4 NAG K . 10.57 3.80 15.83
C5 NAG K . 9.99 3.97 14.41
C6 NAG K . 8.50 4.26 14.41
C7 NAG K . 14.60 3.35 14.11
C8 NAG K . 16.08 3.18 13.94
N2 NAG K . 14.14 4.43 14.73
O3 NAG K . 12.60 3.75 17.12
O4 NAG K . 9.98 2.66 16.44
O5 NAG K . 10.66 5.05 13.74
O6 NAG K . 8.04 4.72 13.15
O7 NAG K . 13.84 2.44 13.78
H1 NAG K . 12.22 3.85 12.99
H2 NAG K . 12.88 5.55 15.48
H3 NAG K . 12.28 2.62 15.43
H4 NAG K . 10.39 4.61 16.60
H5 NAG K . 10.07 3.07 13.81
H61 NAG K . 8.25 5.05 15.12
H62 NAG K . 7.98 3.34 14.76
H81 NAG K . 16.28 2.24 13.44
H82 NAG K . 16.56 3.17 14.91
H83 NAG K . 16.48 4.02 13.36
HN2 NAG K . 14.78 5.13 14.98
HO3 NAG K . 12.49 4.66 17.40
HO4 NAG K . 10.51 2.39 17.19
HO6 NAG K . 8.68 4.37 12.50
C1 MUB L . -12.35 7.91 -6.32
C2 MUB L . -13.77 7.77 -5.90
C3 MUB L . -14.63 8.83 -6.59
C4 MUB L . -13.87 10.15 -6.76
C5 MUB L . -12.62 9.92 -7.62
C6 MUB L . -11.45 10.73 -7.07
C7 MUB L . -15.00 6.21 -7.30
C8 MUB L . -15.58 4.85 -7.57
C9 MUB L . -15.71 9.18 -4.48
C10 MUB L . -15.55 10.60 -3.89
C11 MUB L . -15.91 7.94 -3.56
O1 MUB L . -11.71 6.68 -6.39
O3 MUB L . -15.88 9.05 -5.91
O4 MUB L . -14.76 11.15 -7.32
O5 MUB L . -12.25 8.53 -7.63
O6 MUB L . -11.19 10.37 -5.73
O7 MUB L . -14.97 7.03 -8.23
O10 MUB L . -15.57 10.74 -2.68
N2 MUB L . -14.34 6.42 -6.17
H1 MUB L . -11.77 8.54 -5.60
H2 MUB L . -13.71 7.77 -4.78
HN2 MUB L . -14.35 5.75 -5.44
H81 MUB L . -16.29 4.61 -6.80
H82 MUB L . -14.80 4.11 -7.58
H83 MUB L . -16.06 4.86 -8.56
H3 MUB L . -15.00 8.46 -7.56
H9 MUB L . -14.65 9.34 -4.56
H111 MUB L . -16.92 7.49 -3.68
H112 MUB L . -15.80 8.23 -2.56
H113 MUB L . -15.12 7.21 -3.78
H4 MUB L . -13.78 10.67 -5.82
H5 MUB L . -12.73 10.27 -8.61
H61 MUB L . -11.78 11.77 -6.99
H62 MUB L . -10.51 10.71 -7.70
HO6 MUB L . -10.39 10.74 -5.35
C1 NAG L . -15.51 10.71 -8.47
C2 NAG L . -16.45 11.82 -8.87
C3 NAG L . -17.23 11.47 -10.14
C4 NAG L . -16.30 10.90 -11.22
C5 NAG L . -15.38 9.81 -10.65
C6 NAG L . -14.39 9.29 -11.68
C7 NAG L . -18.19 11.24 -7.27
C8 NAG L . -19.06 11.66 -6.11
N2 NAG L . -17.32 12.13 -7.78
O3 NAG L . -17.85 12.66 -10.62
O4 NAG L . -17.09 10.34 -12.27
O5 NAG L . -14.65 10.33 -9.53
O6 NAG L . -13.42 8.43 -11.09
O7 NAG L . -18.37 10.14 -7.81
H1 NAG L . -16.06 9.83 -8.08
H2 NAG L . -16.00 12.74 -8.96
H3 NAG L . -18.00 10.71 -9.94
H4 NAG L . -15.84 11.81 -11.69
H5 NAG L . -15.91 8.91 -10.34
H61 NAG L . -13.82 10.10 -12.15
H62 NAG L . -14.97 8.78 -12.47
H81 NAG L . -19.72 10.84 -5.86
H82 NAG L . -19.65 12.52 -6.39
H83 NAG L . -18.43 11.93 -5.27
HN2 NAG L . -17.22 12.99 -7.33
HO3 NAG L . -17.26 13.39 -10.47
HO4 NAG L . -17.78 10.97 -12.49
HO6 NAG L . -13.34 8.71 -10.17
P 2PO M . 10.49 -3.84 1.42
O1P 2PO M . 9.33 -4.65 1.87
O2P 2PO M . 10.52 -2.40 1.75
O3P 2PO M . 10.64 -3.97 -0.16
P 2PO N . 11.99 -3.62 -0.93
O1P 2PO N . 12.04 -2.15 -1.07
O2P 2PO N . 13.18 -4.31 -0.33
O3P 2PO N . 11.77 -4.20 -2.39
C1 P1W O . 10.70 -5.10 -2.55
C2 P1W O . 10.95 -6.30 -1.66
C3 P1W O . 11.96 -7.17 -1.78
C4 P1W O . 12.05 -8.31 -0.81
C5 P1W O . 13.09 -7.12 -2.83
H12 P1W O . 10.65 -5.42 -3.58
H11 P1W O . 9.78 -4.61 -2.27
H2 P1W O . 10.48 -6.23 -0.70
H41 P1W O . 13.07 -8.64 -0.73
H42 P1W O . 11.69 -7.99 0.15
H51 P1W O . 12.76 -6.53 -3.68
H52 P1W O . 13.32 -8.13 -3.16
H53 P1W O . 13.98 -6.67 -2.40
C1 P1W P . 11.19 -9.48 -1.28
C2 P1W P . 11.08 -10.53 -0.20
C3 P1W P . 9.94 -10.80 0.47
C4 P1W P . 9.82 -11.84 1.56
C5 P1W P . 8.61 -10.12 0.13
H12 P1W P . 10.20 -9.10 -1.52
H11 P1W P . 11.63 -9.92 -2.17
H2 P1W P . 12.03 -10.84 0.21
H41 P1W P . 8.99 -12.49 1.34
H42 P1W P . 10.73 -12.43 1.60
H51 P1W P . 8.43 -10.21 -0.93
H52 P1W P . 8.66 -9.08 0.41
H53 P1W P . 7.80 -10.59 0.68
C1 P1W Q . 9.59 -11.21 2.93
C2 P1W Q . 9.10 -12.22 3.90
C3 P1W Q . 9.88 -12.92 4.75
C4 P1W Q . 9.31 -13.94 5.74
C5 P1W Q . 11.40 -12.77 4.81
H12 P1W Q . 10.51 -10.79 3.28
H11 P1W Q . 8.85 -10.42 2.84
H2 P1W Q . 8.06 -12.45 3.83
H43 P1W Q . 9.69 -13.74 6.73
H41 P1W Q . 9.61 -14.94 5.43
H42 P1W Q . 8.24 -13.88 5.74
H51 P1W Q . 11.81 -13.55 5.45
H52 P1W Q . 11.64 -11.80 5.22
H53 P1W Q . 11.83 -12.86 3.82
C1 P1W R . -5.60 -9.65 1.86
C2 P1W R . -4.17 -10.17 1.99
C3 P1W R . -3.84 -11.29 2.69
C4 P1W R . -2.43 -11.81 2.81
C5 P1W R . -4.87 -12.15 3.42
H12 P1W R . -6.09 -9.69 2.80
H11 P1W R . -6.12 -10.26 1.15
H2 P1W R . -3.41 -9.48 1.68
H41 P1W R . -2.01 -11.94 1.81
H42 P1W R . -2.44 -12.76 3.32
H51 P1W R . -4.35 -12.81 4.10
H52 P1W R . -5.42 -12.73 2.69
H53 P1W R . -5.55 -11.53 3.97
C1 P1W S . -1.52 -10.85 3.59
C2 P1W S . -0.14 -10.84 3.02
C3 P1W S . 0.91 -11.50 3.55
C4 P1W S . 2.30 -11.46 2.91
C5 P1W S . 0.83 -12.35 4.82
H12 P1W S . -1.94 -9.86 3.54
H11 P1W S . -1.49 -11.17 4.62
H2 P1W S . -0.03 -10.25 2.13
H43 P1W S . 2.91 -10.72 3.41
H41 P1W S . 2.21 -11.19 1.86
H42 P1W S . 2.76 -12.43 2.99
H51 P1W S . 0.00 -13.04 4.72
H52 P1W S . 0.67 -11.70 5.66
H53 P1W S . 1.75 -12.90 4.95
P 2PO T . -11.25 -8.06 -2.13
O1P 2PO T . -12.42 -8.84 -2.55
O2P 2PO T . -11.00 -6.72 -2.74
O3P 2PO T . -9.98 -8.96 -2.37
P 2PO U . -8.84 -8.36 -3.29
O1P 2PO U . -7.74 -9.37 -3.37
O2P 2PO U . -9.48 -7.89 -4.55
O3P 2PO U . -8.35 -7.09 -2.46
C1 P1W V . -8.49 -7.04 -1.03
C2 P1W V . -7.18 -7.44 -0.40
C3 P1W V . -7.01 -7.82 0.89
C4 P1W V . -5.64 -8.19 1.36
C5 P1W V . -8.12 -7.90 1.96
H12 P1W V . -9.27 -7.73 -0.74
H11 P1W V . -8.76 -6.04 -0.74
H2 P1W V . -6.30 -7.21 -0.99
H41 P1W V . -5.37 -7.54 2.17
H42 P1W V . -4.95 -8.07 0.54
H51 P1W V . -7.70 -7.66 2.94
H52 P1W V . -8.52 -8.91 2.00
H53 P1W V . -8.91 -7.21 1.73
P 2PO W . 10.09 6.21 6.84
O1P 2PO W . 10.74 7.39 6.26
O2P 2PO W . 10.91 4.97 6.90
O3P 2PO W . 8.75 5.86 5.96
P 2PO X . 7.21 5.97 6.47
O1P 2PO X . 6.35 5.41 5.36
O2P 2PO X . 7.10 5.36 7.83
O3P 2PO X . 6.97 7.57 6.55
C1 P1W Y . 5.71 8.12 6.95
C2 P1W Y . 5.29 7.47 8.25
C3 P1W Y . 5.76 7.80 9.46
C4 P1W Y . 5.25 7.10 10.71
C5 P1W Y . 6.79 8.91 9.68
H12 P1W Y . 4.98 7.92 6.19
H11 P1W Y . 5.82 9.19 7.09
H2 P1W Y . 4.37 6.94 8.18
H41 P1W Y . 6.07 6.97 11.40
H42 P1W Y . 4.86 6.13 10.44
H51 P1W Y . 7.31 9.12 8.76
H52 P1W Y . 7.49 8.59 10.42
H53 P1W Y . 6.29 9.82 10.03
C1 P1W Z . 4.14 7.88 11.40
C2 P1W Z . 2.85 7.67 10.67
C3 P1W Z . 2.22 8.65 10.00
C4 P1W Z . 0.91 8.42 9.30
C5 P1W Z . 2.77 10.06 9.85
H12 P1W Z . 4.05 7.53 12.41
H11 P1W Z . 4.39 8.93 11.40
H2 P1W Z . 2.31 6.78 10.97
H41 P1W Z . 0.94 7.47 8.76
H42 P1W Z . 0.72 9.21 8.59
H51 P1W Z . 2.95 10.48 10.83
H52 P1W Z . 2.05 10.68 9.33
H53 P1W Z . 3.69 10.03 9.29
C1 P1W AA . -0.26 8.37 10.29
C2 P1W AA . -1.55 8.07 9.59
C3 P1W AA . -2.43 9.00 9.19
C4 P1W AA . -3.74 8.64 8.46
C5 P1W AA . -2.24 10.50 9.41
H12 P1W AA . -0.07 7.61 11.03
H11 P1W AA . -0.34 9.33 10.77
H2 P1W AA . -1.66 7.05 9.27
H43 P1W AA . -4.57 8.82 9.11
H41 P1W AA . -3.71 7.59 8.19
H42 P1W AA . -3.82 9.23 7.57
H51 P1W AA . -1.34 10.83 8.89
H52 P1W AA . -2.14 10.69 10.46
H53 P1W AA . -3.09 11.05 9.02
P 2PO BA . -11.03 6.04 -5.08
O1P 2PO BA . -10.04 6.99 -4.55
O2P 2PO BA . -12.09 5.53 -4.17
O3P 2PO BA . -10.29 4.78 -5.67
P 2PO CA . -9.00 4.89 -6.61
O1P 2PO CA . -7.94 5.48 -5.78
O2P 2PO CA . -8.70 3.61 -7.33
O3P 2PO CA . -9.40 5.98 -7.69
C1 P1W DA . -8.34 6.56 -8.42
C2 P1W DA . -8.33 8.05 -8.12
C3 P1W DA . -7.39 8.92 -8.52
C4 P1W DA . -7.54 10.37 -8.14
C5 P1W DA . -6.16 8.60 -9.37
H12 P1W DA . -8.51 6.41 -9.47
H11 P1W DA . -7.41 6.11 -8.12
H2 P1W DA . -9.30 8.44 -7.90
H41 P1W DA . -8.58 10.56 -7.88
H42 P1W DA . -7.25 11.00 -8.97
H51 P1W DA . -5.26 8.72 -8.76
H52 P1W DA . -6.10 9.29 -10.20
H53 P1W DA . -6.22 7.59 -9.75
C1 P1W EA . -6.67 10.69 -6.93
C2 P1W EA . -7.43 10.42 -5.65
C3 P1W EA . -6.96 9.64 -4.66
C4 P1W EA . -7.71 9.35 -3.38
C5 P1W EA . -5.57 9.01 -4.69
H12 P1W EA . -5.79 10.08 -6.97
H11 P1W EA . -6.38 11.73 -6.97
H2 P1W EA . -8.48 10.64 -5.70
H41 P1W EA . -7.02 8.98 -2.63
H42 P1W EA . -8.47 8.61 -3.57
H51 P1W EA . -4.83 9.79 -4.77
H52 P1W EA . -5.49 8.35 -5.56
H53 P1W EA . -5.39 8.43 -3.80
C1 P1W FA . -8.39 10.60 -2.82
C2 P1W FA . -8.93 10.35 -1.45
C3 P1W FA . -9.29 11.30 -0.57
C4 P1W FA . -9.85 10.96 0.81
C5 P1W FA . -9.16 12.80 -0.84
H12 P1W FA . -7.67 11.40 -2.77
H11 P1W FA . -9.19 10.89 -3.47
H2 P1W FA . -8.93 9.31 -1.16
H43 P1W FA . -9.74 11.81 1.48
H41 P1W FA . -9.31 10.12 1.24
H42 P1W FA . -10.89 10.71 0.72
H51 P1W FA . -8.17 13.13 -0.54
H52 P1W FA . -9.90 13.33 -0.27
H53 P1W FA . -9.30 13.00 -1.89
N ZAE A 1 -4.58 -10.90 -11.60
CA ZAE A 1 -4.72 -11.72 -10.35
C ZAE A 1 -4.05 -11.04 -9.15
O ZAE A 1 -4.73 -10.55 -8.25
CB ZAE A 1 -6.19 -11.98 -10.03
CG ZAE A 1 -6.50 -13.38 -9.59
CD1 ZAE A 1 -6.17 -14.47 -10.38
CD2 ZAE A 1 -7.09 -13.62 -8.35
CE1 ZAE A 1 -6.47 -15.76 -9.97
CE2 ZAE A 1 -7.38 -14.90 -7.94
CZ ZAE A 1 -7.05 -15.98 -8.74
C10 ZAE A 1 -5.34 -9.63 -11.49
H1 ZAE A 1 -4.97 -11.43 -12.40
HA ZAE A 1 -4.24 -12.67 -10.51
HB2 ZAE A 1 -6.51 -11.31 -9.23
HB3 ZAE A 1 -6.79 -11.78 -10.90
HD1 ZAE A 1 -5.71 -14.30 -11.34
HD2 ZAE A 1 -7.33 -12.78 -7.72
HE1 ZAE A 1 -6.20 -16.60 -10.61
HE2 ZAE A 1 -7.84 -15.06 -6.97
HZ ZAE A 1 -7.27 -16.98 -8.41
H11 ZAE A 1 -6.38 -9.84 -11.31
H12 ZAE A 1 -5.23 -9.07 -12.41
H13 ZAE A 1 -4.94 -9.05 -10.67
N ILE A 2 -2.73 -10.99 -9.15
CA ILE A 2 -2.00 -10.36 -8.06
C ILE A 2 -1.42 -9.04 -8.55
N SER A 3 -1.74 -7.95 -7.83
CA SER A 3 -1.20 -6.64 -8.16
C SER A 3 -0.88 -5.86 -6.89
N DAR A 4 0.23 -5.14 -6.93
CA DAR A 4 0.68 -4.37 -5.79
CB DAR A 4 0.70 -2.91 -6.16
CG DAR A 4 -0.57 -2.46 -6.83
CD DAR A 4 -1.77 -2.73 -5.94
NE DAR A 4 -3.00 -2.48 -6.65
CZ DAR A 4 -4.19 -2.37 -6.07
NH1 DAR A 4 -5.25 -2.06 -6.79
NH2 DAR A 4 -4.34 -2.62 -4.77
C DAR A 4 2.07 -4.76 -5.37
O DAR A 4 3.01 -4.69 -6.15
H DAR A 4 0.73 -5.10 -7.77
HA DAR A 4 0.00 -4.52 -4.98
HB2 DAR A 4 1.53 -2.73 -6.84
HB3 DAR A 4 0.85 -2.32 -5.27
HG2 DAR A 4 -0.68 -3.01 -7.75
HG3 DAR A 4 -0.51 -1.40 -7.04
HD2 DAR A 4 -1.71 -2.08 -5.08
HD3 DAR A 4 -1.74 -3.76 -5.62
HE DAR A 4 -2.94 -2.32 -7.62
HH11 DAR A 4 -6.18 -1.97 -6.35
HH12 DAR A 4 -5.15 -1.86 -7.82
HH21 DAR A 4 -5.27 -2.50 -4.32
HH22 DAR A 4 -3.53 -2.97 -4.22
N 28J A 5 2.20 -5.17 -4.10
CA 28J A 5 3.52 -5.52 -3.59
CB 28J A 5 3.71 -7.06 -3.45
CG2 28J A 5 2.43 -7.67 -2.90
CG1 28J A 5 4.04 -7.70 -4.80
CD1 28J A 5 4.51 -9.13 -4.69
C 28J A 5 3.78 -4.82 -2.27
O 28J A 5 2.86 -4.34 -1.59
HA 28J A 5 4.24 -5.16 -4.30
H22 28J A 5 4.51 -7.24 -2.75
H23 28J A 5 1.61 -7.44 -3.57
H24 28J A 5 2.23 -7.27 -1.92
H25 28J A 5 2.54 -8.74 -2.83
H26 28J A 5 4.82 -7.13 -5.29
H27 28J A 5 3.15 -7.69 -5.42
H28 28J A 5 4.75 -9.52 -5.68
H29 28J A 5 3.72 -9.74 -4.25
H30 28J A 5 5.39 -9.18 -4.07
N ILE A 6 5.07 -4.71 -1.97
CA ILE A 6 5.56 -4.11 -0.74
C ILE A 6 6.99 -3.53 -0.88
N SER A 7 7.16 -2.18 -0.78
CA SER A 7 8.50 -1.55 -0.86
C SER A 7 8.55 -0.17 -0.18
N DTH A 8 9.74 0.42 -0.20
CA DTH A 8 10.00 1.74 0.40
CB DTH A 8 10.51 2.79 -0.60
CG2 DTH A 8 9.56 2.87 -1.77
OG1 DTH A 8 11.83 2.45 -1.04
C DTH A 8 11.08 1.63 1.49
O DTH A 8 11.28 2.60 2.22
H DTH A 8 10.49 -0.07 -0.60
HA DTH A 8 9.09 2.11 0.85
HB DTH A 8 10.59 3.77 -0.11
HG21 DTH A 8 9.47 3.91 -2.09
HG22 DTH A 8 8.59 2.50 -1.49
HG23 DTH A 8 9.95 2.29 -2.59
N ALA A 9 11.83 0.54 1.51
CA ALA A 9 12.91 0.32 2.45
C ALA A 9 14.09 1.13 2.05
N LEU A 10 14.70 0.67 1.00
CA LEU A 10 15.90 1.31 0.45
C LEU A 10 15.51 2.30 -0.62
N ILE A 11 14.33 2.08 -1.19
CA ILE A 11 13.85 2.94 -2.27
C ILE A 11 12.45 3.40 -1.91
N ZAE B 1 8.68 4.22 2.68
CA ZAE B 1 8.25 3.46 3.87
C ZAE B 1 7.42 2.27 3.46
O ZAE B 1 7.95 1.27 2.98
CB ZAE B 1 9.46 2.95 4.60
CG ZAE B 1 9.17 2.18 5.85
CD1 ZAE B 1 8.34 2.71 6.81
CD2 ZAE B 1 9.75 0.95 6.05
CE1 ZAE B 1 8.10 2.03 7.97
CE2 ZAE B 1 9.50 0.25 7.21
CZ ZAE B 1 8.68 0.79 8.17
C10 ZAE B 1 9.72 5.19 3.05
H1 ZAE B 1 7.87 4.75 2.28
HA ZAE B 1 7.68 4.11 4.52
HB2 ZAE B 1 10.01 2.29 3.94
HB3 ZAE B 1 10.10 3.78 4.88
HD1 ZAE B 1 7.88 3.68 6.64
HD2 ZAE B 1 10.39 0.53 5.29
HE1 ZAE B 1 7.45 2.46 8.72
HE2 ZAE B 1 9.96 -0.72 7.36
HZ ZAE B 1 8.49 0.26 9.09
H11 ZAE B 1 9.41 5.70 3.96
H12 ZAE B 1 9.83 5.90 2.25
H13 ZAE B 1 10.65 4.67 3.22
N ILE B 2 6.12 2.36 3.60
CA ILE B 2 5.32 1.23 3.25
C ILE B 2 4.40 1.58 2.11
N SER B 3 4.66 0.93 0.98
CA SER B 3 3.86 1.10 -0.20
C SER B 3 3.68 -0.22 -0.90
N DAR B 4 2.64 -0.26 -1.68
CA DAR B 4 2.29 -1.45 -2.42
CB DAR B 4 2.46 -1.22 -3.90
CG DAR B 4 3.76 -0.53 -4.28
CD DAR B 4 4.94 -1.41 -3.97
NE DAR B 4 5.93 -1.38 -5.03
CZ DAR B 4 6.91 -0.50 -5.10
NH1 DAR B 4 7.01 0.47 -4.19
NH2 DAR B 4 7.79 -0.57 -6.09
C DAR B 4 0.86 -1.80 -2.16
O DAR B 4 -0.02 -0.96 -2.40
H DAR B 4 2.10 0.55 -1.77
HA DAR B 4 2.93 -2.26 -2.11
HB2 DAR B 4 1.64 -0.60 -4.24
HB3 DAR B 4 2.42 -2.16 -4.42
HG2 DAR B 4 3.84 0.40 -3.73
HG3 DAR B 4 3.74 -0.32 -5.34
HD2 DAR B 4 4.59 -2.42 -3.84
HD3 DAR B 4 5.40 -1.07 -3.06
HE DAR B 4 5.86 -2.08 -5.73
HH11 DAR B 4 7.79 1.15 -4.25
HH12 DAR B 4 6.32 0.53 -3.43
HH21 DAR B 4 8.56 0.12 -6.16
HH22 DAR B 4 7.71 -1.32 -6.80
N 28J B 5 0.62 -3.01 -1.66
CA 28J B 5 -0.74 -3.44 -1.38
CB 28J B 5 -0.98 -3.69 0.12
CG2 28J B 5 0.23 -4.39 0.75
CG1 28J B 5 -1.25 -2.38 0.86
CD1 28J B 5 -1.80 -2.55 2.27
C 28J B 5 -1.09 -4.71 -2.14
O 28J B 5 -0.22 -5.32 -2.80
HA 28J B 5 -1.41 -2.65 -1.70
H22 28J B 5 -1.83 -4.34 0.23
H23 28J B 5 0.40 -5.33 0.23
H24 28J B 5 0.03 -4.59 1.79
H25 28J B 5 1.09 -3.76 0.65
H26 28J B 5 -1.97 -1.79 0.30
H27 28J B 5 -0.33 -1.82 0.94
H28 28J B 5 -1.99 -1.59 2.71
H29 28J B 5 -1.08 -3.09 2.88
H30 28J B 5 -2.72 -3.11 2.23
N ILE B 6 -2.40 -5.04 -2.15
CA ILE B 6 -2.86 -6.30 -2.74
C ILE B 6 -4.23 -6.18 -3.38
N SER B 7 -4.35 -6.60 -4.64
CA SER B 7 -5.62 -6.53 -5.33
C SER B 7 -5.63 -7.34 -6.62
N DTH B 8 -6.82 -7.79 -6.99
CA DTH B 8 -7.03 -8.53 -8.23
CB DTH B 8 -7.63 -7.63 -9.34
CG2 DTH B 8 -6.62 -6.57 -9.70
OG1 DTH B 8 -8.84 -7.02 -8.90
C DTH B 8 -8.12 -9.61 -8.12
O DTH B 8 -8.41 -10.24 -9.13
H DTH B 8 -7.59 -7.63 -6.40
HA DTH B 8 -6.07 -8.92 -8.56
HB DTH B 8 -7.87 -8.24 -10.23
HG21 DTH B 8 -6.39 -5.97 -8.83
HG22 DTH B 8 -7.02 -5.93 -10.47
HG23 DTH B 8 -5.71 -7.03 -10.06
N ALA B 9 -8.82 -9.72 -6.96
CA ALA B 9 -9.99 -10.60 -6.80
C ALA B 9 -11.20 -9.87 -7.26
N LEU B 10 -11.40 -8.72 -6.63
CA LEU B 10 -12.54 -7.87 -6.95
C LEU B 10 -12.22 -7.07 -8.17
N ILE B 11 -11.13 -6.35 -8.10
CA ILE B 11 -10.72 -5.54 -9.23
C ILE B 11 -9.45 -6.12 -9.82
N ZAE C 1 -7.95 -3.91 -4.27
CA ZAE C 1 -8.52 -3.53 -2.97
C ZAE C 1 -7.77 -2.38 -2.35
O ZAE C 1 -8.26 -1.24 -2.33
CB ZAE C 1 -9.98 -3.17 -3.15
CG ZAE C 1 -10.82 -3.40 -1.94
CD1 ZAE C 1 -11.34 -4.66 -1.71
CD2 ZAE C 1 -11.15 -2.36 -1.09
CE1 ZAE C 1 -12.16 -4.90 -0.64
CE2 ZAE C 1 -11.98 -2.61 0.00
CZ ZAE C 1 -12.50 -3.87 0.21
C10 ZAE C 1 -8.31 -2.91 -5.28
H1 ZAE C 1 -8.34 -4.83 -4.56
HA ZAE C 1 -8.44 -4.37 -2.30
HB2 ZAE C 1 -10.05 -2.12 -3.41
HB3 ZAE C 1 -10.38 -3.76 -3.95
HD1 ZAE C 1 -11.08 -5.46 -2.38
HD2 ZAE C 1 -10.76 -1.37 -1.27
HE1 ZAE C 1 -12.58 -5.90 -0.48
HE2 ZAE C 1 -12.24 -1.81 0.66
HZ ZAE C 1 -13.15 -4.06 1.05
H11 ZAE C 1 -7.85 -3.17 -6.23
H12 ZAE C 1 -7.95 -1.94 -4.96
H13 ZAE C 1 -9.38 -2.88 -5.39
N ILE C 2 -6.57 -2.65 -1.88
CA ILE C 2 -5.82 -1.62 -1.23
C ILE C 2 -4.44 -1.52 -1.85
N SER C 3 -4.15 -0.29 -2.26
CA SER C 3 -2.89 0.05 -2.83
C SER C 3 -2.55 1.46 -2.46
N DAR C 4 -1.27 1.68 -2.37
CA DAR C 4 -0.74 2.98 -2.04
CB DAR C 4 0.04 3.55 -3.21
CG DAR C 4 -0.68 3.52 -4.54
CD DAR C 4 -1.80 4.55 -4.58
NE DAR C 4 -2.26 4.81 -5.94
CZ DAR C 4 -3.09 5.79 -6.26
NH1 DAR C 4 -3.59 6.59 -5.32
NH2 DAR C 4 -3.44 5.98 -7.52
C DAR C 4 0.18 2.84 -0.87
O DAR C 4 1.17 2.12 -0.97
H DAR C 4 -0.66 0.92 -2.48
HA DAR C 4 -1.56 3.64 -1.78
HB2 DAR C 4 0.94 2.98 -3.31
HB3 DAR C 4 0.29 4.57 -2.98
HG2 DAR C 4 -1.10 2.54 -4.69
HG3 DAR C 4 0.02 3.74 -5.32
HD2 DAR C 4 -1.44 5.47 -4.14
HD3 DAR C 4 -2.63 4.18 -4.00
HE DAR C 4 -1.92 4.23 -6.65
HH11 DAR C 4 -4.24 7.36 -5.58
HH12 DAR C 4 -3.34 6.44 -4.33
HH21 DAR C 4 -4.09 6.75 -7.79
HH22 DAR C 4 -3.07 5.34 -8.27
N 28J C 5 -0.15 3.49 0.23
CA 28J C 5 0.69 3.41 1.40
CB 28J C 5 -0.02 2.66 2.55
CG2 28J C 5 -1.52 2.96 2.54
CG1 28J C 5 0.22 1.15 2.44
CD1 28J C 5 -0.12 0.38 3.70
C 28J C 5 1.11 4.80 1.90
O 28J C 5 0.65 5.82 1.36
HA 28J C 5 1.58 2.85 1.14
H22 28J C 5 0.38 3.01 3.49
H23 28J C 5 -1.95 2.62 1.61
H24 28J C 5 -1.68 4.02 2.65
H25 28J C 5 -2.00 2.43 3.36
H26 28J C 5 1.25 0.97 2.21
H27 28J C 5 -0.40 0.75 1.65
H28 28J C 5 -1.17 0.46 3.91
H29 28J C 5 0.44 0.78 4.53
H30 28J C 5 0.14 -0.66 3.57
N ILE C 6 2.06 4.82 2.86
CA ILE C 6 2.45 6.09 3.50
C ILE C 6 3.95 6.18 3.82
N SER C 7 4.58 7.27 3.36
CA SER C 7 6.01 7.47 3.59
C SER C 7 6.57 8.86 3.18
N DTH C 8 7.65 9.24 3.91
CA DTH C 8 8.45 10.44 3.65
CB DTH C 8 9.57 10.23 2.56
CG2 DTH C 8 8.99 9.64 1.30
OG1 DTH C 8 10.59 9.39 3.13
C DTH C 8 9.29 10.88 4.89
O DTH C 8 10.30 11.55 4.62
H DTH C 8 7.85 8.78 4.75
HA DTH C 8 7.82 11.26 3.37
HB DTH C 8 10.05 11.20 2.34
HG21 DTH C 8 8.23 10.30 0.89
HG22 DTH C 8 8.55 8.68 1.51
HG23 DTH C 8 9.79 9.52 0.56
N ALA C 9 8.97 10.47 6.15
CA ALA C 9 9.80 10.76 7.38
C ALA C 9 11.27 10.67 7.16
N LEU C 10 11.64 9.48 6.89
CA LEU C 10 13.05 9.13 6.71
C LEU C 10 13.43 9.06 5.25
N ILE C 11 12.51 8.52 4.47
CA ILE C 11 12.74 8.33 3.05
C ILE C 11 11.71 9.13 2.30
N ZAE D 1 7.58 14.82 2.22
CA ZAE D 1 6.77 14.69 3.48
C ZAE D 1 5.79 13.52 3.38
O ZAE D 1 6.01 12.45 3.96
CB ZAE D 1 7.66 14.51 4.72
CG ZAE D 1 7.18 15.29 5.91
CD1 ZAE D 1 6.92 16.66 5.82
CD2 ZAE D 1 7.01 14.67 7.15
CE1 ZAE D 1 6.47 17.37 6.92
CE2 ZAE D 1 6.55 15.38 8.25
CZ ZAE D 1 6.30 16.75 8.14
C10 ZAE D 1 8.39 13.62 1.97
H1 ZAE D 1 8.22 15.63 2.31
HA ZAE D 1 6.19 15.60 3.60
HB2 ZAE D 1 7.69 13.46 4.98
HB3 ZAE D 1 8.66 14.84 4.48
HD1 ZAE D 1 7.06 17.15 4.87
HD2 ZAE D 1 7.19 13.60 7.24
HE1 ZAE D 1 6.28 18.44 6.83
HE2 ZAE D 1 6.41 14.88 9.20
HZ ZAE D 1 5.96 17.30 8.99
H11 ZAE D 1 7.75 12.76 1.85
H12 ZAE D 1 9.07 13.45 2.81
H13 ZAE D 1 8.98 13.76 1.07
N ILE D 2 4.71 13.72 2.64
CA ILE D 2 3.70 12.68 2.47
C ILE D 2 3.76 12.14 1.05
N SER D 3 3.83 10.81 0.93
CA SER D 3 3.82 10.16 -0.37
C SER D 3 3.12 8.81 -0.27
N DAR D 4 2.42 8.47 -1.35
CA DAR D 4 1.69 7.23 -1.40
CB DAR D 4 2.32 6.32 -2.42
CG DAR D 4 3.81 6.25 -2.29
CD DAR D 4 4.22 5.78 -0.92
NE DAR D 4 5.59 5.29 -0.91
CZ DAR D 4 6.10 4.50 0.01
NH1 DAR D 4 7.33 4.02 -0.14
NH2 DAR D 4 5.40 4.19 1.10
C DAR D 4 0.25 7.45 -1.79
O DAR D 4 -0.03 8.04 -2.83
H DAR D 4 2.44 9.05 -2.13
HA DAR D 4 1.72 6.76 -0.42
HB2 DAR D 4 2.08 6.67 -3.41
HB3 DAR D 4 1.91 5.32 -2.30
HG2 DAR D 4 4.22 7.25 -2.46
HG3 DAR D 4 4.20 5.57 -3.02
HD2 DAR D 4 3.56 4.98 -0.60
HD3 DAR D 4 4.14 6.60 -0.22
HE DAR D 4 6.14 5.54 -1.69
HH11 DAR D 4 7.74 3.40 0.58
HH12 DAR D 4 7.88 4.26 -0.99
HH21 DAR D 4 5.80 3.54 1.80
HH22 DAR D 4 4.46 4.63 1.26
N 28J D 5 -0.67 6.98 -0.96
CA 28J D 5 -2.07 7.11 -1.28
CB 28J D 5 -2.72 8.35 -0.58
CG2 28J D 5 -2.40 8.32 0.90
CG1 28J D 5 -2.21 9.66 -1.19
CD1 28J D 5 -2.98 10.10 -2.42
C 28J D 5 -2.83 5.85 -0.94
O 28J D 5 -2.29 4.91 -0.32
HA 28J D 5 -2.15 7.28 -2.34
H22 28J D 5 -3.79 8.28 -0.70
H23 28J D 5 -1.33 8.35 1.04
H24 28J D 5 -2.81 7.42 1.35
H25 28J D 5 -2.84 9.18 1.38
H26 28J D 5 -1.17 9.56 -1.46
H27 28J D 5 -2.31 10.45 -0.45
H28 28J D 5 -4.01 10.30 -2.15
H29 28J D 5 -2.95 9.31 -3.16
H30 28J D 5 -2.54 10.99 -2.82
N ILE D 6 -4.06 5.79 -1.43
CA ILE D 6 -4.99 4.71 -1.16
C ILE D 6 -6.05 4.50 -2.27
N SER D 7 -5.90 3.42 -3.07
CA SER D 7 -6.85 3.10 -4.16
C SER D 7 -6.68 1.68 -4.74
N DTH D 8 -7.31 1.49 -5.90
CA DTH D 8 -7.22 0.24 -6.69
CB DTH D 8 -6.62 0.35 -8.11
CG2 DTH D 8 -5.18 0.82 -8.06
OG1 DTH D 8 -7.43 1.20 -8.92
C DTH D 8 -8.64 -0.30 -7.11
O DTH D 8 -8.65 -1.09 -8.04
H DTH D 8 -7.97 2.15 -6.19
HA DTH D 8 -6.68 -0.49 -6.12
HB DTH D 8 -6.65 -0.65 -8.60
HG21 DTH D 8 -4.52 -0.02 -8.19
HG22 DTH D 8 -4.98 1.29 -7.11
HG23 DTH D 8 -5.01 1.53 -8.85
N ALA D 9 -9.72 0.33 -6.65
CA ALA D 9 -11.05 0.05 -7.09
C ALA D 9 -11.31 0.60 -8.48
N LEU D 10 -11.33 1.89 -8.52
CA LEU D 10 -11.59 2.62 -9.77
C LEU D 10 -10.47 2.42 -10.77
N ILE D 11 -9.26 2.31 -10.24
CA ILE D 11 -8.06 2.19 -11.05
C ILE D 11 -7.06 1.32 -10.30
N ALA E 1 16.30 -5.76 5.59
CA ALA E 1 16.08 -5.73 7.05
C ALA E 1 15.23 -6.94 7.52
N DGL E 2 14.36 -6.60 8.61
CA DGL E 2 13.44 -7.75 8.99
C DGL E 2 12.93 -8.68 7.81
O DGL E 2 12.44 -8.13 6.79
CB DGL E 2 14.10 -8.76 9.83
CG DGL E 2 15.69 -8.86 9.71
CD DGL E 2 16.17 -10.33 9.45
OE1 DGL E 2 17.18 -10.76 10.03
H DGL E 2 14.28 -5.73 8.90
HA DGL E 2 12.62 -7.19 9.44
HB2 DGL E 2 13.62 -9.69 9.56
HB3 DGL E 2 13.84 -8.49 10.81
HG2 DGL E 2 16.12 -8.55 10.62
HG3 DGL E 2 16.09 -8.26 8.88
N LYS E 3 15.42 -11.08 8.67
CA LYS E 3 15.74 -12.45 8.33
C LYS E 3 15.73 -13.44 9.56
N DAL E 4 14.72 -13.05 10.45
CA DAL E 4 14.19 -13.75 11.78
CB DAL E 4 15.07 -13.45 13.23
C DAL E 4 13.79 -15.24 11.12
O DAL E 4 14.45 -16.25 11.24
H DAL E 4 14.26 -12.23 10.18
HA DAL E 4 13.33 -13.35 12.31
HB1 DAL E 4 16.04 -13.85 13.13
HB2 DAL E 4 14.57 -13.95 14.08
HB3 DAL E 4 15.13 -12.35 13.47
N DAL E 5 12.58 -15.24 10.44
CA DAL E 5 11.82 -16.44 9.80
CB DAL E 5 11.65 -17.24 11.12
C DAL E 5 13.01 -17.00 8.80
O DAL E 5 13.53 -18.23 9.02
OXT DAL E 5 13.48 -16.24 7.96
H DAL E 5 12.16 -14.35 10.34
HA DAL E 5 10.89 -16.37 9.24
HB1 DAL E 5 10.70 -17.30 11.39
HB2 DAL E 5 12.27 -16.73 11.88
HB3 DAL E 5 12.12 -18.29 11.05
N ALA F 1 -12.08 -6.31 3.06
CA ALA F 1 -13.35 -5.99 3.75
C ALA F 1 -14.35 -7.15 3.58
N DGL F 2 -15.58 -6.76 3.15
CA DGL F 2 -16.57 -7.83 2.74
C DGL F 2 -15.85 -9.22 2.43
O DGL F 2 -16.14 -10.23 3.03
CB DGL F 2 -17.28 -8.33 4.05
CG DGL F 2 -16.44 -8.30 5.38
CD DGL F 2 -16.60 -9.62 6.17
OE1 DGL F 2 -16.94 -9.59 7.36
H DGL F 2 -15.78 -5.80 2.86
HA DGL F 2 -17.16 -7.41 1.93
HB2 DGL F 2 -17.64 -9.28 3.82
HB3 DGL F 2 -18.13 -7.64 4.17
HG2 DGL F 2 -16.78 -7.51 6.01
HG3 DGL F 2 -15.36 -8.16 5.18
N LYS F 3 -16.38 -10.73 5.50
CA LYS F 3 -16.48 -12.04 6.09
C LYS F 3 -17.95 -12.48 6.38
N DAL F 4 -18.73 -12.26 5.22
CA DAL F 4 -20.24 -12.64 4.90
CB DAL F 4 -21.45 -12.01 5.96
C DAL F 4 -20.00 -14.25 4.49
O DAL F 4 -19.98 -15.17 5.28
H DAL F 4 -18.23 -11.83 4.51
HA DAL F 4 -20.78 -12.14 4.11
HB1 DAL F 4 -21.31 -12.40 6.92
HB2 DAL F 4 -22.45 -12.29 5.59
HB3 DAL F 4 -21.41 -10.87 6.00
N DAL F 5 -19.86 -14.45 3.12
CA DAL F 5 -19.74 -15.80 2.34
CB DAL F 5 -21.11 -16.36 2.80
C DAL F 5 -18.44 -16.43 3.13
O DAL F 5 -17.40 -15.80 3.17
OXT DAL F 5 -18.60 -17.58 3.82
H DAL F 5 -19.82 -13.63 2.58
HA DAL F 5 -19.59 -15.89 1.26
HB1 DAL F 5 -21.79 -16.32 2.09
HB2 DAL F 5 -21.42 -15.77 3.70
HB3 DAL F 5 -21.02 -17.44 3.20
N ALA G 1 8.07 1.62 12.12
CA ALA G 1 8.81 0.47 12.66
C ALA G 1 10.22 0.91 13.10
N DGL G 2 11.16 -0.17 13.15
CA DGL G 2 12.56 0.36 13.45
C DGL G 2 12.94 1.81 12.96
O DGL G 2 13.72 2.54 13.62
CB DGL G 2 12.76 0.53 14.85
CG DGL G 2 11.89 1.67 15.59
CD DGL G 2 12.81 2.71 16.32
OE1 DGL G 2 13.30 2.45 17.43
H DGL G 2 10.94 -1.01 12.84
HA DGL G 2 13.14 -0.40 12.94
HB2 DGL G 2 13.82 0.70 14.96
HB3 DGL G 2 12.50 -0.40 15.22
HG2 DGL G 2 11.31 1.21 16.33
HG3 DGL G 2 11.24 2.25 14.90
N LYS G 3 13.10 3.82 15.67
CA LYS G 3 13.91 4.88 16.21
C LYS G 3 15.35 4.43 16.65
N DAL G 4 16.03 3.89 15.53
CA DAL G 4 17.52 3.39 15.38
CB DAL G 4 18.14 2.33 16.60
C DAL G 4 18.20 4.83 14.84
O DAL G 4 18.45 5.78 15.55
H DAL G 4 15.47 3.83 14.73
HA DAL G 4 17.78 2.59 14.68
HB1 DAL G 4 18.15 2.85 17.52
HB2 DAL G 4 19.18 2.04 16.36
HB3 DAL G 4 17.53 1.39 16.69
N DAL G 5 18.48 4.83 13.48
CA DAL G 5 19.22 5.93 12.65
CB DAL G 5 20.50 5.96 13.51
C DAL G 5 18.18 7.19 12.91
O DAL G 5 17.07 7.15 12.39
OXT DAL G 5 18.53 8.16 13.78
H DAL G 5 18.17 4.04 13.00
HA DAL G 5 19.44 5.86 11.58
HB1 DAL G 5 21.31 5.79 12.97
HB2 DAL G 5 20.37 5.20 14.32
HB3 DAL G 5 20.61 6.94 14.09
N ALA H 1 -19.46 -1.60 -2.81
CA ALA H 1 -20.27 -2.18 -1.71
C ALA H 1 -20.77 -1.08 -0.73
N DGL H 2 -20.48 -1.42 0.64
CA DGL H 2 -20.88 -0.29 1.59
C DGL H 2 -20.20 1.13 1.34
O DGL H 2 -19.78 1.40 0.21
CB DGL H 2 -22.29 0.08 1.49
CG DGL H 2 -22.64 1.39 0.61
CD DGL H 2 -23.37 2.48 1.47
OE1 DGL H 2 -24.56 2.33 1.76
H DGL H 2 -19.99 -2.16 0.85
HA DGL H 2 -20.55 -0.74 2.52
HB2 DGL H 2 -22.61 0.20 2.51
HB3 DGL H 2 -22.76 -0.75 1.05
HG2 DGL H 2 -23.28 1.10 -0.16
HG3 DGL H 2 -21.73 1.86 0.20
N LYS H 3 -22.65 3.51 1.86
CA LYS H 3 -23.20 4.60 2.64
C LYS H 3 -23.45 4.25 4.15
N DAL H 4 -22.53 3.26 4.55
CA DAL H 4 -22.27 2.64 5.97
CB DAL H 4 -23.49 1.60 6.64
C DAL H 4 -21.59 3.99 6.72
O DAL H 4 -22.21 4.78 7.39
H DAL H 4 -21.98 2.93 3.82
HA DAL H 4 -21.60 1.78 6.10
HB1 DAL H 4 -24.39 2.15 6.73
HB2 DAL H 4 -23.19 1.25 7.64
HB3 DAL H 4 -23.67 0.69 5.99
N DAL H 5 -20.22 4.09 6.51
CA DAL H 5 -19.23 5.13 7.10
CB DAL H 5 -19.43 4.71 8.59
C DAL H 5 -20.01 6.52 6.68
O DAL H 5 -20.37 6.71 5.39
OXT DAL H 5 -20.14 7.40 7.52
H DAL H 5 -19.84 3.43 5.88
HA DAL H 5 -18.17 5.22 6.85
HB1 DAL H 5 -19.26 3.75 8.72
HB2 DAL H 5 -20.47 4.99 8.85
HB3 DAL H 5 -18.80 5.34 9.31
C1 MUB I . 13.26 -4.53 1.70
C2 MUB I . 14.75 -4.77 1.67
C3 MUB I . 15.13 -6.02 2.48
C4 MUB I . 14.31 -6.17 3.78
C5 MUB I . 12.82 -6.15 3.46
C6 MUB I . 12.12 -5.13 4.35
C7 MUB I . 15.38 -6.11 -0.24
C8 MUB I . 15.93 -6.24 -1.62
C9 MUB I . 17.06 -4.91 3.38
C10 MUB I . 16.95 -4.76 4.91
C11 MUB I . 17.91 -3.90 2.54
O1 MUB I . 12.77 -4.12 0.51
O3 MUB I . 16.54 -6.10 2.76
O4 MUB I . 14.73 -7.40 4.42
O5 MUB I . 12.59 -5.79 2.10
O6 MUB I . 12.24 -5.49 5.72
O7 MUB I . 14.81 -7.07 0.27
O10 MUB I . 17.53 -3.84 5.47
N2 MUB I . 15.29 -4.89 0.30
H1 MUB I . 13.00 -3.75 2.45
H2 MUB I . 15.16 -3.78 2.00
HN2 MUB I . 15.74 -4.12 -0.12
H81 MUB I . 16.03 -7.29 -1.86
H82 MUB I . 16.88 -5.76 -1.68
H83 MUB I . 15.24 -5.76 -2.32
H3 MUB I . 14.99 -6.92 1.89
H9 MUB I . 16.07 -4.48 3.47
H111 MUB I . 18.79 -4.37 2.06
H112 MUB I . 18.24 -3.13 3.15
H113 MUB I . 17.26 -3.45 1.77
H4 MUB I . 14.72 -5.54 4.55
H5 MUB I . 12.34 -7.05 3.67
H61 MUB I . 11.04 -5.23 4.16
H62 MUB I . 12.42 -4.05 4.17
HO6 MUB I . 12.30 -6.45 5.87
C1 NAG I . 14.71 -8.57 3.58
C2 NAG I . 14.88 -9.81 4.43
C3 NAG I . 14.85 -11.07 3.57
C4 NAG I . 13.65 -11.04 2.63
C5 NAG I . 13.56 -9.71 1.87
C6 NAG I . 12.31 -9.62 0.99
C7 NAG I . 17.31 -9.58 4.58
C8 NAG I . 18.54 -9.47 5.44
N2 NAG I . 16.10 -9.72 5.16
O3 NAG I . 14.76 -12.19 4.43
O4 NAG I . 13.79 -12.09 1.66
O5 NAG I . 13.52 -8.63 2.82
O6 NAG I . 11.13 -9.51 1.77
O7 NAG I . 17.42 -9.68 3.35
H1 NAG I . 15.61 -8.41 2.93
H2 NAG I . 14.21 -9.91 5.23
H3 NAG I . 15.76 -11.17 2.96
H4 NAG I . 12.80 -11.39 3.25
H5 NAG I . 14.38 -9.54 1.18
H61 NAG I . 12.18 -10.49 0.36
H62 NAG I . 12.46 -8.76 0.32
H81 NAG I . 19.40 -9.34 4.80
H82 NAG I . 18.65 -10.37 6.03
H83 NAG I . 18.42 -8.62 6.12
HN2 NAG I . 16.05 -9.64 6.15
HO3 NAG I . 15.51 -12.16 5.02
HO4 NAG I . 13.98 -12.92 2.14
HO6 NAG I . 11.40 -9.08 2.59
C1 MUB J . -9.92 -7.58 -1.32
C2 MUB J . -9.00 -7.38 -0.13
C3 MUB J . -9.62 -8.00 1.14
C4 MUB J . -11.12 -8.25 0.92
C5 MUB J . -11.34 -9.24 -0.23
C6 MUB J . -12.77 -9.19 -0.74
C7 MUB J . -7.41 -9.20 0.10
C8 MUB J . -6.05 -9.78 -0.16
C9 MUB J . -9.77 -5.85 2.20
C10 MUB J . -11.03 -5.43 3.00
C11 MUB J . -8.83 -4.78 1.56
O1 MUB J . -9.25 -7.34 -2.49
O3 MUB J . -9.34 -7.22 2.31
O4 MUB J . -11.72 -8.72 2.15
O5 MUB J . -10.44 -8.95 -1.32
O6 MUB J . -13.42 -8.02 -0.26
O7 MUB J . -8.24 -9.85 0.71
O10 MUB J . -11.03 -4.37 3.60
N2 MUB J . -7.68 -7.98 -0.36
H1 MUB J . -10.79 -6.90 -1.25
H2 MUB J . -8.79 -6.29 -0.14
HN2 MUB J . -6.98 -7.47 -0.86
H81 MUB J . -5.86 -9.75 -1.23
H82 MUB J . -6.01 -10.78 0.19
H83 MUB J . -5.32 -9.18 0.38
H3 MUB J . -9.16 -8.93 1.41
H9 MUB J . -10.53 -6.10 1.47
H111 MUB J . -7.76 -5.03 1.66
H112 MUB J . -9.01 -3.86 2.00
H113 MUB J . -9.10 -4.69 0.48
H4 MUB J . -11.67 -7.31 0.94
H5 MUB J . -11.25 -10.21 0.06
H61 MUB J . -13.31 -10.01 -0.23
H62 MUB J . -12.91 -9.32 -1.85
HO6 MUB J . -14.05 -8.20 0.47
C1 NAG J . -11.14 -9.91 2.68
C2 NAG J . -11.81 -10.28 3.98
C3 NAG J . -11.19 -11.54 4.56
C4 NAG J . -11.13 -12.65 3.51
C5 NAG J . -10.51 -12.14 2.21
C6 NAG J . -10.52 -13.18 1.09
C7 NAG J . -10.59 -8.72 5.40
C8 NAG J . -10.62 -7.56 6.35
N2 NAG J . -11.74 -9.19 4.90
O3 NAG J . -12.00 -11.96 5.66
O4 NAG J . -10.31 -13.72 4.01
O5 NAG J . -11.23 -10.99 1.76
O6 NAG J . -10.13 -12.64 -0.16
O7 NAG J . -9.53 -9.32 5.20
H1 NAG J . -10.07 -9.62 2.85
H2 NAG J . -12.84 -10.38 3.97
H3 NAG J . -10.16 -11.36 4.92
H4 NAG J . -12.14 -13.12 3.52
H5 NAG J . -9.47 -11.88 2.30
H61 NAG J . -11.54 -13.58 0.94
H62 NAG J . -9.91 -14.03 1.42
H81 NAG J . -9.60 -7.27 6.59
H82 NAG J . -11.13 -7.84 7.27
H83 NAG J . -11.15 -6.74 5.89
HN2 NAG J . -12.57 -8.69 5.09
HO3 NAG J . -12.05 -11.24 6.27
HO4 NAG J . -10.57 -13.93 4.91
HO6 NAG J . -9.75 -11.78 0.06
C1 MUB K . 8.37 5.67 8.71
C2 MUB K . 7.20 5.12 9.47
C3 MUB K . 7.58 4.80 10.91
C4 MUB K . 8.94 4.08 11.05
C5 MUB K . 10.03 4.89 10.34
C6 MUB K . 10.75 4.03 9.33
C7 MUB K . 6.17 7.07 10.44
C8 MUB K . 5.11 8.11 10.52
C9 MUB K . 6.22 2.83 10.98
C10 MUB K . 6.82 1.54 11.57
C11 MUB K . 5.06 2.74 9.94
O1 MUB K . 8.01 6.78 8.03
O3 MUB K . 6.54 4.09 11.60
O4 MUB K . 9.23 3.87 12.45
O5 MUB K . 9.45 6.02 9.66
O6 MUB K . 10.97 2.75 9.89
O7 MUB K . 7.06 7.10 11.26
O10 MUB K . 6.16 0.52 11.59
N2 MUB K . 6.10 6.10 9.50
H1 MUB K . 8.82 4.92 8.03
H2 MUB K . 6.86 4.30 8.80
HN2 MUB K . 5.38 6.10 8.82
H81 MUB K . 5.09 8.67 9.58
H82 MUB K . 5.30 8.78 11.33
H83 MUB K . 4.15 7.60 10.68
H3 MUB K . 7.67 5.71 11.49
H9 MUB K . 7.14 2.83 10.42
H111 MUB K . 4.13 3.23 10.30
H112 MUB K . 4.86 1.75 9.73
H113 MUB K . 5.41 3.22 9.00
H4 MUB K . 8.87 3.02 10.87
H5 MUB K . 10.76 5.19 11.00
H61 MUB K . 11.78 4.44 9.24
H62 MUB K . 10.28 3.96 8.32
HO6 MUB K . 11.54 2.67 10.68
C1 NAG K . 9.22 5.05 13.25
C2 NAG K . 9.52 4.66 14.69
C3 NAG K . 9.48 5.89 15.58
C4 NAG K . 10.36 7.00 15.00
C5 NAG K . 10.03 7.26 13.52
C6 NAG K . 10.94 8.30 12.90
C7 NAG K . 7.29 3.86 15.28
C8 NAG K . 6.42 2.73 15.77
N2 NAG K . 8.60 3.64 15.16
O3 NAG K . 9.96 5.52 16.86
O4 NAG K . 10.14 8.21 15.74
O5 NAG K . 10.15 6.02 12.80
O6 NAG K . 10.43 8.79 11.67
O7 NAG K . 6.80 4.98 15.14
H1 NAG K . 8.17 5.43 13.14
H2 NAG K . 10.42 4.15 14.79
H3 NAG K . 8.46 6.30 15.68
H4 NAG K . 11.40 6.74 15.31
H5 NAG K . 9.04 7.67 13.37
H61 NAG K . 11.92 7.87 12.65
H62 NAG K . 11.16 9.09 13.63
H81 NAG K . 6.71 2.47 16.78
H82 NAG K . 6.53 1.87 15.13
H83 NAG K . 5.37 3.05 15.75
HN2 NAG K . 8.96 2.75 15.29
HO3 NAG K . 9.40 4.83 17.19
HO4 NAG K . 10.23 8.02 16.67
HO6 NAG K . 10.16 7.98 11.21
C1 MUB L . -14.87 0.98 -3.41
C2 MUB L . -15.78 0.14 -4.27
C3 MUB L . -17.25 0.57 -4.12
C4 MUB L . -17.69 0.51 -2.67
C5 MUB L . -16.66 1.26 -1.81
C6 MUB L . -15.94 0.26 -0.91
C7 MUB L . -15.96 1.13 -6.46
C8 MUB L . -15.63 1.15 -7.93
C9 MUB L . -17.98 -1.60 -4.82
C10 MUB L . -18.84 -2.35 -3.77
C11 MUB L . -17.14 -2.39 -5.87
O1 MUB L . -13.96 1.70 -4.14
O3 MUB L . -18.15 -0.17 -4.95
O4 MUB L . -19.03 1.05 -2.54
O5 MUB L . -15.70 1.92 -2.62
O6 MUB L . -16.74 -0.06 0.23
O7 MUB L . -16.50 2.10 -5.97
O10 MUB L . -19.00 -3.56 -3.87
N2 MUB L . -15.42 0.17 -5.71
H1 MUB L . -14.31 0.37 -2.69
H2 MUB L . -15.49 -0.90 -3.95
HN2 MUB L . -14.97 -0.61 -6.12
H81 MUB L . -16.04 2.06 -8.36
H82 MUB L . -16.04 0.30 -8.42
H83 MUB L . -14.54 1.14 -8.03
H3 MUB L . -17.40 1.59 -4.50
H9 MUB L . -17.36 -1.48 -3.94
H111 MUB L . -17.45 -2.18 -6.91
H112 MUB L . -17.25 -3.40 -5.70
H113 MUB L . -16.07 -2.13 -5.72
H4 MUB L . -18.00 -0.48 -2.40
H5 MUB L . -17.11 1.95 -1.16
H61 MUB L . -15.10 0.81 -0.45
H62 MUB L . -15.50 -0.64 -1.42
HO6 MUB L . -17.56 0.44 0.29
C1 NAG L . -19.22 2.36 -3.09
C2 NAG L . -20.62 2.84 -2.80
C3 NAG L . -20.81 4.20 -3.47
C4 NAG L . -19.69 5.16 -3.06
C5 NAG L . -18.30 4.54 -3.25
C6 NAG L . -17.19 5.42 -2.71
C7 NAG L . -21.65 1.49 -4.55
C8 NAG L . -22.69 0.48 -4.94
N2 NAG L . -21.58 1.89 -3.28
O3 NAG L . -22.07 4.72 -3.05
O4 NAG L . -19.78 6.35 -3.86
O5 NAG L . -18.26 3.27 -2.57
O6 NAG L . -15.93 4.78 -2.79
O7 NAG L . -20.97 2.04 -5.43
H1 NAG L . -19.06 2.19 -4.18
H2 NAG L . -20.90 2.89 -1.80
H3 NAG L . -20.80 4.13 -4.57
H4 NAG L . -20.00 5.54 -2.05
H5 NAG L . -18.04 4.40 -4.29
H61 NAG L . -17.35 5.66 -1.65
H62 NAG L . -17.22 6.37 -3.26
H81 NAG L . -22.58 0.24 -6.00
H82 NAG L . -23.68 0.87 -4.77
H83 NAG L . -22.55 -0.42 -4.35
HN2 NAG L . -22.14 1.44 -2.61
HO3 NAG L . -22.44 5.19 -3.78
HO4 NAG L . -20.64 6.76 -3.73
HO6 NAG L . -16.09 3.88 -2.47
P 2PO M . 11.23 -3.61 0.40
O1P 2PO M . 10.37 -4.81 0.32
O2P 2PO M . 10.96 -2.63 1.47
O3P 2PO M . 11.17 -2.84 -0.99
P 2PO N . 12.45 -2.16 -1.67
O1P 2PO N . 12.57 -0.83 -1.07
O2P 2PO N . 13.63 -3.09 -1.60
O3P 2PO N . 12.06 -2.01 -3.21
C1 P1W O . 11.28 -3.03 -3.85
C2 P1W O . 11.93 -4.39 -3.68
C3 P1W O . 11.54 -5.55 -4.27
C4 P1W O . 12.29 -6.83 -3.98
C5 P1W O . 10.36 -5.71 -5.27
H12 P1W O . 11.20 -2.79 -4.90
H11 P1W O . 10.31 -3.04 -3.40
H2 P1W O . 12.90 -4.36 -3.22
H41 P1W O . 12.26 -7.46 -4.85
H42 P1W O . 13.33 -6.58 -3.77
H51 P1W O . 10.01 -4.73 -5.58
H52 P1W O . 9.55 -6.23 -4.78
H53 P1W O . 10.68 -6.26 -6.14
C1 P1W P . 11.70 -7.56 -2.79
C2 P1W P . 10.34 -8.11 -3.15
C3 P1W P . 9.34 -8.23 -2.27
C4 P1W P . 7.98 -8.79 -2.62
C5 P1W P . 9.44 -7.73 -0.82
H12 P1W P . 12.37 -8.37 -2.53
H11 P1W P . 11.61 -6.88 -1.96
H2 P1W P . 10.32 -8.69 -4.06
H41 P1W P . 7.37 -8.83 -1.73
H42 P1W P . 7.51 -8.16 -3.35
H51 P1W P . 10.43 -7.94 -0.44
H52 P1W P . 8.70 -8.24 -0.22
H53 P1W P . 9.26 -6.67 -0.78
C1 P1W Q . 8.10 -10.21 -3.18
C2 P1W Q . 8.39 -11.20 -2.09
C3 P1W Q . 8.89 -12.43 -2.27
C4 P1W Q . 9.18 -13.39 -1.10
C5 P1W Q . 9.23 -13.00 -3.64
H12 P1W Q . 7.17 -10.48 -3.66
H11 P1W Q . 8.90 -10.24 -3.90
H2 P1W Q . 8.13 -10.85 -1.09
H43 P1W Q . 8.54 -13.15 -0.27
H41 P1W Q . 10.22 -13.29 -0.79
H42 P1W Q . 9.01 -14.40 -1.42
H51 P1W Q . 8.32 -13.15 -4.20
H52 P1W Q . 9.73 -13.94 -3.51
H53 P1W Q . 9.87 -12.32 -4.19
C1 P1W R . -4.68 -13.30 -5.71
C2 P1W R . -4.25 -14.26 -6.80
C3 P1W R . -3.34 -15.26 -6.60
C4 P1W R . -2.90 -16.20 -7.70
C5 P1W R . -2.69 -15.54 -5.24
H12 P1W R . -5.06 -12.41 -6.16
H11 P1W R . -3.83 -13.07 -5.08
H2 P1W R . -4.45 -13.92 -7.80
H41 P1W R . -3.41 -17.14 -7.60
H42 P1W R . -1.83 -16.37 -7.60
H51 P1W R . -1.62 -15.54 -5.36
H52 P1W R . -3.01 -16.51 -4.89
H53 P1W R . -2.98 -14.79 -4.52
C1 P1W S . -3.18 -15.62 -9.08
C2 P1W S . -2.10 -14.67 -9.50
C3 P1W S . -1.92 -14.20 -10.75
C4 P1W S . -0.81 -13.21 -11.11
C5 P1W S . -2.80 -14.59 -11.93
H12 P1W S . -3.24 -16.43 -9.80
H11 P1W S . -4.12 -15.10 -9.06
H2 P1W S . -1.50 -14.31 -8.70
H43 P1W S . -0.59 -12.57 -10.26
H41 P1W S . -1.11 -12.60 -11.96
H42 P1W S . 0.08 -13.75 -11.38
H51 P1W S . -3.32 -13.72 -12.30
H52 P1W S . -3.52 -15.33 -11.60
H53 P1W S . -2.19 -15.01 -12.72
P 2PO T . -9.79 -8.00 -3.87
O1P 2PO T . -11.15 -8.54 -3.66
O2P 2PO T . -9.60 -7.05 -4.99
O3P 2PO T . -8.79 -9.21 -4.11
P 2PO U . -7.25 -9.07 -3.73
O1P 2PO U . -6.45 -9.35 -4.99
O2P 2PO U . -7.06 -7.80 -3.03
O3P 2PO U . -7.09 -10.26 -2.67
C1 P1W V . -7.91 -11.41 -2.71
C2 P1W V . -7.46 -12.36 -3.79
C3 P1W V . -6.26 -12.96 -3.78
C4 P1W V . -5.80 -13.93 -4.85
C5 P1W V . -5.25 -12.69 -2.69
H12 P1W V . -8.93 -11.10 -2.90
H11 P1W V . -7.86 -11.90 -1.74
H2 P1W V . -8.26 -12.81 -4.35
H41 P1W V . -6.64 -14.19 -5.49
H42 P1W V . -5.42 -14.82 -4.38
H51 P1W V . -5.59 -13.16 -1.77
H52 P1W V . -5.16 -11.62 -2.54
H53 P1W V . -4.29 -13.10 -2.98
P 2PO W . 8.54 7.02 6.53
O1P 2PO W . 10.00 7.24 6.51
O2P 2PO W . 7.99 5.98 5.61
O3P 2PO W . 7.80 8.37 6.20
P 2PO X . 6.30 8.47 6.71
O1P 2PO X . 5.52 9.28 5.73
O2P 2PO X . 5.87 7.09 6.97
O3P 2PO X . 6.55 9.27 8.06
C1 P1W Y . 6.03 10.56 8.28
C2 P1W Y . 4.53 10.47 8.21
C3 P1W Y . 3.71 11.51 8.21
C4 P1W Y . 2.23 11.31 8.13
C5 P1W Y . 4.17 12.99 8.25
H12 P1W Y . 6.40 11.24 7.54
H11 P1W Y . 6.32 10.90 9.26
H2 P1W Y . 4.17 9.52 7.84
H41 P1W Y . 1.99 10.29 8.39
H42 P1W Y . 1.89 11.52 7.13
H51 P1W Y . 5.17 13.08 7.83
H52 P1W Y . 4.19 13.32 9.27
H53 P1W Y . 3.49 13.61 7.68
C1 P1W Z . 1.49 12.25 9.11
C2 P1W Z . 1.93 11.99 10.53
C3 P1W Z . 1.73 12.85 11.54
C4 P1W Z . 2.16 12.62 12.96
C5 P1W Z . 0.98 14.18 11.35
H12 P1W Z . 1.72 13.27 8.84
H11 P1W Z . 0.43 12.08 9.02
H2 P1W Z . 2.69 11.22 10.63
H41 P1W Z . 1.83 11.64 13.28
H42 P1W Z . 1.73 13.37 13.59
H51 P1W Z . 1.69 14.99 11.41
H52 P1W Z . 0.23 14.29 12.12
H53 P1W Z . 0.50 14.20 10.38
C1 P1W AA . 3.69 12.69 13.10
C2 P1W AA . 4.19 14.07 12.80
C3 P1W AA . 5.31 14.36 12.10
C4 P1W AA . 5.76 15.80 11.82
C5 P1W AA . 6.24 13.30 11.53
H12 P1W AA . 3.96 12.42 14.09
H11 P1W AA . 4.14 12.00 12.39
H2 P1W AA . 3.66 14.86 13.32
H43 P1W AA . 5.54 16.43 12.68
H41 P1W AA . 5.26 16.19 10.95
H42 P1W AA . 6.83 15.82 11.66
H51 P1W AA . 7.01 13.78 10.95
H52 P1W AA . 5.67 12.65 10.89
H53 P1W AA . 6.69 12.72 12.33
P 2PO BA . -12.60 2.23 -3.45
O1P 2PO BA . -12.92 3.39 -2.60
O2P 2PO BA . -11.86 1.09 -2.83
O3P 2PO BA . -11.70 2.73 -4.69
P 2PO CA . -10.11 2.61 -4.71
O1P 2PO CA . -9.77 1.26 -4.17
O2P 2PO CA . -9.60 2.96 -6.07
O3P 2PO CA . -9.63 3.72 -3.67
C1 P1W DA . -9.41 3.37 -2.32
C2 P1W DA . -9.85 4.52 -1.43
C3 P1W DA . -10.29 4.44 -0.19
C4 P1W DA . -10.69 5.73 0.50
C5 P1W DA . -10.39 3.13 0.62
H12 P1W DA . -8.36 3.16 -2.16
H11 P1W DA . -9.98 2.48 -2.08
H2 P1W DA . -9.45 5.46 -1.74
H41 P1W DA . -11.13 6.41 -0.22
H42 P1W DA . -9.82 6.20 0.93
H51 P1W DA . -9.79 2.36 0.13
H52 P1W DA . -11.42 2.81 0.66
H53 P1W DA . -10.02 3.30 1.62
C1 P1W EA . -11.69 5.51 1.62
C2 P1W EA . -13.08 5.57 1.07
C3 P1W EA . -13.85 6.66 1.12
C4 P1W EA . -15.25 6.68 0.58
C5 P1W EA . -13.38 7.98 1.71
H12 P1W EA . -11.51 4.55 2.06
H11 P1W EA . -11.58 6.29 2.38
H2 P1W EA . -13.52 4.61 0.89
H41 P1W EA . -15.44 5.79 0.00
H42 P1W EA . -15.37 7.55 -0.07
H51 P1W EA . -14.03 8.77 1.37
H52 P1W EA . -12.36 8.18 1.39
H53 P1W EA . -13.40 7.94 2.79
C1 P1W FA . -16.25 6.76 1.72
C2 P1W FA . -17.64 6.44 1.24
C3 P1W FA . -18.25 5.24 1.37
C4 P1W FA . -19.67 4.96 0.87
C5 P1W FA . -17.57 4.04 2.03
H12 P1W FA . -15.97 6.06 2.49
H11 P1W FA . -16.26 7.76 2.13
H2 P1W FA . -18.16 7.26 0.77
H43 P1W FA . -19.83 3.90 0.75
H41 P1W FA . -19.82 5.45 -0.10
H42 P1W FA . -20.38 5.35 1.58
H51 P1W FA . -16.69 3.78 1.47
H52 P1W FA . -18.26 3.20 2.02
H53 P1W FA . -17.30 4.28 3.05
N ZAE A 1 -4.96 -15.30 -6.76
CA ZAE A 1 -5.98 -14.61 -5.88
C ZAE A 1 -5.35 -13.44 -5.13
O ZAE A 1 -5.53 -12.29 -5.48
CB ZAE A 1 -7.17 -14.11 -6.69
CG ZAE A 1 -8.48 -14.13 -5.91
CD1 ZAE A 1 -9.03 -15.33 -5.52
CD2 ZAE A 1 -9.12 -12.95 -5.58
CE1 ZAE A 1 -10.24 -15.36 -4.82
CE2 ZAE A 1 -10.32 -12.97 -4.87
CZ ZAE A 1 -10.87 -14.18 -4.49
C10 ZAE A 1 -4.44 -14.39 -7.79
H1 ZAE A 1 -5.41 -16.11 -7.24
HA ZAE A 1 -6.32 -15.34 -5.15
HB2 ZAE A 1 -6.99 -13.08 -6.98
HB3 ZAE A 1 -7.29 -14.72 -7.57
HD1 ZAE A 1 -8.54 -16.26 -5.76
HD2 ZAE A 1 -8.69 -12.00 -5.87
HE1 ZAE A 1 -10.67 -16.31 -4.52
HE2 ZAE A 1 -10.82 -12.05 -4.61
HZ ZAE A 1 -11.80 -14.20 -3.95
H11 ZAE A 1 -5.27 -13.97 -8.36
H12 ZAE A 1 -3.80 -14.94 -8.46
H13 ZAE A 1 -3.89 -13.59 -7.34
N ILE A 2 -4.60 -13.76 -4.08
CA ILE A 2 -3.97 -12.73 -3.27
C ILE A 2 -2.65 -12.34 -3.93
N SER A 3 -2.47 -11.03 -4.15
CA SER A 3 -1.23 -10.51 -4.71
C SER A 3 -0.96 -9.10 -4.21
N DAR A 4 0.31 -8.82 -4.03
CA DAR A 4 0.76 -7.53 -3.55
CB DAR A 4 1.31 -6.71 -4.71
CG DAR A 4 0.29 -6.50 -5.81
CD DAR A 4 0.33 -5.05 -6.24
NE DAR A 4 1.09 -4.82 -7.44
CZ DAR A 4 0.73 -3.92 -8.35
NH1 DAR A 4 1.44 -3.74 -9.44
NH2 DAR A 4 -0.38 -3.21 -8.15
C DAR A 4 1.83 -7.69 -2.51
O DAR A 4 2.91 -8.24 -2.81
H DAR A 4 0.99 -9.51 -4.23
HA DAR A 4 -0.08 -7.01 -3.11
HB2 DAR A 4 2.16 -7.23 -5.13
HB3 DAR A 4 1.62 -5.74 -4.34
HG2 DAR A 4 -0.70 -6.73 -5.43
HG3 DAR A 4 0.52 -7.13 -6.65
HD2 DAR A 4 0.75 -4.47 -5.43
HD3 DAR A 4 -0.69 -4.72 -6.41
HE DAR A 4 1.90 -5.35 -7.59
HH11 DAR A 4 1.15 -3.03 -10.15
HH12 DAR A 4 2.30 -4.29 -9.61
HH21 DAR A 4 -0.66 -2.47 -8.82
HH22 DAR A 4 -0.97 -3.39 -7.32
N 28J A 5 1.57 -7.23 -1.30
CA 28J A 5 2.56 -7.30 -0.25
CB 28J A 5 2.19 -8.34 0.85
CG2 28J A 5 3.44 -8.82 1.55
CG1 28J A 5 1.24 -7.74 1.89
CD1 28J A 5 -0.15 -8.37 1.89
C 28J A 5 2.79 -5.92 0.33
O 28J A 5 1.90 -5.06 0.33
HA 28J A 5 3.49 -7.63 -0.72
H22 28J A 5 1.72 -9.19 0.38
H23 28J A 5 3.94 -9.55 0.93
H24 28J A 5 3.18 -9.27 2.50
H25 28J A 5 4.11 -7.98 1.72
H26 28J A 5 1.11 -6.67 1.70
H27 28J A 5 1.65 -7.87 2.87
H28 28J A 5 -0.62 -8.20 0.93
H29 28J A 5 -0.75 -7.93 2.67
H30 28J A 5 -0.06 -9.43 2.07
N ILE A 6 4.01 -5.71 0.75
CA ILE A 6 4.42 -4.46 1.39
C ILE A 6 5.91 -4.13 1.09
N SER A 7 6.18 -3.01 0.36
CA SER A 7 7.57 -2.59 0.03
C SER A 7 7.68 -1.05 -0.15
N DTH A 8 8.91 -0.58 -0.40
CA DTH A 8 9.18 0.87 -0.57
CB DTH A 8 9.33 1.31 -2.04
CG2 DTH A 8 8.09 0.89 -2.79
OG1 DTH A 8 10.49 0.71 -2.61
C DTH A 8 10.52 1.28 0.08
O DTH A 8 10.93 2.42 -0.13
H DTH A 8 9.65 -1.22 -0.47
HA DTH A 8 8.36 1.41 -0.14
HB DTH A 8 9.46 2.39 -2.09
HG21 DTH A 8 7.22 1.39 -2.38
HG22 DTH A 8 7.96 -0.18 -2.72
HG23 DTH A 8 8.20 1.17 -3.83
N ALA A 9 11.22 0.35 0.70
CA ALA A 9 12.54 0.57 1.24
C ALA A 9 13.54 0.56 0.14
N LEU A 10 13.55 -0.58 -0.48
CA LEU A 10 14.47 -0.82 -1.59
C LEU A 10 14.01 -0.05 -2.81
N ILE A 11 12.73 -0.18 -3.11
CA ILE A 11 12.18 0.50 -4.28
C ILE A 11 10.92 1.22 -3.86
N ZAE B 1 7.91 4.81 1.43
CA ZAE B 1 8.04 3.92 2.61
C ZAE B 1 7.10 2.72 2.49
O ZAE B 1 7.32 1.84 1.67
CB ZAE B 1 9.47 3.39 2.76
CG ZAE B 1 9.62 2.44 3.91
CD1 ZAE B 1 9.02 2.72 5.11
CD2 ZAE B 1 10.28 1.23 3.76
CE1 ZAE B 1 9.14 1.85 6.17
CE2 ZAE B 1 10.40 0.35 4.82
CZ ZAE B 1 9.79 0.65 6.02
C10 ZAE B 1 8.24 4.06 0.19
H1 ZAE B 1 8.56 5.61 1.51
HA ZAE B 1 7.77 4.49 3.50
HB2 ZAE B 1 9.75 2.86 1.86
HB3 ZAE B 1 10.15 4.21 2.90
HD1 ZAE B 1 8.50 3.67 5.25
HD2 ZAE B 1 10.75 0.99 2.80
HE1 ZAE B 1 8.66 2.09 7.09
HE2 ZAE B 1 10.92 -0.58 4.69
HZ ZAE B 1 9.87 -0.04 6.85
H11 ZAE B 1 8.09 4.66 -0.67
H12 ZAE B 1 7.60 3.18 0.14
H13 ZAE B 1 9.27 3.74 0.24
N ILE B 2 6.03 2.68 3.29
CA ILE B 2 5.15 1.54 3.20
C ILE B 2 4.20 1.71 2.04
N SER B 3 4.28 0.74 1.12
CA SER B 3 3.43 0.70 -0.03
C SER B 3 3.22 -0.72 -0.50
N DAR B 4 2.00 -0.96 -0.88
CA DAR B 4 1.60 -2.25 -1.38
CB DAR B 4 1.67 -2.29 -2.90
CG DAR B 4 3.07 -2.19 -3.50
CD DAR B 4 3.35 -3.29 -4.51
NE DAR B 4 3.33 -2.79 -5.90
CZ DAR B 4 4.32 -3.01 -6.78
NH1 DAR B 4 5.39 -3.69 -6.40
NH2 DAR B 4 4.24 -2.55 -8.02
C DAR B 4 0.19 -2.46 -0.94
O DAR B 4 -0.57 -1.49 -0.89
H DAR B 4 1.33 -0.25 -0.76
HA DAR B 4 2.25 -2.99 -0.95
HB2 DAR B 4 1.08 -1.48 -3.28
HB3 DAR B 4 1.23 -3.23 -3.23
HG2 DAR B 4 3.80 -2.24 -2.70
HG3 DAR B 4 3.15 -1.23 -3.99
HD2 DAR B 4 2.61 -4.05 -4.41
HD3 DAR B 4 4.33 -3.70 -4.31
HE DAR B 4 2.54 -2.28 -6.18
HH11 DAR B 4 6.16 -3.88 -7.09
HH12 DAR B 4 5.48 -4.05 -5.43
HH21 DAR B 4 5.01 -2.72 -8.69
HH22 DAR B 4 3.40 -2.01 -8.32
N 28J B 5 -0.18 -3.71 -0.63
CA 28J B 5 -1.52 -3.99 -0.19
CB 28J B 5 -1.68 -3.85 1.34
CG2 28J B 5 -3.15 -3.66 1.73
CG1 28J B 5 -1.12 -5.08 2.06
CD1 28J B 5 -0.50 -4.80 3.40
C 28J B 5 -1.98 -5.38 -0.62
O 28J B 5 -1.19 -6.35 -0.70
HA 28J B 5 -2.16 -3.27 -0.66
H22 28J B 5 -1.14 -2.97 1.66
H23 28J B 5 -3.76 -4.24 1.05
H24 28J B 5 -3.41 -2.62 1.66
H25 28J B 5 -3.30 -4.02 2.74
H26 28J B 5 -0.37 -5.54 1.43
H27 28J B 5 -1.92 -5.79 2.21
H28 28J B 5 -1.23 -4.37 4.06
H29 28J B 5 0.33 -4.11 3.29
H30 28J B 5 -0.13 -5.72 3.83
N ILE B 6 -3.25 -5.45 -0.99
CA ILE B 6 -3.86 -6.74 -1.32
C ILE B 6 -4.87 -6.60 -2.47
N SER B 7 -4.62 -7.38 -3.53
CA SER B 7 -5.48 -7.33 -4.69
C SER B 7 -5.26 -8.56 -5.57
N DTH B 8 -6.21 -8.79 -6.46
CA DTH B 8 -6.13 -9.90 -7.39
CB DTH B 8 -5.74 -9.47 -8.83
CG2 DTH B 8 -4.42 -8.75 -8.77
OG1 DTH B 8 -6.75 -8.62 -9.41
C DTH B 8 -7.58 -10.48 -7.59
O DTH B 8 -7.68 -11.63 -8.04
H DTH B 8 -7.02 -8.22 -6.47
HA DTH B 8 -5.42 -10.62 -7.02
HB DTH B 8 -5.66 -10.35 -9.47
HG21 DTH B 8 -3.66 -9.43 -8.41
HG22 DTH B 8 -4.49 -7.90 -8.11
HG23 DTH B 8 -4.15 -8.43 -9.77
N ALA B 9 -8.58 -9.70 -7.26
CA ALA B 9 -9.93 -9.97 -7.46
C ALA B 9 -10.29 -9.26 -8.76
N LEU B 10 -10.64 -7.99 -8.64
CA LEU B 10 -11.00 -7.12 -9.75
C LEU B 10 -9.97 -7.19 -10.87
N ILE B 11 -8.76 -7.30 -10.45
CA ILE B 11 -7.61 -7.32 -11.35
C ILE B 11 -6.52 -8.21 -10.76
N ZAE C 1 -6.64 -3.68 -5.11
CA ZAE C 1 -7.74 -2.94 -4.41
C ZAE C 1 -7.15 -1.96 -3.38
O ZAE C 1 -7.41 -0.76 -3.44
CB ZAE C 1 -8.59 -2.16 -5.43
CG ZAE C 1 -9.98 -1.90 -4.95
CD1 ZAE C 1 -10.94 -2.90 -5.00
CD2 ZAE C 1 -10.32 -0.68 -4.39
CE1 ZAE C 1 -12.24 -2.67 -4.57
CE2 ZAE C 1 -11.62 -0.43 -3.95
CZ ZAE C 1 -12.56 -1.44 -4.00
C10 ZAE C 1 -5.81 -2.74 -5.91
H1 ZAE C 1 -7.05 -4.37 -5.77
HA ZAE C 1 -8.36 -3.66 -3.90
HB2 ZAE C 1 -8.12 -1.21 -5.63
HB3 ZAE C 1 -8.66 -2.73 -6.35
HD1 ZAE C 1 -10.69 -3.86 -5.43
HD2 ZAE C 1 -9.58 0.10 -4.33
HE1 ZAE C 1 -12.98 -3.45 -4.62
HE2 ZAE C 1 -11.86 0.52 -3.52
HZ ZAE C 1 -13.57 -1.26 -3.66
H11 ZAE C 1 -6.41 -2.18 -6.61
H12 ZAE C 1 -5.06 -3.30 -6.46
H13 ZAE C 1 -5.31 -2.05 -5.25
N ILE C 2 -6.36 -2.46 -2.46
CA ILE C 2 -5.77 -1.59 -1.48
C ILE C 2 -4.29 -1.46 -1.73
N SER C 3 -3.88 -0.22 -1.96
CA SER C 3 -2.50 0.09 -2.22
C SER C 3 -2.17 1.51 -1.83
N DAR C 4 -1.00 1.63 -1.27
CA DAR C 4 -0.51 2.89 -0.83
CB DAR C 4 0.38 3.55 -1.88
CG DAR C 4 -0.33 3.95 -3.15
CD DAR C 4 -0.07 5.41 -3.48
NE DAR C 4 0.88 5.59 -4.58
CZ DAR C 4 0.87 6.65 -5.37
NH1 DAR C 4 -0.06 7.58 -5.19
NH2 DAR C 4 1.78 6.77 -6.32
C DAR C 4 0.31 2.68 0.41
O DAR C 4 0.96 1.64 0.54
H DAR C 4 -0.46 0.82 -1.14
HA DAR C 4 -1.34 3.54 -0.61
HB2 DAR C 4 1.19 2.88 -2.11
HB3 DAR C 4 0.80 4.45 -1.43
HG2 DAR C 4 -1.39 3.79 -3.04
HG3 DAR C 4 0.05 3.34 -3.96
HD2 DAR C 4 0.32 5.90 -2.60
HD3 DAR C 4 -1.01 5.87 -3.76
HE DAR C 4 1.56 4.91 -4.71
HH11 DAR C 4 -0.09 8.42 -5.81
HH12 DAR C 4 -0.77 7.48 -4.44
HH21 DAR C 4 1.76 7.59 -6.96
HH22 DAR C 4 2.51 6.05 -6.43
N 28J C 5 0.24 3.66 1.32
CA 28J C 5 0.97 3.60 2.56
CB 28J C 5 0.22 2.86 3.67
CG2 28J C 5 1.13 2.55 4.85
CG1 28J C 5 -1.00 3.67 4.14
CD1 28J C 5 -2.10 2.83 4.76
C 28J C 5 1.27 4.99 3.05
O 28J C 5 0.53 5.95 2.80
HA 28J C 5 1.91 3.09 2.37
H22 28J C 5 -0.13 1.91 3.27
H23 28J C 5 1.79 3.38 5.02
H24 28J C 5 1.70 1.66 4.64
H25 28J C 5 0.52 2.38 5.73
H26 28J C 5 -1.42 4.18 3.29
H27 28J C 5 -0.68 4.40 4.86
H28 28J C 5 -1.73 2.35 5.66
H29 28J C 5 -2.42 2.07 4.06
H30 28J C 5 -2.93 3.47 5.02
N ILE C 6 2.43 5.12 3.65
CA ILE C 6 2.80 6.38 4.29
C ILE C 6 4.32 6.52 4.28
N SER C 7 4.78 7.70 3.87
CA SER C 7 6.20 7.97 3.79
C SER C 7 6.42 9.46 3.70
N DTH C 8 7.63 9.85 3.32
CA DTH C 8 7.93 11.26 3.17
CB DTH C 8 8.32 11.64 1.72
CG2 DTH C 8 7.20 11.29 0.78
OG1 DTH C 8 9.54 10.98 1.35
C DTH C 8 9.16 11.71 3.99
O DTH C 8 9.60 12.84 3.78
H DTH C 8 8.34 9.17 3.18
HA DTH C 8 7.06 11.82 3.45
HB DTH C 8 8.53 12.72 1.66
HG21 DTH C 8 6.71 10.39 1.12
HG22 DTH C 8 7.58 11.14 -0.22
HG23 DTH C 8 6.48 12.10 0.76
N ALA C 9 9.75 10.83 4.78
CA ALA C 9 10.96 11.17 5.48
C ALA C 9 12.10 11.11 4.46
N LEU C 10 12.35 9.93 3.86
CA LEU C 10 13.43 9.78 2.85
C LEU C 10 13.04 10.53 1.58
N ILE C 11 11.94 10.11 1.00
CA ILE C 11 11.43 10.77 -0.20
C ILE C 11 10.12 11.44 0.13
N ZAE D 1 6.72 15.68 4.27
CA ZAE D 1 6.57 14.90 5.54
C ZAE D 1 5.64 13.69 5.35
O ZAE D 1 6.11 12.56 5.20
CB ZAE D 1 7.92 14.41 6.06
CG ZAE D 1 7.87 13.85 7.47
CD1 ZAE D 1 7.64 14.69 8.55
CD2 ZAE D 1 8.06 12.49 7.71
CE1 ZAE D 1 7.59 14.19 9.84
CE2 ZAE D 1 8.01 11.99 9.00
CZ ZAE D 1 7.79 12.84 10.07
C10 ZAE D 1 7.19 14.85 3.15
H1 ZAE D 1 7.40 16.44 4.41
HA ZAE D 1 6.13 15.55 6.28
HB2 ZAE D 1 8.30 13.63 5.42
HB3 ZAE D 1 8.63 15.23 6.06
HD1 ZAE D 1 7.49 15.75 8.39
HD2 ZAE D 1 8.24 11.82 6.88
HE1 ZAE D 1 7.42 14.86 10.67
HE2 ZAE D 1 8.17 10.94 9.17
HZ ZAE D 1 7.75 12.45 11.08
H11 ZAE D 1 7.32 15.45 2.26
H12 ZAE D 1 6.45 14.08 2.95
H13 ZAE D 1 8.13 14.38 3.41
N ILE D 2 4.34 13.94 5.33
CA ILE D 2 3.38 12.87 5.18
C ILE D 2 2.96 12.79 3.71
N SER D 3 3.16 11.62 3.12
CA SER D 3 2.77 11.37 1.75
C SER D 3 2.38 9.91 1.56
N DAR D 4 1.47 9.70 0.62
CA DAR D 4 0.98 8.38 0.32
CB DAR D 4 1.66 7.84 -0.91
CG DAR D 4 3.09 7.44 -0.66
CD DAR D 4 3.46 6.22 -1.48
NE DAR D 4 4.17 6.59 -2.69
CZ DAR D 4 4.91 5.74 -3.38
NH1 DAR D 4 5.55 6.13 -4.47
NH2 DAR D 4 5.04 4.48 -2.95
C DAR D 4 -0.51 8.42 0.10
O DAR D 4 -0.99 9.15 -0.76
H DAR D 4 1.15 10.47 0.10
HA DAR D 4 1.19 7.75 1.17
HB2 DAR D 4 1.64 8.58 -1.68
HB3 DAR D 4 1.11 6.96 -1.24
HG2 DAR D 4 3.22 7.20 0.38
HG3 DAR D 4 3.74 8.26 -0.93
HD2 DAR D 4 2.56 5.69 -1.74
HD3 DAR D 4 4.09 5.58 -0.88
HE DAR D 4 4.07 7.51 -3.01
HH11 DAR D 4 6.12 5.47 -5.02
HH12 DAR D 4 5.45 7.12 -4.80
HH21 DAR D 4 5.60 3.79 -3.50
HH22 DAR D 4 4.58 4.19 -2.07
N 28J D 5 -1.24 7.64 0.88
CA 28J D 5 -2.67 7.56 0.73
CB 28J D 5 -3.41 8.09 1.99
CG2 28J D 5 -4.76 8.66 1.59
CG1 28J D 5 -3.61 6.96 3.02
CD1 28J D 5 -2.58 6.97 4.12
C 28J D 5 -3.09 6.13 0.41
O 28J D 5 -2.34 5.17 0.64
HA 28J D 5 -2.94 8.19 -0.10
H22 28J D 5 -2.81 8.87 2.43
H23 28J D 5 -5.35 7.90 1.10
H24 28J D 5 -4.61 9.50 0.92
H25 28J D 5 -5.28 9.01 2.47
H26 28J D 5 -3.57 6.00 2.51
H27 28J D 5 -4.59 7.08 3.48
H28 28J D 5 -2.61 7.90 4.64
H29 28J D 5 -1.59 6.83 3.69
H30 28J D 5 -2.78 6.16 4.81
N ILE D 6 -4.26 6.01 -0.18
CA ILE D 6 -4.83 4.71 -0.54
C ILE D 6 -5.38 4.71 -1.97
N SER D 7 -5.00 3.71 -2.79
CA SER D 7 -5.50 3.61 -4.16
C SER D 7 -5.51 2.18 -4.65
N DTH D 8 -5.76 2.00 -5.94
CA DTH D 8 -5.82 0.64 -6.49
CB DTH D 8 -4.65 0.32 -7.46
CG2 DTH D 8 -3.35 0.56 -6.73
OG1 DTH D 8 -4.75 1.10 -8.65
C DTH D 8 -7.11 0.50 -7.26
O DTH D 8 -7.48 -0.58 -7.71
H DTH D 8 -5.89 2.78 -6.52
HA DTH D 8 -5.76 -0.05 -5.66
HB DTH D 8 -4.72 -0.74 -7.77
HG21 DTH D 8 -3.17 -0.27 -6.06
HG22 DTH D 8 -3.41 1.48 -6.17
HG23 DTH D 8 -2.54 0.62 -7.45
N ALA D 9 -7.80 1.62 -7.41
CA ALA D 9 -9.04 1.67 -8.15
C ALA D 9 -8.75 1.80 -9.63
N LEU D 10 -8.17 2.92 -10.01
CA LEU D 10 -7.82 3.19 -11.40
C LEU D 10 -6.62 2.33 -11.80
N ILE D 11 -5.69 2.18 -10.86
CA ILE D 11 -4.50 1.37 -11.07
C ILE D 11 -4.31 0.48 -9.85
N ALA E 1 14.43 -6.22 9.01
CA ALA E 1 13.50 -6.56 10.13
C ALA E 1 12.92 -7.96 9.92
N DGL E 2 11.55 -8.07 10.11
CA DGL E 2 10.98 -9.39 9.77
C DGL E 2 11.28 -10.00 8.33
O DGL E 2 10.38 -9.83 7.45
CB DGL E 2 11.61 -10.46 10.55
CG DGL E 2 10.88 -11.89 10.51
CD DGL E 2 11.84 -13.02 10.12
OE1 DGL E 2 11.87 -14.07 10.76
H DGL E 2 11.01 -7.24 10.20
HA DGL E 2 9.93 -9.16 9.91
HB2 DGL E 2 11.65 -10.10 11.56
HB3 DGL E 2 12.61 -10.51 10.16
HG2 DGL E 2 10.09 -11.86 9.77
HG3 DGL E 2 10.41 -12.14 11.48
N LYS E 3 12.61 -12.82 9.05
CA LYS E 3 13.58 -13.78 8.56
C LYS E 3 12.97 -14.96 7.76
N DAL E 4 12.03 -15.63 8.55
CA DAL E 4 11.03 -16.79 8.21
CB DAL E 4 9.41 -16.39 7.91
C DAL E 4 11.61 -17.95 9.28
O DAL E 4 12.16 -17.66 10.32
H DAL E 4 12.00 -15.30 9.48
HA DAL E 4 11.00 -17.22 7.20
HB1 DAL E 4 8.99 -15.96 8.80
HB2 DAL E 4 8.82 -17.28 7.64
HB3 DAL E 4 9.28 -15.62 7.07
N DAL E 5 11.38 -19.26 8.88
CA DAL E 5 11.78 -20.53 9.70
CB DAL E 5 10.80 -20.43 10.90
C DAL E 5 13.35 -20.36 10.05
O DAL E 5 13.77 -20.08 11.25
OXT DAL E 5 14.08 -20.50 9.09
H DAL E 5 11.00 -19.39 7.97
HA DAL E 5 11.70 -21.50 9.24
HB1 DAL E 5 10.77 -19.40 11.10
HB2 DAL E 5 11.23 -20.97 11.73
HB3 DAL E 5 9.81 -20.78 10.68
N ALA F 1 -17.23 -5.59 -0.58
CA ALA F 1 -18.40 -6.46 -0.26
C ALA F 1 -19.47 -5.66 0.47
N DGL F 2 -19.00 -4.58 1.22
CA DGL F 2 -20.05 -3.73 1.80
C DGL F 2 -21.32 -3.36 0.91
O DGL F 2 -22.47 -3.46 1.39
CB DGL F 2 -20.77 -4.41 2.87
CG DGL F 2 -20.12 -4.33 4.33
CD DGL F 2 -20.22 -5.67 5.09
OE1 DGL F 2 -20.40 -5.70 6.30
H DGL F 2 -18.06 -4.31 1.12
HA DGL F 2 -19.44 -2.85 2.02
HB2 DGL F 2 -20.86 -5.43 2.56
HB3 DGL F 2 -21.75 -3.96 2.87
HG2 DGL F 2 -20.64 -3.59 4.92
HG3 DGL F 2 -19.05 -4.04 4.30
N LYS F 3 -20.14 -6.78 4.37
CA LYS F 3 -20.21 -8.13 4.93
C LYS F 3 -21.65 -8.61 5.26
N DAL F 4 -22.38 -8.74 4.08
CA DAL F 4 -23.83 -9.30 3.82
CB DAL F 4 -25.15 -8.23 3.97
C DAL F 4 -23.64 -10.80 4.58
O DAL F 4 -24.04 -11.01 5.70
H DAL F 4 -21.91 -8.40 3.29
HA DAL F 4 -24.20 -9.46 2.82
HB1 DAL F 4 -25.20 -7.89 4.99
HB2 DAL F 4 -26.09 -8.73 3.72
HB3 DAL F 4 -25.04 -7.30 3.30
N DAL F 5 -23.01 -11.75 3.78
CA DAL F 5 -22.74 -13.22 4.23
CB DAL F 5 -24.19 -13.82 4.16
C DAL F 5 -22.08 -13.15 5.70
O DAL F 5 -21.06 -12.48 5.73
OXT DAL F 5 -22.59 -13.75 6.73
H DAL F 5 -22.66 -11.45 2.92
HA DAL F 5 -22.07 -13.84 3.64
HB1 DAL F 5 -24.78 -13.05 4.55
HB2 DAL F 5 -24.22 -14.69 4.81
HB3 DAL F 5 -24.50 -14.08 3.18
N ALA G 1 15.31 7.01 11.56
CA ALA G 1 15.96 8.13 12.30
C ALA G 1 14.90 9.12 12.76
N DGL G 2 15.25 9.97 13.80
CA DGL G 2 14.27 11.02 14.09
C DGL G 2 13.21 11.45 13.02
O DGL G 2 11.99 11.18 13.16
CB DGL G 2 13.27 10.54 15.10
CG DGL G 2 12.96 8.96 15.15
CD DGL G 2 11.44 8.67 15.14
OE1 DGL G 2 10.94 7.95 15.99
H DGL G 2 16.19 9.97 14.13
HA DGL G 2 14.97 11.82 14.33
HB2 DGL G 2 12.37 11.08 14.88
HB3 DGL G 2 13.67 10.88 16.02
HG2 DGL G 2 13.36 8.56 16.08
HG3 DGL G 2 13.43 8.41 14.31
N LYS G 3 10.73 9.26 14.20
CA LYS G 3 9.29 9.09 14.04
C LYS G 3 8.44 9.75 15.15
N DAL G 4 8.57 11.14 15.08
CA DAL G 4 7.83 12.28 15.87
CB DAL G 4 8.32 12.57 17.49
C DAL G 4 6.28 11.99 15.33
O DAL G 4 5.34 11.84 16.09
H DAL G 4 9.24 11.44 14.43
HA DAL G 4 8.08 13.32 15.71
HB1 DAL G 4 8.15 11.68 18.06
HB2 DAL G 4 7.75 13.39 17.93
HB3 DAL G 4 9.44 12.83 17.58
N DAL G 5 6.15 11.97 13.94
CA DAL G 5 4.80 11.75 13.18
CB DAL G 5 4.06 13.10 13.43
C DAL G 5 4.06 10.47 13.82
O DAL G 5 4.67 9.43 13.60
OXT DAL G 5 2.91 10.52 14.39
H DAL G 5 6.99 12.04 13.41
HA DAL G 5 4.87 11.52 12.12
HB1 DAL G 5 3.12 12.91 12.96
HB2 DAL G 5 4.59 13.87 12.92
HB3 DAL G 5 3.91 13.32 14.46
N ALA H 1 -5.88 11.25 -11.60
CA ALA H 1 -6.94 12.16 -12.11
C ALA H 1 -7.41 13.09 -10.99
N DGL H 2 -8.70 13.60 -11.16
CA DGL H 2 -9.19 14.38 -10.00
C DGL H 2 -8.55 14.11 -8.57
O DGL H 2 -8.43 12.88 -8.22
CB DGL H 2 -8.81 15.79 -10.11
CG DGL H 2 -7.30 16.08 -10.59
CD DGL H 2 -6.60 17.14 -9.72
OE1 DGL H 2 -5.96 18.05 -10.23
H DGL H 2 -9.28 13.22 -11.86
HA DGL H 2 -10.24 14.10 -10.05
HB2 DGL H 2 -8.96 16.22 -9.14
HB3 DGL H 2 -9.51 16.20 -10.79
HG2 DGL H 2 -7.32 16.46 -11.61
HG3 DGL H 2 -6.68 15.17 -10.60
N LYS H 3 -6.75 17.04 -8.41
CA LYS H 3 -6.14 17.95 -7.45
C LYS H 3 -6.57 19.42 -7.60
N DAL H 4 -7.97 19.49 -7.72
CA DAL H 4 -8.93 20.74 -7.77
CB DAL H 4 -8.65 21.92 -8.98
C DAL H 4 -9.11 20.98 -6.12
O DAL H 4 -8.57 21.89 -5.53
H DAL H 4 -8.40 18.61 -7.79
HA DAL H 4 -9.92 20.66 -8.23
HB1 DAL H 4 -7.70 22.39 -8.77
HB2 DAL H 4 -9.43 22.69 -8.96
HB3 DAL H 4 -8.59 21.48 -10.03
N DAL H 5 -9.97 20.06 -5.51
CA DAL H 5 -10.34 20.08 -3.99
CB DAL H 5 -11.03 21.48 -3.87
C DAL H 5 -8.96 19.90 -3.17
O DAL H 5 -8.49 20.82 -2.37
OXT DAL H 5 -8.40 18.84 -3.40
H DAL H 5 -10.30 19.33 -6.07
HA DAL H 5 -11.00 19.32 -3.60
HB1 DAL H 5 -10.42 22.09 -4.46
HB2 DAL H 5 -10.99 21.78 -2.83
HB3 DAL H 5 -12.04 21.49 -4.22
C1 MUB I . 13.47 -4.71 4.53
C2 MUB I . 14.92 -4.68 5.03
C3 MUB I . 15.20 -6.01 5.75
C4 MUB I . 13.92 -6.68 6.34
C5 MUB I . 12.89 -6.94 5.24
C6 MUB I . 11.47 -6.67 5.77
C7 MUB I . 16.53 -5.44 3.42
C8 MUB I . 17.56 -5.18 2.37
C9 MUB I . 15.91 -4.75 7.66
C10 MUB I . 15.02 -5.01 8.88
C11 MUB I . 16.66 -3.38 7.46
O1 MUB I . 13.31 -3.85 3.47
O3 MUB I . 16.22 -5.84 6.77
O4 MUB I . 14.29 -7.90 7.03
O5 MUB I . 13.11 -6.05 4.12
O6 MUB I . 11.25 -7.30 7.02
O7 MUB I . 16.15 -6.59 3.60
O10 MUB I . 14.94 -4.14 9.76
N2 MUB I . 15.89 -4.42 3.97
H1 MUB I . 12.77 -4.36 5.34
H2 MUB I . 14.92 -3.74 5.64
HN2 MUB I . 16.23 -3.49 3.81
H81 MUB I . 17.09 -4.62 1.56
H82 MUB I . 17.93 -6.11 2.00
H83 MUB I . 18.37 -4.62 2.81
H3 MUB I . 15.72 -6.70 5.08
H9 MUB I . 14.92 -4.61 7.20
H111 MUB I . 17.77 -3.47 7.54
H112 MUB I . 16.34 -2.71 8.19
H113 MUB I . 16.36 -2.97 6.48
H4 MUB I . 13.63 -6.16 7.24
H5 MUB I . 12.88 -7.92 4.90
H61 MUB I . 10.79 -7.20 5.08
H62 MUB I . 11.17 -5.57 5.76
HO6 MUB I . 10.94 -8.21 6.94
C1 NAG I . 15.15 -8.79 6.29
C2 NAG I . 15.14 -10.16 6.94
C3 NAG I . 16.04 -11.11 6.19
C4 NAG I . 15.69 -11.10 4.69
C5 NAG I . 15.63 -9.67 4.15
C6 NAG I . 15.17 -9.61 2.69
C7 NAG I . 16.72 -9.52 8.69
C8 NAG I . 17.05 -9.44 10.17
N2 NAG I . 15.55 -10.06 8.34
O3 NAG I . 15.86 -12.41 6.71
O4 NAG I . 16.68 -11.81 3.96
O5 NAG I . 14.71 -8.89 4.92
O6 NAG I . 13.80 -9.94 2.56
O7 NAG I . 17.58 -9.20 7.87
H1 NAG I . 16.14 -8.27 6.35
H2 NAG I . 14.13 -10.61 7.12
H3 NAG I . 17.12 -10.85 6.27
H4 NAG I . 14.80 -11.77 4.62
H5 NAG I . 16.60 -9.17 4.14
H61 NAG I . 15.71 -10.32 2.06
H62 NAG I . 15.40 -8.60 2.31
H81 NAG I . 17.04 -10.45 10.58
H82 NAG I . 16.32 -8.85 10.68
H83 NAG I . 18.03 -8.98 10.29
HN2 NAG I . 14.89 -10.30 9.00
HO3 NAG I . 16.11 -12.38 7.63
HO4 NAG I . 16.85 -12.65 4.41
HO6 NAG I . 13.35 -9.46 3.28
C1 MUB J . -11.24 -6.76 -2.03
C2 MUB J . -12.21 -5.59 -1.84
C3 MUB J . -12.81 -5.71 -0.42
C4 MUB J . -13.14 -7.16 -0.06
C5 MUB J . -11.85 -7.99 -0.06
C6 MUB J . -12.07 -9.32 -0.78
C7 MUB J . -11.03 -3.66 -1.06
C8 MUB J . -10.42 -2.33 -1.32
C9 MUB J . -14.93 -5.08 -1.35
C10 MUB J . -16.09 -6.07 -1.14
C11 MUB J . -14.88 -4.16 -2.64
O1 MUB J . -10.15 -6.36 -2.79
O3 MUB J . -13.98 -4.86 -0.30
O4 MUB J . -13.80 -7.18 1.23
O5 MUB J . -10.79 -7.28 -0.77
O6 MUB J . -12.65 -9.12 -2.07
O7 MUB J . -10.89 -4.19 0.05
O10 MUB J . -16.00 -7.22 -1.56
N2 MUB J . -11.59 -4.31 -2.06
H1 MUB J . -11.75 -7.61 -2.55
H2 MUB J . -12.88 -5.72 -2.71
HN2 MUB J . -11.68 -3.83 -2.94
H81 MUB J . -10.17 -1.87 -0.37
H82 MUB J . -11.13 -1.71 -1.83
H83 MUB J . -9.54 -2.47 -1.93
H3 MUB J . -12.15 -5.26 0.31
H9 MUB J . -14.42 -6.02 -1.67
H111 MUB J . -15.01 -3.08 -2.39
H112 MUB J . -15.66 -4.44 -3.28
H113 MUB J . -13.94 -4.35 -3.17
H4 MUB J . -14.01 -7.53 -0.60
H5 MUB J . -11.51 -8.23 0.89
H61 MUB J . -12.88 -9.88 -0.24
H62 MUB J . -11.16 -9.99 -0.82
HO6 MUB J . -12.65 -9.89 -2.65
C1 NAG J . -13.23 -6.31 2.22
C2 NAG J . -13.67 -6.71 3.60
C3 NAG J . -13.11 -5.73 4.61
C4 NAG J . -11.59 -5.59 4.42
C5 NAG J . -11.22 -5.32 2.96
C6 NAG J . -9.72 -5.34 2.74
C7 NAG J . -15.87 -5.66 3.43
C8 NAG J . -17.37 -5.79 3.50
N2 NAG J . -15.12 -6.74 3.68
O3 NAG J . -13.41 -6.19 5.91
O4 NAG J . -11.11 -4.53 5.23
O5 NAG J . -11.81 -6.31 2.11
O6 NAG J . -9.22 -6.66 2.67
O7 NAG J . -15.38 -4.54 3.28
H1 NAG J . -13.65 -5.30 1.93
H2 NAG J . -13.52 -7.75 3.95
H3 NAG J . -13.54 -4.70 4.49
H4 NAG J . -11.18 -6.49 4.95
H5 NAG J . -11.53 -4.33 2.63
H61 NAG J . -9.18 -4.85 3.55
H62 NAG J . -9.52 -4.75 1.83
H81 NAG J . -17.83 -4.93 3.01
H82 NAG J . -17.68 -5.82 4.52
H83 NAG J . -17.67 -6.71 3.00
HN2 NAG J . -15.54 -7.62 3.79
HO3 NAG J . -14.34 -6.09 6.04
HO4 NAG J . -11.42 -4.64 6.13
HO6 NAG J . -9.87 -7.15 2.16
C1 MUB K . 11.73 5.83 7.99
C2 MUB K . 12.85 4.93 8.55
C3 MUB K . 12.80 5.01 10.09
C4 MUB K . 12.57 6.45 10.55
C5 MUB K . 11.22 6.95 10.04
C6 MUB K . 11.36 8.35 9.45
C7 MUB K . 12.11 2.65 8.79
C8 MUB K . 12.07 1.24 8.31
C9 MUB K . 15.20 4.99 10.13
C10 MUB K . 16.00 6.04 10.94
C11 MUB K . 15.83 4.33 8.84
O1 MUB K . 11.15 5.28 6.84
O3 MUB K . 13.99 4.43 10.68
O4 MUB K . 12.63 6.46 12.00
O5 MUB K . 10.73 6.08 8.98
O6 MUB K . 12.54 8.45 8.66
O7 MUB K . 11.44 2.97 9.77
O10 MUB K . 17.22 5.92 11.06
N2 MUB K . 12.77 3.55 8.08
H1 MUB K . 12.13 6.81 7.63
H2 MUB K . 13.75 5.32 8.03
HN2 MUB K . 13.30 3.25 7.29
H81 MUB K . 11.61 1.23 7.32
H82 MUB K . 11.49 0.65 8.98
H83 MUB K . 13.09 0.87 8.27
H3 MUB K . 12.07 4.34 10.51
H9 MUB K . 14.67 5.88 9.77
H111 MUB K . 15.50 4.83 7.90
H112 MUB K . 15.53 3.33 8.79
H113 MUB K . 16.92 4.33 8.94
H4 MUB K . 13.46 7.07 10.47
H5 MUB K . 10.51 7.03 10.75
H61 MUB K . 11.54 9.06 10.28
H62 MUB K . 10.44 8.69 8.89
HO6 MUB K . 12.94 9.33 8.67
C1 NAG K . 11.98 5.34 12.64
C2 NAG K . 11.75 5.61 14.12
C3 NAG K . 11.09 4.40 14.76
C4 NAG K . 9.83 4.00 13.95
C5 NAG K . 10.16 3.87 12.46
C6 NAG K . 8.92 3.57 11.61
C7 NAG K . 14.06 5.08 14.72
C8 NAG K . 15.34 5.49 15.42
N2 NAG K . 13.02 5.91 14.78
O3 NAG K . 10.72 4.74 16.09
O4 NAG K . 9.34 2.77 14.43
O5 NAG K . 10.75 5.06 11.97
O6 NAG K . 8.19 4.74 11.32
O7 NAG K . 13.97 3.95 14.25
H1 NAG K . 12.72 4.50 12.50
H2 NAG K . 11.26 6.53 14.46
H3 NAG K . 11.76 3.50 14.79
H4 NAG K . 9.06 4.73 14.30
H5 NAG K . 10.82 3.02 12.25
H61 NAG K . 8.24 2.91 12.16
H62 NAG K . 9.24 3.01 10.73
H81 NAG K . 16.08 4.71 15.28
H82 NAG K . 15.15 5.62 16.47
H83 NAG K . 15.69 6.43 15.00
HN2 NAG K . 13.11 6.79 15.16
HO3 NAG K . 11.49 5.07 16.51
HO4 NAG K . 9.38 2.74 15.39
HO6 NAG K . 8.86 5.38 11.03
C1 MUB L . -5.62 7.42 -8.26
C2 MUB L . -4.63 7.80 -9.36
C3 MUB L . -4.41 9.31 -9.28
C4 MUB L . -5.72 10.09 -9.08
C5 MUB L . -6.38 9.65 -7.77
C6 MUB L . -7.85 9.30 -8.00
C7 MUB L . -2.52 7.37 -8.31
C8 MUB L . -1.27 6.55 -8.21
C9 MUB L . -4.29 9.35 -11.68
C10 MUB L . -5.34 10.25 -12.34
C11 MUB L . -3.71 8.08 -12.42
O1 MUB L . -5.22 6.22 -7.69
O3 MUB L . -3.68 9.77 -10.44
O4 MUB L . -5.40 11.50 -9.09
O5 MUB L . -5.71 8.46 -7.26
O6 MUB L . -8.48 10.25 -8.84
O7 MUB L . -2.61 8.41 -7.68
O10 MUB L . -5.58 10.12 -13.53
N2 MUB L . -3.40 7.05 -9.25
H1 MUB L . -6.66 7.26 -8.68
H2 MUB L . -5.18 7.39 -10.25
HN2 MUB L . -3.29 6.19 -9.74
H81 MUB L . -1.53 5.53 -7.99
H82 MUB L . -0.66 6.96 -7.42
H83 MUB L . -0.74 6.63 -9.15
H3 MUB L . -3.76 9.58 -8.49
H9 MUB L . -5.19 8.98 -11.14
H111 MUB L . -2.63 8.18 -12.64
H112 MUB L . -4.21 7.98 -13.33
H113 MUB L . -3.93 7.20 -11.82
H4 MUB L . -6.33 10.15 -9.99
H5 MUB L . -6.39 10.37 -7.03
H61 MUB L . -8.34 9.49 -7.02
H62 MUB L . -8.08 8.23 -8.25
HO6 MUB L . -8.37 11.16 -8.53
C1 NAG L . -4.37 11.89 -8.18
C2 NAG L . -4.16 13.38 -8.20
C3 NAG L . -3.00 13.70 -7.30
C4 NAG L . -3.24 13.12 -5.90
C5 NAG L . -3.62 11.64 -5.97
C6 NAG L . -4.00 11.07 -4.61
C7 NAG L . -2.77 13.58 -10.19
C8 NAG L . -2.56 14.11 -11.59
N2 NAG L . -3.91 13.86 -9.55
O3 NAG L . -2.85 15.11 -7.21
O4 NAG L . -2.06 13.25 -5.13
O5 NAG L . -4.71 11.45 -6.87
O6 NAG L . -4.58 9.77 -4.73
O7 NAG L . -1.88 12.88 -9.69
H1 NAG L . -3.46 11.35 -8.59
H2 NAG L . -5.03 14.05 -8.01
H3 NAG L . -2.02 13.28 -7.68
H4 NAG L . -3.88 13.87 -5.38
H5 NAG L . -2.79 11.01 -6.28
H61 NAG L . -4.76 11.71 -4.15
H62 NAG L . -3.13 11.15 -3.96
H81 NAG L . -2.54 15.20 -11.55
H82 NAG L . -3.38 13.81 -12.22
H83 NAG L . -1.64 13.71 -11.99
HN2 NAG L . -4.59 14.42 -9.97
HO3 NAG L . -2.67 15.42 -8.08
HO4 NAG L . -1.73 14.14 -5.29
HO6 NAG L . -4.96 9.66 -5.61
P 2PO M . 11.85 -3.55 2.86
O1P 2PO M . 11.08 -4.82 2.82
O2P 2PO M . 11.24 -2.41 3.58
O3P 2PO M . 12.18 -3.07 1.37
P 2PO N . 11.29 -3.48 0.10
O1P 2PO N . 9.97 -3.87 0.62
O2P 2PO N . 11.33 -2.45 -0.99
O3P 2PO N . 11.99 -4.78 -0.44
C1 P1W O . 11.16 -5.90 -0.73
C2 P1W O . 10.84 -6.61 0.58
C3 P1W O . 9.91 -7.55 0.76
C4 P1W O . 9.72 -8.16 2.12
C5 P1W O . 8.98 -8.13 -0.33
H12 P1W O . 11.70 -6.56 -1.38
H11 P1W O . 10.26 -5.55 -1.20
H2 P1W O . 11.63 -6.56 1.31
H41 P1W O . 9.42 -9.19 2.02
H42 P1W O . 10.65 -8.10 2.68
H51 P1W O . 9.12 -9.20 -0.39
H52 P1W O . 9.25 -7.69 -1.28
H53 P1W O . 7.96 -7.90 -0.10
C1 P1W P . 8.63 -7.40 2.90
C2 P1W P . 7.78 -8.36 3.69
C3 P1W P . 7.41 -8.15 4.97
C4 P1W P . 6.57 -9.12 5.78
C5 P1W P . 7.75 -6.87 5.72
H12 P1W P . 9.12 -6.70 3.56
H11 P1W P . 8.02 -6.85 2.20
H2 P1W P . 7.76 -9.36 3.29
H41 P1W P . 6.80 -10.13 5.47
H42 P1W P . 6.80 -9.01 6.83
H51 P1W P . 8.79 -6.88 5.99
H52 P1W P . 7.14 -6.82 6.63
H53 P1W P . 7.54 -6.02 5.11
C1 P1W Q . 5.07 -8.87 5.58
C2 P1W Q . 4.27 -9.90 6.31
C3 P1W Q . 2.93 -10.03 6.25
C4 P1W Q . 2.16 -11.12 7.01
C5 P1W Q . 2.03 -9.11 5.42
H12 P1W Q . 4.82 -7.89 5.96
H11 P1W Q . 4.84 -8.92 4.53
H2 P1W Q . 4.82 -10.47 7.03
H43 P1W Q . 2.19 -12.04 6.46
H41 P1W Q . 1.14 -10.81 7.15
H42 P1W Q . 2.63 -11.27 7.98
H51 P1W Q . 1.61 -9.68 4.60
H52 P1W Q . 2.62 -8.31 5.03
H53 P1W Q . 1.23 -8.72 6.04
C1 P1W R . -8.53 -15.16 0.58
C2 P1W R . -9.59 -15.29 1.64
C3 P1W R . -10.20 -14.25 2.23
C4 P1W R . -11.24 -14.39 3.31
C5 P1W R . -9.89 -12.80 1.88
H12 P1W R . -7.85 -15.99 0.63
H11 P1W R . -7.97 -14.24 0.75
H2 P1W R . -9.67 -16.28 2.08
H41 P1W R . -11.16 -13.58 4.00
H42 P1W R . -11.09 -15.33 3.83
H51 P1W R . -8.96 -12.51 2.34
H52 P1W R . -10.69 -12.17 2.24
H53 P1W R . -9.81 -12.70 0.80
C1 P1W S . -12.66 -14.40 2.71
C2 P1W S . -12.85 -15.55 1.76
C3 P1W S . -13.09 -15.44 0.44
C4 P1W S . -13.26 -16.65 -0.47
C5 P1W S . -13.24 -14.10 -0.27
H12 P1W S . -13.38 -14.48 3.52
H11 P1W S . -12.82 -13.47 2.18
H2 P1W S . -12.76 -16.52 2.22
H43 P1W S . -13.73 -17.46 0.07
H41 P1W S . -12.29 -16.98 -0.84
H42 P1W S . -13.88 -16.39 -1.32
H51 P1W S . -14.22 -13.70 -0.08
H52 P1W S . -13.12 -14.26 -1.33
H53 P1W S . -12.49 -13.40 0.08
P 2PO T . -9.74 -7.12 -4.16
O1P 2PO T . -10.85 -6.96 -5.11
O2P 2PO T . -8.39 -6.70 -4.60
O3P 2PO T . -9.68 -8.67 -3.70
P 2PO U . -8.25 -9.38 -3.47
O1P 2PO U . -7.71 -9.84 -4.77
O2P 2PO U . -7.40 -8.45 -2.68
O3P 2PO U . -8.62 -10.67 -2.58
C1 P1W V . -7.88 -11.89 -2.69
C2 P1W V . -8.57 -12.93 -1.85
C3 P1W V . -8.33 -14.26 -1.79
C4 P1W V . -9.13 -15.11 -0.83
C5 P1W V . -7.28 -15.02 -2.61
H12 P1W V . -6.87 -11.74 -2.31
H11 P1W V . -7.84 -12.21 -3.72
H2 P1W V . -9.39 -12.54 -1.30
H41 P1W V . -9.17 -16.12 -1.22
H42 P1W V . -10.13 -14.72 -0.77
H51 P1W V . -6.51 -15.40 -1.95
H52 P1W V . -6.83 -14.34 -3.32
H53 P1W V . -7.75 -15.83 -3.15
P 2PO W . 12.07 4.94 5.54
O1P 2PO W . 13.49 5.09 5.93
O2P 2PO W . 11.68 3.61 4.98
O3P 2PO W . 11.73 6.10 4.43
P 2PO X . 10.32 6.89 4.33
O1P 2PO X . 10.51 7.99 3.31
O2P 2PO X . 9.22 5.92 4.11
O3P 2PO X . 10.17 7.53 5.79
C1 P1W Y . 8.91 7.95 6.33
C2 P1W Y . 8.17 6.73 6.85
C3 P1W Y . 6.98 6.76 7.45
C4 P1W Y . 6.29 5.48 7.93
C5 P1W Y . 6.19 8.04 7.69
H12 P1W Y . 8.33 8.44 5.57
H11 P1W Y . 9.09 8.64 7.15
H2 P1W Y . 8.55 5.79 6.48
H41 P1W Y . 6.95 4.63 7.76
H42 P1W Y . 5.38 5.35 7.38
H51 P1W Y . 6.78 8.74 8.28
H52 P1W Y . 5.28 7.81 8.21
H53 P1W Y . 5.95 8.50 6.73
C1 P1W Z . 5.94 5.55 9.42
C2 P1W Z . 4.65 4.83 9.66
C3 P1W Z . 3.62 5.36 10.33
C4 P1W Z . 2.33 4.60 10.58
C5 P1W Z . 3.59 6.80 10.83
H12 P1W Z . 6.74 5.08 9.97
H11 P1W Z . 5.85 6.59 9.72
H2 P1W Z . 4.71 3.76 9.58
H41 P1W Z . 1.96 4.20 9.65
H42 P1W Z . 1.60 5.27 11.01
H51 P1W Z . 4.56 7.05 11.22
H52 P1W Z . 2.85 6.90 11.61
H53 P1W Z . 3.35 7.47 10.01
C1 P1W AA . 2.58 3.44 11.55
C2 P1W AA . 2.45 3.90 12.98
C3 P1W AA . 3.39 3.74 13.92
C4 P1W AA . 3.18 4.24 15.37
C5 P1W AA . 4.72 3.07 13.67
H12 P1W AA . 1.87 2.66 11.35
H11 P1W AA . 3.58 3.06 11.40
H2 P1W AA . 1.56 4.48 13.17
H43 P1W AA . 3.92 3.78 16.01
H41 P1W AA . 2.19 3.99 15.70
H42 P1W AA . 3.32 5.32 15.39
H51 P1W AA . 4.57 2.04 13.44
H52 P1W AA . 5.33 3.15 14.56
H53 P1W AA . 5.24 3.56 12.85
P 2PO BA . -5.59 4.87 -8.49
O1P 2PO BA . -5.11 5.03 -9.88
O2P 2PO BA . -5.14 3.65 -7.73
O3P 2PO BA . -7.17 4.93 -8.44
P 2PO CA . -7.81 5.17 -7.00
O1P 2PO CA . -9.24 5.54 -7.10
O2P 2PO CA . -7.41 4.00 -6.18
O3P 2PO CA . -6.99 6.44 -6.51
C1 P1W DA . -7.62 7.34 -5.62
C2 P1W DA . -8.10 6.56 -4.41
C3 P1W DA . -9.30 6.67 -3.85
C4 P1W DA . -9.64 5.84 -2.65
C5 P1W DA . -10.43 7.59 -4.33
H12 P1W DA . -8.47 7.80 -6.11
H11 P1W DA . -6.92 8.10 -5.33
H2 P1W DA . -7.47 5.71 -4.18
H41 P1W DA . -8.76 5.27 -2.39
H42 P1W DA . -10.45 5.17 -2.88
H51 P1W DA . -10.90 8.04 -3.48
H52 P1W DA . -11.16 7.00 -4.87
H53 P1W DA . -10.03 8.34 -4.99
C1 P1W EA . -10.02 6.71 -1.45
C2 P1W EA . -8.99 7.80 -1.25
C3 P1W EA . -9.24 8.93 -0.60
C4 P1W EA . -8.24 10.06 -0.43
C5 P1W EA . -10.59 9.23 0.07
H12 P1W EA . -10.98 7.16 -1.65
H11 P1W EA . -10.06 6.11 -0.56
H2 P1W EA . -8.15 7.75 -1.93
H41 P1W EA . -7.32 9.67 -0.01
H42 P1W EA . -8.66 10.80 0.25
H51 P1W EA . -10.43 9.93 0.87
H52 P1W EA . -10.99 8.31 0.47
H53 P1W EA . -11.27 9.64 -0.65
C1 P1W FA . -7.93 10.74 -1.76
C2 P1W FA . -9.14 11.44 -2.32
C3 P1W FA . -9.22 12.00 -3.53
C4 P1W FA . -10.50 12.68 -4.06
C5 P1W FA . -8.06 12.03 -4.53
H12 P1W FA . -7.14 11.47 -1.61
H11 P1W FA . -7.58 10.01 -2.46
H2 P1W FA . -9.96 11.52 -1.62
H43 P1W FA . -10.35 13.75 -4.10
H41 P1W FA . -11.33 12.46 -3.39
H42 P1W FA . -10.73 12.31 -5.05
H51 P1W FA . -8.43 11.73 -5.50
H52 P1W FA . -7.31 11.35 -4.20
H53 P1W FA . -7.65 13.03 -4.58
N ZAE A 1 -5.08 -14.40 -7.67
CA ZAE A 1 -5.59 -14.18 -6.27
C ZAE A 1 -5.06 -12.89 -5.67
O ZAE A 1 -5.33 -11.80 -6.19
CB ZAE A 1 -7.13 -14.18 -6.24
CG ZAE A 1 -7.70 -14.40 -4.86
CD1 ZAE A 1 -7.48 -15.58 -4.17
CD2 ZAE A 1 -8.45 -13.39 -4.24
CE1 ZAE A 1 -8.03 -15.78 -2.90
CE2 ZAE A 1 -8.98 -13.59 -2.97
CZ ZAE A 1 -8.76 -14.79 -2.31
C10 ZAE A 1 -5.64 -13.41 -8.61
H1 ZAE A 1 -5.35 -15.34 -8.00
HA ZAE A 1 -5.24 -15.01 -5.67
HB2 ZAE A 1 -7.49 -13.23 -6.61
HB3 ZAE A 1 -7.50 -14.98 -6.88
HD1 ZAE A 1 -6.91 -16.37 -4.64
HD2 ZAE A 1 -8.62 -12.47 -4.76
HE1 ZAE A 1 -7.85 -16.71 -2.38
HE2 ZAE A 1 -9.56 -12.82 -2.51
HZ ZAE A 1 -9.18 -14.94 -1.32
H11 ZAE A 1 -5.24 -13.57 -9.59
H12 ZAE A 1 -5.39 -12.41 -8.28
H13 ZAE A 1 -6.72 -13.52 -8.65
N ILE A 2 -4.30 -13.01 -4.61
CA ILE A 2 -3.73 -11.86 -3.93
C ILE A 2 -2.30 -11.63 -4.40
N SER A 3 -1.99 -10.39 -4.78
CA SER A 3 -0.64 -10.02 -5.17
C SER A 3 -0.30 -8.64 -4.65
N DAR A 4 0.97 -8.46 -4.34
CA DAR A 4 1.45 -7.21 -3.81
CB DAR A 4 2.33 -6.52 -4.84
CG DAR A 4 1.56 -5.89 -5.97
CD DAR A 4 0.94 -4.58 -5.52
NE DAR A 4 -0.45 -4.47 -5.97
CZ DAR A 4 -0.79 -4.10 -7.20
NH1 DAR A 4 -2.07 -4.00 -7.52
NH2 DAR A 4 0.14 -3.80 -8.10
C DAR A 4 2.24 -7.42 -2.54
O DAR A 4 3.24 -8.14 -2.55
H DAR A 4 1.61 -9.18 -4.51
HA DAR A 4 0.60 -6.58 -3.60
HB2 DAR A 4 3.02 -7.25 -5.25
HB3 DAR A 4 2.91 -5.75 -4.34
HG2 DAR A 4 0.78 -6.57 -6.28
HG3 DAR A 4 2.24 -5.69 -6.78
HD2 DAR A 4 1.51 -3.77 -5.92
HD3 DAR A 4 0.95 -4.54 -4.44
HE DAR A 4 -1.15 -4.68 -5.32
HH11 DAR A 4 -2.35 -3.72 -8.49
HH12 DAR A 4 -2.81 -4.21 -6.81
HH21 DAR A 4 -0.13 -3.51 -9.06
HH22 DAR A 4 1.15 -3.85 -7.84
N 28J A 5 1.79 -6.80 -1.46
CA 28J A 5 2.52 -6.93 -0.22
CB 28J A 5 1.81 -7.85 0.82
CG2 28J A 5 0.30 -7.64 0.74
CG1 28J A 5 2.12 -9.33 0.56
CD1 28J A 5 1.59 -10.27 1.63
C 28J A 5 2.81 -5.56 0.39
O 28J A 5 2.44 -4.50 -0.18
HA 28J A 5 3.47 -7.39 -0.45
H22 28J A 5 2.14 -7.59 1.81
H23 28J A 5 -0.03 -7.84 -0.27
H24 28J A 5 0.06 -6.62 1.01
H25 28J A 5 -0.19 -8.33 1.42
H26 28J A 5 3.19 -9.47 0.49
H27 28J A 5 1.66 -9.63 -0.39
H28 28J A 5 0.52 -10.14 1.72
H29 28J A 5 2.06 -10.05 2.57
H30 28J A 5 1.80 -11.30 1.35
N ILE A 6 3.56 -5.61 1.47
CA ILE A 6 3.95 -4.44 2.25
C ILE A 6 5.48 -4.22 2.27
N SER A 7 5.98 -3.21 1.51
CA SER A 7 7.43 -2.89 1.50
C SER A 7 7.73 -1.44 1.02
N DTH A 8 9.02 -1.14 0.90
CA DTH A 8 9.51 0.19 0.47
CB DTH A 8 10.19 0.20 -0.91
CG2 DTH A 8 9.27 -0.34 -1.97
OG1 DTH A 8 11.41 -0.53 -0.86
C DTH A 8 10.58 0.76 1.41
O DTH A 8 11.06 1.86 1.14
H DTH A 8 9.68 -1.82 1.16
HA DTH A 8 8.68 0.88 0.46
HB DTH A 8 10.46 1.24 -1.17
HG21 DTH A 8 8.37 0.25 -2.01
HG22 DTH A 8 9.02 -1.37 -1.74
HG23 DTH A 8 9.76 -0.31 -2.92
N ALA A 9 11.03 -0.01 2.40
CA ALA A 9 12.08 0.39 3.30
C ALA A 9 13.39 0.39 2.59
N LEU A 10 13.85 -0.80 2.37
CA LEU A 10 15.13 -1.01 1.70
C LEU A 10 14.98 -0.79 0.21
N ILE A 11 13.84 -1.21 -0.32
CA ILE A 11 13.59 -1.10 -1.74
C ILE A 11 12.31 -0.31 -1.93
N ZAE B 1 8.24 4.20 3.65
CA ZAE B 1 7.49 3.43 4.70
C ZAE B 1 6.85 2.17 4.18
O ZAE B 1 7.51 1.16 3.92
CB ZAE B 1 8.37 3.10 5.86
CG ZAE B 1 7.68 2.52 7.07
CD1 ZAE B 1 6.65 3.22 7.69
CD2 ZAE B 1 8.07 1.30 7.64
CE1 ZAE B 1 6.02 2.73 8.82
CE2 ZAE B 1 7.45 0.81 8.77
CZ ZAE B 1 6.42 1.52 9.36
C10 ZAE B 1 9.45 3.52 3.19
H1 ZAE B 1 8.51 5.13 4.02
HA ZAE B 1 6.70 4.06 5.07
HB2 ZAE B 1 9.12 2.39 5.54
HB3 ZAE B 1 8.86 4.00 6.18
HD1 ZAE B 1 6.32 4.16 7.25
HD2 ZAE B 1 8.86 0.73 7.16
HE1 ZAE B 1 5.23 3.30 9.29
HE2 ZAE B 1 7.76 -0.14 9.19
HZ ZAE B 1 5.95 1.14 10.26
H11 ZAE B 1 9.85 4.06 2.33
H12 ZAE B 1 9.21 2.50 2.89
H13 ZAE B 1 10.19 3.50 3.97
N ILE B 2 5.58 2.30 3.90
CA ILE B 2 4.80 1.16 3.48
C ILE B 2 4.23 1.48 2.15
N SER B 3 4.38 0.56 1.24
CA SER B 3 3.86 0.73 -0.07
C SER B 3 3.52 -0.59 -0.63
N DAR B 4 2.47 -0.57 -1.40
CA DAR B 4 2.03 -1.78 -2.02
CB DAR B 4 2.41 -1.83 -3.51
CG DAR B 4 3.89 -2.13 -3.80
CD DAR B 4 4.25 -3.60 -3.57
NE DAR B 4 5.53 -3.76 -2.88
CZ DAR B 4 6.71 -3.84 -3.50
NH1 DAR B 4 6.80 -3.78 -4.82
NH2 DAR B 4 7.82 -4.04 -2.79
C DAR B 4 0.55 -1.91 -1.85
O DAR B 4 -0.22 -0.97 -2.19
H DAR B 4 1.96 0.28 -1.51
HA DAR B 4 2.50 -2.60 -1.51
HB2 DAR B 4 2.17 -0.87 -3.95
HB3 DAR B 4 1.81 -2.58 -3.98
HG2 DAR B 4 4.51 -1.52 -3.17
HG3 DAR B 4 4.08 -1.89 -4.83
HD2 DAR B 4 4.31 -4.09 -4.53
HD3 DAR B 4 3.46 -4.06 -2.97
HE DAR B 4 5.51 -3.79 -1.90
HH11 DAR B 4 7.72 -3.86 -5.29
HH12 DAR B 4 5.94 -3.68 -5.39
HH21 DAR B 4 8.75 -4.11 -3.26
HH22 DAR B 4 7.77 -4.13 -1.75
N 28J B 5 0.15 -3.04 -1.27
CA 28J B 5 -1.25 -3.33 -1.05
CB 28J B 5 -1.65 -3.11 0.43
CG2 28J B 5 -0.72 -3.87 1.36
CG1 28J B 5 -1.64 -1.62 0.76
CD1 28J B 5 -2.16 -1.28 2.15
C 28J B 5 -1.60 -4.76 -1.48
O 28J B 5 -0.71 -5.58 -1.74
HA 28J B 5 -1.83 -2.64 -1.66
H22 28J B 5 -2.66 -3.50 0.58
H23 28J B 5 0.31 -3.62 1.12
H24 28J B 5 -0.86 -4.93 1.25
H25 28J B 5 -0.92 -3.58 2.39
H26 28J B 5 -2.25 -1.09 0.05
H27 28J B 5 -0.63 -1.26 0.70
H28 28J B 5 -3.20 -1.57 2.23
H29 28J B 5 -2.06 -0.22 2.31
H30 28J B 5 -1.57 -1.81 2.88
N ILE B 6 -2.91 -4.98 -1.60
CA ILE B 6 -3.47 -6.29 -1.98
C ILE B 6 -4.44 -6.17 -3.16
N SER B 7 -4.03 -6.73 -4.35
CA SER B 7 -4.86 -6.72 -5.60
C SER B 7 -4.37 -7.72 -6.69
N DTH B 8 -5.07 -7.71 -7.86
CA DTH B 8 -4.71 -8.53 -9.06
CB DTH B 8 -4.03 -7.80 -10.29
CG2 DTH B 8 -2.62 -7.34 -9.96
OG1 DTH B 8 -4.89 -6.74 -10.71
C DTH B 8 -5.97 -9.04 -9.81
O DTH B 8 -5.80 -9.23 -11.03
H DTH B 8 -5.95 -7.27 -7.88
HA DTH B 8 -4.07 -9.34 -8.74
HB DTH B 8 -3.99 -8.50 -11.14
HG21 DTH B 8 -2.02 -8.19 -9.72
HG22 DTH B 8 -2.64 -6.64 -9.14
HG23 DTH B 8 -2.22 -6.85 -10.84
N ALA B 9 -7.17 -8.92 -9.24
CA ALA B 9 -8.42 -9.19 -9.89
C ALA B 9 -8.74 -8.21 -10.95
N LEU B 10 -8.90 -6.99 -10.50
CA LEU B 10 -9.29 -5.91 -11.38
C LEU B 10 -8.13 -5.49 -12.26
N ILE B 11 -6.94 -5.64 -11.69
CA ILE B 11 -5.72 -5.20 -12.35
C ILE B 11 -4.66 -6.22 -12.03
N ZAE C 1 -7.48 -3.89 -4.80
CA ZAE C 1 -7.82 -3.62 -3.34
C ZAE C 1 -7.23 -2.35 -2.82
O ZAE C 1 -7.64 -1.25 -3.18
CB ZAE C 1 -9.30 -3.61 -3.10
CG ZAE C 1 -9.80 -3.69 -1.67
CD1 ZAE C 1 -9.29 -4.67 -0.81
CD2 ZAE C 1 -10.80 -2.85 -1.20
CE1 ZAE C 1 -9.78 -4.81 0.48
CE2 ZAE C 1 -11.29 -2.96 0.10
CZ ZAE C 1 -10.78 -3.95 0.94
C10 ZAE C 1 -7.84 -2.77 -5.69
H1 ZAE C 1 -7.98 -4.74 -5.14
HA ZAE C 1 -7.40 -4.42 -2.75
HB2 ZAE C 1 -9.70 -2.71 -3.53
HB3 ZAE C 1 -9.71 -4.46 -3.61
HD1 ZAE C 1 -8.52 -5.34 -1.16
HD2 ZAE C 1 -11.19 -2.08 -1.85
HE1 ZAE C 1 -9.40 -5.59 1.13
HE2 ZAE C 1 -12.06 -2.31 0.45
HZ ZAE C 1 -11.16 -4.05 1.95
H11 ZAE C 1 -8.90 -2.58 -5.62
H12 ZAE C 1 -7.59 -3.03 -6.71
H13 ZAE C 1 -7.29 -1.88 -5.40
N ILE C 2 -6.20 -2.52 -2.05
CA ILE C 2 -5.58 -1.41 -1.42
C ILE C 2 -4.27 -1.21 -2.09
N SER C 3 -3.97 0.03 -2.33
CA SER C 3 -2.74 0.37 -2.96
C SER C 3 -2.29 1.70 -2.47
N DAR C 4 -1.01 1.79 -2.31
CA DAR C 4 -0.44 3.02 -1.86
CB DAR C 4 0.34 3.73 -2.96
CG DAR C 4 -0.51 4.28 -4.12
CD DAR C 4 -1.21 5.60 -3.79
NE DAR C 4 -2.67 5.52 -3.99
CZ DAR C 4 -3.28 5.72 -5.15
NH1 DAR C 4 -2.59 6.00 -6.25
NH2 DAR C 4 -4.61 5.69 -5.21
C DAR C 4 0.43 2.76 -0.66
O DAR C 4 1.10 1.70 -0.58
H DAR C 4 -0.44 0.98 -2.45
HA DAR C 4 -1.26 3.65 -1.54
HB2 DAR C 4 1.06 3.05 -3.37
HB3 DAR C 4 0.86 4.56 -2.52
HG2 DAR C 4 -1.26 3.55 -4.40
HG3 DAR C 4 0.14 4.45 -4.96
HD2 DAR C 4 -0.81 6.38 -4.43
HD3 DAR C 4 -1.01 5.85 -2.76
HE DAR C 4 -3.20 5.30 -3.19
HH11 DAR C 4 -3.09 6.16 -7.15
HH12 DAR C 4 -1.56 6.08 -6.21
HH21 DAR C 4 -5.10 5.84 -6.12
HH22 DAR C 4 -5.17 5.50 -4.35
N 28J C 5 0.36 3.70 0.27
CA 28J C 5 1.13 3.64 1.49
CB 28J C 5 0.35 2.97 2.65
CG2 28J C 5 -1.13 3.30 2.56
CG1 28J C 5 0.58 1.46 2.61
CD1 28J C 5 0.03 0.72 3.82
C 28J C 5 1.56 5.04 1.90
O 28J C 5 1.13 6.06 1.32
HA 28J C 5 2.02 3.06 1.29
H22 28J C 5 0.74 3.37 3.58
H23 28J C 5 -1.56 2.81 1.70
H24 28J C 5 -1.25 4.38 2.46
H25 28J C 5 -1.63 2.98 3.46
H26 28J C 5 1.63 1.26 2.55
H27 28J C 5 0.09 1.05 1.74
H28 28J C 5 -1.02 0.94 3.93
H29 28J C 5 0.56 1.03 4.71
H30 28J C 5 0.16 -0.34 3.67
N ILE C 6 2.42 5.07 2.91
CA ILE C 6 2.96 6.31 3.48
C ILE C 6 4.45 6.44 3.19
N SER C 7 4.82 7.47 2.37
CA SER C 7 6.22 7.74 1.99
C SER C 7 6.42 9.16 1.44
N DTH C 8 7.70 9.50 1.18
CA DTH C 8 8.07 10.82 0.63
CB DTH C 8 8.67 10.83 -0.81
CG2 DTH C 8 7.63 10.40 -1.83
OG1 DTH C 8 9.85 10.02 -0.88
C DTH C 8 9.22 11.53 1.42
O DTH C 8 9.49 12.68 1.16
H DTH C 8 8.40 8.86 1.43
HA DTH C 8 7.19 11.44 0.64
HB DTH C 8 9.00 11.85 -1.04
HG21 DTH C 8 6.78 11.07 -1.77
HG22 DTH C 8 7.32 9.39 -1.65
HG23 DTH C 8 8.07 10.48 -2.82
N ALA C 9 9.99 10.75 2.17
CA ALA C 9 11.20 11.22 2.83
C ALA C 9 12.38 11.14 1.92
N LEU C 10 12.80 9.93 1.74
CA LEU C 10 13.97 9.63 0.91
C LEU C 10 13.57 9.53 -0.54
N ILE C 11 12.29 9.30 -0.74
CA ILE C 11 11.76 9.14 -2.08
C ILE C 11 10.51 9.97 -2.16
N ZAE D 1 6.02 15.84 3.63
CA ZAE D 1 5.68 14.94 4.78
C ZAE D 1 5.15 13.58 4.30
O ZAE D 1 5.79 12.90 3.50
CB ZAE D 1 6.89 14.72 5.70
CG ZAE D 1 6.53 14.25 7.07
CD1 ZAE D 1 6.02 15.12 8.02
CD2 ZAE D 1 6.70 12.91 7.44
CE1 ZAE D 1 5.68 14.68 9.30
CE2 ZAE D 1 6.36 12.46 8.70
CZ ZAE D 1 5.85 13.35 9.63
C10 ZAE D 1 7.27 15.42 2.96
H1 ZAE D 1 6.15 16.81 3.97
HA ZAE D 1 4.90 15.41 5.36
HB2 ZAE D 1 7.55 13.98 5.25
HB3 ZAE D 1 7.43 15.65 5.79
HD1 ZAE D 1 5.88 16.16 7.77
HD2 ZAE D 1 7.09 12.22 6.70
HE1 ZAE D 1 5.29 15.38 10.03
HE2 ZAE D 1 6.49 11.43 8.96
HZ ZAE D 1 5.59 13.01 10.62
H11 ZAE D 1 7.42 16.02 2.08
H12 ZAE D 1 7.18 14.38 2.67
H13 ZAE D 1 8.10 15.55 3.63
N ILE D 2 3.97 13.21 4.78
CA ILE D 2 3.36 11.95 4.40
C ILE D 2 2.54 12.13 3.13
N SER D 3 2.84 11.33 2.11
CA SER D 3 2.08 11.36 0.88
C SER D 3 1.68 9.96 0.47
N DAR D 4 0.49 9.86 -0.09
CA DAR D 4 -0.04 8.58 -0.52
CB DAR D 4 -0.16 8.56 -2.04
CG DAR D 4 1.16 8.56 -2.75
CD DAR D 4 1.92 7.28 -2.50
NE DAR D 4 3.30 7.53 -2.11
CZ DAR D 4 4.32 7.50 -2.96
NH1 DAR D 4 5.55 7.73 -2.51
NH2 DAR D 4 4.13 7.23 -4.24
C DAR D 4 -1.40 8.33 0.09
O DAR D 4 -2.33 9.13 -0.08
H DAR D 4 -0.04 10.67 -0.25
HA DAR D 4 0.63 7.80 -0.21
HB2 DAR D 4 -0.73 9.43 -2.35
HB3 DAR D 4 -0.70 7.67 -2.33
HG2 DAR D 4 1.75 9.40 -2.38
HG3 DAR D 4 0.99 8.68 -3.81
HD2 DAR D 4 1.91 6.69 -3.40
HD3 DAR D 4 1.42 6.73 -1.71
HE DAR D 4 3.47 7.72 -1.16
HH11 DAR D 4 6.35 7.72 -3.17
HH12 DAR D 4 5.71 7.92 -1.50
HH21 DAR D 4 4.93 7.22 -4.90
HH22 DAR D 4 3.17 7.02 -4.59
N 28J D 5 -1.53 7.22 0.79
CA 28J D 5 -2.80 6.87 1.40
CB 28J D 5 -2.78 6.95 2.95
CG2 28J D 5 -1.34 7.08 3.44
CG1 28J D 5 -3.61 8.12 3.47
CD1 28J D 5 -3.68 8.20 5.00
C 28J D 5 -3.25 5.50 0.93
O 28J D 5 -2.54 4.80 0.19
HA 28J D 5 -3.52 7.60 1.06
H22 28J D 5 -3.18 6.02 3.35
H23 28J D 5 -1.31 6.93 4.51
H24 28J D 5 -0.97 8.07 3.21
H25 28J D 5 -0.71 6.34 2.95
H26 28J D 5 -4.61 8.05 3.09
H27 28J D 5 -3.16 9.05 3.13
H28 28J D 5 -2.68 8.28 5.40
H29 28J D 5 -4.15 7.31 5.37
H30 28J D 5 -4.26 9.07 5.29
N ILE D 6 -4.47 5.18 1.32
CA ILE D 6 -5.10 3.89 1.03
C ILE D 6 -6.27 4.03 0.02
N SER D 7 -6.09 3.54 -1.24
CA SER D 7 -7.18 3.59 -2.26
C SER D 7 -7.02 2.51 -3.36
N DTH D 8 -8.00 2.49 -4.27
CA DTH D 8 -8.04 1.53 -5.40
CB DTH D 8 -7.99 2.17 -6.80
CG2 DTH D 8 -6.70 2.94 -6.99
OG1 DTH D 8 -9.12 3.03 -7.00
C DTH D 8 -9.38 0.74 -5.43
O DTH D 8 -9.50 -0.23 -6.19
H DTH D 8 -8.75 3.12 -4.16
HA DTH D 8 -7.21 0.85 -5.30
HB DTH D 8 -8.07 1.39 -7.57
HG21 DTH D 8 -5.87 2.26 -6.91
HG22 DTH D 8 -6.60 3.70 -6.23
HG23 DTH D 8 -6.70 3.40 -7.96
N ALA D 9 -10.38 1.24 -4.75
CA ALA D 9 -11.72 0.70 -4.75
C ALA D 9 -12.48 1.22 -5.93
N LEU D 10 -12.83 2.46 -5.78
CA LEU D 10 -13.59 3.15 -6.81
C LEU D 10 -12.67 3.74 -7.85
N ILE D 11 -11.43 3.95 -7.44
CA ILE D 11 -10.45 4.54 -8.34
C ILE D 11 -9.19 3.70 -8.26
N ALA E 1 15.67 -7.68 10.56
CA ALA E 1 15.37 -7.72 12.02
C ALA E 1 14.05 -8.52 12.29
N DGL E 2 13.61 -8.31 13.63
CA DGL E 2 12.24 -9.01 13.93
C DGL E 2 11.23 -8.94 12.65
O DGL E 2 11.41 -8.13 11.77
CB DGL E 2 12.38 -10.49 14.14
CG DGL E 2 13.30 -11.27 13.08
CD DGL E 2 12.51 -12.40 12.33
OE1 DGL E 2 13.12 -13.35 11.83
H DGL E 2 14.03 -7.73 14.20
HA DGL E 2 11.87 -8.49 14.81
HB2 DGL E 2 11.38 -10.88 14.12
HB3 DGL E 2 12.81 -10.62 15.11
HG2 DGL E 2 14.10 -11.74 13.59
HG3 DGL E 2 13.71 -10.60 12.32
N LYS E 3 11.21 -12.27 12.31
CA LYS E 3 10.33 -13.22 11.63
C LYS E 3 10.34 -14.66 12.27
N DAL E 4 9.28 -14.75 13.19
CA DAL E 4 8.77 -16.00 14.03
CB DAL E 4 9.75 -16.63 15.29
C DAL E 4 8.04 -16.85 12.77
O DAL E 4 8.63 -17.66 12.06
H DAL E 4 8.81 -13.92 13.32
HA DAL E 4 8.07 -15.88 14.86
HB1 DAL E 4 10.02 -15.82 15.95
HB2 DAL E 4 10.70 -17.07 14.89
HB3 DAL E 4 9.24 -17.42 15.91
N DAL E 5 6.71 -16.57 12.60
CA DAL E 5 5.69 -17.21 11.63
CB DAL E 5 5.74 -18.69 12.21
C DAL E 5 6.47 -16.96 10.15
O DAL E 5 6.54 -15.71 9.61
OXT DAL E 5 6.74 -17.95 9.53
H DAL E 5 6.38 -15.79 13.15
HA DAL E 5 4.67 -16.87 11.54
HB1 DAL E 5 6.65 -19.06 12.10
HB2 DAL E 5 4.98 -19.28 11.64
HB3 DAL E 5 5.38 -18.78 13.29
N ALA F 1 -16.17 -13.79 -7.60
CA ALA F 1 -16.92 -14.92 -7.01
C ALA F 1 -16.09 -15.59 -5.86
N DGL F 2 -15.43 -16.79 -6.28
CA DGL F 2 -14.48 -17.39 -5.26
C DGL F 2 -13.86 -16.39 -4.19
O DGL F 2 -14.18 -16.45 -2.96
CB DGL F 2 -15.24 -18.29 -4.31
CG DGL F 2 -16.82 -18.04 -4.22
CD DGL F 2 -17.23 -17.56 -2.79
OE1 DGL F 2 -17.78 -18.34 -2.01
H DGL F 2 -15.40 -16.98 -7.23
HA DGL F 2 -13.72 -17.83 -5.90
HB2 DGL F 2 -14.77 -18.17 -3.37
HB3 DGL F 2 -15.08 -19.29 -4.68
HG2 DGL F 2 -17.33 -18.95 -4.40
HG3 DGL F 2 -17.14 -17.28 -4.93
N LYS F 3 -16.94 -16.31 -2.48
CA LYS F 3 -17.28 -15.70 -1.22
C LYS F 3 -16.57 -16.38 0.02
N DAL F 4 -15.23 -16.67 -0.35
CA DAL F 4 -14.04 -17.24 0.52
CB DAL F 4 -13.83 -18.94 0.66
C DAL F 4 -14.10 -16.10 1.77
O DAL F 4 -14.29 -16.39 2.95
H DAL F 4 -15.04 -16.49 -1.28
HA DAL F 4 -13.02 -17.31 0.13
HB1 DAL F 4 -14.64 -19.35 1.25
HB2 DAL F 4 -12.89 -19.20 1.18
HB3 DAL F 4 -13.83 -19.47 -0.33
N DAL F 5 -13.90 -14.80 1.36
CA DAL F 5 -13.77 -13.53 2.20
CB DAL F 5 -12.52 -13.96 3.10
C DAL F 5 -15.27 -13.52 2.98
O DAL F 5 -15.25 -13.49 4.18
OXT DAL F 5 -16.41 -13.31 2.27
H DAL F 5 -13.88 -14.69 0.37
HA DAL F 5 -13.61 -12.55 1.78
HB1 DAL F 5 -12.78 -14.75 3.65
HB2 DAL F 5 -12.27 -13.09 3.73
HB3 DAL F 5 -11.57 -14.16 2.50
N ALA G 1 10.64 14.32 10.20
CA ALA G 1 10.31 14.29 11.65
C ALA G 1 11.23 13.26 12.41
N DGL G 2 11.04 11.92 11.94
CA DGL G 2 12.03 10.91 12.52
C DGL G 2 12.07 9.48 11.83
O DGL G 2 13.17 8.83 11.72
CB DGL G 2 13.45 11.35 12.20
CG DGL G 2 14.42 11.51 13.46
CD DGL G 2 15.62 10.52 13.38
OE1 DGL G 2 16.65 10.74 14.03
H DGL G 2 10.54 11.79 11.13
HA DGL G 2 11.71 10.86 13.56
HB2 DGL G 2 13.34 12.27 11.67
HB3 DGL G 2 13.85 10.58 11.57
HG2 DGL G 2 13.88 11.30 14.35
HG3 DGL G 2 14.84 12.53 13.53
N LYS G 3 15.45 9.45 12.64
CA LYS G 3 16.47 8.44 12.43
C LYS G 3 16.60 7.43 13.64
N DAL G 4 15.34 6.80 13.82
CA DAL G 4 14.93 5.63 14.80
CB DAL G 4 14.24 6.02 16.34
C DAL G 4 16.19 4.59 14.47
O DAL G 4 17.10 4.32 15.27
H DAL G 4 14.65 7.17 13.25
HA DAL G 4 13.97 5.11 14.70
HB1 DAL G 4 15.01 6.46 16.95
HB2 DAL G 4 13.89 5.10 16.86
HB3 DAL G 4 13.38 6.74 16.27
N DAL G 5 16.15 4.02 13.21
CA DAL G 5 17.14 2.94 12.60
CB DAL G 5 16.86 1.69 13.55
C DAL G 5 18.66 3.57 12.77
O DAL G 5 18.81 4.58 12.07
OXT DAL G 5 19.60 3.07 13.54
H DAL G 5 15.47 4.41 12.60
HA DAL G 5 17.01 2.67 11.55
HB1 DAL G 5 15.93 1.33 13.27
HB2 DAL G 5 16.89 2.00 14.58
HB3 DAL G 5 17.61 0.83 13.44
N ALA H 1 -13.11 0.74 5.43
CA ALA H 1 -12.38 0.60 6.70
C ALA H 1 -12.16 1.99 7.38
N DGL H 2 -10.79 2.26 7.66
CA DGL H 2 -10.52 3.68 8.16
C DGL H 2 -11.45 4.83 7.61
O DGL H 2 -11.69 4.86 6.34
CB DGL H 2 -10.87 3.77 9.63
CG DGL H 2 -11.87 2.66 10.19
CD DGL H 2 -13.13 3.32 10.83
OE1 DGL H 2 -13.88 2.64 11.56
H DGL H 2 -10.12 1.70 7.26
HA DGL H 2 -9.48 3.82 7.86
HB2 DGL H 2 -11.25 4.75 9.77
HB3 DGL H 2 -9.94 3.66 10.16
HG2 DGL H 2 -11.38 2.09 10.94
HG3 DGL H 2 -12.22 2.00 9.39
N LYS H 3 -13.33 4.59 10.59
CA LYS H 3 -14.47 5.33 11.09
C LYS H 3 -14.54 5.40 12.67
N DAL H 4 -13.20 5.37 13.16
CA DAL H 4 -12.68 5.51 14.66
CB DAL H 4 -13.44 4.61 15.90
C DAL H 4 -12.34 7.16 14.63
O DAL H 4 -12.99 8.00 15.25
H DAL H 4 -12.55 5.23 12.48
HA DAL H 4 -11.81 4.96 15.00
HB1 DAL H 4 -13.46 3.57 15.62
HB2 DAL H 4 -14.49 4.93 16.07
HB3 DAL H 4 -12.91 4.68 16.89
N DAL H 5 -11.26 7.51 13.85
CA DAL H 5 -10.59 8.87 13.67
CB DAL H 5 -10.43 9.27 15.21
C DAL H 5 -11.79 9.69 12.81
O DAL H 5 -12.38 10.80 13.34
OXT DAL H 5 -12.24 9.12 11.86
H DAL H 5 -10.90 6.74 13.30
HA DAL H 5 -9.65 9.01 13.15
HB1 DAL H 5 -11.34 9.33 15.61
HB2 DAL H 5 -9.89 10.24 15.24
HB3 DAL H 5 -9.77 8.56 15.80
C1 MUB I . 13.62 -5.62 6.43
C2 MUB I . 14.99 -6.26 6.48
C3 MUB I . 14.91 -7.56 7.29
C4 MUB I . 13.88 -7.48 8.44
C5 MUB I . 12.49 -7.15 7.91
C6 MUB I . 11.82 -6.08 8.77
C7 MUB I . 15.40 -7.73 4.61
C8 MUB I . 15.99 -8.02 3.28
C9 MUB I . 16.90 -6.98 8.52
C10 MUB I . 16.73 -6.99 10.05
C11 MUB I . 17.93 -6.05 7.82
O1 MUB I . 13.43 -4.92 5.24
O3 MUB I . 16.20 -7.99 7.75
O4 MUB I . 13.89 -8.74 9.18
O5 MUB I . 12.57 -6.61 6.55
O6 MUB I . 12.69 -4.99 8.99
O7 MUB I . 14.58 -8.54 5.08
O10 MUB I . 17.59 -6.46 10.74
N2 MUB I . 15.56 -6.54 5.16
H1 MUB I . 13.49 -4.86 7.23
H2 MUB I . 15.62 -5.44 6.87
HN2 MUB I . 16.22 -5.89 4.77
H81 MUB I . 17.06 -7.86 3.33
H82 MUB I . 15.57 -7.37 2.54
H83 MUB I . 15.78 -9.05 3.01
H3 MUB I . 14.64 -8.42 6.65
H9 MUB I . 15.99 -6.39 8.63
H111 MUB I . 18.73 -6.63 7.30
H112 MUB I . 18.39 -5.46 8.54
H113 MUB I . 17.41 -5.39 7.12
H4 MUB I . 14.29 -6.92 9.29
H5 MUB I . 11.83 -7.95 7.91
H61 MUB I . 11.74 -6.52 9.79
H62 MUB I . 10.80 -5.76 8.45
HO6 MUB I . 12.64 -4.60 9.87
C1 NAG I . 13.64 -9.90 8.40
C2 NAG I . 13.75 -11.14 9.24
C3 NAG I . 13.63 -12.33 8.32
C4 NAG I . 12.32 -12.26 7.52
C5 NAG I . 12.15 -10.90 6.83
C6 NAG I . 10.78 -10.73 6.20
C7 NAG I . 16.18 -11.15 9.36
C8 NAG I . 17.44 -11.17 10.22
N2 NAG I . 15.00 -11.16 9.98
O3 NAG I . 13.64 -13.52 9.11
O4 NAG I . 12.33 -13.28 6.52
O5 NAG I . 12.34 -9.86 7.80
O6 NAG I . 10.63 -9.44 5.60
O7 NAG I . 16.29 -11.24 8.14
H1 NAG I . 14.42 -9.85 7.61
H2 NAG I . 13.12 -11.23 10.07
H3 NAG I . 14.45 -12.37 7.59
H4 NAG I . 11.54 -12.62 8.24
H5 NAG I . 12.83 -10.74 6.00
H61 NAG I . 9.97 -10.82 6.93
H62 NAG I . 10.65 -11.55 5.47
H81 NAG I . 18.30 -11.21 9.57
H82 NAG I . 17.43 -12.04 10.85
H83 NAG I . 17.46 -10.28 10.84
HN2 NAG I . 14.97 -11.09 10.95
HO3 NAG I . 13.28 -13.31 9.96
HO4 NAG I . 12.69 -14.09 6.90
HO6 NAG I . 11.37 -8.92 5.94
C1 MUB J . -12.59 -10.51 -6.70
C2 MUB J . -13.45 -10.83 -7.90
C3 MUB J . -14.92 -10.42 -7.58
C4 MUB J . -15.37 -11.18 -6.32
C5 MUB J . -14.42 -10.87 -5.17
C6 MUB J . -13.75 -12.14 -4.69
C7 MUB J . -13.45 -8.97 -9.45
C8 MUB J . -13.01 -8.33 -10.73
C9 MUB J . -15.71 -11.97 -9.26
C10 MUB J . -16.64 -13.07 -8.69
C11 MUB J . -14.88 -12.21 -10.55
O1 MUB J . -11.53 -9.61 -7.00
O3 MUB J . -15.80 -10.63 -8.70
O4 MUB J . -16.75 -10.81 -6.00
O5 MUB J . -13.36 -9.95 -5.61
O6 MUB J . -13.47 -13.01 -5.77
O7 MUB J . -14.12 -8.30 -8.65
O10 MUB J . -17.74 -13.23 -9.18
N2 MUB J . -13.02 -10.18 -9.13
H1 MUB J . -12.06 -11.40 -6.32
H2 MUB J . -13.25 -11.89 -8.10
HN2 MUB J . -12.47 -10.71 -9.79
H81 MUB J . -13.40 -7.32 -10.77
H82 MUB J . -13.39 -8.89 -11.57
H83 MUB J . -11.92 -8.33 -10.75
H3 MUB J . -15.02 -9.33 -7.50
H9 MUB J . -15.11 -12.32 -8.43
H111 MUB J . -15.18 -11.53 -11.37
H112 MUB J . -15.04 -13.18 -10.87
H113 MUB J . -13.81 -12.10 -10.31
H4 MUB J . -15.67 -12.20 -6.54
H5 MUB J . -14.88 -10.46 -4.34
H61 MUB J . -14.52 -12.70 -4.12
H62 MUB J . -12.87 -12.00 -4.00
HO6 MUB J . -13.32 -13.92 -5.53
C1 NAG J . -17.03 -9.41 -6.03
C2 NAG J . -18.39 -9.15 -5.45
C3 NAG J . -18.69 -7.69 -5.50
C4 NAG J . -17.56 -6.88 -4.85
C5 NAG J . -16.19 -7.28 -5.41
C6 NAG J . -15.05 -6.62 -4.66
C7 NAG J . -19.51 -9.86 -7.51
C8 NAG J . -20.57 -10.70 -8.17
N2 NAG J . -19.40 -9.93 -6.17
O3 NAG J . -19.91 -7.43 -4.81
O4 NAG J . -17.77 -5.49 -5.08
O5 NAG J . -16.02 -8.69 -5.31
O6 NAG J . -14.85 -7.20 -3.38
O7 NAG J . -18.86 -9.06 -8.17
H1 NAG J . -16.99 -9.15 -7.11
H2 NAG J . -18.63 -9.55 -4.51
H3 NAG J . -18.78 -7.32 -6.54
H4 NAG J . -17.76 -6.97 -3.75
H5 NAG J . -16.03 -6.97 -6.44
H61 NAG J . -15.21 -5.55 -4.49
H62 NAG J . -14.15 -6.71 -5.30
H81 NAG J . -20.52 -10.54 -9.24
H82 NAG J . -21.55 -10.42 -7.82
H83 NAG J . -20.40 -11.75 -7.95
HN2 NAG J . -19.93 -10.57 -5.69
HO3 NAG J . -20.62 -7.79 -5.32
HO4 NAG J . -18.69 -5.27 -4.88
HO6 NAG J . -15.13 -8.11 -3.47
C1 MUB K . 9.43 11.22 6.31
C2 MUB K . 9.85 12.67 6.36
C3 MUB K . 11.18 12.78 7.15
C4 MUB K . 11.12 11.94 8.41
C5 MUB K . 10.94 10.46 8.03
C6 MUB K . 9.85 9.83 8.86
C7 MUB K . 11.24 13.67 4.66
C8 MUB K . 11.41 14.38 3.35
C9 MUB K . 10.35 14.95 7.81
C10 MUB K . 9.94 15.08 9.30
C11 MUB K . 9.70 15.86 6.73
O1 MUB K . 8.95 10.86 5.04
O3 MUB K . 11.50 14.15 7.48
O4 MUB K . 12.33 12.17 9.20
O5 MUB K . 10.55 10.34 6.63
O6 MUB K . 8.80 10.75 9.09
O7 MUB K . 12.24 13.14 5.16
O10 MUB K . 9.08 15.87 9.61
N2 MUB K . 10.02 13.32 5.06
H1 MUB K . 8.60 10.98 7.03
H2 MUB K . 8.95 13.17 6.79
HN2 MUB K . 9.21 13.74 4.65
H81 MUB K . 12.44 14.25 3.01
H82 MUB K . 11.22 15.43 3.48
H83 MUB K . 10.72 13.97 2.63
H3 MUB K . 12.03 12.56 6.49
H9 MUB K . 9.73 14.08 7.91
H111 MUB K . 10.40 16.62 6.34
H112 MUB K . 8.89 16.36 7.15
H113 MUB K . 9.31 15.23 5.92
H4 MUB K . 10.48 12.38 9.18
H5 MUB K . 11.81 9.90 8.18
H61 MUB K . 10.28 9.69 9.88
H62 MUB K . 9.47 8.84 8.50
HO6 MUB K . 8.25 10.58 9.86
C1 NAG K . 13.54 12.20 8.45
C2 NAG K . 14.71 12.43 9.38
C3 NAG K . 15.99 12.47 8.60
C4 NAG K . 16.10 11.24 7.69
C5 NAG K . 14.85 11.05 6.85
C6 NAG K . 14.90 9.76 6.04
C7 NAG K . 14.33 14.83 9.56
C8 NAG K . 14.13 16.05 10.45
N2 NAG K . 14.51 13.65 10.15
O3 NAG K . 17.08 12.50 9.51
O4 NAG K . 17.23 11.40 6.83
O5 NAG K . 13.70 11.00 7.70
O6 NAG K . 14.69 8.61 6.88
O7 NAG K . 14.44 14.98 8.35
H1 NAG K . 13.40 13.08 7.77
H2 NAG K . 14.80 11.79 10.22
H3 NAG K . 16.04 13.36 7.94
H4 NAG K . 16.43 10.43 8.39
H5 NAG K . 14.70 11.82 6.09
H61 NAG K . 15.86 9.60 5.55
H62 NAG K . 14.13 9.83 5.26
H81 NAG K . 14.97 16.13 11.13
H82 NAG K . 13.22 15.94 11.01
H83 NAG K . 14.06 16.93 9.82
HN2 NAG K . 14.42 13.58 11.12
HO3 NAG K . 17.00 11.77 10.09
HO4 NAG K . 17.96 11.81 7.32
HO6 NAG K . 14.34 8.97 7.71
C1 MUB L . -11.53 1.94 0.77
C2 MUB L . -12.87 1.34 1.11
C3 MUB L . -13.46 2.10 2.32
C4 MUB L . -12.35 2.52 3.30
C5 MUB L . -11.36 3.46 2.62
C6 MUB L . -9.95 3.12 3.03
C7 MUB L . -14.70 2.34 -0.09
C8 MUB L . -15.69 2.34 -1.21
C9 MUB L . -14.08 -0.02 3.26
C10 MUB L . -13.35 -0.33 4.59
C11 MUB L . -14.56 -1.17 2.34
O1 MUB L . -11.28 1.86 -0.61
O3 MUB L . -14.48 1.34 2.99
O4 MUB L . -12.98 3.13 4.48
O5 MUB L . -11.45 3.32 1.16
O6 MUB L . -9.81 3.11 4.44
O7 MUB L . -14.57 3.38 0.58
O10 MUB L . -13.13 -1.48 4.89
N2 MUB L . -13.82 1.35 0.01
H1 MUB L . -10.69 1.37 1.23
H2 MUB L . -12.63 0.25 1.25
HN2 MUB L . -13.94 0.52 -0.54
H81 MUB L . -15.18 2.22 -2.15
H82 MUB L . -16.23 3.27 -1.22
H83 MUB L . -16.40 1.52 -1.04
H3 MUB L . -14.06 2.96 1.98
H9 MUB L . -13.05 0.17 3.00
H111 MUB L . -15.67 -1.19 2.24
H112 MUB L . -14.26 -2.09 2.73
H113 MUB L . -14.09 -1.07 1.35
H4 MUB L . -11.99 1.67 3.88
H5 MUB L . -11.49 4.46 2.86
H61 MUB L . -9.32 3.99 2.73
H62 MUB L . -9.50 2.20 2.54
HO6 MUB L . -10.48 3.61 4.91
C1 NAG L . -13.93 4.15 4.19
C2 NAG L . -14.32 4.82 5.49
C3 NAG L . -15.32 5.92 5.24
C4 NAG L . -14.83 6.86 4.13
C5 NAG L . -14.40 6.07 2.89
C6 NAG L . -13.80 6.98 1.81
C7 NAG L . -15.94 3.12 6.13
C8 NAG L . -16.41 2.08 7.15
N2 NAG L . -14.84 3.82 6.41
O3 NAG L . -15.51 6.66 6.44
O4 NAG L . -15.88 7.76 3.78
O5 NAG L . -13.43 5.09 3.25
O6 NAG L . -13.21 6.21 0.75
O7 NAG L . -16.63 3.35 5.14
H1 NAG L . -14.78 3.59 3.75
H2 NAG L . -13.54 5.16 6.11
H3 NAG L . -16.29 5.52 4.90
H4 NAG L . -14.08 7.52 4.65
H5 NAG L . -15.23 5.58 2.36
H61 NAG L . -13.02 7.63 2.19
H62 NAG L . -14.61 7.63 1.44
H81 NAG L . -16.61 2.59 8.08
H82 NAG L . -15.64 1.34 7.29
H83 NAG L . -17.31 1.61 6.77
HN2 NAG L . -14.32 3.60 7.20
HO3 NAG L . -16.05 6.15 7.02
HO4 NAG L . -16.31 8.06 4.58
HO6 NAG L . -13.23 5.30 1.06
P 2PO M . 12.99 -3.37 5.29
O1P 2PO M . 11.74 -3.27 6.06
O2P 2PO M . 14.16 -2.56 5.75
O3P 2PO M . 12.69 -3.00 3.77
P 2PO N . 11.60 -3.76 2.89
O1P 2PO N . 11.53 -3.05 1.61
O2P 2PO N . 11.87 -5.23 2.88
O3P 2PO N . 10.22 -3.54 3.66
C1 P1W O . 9.74 -4.55 4.56
C2 P1W O . 9.11 -5.70 3.78
C3 P1W O . 8.38 -6.72 4.30
C4 P1W O . 7.83 -7.78 3.39
C5 P1W O . 8.02 -6.90 5.80
H12 P1W O . 8.99 -4.12 5.21
H11 P1W O . 10.57 -4.92 5.13
H2 P1W O . 9.07 -5.54 2.72
H41 P1W O . 6.77 -7.61 3.23
H42 P1W O . 8.35 -7.73 2.44
H51 P1W O . 7.02 -7.31 5.88
H52 P1W O . 8.05 -5.94 6.30
H53 P1W O . 8.72 -7.56 6.27
C1 P1W P . 8.03 -9.17 3.98
C2 P1W P . 6.69 -9.83 4.20
C3 P1W P . 6.32 -10.40 5.35
C4 P1W P . 5.00 -11.08 5.56
C5 P1W P . 7.20 -10.37 6.61
H12 P1W P . 8.61 -9.76 3.30
H11 P1W P . 8.55 -9.09 4.92
H2 P1W P . 6.18 -10.10 3.29
H41 P1W P . 4.58 -11.37 4.62
H42 P1W P . 5.13 -11.96 6.19
H51 P1W P . 8.11 -10.92 6.42
H52 P1W P . 6.66 -10.83 7.43
H53 P1W P . 7.43 -9.35 6.87
C1 P1W Q . 4.00 -10.15 6.26
C2 P1W Q . 2.68 -10.12 5.53
C3 P1W Q . 1.51 -10.48 6.06
C4 P1W Q . 0.20 -10.43 5.27
C5 P1W Q . 1.34 -10.98 7.50
H12 P1W Q . 3.84 -10.49 7.27
H11 P1W Q . 4.41 -9.15 6.28
H2 P1W Q . 2.76 -9.83 4.51
H43 P1W Q . 0.00 -9.41 4.96
H41 P1W Q . -0.62 -10.78 5.88
H42 P1W Q . 0.28 -11.06 4.39
H51 P1W Q . 0.35 -11.36 7.63
H52 P1W Q . 1.51 -10.15 8.18
H53 P1W Q . 2.05 -11.77 7.70
C1 P1W R . -9.72 -8.77 0.29
C2 P1W R . -10.86 -9.61 0.77
C3 P1W R . -11.95 -9.13 1.37
C4 P1W R . -13.07 -10.00 1.87
C5 P1W R . -12.17 -7.63 1.62
H12 P1W R . -8.87 -8.90 0.94
H11 P1W R . -10.02 -7.73 0.29
H2 P1W R . -10.66 -10.67 0.80
H41 P1W R . -13.19 -9.86 2.94
H42 P1W R . -12.84 -11.03 1.65
H51 P1W R . -11.27 -7.19 2.01
H52 P1W R . -12.97 -7.50 2.32
H53 P1W R . -12.43 -7.14 0.68
C1 P1W S . -14.37 -9.61 1.17
C2 P1W S . -14.70 -10.59 0.08
C3 P1W S . -15.72 -10.45 -0.79
C4 P1W S . -16.00 -11.48 -1.89
C5 P1W S . -16.69 -9.27 -0.76
H12 P1W S . -15.17 -9.59 1.90
H11 P1W S . -14.26 -8.62 0.75
H2 P1W S . -13.96 -11.36 -0.06
H43 P1W S . -16.75 -12.18 -1.55
H41 P1W S . -15.10 -12.01 -2.15
H42 P1W S . -16.38 -10.97 -2.76
H51 P1W S . -17.62 -9.57 -1.21
H52 P1W S . -16.26 -8.45 -1.31
H53 P1W S . -16.86 -8.97 0.27
P 2PO T . -10.32 -9.41 -5.95
O1P 2PO T . -10.89 -9.19 -4.61
O2P 2PO T . -9.34 -10.52 -6.15
O3P 2PO T . -9.54 -8.04 -6.39
P 2PO U . -7.96 -7.85 -6.44
O1P 2PO U . -7.34 -9.19 -6.38
O2P 2PO U . -7.62 -6.98 -7.60
O3P 2PO U . -7.65 -7.12 -5.04
C1 P1W V . -8.72 -6.83 -4.16
C2 P1W V . -8.66 -7.85 -3.06
C3 P1W V . -9.58 -8.10 -2.15
C4 P1W V . -9.30 -9.17 -1.12
C5 P1W V . -10.96 -7.40 -2.06
H12 P1W V . -9.67 -6.90 -4.68
H11 P1W V . -8.60 -5.84 -3.74
H2 P1W V . -7.96 -8.63 -3.25
H41 P1W V . -8.24 -9.39 -1.14
H42 P1W V . -9.83 -10.06 -1.40
H51 P1W V . -11.35 -7.23 -3.05
H52 P1W V . -10.85 -6.44 -1.56
H53 P1W V . -11.65 -8.01 -1.48
P 2PO W . 8.08 9.50 4.83
O1P 2PO W . 8.58 8.49 5.77
O2P 2PO W . 6.65 9.86 4.87
O3P 2PO W . 8.42 9.01 3.34
P 2PO X . 9.43 7.81 3.05
O1P 2PO X . 8.65 6.55 2.88
O2P 2PO X . 10.40 8.21 1.95
O3P 2PO X . 10.24 7.71 4.42
C1 P1W Y . 10.70 6.44 4.84
C2 P1W Y . 10.89 6.51 6.32
C3 P1W Y . 9.96 6.39 7.28
C4 P1W Y . 10.39 6.53 8.70
C5 P1W Y . 8.45 6.08 7.07
H12 P1W Y . 11.63 6.23 4.34
H11 P1W Y . 9.97 5.71 4.58
H2 P1W Y . 11.92 6.30 6.61
H41 P1W Y . 10.92 7.47 8.81
H42 P1W Y . 11.05 5.71 8.97
H51 P1W Y . 7.87 6.86 7.56
H52 P1W Y . 8.22 5.13 7.53
H53 P1W Y . 8.22 6.05 6.02
C1 P1W Z . 9.19 6.54 9.61
C2 P1W Z . 9.59 6.11 11.00
C3 P1W Z . 9.38 4.88 11.45
C4 P1W Z . 9.78 4.44 12.83
C5 P1W Z . 8.75 3.77 10.61
H12 P1W Z . 8.79 7.53 9.64
H11 P1W Z . 8.43 5.86 9.23
H2 P1W Z . 9.58 6.93 11.70
H41 P1W Z . 9.54 3.40 12.96
H42 P1W Z . 9.24 5.03 13.57
H51 P1W Z . 8.86 2.83 11.13
H52 P1W Z . 9.26 3.71 9.65
H53 P1W Z . 7.71 3.98 10.45
C1 P1W AA . 11.28 4.63 13.06
C2 P1W AA . 12.07 3.70 12.18
C3 P1W AA . 13.00 4.09 11.29
C4 P1W AA . 13.80 3.11 10.43
C5 P1W AA . 13.37 5.56 11.07
H12 P1W AA . 11.55 5.64 12.84
H11 P1W AA . 11.51 4.40 14.09
H2 P1W AA . 11.83 2.67 12.29
H43 P1W AA . 13.89 2.16 10.95
H41 P1W AA . 14.78 3.51 10.23
H42 P1W AA . 13.28 2.96 9.50
H51 P1W AA . 14.13 5.63 10.31
H52 P1W AA . 13.73 5.98 12.00
H53 P1W AA . 12.49 6.10 10.74
P 2PO BA . -9.80 1.50 -1.13
O1P 2PO BA . -8.83 1.97 -0.13
O2P 2PO BA . -9.76 0.08 -1.53
O3P 2PO BA . -9.64 2.39 -2.45
P 2PO CA . -10.45 3.74 -2.71
O1P 2PO CA . -10.42 3.98 -4.16
O2P 2PO CA . -11.77 3.69 -2.01
O3P 2PO CA . -9.57 4.87 -2.00
C1 P1W DA . -10.15 6.16 -1.73
C2 P1W DA . -9.95 6.54 -0.28
C3 P1W DA . -10.30 7.72 0.29
C4 P1W DA . -10.04 7.95 1.76
C5 P1W DA . -10.99 8.91 -0.42
H12 P1W DA . -11.20 6.13 -1.96
H11 P1W DA . -9.67 6.89 -2.36
H2 P1W DA . -9.75 5.72 0.37
H41 P1W DA . -10.00 6.99 2.25
H42 P1W DA . -10.84 8.53 2.19
H51 P1W DA . -10.51 9.10 -1.38
H52 P1W DA . -10.89 9.80 0.19
H53 P1W DA . -12.04 8.70 -0.58
C1 P1W EA . -8.73 8.66 1.98
C2 P1W EA . -8.95 9.94 2.76
C3 P1W EA . -8.63 11.15 2.29
C4 P1W EA . -8.84 12.43 3.07
C5 P1W EA . -8.06 11.38 0.89
H12 P1W EA . -8.07 8.01 2.54
H11 P1W EA . -8.28 8.90 1.03
H2 P1W EA . -9.10 9.79 3.82
H41 P1W EA . -9.74 12.34 3.68
H42 P1W EA . -8.96 13.25 2.39
H51 P1W EA . -8.81 11.09 0.16
H52 P1W EA . -7.17 10.78 0.76
H53 P1W EA . -7.82 12.43 0.76
C1 P1W FA . -7.66 12.72 4.00
C2 P1W FA . -7.84 14.04 4.69
C3 P1W FA . -8.36 14.20 5.92
C4 P1W FA . -8.51 15.58 6.58
C5 P1W FA . -8.86 13.05 6.78
H12 P1W FA . -7.59 11.94 4.73
H11 P1W FA . -6.76 12.75 3.41
H2 P1W FA . -7.55 14.89 4.11
H43 P1W FA . -9.55 15.78 6.77
H41 P1W FA . -8.10 16.34 5.91
H42 P1W FA . -7.96 15.59 7.51
H51 P1W FA . -9.59 12.47 6.22
H52 P1W FA . -9.31 13.44 7.68
H53 P1W FA . -8.03 12.40 7.06
N ZAE A 1 -5.17 -16.20 -4.52
CA ZAE A 1 -5.89 -15.14 -5.31
C ZAE A 1 -5.36 -13.75 -4.99
O ZAE A 1 -5.04 -12.97 -5.89
CB ZAE A 1 -5.78 -15.40 -6.83
CG ZAE A 1 -7.11 -15.44 -7.54
CD1 ZAE A 1 -7.46 -16.53 -8.32
CD2 ZAE A 1 -8.01 -14.39 -7.41
CE1 ZAE A 1 -8.68 -16.56 -8.99
CE2 ZAE A 1 -9.23 -14.42 -8.08
CZ ZAE A 1 -9.56 -15.51 -8.85
C10 ZAE A 1 -3.73 -16.20 -4.81
H1 ZAE A 1 -5.55 -17.13 -4.77
HA ZAE A 1 -6.94 -15.18 -5.03
HB2 ZAE A 1 -5.19 -14.61 -7.27
HB3 ZAE A 1 -5.28 -16.34 -6.99
HD1 ZAE A 1 -6.77 -17.34 -8.43
HD2 ZAE A 1 -7.77 -13.53 -6.80
HE1 ZAE A 1 -8.93 -17.42 -9.59
HE2 ZAE A 1 -9.93 -13.61 -7.97
HZ ZAE A 1 -10.51 -15.54 -9.37
H11 ZAE A 1 -3.29 -15.26 -4.51
H12 ZAE A 1 -3.56 -16.35 -5.87
H13 ZAE A 1 -3.25 -17.00 -4.25
N ILE A 2 -5.23 -13.44 -3.71
CA ILE A 2 -4.73 -12.15 -3.29
C ILE A 2 -3.21 -12.17 -3.33
N SER A 3 -2.64 -11.09 -3.86
CA SER A 3 -1.20 -10.92 -3.89
C SER A 3 -0.81 -9.45 -3.76
N DAR A 4 0.44 -9.25 -3.40
CA DAR A 4 0.96 -7.91 -3.21
CB DAR A 4 1.79 -7.52 -4.41
CG DAR A 4 0.96 -7.27 -5.64
CD DAR A 4 0.22 -5.96 -5.49
NE DAR A 4 -0.74 -5.76 -6.57
CZ DAR A 4 -0.98 -4.57 -7.09
NH1 DAR A 4 -1.84 -4.44 -8.09
NH2 DAR A 4 -0.38 -3.49 -6.58
C DAR A 4 1.81 -7.84 -1.97
O DAR A 4 2.70 -8.67 -1.77
H DAR A 4 1.05 -10.01 -3.29
HA DAR A 4 0.14 -7.24 -3.11
HB2 DAR A 4 2.49 -8.31 -4.63
HB3 DAR A 4 2.34 -6.62 -4.17
HG2 DAR A 4 0.25 -8.07 -5.75
HG3 DAR A 4 1.60 -7.22 -6.50
HD2 DAR A 4 0.93 -5.16 -5.50
HD3 DAR A 4 -0.31 -5.96 -4.56
HE DAR A 4 -1.21 -6.54 -6.92
HH11 DAR A 4 -2.02 -3.51 -8.51
HH12 DAR A 4 -2.33 -5.28 -8.47
HH21 DAR A 4 -0.55 -2.56 -6.98
HH22 DAR A 4 0.26 -3.60 -5.76
N 28J A 5 1.53 -6.85 -1.12
CA 28J A 5 2.33 -6.69 0.07
CB 28J A 5 1.56 -7.11 1.35
CG2 28J A 5 0.12 -7.46 1.02
CG1 28J A 5 2.23 -8.32 2.01
CD1 28J A 5 1.63 -8.68 3.33
C 28J A 5 2.83 -5.26 0.19
O 28J A 5 2.34 -4.34 -0.47
HA 28J A 5 3.18 -7.34 -0.03
H22 28J A 5 1.56 -6.29 2.04
H23 28J A 5 -0.38 -7.82 1.91
H24 28J A 5 0.09 -8.23 0.26
H25 28J A 5 -0.39 -6.58 0.67
H26 28J A 5 3.28 -8.13 2.15
H27 28J A 5 2.12 -9.18 1.36
H28 28J A 5 2.13 -9.55 3.73
H29 28J A 5 0.58 -8.90 3.21
H30 28J A 5 1.75 -7.86 4.02
N ILE A 6 3.85 -5.11 1.00
CA ILE A 6 4.46 -3.83 1.27
C ILE A 6 5.95 -3.80 0.91
N SER A 7 6.42 -2.73 0.23
CA SER A 7 7.85 -2.62 -0.10
C SER A 7 8.29 -1.17 -0.26
N DTH A 8 9.56 -0.97 -0.56
CA DTH A 8 10.10 0.38 -0.69
CB DTH A 8 10.77 0.62 -2.05
CG2 DTH A 8 9.78 0.36 -3.15
OG1 DTH A 8 11.91 -0.23 -2.20
C DTH A 8 11.19 0.60 0.36
O DTH A 8 11.76 1.69 0.47
H DTH A 8 10.16 -1.74 -0.69
HA DTH A 8 9.28 1.08 -0.59
HB DTH A 8 11.13 1.66 -2.12
HG21 DTH A 8 8.93 1.03 -3.03
HG22 DTH A 8 9.44 -0.67 -3.09
HG23 DTH A 8 10.24 0.52 -4.11
N ALA A 9 11.52 -0.47 1.08
CA ALA A 9 12.63 -0.44 2.03
C ALA A 9 13.92 -0.74 1.29
N LEU A 10 14.00 -1.92 0.68
CA LEU A 10 15.19 -2.29 -0.09
C LEU A 10 15.19 -1.54 -1.39
N ILE A 11 14.07 -1.58 -2.07
CA ILE A 11 13.95 -0.88 -3.35
C ILE A 11 12.77 0.05 -3.30
N ZAE B 1 7.87 6.12 0.36
CA ZAE B 1 8.81 4.96 0.31
C ZAE B 1 8.08 3.63 0.33
O ZAE B 1 8.35 2.74 -0.48
CB ZAE B 1 9.61 5.06 -0.98
CG ZAE B 1 11.08 5.32 -0.81
CD1 ZAE B 1 11.56 6.61 -0.83
CD2 ZAE B 1 11.97 4.27 -0.60
CE1 ZAE B 1 12.92 6.87 -0.74
CE2 ZAE B 1 13.34 4.52 -0.49
CZ ZAE B 1 13.80 5.83 -0.53
C10 ZAE B 1 7.07 6.14 -0.88
H1 ZAE B 1 8.40 7.00 0.41
HA ZAE B 1 9.49 5.02 1.16
HB2 ZAE B 1 9.51 4.14 -1.52
HB3 ZAE B 1 9.22 5.86 -1.58
HD1 ZAE B 1 10.87 7.43 -0.98
HD2 ZAE B 1 11.60 3.26 -0.56
HE1 ZAE B 1 13.28 7.89 -0.78
HE2 ZAE B 1 14.03 3.70 -0.34
HZ ZAE B 1 14.87 6.03 -0.45
H11 ZAE B 1 6.85 5.14 -1.22
H12 ZAE B 1 7.62 6.67 -1.65
H13 ZAE B 1 6.14 6.67 -0.69
N ILE B 2 7.14 3.46 1.26
CA ILE B 2 6.41 2.22 1.33
C ILE B 2 5.15 2.30 0.50
N SER B 3 5.05 1.36 -0.43
CA SER B 3 3.90 1.25 -1.29
C SER B 3 3.64 -0.19 -1.63
N DAR B 4 2.41 -0.41 -1.98
CA DAR B 4 1.98 -1.73 -2.34
CB DAR B 4 2.13 -1.96 -3.84
CG DAR B 4 3.52 -2.47 -4.27
CD DAR B 4 3.74 -3.91 -3.84
NE DAR B 4 5.14 -4.20 -3.54
CZ DAR B 4 5.72 -5.38 -3.79
NH1 DAR B 4 5.00 -6.36 -4.32
NH2 DAR B 4 6.99 -5.58 -3.50
C DAR B 4 0.53 -1.86 -1.96
O DAR B 4 -0.23 -0.88 -2.12
H DAR B 4 1.76 0.33 -1.95
HA DAR B 4 2.55 -2.45 -1.80
HB2 DAR B 4 1.95 -1.02 -4.35
HB3 DAR B 4 1.40 -2.67 -4.16
HG2 DAR B 4 4.27 -1.84 -3.83
HG3 DAR B 4 3.58 -2.42 -5.35
HD2 DAR B 4 3.42 -4.56 -4.64
HD3 DAR B 4 3.16 -4.11 -2.96
HE DAR B 4 5.68 -3.49 -3.14
HH11 DAR B 4 5.43 -7.28 -4.51
HH12 DAR B 4 3.98 -6.20 -4.53
HH21 DAR B 4 7.44 -6.51 -3.69
HH22 DAR B 4 7.56 -4.81 -3.10
N 28J B 5 0.15 -3.00 -1.41
CA 28J B 5 -1.23 -3.21 -1.01
CB 28J B 5 -1.46 -2.89 0.48
CG2 28J B 5 -0.61 -3.78 1.36
CG1 28J B 5 -1.18 -1.41 0.78
CD1 28J B 5 -2.37 -0.50 0.54
C 28J B 5 -1.66 -4.63 -1.28
O 28J B 5 -0.86 -5.54 -1.48
HA 28J B 5 -1.83 -2.53 -1.61
H22 28J B 5 -2.50 -3.10 0.70
H23 28J B 5 0.42 -3.73 1.03
H24 28J B 5 -0.96 -4.80 1.31
H25 28J B 5 -0.67 -3.43 2.39
H26 28J B 5 -0.38 -1.07 0.15
H27 28J B 5 -0.89 -1.30 1.81
H28 28J B 5 -3.17 -0.76 1.22
H29 28J B 5 -2.72 -0.62 -0.48
H30 28J B 5 -2.08 0.53 0.70
N ILE B 6 -2.96 -4.77 -1.42
CA ILE B 6 -3.54 -6.10 -1.57
C ILE B 6 -4.46 -6.14 -2.79
N SER B 7 -4.37 -7.22 -3.57
CA SER B 7 -5.22 -7.35 -4.74
C SER B 7 -5.41 -8.80 -5.13
N DTH B 8 -6.62 -9.13 -5.56
CA DTH B 8 -6.93 -10.50 -5.96
CB DTH B 8 -6.61 -10.75 -7.44
CG2 DTH B 8 -5.13 -10.51 -7.67
OG1 DTH B 8 -7.37 -9.89 -8.27
C DTH B 8 -8.43 -10.85 -5.84
O DTH B 8 -8.76 -12.02 -5.72
H DTH B 8 -7.31 -8.43 -5.60
HA DTH B 8 -6.32 -11.16 -5.36
HB DTH B 8 -6.86 -11.78 -7.71
HG21 DTH B 8 -4.55 -11.18 -7.06
HG22 DTH B 8 -4.88 -9.49 -7.40
HG23 DTH B 8 -4.89 -10.66 -8.71
N ALA B 9 -9.31 -9.85 -5.92
CA ALA B 9 -10.78 -10.06 -5.93
C ALA B 9 -11.25 -9.98 -7.34
N LEU B 10 -11.19 -8.77 -7.86
CA LEU B 10 -11.60 -8.54 -9.23
C LEU B 10 -10.45 -8.81 -10.15
N ILE B 11 -9.25 -8.79 -9.60
CA ILE B 11 -8.08 -9.06 -10.41
C ILE B 11 -7.18 -10.03 -9.68
N ZAE C 1 -5.89 -3.96 -6.09
CA ZAE C 1 -6.87 -2.83 -6.10
C ZAE C 1 -6.43 -1.73 -5.13
O ZAE C 1 -6.37 -0.56 -5.49
CB ZAE C 1 -6.97 -2.26 -7.52
CG ZAE C 1 -8.35 -2.37 -8.12
CD1 ZAE C 1 -8.49 -2.69 -9.44
CD2 ZAE C 1 -9.48 -2.18 -7.36
CE1 ZAE C 1 -9.74 -2.83 -10.02
CE2 ZAE C 1 -10.74 -2.30 -7.92
CZ ZAE C 1 -10.87 -2.64 -9.27
C10 ZAE C 1 -4.55 -3.45 -6.42
H1 ZAE C 1 -6.16 -4.66 -6.82
HA ZAE C 1 -7.83 -3.21 -5.78
HB2 ZAE C 1 -6.71 -1.21 -7.49
HB3 ZAE C 1 -6.29 -2.79 -8.16
HD1 ZAE C 1 -7.61 -2.83 -10.03
HD2 ZAE C 1 -9.38 -1.92 -6.32
HE1 ZAE C 1 -9.83 -3.09 -11.08
HE2 ZAE C 1 -11.63 -2.15 -7.32
HZ ZAE C 1 -11.86 -2.74 -9.71
H11 ZAE C 1 -3.89 -3.54 -5.57
H12 ZAE C 1 -4.64 -2.41 -6.70
H13 ZAE C 1 -4.14 -4.01 -7.25
N ILE C 2 -6.10 -2.10 -3.89
CA ILE C 2 -5.69 -1.10 -2.93
C ILE C 2 -4.18 -0.97 -2.90
N SER C 3 -3.75 0.25 -3.19
CA SER C 3 -2.35 0.60 -3.16
C SER C 3 -2.15 1.99 -2.63
N DAR C 4 -0.93 2.20 -2.22
CA DAR C 4 -0.51 3.47 -1.70
CB DAR C 4 0.15 4.31 -2.80
CG DAR C 4 -0.82 5.10 -3.68
CD DAR C 4 -1.54 6.19 -2.91
NE DAR C 4 -2.88 6.45 -3.43
CZ DAR C 4 -3.44 7.67 -3.45
NH1 DAR C 4 -2.79 8.72 -2.95
NH2 DAR C 4 -4.67 7.83 -3.94
C DAR C 4 0.47 3.21 -0.61
O DAR C 4 1.30 2.29 -0.76
H DAR C 4 -0.30 1.44 -2.20
HA DAR C 4 -1.38 3.98 -1.31
HB2 DAR C 4 0.71 3.64 -3.43
HB3 DAR C 4 0.82 5.00 -2.33
HG2 DAR C 4 -1.55 4.42 -4.11
HG3 DAR C 4 -0.25 5.56 -4.48
HD2 DAR C 4 -0.96 7.10 -2.97
HD3 DAR C 4 -1.63 5.89 -1.88
HE DAR C 4 -3.38 5.70 -3.79
HH11 DAR C 4 -3.22 9.66 -2.96
HH12 DAR C 4 -1.85 8.58 -2.52
HH21 DAR C 4 -5.09 8.77 -3.96
HH22 DAR C 4 -5.19 7.01 -4.30
N 28J C 5 0.37 3.94 0.47
CA 28J C 5 1.29 3.73 1.56
CB 28J C 5 0.77 2.73 2.61
CG2 28J C 5 -0.75 2.77 2.66
CG1 28J C 5 1.27 1.32 2.28
CD1 28J C 5 1.06 0.32 3.40
C 28J C 5 1.61 5.04 2.26
O 28J C 5 0.84 6.00 2.21
HA 28J C 5 2.20 3.34 1.13
H22 28J C 5 1.15 3.02 3.58
H23 28J C 5 -1.09 2.05 3.39
H24 28J C 5 -1.15 2.50 1.70
H25 28J C 5 -1.08 3.75 2.95
H26 28J C 5 2.32 1.36 2.06
H27 28J C 5 0.74 0.95 1.41
H28 28J C 5 1.34 -0.67 3.06
H29 28J C 5 0.03 0.32 3.69
H30 28J C 5 1.68 0.59 4.24
N ILE C 6 2.84 5.08 2.79
CA ILE C 6 3.23 6.22 3.60
C ILE C 6 4.67 6.64 3.31
N SER C 7 4.90 7.97 3.27
CA SER C 7 6.24 8.48 3.02
C SER C 7 6.42 9.90 3.50
N DTH C 8 7.64 10.38 3.29
CA DTH C 8 8.02 11.73 3.65
CB DTH C 8 8.64 12.51 2.45
CG2 DTH C 8 7.66 12.57 1.30
OG1 DTH C 8 9.85 11.89 2.02
C DTH C 8 9.14 11.72 4.71
O DTH C 8 9.59 12.79 5.13
H DTH C 8 8.32 9.78 2.90
HA DTH C 8 7.13 12.26 3.98
HB DTH C 8 8.91 13.53 2.77
HG21 DTH C 8 6.76 13.07 1.61
HG22 DTH C 8 7.42 11.56 0.98
HG23 DTH C 8 8.10 13.11 0.48
N ALA C 9 9.63 10.53 5.07
CA ALA C 9 10.79 10.39 5.97
C ALA C 9 12.04 10.59 5.19
N LEU C 10 12.17 9.70 4.21
CA LEU C 10 13.34 9.71 3.33
C LEU C 10 13.20 10.81 2.32
N ILE C 11 12.07 10.80 1.63
CA ILE C 11 11.84 11.83 0.63
C ILE C 11 10.58 12.57 1.00
N ZAE D 1 4.38 16.00 7.04
CA ZAE D 1 5.57 15.25 6.55
C ZAE D 1 5.18 13.95 5.84
O ZAE D 1 5.71 13.62 4.79
CB ZAE D 1 6.42 16.11 5.60
CG ZAE D 1 7.88 16.23 6.00
CD1 ZAE D 1 8.58 17.41 5.76
CD2 ZAE D 1 8.54 15.18 6.62
CE1 ZAE D 1 9.93 17.52 6.11
CE2 ZAE D 1 9.87 15.28 6.97
CZ ZAE D 1 10.57 16.45 6.72
C10 ZAE D 1 3.47 16.36 5.93
H1 ZAE D 1 4.68 16.89 7.49
HA ZAE D 1 6.18 15.00 7.41
HB2 ZAE D 1 6.40 15.68 4.61
HB3 ZAE D 1 6.01 17.10 5.56
HD1 ZAE D 1 8.09 18.24 5.27
HD2 ZAE D 1 8.00 14.26 6.82
HE1 ZAE D 1 10.47 18.43 5.90
HE2 ZAE D 1 10.38 14.45 7.45
HZ ZAE D 1 11.61 16.53 6.99
H11 ZAE D 1 4.01 16.91 5.17
H12 ZAE D 1 2.65 16.97 6.30
H13 ZAE D 1 3.07 15.45 5.49
N ILE D 2 4.23 13.23 6.44
CA ILE D 2 3.77 11.98 5.88
C ILE D 2 2.72 12.23 4.81
N SER D 3 2.75 11.42 3.75
CA SER D 3 1.76 11.52 2.68
C SER D 3 1.50 10.16 2.05
N DAR D 4 0.36 10.10 1.37
CA DAR D 4 -0.08 8.90 0.69
CB DAR D 4 0.05 9.07 -0.81
CG DAR D 4 1.41 9.54 -1.21
CD DAR D 4 2.20 8.39 -1.76
NE DAR D 4 2.88 7.68 -0.71
CZ DAR D 4 3.36 6.47 -0.85
NH1 DAR D 4 3.98 5.89 0.16
NH2 DAR D 4 3.19 5.81 -2.00
C DAR D 4 -1.51 8.62 0.99
O DAR D 4 -2.37 9.47 0.80
H DAR D 4 -0.21 10.89 1.32
HA DAR D 4 0.53 8.07 1.02
HB2 DAR D 4 -0.67 9.79 -1.14
HB3 DAR D 4 -0.14 8.12 -1.28
HG2 DAR D 4 1.92 9.94 -0.33
HG3 DAR D 4 1.32 10.31 -1.96
HD2 DAR D 4 2.92 8.78 -2.47
HD3 DAR D 4 1.53 7.71 -2.26
HE DAR D 4 2.98 8.15 0.15
HH11 DAR D 4 4.40 4.96 0.05
HH12 DAR D 4 4.04 6.37 1.08
HH21 DAR D 4 3.57 4.86 -2.12
HH22 DAR D 4 2.67 6.26 -2.78
N 28J D 5 -1.79 7.42 1.46
CA 28J D 5 -3.15 7.07 1.73
CB 28J D 5 -3.51 7.14 3.24
CG2 28J D 5 -2.31 6.69 4.07
CG1 28J D 5 -3.92 8.56 3.64
CD1 28J D 5 -5.39 8.86 3.42
C 28J D 5 -3.46 5.71 1.15
O 28J D 5 -2.56 4.89 0.90
HA 28J D 5 -3.77 7.79 1.20
H22 28J D 5 -4.33 6.46 3.42
H23 28J D 5 -1.49 7.36 3.88
H24 28J D 5 -2.04 5.69 3.81
H25 28J D 5 -2.59 6.73 5.12
H26 28J D 5 -3.34 9.28 3.08
H27 28J D 5 -3.72 8.69 4.70
H28 28J D 5 -5.99 8.16 3.98
H29 28J D 5 -5.62 8.77 2.37
H30 28J D 5 -5.60 9.87 3.75
N ILE D 6 -4.73 5.51 0.85
CA ILE D 6 -5.25 4.24 0.37
C ILE D 6 -6.35 4.38 -0.72
N SER D 7 -6.09 3.84 -1.94
CA SER D 7 -7.07 3.89 -3.06
C SER D 7 -6.92 2.77 -4.10
N DTH D 8 -8.04 2.52 -4.79
CA DTH D 8 -8.12 1.58 -5.92
CB DTH D 8 -7.60 2.10 -7.30
CG2 DTH D 8 -6.18 2.60 -7.18
OG1 DTH D 8 -8.46 3.13 -7.80
C DTH D 8 -9.61 1.30 -6.24
O DTH D 8 -9.85 0.85 -7.34
H DTH D 8 -8.87 2.87 -4.43
HA DTH D 8 -7.60 0.67 -5.66
HB DTH D 8 -7.63 1.28 -8.04
HG21 DTH D 8 -5.53 1.80 -6.83
HG22 DTH D 8 -6.13 3.43 -6.48
HG23 DTH D 8 -5.84 2.93 -8.15
N ALA D 9 -10.53 1.78 -5.41
CA ALA D 9 -11.94 1.72 -5.67
C ALA D 9 -12.28 2.47 -6.93
N LEU D 10 -12.25 3.77 -6.78
CA LEU D 10 -12.58 4.68 -7.87
C LEU D 10 -11.55 4.62 -8.98
N ILE D 11 -10.29 4.65 -8.60
CA ILE D 11 -9.18 4.68 -9.55
C ILE D 11 -8.16 3.64 -9.11
N ALA E 1 15.20 -10.66 5.76
CA ALA E 1 15.63 -11.22 7.08
C ALA E 1 14.58 -11.02 8.11
N DGL E 2 13.26 -10.98 7.67
CA DGL E 2 12.20 -11.02 8.70
C DGL E 2 10.92 -10.09 8.67
O DGL E 2 10.62 -9.62 9.84
CB DGL E 2 11.40 -12.39 8.54
CG DGL E 2 10.11 -12.39 7.63
CD DGL E 2 8.81 -12.19 8.42
OE1 DGL E 2 8.30 -13.14 9.05
H DGL E 2 13.05 -11.12 6.70
HA DGL E 2 12.82 -10.77 9.56
HB2 DGL E 2 11.12 -12.63 9.55
HB3 DGL E 2 12.11 -13.13 8.18
HG2 DGL E 2 10.06 -13.32 7.11
HG3 DGL E 2 10.17 -11.60 6.87
N LYS E 3 8.30 -10.97 8.43
CA LYS E 3 7.08 -10.61 9.14
C LYS E 3 7.18 -10.77 10.70
N DAL E 4 8.43 -10.35 11.14
CA DAL E 4 8.99 -10.16 12.59
CB DAL E 4 8.32 -11.19 13.80
C DAL E 4 9.09 -8.49 12.67
O DAL E 4 8.58 -7.83 13.58
H DAL E 4 9.05 -10.07 10.41
HA DAL E 4 9.96 -10.57 12.85
HB1 DAL E 4 8.38 -12.19 13.49
HB2 DAL E 4 7.30 -10.92 14.03
HB3 DAL E 4 8.87 -11.09 14.78
N DAL E 5 9.70 -7.87 11.56
CA DAL E 5 10.14 -6.31 11.33
CB DAL E 5 10.81 -6.18 12.74
C DAL E 5 8.57 -5.80 11.47
O DAL E 5 8.33 -4.91 12.28
OXT DAL E 5 7.65 -6.19 10.65
H DAL E 5 10.03 -8.52 10.90
HA DAL E 5 10.72 -5.90 10.50
HB1 DAL E 5 11.85 -6.53 12.75
HB2 DAL E 5 10.25 -6.78 13.40
HB3 DAL E 5 10.79 -5.15 13.08
N ALA F 1 -14.80 -2.38 -4.97
CA ALA F 1 -15.88 -2.03 -5.94
C ALA F 1 -16.94 -3.06 -5.93
N DGL F 2 -17.37 -3.58 -7.14
CA DGL F 2 -18.26 -4.77 -7.11
C DGL F 2 -18.29 -5.78 -5.89
O DGL F 2 -19.30 -5.94 -5.17
CB DGL F 2 -19.73 -4.27 -6.87
CG DGL F 2 -19.99 -3.10 -5.86
CD DGL F 2 -20.92 -3.50 -4.72
OE1 DGL F 2 -22.14 -3.34 -4.81
H DGL F 2 -16.97 -3.24 -7.99
HA DGL F 2 -17.89 -5.24 -8.02
HB2 DGL F 2 -20.23 -5.16 -6.54
HB3 DGL F 2 -20.10 -4.00 -7.85
HG2 DGL F 2 -20.43 -2.28 -6.38
HG3 DGL F 2 -19.04 -2.75 -5.42
N LYS F 3 -20.36 -4.08 -3.68
CA LYS F 3 -21.08 -4.50 -2.49
C LYS F 3 -21.95 -5.78 -2.67
N DAL F 4 -21.44 -6.56 -3.72
CA DAL F 4 -21.84 -7.99 -4.20
CB DAL F 4 -23.41 -8.17 -4.86
C DAL F 4 -21.15 -8.90 -2.98
O DAL F 4 -21.79 -9.35 -2.01
H DAL F 4 -20.66 -6.14 -4.19
HA DAL F 4 -21.47 -8.36 -5.16
HB1 DAL F 4 -24.13 -8.03 -4.11
HB2 DAL F 4 -23.53 -9.14 -5.32
HB3 DAL F 4 -23.61 -7.44 -5.68
N DAL F 5 -19.77 -9.03 -3.05
CA DAL F 5 -18.78 -9.92 -2.18
CB DAL F 5 -19.56 -11.27 -2.38
C DAL F 5 -19.23 -9.20 -0.75
O DAL F 5 -19.07 -7.98 -0.54
OXT DAL F 5 -19.79 -9.93 0.14
H DAL F 5 -19.35 -8.60 -3.84
HA DAL F 5 -17.70 -10.03 -2.32
HB1 DAL F 5 -19.26 -11.78 -3.25
HB2 DAL F 5 -20.60 -11.01 -2.43
HB3 DAL F 5 -19.43 -11.93 -1.51
N ALA G 1 13.65 -0.38 8.07
CA ALA G 1 14.98 -1.05 8.20
C ALA G 1 15.90 -0.23 9.01
N DGL G 2 17.21 -0.09 8.54
CA DGL G 2 18.07 0.89 9.22
C DGL G 2 17.46 2.24 9.84
O DGL G 2 17.26 2.33 11.08
CB DGL G 2 18.62 0.26 10.60
CG DGL G 2 17.76 -0.86 11.29
CD DGL G 2 17.42 -0.55 12.76
OE1 DGL G 2 17.58 -1.41 13.63
H DGL G 2 17.51 -0.58 7.75
HA DGL G 2 18.75 1.13 8.39
HB2 DGL G 2 18.67 1.13 11.25
HB3 DGL G 2 19.62 -0.10 10.42
HG2 DGL G 2 18.30 -1.78 11.25
HG3 DGL G 2 16.81 -1.01 10.76
N LYS G 3 17.01 0.68 13.03
CA LYS G 3 16.67 1.14 14.37
C LYS G 3 17.90 1.26 15.33
N DAL G 4 18.80 2.19 14.83
CA DAL G 4 20.09 2.80 15.47
CB DAL G 4 21.55 1.95 15.20
C DAL G 4 19.48 3.28 16.95
O DAL G 4 19.55 2.60 17.98
H DAL G 4 18.53 2.59 13.95
HA DAL G 4 20.59 3.64 15.01
HB1 DAL G 4 21.52 1.02 15.69
HB2 DAL G 4 22.41 2.52 15.53
HB3 DAL G 4 21.73 1.76 14.11
N DAL G 5 18.76 4.48 16.93
CA DAL G 5 18.16 5.32 18.13
CB DAL G 5 19.49 5.40 18.97
C DAL G 5 17.19 4.09 18.67
O DAL G 5 16.34 3.54 17.95
OXT DAL G 5 17.40 3.64 19.85
H DAL G 5 18.73 4.93 16.05
HA DAL G 5 17.66 6.29 18.05
HB1 DAL G 5 20.09 6.21 18.69
HB2 DAL G 5 20.01 4.47 18.78
HB3 DAL G 5 19.27 5.45 20.04
N ALA H 1 -16.95 9.54 -4.56
CA ALA H 1 -18.21 9.32 -5.33
C ALA H 1 -18.83 8.04 -4.97
N DGL H 2 -19.32 7.27 -6.00
CA DGL H 2 -19.74 5.88 -5.72
C DGL H 2 -19.10 5.10 -4.46
O DGL H 2 -17.83 5.17 -4.42
CB DGL H 2 -21.24 5.91 -5.16
CG DGL H 2 -21.73 7.24 -4.45
CD DGL H 2 -22.03 7.03 -2.95
OE1 DGL H 2 -23.19 7.03 -2.53
H DGL H 2 -19.27 7.59 -6.95
HA DGL H 2 -19.48 5.39 -6.66
HB2 DGL H 2 -21.26 5.09 -4.47
HB3 DGL H 2 -21.87 5.70 -6.01
HG2 DGL H 2 -22.62 7.56 -4.93
HG3 DGL H 2 -20.99 8.03 -4.53
N LYS H 3 -20.99 6.81 -2.16
CA LYS H 3 -21.10 6.61 -0.71
C LYS H 3 -21.69 5.21 -0.31
N DAL H 4 -21.16 4.21 -1.12
CA DAL H 4 -21.28 2.66 -1.04
CB DAL H 4 -22.71 1.93 -1.59
C DAL H 4 -20.52 2.37 0.43
O DAL H 4 -21.12 2.38 1.51
H DAL H 4 -20.60 4.55 -1.84
HA DAL H 4 -20.80 2.06 -1.81
HB1 DAL H 4 -22.92 2.27 -2.55
HB2 DAL H 4 -23.53 2.11 -0.91
HB3 DAL H 4 -22.62 0.81 -1.63
N DAL H 5 -19.11 2.28 0.35
CA DAL H 5 -18.07 1.85 1.51
CB DAL H 5 -18.89 0.64 1.99
C DAL H 5 -18.48 3.18 2.43
O DAL H 5 -18.74 3.01 3.63
OXT DAL H 5 -18.47 4.38 1.96
H DAL H 5 -18.77 2.32 -0.56
HA DAL H 5 -17.00 1.66 1.39
HB1 DAL H 5 -19.95 0.72 1.76
HB2 DAL H 5 -18.76 0.58 3.04
HB3 DAL H 5 -18.51 -0.27 1.53
C1 MUB I . 12.43 -7.22 2.98
C2 MUB I . 13.37 -8.23 2.35
C3 MUB I . 13.16 -9.61 3.02
C4 MUB I . 12.81 -9.44 4.52
C5 MUB I . 11.53 -8.64 4.69
C6 MUB I . 11.68 -7.61 5.82
C7 MUB I . 12.31 -9.18 0.40
C8 MUB I . 12.18 -9.28 -1.08
C9 MUB I . 15.50 -9.99 3.38
C10 MUB I . 16.03 -10.64 4.66
C11 MUB I . 16.38 -8.98 2.56
O1 MUB I . 12.07 -6.26 2.05
O3 MUB I . 14.29 -10.50 2.80
O4 MUB I . 12.69 -10.78 5.03
O5 MUB I . 11.26 -7.89 3.48
O6 MUB I . 12.85 -6.83 5.63
O7 MUB I . 11.60 -9.88 1.13
O10 MUB I . 17.16 -11.18 4.65
N2 MUB I . 13.20 -8.34 0.91
H1 MUB I . 12.86 -6.72 3.83
H2 MUB I . 14.34 -7.71 2.48
HN2 MUB I . 13.78 -7.80 0.31
H81 MUB I . 13.14 -9.55 -1.52
H82 MUB I . 11.86 -8.33 -1.48
H83 MUB I . 11.43 -10.03 -1.32
H3 MUB I . 12.36 -10.17 2.56
H9 MUB I . 14.98 -9.42 4.10
H111 MUB I . 16.34 -9.19 1.48
H112 MUB I . 17.37 -9.07 2.86
H113 MUB I . 16.05 -7.96 2.79
H4 MUB I . 13.68 -9.24 5.15
H5 MUB I . 10.72 -9.17 4.97
H61 MUB I . 11.93 -8.19 6.74
H62 MUB I . 10.77 -7.00 6.07
HO6 MUB I . 12.70 -5.86 5.63
C1 NAG I . 11.87 -11.65 4.23
C2 NAG I . 11.67 -12.98 4.92
C3 NAG I . 10.85 -13.90 4.04
C4 NAG I . 9.56 -13.19 3.59
C5 NAG I . 9.88 -11.82 2.99
C6 NAG I . 8.63 -11.03 2.61
C7 NAG I . 13.85 -13.87 4.30
C8 NAG I . 15.17 -14.48 4.71
N2 NAG I . 12.97 -13.58 5.24
O3 NAG I . 10.51 -15.07 4.78
O4 NAG I . 8.91 -13.99 2.60
O5 NAG I . 10.63 -11.03 3.91
O6 NAG I . 7.98 -10.49 3.75
O7 NAG I . 13.57 -13.82 3.10
H1 NAG I . 12.48 -11.82 3.32
H2 NAG I . 11.30 -13.01 5.90
H3 NAG I . 11.40 -14.19 3.14
H4 NAG I . 8.88 -13.27 4.46
H5 NAG I . 10.43 -11.86 2.04
H61 NAG I . 7.89 -11.66 2.12
H62 NAG I . 8.91 -10.26 1.87
H81 NAG I . 15.74 -14.75 3.82
H82 NAG I . 15.01 -15.36 5.31
H83 NAG I . 15.71 -13.75 5.31
HN2 NAG I . 13.22 -13.65 6.19
HO3 NAG I . 10.02 -14.79 5.56
HO4 NAG I . 8.89 -14.89 2.90
HO6 NAG I . 8.69 -10.25 4.37
C1 MUB J . -11.46 -6.02 -4.32
C2 MUB J . -11.44 -4.65 -3.64
C3 MUB J . -12.83 -4.35 -3.06
C4 MUB J . -13.95 -4.86 -4.00
C5 MUB J . -13.85 -6.37 -4.16
C6 MUB J . -14.10 -6.82 -5.59
C7 MUB J . -10.70 -4.94 -1.36
C8 MUB J . -9.62 -4.81 -0.31
C9 MUB J . -12.59 -2.10 -3.88
C10 MUB J . -13.66 -1.63 -4.86
C11 MUB J . -11.14 -1.48 -3.91
O1 MUB J . -10.25 -6.67 -4.12
O3 MUB J . -12.99 -2.92 -2.77
O4 MUB J . -15.24 -4.47 -3.48
O5 MUB J . -12.52 -6.82 -3.77
O6 MUB J . -14.78 -5.79 -6.29
O7 MUB J . -11.83 -5.26 -1.03
O10 MUB J . -13.47 -0.57 -5.49
N2 MUB J . -10.41 -4.54 -2.60
H1 MUB J . -11.61 -5.93 -5.39
H2 MUB J . -11.07 -4.02 -4.46
HN2 MUB J . -9.51 -4.26 -2.84
H81 MUB J . -9.99 -5.20 0.62
H82 MUB J . -9.37 -3.77 -0.19
H83 MUB J . -8.76 -5.35 -0.64
H3 MUB J . -12.95 -4.77 -2.06
H9 MUB J . -12.58 -2.92 -4.55
H111 MUB J . -10.92 -0.95 -2.96
H112 MUB J . -11.09 -0.79 -4.67
H113 MUB J . -10.42 -2.27 -4.10
H4 MUB J . -14.03 -4.23 -4.89
H5 MUB J . -14.53 -6.90 -3.65
H61 MUB J . -14.86 -7.61 -5.53
H62 MUB J . -13.22 -7.23 -6.17
HO6 MUB J . -15.72 -5.67 -6.03
C1 NAG J . -15.48 -4.88 -2.13
C2 NAG J . -16.88 -4.51 -1.73
C3 NAG J . -17.11 -4.89 -0.28
C4 NAG J . -16.74 -6.36 -0.04
C5 NAG J . -15.37 -6.68 -0.62
C6 NAG J . -15.00 -8.16 -0.54
C7 NAG J . -16.49 -2.16 -1.26
C8 NAG J . -16.79 -0.70 -1.56
N2 NAG J . -17.13 -3.09 -1.96
O3 NAG J . -18.47 -4.68 0.05
O4 NAG J . -16.74 -6.63 1.35
O5 NAG J . -15.28 -6.29 -1.98
O6 NAG J . -15.87 -8.96 -1.32
O7 NAG J . -15.76 -2.44 -0.30
H1 NAG J . -14.72 -4.32 -1.54
H2 NAG J . -17.69 -4.84 -2.29
H3 NAG J . -16.47 -4.28 0.39
H4 NAG J . -17.64 -6.93 -0.40
H5 NAG J . -14.54 -6.21 -0.08
H61 NAG J . -15.11 -8.53 0.50
H62 NAG J . -13.94 -8.29 -0.77
H81 NAG J . -17.85 -0.54 -1.44
H82 NAG J . -16.52 -0.47 -2.58
H83 NAG J . -16.21 -0.08 -0.89
HN2 NAG J . -17.70 -2.83 -2.70
HO3 NAG J . -18.62 -3.74 0.04
HO4 NAG J . -17.60 -6.42 1.72
HO6 NAG J . -16.75 -8.61 -1.15
C1 MUB K . 11.81 3.70 5.60
C2 MUB K . 11.06 2.52 6.21
C3 MUB K . 11.59 2.24 7.62
C4 MUB K . 13.13 2.31 7.70
C5 MUB K . 13.62 3.67 7.21
C6 MUB K . 14.69 3.53 6.15
C7 MUB K . 9.07 3.35 7.30
C8 MUB K . 7.59 3.55 7.32
C9 MUB K . 11.34 -0.11 7.20
C10 MUB K . 12.65 -0.89 7.29
C11 MUB K . 10.15 -0.63 6.31
O1 MUB K . 10.92 4.56 4.97
O3 MUB K . 11.11 0.96 8.13
O4 MUB K . 13.55 2.03 9.05
O5 MUB K . 12.52 4.41 6.64
O6 MUB K . 15.75 2.72 6.62
O7 MUB K . 9.75 3.77 8.23
O10 MUB K . 12.72 -2.01 6.74
N2 MUB K . 9.61 2.74 6.25
H1 MUB K . 12.55 3.37 4.87
H2 MUB K . 11.19 1.74 5.44
HN2 MUB K . 9.05 2.39 5.52
H81 MUB K . 7.10 2.58 7.23
H82 MUB K . 7.29 4.17 6.50
H83 MUB K . 7.32 4.03 8.24
H3 MUB K . 11.15 2.92 8.36
H9 MUB K . 11.94 0.49 6.57
H111 MUB K . 9.26 -0.85 6.93
H112 MUB K . 10.43 -1.50 5.83
H113 MUB K . 9.93 0.12 5.53
H4 MUB K . 13.59 1.39 7.30
H5 MUB K . 14.07 4.22 7.92
H61 MUB K . 15.16 4.54 6.06
H62 MUB K . 14.35 3.24 5.11
HO6 MUB K . 16.01 2.90 7.54
C1 NAG K . 12.91 2.85 10.04
C2 NAG K . 13.62 2.67 11.36
C3 NAG K . 12.96 3.50 12.44
C4 NAG K . 12.81 4.96 11.97
C5 NAG K . 12.17 5.02 10.59
C6 NAG K . 12.07 6.42 10.02
C7 NAG K . 12.58 0.53 11.87
C8 NAG K . 12.72 -0.93 12.25
N2 NAG K . 13.69 1.26 11.73
O3 NAG K . 13.77 3.47 13.61
O4 NAG K . 11.98 5.65 12.89
O5 NAG K . 12.90 4.22 9.65
O6 NAG K . 13.34 6.95 9.69
O7 NAG K . 11.45 1.05 11.82
H1 NAG K . 11.88 2.45 10.08
H2 NAG K . 14.65 2.82 11.41
H3 NAG K . 11.96 3.12 12.67
H4 NAG K . 13.80 5.42 12.14
H5 NAG K . 11.12 4.68 10.56
H61 NAG K . 11.64 7.12 10.77
H62 NAG K . 11.35 6.43 9.19
H81 NAG K . 13.27 -1.44 11.47
H82 NAG K . 11.75 -1.38 12.33
H83 NAG K . 13.23 -0.98 13.20
HN2 NAG K . 14.56 0.83 11.79
HO3 NAG K . 14.65 3.73 13.36
HO4 NAG K . 12.26 5.46 13.78
HO6 NAG K . 13.87 6.18 9.48
C1 MUB L . -13.21 7.28 -2.62
C2 MUB L . -13.26 8.80 -2.80
C3 MUB L . -14.46 9.37 -2.00
C4 MUB L . -15.60 8.34 -1.92
C5 MUB L . -15.15 7.10 -1.17
C6 MUB L . -15.81 5.86 -1.72
C7 MUB L . -11.97 10.00 -1.16
C8 MUB L . -10.74 10.76 -0.75
C9 MUB L . -14.85 10.71 -3.96
C10 MUB L . -16.14 10.63 -4.77
C11 MUB L . -13.49 11.13 -4.64
O1 MUB L . -11.91 6.79 -2.74
O3 MUB L . -14.92 10.65 -2.53
O4 MUB L . -16.73 9.00 -1.28
O5 MUB L . -13.71 6.94 -1.31
O6 MUB L . -15.84 5.92 -3.15
O7 MUB L . -12.79 9.70 -0.30
O10 MUB L . -16.43 11.57 -5.54
N2 MUB L . -12.03 9.48 -2.39
H1 MUB L . -13.82 6.76 -3.37
H2 MUB L . -13.28 8.90 -3.91
HN2 MUB L . -11.39 9.75 -3.08
H81 MUB L . -10.55 11.55 -1.47
H82 MUB L . -9.91 10.08 -0.72
H83 MUB L . -10.92 11.17 0.24
H3 MUB L . -14.16 9.66 -0.99
H9 MUB L . -14.91 9.66 -4.05
H111 MUB L . -12.96 11.91 -4.05
H112 MUB L . -13.70 11.52 -5.57
H113 MUB L . -12.87 10.23 -4.77
H4 MUB L . -16.15 8.24 -2.87
H5 MUB L . -15.39 7.12 -0.17
H61 MUB L . -16.88 5.95 -1.47
H62 MUB L . -15.46 4.88 -1.32
HO6 MUB L . -16.66 5.56 -3.56
C1 NAG L . -16.41 9.72 -0.09
C2 NAG L . -17.68 10.25 0.56
C3 NAG L . -17.35 11.05 1.79
C4 NAG L . -16.43 10.24 2.72
C5 NAG L . -15.23 9.69 1.96
C6 NAG L . -14.36 8.78 2.80
C7 NAG L . -17.94 12.19 -0.90
C8 NAG L . -18.78 12.96 -1.90
N2 NAG L . -18.43 11.05 -0.41
O3 NAG L . -18.55 11.37 2.48
O4 NAG L . -15.96 11.08 3.76
O5 NAG L . -15.67 8.92 0.82
O6 NAG L . -15.06 7.62 3.23
O7 NAG L . -16.89 12.68 -0.49
H1 NAG L . -15.81 10.58 -0.46
H2 NAG L . -18.44 9.56 0.77
H3 NAG L . -16.82 11.98 1.54
H4 NAG L . -17.12 9.55 3.25
H5 NAG L . -14.52 10.45 1.60
H61 NAG L . -14.01 9.27 3.73
H62 NAG L . -13.45 8.53 2.24
H81 NAG L . -18.20 13.81 -2.26
H82 NAG L . -19.67 13.33 -1.44
H83 NAG L . -19.05 12.30 -2.72
HN2 NAG L . -19.28 10.70 -0.74
HO3 NAG L . -18.31 11.81 3.28
HO4 NAG L . -15.50 10.55 4.40
HO6 NAG L . -15.63 7.40 2.48
P 2PO M . 11.22 -5.00 2.58
O1P 2PO M . 9.79 -5.42 2.74
O2P 2PO M . 11.90 -4.41 3.76
O3P 2PO M . 11.32 -3.97 1.36
P 2PO N . 11.21 -4.48 -0.14
O1P 2PO N . 11.27 -3.28 -1.03
O2P 2PO N . 12.18 -5.55 -0.36
O3P 2PO N . 9.75 -5.14 -0.14
C1 P1W O . 9.51 -6.47 -0.61
C2 P1W O . 8.06 -6.83 -0.43
C3 P1W O . 7.50 -7.97 -0.92
C4 P1W O . 6.04 -8.27 -0.70
C5 P1W O . 8.27 -9.03 -1.72
H12 P1W O . 10.13 -7.15 -0.04
H11 P1W O . 9.77 -6.52 -1.64
H2 P1W O . 7.57 -6.30 0.37
H41 P1W O . 5.66 -7.64 0.09
H42 P1W O . 5.48 -8.06 -1.61
H51 P1W O . 8.65 -9.78 -1.03
H52 P1W O . 9.10 -8.57 -2.22
H53 P1W O . 7.61 -9.50 -2.43
C1 P1W P . 5.81 -9.72 -0.30
C2 P1W P . 5.84 -9.90 1.21
C3 P1W P . 4.88 -10.57 1.89
C4 P1W P . 4.91 -10.75 3.40
C5 P1W P . 3.70 -11.27 1.21
H12 P1W P . 4.86 -10.03 -0.69
H11 P1W P . 6.59 -10.33 -0.74
H2 P1W P . 6.48 -9.19 1.71
H41 P1W P . 5.90 -10.56 3.76
H42 P1W P . 4.21 -10.06 3.85
H51 P1W P . 4.05 -12.17 0.74
H52 P1W P . 3.28 -10.60 0.46
H53 P1W P . 2.95 -11.51 1.94
C1 P1W Q . 4.50 -12.17 3.79
C2 P1W Q . 5.49 -12.74 4.77
C3 P1W Q . 5.26 -13.80 5.57
C4 P1W Q . 6.30 -14.34 6.55
C5 P1W Q . 3.94 -14.58 5.56
H12 P1W Q . 3.53 -12.15 4.25
H11 P1W Q . 4.47 -12.80 2.91
H2 P1W Q . 6.39 -12.17 4.88
H43 P1W Q . 6.51 -15.38 6.33
H41 P1W Q . 5.93 -14.26 7.56
H42 P1W Q . 7.20 -13.76 6.44
H51 P1W Q . 3.14 -13.92 5.86
H52 P1W Q . 4.00 -15.40 6.27
H53 P1W Q . 3.74 -14.96 4.57
C1 P1W R . -9.92 -11.09 2.23
C2 P1W R . -9.48 -10.96 3.66
C3 P1W R . -8.43 -11.61 4.19
C4 P1W R . -8.01 -11.48 5.64
C5 P1W R . -7.50 -12.53 3.38
H12 P1W R . -10.97 -10.92 2.15
H11 P1W R . -9.69 -12.10 1.88
H2 P1W R . -10.25 -10.55 4.32
H41 P1W R . -8.51 -10.62 6.07
H42 P1W R . -6.94 -11.34 5.70
H51 P1W R . -7.08 -11.97 2.57
H52 P1W R . -8.09 -13.35 2.99
H53 P1W R . -6.72 -12.91 4.02
C1 P1W S . -8.39 -12.72 6.44
C2 P1W S . -7.75 -12.71 7.81
C3 P1W S . -8.36 -12.33 8.95
C4 P1W S . -7.65 -12.36 10.31
C5 P1W S . -9.80 -11.84 9.00
H12 P1W S . -9.46 -12.75 6.56
H11 P1W S . -8.07 -13.60 5.91
H2 P1W S . -6.71 -13.03 7.80
H43 P1W S . -8.34 -12.66 11.07
H41 P1W S . -7.27 -11.36 10.53
H42 P1W S . -6.82 -13.05 10.26
H51 P1W S . -9.93 -11.04 8.30
H52 P1W S . -10.01 -11.49 10.00
H53 P1W S . -10.47 -12.65 8.75
P 2PO T . -9.09 -6.51 -5.23
O1P 2PO T . -9.44 -7.32 -6.43
O2P 2PO T . -8.83 -5.09 -5.42
O3P 2PO T . -7.82 -7.18 -4.52
P 2PO U . -7.97 -7.95 -3.14
O1P 2PO U . -6.64 -8.62 -2.83
O2P 2PO U . -8.56 -7.04 -2.15
O3P 2PO U . -9.08 -9.05 -3.51
C1 P1W V . -9.38 -10.15 -2.63
C2 P1W V . -9.44 -9.71 -1.17
C3 P1W V . -9.12 -10.52 -0.13
C4 P1W V . -9.19 -10.08 1.33
C5 P1W V . -8.65 -11.96 -0.32
H12 P1W V . -8.63 -10.92 -2.75
H11 P1W V . -10.34 -10.56 -2.91
H2 P1W V . -9.45 -8.64 -1.04
H41 P1W V . -9.70 -9.12 1.38
H42 P1W V . -8.18 -9.96 1.69
H51 P1W V . -8.03 -12.25 0.51
H52 P1W V . -8.08 -12.03 -1.24
H53 P1W V . -9.50 -12.63 -0.38
P 2PO W . 10.67 4.38 3.39
O1P 2PO W . 11.79 3.59 2.80
O2P 2PO W . 9.30 3.88 3.18
O3P 2PO W . 10.72 5.86 2.82
P 2PO X . 9.62 6.91 3.29
O1P 2PO X . 10.02 8.28 2.76
O2P 2PO X . 8.30 6.36 2.94
O3P 2PO X . 9.79 6.80 4.88
C1 P1W Y . 8.70 6.50 5.77
C2 P1W Y . 7.80 7.70 6.03
C3 P1W Y . 7.45 8.09 7.29
C4 P1W Y . 6.55 9.29 7.58
C5 P1W Y . 7.95 7.38 8.54
H12 P1W Y . 9.10 6.15 6.70
H11 P1W Y . 8.11 5.71 5.32
H2 P1W Y . 7.76 8.40 5.21
H41 P1W Y . 6.23 9.25 8.62
H42 P1W Y . 5.67 9.24 6.95
H51 P1W Y . 7.52 6.39 8.56
H52 P1W Y . 7.66 7.92 9.41
H53 P1W Y . 9.02 7.30 8.50
C1 P1W Z . 7.27 10.63 7.32
C2 P1W Z . 8.25 10.95 8.42
C3 P1W Z . 8.17 12.05 9.22
C4 P1W Z . 9.17 12.35 10.31
C5 P1W Z . 7.05 13.07 9.11
H12 P1W Z . 7.79 10.56 6.38
H11 P1W Z . 6.53 11.42 7.26
H2 P1W Z . 9.18 10.40 8.34
H41 P1W Z . 9.50 13.38 10.21
H42 P1W Z . 10.02 11.70 10.21
H51 P1W Z . 7.40 14.03 9.46
H52 P1W Z . 6.21 12.76 9.72
H53 P1W Z . 6.72 13.16 8.08
C1 P1W AA . 8.56 12.16 11.69
C2 P1W AA . 9.61 11.92 12.73
C3 P1W AA . 10.22 12.87 13.47
C4 P1W AA . 11.29 12.53 14.53
C5 P1W AA . 9.91 14.35 13.34
H12 P1W AA . 8.01 13.06 11.96
H11 P1W AA . 7.88 11.32 11.67
H2 P1W AA . 9.90 10.88 12.83
H43 P1W AA . 12.06 13.28 14.49
H41 P1W AA . 11.71 11.56 14.32
H42 P1W AA . 10.83 12.52 15.50
H51 P1W AA . 10.42 14.89 14.12
H52 P1W AA . 8.85 14.50 13.45
H53 P1W AA . 10.23 14.71 12.38
P 2PO BA . -11.64 5.23 -3.11
O1P 2PO BA . -12.92 4.49 -2.97
O2P 2PO BA . -10.94 5.16 -4.42
O3P 2PO BA . -10.63 4.71 -1.97
P 2PO CA . -10.58 3.20 -1.50
O1P 2PO CA . -11.96 2.64 -1.57
O2P 2PO CA . -9.50 2.49 -2.23
O3P 2PO CA . -10.18 3.30 0.04
C1 P1W DA . -11.13 3.82 0.97
C2 P1W DA . -11.13 2.92 2.18
C3 P1W DA . -11.42 1.64 2.21
C4 P1W DA . -11.36 0.91 3.55
C5 P1W DA . -11.74 0.80 0.96
H12 P1W DA . -12.11 3.85 0.51
H11 P1W DA . -10.83 4.83 1.25
H2 P1W DA . -10.52 3.28 2.97
H41 P1W DA . -11.54 -0.14 3.38
H42 P1W DA . -12.13 1.30 4.19
H51 P1W DA . -11.99 -0.21 1.26
H52 P1W DA . -10.88 0.78 0.31
H53 P1W DA . -12.59 1.24 0.44
C1 P1W EA . -10.03 1.08 4.25
C2 P1W EA . -9.35 -0.25 4.34
C3 P1W EA . -8.94 -0.78 5.50
C4 P1W EA . -8.23 -2.10 5.58
C5 P1W EA . -9.18 -0.11 6.85
H12 P1W EA . -9.42 1.75 3.69
H11 P1W EA . -10.18 1.46 5.25
H2 P1W EA . -8.91 -0.59 3.42
H41 P1W EA . -7.83 -2.25 6.57
H42 P1W EA . -7.42 -2.13 4.86
H51 P1W EA . -8.90 -0.79 7.63
H52 P1W EA . -10.22 0.15 6.93
H53 P1W EA . -8.57 0.78 6.92
C1 P1W FA . -9.21 -3.23 5.26
C2 P1W FA . -9.98 -3.63 6.49
C3 P1W FA . -11.32 -3.52 6.62
C4 P1W FA . -12.07 -3.95 7.89
C5 P1W FA . -12.22 -2.96 5.53
H12 P1W FA . -9.90 -2.91 4.50
H11 P1W FA . -8.66 -4.09 4.90
H2 P1W FA . -9.38 -4.04 7.28
H43 P1W FA . -12.96 -4.49 7.62
H41 P1W FA . -12.34 -3.07 8.47
H42 P1W FA . -11.42 -4.57 8.49
H51 P1W FA . -12.15 -3.59 4.65
H52 P1W FA . -11.90 -1.96 5.28
H53 P1W FA . -13.24 -2.93 5.87
N ZAE A 1 -6.26 -15.95 -3.00
CA ZAE A 1 -7.33 -14.98 -2.56
C ZAE A 1 -6.76 -13.57 -2.41
O ZAE A 1 -6.72 -12.79 -3.37
CB ZAE A 1 -8.50 -14.97 -3.54
CG ZAE A 1 -9.75 -14.40 -2.95
CD1 ZAE A 1 -10.26 -14.88 -1.75
CD2 ZAE A 1 -10.41 -13.37 -3.58
CE1 ZAE A 1 -11.41 -14.35 -1.20
CE2 ZAE A 1 -11.56 -12.84 -3.04
CZ ZAE A 1 -12.06 -13.33 -1.85
C10 ZAE A 1 -5.76 -15.61 -4.35
H1 ZAE A 1 -6.66 -16.91 -3.04
HA ZAE A 1 -7.68 -15.30 -1.60
HB2 ZAE A 1 -8.23 -14.37 -4.40
HB3 ZAE A 1 -8.70 -15.98 -3.86
HD1 ZAE A 1 -9.74 -15.68 -1.24
HD2 ZAE A 1 -10.02 -12.99 -4.51
HE1 ZAE A 1 -11.80 -14.73 -0.28
HE2 ZAE A 1 -12.05 -12.05 -3.56
HZ ZAE A 1 -12.96 -12.91 -1.44
H11 ZAE A 1 -4.93 -16.26 -4.60
H12 ZAE A 1 -5.42 -14.57 -4.35
H13 ZAE A 1 -6.55 -15.72 -5.07
N ILE A 2 -6.30 -13.25 -1.21
CA ILE A 2 -5.73 -11.94 -0.93
C ILE A 2 -4.22 -11.99 -1.16
N SER A 3 -3.73 -11.15 -2.06
CA SER A 3 -2.30 -11.03 -2.33
C SER A 3 -1.83 -9.59 -2.20
N DAR A 4 -0.53 -9.42 -2.30
CA DAR A 4 0.06 -8.11 -2.17
CB DAR A 4 0.67 -7.71 -3.50
CG DAR A 4 -0.37 -7.36 -4.56
CD DAR A 4 -0.52 -5.86 -4.71
NE DAR A 4 -0.60 -5.44 -6.11
CZ DAR A 4 -0.54 -4.17 -6.49
NH1 DAR A 4 -0.55 -3.87 -7.78
NH2 DAR A 4 -0.49 -3.20 -5.59
C DAR A 4 1.10 -8.08 -1.08
O DAR A 4 1.80 -9.07 -0.86
H DAR A 4 0.06 -10.19 -2.50
HA DAR A 4 -0.73 -7.41 -1.93
HB2 DAR A 4 1.26 -8.53 -3.87
HB3 DAR A 4 1.31 -6.85 -3.35
HG2 DAR A 4 -1.32 -7.79 -4.25
HG3 DAR A 4 -0.06 -7.79 -5.50
HD2 DAR A 4 0.33 -5.38 -4.25
HD3 DAR A 4 -1.42 -5.54 -4.20
HE DAR A 4 -0.68 -6.15 -6.78
HH11 DAR A 4 -0.50 -2.88 -8.09
HH12 DAR A 4 -0.61 -4.62 -8.50
HH21 DAR A 4 -0.43 -2.22 -5.88
HH22 DAR A 4 -0.52 -3.44 -4.58
N 28J A 5 1.19 -6.96 -0.38
CA 28J A 5 2.17 -6.82 0.66
CB 28J A 5 1.66 -7.26 2.06
CG2 28J A 5 2.65 -8.20 2.73
CG1 28J A 5 1.41 -6.03 2.95
CD1 28J A 5 0.76 -6.36 4.25
C 28J A 5 2.71 -5.41 0.72
O 28J A 5 2.03 -4.43 0.38
HA 28J A 5 3.00 -7.48 0.40
H22 28J A 5 0.73 -7.80 1.93
H23 28J A 5 2.85 -9.04 2.09
H24 28J A 5 2.25 -8.55 3.67
H25 28J A 5 3.58 -7.67 2.91
H26 28J A 5 0.77 -5.33 2.44
H27 28J A 5 2.36 -5.55 3.16
H28 28J A 5 1.41 -7.00 4.77
H29 28J A 5 -0.14 -6.91 4.11
H30 28J A 5 0.58 -5.46 4.82
N ILE A 6 3.96 -5.34 1.08
CA ILE A 6 4.66 -4.07 1.23
C ILE A 6 5.99 -4.04 0.46
N SER A 7 6.28 -2.93 -0.23
CA SER A 7 7.55 -2.81 -0.95
C SER A 7 7.95 -1.35 -1.14
N DTH A 8 8.88 -1.11 -2.04
CA DTH A 8 9.36 0.24 -2.28
CB DTH A 8 9.72 0.50 -3.74
CG2 DTH A 8 8.55 0.07 -4.60
OG1 DTH A 8 10.89 -0.23 -4.11
C DTH A 8 10.64 0.46 -1.45
O DTH A 8 11.31 1.48 -1.56
H DTH A 8 9.25 -1.86 -2.57
HA DTH A 8 8.58 0.93 -1.99
HB DTH A 8 9.92 1.56 -3.91
HG21 DTH A 8 7.69 0.67 -4.36
HG22 DTH A 8 8.33 -0.97 -4.42
HG23 DTH A 8 8.81 0.20 -5.64
N ALA A 9 10.96 -0.55 -0.63
CA ALA A 9 12.17 -0.52 0.18
C ALA A 9 13.38 -0.59 -0.74
N LEU A 10 13.42 -1.64 -1.57
CA LEU A 10 14.54 -1.79 -2.51
C LEU A 10 14.23 -1.00 -3.76
N ILE A 11 13.14 -1.39 -4.42
CA ILE A 11 12.73 -0.70 -5.64
C ILE A 11 11.49 0.12 -5.35
N ZAE B 1 7.99 6.44 -0.14
CA ZAE B 1 8.78 5.45 0.66
C ZAE B 1 8.22 4.05 0.55
O ZAE B 1 8.61 3.28 -0.33
CB ZAE B 1 10.26 5.42 0.27
CG ZAE B 1 11.13 4.58 1.20
CD1 ZAE B 1 11.14 4.81 2.58
CD2 ZAE B 1 11.91 3.56 0.72
CE1 ZAE B 1 11.93 4.04 3.43
CE2 ZAE B 1 12.69 2.78 1.57
CZ ZAE B 1 12.69 3.04 2.94
C10 ZAE B 1 8.01 6.15 -1.59
H1 ZAE B 1 8.38 7.39 -0.01
HA ZAE B 1 8.70 5.75 1.69
HB2 ZAE B 1 10.34 5.01 -0.72
HB3 ZAE B 1 10.64 6.43 0.26
HD1 ZAE B 1 10.56 5.59 3.00
HD2 ZAE B 1 11.90 3.36 -0.35
HE1 ZAE B 1 11.93 4.25 4.49
HE2 ZAE B 1 13.29 1.98 1.19
HZ ZAE B 1 13.30 2.44 3.62
H11 ZAE B 1 7.45 6.90 -2.12
H12 ZAE B 1 7.56 5.17 -1.76
H13 ZAE B 1 9.04 6.14 -1.94
N ILE B 2 7.30 3.74 1.41
CA ILE B 2 6.77 2.40 1.39
C ILE B 2 5.49 2.38 0.60
N SER B 3 5.50 1.56 -0.43
CA SER B 3 4.35 1.38 -1.27
C SER B 3 3.99 -0.06 -1.39
N DAR B 4 2.90 -0.27 -2.05
CA DAR B 4 2.39 -1.59 -2.23
CB DAR B 4 2.73 -2.11 -3.62
CG DAR B 4 3.47 -3.45 -3.65
CD DAR B 4 3.25 -4.19 -4.96
NE DAR B 4 4.14 -3.74 -6.03
CZ DAR B 4 4.49 -4.51 -7.05
NH1 DAR B 4 4.02 -5.75 -7.10
NH2 DAR B 4 5.31 -4.07 -7.98
C DAR B 4 0.91 -1.57 -2.03
O DAR B 4 0.27 -0.56 -2.37
H DAR B 4 2.40 0.51 -2.41
HA DAR B 4 2.85 -2.23 -1.49
HB2 DAR B 4 3.33 -1.38 -4.14
HB3 DAR B 4 1.80 -2.22 -4.17
HG2 DAR B 4 3.11 -4.07 -2.83
HG3 DAR B 4 4.53 -3.27 -3.54
HD2 DAR B 4 2.23 -4.01 -5.28
HD3 DAR B 4 3.40 -5.24 -4.80
HE DAR B 4 4.50 -2.82 -5.97
HH11 DAR B 4 4.27 -6.36 -7.90
HH12 DAR B 4 3.41 -6.11 -6.34
HH21 DAR B 4 5.58 -4.69 -8.77
HH22 DAR B 4 5.68 -3.09 -7.94
N 28J B 5 0.38 -2.64 -1.43
CA 28J B 5 -1.03 -2.74 -1.17
CB 28J B 5 -1.43 -2.19 0.23
CG2 28J B 5 -2.84 -1.62 0.24
CG1 28J B 5 -1.29 -3.28 1.30
CD1 28J B 5 -1.31 -2.74 2.72
C 28J B 5 -1.49 -4.19 -1.25
O 28J B 5 -0.69 -5.14 -1.14
HA 28J B 5 -1.55 -2.17 -1.93
H22 28J B 5 -0.75 -1.38 0.46
H23 28J B 5 -2.91 -0.79 -0.45
H24 28J B 5 -3.09 -1.29 1.23
H25 28J B 5 -3.53 -2.40 -0.07
H26 28J B 5 -0.37 -3.80 1.15
H27 28J B 5 -2.11 -3.97 1.20
H28 28J B 5 -1.08 -3.55 3.42
H29 28J B 5 -2.28 -2.34 2.96
H30 28J B 5 -0.56 -1.97 2.84
N ILE B 6 -2.76 -4.38 -1.54
CA ILE B 6 -3.34 -5.72 -1.52
C ILE B 6 -4.39 -5.93 -2.61
N SER B 7 -4.45 -7.15 -3.22
CA SER B 7 -5.39 -7.40 -4.31
C SER B 7 -5.51 -8.85 -4.74
N DTH B 8 -6.11 -9.02 -5.93
CA DTH B 8 -6.23 -10.32 -6.59
CB DTH B 8 -5.74 -10.37 -8.06
CG2 DTH B 8 -4.30 -9.92 -8.14
OG1 DTH B 8 -6.60 -9.55 -8.85
C DTH B 8 -7.72 -10.77 -6.81
O DTH B 8 -7.88 -11.60 -7.70
H DTH B 8 -6.58 -8.26 -6.32
HA DTH B 8 -5.71 -11.06 -6.01
HB DTH B 8 -5.83 -11.39 -8.45
HG21 DTH B 8 -3.67 -10.62 -7.60
HG22 DTH B 8 -4.19 -8.93 -7.72
HG23 DTH B 8 -3.99 -9.90 -9.18
N ALA B 9 -8.71 -10.06 -6.26
CA ALA B 9 -10.09 -10.33 -6.52
C ALA B 9 -10.47 -9.94 -7.93
N LEU B 10 -10.36 -8.68 -8.14
CA LEU B 10 -10.71 -8.07 -9.42
C LEU B 10 -9.68 -8.42 -10.49
N ILE B 11 -8.42 -8.41 -10.07
CA ILE B 11 -7.30 -8.65 -10.99
C ILE B 11 -6.27 -9.48 -10.24
N ZAE C 1 -4.39 -3.88 -7.60
CA ZAE C 1 -5.70 -3.55 -6.99
C ZAE C 1 -5.60 -2.24 -6.24
O ZAE C 1 -5.68 -1.15 -6.82
CB ZAE C 1 -6.82 -3.50 -8.03
CG ZAE C 1 -8.09 -2.86 -7.53
CD1 ZAE C 1 -8.68 -3.31 -6.35
CD2 ZAE C 1 -8.69 -1.83 -8.23
CE1 ZAE C 1 -9.85 -2.73 -5.89
CE2 ZAE C 1 -9.87 -1.26 -7.76
CZ ZAE C 1 -10.45 -1.71 -6.60
C10 ZAE C 1 -4.04 -2.95 -8.67
H1 ZAE C 1 -4.43 -4.83 -8.01
HA ZAE C 1 -5.92 -4.32 -6.26
HB2 ZAE C 1 -6.49 -2.94 -8.89
HB3 ZAE C 1 -7.06 -4.50 -8.34
HD1 ZAE C 1 -8.22 -4.12 -5.79
HD2 ZAE C 1 -8.24 -1.47 -9.14
HE1 ZAE C 1 -10.30 -3.09 -4.97
HE2 ZAE C 1 -10.32 -0.44 -8.32
HZ ZAE C 1 -11.36 -1.26 -6.24
H11 ZAE C 1 -3.00 -3.11 -8.96
H12 ZAE C 1 -4.17 -1.93 -8.31
H13 ZAE C 1 -4.67 -3.11 -9.52
N ILE C 2 -5.40 -2.34 -4.95
CA ILE C 2 -5.23 -1.19 -4.11
C ILE C 2 -3.73 -1.06 -3.80
N SER C 3 -3.19 0.13 -4.10
CA SER C 3 -1.82 0.44 -3.83
C SER C 3 -1.71 1.74 -3.09
N DAR C 4 -0.50 2.07 -2.75
CA DAR C 4 -0.25 3.29 -2.04
CB DAR C 4 0.25 4.39 -2.97
CG DAR C 4 -0.84 5.17 -3.73
CD DAR C 4 -0.61 6.67 -3.75
NE DAR C 4 0.07 7.11 -4.99
CZ DAR C 4 0.34 8.38 -5.28
NH1 DAR C 4 0.00 9.35 -4.44
NH2 DAR C 4 0.95 8.69 -6.42
C DAR C 4 0.76 2.98 -0.98
O DAR C 4 1.71 2.22 -1.24
H DAR C 4 0.23 1.42 -2.92
HA DAR C 4 -1.17 3.60 -1.56
HB2 DAR C 4 0.90 3.94 -3.70
HB3 DAR C 4 0.81 5.10 -2.39
HG2 DAR C 4 -1.80 4.98 -3.26
HG3 DAR C 4 -0.87 4.81 -4.74
HD2 DAR C 4 0.01 6.93 -2.91
HD3 DAR C 4 -1.56 7.18 -3.67
HE DAR C 4 0.32 6.42 -5.63
HH11 DAR C 4 0.22 10.34 -4.67
HH12 DAR C 4 -0.51 9.12 -3.56
HH21 DAR C 4 1.15 9.68 -6.64
HH22 DAR C 4 1.22 7.94 -7.08
N 28J C 5 0.54 3.51 0.23
CA 28J C 5 1.45 3.27 1.33
CB 28J C 5 0.92 2.13 2.26
CG2 28J C 5 2.07 1.47 3.02
CG1 28J C 5 -0.12 2.67 3.25
CD1 28J C 5 -0.86 1.58 4.02
C 28J C 5 1.63 4.56 2.15
O 28J C 5 0.83 5.49 2.07
HA 28J C 5 2.39 2.97 0.92
H22 28J C 5 0.45 1.38 1.64
H23 28J C 5 1.68 0.84 3.79
H24 28J C 5 2.70 2.22 3.45
H25 28J C 5 2.65 0.87 2.33
H26 28J C 5 -0.85 3.26 2.72
H27 28J C 5 0.37 3.30 3.98
H28 28J C 5 -0.17 1.04 4.64
H29 28J C 5 -1.33 0.90 3.32
H30 28J C 5 -1.62 2.04 4.64
N ILE C 6 2.74 4.64 2.84
CA ILE C 6 3.00 5.80 3.72
C ILE C 6 4.46 6.24 3.62
N SER C 7 4.69 7.58 3.53
CA SER C 7 6.05 8.10 3.42
C SER C 7 6.10 9.63 3.65
N DTH C 8 7.29 10.19 3.57
CA DTH C 8 7.51 11.65 3.73
CB DTH C 8 8.26 12.31 2.55
CG2 DTH C 8 7.45 12.20 1.28
OG1 DTH C 8 9.56 11.76 2.38
C DTH C 8 8.45 11.99 4.90
O DTH C 8 8.74 13.18 5.08
H DTH C 8 8.06 9.61 3.44
HA DTH C 8 6.55 12.13 3.84
HB DTH C 8 8.42 13.37 2.78
HG21 DTH C 8 7.26 11.16 1.08
HG22 DTH C 8 8.00 12.63 0.45
HG23 DTH C 8 6.51 12.71 1.41
N ALA C 9 9.02 10.99 5.52
CA ALA C 9 10.05 11.12 6.51
C ALA C 9 11.37 11.32 5.88
N LEU C 10 11.70 10.29 5.14
CA LEU C 10 12.97 10.20 4.44
C LEU C 10 12.96 11.08 3.24
N ILE C 11 11.87 11.02 2.53
CA ILE C 11 11.72 11.82 1.34
C ILE C 11 10.35 12.44 1.41
N ZAE D 1 3.86 15.75 8.22
CA ZAE D 1 4.94 14.74 8.45
C ZAE D 1 4.83 13.57 7.46
O ZAE D 1 5.40 13.61 6.37
CB ZAE D 1 6.32 15.41 8.33
CG ZAE D 1 7.42 14.77 9.16
CD1 ZAE D 1 7.24 14.56 10.52
CD2 ZAE D 1 8.65 14.44 8.58
CE1 ZAE D 1 8.26 14.01 11.29
CE2 ZAE D 1 9.66 13.89 9.35
CZ ZAE D 1 9.47 13.69 10.71
C10 ZAE D 1 3.98 16.38 6.89
H1 ZAE D 1 3.92 16.50 8.92
HA ZAE D 1 4.84 14.35 9.45
HB2 ZAE D 1 6.64 15.38 7.29
HB3 ZAE D 1 6.24 16.43 8.64
HD1 ZAE D 1 6.29 14.80 10.98
HD2 ZAE D 1 8.80 14.60 7.53
HE1 ZAE D 1 8.11 13.84 12.35
HE2 ZAE D 1 10.60 13.64 8.90
HZ ZAE D 1 10.27 13.26 11.30
H11 ZAE D 1 3.16 17.06 6.72
H12 ZAE D 1 3.97 15.61 6.12
H13 ZAE D 1 4.91 16.93 6.82
N ILE D 2 4.09 12.54 7.86
CA ILE D 2 3.88 11.36 7.02
C ILE D 2 2.64 11.59 6.15
N SER D 3 2.74 11.22 4.87
CA SER D 3 1.62 11.32 3.94
C SER D 3 1.53 10.11 3.03
N DAR D 4 0.51 10.11 2.20
CA DAR D 4 0.29 9.02 1.30
CB DAR D 4 0.66 9.44 -0.12
CG DAR D 4 2.16 9.53 -0.33
CD DAR D 4 2.62 8.65 -1.47
NE DAR D 4 3.49 9.36 -2.41
CZ DAR D 4 3.97 8.82 -3.53
NH1 DAR D 4 4.74 9.54 -4.34
NH2 DAR D 4 3.68 7.57 -3.85
C DAR D 4 -1.16 8.59 1.35
O DAR D 4 -2.05 9.44 1.30
H DAR D 4 -0.10 10.87 2.19
HA DAR D 4 0.91 8.19 1.61
HB2 DAR D 4 0.23 10.40 -0.31
HB3 DAR D 4 0.26 8.72 -0.82
HG2 DAR D 4 2.66 9.21 0.57
HG3 DAR D 4 2.43 10.55 -0.55
HD2 DAR D 4 1.76 8.29 -2.00
HD3 DAR D 4 3.17 7.80 -1.07
HE DAR D 4 3.73 10.28 -2.19
HH11 DAR D 4 5.11 9.12 -5.21
HH12 DAR D 4 4.97 10.52 -4.10
HH21 DAR D 4 4.04 7.15 -4.74
HH22 DAR D 4 3.11 6.98 -3.19
N 28J D 5 -1.38 7.30 1.46
CA 28J D 5 -2.72 6.78 1.49
CB 28J D 5 -3.21 6.46 2.95
CG2 28J D 5 -4.70 6.74 3.07
CG1 28J D 5 -2.94 4.98 3.35
CD1 28J D 5 -3.07 4.72 4.84
C 28J D 5 -2.77 5.53 0.60
O 28J D 5 -1.75 4.88 0.33
HA 28J D 5 -3.37 7.52 1.07
H22 28J D 5 -2.68 7.11 3.63
H23 28J D 5 -4.84 7.79 3.32
H24 28J D 5 -5.11 6.13 3.85
H25 28J D 5 -5.18 6.53 2.14
H26 28J D 5 -1.94 4.71 3.04
H27 28J D 5 -3.65 4.35 2.83
H28 28J D 5 -4.07 4.98 5.17
H29 28J D 5 -2.35 5.33 5.37
H30 28J D 5 -2.89 3.67 5.04
N ILE D 6 -3.94 5.29 0.08
CA ILE D 6 -4.20 4.11 -0.75
C ILE D 6 -5.10 4.43 -1.96
N SER D 7 -4.63 4.09 -3.19
CA SER D 7 -5.37 4.32 -4.43
C SER D 7 -4.97 3.33 -5.52
N DTH D 8 -5.34 3.65 -6.77
CA DTH D 8 -4.98 2.86 -7.95
CB DTH D 8 -4.62 3.67 -9.23
CG2 DTH D 8 -3.44 4.57 -8.96
OG1 DTH D 8 -5.76 4.44 -9.65
C DTH D 8 -6.27 2.07 -8.33
O DTH D 8 -6.22 1.27 -9.28
H DTH D 8 -5.99 4.40 -6.89
HA DTH D 8 -4.17 2.20 -7.69
HB DTH D 8 -4.39 2.97 -10.04
HG21 DTH D 8 -2.58 3.98 -8.71
HG22 DTH D 8 -3.67 5.25 -8.16
HG23 DTH D 8 -3.24 5.14 -9.87
N ALA D 9 -7.35 2.38 -7.63
CA ALA D 9 -8.62 1.87 -7.91
C ALA D 9 -9.19 2.58 -9.11
N LEU D 10 -9.70 3.73 -8.79
CA LEU D 10 -10.23 4.71 -9.75
C LEU D 10 -9.19 5.19 -10.77
N ILE D 11 -7.97 5.44 -10.30
CA ILE D 11 -6.91 5.97 -11.16
C ILE D 11 -5.60 5.25 -10.82
N ALA E 1 13.05 -11.11 2.85
CA ALA E 1 12.87 -11.81 4.15
C ALA E 1 11.37 -11.97 4.48
N DGL E 2 11.13 -11.97 5.84
CA DGL E 2 9.67 -12.02 6.26
C DGL E 2 8.69 -11.43 5.17
O DGL E 2 9.03 -10.31 4.68
CB DGL E 2 9.17 -13.43 6.26
CG DGL E 2 9.62 -14.37 5.04
CD DGL E 2 8.43 -15.00 4.28
OE1 DGL E 2 7.98 -16.10 4.62
H DGL E 2 11.83 -11.76 6.48
HA DGL E 2 9.67 -11.51 7.22
HB2 DGL E 2 8.11 -13.33 6.30
HB3 DGL E 2 9.53 -13.87 7.18
HG2 DGL E 2 10.21 -15.18 5.45
HG3 DGL E 2 10.24 -13.82 4.30
N LYS E 3 7.93 -14.33 3.27
CA LYS E 3 6.83 -14.80 2.45
C LYS E 3 5.43 -14.77 3.13
N DAL E 4 5.23 -13.51 3.75
CA DAL E 4 3.94 -12.92 4.49
CB DAL E 4 3.79 -13.29 6.17
C DAL E 4 2.81 -13.21 3.26
O DAL E 4 2.04 -14.10 3.28
H DAL E 4 6.02 -12.93 3.69
HA DAL E 4 3.88 -11.87 4.78
HB1 DAL E 4 3.71 -14.34 6.31
HB2 DAL E 4 2.89 -12.83 6.58
HB3 DAL E 4 4.69 -12.90 6.80
N DAL E 5 2.80 -12.28 2.25
CA DAL E 5 1.79 -12.12 0.97
CB DAL E 5 0.60 -12.07 1.92
C DAL E 5 2.08 -13.64 0.47
O DAL E 5 1.01 -14.36 0.37
OXT DAL E 5 3.25 -14.12 0.20
H DAL E 5 3.59 -11.66 2.32
HA DAL E 5 1.78 -11.39 0.16
HB1 DAL E 5 0.87 -12.12 2.96
HB2 DAL E 5 0.02 -12.90 1.65
HB3 DAL E 5 0.06 -11.15 1.75
N ALA F 1 -16.89 -10.28 -2.10
CA ALA F 1 -17.95 -11.16 -1.55
C ALA F 1 -17.54 -11.64 -0.12
N DGL F 2 -18.33 -12.67 0.31
CA DGL F 2 -17.96 -13.26 1.70
C DGL F 2 -16.36 -13.15 1.96
O DGL F 2 -16.03 -12.49 3.00
CB DGL F 2 -18.43 -12.38 2.81
CG DGL F 2 -18.84 -10.87 2.45
CD DGL F 2 -18.03 -9.82 3.25
OE1 DGL F 2 -18.53 -8.74 3.55
H DGL F 2 -19.04 -13.07 -0.21
HA DGL F 2 -18.38 -14.26 1.68
HB2 DGL F 2 -17.64 -12.41 3.52
HB3 DGL F 2 -19.30 -12.88 3.22
HG2 DGL F 2 -19.89 -10.74 2.72
HG3 DGL F 2 -18.72 -10.65 1.37
N LYS F 3 -16.80 -10.16 3.58
CA LYS F 3 -15.91 -9.28 4.31
C LYS F 3 -16.35 -8.95 5.77
N DAL F 4 -16.71 -10.15 6.41
CA DAL F 4 -17.16 -10.43 7.93
CB DAL F 4 -18.79 -10.11 8.38
C DAL F 4 -15.75 -9.87 8.67
O DAL F 4 -15.70 -8.84 9.32
H DAL F 4 -16.70 -10.93 5.81
HA DAL F 4 -17.39 -11.43 8.30
HB1 DAL F 4 -18.98 -9.05 8.33
HB2 DAL F 4 -18.99 -10.42 9.41
HB3 DAL F 4 -19.54 -10.64 7.68
N DAL F 5 -14.63 -10.65 8.46
CA DAL F 5 -13.22 -10.46 9.03
CB DAL F 5 -13.61 -10.53 10.56
C DAL F 5 -12.81 -8.98 8.43
O DAL F 5 -12.85 -8.87 7.25
OXT DAL F 5 -12.71 -7.88 9.26
H DAL F 5 -14.77 -11.38 7.78
HA DAL F 5 -12.38 -11.12 8.83
HB1 DAL F 5 -14.10 -9.68 10.78
HB2 DAL F 5 -12.65 -10.56 11.11
HB3 DAL F 5 -14.17 -11.46 10.87
N ALA G 1 10.21 6.13 15.19
CA ALA G 1 10.58 5.53 16.50
C ALA G 1 11.48 4.28 16.26
N DGL G 2 11.61 3.45 17.38
CA DGL G 2 12.37 2.17 17.16
C DGL G 2 12.46 1.65 15.67
O DGL G 2 13.56 1.54 15.09
CB DGL G 2 13.83 2.41 17.36
CG DGL G 2 14.39 3.89 17.07
CD DGL G 2 15.53 3.91 16.03
OE1 DGL G 2 16.65 4.36 16.34
H DGL G 2 11.03 3.60 18.16
HA DGL G 2 11.84 1.50 17.83
HB2 DGL G 2 14.31 1.69 16.74
HB3 DGL G 2 14.01 2.17 18.41
HG2 DGL G 2 14.78 4.28 17.99
HG3 DGL G 2 13.59 4.57 16.70
N LYS G 3 15.27 3.42 14.85
CA LYS G 3 16.24 3.37 13.77
C LYS G 3 17.29 2.23 13.87
N DAL G 4 16.61 1.00 14.06
CA DAL G 4 17.19 -0.50 14.13
CB DAL G 4 17.65 -1.11 15.68
C DAL G 4 18.09 -0.46 12.71
O DAL G 4 19.28 -0.28 12.68
H DAL G 4 15.66 1.11 14.17
HA DAL G 4 16.53 -1.37 14.14
HB1 DAL G 4 18.49 -0.55 16.06
HB2 DAL G 4 17.97 -2.16 15.60
HB3 DAL G 4 16.80 -1.04 16.45
N DAL G 5 17.33 -0.61 11.56
CA DAL G 5 17.84 -0.69 10.10
CB DAL G 5 18.72 -2.00 10.26
C DAL G 5 18.66 0.74 9.97
O DAL G 5 18.05 1.72 10.25
OXT DAL G 5 20.04 0.76 9.80
H DAL G 5 16.34 -0.58 11.70
HA DAL G 5 17.21 -0.77 9.23
HB1 DAL G 5 19.53 -1.75 10.80
HB2 DAL G 5 19.02 -2.27 9.24
HB3 DAL G 5 18.17 -2.90 10.68
N ALA H 1 -17.74 6.70 -3.91
CA ALA H 1 -19.15 6.22 -3.82
C ALA H 1 -19.19 4.88 -3.04
N DGL H 2 -18.21 4.75 -2.07
CA DGL H 2 -18.29 3.55 -1.18
C DGL H 2 -17.03 3.31 -0.27
O DGL H 2 -17.19 2.32 0.60
CB DGL H 2 -19.26 3.83 -0.09
CG DGL H 2 -19.04 5.17 0.78
CD DGL H 2 -18.79 4.87 2.28
OE1 DGL H 2 -19.51 5.35 3.15
H DGL H 2 -17.67 5.56 -1.80
HA DGL H 2 -18.48 2.73 -1.88
HB2 DGL H 2 -19.26 2.98 0.52
HB3 DGL H 2 -20.23 3.91 -0.60
HG2 DGL H 2 -19.94 5.76 0.73
HG3 DGL H 2 -18.19 5.78 0.40
N LYS H 3 -17.79 4.08 2.56
CA LYS H 3 -17.40 3.70 3.91
C LYS H 3 -18.49 2.93 4.71
N DAL H 4 -18.90 1.81 3.95
CA DAL H 4 -19.93 0.62 4.32
CB DAL H 4 -21.58 0.83 3.92
C DAL H 4 -19.26 0.21 5.81
O DAL H 4 -19.60 0.71 6.86
H DAL H 4 -18.50 1.79 3.06
HA DAL H 4 -20.02 -0.26 3.70
HB1 DAL H 4 -22.00 1.67 4.47
HB2 DAL H 4 -22.17 -0.05 4.20
HB3 DAL H 4 -21.74 1.03 2.80
N DAL H 5 -18.23 -0.71 5.73
CA DAL H 5 -17.44 -1.35 6.91
CB DAL H 5 -18.65 -2.13 7.55
C DAL H 5 -16.91 -0.01 7.70
O DAL H 5 -16.16 0.96 7.04
OXT DAL H 5 -16.99 -0.03 8.88
H DAL H 5 -17.92 -0.91 4.80
HA DAL H 5 -16.58 -2.01 6.78
HB1 DAL H 5 -18.27 -2.91 8.07
HB2 DAL H 5 -19.24 -2.51 6.69
HB3 DAL H 5 -19.37 -1.50 8.15
C1 MUB I . 11.47 -7.19 0.14
C2 MUB I . 12.65 -8.05 -0.26
C3 MUB I . 12.26 -9.52 -0.16
C4 MUB I . 11.26 -9.73 1.01
C5 MUB I . 9.96 -8.96 0.71
C6 MUB I . 9.36 -8.41 2.01
C7 MUB I . 12.66 -8.43 -2.65
C8 MUB I . 13.16 -8.10 -4.03
C9 MUB I . 14.31 -9.97 1.02
C10 MUB I . 14.27 -10.75 2.34
C11 MUB I . 15.43 -8.91 0.75
O1 MUB I . 11.52 -5.96 -0.46
O3 MUB I . 13.43 -10.37 -0.04
O4 MUB I . 11.03 -11.14 1.18
O5 MUB I . 10.22 -7.86 -0.17
O6 MUB I . 10.31 -8.43 3.06
O7 MUB I . 11.84 -9.32 -2.52
O10 MUB I . 15.33 -11.12 2.86
N2 MUB I . 13.13 -7.72 -1.62
H1 MUB I . 11.47 -7.02 1.24
H2 MUB I . 13.46 -7.64 0.38
HN2 MUB I . 13.78 -7.01 -1.76
H81 MUB I . 12.64 -8.73 -4.75
H82 MUB I . 14.21 -8.27 -4.07
H83 MUB I . 12.96 -7.04 -4.22
H3 MUB I . 11.84 -9.91 -1.07
H9 MUB I . 13.51 -9.42 1.54
H111 MUB I . 15.81 -8.94 -0.30
H112 MUB I . 16.25 -9.10 1.38
H113 MUB I . 15.05 -7.92 1.00
H4 MUB I . 11.73 -9.63 1.97
H5 MUB I . 9.20 -9.55 0.34
H61 MUB I . 8.60 -9.14 2.35
H62 MUB I . 8.84 -7.40 1.92
HO6 MUB I . 10.09 -9.03 3.77
C1 NAG I . 10.85 -11.89 -0.03
C2 NAG I . 10.15 -13.20 0.27
C3 NAG I . 10.00 -13.99 -1.02
C4 NAG I . 9.36 -13.14 -2.12
C5 NAG I . 10.07 -11.78 -2.25
C6 NAG I . 9.37 -10.85 -3.24
C7 NAG I . 12.07 -14.45 1.05
C8 NAG I . 12.76 -15.20 2.16
N2 NAG I . 10.85 -13.94 1.26
O3 NAG I . 9.18 -15.12 -0.75
O4 NAG I . 9.45 -13.83 -3.36
O5 NAG I . 10.10 -11.13 -0.98
O6 NAG I . 8.10 -10.44 -2.76
O7 NAG I . 12.57 -14.48 -0.09
H1 NAG I . 11.90 -12.07 -0.39
H2 NAG I . 9.22 -13.16 0.77
H3 NAG I . 10.97 -14.33 -1.40
H4 NAG I . 8.26 -13.17 -1.90
H5 NAG I . 11.07 -11.84 -2.65
H61 NAG I . 9.19 -11.34 -4.20
H62 NAG I . 10.06 -10.01 -3.44
H81 NAG I . 12.83 -14.55 3.03
H82 NAG I . 13.75 -15.48 1.86
H83 NAG I . 12.20 -16.09 2.40
HN2 NAG I . 10.50 -13.94 2.18
HO3 NAG I . 9.61 -15.66 -0.10
HO4 NAG I . 9.18 -14.74 -3.24
HO6 NAG I . 8.29 -9.80 -2.05
C1 MUB J . -11.81 -8.10 -2.63
C2 MUB J . -13.07 -7.85 -3.48
C3 MUB J . -14.24 -7.57 -2.55
C4 MUB J . -14.22 -8.46 -1.30
C5 MUB J . -12.93 -8.22 -0.51
C6 MUB J . -12.31 -9.54 -0.10
C7 MUB J . -13.26 -5.51 -4.04
C8 MUB J . -13.13 -4.36 -4.99
C9 MUB J . -15.74 -8.92 -3.85
C10 MUB J . -16.93 -9.78 -3.38
C11 MUB J . -14.92 -9.33 -5.13
O1 MUB J . -10.67 -7.62 -3.21
O3 MUB J . -15.51 -7.64 -3.25
O4 MUB J . -15.40 -8.13 -0.52
O5 MUB J . -11.99 -7.50 -1.31
O6 MUB J . -12.20 -10.41 -1.23
O7 MUB J . -13.46 -5.26 -2.86
O10 MUB J . -17.92 -9.89 -4.10
N2 MUB J . -12.88 -6.72 -4.43
H1 MUB J . -11.66 -9.19 -2.49
H2 MUB J . -13.08 -8.75 -4.14
HN2 MUB J . -12.72 -6.91 -5.39
H81 MUB J . -12.09 -4.25 -5.27
H82 MUB J . -13.48 -3.47 -4.52
H83 MUB J . -13.75 -4.58 -5.87
H3 MUB J . -14.27 -6.53 -2.24
H9 MUB J . -15.27 -9.45 -3.02
H111 MUB J . -14.58 -8.46 -5.73
H112 MUB J . -15.52 -9.92 -5.76
H113 MUB J . -14.08 -9.95 -4.82
H4 MUB J . -14.54 -9.47 -1.48
H5 MUB J . -13.07 -7.71 0.40
H61 MUB J . -13.08 -10.07 0.51
H62 MUB J . -11.36 -9.51 0.51
HO6 MUB J . -11.31 -10.69 -1.43
C1 NAG J . -15.73 -6.74 -0.47
C2 NAG J . -16.64 -6.43 0.70
C3 NAG J . -17.01 -4.96 0.65
C4 NAG J . -15.76 -4.08 0.54
C5 NAG J . -14.83 -4.56 -0.57
C6 NAG J . -13.50 -3.80 -0.59
C7 NAG J . -18.67 -7.27 -0.34
C8 NAG J . -19.87 -8.19 -0.28
N2 NAG J . -17.81 -7.26 0.68
O3 NAG J . -17.74 -4.63 1.83
O4 NAG J . -16.17 -2.74 0.27
O5 NAG J . -14.55 -5.95 -0.39
O6 NAG J . -12.60 -4.30 0.38
O7 NAG J . -18.60 -6.43 -1.25
H1 NAG J . -16.27 -6.58 -1.44
H2 NAG J . -16.30 -6.68 1.67
H3 NAG J . -17.64 -4.72 -0.23
H4 NAG J . -15.37 -4.02 1.61
H5 NAG J . -15.23 -4.40 -1.56
H61 NAG J . -13.65 -2.74 -0.35
H62 NAG J . -13.12 -3.85 -1.61
H81 NAG J . -20.45 -8.07 -1.18
H82 NAG J . -20.49 -7.95 0.57
H83 NAG J . -19.53 -9.21 -0.18
HN2 NAG J . -17.91 -7.94 1.38
HO3 NAG J . -18.51 -5.15 1.78
HO4 NAG J . -16.86 -2.44 0.87
HO6 NAG J . -12.40 -5.19 0.07
C1 MUB K . 10.37 6.70 9.68
C2 MUB K . 9.61 7.35 10.85
C3 MUB K . 10.61 7.86 11.87
C4 MUB K . 11.50 6.69 12.31
C5 MUB K . 12.30 6.23 11.08
C6 MUB K . 12.17 4.72 10.93
C7 MUB K . 9.28 9.66 10.31
C8 MUB K . 8.42 10.74 9.82
C9 MUB K . 8.99 7.67 13.65
C10 MUB K . 9.34 7.19 15.07
C11 MUB K . 7.56 7.43 13.06
O1 MUB K . 10.01 7.26 8.48
O3 MUB K . 9.93 8.52 12.97
O4 MUB K . 12.34 7.08 13.42
O5 MUB K . 11.80 6.85 9.88
O6 MUB K . 10.81 4.34 11.01
O7 MUB K . 10.49 9.86 10.50
O10 MUB K . 8.90 7.81 16.04
N2 MUB K . 8.77 8.44 10.39
H1 MUB K . 10.22 5.60 9.65
H2 MUB K . 8.90 6.54 11.14
HN2 MUB K . 7.80 8.32 10.23
H81 MUB K . 8.01 10.46 8.86
H82 MUB K . 9.02 11.63 9.70
H83 MUB K . 7.62 10.93 10.56
H3 MUB K . 11.20 8.66 11.47
H9 MUB K . 9.56 6.76 13.43
H111 MUB K . 7.11 8.35 12.62
H112 MUB K . 6.92 7.12 13.83
H113 MUB K . 7.61 6.62 12.33
H4 MUB K . 10.94 5.97 12.88
H5 MUB K . 13.32 6.42 11.16
H61 MUB K . 12.60 4.28 11.86
H62 MUB K . 12.71 4.27 10.05
HO6 MUB K . 10.64 3.42 11.23
C1 NAG K . 13.12 8.27 13.21
C2 NAG K . 14.51 8.11 13.83
C3 NAG K . 15.29 9.40 13.64
C4 NAG K . 15.27 9.85 12.17
C5 NAG K . 13.85 9.85 11.61
C6 NAG K . 13.79 10.17 10.12
C7 NAG K . 13.59 8.38 16.07
C8 NAG K . 13.53 7.90 17.51
N2 NAG K . 14.39 7.75 15.22
O3 NAG K . 16.62 9.18 14.07
O4 NAG K . 15.81 11.17 12.08
O5 NAG K . 13.24 8.56 11.83
O6 NAG K . 14.26 9.08 9.34
O7 NAG K . 13.01 9.43 15.77
H1 NAG K . 12.51 9.06 13.74
H2 NAG K . 15.08 7.28 13.53
H3 NAG K . 14.86 10.23 14.24
H4 NAG K . 16.06 9.23 11.69
H5 NAG K . 13.22 10.62 12.04
H61 NAG K . 14.39 11.05 9.87
H62 NAG K . 12.75 10.45 9.94
H81 NAG K . 12.82 8.49 18.05
H82 NAG K . 14.51 8.01 17.97
H83 NAG K . 13.26 6.86 17.52
HN2 NAG K . 14.84 6.93 15.51
HO3 NAG K . 17.13 9.93 13.79
HO4 NAG K . 15.23 11.79 12.56
HO6 NAG K . 13.63 8.36 9.38
C1 MUB L . -12.55 5.66 -3.89
C2 MUB L . -13.27 6.97 -4.23
C3 MUB L . -14.26 7.32 -3.10
C4 MUB L . -15.02 6.09 -2.62
C5 MUB L . -14.02 5.09 -2.03
C6 MUB L . -14.35 3.68 -2.52
C7 MUB L . -11.99 8.83 -3.42
C8 MUB L . -11.07 9.96 -3.66
C9 MUB L . -15.87 8.15 -4.70
C10 MUB L . -17.38 7.81 -4.63
C11 MUB L . -15.18 8.43 -6.08
O1 MUB L . -11.22 5.66 -4.26
O3 MUB L . -15.15 8.41 -3.48
O4 MUB L . -15.99 6.53 -1.64
O5 MUB L . -12.67 5.41 -2.46
O6 MUB L . -14.52 3.66 -3.91
O7 MUB L . -12.23 8.49 -2.27
O10 MUB L . -18.19 8.59 -5.11
N2 MUB L . -12.34 8.08 -4.46
H1 MUB L . -13.01 4.80 -4.38
H2 MUB L . -13.70 6.78 -5.24
HN2 MUB L . -12.15 8.37 -5.38
H81 MUB L . -11.54 10.65 -4.36
H82 MUB L . -10.17 9.61 -4.09
H83 MUB L . -10.87 10.45 -2.71
H3 MUB L . -13.75 7.81 -2.26
H9 MUB L . -15.82 7.06 -4.54
H111 MUB L . -15.51 7.71 -6.88
H112 MUB L . -14.15 8.32 -5.97
H113 MUB L . -15.38 9.46 -6.37
H4 MUB L . -15.78 5.75 -3.29
H5 MUB L . -14.05 5.03 -1.00
H61 MUB L . -15.36 3.44 -2.13
H62 MUB L . -13.64 2.88 -2.15
HO6 MUB L . -14.77 2.80 -4.28
C1 NAG L . -15.51 7.51 -0.70
C2 NAG L . -16.44 7.62 0.50
C3 NAG L . -15.92 8.64 1.49
C4 NAG L . -14.43 8.40 1.80
C5 NAG L . -13.61 8.23 0.51
C6 NAG L . -12.16 7.88 0.79
C7 NAG L . -18.02 8.93 -0.81
C8 NAG L . -19.44 9.18 -1.24
N2 NAG L . -17.76 7.94 0.06
O3 NAG L . -16.68 8.52 2.69
O4 NAG L . -13.93 9.51 2.53
O5 NAG L . -14.18 7.18 -0.29
O6 NAG L . -12.05 6.69 1.55
O7 NAG L . -17.13 9.72 -1.16
H1 NAG L . -15.53 8.47 -1.27
H2 NAG L . -16.68 6.72 1.00
H3 NAG L . -16.02 9.67 1.10
H4 NAG L . -14.44 7.58 2.56
H5 NAG L . -13.54 9.14 -0.08
H61 NAG L . -11.66 8.66 1.37
H62 NAG L . -11.64 7.83 -0.18
H81 NAG L . -19.44 9.89 -2.05
H82 NAG L . -20.00 9.59 -0.42
H83 NAG L . -19.90 8.24 -1.54
HN2 NAG L . -18.50 7.33 0.31
HO3 NAG L . -16.29 9.10 3.33
HO4 NAG L . -13.11 9.25 2.98
HO6 NAG L . -12.47 6.01 1.01
P 2PO M . 10.39 -4.87 -0.07
O1P 2PO M . 9.05 -5.47 -0.24
O2P 2PO M . 10.72 -4.25 1.25
O3P 2PO M . 10.58 -3.75 -1.20
P 2PO N . 10.97 -4.16 -2.70
O1P 2PO N . 10.98 -2.92 -3.54
O2P 2PO N . 12.21 -4.95 -2.67
O3P 2PO N . 9.76 -5.14 -3.09
C1 P1W O . 9.97 -6.48 -3.49
C2 P1W O . 8.73 -7.04 -4.12
C3 P1W O . 7.99 -6.40 -5.02
C4 P1W O . 6.76 -7.05 -5.62
C5 P1W O . 8.30 -4.99 -5.55
H12 P1W O . 10.24 -7.06 -2.63
H11 P1W O . 10.78 -6.50 -4.21
H2 P1W O . 8.63 -8.10 -4.02
H41 P1W O . 6.50 -6.54 -6.54
H42 P1W O . 6.96 -8.08 -5.82
H51 P1W O . 9.23 -4.63 -5.12
H52 P1W O . 7.51 -4.32 -5.26
H53 P1W O . 8.38 -5.00 -6.64
C1 P1W P . 5.57 -6.96 -4.66
C2 P1W P . 5.71 -7.97 -3.54
C3 P1W P . 5.18 -7.78 -2.32
C4 P1W P . 5.32 -8.79 -1.18
C5 P1W P . 4.31 -6.58 -1.95
H12 P1W P . 5.54 -5.96 -4.25
H11 P1W P . 4.66 -7.15 -5.21
H2 P1W P . 6.51 -8.68 -3.68
H41 P1W P . 4.43 -8.77 -0.57
H42 P1W P . 5.44 -9.79 -1.60
H51 P1W P . 4.69 -6.14 -1.04
H52 P1W P . 3.29 -6.91 -1.80
H53 P1W P . 4.34 -5.85 -2.74
C1 P1W Q . 6.53 -8.49 -0.31
C2 P1W Q . 6.17 -8.61 1.15
C3 P1W Q . 6.29 -9.72 1.87
C4 P1W Q . 5.92 -9.78 3.36
C5 P1W Q . 6.82 -11.04 1.32
H12 P1W Q . 7.31 -9.19 -0.54
H11 P1W Q . 6.87 -7.48 -0.51
H2 P1W Q . 5.70 -7.72 1.56
H43 P1W Q . 5.20 -10.58 3.52
H41 P1W Q . 5.48 -8.84 3.66
H42 P1W Q . 6.81 -9.96 3.95
H51 P1W Q . 7.88 -11.10 1.49
H52 P1W Q . 6.63 -11.07 0.25
H53 P1W Q . 6.34 -11.89 1.79
C1 P1W R . -9.59 -2.22 -0.47
C2 P1W R . -10.58 -1.94 0.64
C3 P1W R . -10.29 -2.04 1.94
C4 P1W R . -11.30 -1.77 3.03
C5 P1W R . -8.89 -2.40 2.47
H12 P1W R . -8.69 -2.62 -0.06
H11 P1W R . -9.38 -1.29 -1.00
H2 P1W R . -11.61 -1.89 0.32
H41 P1W R . -11.91 -0.92 2.75
H42 P1W R . -10.78 -1.55 3.96
H51 P1W R . -8.91 -2.39 3.54
H52 P1W R . -8.18 -1.70 2.10
H53 P1W R . -8.63 -3.40 2.12
C1 P1W S . -12.20 -2.97 3.24
C2 P1W S . -13.64 -2.61 3.02
C3 P1W S . -14.49 -2.25 3.99
C4 P1W S . -15.95 -1.87 3.70
C5 P1W S . -14.10 -2.18 5.47
H12 P1W S . -11.92 -3.75 2.53
H11 P1W S . -12.08 -3.35 4.24
H2 P1W S . -13.95 -2.63 1.99
H43 P1W S . -16.60 -2.71 3.93
H41 P1W S . -16.06 -1.59 2.67
H42 P1W S . -16.24 -1.03 4.33
H51 P1W S . -14.84 -1.61 6.00
H52 P1W S . -13.14 -1.72 5.55
H53 P1W S . -14.06 -3.19 5.88
P 2PO T . -9.30 -8.45 -3.05
O1P 2PO T . -8.61 -7.93 -1.85
O2P 2PO T . -9.60 -9.90 -3.09
O3P 2PO T . -8.44 -8.10 -4.36
P 2PO U . -8.80 -6.91 -5.38
O1P 2PO U . -8.30 -7.30 -6.72
O2P 2PO U . -10.25 -6.56 -5.25
O3P 2PO U . -7.92 -5.69 -4.86
C1 P1W V . -7.72 -5.50 -3.45
C2 P1W V . -8.69 -4.45 -2.95
C3 P1W V . -9.20 -4.36 -1.73
C4 P1W V . -10.18 -3.24 -1.44
C5 P1W V . -8.88 -5.31 -0.56
H12 P1W V . -6.70 -5.18 -3.27
H11 P1W V . -7.90 -6.45 -2.96
H2 P1W V . -8.71 -3.56 -3.54
H41 P1W V . -11.08 -3.65 -1.01
H42 P1W V . -10.43 -2.73 -2.36
H51 P1W V . -8.79 -4.74 0.36
H52 P1W V . -7.94 -5.81 -0.75
H53 P1W V . -9.66 -6.05 -0.45
P 2PO W . 9.35 6.36 7.30
O1P 2PO W . 9.83 4.96 7.42
O2P 2PO W . 7.88 6.56 7.24
O3P 2PO W . 9.96 7.01 5.99
P 2PO X . 9.00 7.73 4.94
O1P 2PO X . 7.91 8.36 5.70
O2P 2PO X . 9.81 8.59 3.99
O3P 2PO X . 8.40 6.49 4.13
C1 P1W Y . 8.74 5.14 4.49
C2 P1W Y . 7.61 4.59 5.34
C3 P1W Y . 7.58 3.48 6.13
C4 P1W Y . 6.28 3.14 6.82
C5 P1W Y . 8.76 2.51 6.47
H12 P1W Y . 9.65 5.14 5.05
H11 P1W Y . 8.84 4.57 3.59
H2 P1W Y . 6.92 5.36 5.64
H41 P1W Y . 5.48 3.77 6.42
H42 P1W Y . 6.36 3.31 7.88
H51 P1W Y . 8.96 2.55 7.53
H52 P1W Y . 9.65 2.83 5.95
H53 P1W Y . 8.52 1.50 6.18
C1 P1W Z . 5.90 1.65 6.58
C2 P1W Z . 5.79 0.86 7.88
C3 P1W Z . 5.87 -0.49 7.93
C4 P1W Z . 5.78 -1.27 9.21
C5 P1W Z . 6.03 -1.37 6.69
H12 P1W Z . 4.94 1.63 6.07
H11 P1W Z . 6.64 1.20 5.94
H2 P1W Z . 5.38 1.40 8.71
H41 P1W Z . 6.46 -0.85 9.93
H42 P1W Z . 6.05 -2.30 9.01
H51 P1W Z . 5.38 -2.22 6.78
H52 P1W Z . 7.06 -1.70 6.63
H53 P1W Z . 5.78 -0.81 5.80
C1 P1W AA . 4.38 -1.24 9.80
C2 P1W AA . 4.14 -2.40 10.71
C3 P1W AA . 3.23 -3.36 10.54
C4 P1W AA . 3.05 -4.54 11.51
C5 P1W AA . 2.27 -3.40 9.34
H12 P1W AA . 4.25 -0.32 10.34
H11 P1W AA . 3.66 -1.28 8.99
H2 P1W AA . 4.75 -2.39 11.61
H43 P1W AA . 2.31 -4.28 12.27
H41 P1W AA . 4.00 -4.76 11.99
H42 P1W AA . 2.71 -5.41 10.97
H51 P1W AA . 1.58 -4.22 9.46
H52 P1W AA . 2.85 -3.54 8.44
H53 P1W AA . 1.73 -2.46 9.27
P 2PO BA . -10.27 4.33 -4.05
O1P 2PO BA . -9.64 4.40 -2.72
O2P 2PO BA . -11.06 3.11 -4.41
O3P 2PO BA . -9.08 4.45 -5.16
P 2PO CA . -8.56 5.83 -5.81
O1P 2PO CA . -7.64 5.49 -6.92
O2P 2PO CA . -9.74 6.71 -6.11
O3P 2PO CA . -7.69 6.47 -4.65
C1 P1W DA . -8.35 7.23 -3.64
C2 P1W DA . -7.29 7.80 -2.70
C3 P1W DA . -7.44 8.25 -1.45
C4 P1W DA . -6.21 8.77 -0.75
C5 P1W DA . -8.76 8.27 -0.62
H12 P1W DA . -9.02 6.58 -3.09
H11 P1W DA . -8.90 8.01 -4.12
H2 P1W DA . -6.29 7.56 -3.01
H41 P1W DA . -5.36 8.65 -1.42
H42 P1W DA . -6.04 8.18 0.14
H51 P1W DA . -9.29 9.21 -0.78
H52 P1W DA . -8.51 8.18 0.42
H53 P1W DA . -9.39 7.45 -0.91
C1 P1W EA . -6.32 10.24 -0.38
C2 P1W EA . -5.37 10.58 0.74
C3 P1W EA . -5.72 10.52 2.05
C4 P1W EA . -4.76 10.88 3.17
C5 P1W EA . -7.10 10.09 2.52
H12 P1W EA . -6.08 10.85 -1.24
H11 P1W EA . -7.32 10.46 -0.05
H2 P1W EA . -4.48 11.11 0.44
H41 P1W EA . -3.82 10.36 3.05
H42 P1W EA . -5.20 10.58 4.12
H51 P1W EA . -7.07 9.97 3.60
H52 P1W EA . -7.37 9.16 2.06
H53 P1W EA . -7.83 10.84 2.27
C1 P1W FA . -4.51 12.39 3.20
C2 P1W FA . -5.75 13.13 3.61
C3 P1W FA . -6.39 14.03 2.86
C4 P1W FA . -7.67 14.75 3.32
C5 P1W FA . -5.92 14.42 1.45
H12 P1W FA . -3.72 12.59 3.92
H11 P1W FA . -4.21 12.71 2.22
H2 P1W FA . -6.13 12.87 4.60
H43 P1W FA . -8.52 14.40 2.74
H41 P1W FA . -7.55 15.82 3.18
H42 P1W FA . -7.84 14.54 4.37
H51 P1W FA . -6.55 15.21 1.07
H52 P1W FA . -6.00 13.56 0.81
H53 P1W FA . -4.90 14.77 1.48
N ZAE A 1 -7.23 -14.44 -4.50
CA ZAE A 1 -7.45 -13.93 -3.10
C ZAE A 1 -6.71 -12.62 -2.87
O ZAE A 1 -6.96 -11.62 -3.55
CB ZAE A 1 -8.94 -13.74 -2.80
CG ZAE A 1 -9.23 -13.41 -1.36
CD1 ZAE A 1 -9.04 -14.35 -0.36
CD2 ZAE A 1 -9.67 -12.14 -1.00
CE1 ZAE A 1 -9.32 -14.05 0.97
CE2 ZAE A 1 -9.96 -11.84 0.32
CZ ZAE A 1 -9.76 -12.79 1.30
C10 ZAE A 1 -8.04 -13.69 -5.48
H1 ZAE A 1 -7.51 -15.43 -4.55
HA ZAE A 1 -7.05 -14.67 -2.42
HB2 ZAE A 1 -9.32 -12.93 -3.41
HB3 ZAE A 1 -9.47 -14.65 -3.04
HD1 ZAE A 1 -8.68 -15.34 -0.62
HD2 ZAE A 1 -9.83 -11.40 -1.76
HE1 ZAE A 1 -9.16 -14.79 1.73
HE2 ZAE A 1 -10.31 -10.85 0.58
HZ ZAE A 1 -9.98 -12.55 2.33
H11 ZAE A 1 -7.85 -14.07 -6.48
H12 ZAE A 1 -7.76 -12.65 -5.44
H13 ZAE A 1 -9.09 -13.79 -5.25
N ILE A 2 -5.79 -12.63 -1.93
CA ILE A 2 -5.02 -11.46 -1.61
C ILE A 2 -3.62 -11.59 -2.21
N SER A 3 -3.19 -10.56 -2.94
CA SER A 3 -1.85 -10.52 -3.52
C SER A 3 -1.25 -9.12 -3.41
N DAR A 4 0.07 -9.08 -3.37
CA DAR A 4 0.78 -7.83 -3.24
CB DAR A 4 1.53 -7.55 -4.53
CG DAR A 4 0.61 -7.21 -5.68
CD DAR A 4 0.21 -5.74 -5.65
NE DAR A 4 -0.83 -5.48 -4.67
CZ DAR A 4 -1.37 -4.28 -4.49
NH1 DAR A 4 -2.34 -4.10 -3.60
NH2 DAR A 4 -0.92 -3.24 -5.19
C DAR A 4 1.73 -7.88 -2.08
O DAR A 4 2.66 -8.69 -2.05
H DAR A 4 0.58 -9.92 -3.44
HA DAR A 4 0.05 -7.04 -3.07
HB2 DAR A 4 2.09 -8.43 -4.80
HB3 DAR A 4 2.21 -6.73 -4.37
HG2 DAR A 4 -0.28 -7.81 -5.61
HG3 DAR A 4 1.12 -7.41 -6.62
HD2 DAR A 4 -0.15 -5.46 -6.62
HD3 DAR A 4 1.08 -5.15 -5.41
HE DAR A 4 -1.15 -6.23 -4.12
HH11 DAR A 4 -2.77 -3.17 -3.48
HH12 DAR A 4 -2.69 -4.92 -3.04
HH21 DAR A 4 -1.35 -2.30 -5.07
HH22 DAR A 4 -0.13 -3.36 -5.84
N 28J A 5 1.52 -7.01 -1.09
CA 28J A 5 2.39 -6.97 0.05
CB 28J A 5 1.72 -7.52 1.34
CG2 28J A 5 0.22 -7.55 1.16
CG1 28J A 5 2.23 -8.94 1.67
CD1 28J A 5 1.74 -9.48 3.00
C 28J A 5 2.89 -5.55 0.28
O 28J A 5 2.35 -4.57 -0.24
HA 28J A 5 3.25 -7.59 -0.17
H22 28J A 5 1.95 -6.86 2.17
H23 28J A 5 -0.24 -7.97 2.05
H24 28J A 5 -0.03 -8.18 0.31
H25 28J A 5 -0.15 -6.55 1.00
H26 28J A 5 3.31 -8.94 1.69
H27 28J A 5 1.90 -9.61 0.90
H28 28J A 5 0.66 -9.59 2.96
H29 28J A 5 2.00 -8.79 3.79
H30 28J A 5 2.19 -10.44 3.20
N ILE A 6 3.97 -5.47 1.01
CA ILE A 6 4.57 -4.20 1.36
C ILE A 6 6.01 -4.07 0.83
N SER A 7 6.31 -2.95 0.13
CA SER A 7 7.67 -2.74 -0.37
C SER A 7 7.92 -1.26 -0.70
N DTH A 8 9.18 -0.90 -0.85
CA DTH A 8 9.54 0.49 -1.13
CB DTH A 8 9.74 0.76 -2.63
CG2 DTH A 8 8.46 0.43 -3.35
OG1 DTH A 8 10.82 -0.03 -3.13
C DTH A 8 10.87 0.84 -0.47
O DTH A 8 11.30 2.00 -0.48
H DTH A 8 9.90 -1.58 -0.78
HA DTH A 8 8.73 1.12 -0.78
HB DTH A 8 10.00 1.81 -2.79
HG21 DTH A 8 7.67 1.06 -2.97
HG22 DTH A 8 8.21 -0.60 -3.18
HG23 DTH A 8 8.60 0.61 -4.40
N ALA A 9 11.55 -0.18 0.06
CA ALA A 9 12.88 0.00 0.63
C ALA A 9 13.91 -0.17 -0.46
N LEU A 10 13.98 -1.37 -1.05
CA LEU A 10 14.93 -1.62 -2.14
C LEU A 10 14.43 -0.94 -3.39
N ILE A 11 13.14 -1.11 -3.63
CA ILE A 11 12.53 -0.50 -4.80
C ILE A 11 11.37 0.39 -4.37
N ZAE B 1 9.09 4.72 1.99
CA ZAE B 1 8.43 4.05 3.13
C ZAE B 1 7.79 2.74 2.70
O ZAE B 1 8.43 1.90 2.05
CB ZAE B 1 9.41 3.80 4.27
CG ZAE B 1 8.98 2.69 5.19
CD1 ZAE B 1 8.01 2.92 6.17
CD2 ZAE B 1 9.55 1.43 5.09
CE1 ZAE B 1 7.62 1.90 7.03
CE2 ZAE B 1 9.16 0.40 5.96
CZ ZAE B 1 8.20 0.64 6.92
C10 ZAE B 1 10.36 4.06 1.62
H1 ZAE B 1 9.30 5.70 2.24
HA ZAE B 1 7.65 4.70 3.49
HB2 ZAE B 1 10.37 3.52 3.85
HB3 ZAE B 1 9.52 4.70 4.85
HD1 ZAE B 1 7.56 3.89 6.25
HD2 ZAE B 1 10.30 1.24 4.34
HE1 ZAE B 1 6.87 2.09 7.78
HE2 ZAE B 1 9.61 -0.57 5.87
HZ ZAE B 1 7.89 -0.14 7.60
H11 ZAE B 1 10.68 4.41 0.66
H12 ZAE B 1 10.21 2.99 1.60
H13 ZAE B 1 11.11 4.30 2.37
N ILE B 2 6.54 2.58 3.04
CA ILE B 2 5.85 1.39 2.69
C ILE B 2 4.92 1.66 1.51
N SER B 3 4.88 0.68 0.62
CA SER B 3 4.02 0.75 -0.54
C SER B 3 3.57 -0.63 -0.95
N DAR B 4 2.40 -0.65 -1.52
CA DAR B 4 1.82 -1.89 -1.96
CB DAR B 4 1.83 -1.97 -3.50
CG DAR B 4 3.14 -1.54 -4.14
CD DAR B 4 4.02 -2.73 -4.43
NE DAR B 4 4.36 -3.51 -3.23
CZ DAR B 4 4.74 -4.77 -3.29
NH1 DAR B 4 4.77 -5.40 -4.45
NH2 DAR B 4 5.05 -5.43 -2.18
C DAR B 4 0.40 -1.94 -1.47
O DAR B 4 -0.30 -0.93 -1.54
H DAR B 4 1.89 0.18 -1.60
HA DAR B 4 2.39 -2.71 -1.56
HB2 DAR B 4 1.04 -1.34 -3.87
HB3 DAR B 4 1.63 -2.99 -3.79
HG2 DAR B 4 3.67 -0.87 -3.46
HG3 DAR B 4 2.93 -1.03 -5.06
HD2 DAR B 4 4.95 -2.38 -4.88
HD3 DAR B 4 3.52 -3.38 -5.13
HE DAR B 4 4.30 -3.05 -2.37
HH11 DAR B 4 5.07 -6.40 -4.51
HH12 DAR B 4 4.49 -4.90 -5.32
HH21 DAR B 4 5.33 -6.43 -2.22
HH22 DAR B 4 5.00 -4.94 -1.25
N 28J B 5 0.01 -3.10 -0.95
CA 28J B 5 -1.34 -3.26 -0.44
CB 28J B 5 -1.43 -3.00 1.09
CG2 28J B 5 -0.11 -3.32 1.77
CG1 28J B 5 -1.83 -1.55 1.39
CD1 28J B 5 -2.58 -1.37 2.71
C 28J B 5 -1.86 -4.66 -0.72
O 28J B 5 -1.10 -5.62 -0.87
HA 28J B 5 -1.97 -2.54 -0.94
H22 28J B 5 -2.18 -3.66 1.50
H23 28J B 5 0.69 -2.75 1.31
H24 28J B 5 0.10 -4.37 1.70
H25 28J B 5 -0.18 -3.04 2.82
H26 28J B 5 -2.46 -1.19 0.59
H27 28J B 5 -0.94 -0.94 1.43
H28 28J B 5 -1.95 -1.69 3.52
H29 28J B 5 -3.48 -1.96 2.70
H30 28J B 5 -2.83 -0.33 2.84
N ILE B 6 -3.17 -4.75 -0.90
CA ILE B 6 -3.80 -6.05 -1.06
C ILE B 6 -4.78 -6.09 -2.24
N SER B 7 -4.47 -6.94 -3.24
CA SER B 7 -5.29 -7.01 -4.43
C SER B 7 -5.08 -8.27 -5.27
N DTH B 8 -6.11 -8.62 -6.03
CA DTH B 8 -6.08 -9.77 -6.95
CB DTH B 8 -5.65 -9.39 -8.39
CG2 DTH B 8 -4.30 -8.71 -8.37
OG1 DTH B 8 -6.64 -8.58 -9.00
C DTH B 8 -7.43 -10.49 -7.37
O DTH B 8 -7.21 -11.24 -8.30
H DTH B 8 -6.96 -8.13 -5.91
HA DTH B 8 -5.38 -10.49 -6.55
HB DTH B 8 -5.58 -10.31 -9.00
HG21 DTH B 8 -3.57 -9.37 -7.93
HG22 DTH B 8 -4.36 -7.79 -7.79
HG23 DTH B 8 -4.00 -8.47 -9.38
N ALA B 9 -8.65 -10.16 -6.95
CA ALA B 9 -9.85 -10.73 -7.52
C ALA B 9 -10.25 -9.94 -8.71
N LEU B 10 -10.53 -8.70 -8.42
CA LEU B 10 -10.99 -7.75 -9.42
C LEU B 10 -9.90 -7.53 -10.47
N ILE B 11 -8.66 -7.63 -10.01
CA ILE B 11 -7.52 -7.40 -10.89
C ILE B 11 -6.37 -8.19 -10.34
N ZAE C 1 -6.54 -3.35 -6.43
CA ZAE C 1 -7.32 -3.13 -5.17
C ZAE C 1 -6.79 -1.93 -4.41
O ZAE C 1 -6.86 -0.80 -4.89
CB ZAE C 1 -8.80 -2.97 -5.48
CG ZAE C 1 -9.64 -2.41 -4.35
CD1 ZAE C 1 -9.88 -3.17 -3.21
CD2 ZAE C 1 -10.15 -1.14 -4.42
CE1 ZAE C 1 -10.68 -2.68 -2.20
CE2 ZAE C 1 -10.96 -0.64 -3.39
CZ ZAE C 1 -11.19 -1.40 -2.27
C10 ZAE C 1 -7.25 -2.80 -7.59
H1 ZAE C 1 -6.41 -4.36 -6.58
HA ZAE C 1 -7.19 -4.02 -4.55
HB2 ZAE C 1 -8.90 -2.30 -6.32
HB3 ZAE C 1 -9.21 -3.94 -5.74
HD1 ZAE C 1 -9.47 -4.16 -3.14
HD2 ZAE C 1 -9.97 -0.53 -5.29
HE1 ZAE C 1 -10.87 -3.29 -1.32
HE2 ZAE C 1 -11.36 0.37 -3.46
HZ ZAE C 1 -11.82 -1.02 -1.47
H11 ZAE C 1 -6.64 -2.93 -8.48
H12 ZAE C 1 -7.46 -1.75 -7.44
H13 ZAE C 1 -8.19 -3.33 -7.74
N ILE C 2 -6.23 -2.18 -3.26
CA ILE C 2 -5.70 -1.12 -2.46
C ILE C 2 -4.19 -1.08 -2.59
N SER C 3 -3.71 0.10 -2.91
CA SER C 3 -2.28 0.34 -3.05
C SER C 3 -1.92 1.70 -2.52
N DAR C 4 -0.64 1.88 -2.37
CA DAR C 4 -0.12 3.12 -1.88
CB DAR C 4 0.64 3.86 -2.97
CG DAR C 4 -0.21 4.28 -4.17
CD DAR C 4 -0.60 5.76 -4.10
NE DAR C 4 -1.82 5.95 -3.30
CZ DAR C 4 -2.40 7.14 -3.10
NH1 DAR C 4 -1.89 8.26 -3.60
NH2 DAR C 4 -3.50 7.20 -2.37
C DAR C 4 0.79 2.82 -0.73
O DAR C 4 1.59 1.88 -0.80
H DAR C 4 -0.02 1.12 -2.55
HA DAR C 4 -0.95 3.72 -1.54
HB2 DAR C 4 1.43 3.22 -3.34
HB3 DAR C 4 1.09 4.74 -2.54
HG2 DAR C 4 -1.10 3.68 -4.20
HG3 DAR C 4 0.36 4.13 -5.07
HD2 DAR C 4 -0.78 6.12 -5.10
HD3 DAR C 4 0.21 6.32 -3.65
HE DAR C 4 -2.22 5.16 -2.90
HH11 DAR C 4 -2.35 9.17 -3.42
HH12 DAR C 4 -1.01 8.22 -4.17
HH21 DAR C 4 -3.96 8.13 -2.20
HH22 DAR C 4 -3.93 6.33 -2.00
N 28J C 5 0.64 3.58 0.34
CA 28J C 5 1.47 3.38 1.52
CB 28J C 5 0.80 2.39 2.52
CG2 28J C 5 -0.65 2.76 2.77
CG1 28J C 5 0.91 0.94 2.02
CD1 28J C 5 0.71 -0.10 3.08
C 28J C 5 1.72 4.71 2.24
O 28J C 5 1.03 5.71 2.01
HA 28J C 5 2.40 2.97 1.20
H22 28J C 5 1.33 2.47 3.46
H23 28J C 5 -1.20 2.70 1.84
H24 28J C 5 -0.72 3.75 3.18
H25 28J C 5 -1.08 2.06 3.48
H26 28J C 5 1.89 0.80 1.58
H27 28J C 5 0.16 0.79 1.25
H28 28J C 5 1.38 0.09 3.91
H29 28J C 5 0.92 -1.08 2.68
H30 28J C 5 -0.31 -0.08 3.44
N ILE C 6 2.77 4.73 3.04
CA ILE C 6 3.03 5.91 3.87
C ILE C 6 4.50 6.34 3.84
N SER C 7 4.73 7.60 3.45
CA SER C 7 6.09 8.13 3.34
C SER C 7 6.14 9.65 3.21
N DTH C 8 7.35 10.21 3.39
CA DTH C 8 7.62 11.64 3.17
CB DTH C 8 8.07 12.00 1.73
CG2 DTH C 8 7.04 11.50 0.74
OG1 DTH C 8 9.35 11.41 1.46
C DTH C 8 8.85 12.07 4.05
O DTH C 8 9.31 13.19 3.80
H DTH C 8 8.06 9.67 3.80
HA DTH C 8 6.75 12.22 3.45
HB DTH C 8 8.17 13.08 1.63
HG21 DTH C 8 6.09 11.97 0.93
HG22 DTH C 8 6.95 10.43 0.81
HG23 DTH C 8 7.37 11.76 -0.26
N ALA C 9 9.35 11.21 4.90
CA ALA C 9 10.52 11.43 5.67
C ALA C 9 11.68 11.64 4.74
N LEU C 10 12.14 10.52 4.27
CA LEU C 10 13.20 10.39 3.28
C LEU C 10 12.81 11.05 1.95
N ILE C 11 11.75 10.52 1.33
CA ILE C 11 11.31 11.03 0.02
C ILE C 11 9.91 11.65 0.18
N ZAE D 1 6.02 15.32 6.31
CA ZAE D 1 5.51 14.32 7.32
C ZAE D 1 5.05 13.04 6.65
O ZAE D 1 5.85 12.30 6.05
CB ZAE D 1 6.57 14.00 8.38
CG ZAE D 1 6.06 13.08 9.47
CD1 ZAE D 1 4.88 13.37 10.15
CD2 ZAE D 1 6.78 11.94 9.81
CE1 ZAE D 1 4.43 12.53 11.16
CE2 ZAE D 1 6.33 11.10 10.83
CZ ZAE D 1 5.15 11.40 11.50
C10 ZAE D 1 7.32 14.90 5.76
H1 ZAE D 1 6.14 16.24 6.76
HA ZAE D 1 4.65 14.78 7.81
HB2 ZAE D 1 7.41 13.52 7.90
HB3 ZAE D 1 6.90 14.91 8.84
HD1 ZAE D 1 4.32 14.25 9.88
HD2 ZAE D 1 7.70 11.71 9.29
HE1 ZAE D 1 3.51 12.75 11.67
HE2 ZAE D 1 6.89 10.22 11.09
HZ ZAE D 1 4.80 10.74 12.28
H11 ZAE D 1 7.58 15.53 4.91
H12 ZAE D 1 7.26 13.87 5.41
H13 ZAE D 1 8.09 14.97 6.51
N ILE D 2 3.75 12.77 6.73
CA ILE D 2 3.19 11.57 6.14
C ILE D 2 2.47 11.96 4.83
N SER D 3 2.67 11.14 3.80
CA SER D 3 2.00 11.35 2.51
C SER D 3 1.71 10.03 1.82
N DAR D 4 0.70 10.05 0.98
CA DAR D 4 0.30 8.86 0.26
CB DAR D 4 0.69 8.99 -1.20
CG DAR D 4 2.19 8.95 -1.42
CD DAR D 4 2.66 7.54 -1.74
NE DAR D 4 3.57 7.02 -0.73
CZ DAR D 4 4.20 5.85 -0.84
NH1 DAR D 4 5.06 5.46 0.09
NH2 DAR D 4 3.94 5.05 -1.86
C DAR D 4 -1.18 8.59 0.42
O DAR D 4 -2.01 9.45 0.07
H DAR D 4 0.23 10.89 0.80
HA DAR D 4 0.84 8.02 0.70
HB2 DAR D 4 0.31 9.93 -1.57
HB3 DAR D 4 0.24 8.18 -1.75
HG2 DAR D 4 2.69 9.29 -0.53
HG3 DAR D 4 2.44 9.60 -2.24
HD2 DAR D 4 3.17 7.56 -2.69
HD3 DAR D 4 1.80 6.89 -1.81
HE DAR D 4 3.74 7.58 0.06
HH11 DAR D 4 5.56 4.55 0.00
HH12 DAR D 4 5.25 6.07 0.91
HH21 DAR D 4 4.44 4.15 -1.97
HH22 DAR D 4 3.23 5.34 -2.57
N 28J D 5 -1.51 7.43 0.94
CA 28J D 5 -2.90 7.05 1.11
CB 28J D 5 -3.35 7.04 2.61
CG2 28J D 5 -2.19 6.59 3.50
CG1 28J D 5 -3.82 8.43 3.05
CD1 28J D 5 -4.51 8.44 4.41
C 28J D 5 -3.15 5.69 0.46
O 28J D 5 -2.23 4.95 0.12
HA 28J D 5 -3.50 7.78 0.60
H22 28J D 5 -4.15 6.33 2.72
H23 28J D 5 -1.38 7.29 3.40
H24 28J D 5 -1.86 5.61 3.19
H25 28J D 5 -2.52 6.56 4.52
H26 28J D 5 -4.53 8.82 2.33
H27 28J D 5 -2.98 9.09 3.12
H28 28J D 5 -4.86 9.43 4.63
H29 28J D 5 -3.81 8.13 5.17
H30 28J D 5 -5.35 7.75 4.39
N ILE D 6 -4.40 5.42 0.24
CA ILE D 6 -4.85 4.19 -0.37
C ILE D 6 -5.46 4.46 -1.76
N SER D 7 -4.94 3.85 -2.84
CA SER D 7 -5.56 4.02 -4.19
C SER D 7 -5.22 2.85 -5.08
N DTH D 8 -6.06 2.61 -6.07
CA DTH D 8 -5.86 1.46 -6.95
CB DTH D 8 -5.06 1.81 -8.22
CG2 DTH D 8 -3.74 2.37 -7.79
OG1 DTH D 8 -5.77 2.73 -9.06
C DTH D 8 -7.16 0.87 -7.49
O DTH D 8 -7.09 -0.07 -8.26
H DTH D 8 -6.82 3.22 -6.24
HA DTH D 8 -5.30 0.73 -6.39
HB DTH D 8 -4.89 0.89 -8.81
HG21 DTH D 8 -3.17 2.68 -8.66
HG22 DTH D 8 -3.18 1.63 -7.24
HG23 DTH D 8 -3.91 3.24 -7.16
N ALA D 9 -8.31 1.42 -7.11
CA ALA D 9 -9.59 0.98 -7.63
C ALA D 9 -9.77 1.49 -9.05
N LEU D 10 -9.69 2.80 -9.16
CA LEU D 10 -9.85 3.48 -10.43
C LEU D 10 -8.55 3.40 -11.21
N ILE D 11 -7.48 3.90 -10.58
CA ILE D 11 -6.15 3.88 -11.18
C ILE D 11 -5.30 2.88 -10.41
N ALA E 1 13.81 -10.67 0.37
CA ALA E 1 14.24 -11.40 1.60
C ALA E 1 13.08 -12.04 2.29
N DGL E 2 13.07 -11.92 3.70
CA DGL E 2 11.83 -12.39 4.38
C DGL E 2 10.39 -12.19 3.67
O DGL E 2 10.21 -11.06 3.20
CB DGL E 2 11.81 -13.97 4.49
CG DGL E 2 12.58 -14.76 3.35
CD DGL E 2 11.64 -15.69 2.54
OE1 DGL E 2 11.66 -16.91 2.75
H DGL E 2 13.78 -11.47 4.16
HA DGL E 2 11.90 -11.78 5.28
HB2 DGL E 2 10.75 -14.21 4.46
HB3 DGL E 2 12.21 -14.21 5.44
HG2 DGL E 2 13.34 -15.33 3.80
HG3 DGL E 2 13.04 -14.08 2.62
N LYS E 3 10.80 -15.12 1.70
CA LYS E 3 9.85 -15.85 0.88
C LYS E 3 8.58 -16.32 1.66
N DAL E 4 8.12 -15.28 2.47
CA DAL E 4 6.82 -15.17 3.34
CB DAL E 4 6.86 -15.90 4.90
C DAL E 4 5.65 -15.39 2.16
O DAL E 4 5.27 -16.53 1.80
H DAL E 4 8.70 -14.47 2.47
HA DAL E 4 6.60 -14.24 3.87
HB1 DAL E 4 6.94 -16.93 4.80
HB2 DAL E 4 5.97 -15.64 5.47
HB3 DAL E 4 7.73 -15.52 5.52
N DAL E 5 5.25 -14.25 1.49
CA DAL E 5 4.06 -14.05 0.43
CB DAL E 5 2.95 -14.70 1.32
C DAL E 5 4.68 -15.14 -0.63
O DAL E 5 5.74 -14.84 -1.28
OXT DAL E 5 4.11 -16.25 -0.84
H DAL E 5 5.67 -13.42 1.82
HA DAL E 5 3.76 -13.10 -0.03
HB1 DAL E 5 2.48 -14.00 1.94
HB2 DAL E 5 3.42 -15.47 1.90
HB3 DAL E 5 2.19 -15.20 0.68
N ALA F 1 -15.20 -14.22 -5.38
CA ALA F 1 -15.14 -15.70 -5.54
C ALA F 1 -15.06 -16.39 -4.21
N DGL F 2 -15.73 -17.61 -4.12
CA DGL F 2 -15.51 -18.44 -2.89
C DGL F 2 -14.14 -18.26 -2.05
O DGL F 2 -14.14 -17.57 -0.99
CB DGL F 2 -16.50 -17.95 -1.76
CG DGL F 2 -16.87 -16.41 -1.76
CD DGL F 2 -16.73 -15.77 -0.36
OE1 DGL F 2 -17.72 -15.22 0.16
H DGL F 2 -16.21 -17.97 -4.88
HA DGL F 2 -15.60 -19.43 -3.31
HB2 DGL F 2 -15.98 -18.20 -0.84
HB3 DGL F 2 -17.37 -18.53 -1.86
HG2 DGL F 2 -17.87 -16.31 -2.09
HG3 DGL F 2 -16.21 -15.85 -2.44
N LYS F 3 -15.58 -15.90 0.25
CA LYS F 3 -15.30 -15.35 1.57
C LYS F 3 -15.91 -16.20 2.75
N DAL F 4 -14.95 -17.09 3.23
CA DAL F 4 -14.97 -18.06 4.45
CB DAL F 4 -16.45 -18.17 5.33
C DAL F 4 -13.45 -17.77 5.07
O DAL F 4 -13.22 -16.98 6.02
H DAL F 4 -14.08 -17.08 2.72
HA DAL F 4 -15.10 -19.13 4.30
HB1 DAL F 4 -16.63 -17.26 5.81
HB2 DAL F 4 -16.40 -18.98 6.06
HB3 DAL F 4 -17.31 -18.43 4.66
N DAL F 5 -12.41 -18.36 4.37
CA DAL F 5 -10.88 -18.41 4.70
CB DAL F 5 -11.06 -19.05 6.14
C DAL F 5 -10.66 -16.78 4.79
O DAL F 5 -11.05 -16.04 3.89
OXT DAL F 5 -10.15 -16.28 5.87
H DAL F 5 -12.67 -18.91 3.61
HA DAL F 5 -10.11 -18.90 4.12
HB1 DAL F 5 -10.99 -20.08 6.12
HB2 DAL F 5 -12.02 -18.72 6.53
HB3 DAL F 5 -10.29 -18.65 6.86
N ALA G 1 14.95 6.24 9.84
CA ALA G 1 15.01 7.25 10.95
C ALA G 1 14.14 6.85 12.10
N DGL G 2 13.57 7.90 12.84
CA DGL G 2 12.54 7.54 13.85
C DGL G 2 11.64 6.22 13.66
O DGL G 2 11.76 5.26 14.48
CB DGL G 2 13.25 7.11 15.19
CG DGL G 2 14.50 6.17 15.04
CD DGL G 2 14.49 5.01 16.08
OE1 DGL G 2 15.51 4.78 16.75
H DGL G 2 13.73 8.82 12.58
HA DGL G 2 11.92 8.43 13.80
HB2 DGL G 2 12.47 6.61 15.75
HB3 DGL G 2 13.52 8.01 15.67
HG2 DGL G 2 15.37 6.74 15.18
HG3 DGL G 2 14.53 5.70 14.05
N LYS G 3 13.36 4.36 16.24
CA LYS G 3 13.19 3.25 17.18
C LYS G 3 13.30 3.69 18.68
N DAL G 4 12.89 5.03 18.80
CA DAL G 4 12.67 5.90 20.07
CB DAL G 4 14.05 6.59 20.81
C DAL G 4 11.46 5.01 20.82
O DAL G 4 11.70 4.04 21.58
H DAL G 4 12.68 5.47 17.94
HA DAL G 4 12.32 6.94 19.98
HB1 DAL G 4 14.65 5.84 21.20
HB2 DAL G 4 13.76 7.30 21.60
HB3 DAL G 4 14.66 7.20 20.07
N DAL G 5 10.18 5.32 20.44
CA DAL G 5 8.81 4.77 20.98
CB DAL G 5 9.10 5.14 22.49
C DAL G 5 9.10 3.18 20.67
O DAL G 5 9.43 2.80 19.54
OXT DAL G 5 9.08 2.35 21.66
H DAL G 5 10.09 6.06 19.79
HA DAL G 5 7.81 5.08 20.65
HB1 DAL G 5 8.77 6.08 22.75
HB2 DAL G 5 10.17 5.03 22.65
HB3 DAL G 5 8.63 4.38 23.19
N ALA H 1 -13.35 11.28 -7.80
CA ALA H 1 -14.83 11.49 -7.92
C ALA H 1 -15.42 12.01 -6.62
N DGL H 2 -15.18 11.20 -5.53
CA DGL H 2 -15.53 11.61 -4.14
C DGL H 2 -16.50 12.82 -3.87
O DGL H 2 -15.86 13.89 -3.54
CB DGL H 2 -16.45 10.48 -3.54
CG DGL H 2 -16.22 10.16 -2.00
CD DGL H 2 -16.32 8.65 -1.68
OE1 DGL H 2 -17.44 8.13 -1.55
H DGL H 2 -14.53 10.43 -5.65
HA DGL H 2 -14.55 11.85 -3.73
HB2 DGL H 2 -16.25 9.65 -4.13
HB3 DGL H 2 -17.49 10.82 -3.66
HG2 DGL H 2 -16.93 10.68 -1.42
HG3 DGL H 2 -15.22 10.49 -1.69
N LYS H 3 -15.19 7.97 -1.59
CA LYS H 3 -15.16 6.55 -1.29
C LYS H 3 -15.74 5.66 -2.44
N DAL H 4 -14.70 5.31 -3.33
CA DAL H 4 -14.70 4.34 -4.54
CB DAL H 4 -15.33 4.93 -6.03
C DAL H 4 -15.14 2.92 -3.77
O DAL H 4 -16.33 2.62 -3.48
H DAL H 4 -13.83 5.72 -3.12
HA DAL H 4 -13.79 4.16 -5.11
HB1 DAL H 4 -14.83 5.82 -6.29
HB2 DAL H 4 -16.40 5.11 -5.97
HB3 DAL H 4 -15.20 4.18 -6.87
N DAL H 5 -14.08 2.14 -3.34
CA DAL H 5 -14.09 0.72 -2.68
CB DAL H 5 -14.93 0.02 -3.84
C DAL H 5 -15.03 1.12 -1.40
O DAL H 5 -16.19 0.55 -1.28
OXT DAL H 5 -14.69 2.01 -0.61
H DAL H 5 -13.18 2.48 -3.57
HA DAL H 5 -13.21 0.15 -2.39
HB1 DAL H 5 -14.33 -0.50 -4.49
HB2 DAL H 5 -15.50 0.81 -4.33
HB3 DAL H 5 -15.71 -0.67 -3.41
C1 MUB I . 11.32 -6.34 -0.16
C2 MUB I . 12.17 -7.07 -1.18
C3 MUB I . 11.84 -8.60 -1.10
C4 MUB I . 11.79 -9.12 0.34
C5 MUB I . 10.84 -8.28 1.18
C6 MUB I . 11.57 -7.62 2.34
C7 MUB I . 10.99 -7.05 -3.28
C8 MUB I . 10.86 -6.53 -4.68
C9 MUB I . 14.11 -9.19 -1.61
C10 MUB I . 14.68 -9.92 -0.39
C11 MUB I . 15.06 -8.46 -2.63
O1 MUB I . 10.73 -5.23 -0.75
O3 MUB I . 12.73 -9.38 -1.95
O4 MUB I . 11.37 -10.52 0.28
O5 MUB I . 10.30 -7.22 0.36
O6 MUB I . 11.80 -8.55 3.39
O7 MUB I . 10.18 -7.85 -2.84
O10 MUB I . 15.91 -9.88 -0.17
N2 MUB I . 12.00 -6.59 -2.53
H1 MUB I . 11.90 -6.00 0.69
H2 MUB I . 13.18 -6.74 -0.89
HN2 MUB I . 12.65 -5.96 -2.92
H81 MUB I . 10.74 -5.46 -4.66
H82 MUB I . 9.98 -6.97 -5.14
H83 MUB I . 11.74 -6.82 -5.24
H3 MUB I . 10.88 -8.83 -1.54
H9 MUB I . 13.89 -8.48 -0.85
H111 MUB I . 15.02 -8.92 -3.63
H112 MUB I . 16.04 -8.53 -2.29
H113 MUB I . 14.79 -7.39 -2.66
H4 MUB I . 12.78 -9.40 0.74
H5 MUB I . 10.09 -8.79 1.63
H61 MUB I . 10.85 -6.90 2.81
H62 MUB I . 12.49 -7.02 2.08
HO6 MUB I . 11.31 -9.39 3.28
C1 NAG I . 10.35 -10.77 -0.71
C2 NAG I . 9.81 -12.17 -0.54
C3 NAG I . 8.71 -12.46 -1.54
C4 NAG I . 7.66 -11.34 -1.54
C5 NAG I . 8.35 -9.97 -1.66
C6 NAG I . 7.36 -8.82 -1.56
C7 NAG I . 11.64 -13.18 -1.78
C8 NAG I . 12.78 -14.18 -1.82
N2 NAG I . 10.92 -13.11 -0.67
O3 NAG I . 8.08 -13.69 -1.19
O4 NAG I . 6.79 -11.51 -2.64
O5 NAG I . 9.31 -9.80 -0.61
O6 NAG I . 6.74 -8.74 -0.27
O7 NAG I . 11.32 -12.58 -2.81
H1 NAG I . 10.89 -10.69 -1.68
H2 NAG I . 9.50 -12.51 0.41
H3 NAG I . 9.11 -12.54 -2.56
H4 NAG I . 7.03 -11.56 -0.65
H5 NAG I . 8.84 -9.79 -2.61
H61 NAG I . 6.53 -8.92 -2.27
H62 NAG I . 7.87 -7.88 -1.83
H81 NAG I . 12.38 -15.18 -1.67
H82 NAG I . 13.50 -13.97 -1.05
H83 NAG I . 13.27 -14.10 -2.79
HN2 NAG I . 11.18 -13.62 0.12
HO3 NAG I . 7.27 -13.74 -1.69
HO4 NAG I . 6.25 -12.29 -2.49
HO6 NAG I . 7.44 -8.47 0.33
C1 MUB J . -12.67 -10.51 -3.20
C2 MUB J . -13.70 -10.39 -4.33
C3 MUB J . -15.01 -11.12 -3.88
C4 MUB J . -14.71 -12.42 -3.12
C5 MUB J . -13.89 -12.11 -1.86
C6 MUB J . -12.71 -13.07 -1.74
C7 MUB J . -15.05 -8.41 -4.15
C8 MUB J . -15.38 -7.02 -4.57
C9 MUB J . -15.20 -11.86 -6.17
C10 MUB J . -15.18 -13.36 -6.46
C11 MUB J . -14.72 -10.82 -7.25
O1 MUB J . -11.90 -9.35 -3.09
O3 MUB J . -15.91 -11.39 -5.00
O4 MUB J . -15.98 -13.02 -2.80
O5 MUB J . -13.34 -10.78 -1.95
O6 MUB J . -12.05 -13.20 -2.99
O7 MUB J . -15.60 -8.88 -3.15
O10 MUB J . -15.21 -13.75 -7.65
N2 MUB J . -14.02 -9.03 -4.72
H1 MUB J . -11.97 -11.32 -3.38
H2 MUB J . -13.16 -10.82 -5.20
HN2 MUB J . -13.59 -8.65 -5.52
H81 MUB J . -16.29 -6.70 -4.07
H82 MUB J . -15.54 -7.00 -5.64
H83 MUB J . -14.55 -6.38 -4.32
H3 MUB J . -15.63 -10.47 -3.28
H9 MUB J . -14.36 -12.13 -5.61
H111 MUB J . -14.17 -11.32 -8.07
H112 MUB J . -14.08 -10.13 -6.79
H113 MUB J . -15.59 -10.27 -7.62
H4 MUB J . -14.40 -13.26 -3.77
H5 MUB J . -14.40 -12.20 -0.99
H61 MUB J . -13.17 -14.09 -1.61
H62 MUB J . -12.02 -12.91 -0.88
HO6 MUB J . -11.88 -14.12 -3.27
C1 NAG J . -16.93 -12.12 -2.23
C2 NAG J . -18.00 -12.88 -1.48
C3 NAG J . -19.02 -11.91 -0.91
C4 NAG J . -18.33 -10.79 -0.11
C5 NAG J . -17.20 -10.17 -0.92
C6 NAG J . -16.40 -9.15 -0.13
C7 NAG J . -19.03 -13.51 -3.60
C8 NAG J . -19.66 -14.57 -4.46
N2 NAG J . -18.62 -13.85 -2.37
O3 NAG J . -19.91 -12.62 -0.06
O4 NAG J . -19.28 -9.79 0.21
O5 NAG J . -16.29 -11.18 -1.38
O6 NAG J . -15.54 -9.78 0.82
O7 NAG J . -19.05 -12.33 -3.97
H1 NAG J . -17.38 -11.62 -3.12
H2 NAG J . -17.74 -13.57 -0.74
H3 NAG J . -19.61 -11.43 -1.71
H4 NAG J . -18.11 -11.27 0.87
H5 NAG J . -17.54 -9.59 -1.79
H61 NAG J . -17.04 -8.47 0.45
H62 NAG J . -15.85 -8.51 -0.83
H81 NAG J . -19.93 -14.13 -5.42
H82 NAG J . -20.54 -14.97 -4.00
H83 NAG J . -18.94 -15.39 -4.60
HN2 NAG J . -18.65 -14.79 -2.10
HO3 NAG J . -20.09 -13.47 -0.48
HO4 NAG J . -20.05 -10.20 0.61
HO6 NAG J . -15.22 -10.57 0.37
C1 MUB K . 11.65 6.01 6.15
C2 MUB K . 12.96 5.22 6.15
C3 MUB K . 13.14 4.54 7.54
C4 MUB K . 12.56 5.42 8.63
C5 MUB K . 11.05 5.53 8.45
C6 MUB K . 10.55 6.90 8.89
C7 MUB K . 12.70 2.96 5.42
C8 MUB K . 12.79 1.92 4.34
C9 MUB K . 15.42 5.35 7.57
C10 MUB K . 15.59 6.43 8.64
C11 MUB K . 16.35 5.31 6.30
O1 MUB K . 11.08 6.10 4.87
O3 MUB K . 14.54 4.24 7.83
O4 MUB K . 12.92 4.85 9.91
O5 MUB K . 10.71 5.38 7.05
O6 MUB K . 11.42 7.92 8.40
O7 MUB K . 12.14 2.66 6.47
O10 MUB K . 16.36 7.39 8.41
N2 MUB K . 13.02 4.21 5.12
H1 MUB K . 11.78 7.03 6.49
H2 MUB K . 13.71 5.98 5.85
HN2 MUB K . 13.47 4.41 4.27
H81 MUB K . 12.15 2.21 3.52
H82 MUB K . 12.46 0.98 4.73
H83 MUB K . 13.82 1.84 4.02
H3 MUB K . 12.73 3.54 7.57
H9 MUB K . 14.61 5.98 7.33
H111 MUB K . 17.26 4.72 6.49
H112 MUB K . 16.63 6.27 6.05
H113 MUB K . 15.77 4.90 5.46
H4 MUB K . 13.15 6.32 8.82
H5 MUB K . 10.51 4.85 9.00
H61 MUB K . 10.73 6.95 9.99
H62 MUB K . 9.48 7.11 8.71
HO6 MUB K . 11.40 8.74 8.91
C1 NAG K . 12.73 3.44 10.02
C2 NAG K . 13.18 2.93 11.37
C3 NAG K . 13.00 1.43 11.45
C4 NAG K . 11.58 1.03 11.02
C5 NAG K . 11.21 1.67 9.68
C6 NAG K . 9.76 1.40 9.28
C7 NAG K . 15.56 2.81 10.85
C8 NAG K . 16.98 3.27 11.14
N2 NAG K . 14.56 3.31 11.59
O3 NAG K . 13.23 1.00 12.78
O4 NAG K . 11.51 -0.39 10.89
O5 NAG K . 11.38 3.09 9.73
O6 NAG K . 8.87 2.15 10.09
O7 NAG K . 15.37 1.90 10.03
H1 NAG K . 13.43 3.02 9.26
H2 NAG K . 12.80 3.37 12.25
H3 NAG K . 13.70 0.90 10.79
H4 NAG K . 10.96 1.24 11.91
H5 NAG K . 11.78 1.28 8.82
H61 NAG K . 9.50 0.34 9.43
H62 NAG K . 9.66 1.61 8.21
H81 NAG K . 17.18 3.11 12.19
H82 NAG K . 17.08 4.31 10.91
H83 NAG K . 17.66 2.70 10.51
HN2 NAG K . 14.75 4.01 12.24
HO3 NAG K . 14.10 1.27 13.04
HO4 NAG K . 11.94 -0.79 11.64
HO6 NAG K . 9.42 2.81 10.52
C1 MUB L . -10.08 7.46 -5.96
C2 MUB L . -9.74 8.65 -6.85
C3 MUB L . -10.54 9.87 -6.35
C4 MUB L . -12.00 9.53 -5.92
C5 MUB L . -11.99 8.48 -4.84
C6 MUB L . -12.95 7.34 -5.18
C7 MUB L . -7.79 9.73 -5.94
C8 MUB L . -6.33 10.04 -5.99
C9 MUB L . -11.12 10.52 -8.59
C10 MUB L . -12.62 10.74 -8.82
C11 MUB L . -10.19 10.11 -9.78
O1 MUB L . -8.91 6.77 -5.69
O3 MUB L . -10.54 10.95 -7.34
O4 MUB L . -12.63 10.76 -5.48
O5 MUB L . -10.66 7.91 -4.71
O6 MUB L . -12.30 6.35 -5.98
O7 MUB L . -8.45 10.08 -4.96
O10 MUB L . -13.11 10.42 -9.92
N2 MUB L . -8.33 8.95 -6.88
H1 MUB L . -10.84 6.81 -6.41
H2 MUB L . -9.97 8.26 -7.85
HN2 MUB L . -7.79 8.70 -7.66
H81 MUB L . -5.76 9.12 -5.99
H82 MUB L . -6.04 10.64 -5.15
H83 MUB L . -6.13 10.60 -6.91
H3 MUB L . -10.03 10.37 -5.52
H9 MUB L . -11.51 9.62 -8.19
H111 MUB L . -9.43 10.89 -9.99
H112 MUB L . -10.76 9.99 -10.64
H113 MUB L . -9.71 9.15 -9.56
H4 MUB L . -12.69 9.44 -6.77
H5 MUB L . -12.30 8.85 -3.91
H61 MUB L . -13.64 7.83 -5.92
H62 MUB L . -13.55 6.88 -4.34
HO6 MUB L . -12.38 5.43 -5.66
C1 NAG L . -11.95 11.45 -4.43
C2 NAG L . -12.88 12.49 -3.83
C3 NAG L . -12.30 13.18 -2.61
C4 NAG L . -11.68 12.15 -1.64
C5 NAG L . -10.77 11.19 -2.40
C6 NAG L . -10.15 10.12 -1.51
C7 NAG L . -12.35 14.04 -5.63
C8 NAG L . -12.82 15.03 -6.68
N2 NAG L . -13.25 13.46 -4.86
O3 NAG L . -13.33 13.90 -1.94
O4 NAG L . -10.93 12.84 -0.65
O5 NAG L . -11.49 10.53 -3.43
O6 NAG L . -11.12 9.21 -1.02
O7 NAG L . -11.14 13.88 -5.45
H1 NAG L . -11.08 11.93 -4.94
H2 NAG L . -13.86 12.14 -3.61
H3 NAG L . -11.50 13.89 -2.89
H4 NAG L . -12.55 11.76 -1.06
H5 NAG L . -9.89 11.67 -2.84
H61 NAG L . -9.66 10.56 -0.61
H62 NAG L . -9.36 9.62 -2.08
H81 NAG L . -11.98 15.30 -7.32
H82 NAG L . -13.20 15.91 -6.21
H83 NAG L . -13.62 14.56 -7.26
HN2 NAG L . -14.20 13.62 -5.02
HO3 NAG L . -14.00 14.11 -2.59
HO4 NAG L . -11.41 13.60 -0.35
HO6 NAG L . -10.92 8.37 -1.44
P 2PO M . 11.64 -3.92 -0.95
O1P 2PO M . 12.79 -4.26 -1.83
O2P 2PO M . 10.76 -2.79 -1.37
O3P 2PO M . 12.19 -3.63 0.52
P 2PO N . 11.21 -3.47 1.76
O1P 2PO N . 12.02 -3.25 2.97
O2P 2PO N . 10.19 -2.45 1.46
O3P 2PO N . 10.49 -4.91 1.79
C1 P1W O . 9.16 -5.08 2.26
C2 P1W O . 9.14 -5.88 3.52
C3 P1W O . 8.53 -7.07 3.67
C4 P1W O . 8.60 -7.80 4.99
C5 P1W O . 7.72 -7.77 2.58
H12 P1W O . 8.57 -5.59 1.50
H11 P1W O . 8.72 -4.11 2.44
H2 P1W O . 9.92 -5.60 4.22
H41 P1W O . 9.44 -8.47 4.98
H42 P1W O . 8.73 -7.08 5.80
H51 P1W O . 8.17 -7.57 1.62
H52 P1W O . 6.71 -7.41 2.59
H53 P1W O . 7.72 -8.84 2.75
C1 P1W P . 7.33 -8.60 5.26
C2 P1W P . 7.21 -8.94 6.73
C3 P1W P . 6.16 -9.62 7.25
C4 P1W P . 6.03 -9.97 8.72
C5 P1W P . 5.01 -10.16 6.40
H12 P1W P . 6.49 -8.01 4.95
H11 P1W P . 7.37 -9.52 4.68
H2 P1W P . 7.87 -8.38 7.37
H41 P1W P . 6.53 -9.21 9.30
H42 P1W P . 4.99 -10.00 8.99
H51 P1W P . 5.39 -10.90 5.72
H52 P1W P . 4.58 -9.34 5.84
H53 P1W P . 4.26 -10.60 7.03
C1 P1W Q . 6.67 -11.32 9.02
C2 P1W Q . 6.26 -11.79 10.38
C3 P1W Q . 5.36 -12.77 10.62
C4 P1W Q . 4.98 -13.22 12.04
C5 P1W Q . 4.63 -13.53 9.51
H12 P1W Q . 6.34 -12.04 8.29
H11 P1W Q . 7.75 -11.23 8.99
H2 P1W Q . 6.69 -11.23 11.20
H43 P1W Q . 5.44 -12.55 12.76
H41 P1W Q . 5.35 -14.23 12.21
H42 P1W Q . 3.92 -13.19 12.14
H51 P1W Q . 4.16 -12.82 8.85
H52 P1W Q . 3.88 -14.17 9.95
H53 P1W Q . 5.34 -14.13 8.95
C1 P1W R . -10.31 -6.98 2.44
C2 P1W R . -10.97 -5.69 2.87
C3 P1W R . -11.04 -5.27 4.16
C4 P1W R . -11.74 -3.99 4.56
C5 P1W R . -10.41 -6.03 5.32
H12 P1W R . -10.92 -7.47 1.72
H11 P1W R . -10.16 -7.62 3.31
H2 P1W R . -11.61 -5.26 2.13
H41 P1W R . -11.94 -4.02 5.62
H42 P1W R . -12.66 -3.90 4.02
H51 P1W R . -9.36 -6.18 5.10
H52 P1W R . -10.90 -6.98 5.45
H53 P1W R . -10.50 -5.45 6.23
C1 P1W S . -10.87 -2.78 4.25
C2 P1W S . -9.96 -2.46 5.41
C3 P1W S . -10.08 -1.36 6.19
C4 P1W S . -9.13 -1.10 7.37
C5 P1W S . -11.15 -0.30 5.99
H12 P1W S . -10.25 -2.99 3.39
H11 P1W S . -11.49 -1.93 4.04
H2 P1W S . -9.27 -3.24 5.67
H43 P1W S . -8.78 -2.03 7.76
H41 P1W S . -9.67 -0.56 8.14
H42 P1W S . -8.30 -0.51 7.02
H51 P1W S . -10.99 0.51 6.70
H52 P1W S . -12.12 -0.74 6.15
H53 P1W S . -11.09 0.10 4.98
P 2PO T . -10.41 -9.36 -3.73
O1P 2PO T . -9.94 -10.76 -3.81
O2P 2PO T . -10.43 -8.56 -4.99
O3P 2PO T . -9.46 -8.57 -2.69
P 2PO U . -8.25 -7.63 -3.14
O1P 2PO U . -7.04 -8.00 -2.34
O2P 2PO U . -8.15 -7.65 -4.63
O3P 2PO U . -8.71 -6.18 -2.68
C1 P1W V . -9.90 -6.04 -1.92
C2 P1W V . -9.66 -6.60 -0.53
C3 P1W V . -9.13 -5.94 0.51
C4 P1W V . -8.96 -6.67 1.82
C5 P1W V . -8.65 -4.48 0.52
H12 P1W V . -10.70 -6.59 -2.39
H11 P1W V . -10.17 -5.01 -1.85
H2 P1W V . -10.17 -7.53 -0.34
H41 P1W V . -8.38 -6.04 2.50
H42 P1W V . -8.42 -7.58 1.64
H51 P1W V . -7.87 -4.36 -0.22
H52 P1W V . -8.27 -4.23 1.50
H53 P1W V . -9.47 -3.81 0.27
P 2PO W . 9.99 7.26 4.52
O1P 2PO W . 10.65 8.33 3.72
O2P 2PO W . 8.77 6.61 3.95
O3P 2PO W . 9.56 7.93 5.93
P 2PO X . 8.05 8.04 6.46
O1P 2PO X . 7.49 9.31 5.94
O2P 2PO X . 7.31 6.76 6.16
O3P 2PO X . 8.24 8.20 8.03
C1 P1W Y . 7.08 8.29 8.84
C2 P1W Y . 6.61 6.88 9.11
C3 P1W Y . 5.53 6.49 9.84
C4 P1W Y . 5.27 5.00 9.98
C5 P1W Y . 4.50 7.41 10.50
H12 P1W Y . 6.31 8.83 8.30
H11 P1W Y . 7.33 8.80 9.75
H2 P1W Y . 7.04 6.15 8.46
H41 P1W Y . 6.01 4.47 9.38
H42 P1W Y . 4.28 4.79 9.60
H51 P1W Y . 4.61 8.42 10.12
H52 P1W Y . 4.67 7.42 11.58
H53 P1W Y . 3.49 7.07 10.30
C1 P1W Z . 5.40 4.52 11.42
C2 P1W Z . 5.86 3.08 11.47
C3 P1W Z . 5.37 2.17 12.33
C4 P1W Z . 5.85 0.74 12.38
C5 P1W Z . 4.26 2.48 13.33
H12 P1W Z . 6.09 5.15 11.93
H11 P1W Z . 4.43 4.58 11.89
H2 P1W Z . 6.79 2.90 10.94
H41 P1W Z . 5.72 0.26 11.41
H42 P1W Z . 5.29 0.20 13.13
H51 P1W Z . 4.20 1.68 14.04
H52 P1W Z . 3.32 2.57 12.80
H53 P1W Z . 4.48 3.41 13.84
C1 P1W AA . 7.33 0.68 12.76
C2 P1W AA . 7.53 1.08 14.20
C3 P1W AA . 8.22 2.16 14.62
C4 P1W AA . 8.38 2.50 16.11
C5 P1W AA . 8.90 3.14 13.67
H12 P1W AA . 7.70 -0.32 12.62
H11 P1W AA . 7.88 1.35 12.13
H2 P1W AA . 7.06 0.42 14.92
H43 P1W AA . 8.37 3.58 16.23
H41 P1W AA . 9.32 2.12 16.47
H42 P1W AA . 7.57 2.07 16.66
H51 P1W AA . 9.55 3.79 14.23
H52 P1W AA . 8.14 3.72 13.17
H53 P1W AA . 9.47 2.59 12.94
P 2PO BA . -8.60 5.41 -6.51
O1P 2PO BA . -8.69 5.69 -7.97
O2P 2PO BA . -7.36 4.80 -5.98
O3P 2PO BA . -9.83 4.51 -6.08
P 2PO CA . -9.79 3.83 -4.65
O1P 2PO CA . -11.14 3.27 -4.34
O2P 2PO CA . -8.60 2.95 -4.60
O3P 2PO CA . -9.54 5.09 -3.71
C1 P1W DA . -10.39 5.32 -2.61
C2 P1W DA . -10.14 4.26 -1.58
C3 P1W DA . -10.75 4.20 -0.37
C4 P1W DA . -10.42 3.11 0.62
C5 P1W DA . -11.82 5.18 0.09
H12 P1W DA . -11.42 5.27 -2.95
H11 P1W DA . -10.19 6.29 -2.20
H2 P1W DA . -9.66 3.38 -1.97
H41 P1W DA . -10.71 3.44 1.61
H42 P1W DA . -9.36 2.92 0.59
H51 P1W DA . -12.79 4.81 -0.22
H52 P1W DA . -11.63 6.14 -0.35
H53 P1W DA . -11.80 5.25 1.17
C1 P1W EA . -11.17 1.80 0.32
C2 P1W EA . -12.24 1.57 1.35
C3 P1W EA . -12.56 0.34 1.81
C4 P1W EA . -13.65 0.08 2.84
C5 P1W EA . -11.84 -0.93 1.36
H12 P1W EA . -11.61 1.88 -0.65
H11 P1W EA . -10.48 0.98 0.34
H2 P1W EA . -12.95 2.37 1.44
H41 P1W EA . -13.45 0.65 3.72
H42 P1W EA . -13.68 -0.97 3.07
H51 P1W EA . -11.44 -0.78 0.38
H52 P1W EA . -12.54 -1.76 1.36
H53 P1W EA . -11.03 -1.15 2.04
C1 P1W FA . -15.02 0.50 2.28
C2 P1W FA . -16.11 -0.03 3.16
C3 P1W FA . -16.80 -1.17 2.94
C4 P1W FA . -17.92 -1.67 3.86
C5 P1W FA . -16.52 -2.07 1.75
H12 P1W FA . -15.07 1.58 2.25
H11 P1W FA . -15.14 0.10 1.29
H2 P1W FA . -16.31 0.57 4.03
H43 P1W FA . -17.97 -2.75 3.79
H41 P1W FA . -18.87 -1.25 3.56
H42 P1W FA . -17.69 -1.37 4.87
H51 P1W FA . -15.46 -2.28 1.70
H52 P1W FA . -16.84 -1.57 0.85
H53 P1W FA . -17.06 -3.00 1.86
N ZAE A 1 -5.53 -15.91 -3.56
CA ZAE A 1 -6.55 -14.91 -3.09
C ZAE A 1 -5.97 -13.50 -3.01
O ZAE A 1 -6.01 -12.76 -3.99
CB ZAE A 1 -7.78 -14.90 -3.99
CG ZAE A 1 -9.04 -14.42 -3.33
CD1 ZAE A 1 -10.10 -15.28 -3.08
CD2 ZAE A 1 -9.15 -13.11 -2.87
CE1 ZAE A 1 -11.27 -14.84 -2.48
CE2 ZAE A 1 -10.31 -12.65 -2.27
CZ ZAE A 1 -11.35 -13.53 -2.04
C10 ZAE A 1 -5.13 -15.64 -4.95
H1 ZAE A 1 -5.93 -16.87 -3.51
HA ZAE A 1 -6.86 -15.21 -2.08
HB2 ZAE A 1 -7.60 -14.24 -4.84
HB3 ZAE A 1 -7.97 -15.90 -4.36
HD1 ZAE A 1 -10.02 -16.31 -3.41
HD2 ZAE A 1 -8.34 -12.42 -3.05
HE1 ZAE A 1 -12.08 -15.52 -2.30
HE2 ZAE A 1 -10.38 -11.63 -1.94
HZ ZAE A 1 -12.26 -13.18 -1.56
H11 ZAE A 1 -4.37 -16.35 -5.25
H12 ZAE A 1 -4.73 -14.63 -5.03
H13 ZAE A 1 -5.99 -15.74 -5.60
N ILE A 2 -5.43 -13.14 -1.86
CA ILE A 2 -4.86 -11.80 -1.69
C ILE A 2 -3.44 -11.79 -2.25
N SER A 3 -3.15 -10.78 -3.06
CA SER A 3 -1.80 -10.61 -3.62
C SER A 3 -1.32 -9.18 -3.44
N DAR A 4 -0.02 -9.01 -3.57
CA DAR A 4 0.61 -7.72 -3.39
CB DAR A 4 1.11 -7.21 -4.71
CG DAR A 4 0.01 -6.90 -5.68
CD DAR A 4 0.58 -6.40 -6.98
NE DAR A 4 0.44 -4.97 -7.11
CZ DAR A 4 0.58 -4.31 -8.24
NH1 DAR A 4 0.36 -3.00 -8.28
NH2 DAR A 4 0.97 -4.95 -9.35
C DAR A 4 1.79 -7.79 -2.45
O DAR A 4 2.60 -8.71 -2.55
H DAR A 4 0.53 -9.77 -3.84
HA DAR A 4 -0.12 -7.03 -3.00
HB2 DAR A 4 1.76 -7.96 -5.16
HB3 DAR A 4 1.69 -6.31 -4.55
HG2 DAR A 4 -0.62 -6.14 -5.25
HG3 DAR A 4 -0.56 -7.80 -5.85
HD2 DAR A 4 0.05 -6.88 -7.79
HD3 DAR A 4 1.63 -6.66 -7.03
HE DAR A 4 0.20 -4.48 -6.29
HH11 DAR A 4 0.47 -2.48 -9.18
HH12 DAR A 4 0.09 -2.49 -7.42
HH21 DAR A 4 1.05 -4.43 -10.24
HH22 DAR A 4 1.18 -5.96 -9.31
N 28J A 5 1.89 -6.82 -1.55
CA 28J A 5 3.02 -6.78 -0.65
CB 28J A 5 2.78 -7.63 0.63
CG2 28J A 5 4.11 -8.10 1.19
CG1 28J A 5 2.03 -6.83 1.70
CD1 28J A 5 1.34 -7.69 2.74
C 28J A 5 3.35 -5.32 -0.29
O 28J A 5 2.54 -4.41 -0.50
HA 28J A 5 3.86 -7.19 -1.17
H22 28J A 5 2.19 -8.50 0.36
H23 28J A 5 4.92 -7.70 0.60
H24 28J A 5 4.15 -9.18 1.18
H25 28J A 5 4.20 -7.75 2.22
H26 28J A 5 1.28 -6.21 1.23
H27 28J A 5 2.73 -6.20 2.22
H28 28J A 5 0.76 -7.07 3.40
H29 28J A 5 2.07 -8.23 3.32
H30 28J A 5 0.69 -8.39 2.24
N ILE A 6 4.60 -5.13 0.15
CA ILE A 6 5.12 -3.85 0.62
C ILE A 6 6.61 -3.63 0.22
N SER A 7 6.88 -2.64 -0.65
CA SER A 7 8.27 -2.30 -1.01
C SER A 7 8.36 -0.86 -1.51
N DTH A 8 9.52 -0.56 -2.08
CA DTH A 8 9.83 0.76 -2.63
CB DTH A 8 10.37 0.70 -4.07
CG2 DTH A 8 9.39 -0.07 -4.93
OG1 DTH A 8 11.65 0.08 -4.10
C DTH A 8 10.96 1.40 -1.80
O DTH A 8 11.47 2.44 -2.19
H DTH A 8 10.22 -1.26 -2.11
HA DTH A 8 8.94 1.36 -2.60
HB DTH A 8 10.49 1.71 -4.47
HG21 DTH A 8 8.45 0.45 -4.97
HG22 DTH A 8 9.24 -1.06 -4.52
HG23 DTH A 8 9.79 -0.15 -5.94
N ALA A 9 11.39 0.71 -0.72
CA ALA A 9 12.49 1.10 0.13
C ALA A 9 13.78 0.98 -0.61
N LEU A 10 13.94 -0.23 -1.03
CA LEU A 10 15.11 -0.69 -1.74
C LEU A 10 15.01 -0.35 -3.21
N ILE A 11 13.93 -0.80 -3.80
CA ILE A 11 13.68 -0.56 -5.22
C ILE A 11 12.34 0.09 -5.34
N ZAE B 1 7.83 5.94 0.43
CA ZAE B 1 8.58 4.89 1.17
C ZAE B 1 7.94 3.54 0.96
O ZAE B 1 8.29 2.85 0.01
CB ZAE B 1 10.02 4.83 0.66
CG ZAE B 1 10.96 4.37 1.70
CD1 ZAE B 1 12.00 5.15 2.08
CD2 ZAE B 1 10.76 3.15 2.33
CE1 ZAE B 1 12.88 4.74 3.07
CE2 ZAE B 1 11.63 2.73 3.31
CZ ZAE B 1 12.69 3.52 3.70
C10 ZAE B 1 7.96 5.77 -1.01
H1 ZAE B 1 8.22 6.86 0.67
HA ZAE B 1 8.57 5.14 2.22
HB2 ZAE B 1 10.07 4.14 -0.16
HB3 ZAE B 1 10.34 5.81 0.33
HD1 ZAE B 1 12.15 6.09 1.59
HD2 ZAE B 1 9.92 2.52 2.04
HE1 ZAE B 1 13.69 5.37 3.37
HE2 ZAE B 1 11.49 1.78 3.80
HZ ZAE B 1 13.36 3.20 4.47
H11 ZAE B 1 9.00 5.91 -1.30
H12 ZAE B 1 7.34 6.50 -1.52
H13 ZAE B 1 7.66 4.77 -1.29
N ILE B 2 7.00 3.14 1.80
CA ILE B 2 6.42 1.84 1.61
C ILE B 2 5.22 1.95 0.68
N SER B 3 5.37 1.23 -0.43
CA SER B 3 4.34 1.15 -1.44
C SER B 3 3.97 -0.29 -1.74
N DAR B 4 2.77 -0.40 -2.21
CA DAR B 4 2.21 -1.67 -2.58
CB DAR B 4 2.25 -1.88 -4.10
CG DAR B 4 2.54 -3.30 -4.56
CD DAR B 4 3.56 -3.31 -5.68
NE DAR B 4 3.84 -4.67 -6.16
CZ DAR B 4 4.23 -4.93 -7.41
NH1 DAR B 4 4.39 -3.95 -8.29
NH2 DAR B 4 4.48 -6.19 -7.78
C DAR B 4 0.78 -1.68 -2.15
O DAR B 4 0.07 -0.71 -2.39
H DAR B 4 2.20 0.40 -2.24
HA DAR B 4 2.76 -2.46 -2.08
HB2 DAR B 4 3.00 -1.23 -4.50
HB3 DAR B 4 1.29 -1.60 -4.49
HG2 DAR B 4 1.62 -3.76 -4.91
HG3 DAR B 4 2.93 -3.86 -3.73
HD2 DAR B 4 4.48 -2.88 -5.31
HD3 DAR B 4 3.20 -2.72 -6.50
HE DAR B 4 3.73 -5.41 -5.53
HH11 DAR B 4 4.70 -4.16 -9.26
HH12 DAR B 4 4.19 -2.97 -8.02
HH21 DAR B 4 4.78 -6.39 -8.75
HH22 DAR B 4 4.37 -6.96 -7.09
N 28J B 5 0.38 -2.76 -1.50
CA 28J B 5 -0.99 -2.87 -1.06
CB 28J B 5 -1.17 -2.33 0.39
CG2 28J B 5 -2.64 -2.33 0.79
CG1 28J B 5 -0.37 -3.19 1.38
CD1 28J B 5 -0.43 -2.69 2.81
C 28J B 5 -1.48 -4.31 -1.13
O 28J B 5 -0.67 -5.26 -1.10
HA 28J B 5 -1.61 -2.27 -1.71
H22 28J B 5 -0.80 -1.31 0.42
H23 28J B 5 -3.12 -3.18 0.33
H24 28J B 5 -3.11 -1.42 0.46
H25 28J B 5 -2.72 -2.41 1.86
H26 28J B 5 0.66 -3.21 1.07
H27 28J B 5 -0.78 -4.19 1.36
H28 28J B 5 0.21 -3.31 3.42
H29 28J B 5 -1.44 -2.74 3.18
H30 28J B 5 -0.09 -1.67 2.85
N ILE B 6 -2.79 -4.45 -1.35
CA ILE B 6 -3.44 -5.75 -1.33
C ILE B 6 -4.62 -5.87 -2.32
N SER B 7 -4.79 -7.07 -2.92
CA SER B 7 -5.88 -7.28 -3.86
C SER B 7 -6.16 -8.75 -4.15
N DTH B 8 -7.00 -8.93 -5.18
CA DTH B 8 -7.35 -10.24 -5.74
CB DTH B 8 -7.24 -10.31 -7.29
CG2 DTH B 8 -5.90 -9.77 -7.75
OG1 DTH B 8 -8.32 -9.58 -7.89
C DTH B 8 -8.76 -10.80 -5.52
O DTH B 8 -8.89 -11.89 -6.03
H DTH B 8 -7.46 -8.14 -5.53
HA DTH B 8 -6.68 -10.97 -5.31
HB DTH B 8 -7.35 -11.36 -7.61
HG21 DTH B 8 -5.11 -10.30 -7.27
HG22 DTH B 8 -5.84 -8.71 -7.53
HG23 DTH B 8 -5.82 -9.91 -8.83
N ALA B 9 -9.79 -10.09 -5.00
CA ALA B 9 -11.13 -10.63 -4.85
C ALA B 9 -11.82 -10.64 -6.17
N LEU B 10 -12.21 -9.46 -6.51
CA LEU B 10 -12.91 -9.19 -7.75
C LEU B 10 -12.00 -9.38 -8.94
N ILE B 11 -10.73 -9.03 -8.73
CA ILE B 11 -9.74 -9.10 -9.80
C ILE B 11 -8.56 -9.89 -9.26
N ZAE C 1 -4.70 -4.12 -6.94
CA ZAE C 1 -5.93 -3.38 -6.59
C ZAE C 1 -5.57 -2.11 -5.85
O ZAE C 1 -5.25 -1.08 -6.46
CB ZAE C 1 -6.70 -3.02 -7.86
CG ZAE C 1 -8.08 -2.56 -7.61
CD1 ZAE C 1 -9.16 -3.25 -8.14
CD2 ZAE C 1 -8.33 -1.43 -6.83
CE1 ZAE C 1 -10.46 -2.82 -7.92
CE2 ZAE C 1 -9.62 -1.01 -6.59
CZ ZAE C 1 -10.68 -1.69 -7.14
C10 ZAE C 1 -3.95 -3.40 -7.97
H1 ZAE C 1 -4.95 -5.05 -7.32
HA ZAE C 1 -6.54 -4.01 -5.97
HB2 ZAE C 1 -6.17 -2.22 -8.37
HB3 ZAE C 1 -6.74 -3.89 -8.51
HD1 ZAE C 1 -8.98 -4.12 -8.75
HD2 ZAE C 1 -7.49 -0.90 -6.40
HE1 ZAE C 1 -11.28 -3.36 -8.34
HE2 ZAE C 1 -9.80 -0.13 -5.99
HZ ZAE C 1 -11.70 -1.37 -6.96
H11 ZAE C 1 -3.01 -3.90 -8.13
H12 ZAE C 1 -3.77 -2.39 -7.64
H13 ZAE C 1 -4.51 -3.38 -8.89
N ILE C 2 -5.55 -2.18 -4.53
CA ILE C 2 -5.23 -1.02 -3.75
C ILE C 2 -3.73 -0.91 -3.58
N SER C 3 -3.20 0.19 -4.10
CA SER C 3 -1.79 0.47 -4.01
C SER C 3 -1.53 1.80 -3.37
N DAR C 4 -0.29 1.96 -3.00
CA DAR C 4 0.16 3.16 -2.34
CB DAR C 4 1.06 3.98 -3.25
CG DAR C 4 0.34 5.11 -3.96
CD DAR C 4 1.35 6.03 -4.64
NE DAR C 4 0.81 7.35 -4.92
CZ DAR C 4 1.42 8.23 -5.68
NH1 DAR C 4 2.59 7.91 -6.24
NH2 DAR C 4 0.88 9.42 -5.90
C DAR C 4 0.92 2.77 -1.11
O DAR C 4 1.70 1.81 -1.15
H DAR C 4 0.35 1.24 -3.18
HA DAR C 4 -0.71 3.73 -2.06
HB2 DAR C 4 1.49 3.33 -3.99
HB3 DAR C 4 1.85 4.41 -2.66
HG2 DAR C 4 -0.24 5.67 -3.26
HG3 DAR C 4 -0.30 4.69 -4.73
HD2 DAR C 4 1.65 5.58 -5.56
HD3 DAR C 4 2.21 6.13 -3.99
HE DAR C 4 -0.05 7.59 -4.50
HH11 DAR C 4 3.09 8.59 -6.84
HH12 DAR C 4 3.01 6.96 -6.08
HH21 DAR C 4 1.36 10.11 -6.52
HH22 DAR C 4 -0.01 9.67 -5.43
N 28J C 5 0.67 3.51 -0.02
CA 28J C 5 1.32 3.28 1.23
CB 28J C 5 0.52 2.34 2.17
CG2 28J C 5 1.39 1.77 3.26
CG1 28J C 5 -0.69 3.09 2.78
CD1 28J C 5 -1.95 2.24 2.87
C 28J C 5 1.51 4.59 1.96
O 28J C 5 0.78 5.57 1.72
HA 28J C 5 2.29 2.84 1.04
H22 28J C 5 0.15 1.53 1.57
H23 28J C 5 1.98 2.56 3.72
H24 28J C 5 2.05 1.03 2.85
H25 28J C 5 0.77 1.31 4.01
H26 28J C 5 -0.92 3.95 2.16
H27 28J C 5 -0.44 3.41 3.77
H28 28J C 5 -2.73 2.80 3.35
H29 28J C 5 -1.74 1.35 3.45
H30 28J C 5 -2.27 1.95 1.87
N ILE C 6 2.56 4.66 2.74
CA ILE C 6 2.78 5.82 3.59
C ILE C 6 4.28 6.09 3.75
N SER C 7 4.64 7.35 3.80
CA SER C 7 6.04 7.73 3.90
C SER C 7 6.18 9.19 4.25
N DTH C 8 7.38 9.71 4.05
CA DTH C 8 7.60 11.14 4.26
CB DTH C 8 8.66 11.76 3.31
CG2 DTH C 8 8.17 11.69 1.88
OG1 DTH C 8 9.92 11.11 3.47
C DTH C 8 8.14 11.44 5.65
O DTH C 8 8.30 12.61 5.99
H DTH C 8 8.15 9.12 3.82
HA DTH C 8 6.65 11.64 4.12
HB DTH C 8 8.82 12.81 3.59
HG21 DTH C 8 7.24 12.22 1.79
HG22 DTH C 8 8.04 10.66 1.58
HG23 DTH C 8 8.92 12.16 1.24
N ALA C 9 8.53 10.42 6.41
CA ALA C 9 9.14 10.61 7.69
C ALA C 9 10.58 11.00 7.45
N LEU C 10 11.41 10.04 6.96
CA LEU C 10 12.84 10.30 6.67
C LEU C 10 12.97 11.00 5.33
N ILE C 11 12.32 10.43 4.34
CA ILE C 11 12.33 11.02 3.01
C ILE C 11 11.01 11.72 2.77
N ZAE D 1 4.74 15.47 7.00
CA ZAE D 1 4.97 14.23 7.80
C ZAE D 1 4.60 12.97 7.01
O ZAE D 1 5.43 12.41 6.29
CB ZAE D 1 6.42 14.12 8.27
CG ZAE D 1 6.58 13.30 9.52
CD1 ZAE D 1 7.09 13.88 10.68
CD2 ZAE D 1 6.24 11.95 9.55
CE1 ZAE D 1 7.21 13.14 11.83
CE2 ZAE D 1 6.37 11.20 10.72
CZ ZAE D 1 6.88 11.79 11.85
C10 ZAE D 1 5.59 15.50 5.78
H1 ZAE D 1 4.97 16.30 7.56
HA ZAE D 1 4.34 14.28 8.67
HB2 ZAE D 1 7.02 13.66 7.49
HB3 ZAE D 1 6.82 15.10 8.46
HD1 ZAE D 1 7.35 14.92 10.68
HD2 ZAE D 1 5.85 11.48 8.66
HE1 ZAE D 1 7.61 13.61 12.72
HE2 ZAE D 1 6.11 10.15 10.73
HZ ZAE D 1 7.01 11.23 12.76
H11 ZAE D 1 5.37 16.40 5.21
H12 ZAE D 1 5.37 14.63 5.17
H13 ZAE D 1 6.63 15.50 6.06
N ILE D 2 3.35 12.53 7.14
CA ILE D 2 2.91 11.34 6.44
C ILE D 2 2.51 11.72 5.02
N SER D 3 2.92 10.89 4.06
CA SER D 3 2.58 11.11 2.67
C SER D 3 2.33 9.79 1.95
N DAR D 4 1.47 9.85 0.95
CA DAR D 4 1.12 8.68 0.18
CB DAR D 4 1.94 8.64 -1.09
CG DAR D 4 2.87 7.44 -1.16
CD DAR D 4 3.97 7.67 -2.16
NE DAR D 4 4.58 6.41 -2.58
CZ DAR D 4 5.42 6.31 -3.61
NH1 DAR D 4 5.95 5.15 -3.91
NH2 DAR D 4 5.67 7.37 -4.37
C DAR D 4 -0.36 8.68 -0.16
O DAR D 4 -0.87 9.63 -0.76
H DAR D 4 1.10 10.72 0.70
HA DAR D 4 1.34 7.82 0.77
HB2 DAR D 4 2.55 9.54 -1.16
HB3 DAR D 4 1.28 8.61 -1.95
HG2 DAR D 4 2.29 6.58 -1.45
HG3 DAR D 4 3.29 7.28 -0.18
HD2 DAR D 4 4.73 8.29 -1.71
HD3 DAR D 4 3.57 8.16 -3.03
HE DAR D 4 4.38 5.61 -2.05
HH11 DAR D 4 6.63 5.07 -4.71
HH12 DAR D 4 5.71 4.30 -3.36
HH21 DAR D 4 6.35 7.30 -5.16
HH22 DAR D 4 5.19 8.27 -4.18
N 28J D 5 -1.03 7.61 0.23
CA 28J D 5 -2.44 7.47 -0.06
CB 28J D 5 -3.34 7.79 1.18
CG2 28J D 5 -4.78 7.97 0.75
CG1 28J D 5 -3.24 6.66 2.23
CD1 28J D 5 -3.76 7.06 3.60
C 28J D 5 -2.73 6.07 -0.57
O 28J D 5 -1.96 5.12 -0.36
HA 28J D 5 -2.69 8.17 -0.84
H22 28J D 5 -2.98 8.71 1.62
H23 28J D 5 -4.80 8.34 -0.28
H24 28J D 5 -5.25 8.70 1.39
H25 28J D 5 -5.30 7.03 0.80
H26 28J D 5 -2.21 6.36 2.34
H27 28J D 5 -3.83 5.83 1.89
H28 28J D 5 -4.82 7.28 3.53
H29 28J D 5 -3.23 7.94 3.94
H30 28J D 5 -3.61 6.25 4.30
N ILE D 6 -3.82 5.97 -1.31
CA ILE D 6 -4.28 4.70 -1.85
C ILE D 6 -4.80 4.86 -3.30
N SER D 7 -4.40 3.96 -4.22
CA SER D 7 -4.89 4.02 -5.61
C SER D 7 -4.82 2.66 -6.27
N DTH D 8 -4.92 2.64 -7.59
CA DTH D 8 -4.86 1.37 -8.32
CB DTH D 8 -3.92 1.44 -9.53
CG2 DTH D 8 -2.57 1.91 -9.06
OG1 DTH D 8 -4.45 2.32 -10.52
C DTH D 8 -6.25 1.04 -8.85
O DTH D 8 -6.42 0.13 -9.65
H DTH D 8 -5.01 3.48 -8.08
HA DTH D 8 -4.50 0.61 -7.65
HB DTH D 8 -3.83 0.44 -9.98
HG21 DTH D 8 -2.16 1.19 -8.35
HG22 DTH D 8 -2.67 2.87 -8.58
HG23 DTH D 8 -1.90 2.00 -9.90
N ALA D 9 -7.25 1.85 -8.45
CA ALA D 9 -8.60 1.68 -8.97
C ALA D 9 -8.63 2.10 -10.44
N LEU D 10 -8.15 3.31 -10.73
CA LEU D 10 -8.12 3.80 -12.12
C LEU D 10 -6.87 3.27 -12.79
N ILE D 11 -5.74 3.67 -12.24
CA ILE D 11 -4.47 3.23 -12.78
C ILE D 11 -3.81 2.28 -11.80
N ALA E 1 7.11 -8.80 4.97
CA ALA E 1 6.00 -9.77 4.85
C ALA E 1 6.27 -10.68 3.63
N DGL E 2 5.20 -10.92 2.79
CA DGL E 2 5.54 -11.62 1.52
C DGL E 2 7.00 -11.58 0.97
O DGL E 2 7.48 -10.37 0.78
CB DGL E 2 5.49 -13.11 1.76
CG DGL E 2 5.73 -13.68 3.24
CD DGL E 2 6.75 -14.84 3.25
OE1 DGL E 2 6.67 -15.74 4.09
H DGL E 2 4.34 -10.44 2.96
HA DGL E 2 4.85 -11.13 0.85
HB2 DGL E 2 6.22 -13.50 1.08
HB3 DGL E 2 4.52 -13.38 1.40
HG2 DGL E 2 4.80 -14.09 3.60
HG3 DGL E 2 6.07 -12.92 3.95
N LYS E 3 7.69 -14.81 2.34
CA LYS E 3 8.73 -15.80 2.22
C LYS E 3 8.20 -17.26 2.12
N DAL E 4 7.39 -17.39 1.00
CA DAL E 4 6.70 -18.66 0.36
CB DAL E 4 5.64 -19.57 1.36
C DAL E 4 8.02 -19.26 -0.52
O DAL E 4 8.94 -19.82 0.01
H DAL E 4 7.23 -16.54 0.52
HA DAL E 4 5.84 -18.56 -0.30
HB1 DAL E 4 6.19 -19.97 2.20
HB2 DAL E 4 5.20 -20.42 0.80
HB3 DAL E 4 4.78 -18.94 1.79
N DAL E 5 7.95 -19.02 -1.89
CA DAL E 5 8.98 -19.49 -2.92
CB DAL E 5 8.78 -21.03 -2.82
C DAL E 5 10.39 -18.89 -2.37
O DAL E 5 11.47 -19.67 -2.17
OXT DAL E 5 10.37 -17.71 -2.05
H DAL E 5 7.18 -18.46 -2.20
HA DAL E 5 8.92 -19.18 -3.97
HB1 DAL E 5 8.85 -21.24 -1.81
HB2 DAL E 5 9.64 -21.50 -3.36
HB3 DAL E 5 7.86 -21.41 -3.25
N ALA F 1 -17.70 -8.58 -0.79
CA ALA F 1 -17.67 -9.55 0.32
C ALA F 1 -17.74 -8.83 1.68
N DGL F 2 -17.50 -9.62 2.79
CA DGL F 2 -17.38 -8.85 4.06
C DGL F 2 -17.01 -7.33 4.05
O DGL F 2 -17.84 -6.46 4.34
CB DGL F 2 -18.73 -8.70 4.67
CG DGL F 2 -19.97 -8.66 3.66
CD DGL F 2 -21.07 -7.68 4.12
OE1 DGL F 2 -22.26 -7.99 4.05
H DGL F 2 -17.10 -10.53 2.66
HA DGL F 2 -16.61 -9.44 4.54
HB2 DGL F 2 -18.66 -7.80 5.23
HB3 DGL F 2 -18.81 -9.54 5.35
HG2 DGL F 2 -20.42 -9.65 3.63
HG3 DGL F 2 -19.67 -8.39 2.63
N LYS F 3 -20.68 -6.51 4.59
CA LYS F 3 -21.58 -5.47 5.04
C LYS F 3 -22.56 -5.92 6.17
N DAL F 4 -21.82 -6.45 7.25
CA DAL F 4 -22.30 -6.94 8.68
CB DAL F 4 -23.66 -7.98 8.75
C DAL F 4 -22.07 -5.49 9.52
O DAL F 4 -22.98 -4.77 9.85
H DAL F 4 -20.86 -6.53 7.05
HA DAL F 4 -21.78 -7.75 9.19
HB1 DAL F 4 -24.53 -7.45 8.40
HB2 DAL F 4 -23.86 -8.29 9.80
HB3 DAL F 4 -23.55 -8.92 8.11
N DAL F 5 -20.74 -5.17 9.77
CA DAL F 5 -20.25 -3.95 10.55
CB DAL F 5 -20.94 -4.20 11.93
C DAL F 5 -20.78 -2.68 9.67
O DAL F 5 -20.41 -2.65 8.52
OXT DAL F 5 -21.66 -1.80 10.15
H DAL F 5 -20.06 -5.79 9.36
HA DAL F 5 -19.18 -3.76 10.71
HB1 DAL F 5 -21.94 -4.35 11.68
HB2 DAL F 5 -20.83 -3.28 12.52
HB3 DAL F 5 -20.54 -5.03 12.50
N ALA G 1 14.50 4.62 12.66
CA ALA G 1 14.30 5.44 13.88
C ALA G 1 13.20 4.82 14.76
N DGL G 2 12.02 5.54 14.87
CA DGL G 2 10.93 4.85 15.62
C DGL G 2 10.60 3.35 15.21
O DGL G 2 11.01 2.42 15.98
CB DGL G 2 11.34 4.55 17.05
CG DGL G 2 12.15 5.69 17.85
CD DGL G 2 11.29 6.93 18.17
OE1 DGL G 2 11.63 7.72 19.06
H DGL G 2 11.91 6.39 14.40
HA DGL G 2 10.10 5.53 15.44
HB2 DGL G 2 11.95 3.66 16.97
HB3 DGL G 2 10.43 4.30 17.51
HG2 DGL G 2 12.97 6.00 17.24
HG3 DGL G 2 12.55 5.29 18.81
N LYS G 3 10.21 7.11 17.43
CA LYS G 3 9.30 8.21 17.61
C LYS G 3 9.82 9.59 17.08
N DAL G 4 9.27 9.85 15.83
CA DAL G 4 9.37 11.14 14.90
CB DAL G 4 10.90 11.57 14.30
C DAL G 4 8.25 12.11 15.72
O DAL G 4 8.56 12.88 16.59
H DAL G 4 8.74 9.11 15.48
HA DAL G 4 9.11 11.10 13.85
HB1 DAL G 4 11.54 11.85 15.13
HB2 DAL G 4 10.82 12.44 13.63
HB3 DAL G 4 11.41 10.73 13.73
N DAL G 5 6.93 11.98 15.26
CA DAL G 5 5.73 12.80 15.87
CB DAL G 5 6.03 14.25 15.43
C DAL G 5 5.69 12.66 17.46
O DAL G 5 5.44 11.49 17.81
OXT DAL G 5 5.63 13.67 18.29
H DAL G 5 6.76 11.26 14.60
HA DAL G 5 4.75 12.44 15.52
HB1 DAL G 5 5.98 14.20 14.38
HB2 DAL G 5 7.02 14.49 15.76
HB3 DAL G 5 5.31 14.99 15.79
N ALA H 1 -13.04 10.58 -3.67
CA ALA H 1 -13.16 10.31 -2.22
C ALA H 1 -11.92 10.81 -1.45
N DGL H 2 -11.59 10.11 -0.30
CA DGL H 2 -10.30 10.53 0.29
C DGL H 2 -9.21 11.26 -0.58
O DGL H 2 -8.91 10.67 -1.71
CB DGL H 2 -10.52 11.64 1.25
CG DGL H 2 -11.58 12.77 0.83
CD DGL H 2 -11.10 14.19 1.18
OE1 DGL H 2 -11.88 15.03 1.59
H DGL H 2 -12.03 9.24 -0.12
HA DGL H 2 -9.95 9.56 0.62
HB2 DGL H 2 -9.54 12.07 1.40
HB3 DGL H 2 -10.81 11.14 2.16
HG2 DGL H 2 -12.50 12.59 1.38
HG3 DGL H 2 -11.83 12.73 -0.25
N LYS H 3 -9.81 14.45 1.00
CA LYS H 3 -9.19 15.74 1.26
C LYS H 3 -9.25 16.18 2.76
N DAL H 4 -9.53 15.08 3.57
CA DAL H 4 -9.56 14.96 5.15
CB DAL H 4 -10.97 15.56 5.95
C DAL H 4 -7.96 15.37 5.50
O DAL H 4 -7.63 16.47 5.83
H DAL H 4 -9.74 14.26 3.06
HA DAL H 4 -9.80 14.00 5.62
HB1 DAL H 4 -11.01 16.62 5.82
HB2 DAL H 4 -10.90 15.36 7.04
HB3 DAL H 4 -11.95 15.10 5.56
N DAL H 5 -7.05 14.34 5.35
CA DAL H 5 -5.47 14.26 5.69
CB DAL H 5 -5.73 14.75 7.14
C DAL H 5 -5.17 15.57 4.70
O DAL H 5 -4.61 16.61 5.26
OXT DAL H 5 -5.49 15.59 3.45
H DAL H 5 -7.48 13.48 4.98
HA DAL H 5 -4.77 13.44 5.59
HB1 DAL H 5 -6.75 14.88 7.35
HB2 DAL H 5 -5.20 15.67 7.21
HB3 DAL H 5 -5.30 14.03 7.87
C1 MUB I . 10.16 -4.82 2.60
C2 MUB I . 9.86 -5.25 4.03
C3 MUB I . 9.99 -6.76 4.10
C4 MUB I . 9.20 -7.37 2.98
C5 MUB I . 9.86 -7.01 1.66
C6 MUB I . 8.82 -6.62 0.64
C7 MUB I . 11.76 -5.30 5.51
C8 MUB I . 12.59 -4.67 6.56
C9 MUB I . 8.32 -6.81 5.86
C10 MUB I . 7.14 -7.80 5.89
C11 MUB I . 8.20 -5.42 6.59
O1 MUB I . 11.01 -3.70 2.60
O3 MUB I . 9.61 -7.27 5.40
O4 MUB I . 9.14 -8.83 3.20
O5 MUB I . 10.76 -5.87 1.82
O6 MUB I . 7.77 -7.59 0.60
O7 MUB I . 12.20 -6.28 4.91
O10 MUB I . 6.28 -7.68 6.74
N2 MUB I . 10.70 -4.64 5.03
H1 MUB I . 9.21 -4.48 2.06
H2 MUB I . 8.84 -4.83 4.23
HN2 MUB I . 10.38 -3.83 5.54
H81 MUB I . 13.42 -5.34 6.79
H82 MUB I . 11.99 -4.53 7.44
H83 MUB I . 12.93 -3.71 6.20
H3 MUB I . 11.03 -7.06 4.11
H9 MUB I . 7.96 -6.62 4.81
H111 MUB I . 9.04 -5.24 7.29
H112 MUB I . 7.32 -5.40 7.13
H113 MUB I . 8.14 -4.63 5.83
H4 MUB I . 8.11 -7.29 3.07
H5 MUB I . 10.39 -7.82 1.25
H61 MUB I . 9.31 -6.77 -0.34
H62 MUB I . 8.43 -5.56 0.66
HO6 MUB I . 8.02 -8.52 0.75
C1 NAG I . 10.43 -9.43 3.34
C2 NAG I . 10.29 -10.90 3.72
C3 NAG I . 11.68 -11.49 3.92
C4 NAG I . 12.56 -11.23 2.67
C5 NAG I . 12.53 -9.75 2.29
C6 NAG I . 13.29 -9.44 1.01
C7 NAG I . 9.90 -10.62 6.13
C8 NAG I . 8.98 -10.81 7.31
N2 NAG I . 9.50 -11.06 4.92
O3 NAG I . 11.56 -12.88 4.14
O4 NAG I . 13.89 -11.61 2.95
O5 NAG I . 11.17 -9.32 2.12
O6 NAG I . 12.59 -9.88 -0.14
O7 NAG I . 11.04 -10.21 6.32
H1 NAG I . 10.92 -8.87 4.17
H2 NAG I . 9.69 -11.53 3.08
H3 NAG I . 12.22 -11.03 4.79
H4 NAG I . 12.22 -12.00 1.95
H5 NAG I . 13.03 -9.12 3.02
H61 NAG I . 14.27 -9.95 0.99
H62 NAG I . 13.50 -8.37 1.01
H81 NAG I . 9.44 -10.39 8.19
H82 NAG I . 8.81 -11.87 7.48
H83 NAG I . 8.02 -10.34 7.11
HN2 NAG I . 8.58 -11.38 4.81
HO3 NAG I . 10.99 -12.99 4.88
HO4 NAG I . 13.91 -12.47 3.39
HO6 NAG I . 11.66 -9.87 0.11
C1 MUB J . -13.70 -6.59 -3.26
C2 MUB J . -15.13 -6.34 -3.75
C3 MUB J . -16.01 -6.06 -2.51
C4 MUB J . -15.47 -6.69 -1.23
C5 MUB J . -14.04 -6.21 -0.94
C6 MUB J . -13.20 -7.35 -0.36
C7 MUB J . -15.40 -4.02 -4.28
C8 MUB J . -15.55 -2.91 -5.26
C9 MUB J . -17.54 -7.81 -3.16
C10 MUB J . -17.58 -8.93 -2.10
C11 MUB J . -17.85 -8.11 -4.68
O1 MUB J . -12.76 -6.37 -4.27
O3 MUB J . -17.39 -6.44 -2.74
O4 MUB J . -16.38 -6.37 -0.14
O5 MUB J . -13.38 -5.76 -2.14
O6 MUB J . -13.83 -7.91 0.78
O7 MUB J . -15.19 -3.74 -3.10
O10 MUB J . -17.58 -10.09 -2.46
N2 MUB J . -15.24 -5.26 -4.72
H1 MUB J . -13.56 -7.67 -2.99
H2 MUB J . -15.36 -7.26 -4.36
HN2 MUB J . -15.41 -5.47 -5.69
H81 MUB J . -16.54 -2.97 -5.72
H82 MUB J . -14.80 -2.99 -6.02
H83 MUB J . -15.42 -1.96 -4.74
H3 MUB J . -16.14 -4.99 -2.36
H9 MUB J . -16.44 -7.99 -3.05
H111 MUB J . -18.77 -7.59 -5.03
H112 MUB J . -17.99 -9.13 -4.79
H113 MUB J . -16.99 -7.83 -5.28
H4 MUB J . -15.68 -7.75 -1.19
H5 MUB J . -14.00 -5.44 -0.22
H61 MUB J . -12.30 -6.87 0.06
H62 MUB J . -12.86 -8.12 -1.11
HO6 MUB J . -14.48 -7.36 1.21
C1 NAG J . -16.71 -4.97 -0.06
C2 NAG J . -17.80 -4.79 1.02
C3 NAG J . -18.13 -3.32 1.14
C4 NAG J . -16.86 -2.49 1.31
C5 NAG J . -15.84 -2.79 0.21
C6 NAG J . -14.53 -2.03 0.39
C7 NAG J . -19.62 -5.39 -0.50
C8 NAG J . -20.83 -6.25 -0.78
N2 NAG J . -18.97 -5.55 0.67
O3 NAG J . -18.98 -3.14 2.28
O4 NAG J . -17.18 -1.11 1.27
O5 NAG J . -15.55 -4.19 0.20
O6 NAG J . -13.65 -2.25 -0.69
O7 NAG J . -19.35 -4.46 -1.27
H1 NAG J . -17.16 -4.74 -1.04
H2 NAG J . -17.62 -5.24 1.99
H3 NAG J . -18.66 -2.92 0.25
H4 NAG J . -16.57 -2.64 2.39
H5 NAG J . -16.18 -2.49 -0.78
H61 NAG J . -14.01 -2.32 1.29
H62 NAG J . -14.80 -0.97 0.50
H81 NAG J . -21.26 -5.95 -1.73
H82 NAG J . -21.57 -6.13 -0.01
H83 NAG J . -20.52 -7.29 -0.82
HN2 NAG J . -19.21 -6.30 1.25
HO3 NAG J . -19.74 -3.69 2.14
HO4 NAG J . -17.96 -0.95 1.82
HO6 NAG J . -13.80 -3.16 -0.94
C1 MUB K . 12.09 4.82 8.44
C2 MUB K . 13.29 3.88 8.48
C3 MUB K . 13.26 3.13 9.85
C4 MUB K . 12.41 3.87 10.87
C5 MUB K . 10.96 4.06 10.40
C6 MUB K . 10.36 5.33 10.98
C7 MUB K . 12.87 1.70 7.51
C8 MUB K . 12.96 0.76 6.36
C9 MUB K . 15.41 4.07 10.41
C10 MUB K . 15.35 4.97 11.66
C11 MUB K . 16.52 4.29 9.31
O1 MUB K . 11.86 5.29 7.14
O3 MUB K . 14.59 2.88 10.35
O4 MUB K . 12.45 3.14 12.13
O5 MUB K . 10.91 4.19 8.95
O6 MUB K . 10.42 5.32 12.40
O7 MUB K . 12.20 1.39 8.49
O10 MUB K . 16.09 5.94 11.74
N2 MUB K . 13.33 2.94 7.37
H1 MUB K . 12.25 5.74 9.03
H2 MUB K . 14.16 4.53 8.28
HN2 MUB K . 13.88 3.17 6.55
H81 MUB K . 14.00 0.69 6.05
H82 MUB K . 12.37 1.12 5.55
H83 MUB K . 12.59 -0.21 6.69
H3 MUB K . 12.93 2.10 9.74
H9 MUB K . 14.54 4.70 10.09
H111 MUB K . 16.99 5.29 9.38
H112 MUB K . 16.07 4.20 8.36
H113 MUB K . 17.26 3.49 9.39
H4 MUB K . 12.94 4.71 11.31
H5 MUB K . 10.33 3.29 10.71
H61 MUB K . 9.26 5.33 10.78
H62 MUB K . 10.80 6.28 10.55
HO6 MUB K . 10.39 4.44 12.79
C1 NAG K . 12.22 1.74 12.01
C2 NAG K . 12.11 1.16 13.42
C3 NAG K . 11.86 -0.33 13.29
C4 NAG K . 10.66 -0.61 12.37
C5 NAG K . 10.82 0.12 11.02
C6 NAG K . 9.59 -0.04 10.13
C7 NAG K . 14.53 1.14 13.74
C8 NAG K . 15.71 1.49 14.61
N2 NAG K . 13.29 1.44 14.18
O3 NAG K . 11.62 -0.85 14.58
O4 NAG K . 10.57 -2.00 12.14
O5 NAG K . 11.04 1.50 11.24
O6 NAG K . 9.71 0.70 8.93
O7 NAG K . 14.71 0.48 12.72
H1 NAG K . 13.13 1.35 11.49
H2 NAG K . 11.41 1.61 14.13
H3 NAG K . 12.75 -0.86 12.86
H4 NAG K . 9.78 -0.40 13.03
H5 NAG K . 11.62 -0.28 10.41
H61 NAG K . 8.69 0.32 10.62
H62 NAG K . 9.44 -1.13 9.98
H81 NAG K . 15.62 0.96 15.56
H82 NAG K . 15.73 2.54 14.81
H83 NAG K . 16.63 1.20 14.11
HN2 NAG K . 13.20 1.97 15.00
HO3 NAG K . 11.91 -0.21 15.21
HO4 NAG K . 10.71 -2.48 12.96
HO6 NAG K . 10.59 1.09 8.97
C1 MUB L . -10.69 8.16 -6.95
C2 MUB L . -11.55 9.30 -7.51
C3 MUB L . -11.32 10.51 -6.59
C4 MUB L . -10.74 10.09 -5.23
C5 MUB L . -9.37 9.40 -5.41
C6 MUB L . -9.09 8.46 -4.25
C7 MUB L . -10.45 10.62 -9.18
C8 MUB L . -10.18 10.95 -10.61
C9 MUB L . -13.67 10.45 -6.08
C10 MUB L . -13.95 10.16 -4.59
C11 MUB L . -14.71 10.04 -7.19
O1 MUB L . -10.63 7.12 -7.87
O3 MUB L . -12.54 11.28 -6.43
O4 MUB L . -10.64 11.25 -4.37
O5 MUB L . -9.37 8.60 -6.63
O6 MUB L . -9.85 8.80 -3.11
O7 MUB L . -9.78 11.17 -8.31
O10 MUB L . -15.01 9.66 -4.27
N2 MUB L . -11.24 9.61 -8.89
H1 MUB L . -11.13 7.69 -6.05
H2 MUB L . -12.55 8.83 -7.53
HN2 MUB L . -11.77 9.18 -9.63
H81 MUB L . -11.12 11.17 -11.09
H82 MUB L . -9.72 10.12 -11.09
H83 MUB L . -9.51 11.80 -10.65
H3 MUB L . -10.68 11.26 -7.05
H9 MUB L . -13.01 9.56 -5.94
H111 MUB L . -15.17 10.92 -7.69
H112 MUB L . -15.46 9.47 -6.76
H113 MUB L . -14.19 9.40 -7.92
H4 MUB L . -11.48 9.62 -4.61
H5 MUB L . -8.56 10.07 -5.41
H61 MUB L . -8.05 8.66 -3.92
H62 MUB L . -9.12 7.34 -4.48
HO6 MUB L . -9.52 9.58 -2.63
C1 NAG L . -10.13 12.42 -5.01
C2 NAG L . -10.17 13.58 -4.00
C3 NAG L . -9.57 14.82 -4.61
C4 NAG L . -8.20 14.51 -5.22
C5 NAG L . -8.28 13.33 -6.19
C6 NAG L . -6.91 12.96 -6.74
C7 NAG L . -12.52 14.11 -4.40
C8 NAG L . -13.90 14.34 -3.83
N2 NAG L . -11.51 13.82 -3.54
O3 NAG L . -9.45 15.82 -3.61
O4 NAG L . -7.74 15.65 -5.93
O5 NAG L . -8.81 12.18 -5.50
O6 NAG L . -7.00 11.84 -7.61
O7 NAG L . -12.31 14.36 -5.58
H1 NAG L . -10.84 12.63 -5.83
H2 NAG L . -9.74 13.39 -3.01
H3 NAG L . -10.21 15.24 -5.43
H4 NAG L . -7.52 14.48 -4.34
H5 NAG L . -8.88 13.53 -7.07
H61 NAG L . -6.20 12.68 -5.97
H62 NAG L . -6.51 13.85 -7.25
H81 NAG L . -13.87 15.12 -3.09
H82 NAG L . -14.26 13.44 -3.37
H83 NAG L . -14.58 14.61 -4.64
HN2 NAG L . -11.73 13.63 -2.60
HO3 NAG L . -10.28 15.88 -3.16
HO4 NAG L . -7.89 16.44 -5.39
HO6 NAG L . -7.86 11.43 -7.45
P 2PO M . 10.42 -2.24 2.27
O1P 2PO M . 8.97 -2.44 2.05
O2P 2PO M . 10.84 -1.26 3.30
O3P 2PO M . 11.11 -1.83 0.88
P 2PO N . 11.77 -2.96 -0.02
O1P 2PO N . 10.81 -4.11 -0.12
O2P 2PO N . 12.26 -2.35 -1.27
O3P 2PO N . 13.04 -3.35 0.91
C1 P1W O . 13.63 -2.46 1.86
C2 P1W O . 14.66 -3.19 2.70
C3 P1W O . 15.42 -2.62 3.66
C4 P1W O . 16.42 -3.43 4.49
C5 P1W O . 15.37 -1.11 3.98
H12 P1W O . 12.84 -2.06 2.49
H11 P1W O . 14.11 -1.65 1.34
H2 P1W O . 14.99 -4.14 2.28
H41 P1W O . 17.06 -4.02 3.83
H42 P1W O . 17.06 -2.76 5.07
H51 P1W O . 14.35 -0.83 4.20
H52 P1W O . 15.73 -0.55 3.14
H53 P1W O . 16.00 -0.91 4.85
C1 P1W P . 15.72 -4.39 5.45
C2 P1W P . 15.07 -5.53 4.70
C3 P1W P . 15.40 -6.81 4.89
C4 P1W P . 14.76 -7.93 4.12
C5 P1W P . 16.45 -7.29 5.91
H12 P1W P . 16.44 -4.78 6.15
H11 P1W P . 14.94 -3.86 6.00
H2 P1W P . 14.50 -5.24 3.85
H41 P1W P . 15.16 -8.89 4.45
H42 P1W P . 13.69 -7.91 4.29
H51 P1W P . 16.03 -7.24 6.89
H52 P1W P . 17.32 -6.65 5.86
H53 P1W P . 16.74 -8.30 5.68
C1 P1W Q . 15.03 -7.74 2.64
C2 P1W Q . 16.35 -7.04 2.41
C3 P1W Q . 17.32 -7.48 1.59
C4 P1W Q . 18.65 -6.72 1.39
C5 P1W Q . 17.22 -8.77 0.79
H12 P1W Q . 15.06 -8.71 2.17
H11 P1W Q . 14.24 -7.16 2.21
H2 P1W Q . 16.50 -6.16 3.00
H43 P1W Q . 18.71 -5.89 2.08
H41 P1W Q . 18.69 -6.34 0.37
H42 P1W Q . 19.47 -7.38 1.56
H51 P1W Q . 16.55 -8.61 -0.04
H52 P1W Q . 16.84 -9.55 1.43
H53 P1W Q . 18.20 -9.05 0.41
C1 P1W R . -8.17 -2.49 1.77
C2 P1W R . -7.33 -2.70 3.01
C3 P1W R . -6.68 -1.73 3.65
C4 P1W R . -5.82 -1.98 4.88
C5 P1W R . -6.74 -0.26 3.24
H12 P1W R . -7.55 -2.06 0.99
H11 P1W R . -8.98 -1.82 1.99
H2 P1W R . -7.07 -3.73 3.21
H41 P1W R . -6.14 -2.90 5.35
H42 P1W R . -5.93 -1.16 5.56
H51 P1W R . -5.96 0.28 3.75
H52 P1W R . -7.70 0.15 3.51
H53 P1W R . -6.60 -0.18 2.16
C1 P1W S . -4.35 -2.11 4.48
C2 P1W S . -3.73 -3.32 5.12
C3 P1W S . -2.80 -3.28 6.10
C4 P1W S . -2.21 -4.55 6.73
C5 P1W S . -2.26 -1.98 6.69
H12 P1W S . -4.28 -2.21 3.40
H11 P1W S . -3.81 -1.23 4.80
H2 P1W S . -4.16 -4.25 4.82
H43 P1W S . -2.01 -5.29 5.96
H41 P1W S . -2.91 -4.96 7.45
H42 P1W S . -1.29 -4.30 7.23
H51 P1W S . -3.08 -1.31 6.89
H52 P1W S . -1.60 -1.53 5.97
H53 P1W S . -1.72 -2.18 7.61
P 2PO T . -11.22 -6.87 -4.10
O1P 2PO T . -11.10 -7.47 -2.78
O2P 2PO T . -10.83 -7.71 -5.29
O3P 2PO T . -10.31 -5.52 -4.16
P 2PO U . -8.74 -5.53 -4.48
O1P 2PO U . -8.33 -6.91 -4.77
O2P 2PO U . -8.47 -4.47 -5.49
O3P 2PO U . -8.05 -5.08 -3.11
C1 P1W V . -8.33 -3.78 -2.58
C2 P1W V . -8.15 -3.82 -1.08
C3 P1W V . -9.11 -3.77 -0.16
C4 P1W V . -8.72 -3.82 1.29
C5 P1W V . -10.62 -3.65 -0.45
H12 P1W V . -9.35 -3.51 -2.82
H11 P1W V . -7.65 -3.07 -3.01
H2 P1W V . -7.22 -4.21 -0.75
H41 P1W V . -7.95 -4.57 1.41
H42 P1W V . -9.58 -4.08 1.89
H51 P1W V . -10.95 -2.63 -0.29
H52 P1W V . -11.16 -4.30 0.23
H53 P1W V . -10.82 -3.95 -1.47
P 2PO W . 10.87 6.58 6.87
O1P 2PO W . 10.68 7.23 8.19
O2P 2PO W . 11.44 7.43 5.79
O3P 2PO W . 9.44 5.95 6.36
P 2PO X . 8.85 6.11 4.85
O1P 2PO X . 8.75 7.58 4.54
O2P 2PO X . 9.64 5.25 3.92
O3P 2PO X . 7.35 5.50 4.99
C1 P1W Y . 7.13 4.15 5.40
C2 P1W Y . 7.42 4.03 6.86
C3 P1W Y . 6.80 4.71 7.82
C4 P1W Y . 7.17 4.52 9.28
C5 P1W Y . 5.66 5.70 7.55
H12 P1W Y . 7.77 3.48 4.83
H11 P1W Y . 6.09 3.88 5.21
H2 P1W Y . 7.99 3.16 7.13
H41 P1W Y . 6.38 4.89 9.90
H42 P1W Y . 8.08 5.07 9.49
H51 P1W Y . 4.77 5.39 8.09
H52 P1W Y . 5.45 5.73 6.50
H53 P1W Y . 5.96 6.69 7.89
C1 P1W Z . 7.42 3.05 9.61
C2 P1W Z . 7.44 2.88 11.10
C3 P1W Z . 6.52 2.18 11.78
C4 P1W Z . 6.55 2.05 13.29
C5 P1W Z . 5.41 1.39 11.10
H12 P1W Z . 6.62 2.47 9.18
H11 P1W Z . 8.37 2.75 9.19
H2 P1W Z . 8.02 3.63 11.62
H41 P1W Z . 5.56 1.82 13.64
H42 P1W Z . 6.88 2.99 13.72
H51 P1W Z . 5.84 0.67 10.42
H52 P1W Z . 4.77 2.06 10.54
H53 P1W Z . 4.82 0.87 11.84
C1 P1W AA . 7.52 0.94 13.71
C2 P1W AA . 7.35 0.63 15.17
C3 P1W AA . 7.07 -0.58 15.69
C4 P1W AA . 6.93 -0.83 17.19
C5 P1W AA . 6.87 -1.82 14.82
H12 P1W AA . 7.30 0.06 13.13
H11 P1W AA . 8.53 1.26 13.53
H2 P1W AA . 7.55 1.47 15.83
H43 P1W AA . 6.20 -0.15 17.61
H41 P1W AA . 7.88 -0.68 17.68
H42 P1W AA . 6.61 -1.85 17.36
H51 P1W AA . 7.02 -2.70 15.42
H52 P1W AA . 7.57 -1.79 14.00
H53 P1W AA . 5.86 -1.83 14.42
P 2PO BA . -10.06 5.68 -7.40
O1P 2PO BA . -9.42 5.83 -6.09
O2P 2PO BA . -11.14 4.65 -7.55
O3P 2PO BA . -8.93 5.35 -8.51
P 2PO CA . -7.39 5.33 -8.11
O1P 2PO CA . -7.21 4.30 -7.08
O2P 2PO CA . -6.55 5.19 -9.34
O3P 2PO CA . -7.19 6.79 -7.48
C1 P1W DA . -6.70 6.97 -6.18
C2 P1W DA . -6.13 8.35 -6.05
C3 P1W DA . -5.12 8.82 -6.77
C4 P1W DA . -4.64 10.23 -6.58
C5 P1W DA . -4.39 8.03 -7.87
H12 P1W DA . -5.93 6.23 -5.98
H11 P1W DA . -7.51 6.84 -5.46
H2 P1W DA . -6.78 9.06 -5.57
H41 P1W DA . -5.50 10.89 -6.43
H42 P1W DA . -4.10 10.56 -7.45
H51 P1W DA . -4.16 7.04 -7.50
H52 P1W DA . -3.48 8.53 -8.13
H53 P1W DA . -5.01 7.94 -8.74
C1 P1W EA . -3.73 10.33 -5.36
C2 P1W EA . -4.54 10.23 -4.09
C3 P1W EA . -4.86 11.29 -3.34
C4 P1W EA . -5.66 11.18 -2.05
C5 P1W EA . -4.51 12.72 -3.72
H12 P1W EA . -3.02 9.53 -5.40
H11 P1W EA . -3.20 11.28 -5.38
H2 P1W EA . -4.61 9.24 -3.68
H41 P1W EA . -6.33 10.33 -2.12
H42 P1W EA . -6.24 12.08 -1.92
H51 P1W EA . -4.48 12.80 -4.80
H52 P1W EA . -3.54 12.98 -3.33
H53 P1W EA . -5.24 13.39 -3.32
C1 P1W FA . -4.74 10.99 -0.85
C2 P1W FA . -4.37 12.32 -0.27
C3 P1W FA . -3.57 12.50 0.81
C4 P1W FA . -3.23 13.90 1.35
C5 P1W FA . -2.94 11.34 1.59
H12 P1W FA . -5.26 10.41 -0.11
H11 P1W FA . -3.84 10.47 -1.15
H2 P1W FA . -4.81 13.17 -0.76
H43 P1W FA . -3.98 14.61 1.05
H41 P1W FA . -2.27 14.20 0.96
H42 P1W FA . -3.17 13.86 2.43
H51 P1W FA . -2.23 11.75 2.29
H52 P1W FA . -2.45 10.69 0.90
H53 P1W FA . -3.71 10.79 2.13
N ZAE A 1 -4.02 -15.46 -9.29
CA ZAE A 1 -5.20 -14.83 -8.60
C ZAE A 1 -4.78 -13.69 -7.67
O ZAE A 1 -4.90 -12.52 -8.01
CB ZAE A 1 -6.19 -14.32 -9.65
CG ZAE A 1 -7.30 -15.28 -9.99
CD1 ZAE A 1 -7.13 -16.24 -10.97
CD2 ZAE A 1 -8.51 -15.23 -9.32
CE1 ZAE A 1 -8.15 -17.11 -11.29
CE2 ZAE A 1 -9.54 -16.09 -9.64
CZ ZAE A 1 -9.35 -17.05 -10.62
C10 ZAE A 1 -3.22 -14.45 -10.02
H1 ZAE A 1 -4.34 -16.17 -9.97
HA ZAE A 1 -5.69 -15.59 -8.01
HB2 ZAE A 1 -6.65 -13.40 -9.28
HB3 ZAE A 1 -5.66 -14.10 -10.57
HD1 ZAE A 1 -6.19 -16.30 -11.50
HD2 ZAE A 1 -8.66 -14.48 -8.55
HE1 ZAE A 1 -8.01 -17.86 -12.06
HE2 ZAE A 1 -10.48 -16.04 -9.12
HZ ZAE A 1 -10.16 -17.73 -10.87
H11 ZAE A 1 -3.00 -13.62 -9.36
H12 ZAE A 1 -3.79 -14.09 -10.87
H13 ZAE A 1 -2.30 -14.89 -10.36
N ILE A 2 -4.28 -14.05 -6.50
CA ILE A 2 -3.84 -13.06 -5.52
C ILE A 2 -2.43 -12.59 -5.88
N SER A 3 -2.29 -11.27 -6.04
CA SER A 3 -0.99 -10.67 -6.35
C SER A 3 -0.91 -9.27 -5.74
N DAR A 4 0.31 -8.77 -5.69
CA DAR A 4 0.57 -7.46 -5.13
CB DAR A 4 0.57 -6.44 -6.24
CG DAR A 4 -0.81 -5.98 -6.61
CD DAR A 4 -0.87 -4.47 -6.68
NE DAR A 4 -0.36 -4.00 -7.96
CZ DAR A 4 -0.47 -2.75 -8.39
NH1 DAR A 4 0.09 -2.39 -9.53
NH2 DAR A 4 -1.20 -1.87 -7.71
C DAR A 4 1.90 -7.39 -4.43
O DAR A 4 2.94 -7.60 -5.07
H DAR A 4 1.05 -9.27 -6.08
HA DAR A 4 -0.22 -7.22 -4.43
HB2 DAR A 4 1.02 -6.88 -7.12
HB3 DAR A 4 1.16 -5.58 -5.93
HG2 DAR A 4 -1.50 -6.32 -5.84
HG3 DAR A 4 -1.09 -6.40 -7.56
HD2 DAR A 4 -0.28 -4.05 -5.88
HD3 DAR A 4 -1.90 -4.15 -6.58
HE DAR A 4 0.16 -4.64 -8.50
HH11 DAR A 4 0.00 -1.42 -9.87
HH12 DAR A 4 0.65 -3.08 -10.07
HH21 DAR A 4 -1.27 -0.89 -8.05
HH22 DAR A 4 -1.73 -2.17 -6.86
N 28J A 5 1.89 -7.10 -3.14
CA 28J A 5 3.15 -6.99 -2.42
CB 28J A 5 3.31 -8.12 -1.35
CG2 28J A 5 1.97 -8.38 -0.67
CG1 28J A 5 3.82 -9.41 -1.99
CD1 28J A 5 5.33 -9.46 -2.14
C 28J A 5 3.31 -5.59 -1.80
O 28J A 5 2.45 -4.71 -1.96
HA 28J A 5 3.94 -7.12 -3.15
H22 28J A 5 4.00 -7.78 -0.60
H23 28J A 5 1.63 -7.48 -0.19
H24 28J A 5 2.07 -9.17 0.06
H25 28J A 5 1.25 -8.68 -1.42
H26 28J A 5 3.38 -9.52 -2.96
H27 28J A 5 3.52 -10.24 -1.36
H28 28J A 5 5.79 -9.44 -1.17
H29 28J A 5 5.66 -8.61 -2.72
H30 28J A 5 5.60 -10.37 -2.65
N ILE A 6 4.48 -5.39 -1.17
CA ILE A 6 4.83 -4.15 -0.49
C ILE A 6 6.36 -3.92 -0.39
N SER A 7 6.81 -2.68 -0.61
CA SER A 7 8.24 -2.31 -0.49
C SER A 7 8.39 -0.82 -0.22
N DTH A 8 9.58 -0.40 0.24
CA DTH A 8 9.86 0.99 0.50
CB DTH A 8 10.36 1.80 -0.72
CG2 DTH A 8 9.41 1.60 -1.90
OG1 DTH A 8 11.70 1.46 -1.05
C DTH A 8 11.04 1.24 1.48
O DTH A 8 11.38 2.38 1.51
H DTH A 8 10.27 -1.06 0.48
HA DTH A 8 8.95 1.43 0.89
HB DTH A 8 10.36 2.88 -0.45
HG21 DTH A 8 8.43 1.97 -1.65
HG22 DTH A 8 9.35 0.55 -2.15
HG23 DTH A 8 9.79 2.15 -2.75
N ALA A 9 11.67 0.14 2.07
CA ALA A 9 12.94 0.04 2.86
C ALA A 9 14.26 0.12 2.03
N LEU A 10 14.28 -0.69 0.97
CA LEU A 10 15.43 -0.77 0.04
C LEU A 10 15.41 0.43 -0.85
N ILE A 11 14.19 0.91 -1.06
CA ILE A 11 13.90 2.00 -1.98
C ILE A 11 12.47 2.45 -1.73
N ZAE B 1 7.27 6.63 -0.02
CA ZAE B 1 8.20 5.60 0.52
C ZAE B 1 7.59 4.24 0.42
O ZAE B 1 7.81 3.52 -0.55
CB ZAE B 1 9.49 5.62 -0.27
CG ZAE B 1 10.58 6.44 0.34
CD1 ZAE B 1 10.53 7.82 0.29
CD2 ZAE B 1 11.69 5.82 0.90
CE1 ZAE B 1 11.56 8.59 0.81
CE2 ZAE B 1 12.73 6.58 1.43
CZ ZAE B 1 12.66 7.96 1.36
C10 ZAE B 1 7.36 6.65 -1.48
H1 ZAE B 1 7.52 7.56 0.34
HA ZAE B 1 8.41 5.84 1.56
HB2 ZAE B 1 9.85 4.61 -0.35
HB3 ZAE B 1 9.30 6.01 -1.25
HD1 ZAE B 1 9.67 8.30 -0.14
HD2 ZAE B 1 11.74 4.75 0.94
HE1 ZAE B 1 11.51 9.65 0.76
HE2 ZAE B 1 13.58 6.09 1.86
HZ ZAE B 1 13.47 8.55 1.76
H11 ZAE B 1 6.43 7.02 -1.90
H12 ZAE B 1 7.53 5.65 -1.84
H13 ZAE B 1 8.17 7.30 -1.78
N ILE B 2 6.80 3.86 1.38
CA ILE B 2 6.22 2.56 1.35
C ILE B 2 5.03 2.53 0.42
N SER B 3 5.04 1.52 -0.43
CA SER B 3 3.97 1.30 -1.37
C SER B 3 3.80 -0.17 -1.64
N DAR B 4 2.70 -0.47 -2.27
CA DAR B 4 2.37 -1.82 -2.60
CB DAR B 4 2.84 -2.14 -4.02
CG DAR B 4 4.19 -2.80 -4.08
CD DAR B 4 4.23 -3.86 -5.15
NE DAR B 4 4.31 -3.29 -6.48
CZ DAR B 4 4.86 -3.90 -7.53
NH1 DAR B 4 5.39 -5.11 -7.39
NH2 DAR B 4 4.88 -3.31 -8.71
C DAR B 4 0.88 -2.00 -2.54
O DAR B 4 0.15 -1.04 -2.82
H DAR B 4 2.09 0.25 -2.51
HA DAR B 4 2.85 -2.49 -1.90
HB2 DAR B 4 2.88 -1.22 -4.58
HB3 DAR B 4 2.12 -2.80 -4.47
HG2 DAR B 4 4.41 -3.26 -3.13
HG3 DAR B 4 4.94 -2.05 -4.30
HD2 DAR B 4 3.34 -4.47 -5.08
HD3 DAR B 4 5.10 -4.49 -4.99
HE DAR B 4 3.93 -2.39 -6.61
HH11 DAR B 4 5.82 -5.59 -8.21
HH12 DAR B 4 5.40 -5.57 -6.45
HH21 DAR B 4 5.31 -3.77 -9.53
HH22 DAR B 4 4.47 -2.36 -8.82
N 28J B 5 0.44 -3.19 -2.16
CA 28J B 5 -0.99 -3.45 -2.08
CB 28J B 5 -1.56 -3.14 -0.67
CG2 28J B 5 -0.65 -3.69 0.42
CG1 28J B 5 -1.73 -1.63 -0.47
CD1 28J B 5 -2.54 -1.25 0.76
C 28J B 5 -1.31 -4.90 -2.41
O 28J B 5 -0.40 -5.73 -2.59
HA 28J B 5 -1.48 -2.80 -2.79
H22 28J B 5 -2.51 -3.62 -0.57
H23 28J B 5 -1.06 -3.46 1.39
H24 28J B 5 0.34 -3.26 0.33
H25 28J B 5 -0.57 -4.76 0.30
H26 28J B 5 -2.22 -1.21 -1.33
H27 28J B 5 -0.76 -1.17 -0.37
H28 28J B 5 -3.51 -1.72 0.70
H29 28J B 5 -2.66 -0.17 0.79
H30 28J B 5 -2.04 -1.58 1.64
N ILE B 6 -2.61 -5.16 -2.64
CA ILE B 6 -3.07 -6.53 -2.86
C ILE B 6 -4.35 -6.59 -3.68
N SER B 7 -4.50 -7.66 -4.47
CA SER B 7 -5.69 -7.81 -5.29
C SER B 7 -5.95 -9.28 -5.66
N DTH B 8 -7.17 -9.54 -6.14
CA DTH B 8 -7.58 -10.87 -6.58
CB DTH B 8 -7.85 -10.92 -8.10
CG2 DTH B 8 -6.70 -10.24 -8.82
OG1 DTH B 8 -9.07 -10.26 -8.41
C DTH B 8 -8.83 -11.36 -5.84
O DTH B 8 -9.02 -12.58 -5.73
H DTH B 8 -7.83 -8.81 -6.17
HA DTH B 8 -6.78 -11.57 -6.35
HB DTH B 8 -7.93 -11.96 -8.45
HG21 DTH B 8 -6.62 -9.20 -8.51
HG22 DTH B 8 -6.88 -10.27 -9.89
HG23 DTH B 8 -5.77 -10.74 -8.60
N ALA B 9 -9.66 -10.44 -5.32
CA ALA B 9 -10.90 -10.77 -4.58
C ALA B 9 -12.03 -10.82 -5.54
N LEU B 10 -12.35 -9.65 -6.05
CA LEU B 10 -13.44 -9.53 -7.00
C LEU B 10 -12.92 -9.78 -8.39
N ILE B 11 -11.62 -9.67 -8.53
CA ILE B 11 -11.01 -9.92 -9.82
C ILE B 11 -9.71 -10.67 -9.62
N ZAE C 1 -4.77 -4.32 -7.78
CA ZAE C 1 -5.96 -3.56 -7.34
C ZAE C 1 -5.59 -2.45 -6.40
O ZAE C 1 -5.26 -1.34 -6.83
CB ZAE C 1 -6.67 -2.98 -8.53
CG ZAE C 1 -7.61 -3.92 -9.20
CD1 ZAE C 1 -7.15 -4.87 -10.10
CD2 ZAE C 1 -8.99 -3.76 -9.04
CE1 ZAE C 1 -8.03 -5.71 -10.76
CE2 ZAE C 1 -9.87 -4.61 -9.67
CZ ZAE C 1 -9.39 -5.56 -10.57
C10 ZAE C 1 -3.91 -3.48 -8.62
H1 ZAE C 1 -5.08 -5.14 -8.35
HA ZAE C 1 -6.62 -4.23 -6.82
HB2 ZAE C 1 -7.22 -2.11 -8.22
HB3 ZAE C 1 -5.92 -2.68 -9.26
HD1 ZAE C 1 -6.09 -4.99 -10.24
HD2 ZAE C 1 -9.36 -3.01 -8.35
HE1 ZAE C 1 -7.65 -6.44 -11.45
HE2 ZAE C 1 -10.93 -4.49 -9.53
HZ ZAE C 1 -10.08 -6.20 -11.10
H11 ZAE C 1 -2.90 -3.86 -8.61
H12 ZAE C 1 -3.92 -2.47 -8.24
H13 ZAE C 1 -4.29 -3.48 -9.64
N ILE C 2 -5.61 -2.74 -5.12
CA ILE C 2 -5.33 -1.71 -4.19
C ILE C 2 -3.83 -1.52 -4.05
N SER C 3 -3.46 -0.25 -4.15
CA SER C 3 -2.10 0.18 -4.02
C SER C 3 -2.03 1.56 -3.45
N DAR C 4 -0.85 1.90 -3.01
CA DAR C 4 -0.59 3.19 -2.42
CB DAR C 4 -0.11 4.17 -3.48
CG DAR C 4 -1.21 4.98 -4.14
CD DAR C 4 -0.83 6.45 -4.23
NE DAR C 4 -0.18 6.77 -5.49
CZ DAR C 4 0.01 8.01 -5.93
NH1 DAR C 4 -0.40 9.06 -5.22
NH2 DAR C 4 0.60 8.21 -7.10
C DAR C 4 0.48 3.05 -1.38
O DAR C 4 1.38 2.21 -1.54
H DAR C 4 -0.13 1.24 -3.06
HA DAR C 4 -1.50 3.56 -1.97
HB2 DAR C 4 0.40 3.61 -4.24
HB3 DAR C 4 0.59 4.86 -3.02
HG2 DAR C 4 -2.12 4.89 -3.56
HG3 DAR C 4 -1.36 4.60 -5.14
HD2 DAR C 4 -0.17 6.69 -3.41
HD3 DAR C 4 -1.73 7.04 -4.14
HE DAR C 4 0.15 6.02 -6.02
HH11 DAR C 4 -0.25 10.02 -5.57
HH12 DAR C 4 -0.87 8.91 -4.30
HH21 DAR C 4 0.75 9.18 -7.45
HH22 DAR C 4 0.93 7.40 -7.67
N 28J C 5 0.40 3.84 -0.31
CA 28J C 5 1.39 3.77 0.74
CB 28J C 5 0.95 2.78 1.85
CG2 28J C 5 -0.55 2.93 2.14
CG1 28J C 5 1.26 1.33 1.44
CD1 28J C 5 1.09 0.32 2.56
C 28J C 5 1.65 5.13 1.39
O 28J C 5 0.99 6.13 1.05
HA 28J C 5 2.31 3.39 0.32
H22 28J C 5 1.48 3.01 2.75
H23 28J C 5 -1.11 2.71 1.25
H24 28J C 5 -0.75 3.94 2.45
H25 28J C 5 -0.83 2.25 2.93
H26 28J C 5 2.28 1.28 1.09
H27 28J C 5 0.59 1.05 0.64
H28 28J C 5 1.40 -0.66 2.22
H29 28J C 5 0.06 0.28 2.87
H30 28J C 5 1.70 0.61 3.40
N ILE C 6 2.69 5.18 2.25
CA ILE C 6 2.99 6.40 3.03
C ILE C 6 4.45 6.48 3.49
N SER C 7 4.96 7.70 3.60
CA SER C 7 6.33 7.91 4.01
C SER C 7 6.61 9.36 4.41
N DTH C 8 7.83 9.58 4.94
CA DTH C 8 8.29 10.89 5.29
CB DTH C 8 9.30 11.49 4.26
CG2 DTH C 8 8.82 11.19 2.84
OG1 DTH C 8 10.62 10.99 4.48
C DTH C 8 8.97 11.07 6.65
O DTH C 8 9.21 12.20 6.92
H DTH C 8 8.40 8.84 5.19
HA DTH C 8 7.43 11.55 5.34
HB DTH C 8 9.34 12.59 4.38
HG21 DTH C 8 9.42 11.72 2.12
HG22 DTH C 8 7.78 11.47 2.73
HG23 DTH C 8 8.91 10.12 2.66
N ALA C 9 9.26 9.92 7.43
CA ALA C 9 9.95 9.82 8.77
C ALA C 9 11.50 9.88 8.72
N LEU C 10 12.06 9.12 7.77
CA LEU C 10 13.54 9.05 7.56
C LEU C 10 13.90 10.15 6.60
N ILE C 11 12.91 10.45 5.78
CA ILE C 11 13.05 11.41 4.69
C ILE C 11 11.66 11.98 4.40
N ZAE D 1 6.69 16.79 3.14
CA ZAE D 1 7.29 15.70 4.00
C ZAE D 1 6.52 14.39 3.86
O ZAE D 1 7.00 13.43 3.25
CB ZAE D 1 8.76 15.46 3.64
CG ZAE D 1 9.72 16.25 4.51
CD1 ZAE D 1 10.19 17.49 4.09
CD2 ZAE D 1 10.19 15.73 5.71
CE1 ZAE D 1 11.07 18.22 4.87
CE2 ZAE D 1 11.07 16.46 6.50
CZ ZAE D 1 11.53 17.69 6.07
C10 ZAE D 1 6.66 16.40 1.72
H1 ZAE D 1 7.26 17.65 3.23
HA ZAE D 1 7.23 16.02 5.03
HB2 ZAE D 1 8.99 14.41 3.77
HB3 ZAE D 1 8.92 15.73 2.62
HD1 ZAE D 1 9.84 17.90 3.15
HD2 ZAE D 1 9.84 14.76 6.05
HE1 ZAE D 1 11.43 19.19 4.54
HE2 ZAE D 1 11.43 16.05 7.44
HZ ZAE D 1 12.22 18.26 6.68
H11 ZAE D 1 6.13 17.15 1.16
H12 ZAE D 1 6.16 15.45 1.62
H13 ZAE D 1 7.67 16.32 1.34
N ILE D 2 5.31 14.35 4.41
CA ILE D 2 4.49 13.15 4.35
C ILE D 2 3.78 13.10 3.00
N SER D 3 3.83 11.94 2.35
CA SER D 3 3.13 11.75 1.08
C SER D 3 2.73 10.28 0.92
N DAR D 4 1.91 10.04 -0.09
CA DAR D 4 1.42 8.69 -0.36
CB DAR D 4 2.24 8.08 -1.47
CG DAR D 4 3.51 7.44 -0.96
CD DAR D 4 3.78 6.13 -1.68
NE DAR D 4 4.06 6.36 -3.09
CZ DAR D 4 4.86 5.60 -3.82
NH1 DAR D 4 4.99 5.85 -5.11
NH2 DAR D 4 5.56 4.62 -3.26
C DAR D 4 -0.04 8.70 -0.78
O DAR D 4 -0.44 9.53 -1.59
H DAR D 4 1.66 10.76 -0.70
HA DAR D 4 1.53 8.11 0.54
HB2 DAR D 4 2.50 8.84 -2.18
HB3 DAR D 4 1.64 7.31 -1.96
HG2 DAR D 4 3.41 7.25 0.09
HG3 DAR D 4 4.33 8.12 -1.14
HD2 DAR D 4 2.92 5.50 -1.58
HD3 DAR D 4 4.64 5.66 -1.21
HE DAR D 4 3.58 7.10 -3.51
HH11 DAR D 4 5.63 5.27 -5.69
HH12 DAR D 4 4.45 6.62 -5.56
HH21 DAR D 4 6.18 4.03 -3.84
HH22 DAR D 4 5.52 4.47 -2.22
N 28J D 5 -0.82 7.76 -0.24
CA 28J D 5 -2.22 7.67 -0.61
CB 28J D 5 -3.14 8.33 0.46
CG2 28J D 5 -2.63 8.00 1.86
CG1 28J D 5 -3.20 9.84 0.28
CD1 28J D 5 -4.39 10.31 -0.55
C 28J D 5 -2.63 6.22 -0.88
O 28J D 5 -1.81 5.29 -0.76
HA 28J D 5 -2.35 8.23 -1.53
H22 28J D 5 -4.14 7.90 0.37
H23 28J D 5 -1.62 8.39 1.96
H24 28J D 5 -2.61 6.94 2.01
H25 28J D 5 -3.27 8.46 2.60
H26 28J D 5 -2.31 10.19 -0.21
H27 28J D 5 -3.29 10.31 1.25
H28 28J D 5 -5.31 10.13 -0.02
H29 28J D 5 -4.41 9.78 -1.49
H30 28J D 5 -4.30 11.37 -0.75
N ILE D 6 -3.90 6.05 -1.30
CA ILE D 6 -4.51 4.73 -1.59
C ILE D 6 -5.67 4.83 -2.59
N SER D 7 -5.75 3.85 -3.53
CA SER D 7 -6.83 3.79 -4.52
C SER D 7 -7.03 2.34 -4.97
N DTH D 8 -8.22 2.05 -5.48
CA DTH D 8 -8.55 0.73 -5.98
CB DTH D 8 -8.31 0.52 -7.48
CG2 DTH D 8 -6.87 0.87 -7.79
OG1 DTH D 8 -9.21 1.31 -8.28
C DTH D 8 -10.10 0.49 -5.84
O DTH D 8 -10.52 -0.67 -5.94
H DTH D 8 -8.94 2.75 -5.47
HA DTH D 8 -8.02 -0.02 -5.40
HB DTH D 8 -8.48 -0.53 -7.75
HG21 DTH D 8 -6.22 0.21 -7.24
HG22 DTH D 8 -6.67 1.90 -7.50
HG23 DTH D 8 -6.69 0.76 -8.85
N ALA D 9 -10.85 1.56 -5.65
CA ALA D 9 -12.20 1.57 -5.62
C ALA D 9 -12.67 1.86 -7.07
N LEU D 10 -12.67 3.14 -7.43
CA LEU D 10 -13.07 3.61 -8.77
C LEU D 10 -12.32 2.91 -9.88
N ILE D 11 -11.12 2.55 -9.54
CA ILE D 11 -10.19 1.90 -10.47
C ILE D 11 -9.19 1.06 -9.70
N ALA E 1 19.04 -6.56 4.46
CA ALA E 1 20.47 -7.00 4.41
C ALA E 1 20.91 -7.66 5.72
N DGL E 2 22.12 -8.43 5.60
CA DGL E 2 22.63 -8.98 6.92
C DGL E 2 22.26 -8.10 8.25
O DGL E 2 22.67 -6.92 8.28
CB DGL E 2 21.96 -10.23 7.32
CG DGL E 2 20.57 -10.58 6.57
CD DGL E 2 19.36 -10.64 7.55
OE1 DGL E 2 18.93 -11.74 7.91
H DGL E 2 22.57 -8.46 4.79
HA DGL E 2 23.69 -9.01 6.69
HB2 DGL E 2 21.78 -10.12 8.40
HB3 DGL E 2 22.65 -10.99 7.14
HG2 DGL E 2 20.68 -11.51 6.11
HG3 DGL E 2 20.31 -9.81 5.79
N LYS E 3 18.89 -9.49 8.00
CA LYS E 3 17.77 -9.40 8.92
C LYS E 3 18.12 -9.77 10.40
N DAL E 4 19.44 -9.33 10.67
CA DAL E 4 20.25 -9.36 12.03
CB DAL E 4 20.88 -10.85 12.57
C DAL E 4 19.32 -8.26 12.88
O DAL E 4 18.43 -8.59 13.71
H DAL E 4 19.91 -8.99 9.89
HA DAL E 4 21.29 -9.05 12.09
HB1 DAL E 4 20.09 -11.51 12.81
HB2 DAL E 4 21.52 -10.70 13.47
HB3 DAL E 4 21.55 -11.34 11.78
N DAL E 5 19.52 -6.93 12.56
CA DAL E 5 18.89 -5.67 13.20
CB DAL E 5 19.39 -5.96 14.67
C DAL E 5 17.30 -5.99 12.94
O DAL E 5 16.47 -6.25 13.95
OXT DAL E 5 16.92 -6.13 11.77
H DAL E 5 20.19 -6.79 11.83
HA DAL E 5 19.10 -4.65 12.91
HB1 DAL E 5 20.37 -5.85 14.74
HB2 DAL E 5 19.09 -7.03 14.87
HB3 DAL E 5 18.82 -5.37 15.47
N ALA F 1 -14.21 -1.83 1.01
CA ALA F 1 -15.46 -1.10 1.35
C ALA F 1 -16.67 -1.70 0.61
N DGL F 2 -17.61 -0.71 0.24
CA DGL F 2 -18.80 -1.23 -0.61
C DGL F 2 -18.31 -2.50 -1.59
O DGL F 2 -19.01 -3.55 -1.50
CB DGL F 2 -19.80 -1.97 0.19
CG DGL F 2 -19.28 -2.64 1.56
CD DGL F 2 -19.66 -4.14 1.66
OE1 DGL F 2 -20.13 -4.58 2.71
H DGL F 2 -17.49 0.21 0.43
HA DGL F 2 -19.18 -0.33 -1.09
HB2 DGL F 2 -20.18 -2.75 -0.47
HB3 DGL F 2 -20.57 -1.28 0.42
HG2 DGL F 2 -19.73 -2.13 2.35
HG3 DGL F 2 -18.18 -2.58 1.65
N LYS F 3 -19.52 -4.86 0.57
CA LYS F 3 -19.84 -6.27 0.52
C LYS F 3 -21.37 -6.57 0.41
N DAL F 4 -21.87 -5.93 -0.75
CA DAL F 4 -23.32 -6.00 -1.38
CB DAL F 4 -24.66 -5.68 -0.36
C DAL F 4 -23.08 -7.28 -2.41
O DAL F 4 -22.89 -8.46 -2.02
H DAL F 4 -21.21 -5.37 -1.21
HA DAL F 4 -23.75 -5.17 -1.95
HB1 DAL F 4 -24.73 -6.44 0.36
HB2 DAL F 4 -25.60 -5.66 -0.95
HB3 DAL F 4 -24.57 -4.67 0.15
N DAL F 5 -23.02 -6.97 -3.76
CA DAL F 5 -22.88 -7.92 -4.96
CB DAL F 5 -24.18 -8.75 -4.68
C DAL F 5 -21.47 -8.69 -4.56
O DAL F 5 -20.50 -7.98 -4.28
OXT DAL F 5 -21.43 -10.01 -4.39
H DAL F 5 -23.08 -6.00 -3.95
HA DAL F 5 -22.82 -7.61 -5.99
HB1 DAL F 5 -24.04 -9.41 -3.95
HB2 DAL F 5 -24.43 -9.27 -5.65
HB3 DAL F 5 -25.10 -8.10 -4.49
N ALA G 1 17.81 1.92 9.43
CA ALA G 1 19.02 1.55 10.23
C ALA G 1 18.73 1.59 11.73
N DGL G 2 19.92 1.57 12.55
CA DGL G 2 19.66 1.77 14.02
C DGL G 2 18.32 2.60 14.42
O DGL G 2 17.36 1.99 14.97
CB DGL G 2 19.29 0.50 14.70
CG DGL G 2 18.52 -0.59 13.80
CD DGL G 2 17.14 -0.99 14.43
OE1 DGL G 2 17.09 -1.94 15.21
H DGL G 2 20.75 1.60 12.14
HA DGL G 2 20.59 2.26 14.30
HB2 DGL G 2 18.67 0.81 15.55
HB3 DGL G 2 20.19 0.10 15.03
HG2 DGL G 2 19.12 -1.45 13.76
HG3 DGL G 2 18.31 -0.23 12.78
N LYS G 3 16.11 -0.23 14.13
CA LYS G 3 14.77 -0.49 14.62
C LYS G 3 14.53 -0.01 16.10
N DAL G 4 15.38 1.09 16.36
CA DAL G 4 15.47 2.02 17.63
CB DAL G 4 16.32 1.43 19.00
C DAL G 4 13.94 2.67 17.56
O DAL G 4 12.93 2.15 18.11
H DAL G 4 16.00 1.29 15.62
HA DAL G 4 16.19 2.84 17.71
HB1 DAL G 4 17.29 1.17 18.72
HB2 DAL G 4 15.80 0.53 19.41
HB3 DAL G 4 16.36 2.20 19.84
N DAL G 5 13.80 3.82 16.80
CA DAL G 5 12.55 4.68 16.59
CB DAL G 5 12.38 5.12 18.09
C DAL G 5 11.48 3.56 16.06
O DAL G 5 11.77 2.96 15.03
OXT DAL G 5 10.43 3.18 16.81
H DAL G 5 14.63 4.10 16.34
HA DAL G 5 12.51 5.54 15.92
HB1 DAL G 5 13.10 5.75 18.36
HB2 DAL G 5 12.43 4.17 18.70
HB3 DAL G 5 11.34 5.52 18.35
N ALA H 1 -11.75 14.12 -7.87
CA ALA H 1 -12.00 15.57 -8.13
C ALA H 1 -13.43 15.97 -7.76
N DGL H 2 -13.80 17.27 -8.27
CA DGL H 2 -15.25 17.62 -8.02
C DGL H 2 -16.30 16.36 -7.98
O DGL H 2 -16.18 15.49 -8.87
CB DGL H 2 -15.49 18.13 -6.65
CG DGL H 2 -14.42 17.70 -5.52
CD DGL H 2 -15.09 16.99 -4.30
OE1 DGL H 2 -14.74 17.31 -3.16
H DGL H 2 -13.21 17.74 -8.79
HA DGL H 2 -15.41 18.30 -8.85
HB2 DGL H 2 -16.49 17.73 -6.39
HB3 DGL H 2 -15.52 19.16 -6.73
HG2 DGL H 2 -13.95 18.57 -5.19
HG3 DGL H 2 -13.66 17.00 -5.92
N LYS H 3 -16.07 16.14 -4.56
CA LYS H 3 -16.76 15.40 -3.52
C LYS H 3 -17.86 16.24 -2.78
N DAL H 4 -18.54 17.04 -3.73
CA DAL H 4 -19.80 17.98 -3.55
CB DAL H 4 -19.67 19.27 -2.43
C DAL H 4 -20.98 16.83 -3.67
O DAL H 4 -21.25 15.98 -2.78
H DAL H 4 -18.15 16.99 -4.63
HA DAL H 4 -20.03 18.79 -4.24
HB1 DAL H 4 -18.82 19.83 -2.63
HB2 DAL H 4 -19.60 18.87 -1.39
HB3 DAL H 4 -20.61 19.93 -2.44
N DAL H 5 -21.65 16.77 -4.90
CA DAL H 5 -22.83 15.87 -5.30
CB DAL H 5 -23.79 16.29 -4.14
C DAL H 5 -22.15 14.38 -5.15
O DAL H 5 -22.36 13.63 -4.07
OXT DAL H 5 -21.30 14.06 -5.98
H DAL H 5 -21.30 17.41 -5.57
HA DAL H 5 -23.33 15.91 -6.27
HB1 DAL H 5 -23.53 15.85 -3.29
HB2 DAL H 5 -24.83 15.97 -4.47
HB3 DAL H 5 -23.89 17.42 -4.01
C1 MUB I . 12.93 -5.04 5.10
C2 MUB I . 13.97 -5.07 4.01
C3 MUB I . 14.83 -6.35 4.14
C4 MUB I . 15.29 -6.69 5.59
C5 MUB I . 14.08 -6.62 6.52
C6 MUB I . 14.29 -5.50 7.54
C7 MUB I . 13.12 -6.15 2.05
C8 MUB I . 12.54 -6.10 0.69
C9 MUB I . 16.98 -5.44 3.62
C10 MUB I . 18.45 -5.88 3.43
C11 MUB I . 16.62 -3.97 4.00
O1 MUB I . 11.69 -4.76 4.57
O3 MUB I . 15.94 -6.36 3.23
O4 MUB I . 15.91 -8.00 5.54
O5 MUB I . 12.89 -6.34 5.78
O6 MUB I . 14.82 -4.35 6.89
O7 MUB I . 13.27 -7.25 2.59
O10 MUB I . 19.01 -5.66 2.34
N2 MUB I . 13.40 -5.01 2.68
H1 MUB I . 13.15 -4.27 5.86
H2 MUB I . 14.45 -4.07 4.14
HN2 MUB I . 13.25 -4.15 2.21
H81 MUB I . 11.79 -5.30 0.66
H82 MUB I . 12.07 -7.03 0.46
H83 MUB I . 13.34 -5.90 -0.02
H3 MUB I . 14.28 -7.23 3.84
H9 MUB I . 17.15 -5.97 4.54
H111 MUB I . 15.98 -3.47 3.25
H112 MUB I . 17.50 -3.41 4.10
H113 MUB I . 16.14 -3.98 4.99
H4 MUB I . 16.21 -6.20 5.86
H5 MUB I . 13.96 -7.49 7.08
H61 MUB I . 15.13 -5.82 8.18
H62 MUB I . 13.42 -5.27 8.21
HO6 MUB I . 15.22 -3.70 7.49
C1 NAG I . 15.25 -8.93 4.67
C2 NAG I . 15.79 -10.35 4.85
C3 NAG I . 15.12 -11.29 3.86
C4 NAG I . 13.60 -11.14 3.93
C5 NAG I . 13.18 -9.67 3.82
C6 NAG I . 11.68 -9.48 4.00
C7 NAG I . 17.82 -10.13 3.50
C8 NAG I . 19.33 -10.14 3.42
N2 NAG I . 17.22 -10.35 4.68
O3 NAG I . 15.49 -12.62 4.19
O4 NAG I . 13.00 -11.87 2.86
O5 NAG I . 13.85 -8.91 4.83
O6 NAG I . 11.27 -9.73 5.34
O7 NAG I . 17.16 -10.04 2.46
H1 NAG I . 15.56 -8.57 3.65
H2 NAG I . 15.73 -10.73 5.83
H3 NAG I . 15.42 -11.08 2.83
H4 NAG I . 13.30 -11.74 4.83
H5 NAG I . 13.39 -9.23 2.84
H61 NAG I . 11.09 -10.15 3.36
H62 NAG I . 11.44 -8.46 3.67
H81 NAG I . 19.62 -10.01 2.39
H82 NAG I . 19.71 -11.08 3.78
H83 NAG I . 19.72 -9.34 4.04
HN2 NAG I . 17.78 -10.44 5.48
HO3 NAG I . 16.43 -12.69 4.10
HO4 NAG I . 13.43 -12.73 2.80
HO6 NAG I . 10.70 -8.98 5.56
C1 MUB J . -11.37 -3.79 -2.83
C2 MUB J . -10.99 -3.51 -1.39
C3 MUB J . -12.05 -4.12 -0.43
C4 MUB J . -13.47 -3.80 -0.96
C5 MUB J . -13.65 -4.47 -2.32
C6 MUB J . -14.37 -3.54 -3.30
C7 MUB J . -9.51 -5.28 -0.70
C8 MUB J . -8.14 -5.75 -0.35
C9 MUB J . -11.75 -2.24 1.05
C10 MUB J . -12.99 -1.44 1.48
C11 MUB J . -10.34 -1.57 0.99
O1 MUB J . -10.26 -4.20 -3.56
O3 MUB J . -11.86 -3.68 0.93
O4 MUB J . -14.44 -4.24 0.01
O5 MUB J . -12.39 -4.85 -2.88
O6 MUB J . -14.75 -2.35 -2.65
O7 MUB J . -10.45 -6.05 -0.62
O10 MUB J . -12.85 -0.54 2.31
N2 MUB J . -9.68 -4.00 -1.04
H1 MUB J . -11.80 -2.90 -3.32
H2 MUB J . -10.89 -2.40 -1.41
HN2 MUB J . -8.89 -3.40 -1.09
H81 MUB J . -7.75 -5.15 0.47
H82 MUB J . -7.49 -5.65 -1.20
H83 MUB J . -8.20 -6.80 -0.07
H3 MUB J . -11.93 -5.17 -0.31
H9 MUB J . -12.19 -2.08 0.07
H111 MUB J . -9.59 -2.08 1.65
H112 MUB J . -10.41 -0.59 1.31
H113 MUB J . -9.99 -1.55 -0.06
H4 MUB J . -13.72 -2.75 -0.82
H5 MUB J . -14.28 -5.27 -2.28
H61 MUB J . -15.34 -4.03 -3.53
H62 MUB J . -13.85 -3.37 -4.29
HO6 MUB J . -15.70 -2.33 -2.46
C1 NAG J . -14.19 -5.54 0.57
C2 NAG J . -15.30 -5.94 1.50
C3 NAG J . -14.93 -7.26 2.14
C4 NAG J . -14.59 -8.31 1.08
C5 NAG J . -13.56 -7.76 0.09
C6 NAG J . -13.29 -8.71 -1.07
C7 NAG J . -14.65 -4.61 3.43
C8 NAG J . -14.97 -3.51 4.42
N2 NAG J . -15.54 -4.92 2.48
O3 NAG J . -16.05 -7.70 2.91
O4 NAG J . -14.05 -9.47 1.71
O5 NAG J . -14.01 -6.52 -0.45
O6 NAG J . -14.44 -8.87 -1.90
O7 NAG J . -13.63 -5.29 3.60
H1 NAG J . -13.23 -5.38 1.14
H2 NAG J . -16.27 -5.98 1.11
H3 NAG J . -14.06 -7.17 2.81
H4 NAG J . -15.58 -8.68 0.71
H5 NAG J . -12.58 -7.60 0.53
H61 NAG J . -13.04 -9.72 -0.71
H62 NAG J . -12.41 -8.35 -1.62
H81 NAG J . -14.14 -3.40 5.11
H82 NAG J . -15.86 -3.77 4.98
H83 NAG J . -15.16 -2.59 3.88
HN2 NAG J . -16.34 -4.36 2.39
HO3 NAG J . -16.23 -7.03 3.55
HO4 NAG J . -14.58 -9.68 2.48
HO6 NAG J . -14.25 -8.32 -2.66
C1 MUB K . 12.87 4.30 8.55
C2 MUB K . 13.92 3.66 7.68
C3 MUB K . 14.36 2.31 8.30
C4 MUB K . 14.78 2.50 9.77
C5 MUB K . 13.64 3.15 10.53
C6 MUB K . 14.10 4.48 11.12
C7 MUB K . 12.47 2.63 6.08
C8 MUB K . 12.03 2.41 4.68
C9 MUB K . 16.55 2.46 7.35
C10 MUB K . 17.85 2.02 8.07
C11 MUB K . 16.57 3.62 6.30
O1 MUB K . 11.73 4.57 7.80
O3 MUB K . 15.37 1.66 7.51
O4 MUB K . 15.19 1.21 10.30
O5 MUB K . 12.52 3.40 9.66
O6 MUB K . 14.87 5.19 10.16
O7 MUB K . 11.84 2.09 7.00
O10 MUB K . 18.84 1.74 7.38
N2 MUB K . 13.48 3.45 6.33
H1 MUB K . 13.21 5.25 8.99
H2 MUB K . 14.66 4.49 7.62
HN2 MUB K . 13.96 3.86 5.55
H81 MUB K . 11.57 1.42 4.60
H82 MUB K . 12.88 2.46 4.03
H83 MUB K . 11.33 3.19 4.42
H3 MUB K . 13.56 1.59 8.30
H9 MUB K . 16.41 2.93 8.31
H111 MUB K . 15.96 3.39 5.39
H112 MUB K . 17.54 3.80 5.99
H113 MUB K . 16.20 4.54 6.77
H4 MUB K . 15.79 2.91 9.85
H5 MUB K . 13.33 2.57 11.35
H61 MUB K . 14.85 4.24 11.89
H62 MUB K . 13.31 5.11 11.61
HO6 MUB K . 15.40 5.91 10.51
C1 NAG K . 14.37 0.11 9.88
C2 NAG K . 14.66 -1.12 10.72
C3 NAG K . 13.84 -2.28 10.21
C4 NAG K . 12.36 -1.89 10.12
C5 NAG K . 12.16 -0.58 9.36
C6 NAG K . 10.73 -0.09 9.39
C7 NAG K . 16.69 -1.93 9.63
C8 NAG K . 18.17 -2.22 9.69
N2 NAG K . 16.07 -1.43 10.71
O3 NAG K . 13.99 -3.37 11.09
O4 NAG K . 11.65 -2.93 9.43
O5 NAG K . 12.98 0.44 9.95
O6 NAG K . 10.32 0.27 10.70
O7 NAG K . 16.05 -2.29 8.63
H1 NAG K . 14.69 -0.06 8.82
H2 NAG K . 14.52 -0.99 11.76
H3 NAG K . 14.15 -2.59 9.19
H4 NAG K . 11.99 -1.99 11.17
H5 NAG K . 12.40 -0.64 8.30
H61 NAG K . 10.02 -0.85 9.04
H62 NAG K . 10.65 0.76 8.69
H81 NAG K . 18.36 -2.98 10.44
H82 NAG K . 18.71 -1.32 9.98
H83 NAG K . 18.51 -2.53 8.72
HN2 NAG K . 16.61 -1.17 11.49
HO3 NAG K . 14.93 -3.55 11.17
HO4 NAG K . 11.90 -3.77 9.79
HO6 NAG K . 10.99 0.88 11.01
C1 MUB L . -12.26 8.39 -6.43
C2 MUB L . -11.18 9.30 -6.91
C3 MUB L . -11.26 10.63 -6.14
C4 MUB L . -12.68 11.24 -6.15
C5 MUB L . -13.66 10.17 -5.62
C6 MUB L . -14.70 9.84 -6.70
C7 MUB L . -9.17 8.88 -5.65
C8 MUB L . -7.80 8.31 -5.54
C9 MUB L . -10.46 12.00 -7.94
C10 MUB L . -10.58 13.50 -8.21
C11 MUB L . -10.33 10.97 -9.12
O1 MUB L . -11.70 7.19 -6.03
O3 MUB L . -10.25 11.56 -6.58
O4 MUB L . -12.68 12.44 -5.35
O5 MUB L . -12.96 8.99 -5.28
O6 MUB L . -14.05 9.60 -7.94
O7 MUB L . -9.72 9.31 -4.63
O10 MUB L . -9.58 14.11 -8.63
N2 MUB L . -9.85 8.74 -6.79
H1 MUB L . -13.05 8.26 -7.22
H2 MUB L . -11.38 9.29 -8.00
HN2 MUB L . -9.39 8.39 -7.60
H81 MUB L . -7.13 8.88 -6.19
H82 MUB L . -7.81 7.29 -5.85
H83 MUB L . -7.48 8.37 -4.51
H3 MUB L . -11.00 10.50 -5.10
H9 MUB L . -11.51 12.13 -7.76
H111 MUB L . -10.13 11.47 -10.09
H112 MUB L . -11.21 10.44 -9.21
H113 MUB L . -9.53 10.25 -8.87
H4 MUB L . -12.91 11.75 -7.08
H5 MUB L . -14.22 10.49 -4.82
H61 MUB L . -15.30 10.76 -6.90
H62 MUB L . -15.40 9.00 -6.44
HO6 MUB L . -14.57 9.81 -8.74
C1 NAG L . -12.00 12.30 -4.09
C2 NAG L . -12.41 13.42 -3.14
C3 NAG L . -11.62 13.30 -1.84
C4 NAG L . -11.75 11.87 -1.28
C5 NAG L . -11.43 10.82 -2.34
C6 NAG L . -11.66 9.40 -1.86
C7 NAG L . -11.00 15.13 -4.18
C8 NAG L . -10.88 16.48 -4.83
N2 NAG L . -12.20 14.70 -3.75
O3 NAG L . -12.15 14.23 -0.92
O4 NAG L . -10.84 11.72 -0.19
O5 NAG L . -12.25 11.03 -3.50
O6 NAG L . -13.04 9.10 -1.67
O7 NAG L . -9.97 14.49 -3.91
H1 NAG L . -10.92 12.40 -4.38
H2 NAG L . -13.43 13.52 -2.94
H3 NAG L . -10.55 13.50 -1.99
H4 NAG L . -12.74 11.86 -0.77
H5 NAG L . -10.40 10.81 -2.66
H61 NAG L . -11.17 9.22 -0.89
H62 NAG L . -11.16 8.71 -2.57
H81 NAG L . -11.56 16.53 -5.66
H82 NAG L . -9.87 16.64 -5.18
H83 NAG L . -11.10 17.25 -4.09
HN2 NAG L . -12.98 15.25 -3.97
HO3 NAG L . -12.03 15.10 -1.29
HO4 NAG L . -10.95 12.46 0.41
HO6 NAG L . -13.16 8.27 -2.14
P 2PO M . 10.89 -3.44 5.09
O1P 2PO M . 9.49 -3.80 5.37
O2P 2PO M . 11.68 -2.75 6.16
O3P 2PO M . 10.93 -2.49 3.81
P 2PO N . 10.56 -3.11 2.40
O1P 2PO N . 11.19 -2.25 1.36
O2P 2PO N . 10.88 -4.61 2.40
O3P 2PO N . 8.98 -2.86 2.35
C1 P1W O . 8.05 -3.92 2.62
C2 P1W O . 7.11 -3.41 3.67
C3 P1W O . 6.37 -4.16 4.52
C4 P1W O . 5.47 -3.46 5.51
C5 P1W O . 6.38 -5.69 4.61
H12 P1W O . 8.58 -4.80 2.99
H11 P1W O . 7.51 -4.18 1.72
H2 P1W O . 7.25 -2.37 3.90
H41 P1W O . 6.08 -2.84 6.16
H42 P1W O . 4.76 -2.84 4.97
H51 P1W O . 6.51 -5.99 5.64
H52 P1W O . 7.20 -6.06 4.02
H53 P1W O . 5.45 -6.08 4.22
C1 P1W P . 4.69 -4.46 6.37
C2 P1W P . 3.36 -3.89 6.81
C3 P1W P . 2.16 -4.42 6.48
C4 P1W P . 0.85 -3.83 6.93
C5 P1W P . 2.01 -5.69 5.65
H12 P1W P . 4.52 -5.35 5.79
H11 P1W P . 5.27 -4.71 7.24
H2 P1W P . 3.42 -2.89 7.20
H41 P1W P . 0.99 -2.79 7.19
H42 P1W P . 0.12 -3.90 6.11
H51 P1W P . 2.44 -6.52 6.18
H52 P1W P . 2.52 -5.57 4.71
H53 P1W P . 0.97 -5.89 5.46
C1 P1W Q . 0.29 -4.57 8.14
C2 P1W Q . -0.34 -5.88 7.73
C3 P1W Q . -1.68 -6.10 7.67
C4 P1W Q . -2.27 -7.44 7.24
C5 P1W Q . -2.72 -5.05 8.04
H12 P1W Q . 1.09 -4.78 8.83
H11 P1W Q . -0.46 -3.96 8.61
H2 P1W Q . 0.35 -6.64 7.45
H43 P1W Q . -1.51 -8.03 6.74
H41 P1W Q . -3.10 -7.28 6.55
H42 P1W Q . -2.63 -7.98 8.10
H51 P1W Q . -3.71 -5.45 7.85
H52 P1W Q . -2.57 -4.18 7.41
H53 P1W Q . -2.63 -4.77 9.07
C1 P1W R . -9.52 -11.07 0.03
C2 P1W R . -9.04 -12.47 0.29
C3 P1W R . -9.05 -13.45 -0.64
C4 P1W R . -8.57 -14.85 -0.36
C5 P1W R . -9.53 -13.24 -2.08
H12 P1W R . -10.27 -10.81 0.76
H11 P1W R . -9.96 -11.02 -0.96
H2 P1W R . -8.95 -12.72 1.34
H41 P1W R . -7.63 -14.82 0.16
H42 P1W R . -8.46 -15.39 -1.29
H51 P1W R . -9.54 -14.19 -2.59
H52 P1W R . -8.84 -12.58 -2.59
H53 P1W R . -10.52 -12.81 -2.09
C1 P1W S . -9.58 -15.62 0.51
C2 P1W S . -9.28 -17.08 0.53
C3 P1W S . -10.06 -18.04 -0.05
C4 P1W S . -9.68 -19.53 -0.01
C5 P1W S . -11.35 -17.74 -0.79
H12 P1W S . -9.54 -15.23 1.52
H11 P1W S . -10.58 -15.46 0.11
H2 P1W S . -8.34 -17.34 0.96
H43 P1W S . -8.63 -19.65 0.22
H41 P1W S . -9.89 -19.98 -0.97
H42 P1W S . -10.27 -20.02 0.75
H51 P1W S . -11.15 -17.04 -1.60
H52 P1W S . -12.05 -17.29 -0.10
H53 P1W S . -11.78 -18.65 -1.20
P 2PO T . -10.33 -4.29 -5.19
O1P 2PO T . -11.52 -3.57 -5.68
O2P 2PO T . -9.01 -3.89 -5.73
O3P 2PO T . -10.52 -5.85 -5.47
P 2PO U . -9.29 -6.85 -5.40
O1P 2PO U . -9.54 -8.00 -6.36
O2P 2PO U . -8.06 -6.05 -5.59
O3P 2PO U . -9.35 -7.32 -3.88
C1 P1W V . -8.29 -8.06 -3.28
C2 P1W V . -8.69 -8.57 -1.91
C3 P1W V . -7.98 -9.52 -1.25
C4 P1W V . -8.36 -10.05 0.12
C5 P1W V . -6.74 -10.15 -1.85
H12 P1W V . -7.43 -7.42 -3.20
H11 P1W V . -8.06 -8.89 -3.92
H2 P1W V . -9.32 -7.90 -1.34
H41 P1W V . -8.67 -9.22 0.75
H42 P1W V . -7.51 -10.54 0.56
H51 P1W V . -6.44 -9.57 -2.72
H52 P1W V . -6.96 -11.16 -2.15
H53 P1W V . -5.95 -10.14 -1.12
P 2PO W . 10.72 5.73 8.32
O1P 2PO W . 10.64 5.67 9.80
O2P 2PO W . 11.07 7.03 7.68
O3P 2PO W . 9.34 5.28 7.71
P 2PO X . 9.01 5.69 6.21
O1P 2PO X . 9.00 7.17 6.14
O2P 2PO X . 9.91 4.89 5.22
O3P 2PO X . 7.48 5.19 6.11
C1 P1W Y . 6.98 4.10 6.92
C2 P1W Y . 6.52 4.72 8.19
C3 P1W Y . 5.50 5.58 8.37
C4 P1W Y . 5.20 6.08 9.75
C5 P1W Y . 4.56 6.12 7.26
H12 P1W Y . 7.78 3.39 7.11
H11 P1W Y . 6.17 3.61 6.41
H2 P1W Y . 6.89 4.20 9.06
H41 P1W Y . 5.78 5.50 10.46
H42 P1W Y . 4.15 5.94 9.96
H51 P1W Y . 5.01 6.99 6.80
H52 P1W Y . 3.61 6.39 7.70
H53 P1W Y . 4.40 5.35 6.52
C1 P1W Z . 5.55 7.56 9.92
C2 P1W Z . 4.51 8.29 10.74
C3 P1W Z . 4.43 9.64 10.85
C4 P1W Z . 3.39 10.34 11.67
C5 P1W Z . 5.38 10.59 10.11
H12 P1W Z . 6.50 7.63 10.39
H11 P1W Z . 5.60 8.02 8.94
H2 P1W Z . 3.97 7.66 11.43
H41 P1W Z . 3.60 11.40 11.71
H42 P1W Z . 3.40 9.94 12.68
H51 P1W Z . 5.45 10.29 9.08
H52 P1W Z . 6.36 10.54 10.57
H53 P1W Z . 5.01 11.60 10.18
C1 P1W AA . 1.99 10.15 11.09
C2 P1W AA . 1.30 11.47 10.90
C3 P1W AA . 0.50 12.06 11.82
C4 P1W AA . -0.16 13.43 11.57
C5 P1W AA . 0.18 11.45 13.18
H12 P1W AA . 2.07 9.66 10.13
H11 P1W AA . 1.41 9.54 11.76
H2 P1W AA . 1.51 11.96 9.96
H43 P1W AA . 0.08 13.79 10.58
H41 P1W AA . 0.17 14.15 12.31
H42 P1W AA . -1.24 13.32 11.65
H51 P1W AA . 1.10 11.36 13.74
H52 P1W AA . -0.25 10.48 13.03
H53 P1W AA . -0.51 12.08 13.72
P 2PO BA . -12.60 6.20 -5.12
O1P 2PO BA . -12.37 6.54 -3.70
O2P 2PO BA . -14.01 6.20 -5.63
O3P 2PO BA . -11.91 4.79 -5.43
P 2PO CA . -10.32 4.67 -5.46
O1P 2PO CA . -9.90 3.79 -6.57
O2P 2PO CA . -9.76 6.03 -5.40
O3P 2PO CA . -9.98 3.94 -4.08
C1 P1W DA . -9.85 4.70 -2.88
C2 P1W DA . -9.49 3.78 -1.75
C3 P1W DA . -10.40 3.04 -1.04
C4 P1W DA . -9.96 2.16 0.10
C5 P1W DA . -11.90 2.95 -1.37
H12 P1W DA . -10.79 5.18 -2.66
H11 P1W DA . -9.07 5.43 -3.02
H2 P1W DA . -8.54 3.32 -1.94
H41 P1W DA . -8.99 2.50 0.46
H42 P1W DA . -9.88 1.15 -0.25
H51 P1W DA . -12.48 3.21 -0.49
H52 P1W DA . -12.12 1.93 -1.67
H53 P1W DA . -12.14 3.63 -2.18
C1 P1W EA . -10.95 2.20 1.28
C2 P1W EA . -11.12 3.60 1.86
C3 P1W EA . -12.19 3.97 2.62
C4 P1W EA . -12.34 5.36 3.20
C5 P1W EA . -13.33 3.03 3.00
H12 P1W EA . -11.90 1.84 0.93
H11 P1W EA . -10.58 1.54 2.06
H2 P1W EA . -10.47 4.34 1.43
H41 P1W EA . -11.42 5.68 3.66
H42 P1W EA . -13.13 5.35 3.93
H51 P1W EA . -13.76 3.36 3.93
H52 P1W EA . -12.94 2.03 3.11
H53 P1W EA . -14.08 3.04 2.23
C1 P1W FA . -12.72 6.38 2.11
C2 P1W FA . -14.07 6.09 1.53
C3 P1W FA . -15.24 6.59 2.01
C4 P1W FA . -16.60 6.26 1.36
C5 P1W FA . -15.33 7.51 3.22
H12 P1W FA . -12.71 7.37 2.55
H11 P1W FA . -11.98 6.33 1.32
H2 P1W FA . -14.06 5.45 0.67
H43 P1W FA . -17.06 5.43 1.88
H41 P1W FA . -16.45 5.99 0.33
H42 P1W FA . -17.23 7.12 1.43
H51 P1W FA . -16.37 7.73 3.42
H52 P1W FA . -14.80 8.43 3.00
H53 P1W FA . -14.88 7.03 4.09
N ZAE A 1 -6.46 -14.35 -6.89
CA ZAE A 1 -7.15 -14.10 -5.57
C ZAE A 1 -6.65 -12.80 -4.93
O ZAE A 1 -7.11 -11.71 -5.25
CB ZAE A 1 -8.67 -14.03 -5.73
CG ZAE A 1 -9.40 -14.11 -4.41
CD1 ZAE A 1 -9.32 -15.24 -3.61
CD2 ZAE A 1 -10.22 -13.07 -3.99
CE1 ZAE A 1 -9.98 -15.31 -2.40
CE2 ZAE A 1 -10.89 -13.13 -2.78
CZ ZAE A 1 -10.80 -14.27 -2.00
C10 ZAE A 1 -6.78 -15.68 -7.43
H1 ZAE A 1 -5.43 -14.29 -6.78
HA ZAE A 1 -6.90 -14.92 -4.91
HB2 ZAE A 1 -8.93 -13.11 -6.20
HB3 ZAE A 1 -8.99 -14.86 -6.34
HD1 ZAE A 1 -8.69 -16.06 -3.93
HD2 ZAE A 1 -10.30 -12.17 -4.59
HE1 ZAE A 1 -9.91 -16.20 -1.79
HE2 ZAE A 1 -11.52 -12.31 -2.46
HZ ZAE A 1 -11.33 -14.33 -1.05
H11 ZAE A 1 -6.24 -15.85 -8.34
H12 ZAE A 1 -7.85 -15.74 -7.63
H13 ZAE A 1 -6.52 -16.44 -6.70
N ILE A 2 -5.68 -12.94 -4.03
CA ILE A 2 -5.13 -11.79 -3.34
C ILE A 2 -3.61 -11.79 -3.52
N SER A 3 -3.06 -10.61 -3.81
CA SER A 3 -1.61 -10.42 -3.95
C SER A 3 -1.20 -9.01 -3.57
N DAR A 4 0.09 -8.77 -3.63
CA DAR A 4 0.65 -7.48 -3.28
CB DAR A 4 1.47 -6.95 -4.44
CG DAR A 4 0.66 -6.78 -5.69
CD DAR A 4 0.25 -5.33 -5.90
NE DAR A 4 -0.74 -4.90 -4.91
CZ DAR A 4 -1.28 -3.68 -4.89
NH1 DAR A 4 -2.19 -3.37 -3.98
NH2 DAR A 4 -0.89 -2.76 -5.76
C DAR A 4 1.51 -7.60 -2.03
O DAR A 4 2.52 -8.32 -2.04
H DAR A 4 0.69 -9.47 -3.95
HA DAR A 4 -0.16 -6.81 -3.08
HB2 DAR A 4 2.28 -7.64 -4.64
HB3 DAR A 4 1.89 -6.00 -4.15
HG2 DAR A 4 -0.23 -7.39 -5.62
HG3 DAR A 4 1.24 -7.10 -6.55
HD2 DAR A 4 -0.19 -5.23 -6.88
HD3 DAR A 4 1.12 -4.71 -5.82
HE DAR A 4 -1.02 -5.55 -4.23
HH11 DAR A 4 -2.62 -2.42 -3.96
HH12 DAR A 4 -2.48 -4.07 -3.27
HH21 DAR A 4 -1.32 -1.82 -5.76
HH22 DAR A 4 -0.14 -2.99 -6.46
N 28J A 5 1.10 -6.91 -0.97
CA 28J A 5 1.85 -6.95 0.27
CB 28J A 5 0.96 -7.47 1.44
CG2 28J A 5 -0.45 -7.77 0.92
CG1 28J A 5 1.51 -8.73 2.08
CD1 28J A 5 0.79 -9.10 3.36
C 28J A 5 2.44 -5.57 0.60
O 28J A 5 1.98 -4.53 0.11
HA 28J A 5 2.67 -7.65 0.15
H22 28J A 5 0.88 -6.69 2.18
H23 28J A 5 -0.39 -8.55 0.18
H24 28J A 5 -0.87 -6.87 0.48
H25 28J A 5 -1.06 -8.09 1.75
H26 28J A 5 2.56 -8.60 2.32
H27 28J A 5 1.40 -9.56 1.39
H28 28J A 5 -0.28 -9.12 3.16
H29 28J A 5 0.99 -8.35 4.11
H30 28J A 5 1.11 -10.07 3.71
N ILE A 6 3.51 -5.58 1.40
CA ILE A 6 4.18 -4.35 1.84
C ILE A 6 5.63 -4.23 1.29
N SER A 7 5.97 -3.07 0.68
CA SER A 7 7.33 -2.84 0.15
C SER A 7 7.65 -1.35 0.07
N DTH A 8 8.94 -1.06 -0.10
CA DTH A 8 9.41 0.33 -0.19
CB DTH A 8 10.03 0.68 -1.56
CG2 DTH A 8 9.00 0.46 -2.64
OG1 DTH A 8 11.18 -0.10 -1.81
C DTH A 8 10.54 0.65 0.81
O DTH A 8 10.71 1.82 1.18
H DTH A 8 9.60 -1.80 -0.19
HA DTH A 8 8.57 0.98 -0.01
HB DTH A 8 10.35 1.74 -1.57
HG21 DTH A 8 8.15 1.11 -2.45
HG22 DTH A 8 8.68 -0.57 -2.63
HG23 DTH A 8 9.43 0.70 -3.60
N ALA A 9 11.33 -0.35 1.17
CA ALA A 9 12.48 -0.17 2.04
C ALA A 9 13.74 -0.19 1.18
N LEU A 10 14.17 -1.38 0.74
CA LEU A 10 15.35 -1.49 -0.12
C LEU A 10 15.00 -1.06 -1.52
N ILE A 11 13.70 -0.97 -1.75
CA ILE A 11 13.23 -0.54 -3.06
C ILE A 11 12.01 0.34 -2.89
N ZAE B 1 8.45 5.21 2.14
CA ZAE B 1 8.11 4.49 3.40
C ZAE B 1 7.61 3.08 3.09
O ZAE B 1 8.39 2.16 2.83
CB ZAE B 1 9.32 4.43 4.33
CG ZAE B 1 9.01 3.79 5.67
CD1 ZAE B 1 7.86 4.12 6.37
CD2 ZAE B 1 9.96 3.01 6.32
CE1 ZAE B 1 7.57 3.54 7.59
CE2 ZAE B 1 9.67 2.42 7.54
CZ ZAE B 1 8.53 2.77 8.22
C10 ZAE B 1 9.37 4.44 1.30
H1 ZAE B 1 8.90 6.11 2.36
HA ZAE B 1 7.32 5.03 3.89
HB2 ZAE B 1 10.11 3.86 3.86
HB3 ZAE B 1 9.67 5.43 4.51
HD1 ZAE B 1 7.11 4.73 5.87
HD2 ZAE B 1 10.87 2.74 5.80
HE1 ZAE B 1 6.65 3.81 8.11
HE2 ZAE B 1 10.42 1.80 8.02
HZ ZAE B 1 8.31 2.34 9.19
H11 ZAE B 1 9.51 4.94 0.36
H12 ZAE B 1 8.96 3.45 1.13
H13 ZAE B 1 10.32 4.34 1.80
N ILE B 2 6.31 2.92 3.10
CA ILE B 2 5.71 1.65 2.81
C ILE B 2 4.68 1.83 1.70
N SER B 3 4.60 0.82 0.84
CA SER B 3 3.65 0.80 -0.25
C SER B 3 3.26 -0.62 -0.59
N DAR B 4 2.19 -0.71 -1.33
CA DAR B 4 1.70 -2.00 -1.75
CB DAR B 4 2.00 -2.24 -3.22
CG DAR B 4 3.49 -2.25 -3.57
CD DAR B 4 4.02 -3.65 -3.76
NE DAR B 4 4.25 -4.34 -2.49
CZ DAR B 4 4.67 -5.61 -2.39
NH1 DAR B 4 4.83 -6.35 -3.48
NH2 DAR B 4 4.88 -6.14 -1.19
C DAR B 4 0.22 -2.06 -1.49
O DAR B 4 -0.46 -1.04 -1.64
H DAR B 4 1.71 0.10 -1.59
HA DAR B 4 2.20 -2.75 -1.16
HB2 DAR B 4 1.52 -1.45 -3.80
HB3 DAR B 4 1.57 -3.19 -3.51
HG2 DAR B 4 4.03 -1.77 -2.78
HG3 DAR B 4 3.63 -1.69 -4.49
HD2 DAR B 4 4.95 -3.60 -4.30
HD3 DAR B 4 3.31 -4.23 -4.34
HE DAR B 4 4.09 -3.82 -1.67
HH11 DAR B 4 5.16 -7.34 -3.39
HH12 DAR B 4 4.64 -5.95 -4.41
HH21 DAR B 4 5.20 -7.14 -1.11
HH22 DAR B 4 4.74 -5.58 -0.33
N 28J B 5 -0.26 -3.24 -1.07
CA 28J B 5 -1.67 -3.43 -0.79
CB 28J B 5 -1.99 -3.18 0.72
CG2 28J B 5 -1.00 -3.92 1.61
CG1 28J B 5 -1.93 -1.68 1.03
CD1 28J B 5 -2.31 -1.34 2.46
C 28J B 5 -2.15 -4.84 -1.18
O 28J B 5 -1.34 -5.76 -1.40
HA 28J B 5 -2.22 -2.70 -1.37
H22 28J B 5 -2.98 -3.54 0.92
H23 28J B 5 -1.19 -3.66 2.65
H24 28J B 5 0.01 -3.66 1.36
H25 28J B 5 -1.15 -4.99 1.48
H26 28J B 5 -2.60 -1.15 0.37
H27 28J B 5 -0.93 -1.31 0.87
H28 28J B 5 -2.07 -0.30 2.66
H29 28J B 5 -1.76 -1.97 3.13
H30 28J B 5 -3.37 -1.49 2.60
N ILE B 6 -3.46 -4.97 -1.34
CA ILE B 6 -4.09 -6.27 -1.65
C ILE B 6 -4.86 -6.25 -2.98
N SER B 7 -4.42 -7.05 -3.96
CA SER B 7 -5.08 -7.12 -5.26
C SER B 7 -4.73 -8.39 -5.99
N DTH B 8 -5.63 -8.83 -6.88
CA DTH B 8 -5.41 -10.04 -7.67
CB DTH B 8 -4.76 -9.76 -9.04
CG2 DTH B 8 -3.49 -9.00 -8.81
OG1 DTH B 8 -5.64 -9.01 -9.88
C DTH B 8 -6.73 -10.80 -8.02
O DTH B 8 -6.62 -11.98 -8.32
H DTH B 8 -6.48 -8.33 -7.00
HA DTH B 8 -4.81 -10.74 -7.11
HB DTH B 8 -4.55 -10.70 -9.55
HG21 DTH B 8 -2.81 -9.60 -8.23
HG22 DTH B 8 -3.70 -8.08 -8.27
HG23 DTH B 8 -3.04 -8.76 -9.77
N ALA B 9 -7.85 -10.12 -8.00
CA ALA B 9 -9.06 -10.59 -8.43
C ALA B 9 -9.13 -10.30 -9.93
N LEU B 10 -9.65 -9.12 -10.28
CA LEU B 10 -9.79 -8.63 -11.66
C LEU B 10 -8.47 -8.45 -12.36
N ILE B 11 -7.49 -8.18 -11.56
CA ILE B 11 -6.14 -7.94 -12.05
C ILE B 11 -5.16 -8.73 -11.20
N ZAE C 1 -7.34 -4.07 -5.07
CA ZAE C 1 -7.95 -3.92 -3.71
C ZAE C 1 -7.52 -2.62 -3.05
O ZAE C 1 -7.98 -1.54 -3.43
CB ZAE C 1 -9.46 -3.98 -3.80
CG ZAE C 1 -10.16 -4.37 -2.53
CD1 ZAE C 1 -10.43 -5.70 -2.23
CD2 ZAE C 1 -10.56 -3.38 -1.63
CE1 ZAE C 1 -11.10 -6.05 -1.06
CE2 ZAE C 1 -11.23 -3.72 -0.47
CZ ZAE C 1 -11.49 -5.04 -0.18
C10 ZAE C 1 -6.99 -2.77 -5.66
H1 ZAE C 1 -8.01 -4.53 -5.71
HA ZAE C 1 -7.60 -4.75 -3.11
HB2 ZAE C 1 -9.84 -3.02 -4.09
HB3 ZAE C 1 -9.73 -4.70 -4.54
HD1 ZAE C 1 -10.11 -6.48 -2.90
HD2 ZAE C 1 -10.34 -2.35 -1.85
HE1 ZAE C 1 -11.32 -7.08 -0.83
HE2 ZAE C 1 -11.54 -2.95 0.21
HZ ZAE C 1 -12.03 -5.30 0.73
H11 ZAE C 1 -6.57 -2.91 -6.63
H12 ZAE C 1 -6.26 -2.28 -5.02
H13 ZAE C 1 -7.88 -2.15 -5.72
N ILE C 2 -6.64 -2.72 -2.08
CA ILE C 2 -6.14 -1.56 -1.38
C ILE C 2 -4.68 -1.39 -1.71
N SER C 3 -4.29 -0.12 -1.89
CA SER C 3 -2.91 0.22 -2.15
C SER C 3 -2.60 1.60 -1.61
N DAR C 4 -1.33 1.90 -1.66
CA DAR C 4 -0.86 3.16 -1.17
CB DAR C 4 -0.38 4.05 -2.30
CG DAR C 4 -1.27 4.01 -3.54
CD DAR C 4 -2.18 5.24 -3.64
NE DAR C 4 -3.01 5.41 -2.45
CZ DAR C 4 -3.53 6.58 -2.07
NH1 DAR C 4 -3.28 7.68 -2.76
NH2 DAR C 4 -4.29 6.64 -0.98
C DAR C 4 0.24 2.91 -0.19
O DAR C 4 1.00 1.95 -0.36
H DAR C 4 -0.69 1.24 -2.02
HA DAR C 4 -1.68 3.64 -0.66
HB2 DAR C 4 0.61 3.73 -2.59
HB3 DAR C 4 -0.33 5.07 -1.95
HG2 DAR C 4 -1.90 3.13 -3.49
HG3 DAR C 4 -0.65 3.97 -4.41
HD2 DAR C 4 -2.82 5.13 -4.50
HD3 DAR C 4 -1.55 6.11 -3.76
HE DAR C 4 -3.19 4.62 -1.90
HH11 DAR C 4 -3.70 8.59 -2.47
HH12 DAR C 4 -2.67 7.65 -3.60
HH21 DAR C 4 -4.70 7.55 -0.68
HH22 DAR C 4 -4.46 5.78 -0.42
N 28J C 5 0.31 3.76 0.84
CA 28J C 5 1.32 3.65 1.86
CB 28J C 5 0.85 2.79 3.06
CG2 28J C 5 -0.53 3.21 3.53
CG1 28J C 5 0.86 1.29 2.70
CD1 28J C 5 0.56 0.38 3.87
C 28J C 5 1.71 5.02 2.37
O 28J C 5 1.12 6.04 2.01
HA 28J C 5 2.19 3.18 1.42
H22 28J C 5 1.54 2.95 3.88
H23 28J C 5 -0.74 2.76 4.49
H24 28J C 5 -1.27 2.89 2.81
H25 28J C 5 -0.57 4.28 3.63
H26 28J C 5 1.84 1.03 2.32
H27 28J C 5 0.12 1.11 1.94
H28 28J C 5 0.59 -0.65 3.55
H29 28J C 5 -0.42 0.60 4.26
H30 28J C 5 1.30 0.53 4.65
N ILE C 6 2.77 5.06 3.15
CA ILE C 6 3.18 6.31 3.80
C ILE C 6 4.61 6.74 3.45
N SER C 7 4.77 7.95 2.86
CA SER C 7 6.11 8.42 2.45
C SER C 7 6.22 9.92 2.19
N DTH C 8 7.48 10.40 2.18
CA DTH C 8 7.81 11.79 1.85
CB DTH C 8 8.21 12.05 0.36
CG2 DTH C 8 7.04 11.73 -0.55
OG1 DTH C 8 9.36 11.27 0.03
C DTH C 8 9.13 12.22 2.58
O DTH C 8 9.68 13.26 2.24
H DTH C 8 8.20 9.82 2.54
HA DTH C 8 6.98 12.42 2.11
HB DTH C 8 8.49 13.10 0.23
HG21 DTH C 8 6.22 12.38 -0.31
HG22 DTH C 8 6.74 10.70 -0.40
HG23 DTH C 8 7.35 11.88 -1.57
N ALA C 9 9.72 11.26 3.29
CA ALA C 9 11.03 11.41 3.88
C ALA C 9 12.12 11.12 2.88
N LEU C 10 12.13 9.89 2.51
CA LEU C 10 13.13 9.37 1.57
C LEU C 10 12.89 9.90 0.17
N ILE C 11 11.63 10.22 -0.10
CA ILE C 11 11.21 10.69 -1.42
C ILE C 11 9.96 11.53 -1.24
N ZAE D 1 5.87 17.04 4.20
CA ZAE D 1 6.63 15.91 4.82
C ZAE D 1 6.12 14.55 4.30
O ZAE D 1 6.42 14.16 3.17
CB ZAE D 1 8.14 16.04 4.56
CG ZAE D 1 8.99 15.73 5.77
CD1 ZAE D 1 8.60 16.15 7.03
CD2 ZAE D 1 10.17 15.02 5.64
CE1 ZAE D 1 9.40 15.88 8.14
CE2 ZAE D 1 10.96 14.74 6.74
CZ ZAE D 1 10.57 15.17 7.99
C10 ZAE D 1 6.17 17.17 2.76
H1 ZAE D 1 6.13 17.94 4.66
HA ZAE D 1 6.47 15.94 5.89
HB2 ZAE D 1 8.42 15.35 3.77
HB3 ZAE D 1 8.35 17.04 4.24
HD1 ZAE D 1 7.68 16.70 7.16
HD2 ZAE D 1 10.48 14.68 4.65
HE1 ZAE D 1 9.09 16.21 9.12
HE2 ZAE D 1 11.88 14.20 6.61
HZ ZAE D 1 11.19 14.96 8.84
H11 ZAE D 1 5.55 17.94 2.32
H12 ZAE D 1 5.97 16.23 2.27
H13 ZAE D 1 7.21 17.42 2.63
N ILE D 2 5.35 13.86 5.12
CA ILE D 2 4.81 12.56 4.76
C ILE D 2 3.44 12.78 4.10
N SER D 3 3.15 11.96 3.09
CA SER D 3 1.86 12.01 2.40
C SER D 3 1.49 10.64 1.83
N DAR D 4 0.27 10.55 1.35
CA DAR D 4 -0.23 9.32 0.81
CB DAR D 4 -0.73 9.53 -0.60
CG DAR D 4 0.30 10.25 -1.47
CD DAR D 4 1.28 9.27 -2.10
NE DAR D 4 2.06 8.56 -1.08
CZ DAR D 4 2.70 7.42 -1.32
NH1 DAR D 4 3.41 6.84 -0.36
NH2 DAR D 4 2.62 6.84 -2.51
C DAR D 4 -1.35 8.77 1.67
O DAR D 4 -2.37 9.44 1.88
H DAR D 4 -0.30 11.34 1.33
HA DAR D 4 0.58 8.61 0.80
HB2 DAR D 4 -1.62 10.14 -0.57
HB3 DAR D 4 -0.95 8.58 -1.05
HG2 DAR D 4 0.84 10.95 -0.86
HG3 DAR D 4 -0.22 10.78 -2.25
HD2 DAR D 4 1.95 9.82 -2.74
HD3 DAR D 4 0.73 8.55 -2.68
HE DAR D 4 2.12 8.97 -0.19
HH11 DAR D 4 3.93 5.96 -0.54
HH12 DAR D 4 3.47 7.28 0.58
HH21 DAR D 4 3.14 5.95 -2.71
HH22 DAR D 4 2.04 7.27 -3.26
N 28J D 5 -1.15 7.57 2.19
CA 28J D 5 -2.16 6.93 3.00
CB 28J D 5 -1.69 6.70 4.47
CG2 28J D 5 -0.48 7.57 4.78
CG1 28J D 5 -2.82 7.03 5.48
CD1 28J D 5 -2.43 6.78 6.92
C 28J D 5 -2.57 5.60 2.37
O 28J D 5 -2.03 5.17 1.35
HA 28J D 5 -3.03 7.58 3.02
H22 28J D 5 -1.40 5.67 4.59
H23 28J D 5 -0.08 7.31 5.74
H24 28J D 5 -0.77 8.61 4.78
H25 28J D 5 0.28 7.41 4.02
H26 28J D 5 -3.68 6.42 5.25
H27 28J D 5 -3.07 8.07 5.38
H28 28J D 5 -3.31 6.87 7.55
H29 28J D 5 -1.70 7.52 7.24
H30 28J D 5 -2.02 5.79 7.03
N ILE D 6 -3.60 5.02 2.93
CA ILE D 6 -4.09 3.72 2.51
C ILE D 6 -5.52 3.78 1.90
N SER D 7 -5.65 3.40 0.60
CA SER D 7 -6.96 3.42 -0.10
C SER D 7 -7.03 2.41 -1.26
N DTH D 8 -8.27 2.00 -1.55
CA DTH D 8 -8.58 1.10 -2.68
CB DTH D 8 -8.98 1.78 -4.03
CG2 DTH D 8 -7.87 2.68 -4.51
OG1 DTH D 8 -10.20 2.50 -3.86
C DTH D 8 -9.89 0.29 -2.38
O DTH D 8 -10.44 -0.20 -3.36
H DTH D 8 -8.99 2.21 -0.93
HA DTH D 8 -7.74 0.45 -2.84
HB DTH D 8 -9.18 1.00 -4.78
HG21 DTH D 8 -8.16 3.12 -5.45
HG22 DTH D 8 -6.96 2.10 -4.65
HG23 DTH D 8 -7.69 3.45 -3.78
N ALA D 9 -10.44 0.41 -1.18
CA ALA D 9 -11.71 -0.16 -0.82
C ALA D 9 -12.84 0.57 -1.49
N LEU D 10 -12.99 1.76 -1.04
CA LEU D 10 -14.05 2.66 -1.52
C LEU D 10 -13.84 3.07 -2.97
N ILE D 11 -12.57 3.16 -3.34
CA ILE D 11 -12.18 3.61 -4.69
C ILE D 11 -10.87 2.93 -5.05
N ALA E 1 9.49 -7.94 8.45
CA ALA E 1 8.47 -8.69 9.22
C ALA E 1 7.67 -9.61 8.30
N DGL E 2 6.76 -8.99 7.48
CA DGL E 2 6.16 -9.95 6.51
C DGL E 2 7.08 -11.02 5.79
O DGL E 2 8.05 -10.59 5.09
CB DGL E 2 5.30 -10.90 7.15
CG DGL E 2 3.75 -10.46 7.36
CD DGL E 2 3.61 -9.15 8.15
OE1 DGL E 2 3.76 -9.12 9.36
H DGL E 2 6.71 -8.01 7.41
HA DGL E 2 5.75 -9.20 5.83
HB2 DGL E 2 5.76 -11.10 8.12
HB3 DGL E 2 5.40 -11.74 6.53
HG2 DGL E 2 3.25 -11.24 7.92
HG3 DGL E 2 3.20 -10.35 6.40
N LYS E 3 3.38 -8.04 7.46
CA LYS E 3 3.20 -6.73 8.04
C LYS E 3 4.47 -6.17 8.76
N DAL E 4 4.10 -5.67 10.03
CA DAL E 4 5.01 -5.11 11.19
CB DAL E 4 4.80 -5.86 12.73
C DAL E 4 4.89 -3.47 10.83
O DAL E 4 4.31 -2.71 11.58
H DAL E 4 3.13 -5.65 10.18
HA DAL E 4 6.07 -5.37 11.27
HB1 DAL E 4 5.56 -5.48 13.40
HB2 DAL E 4 4.95 -6.96 12.65
HB3 DAL E 4 3.76 -5.67 13.24
N DAL E 5 5.51 -3.07 9.67
CA DAL E 5 5.55 -1.60 9.09
CB DAL E 5 4.05 -1.63 8.66
C DAL E 5 6.62 -1.82 7.90
O DAL E 5 7.04 -3.10 7.68
OXT DAL E 5 7.20 -0.87 7.40
H DAL E 5 5.95 -3.78 9.11
HA DAL E 5 5.83 -0.69 9.63
HB1 DAL E 5 3.52 -2.01 9.44
HB2 DAL E 5 4.02 -2.31 7.76
HB3 DAL E 5 3.71 -0.66 8.34
N ALA F 1 -18.41 -8.67 -5.70
CA ALA F 1 -19.53 -7.95 -5.07
C ALA F 1 -19.76 -6.63 -5.80
N DGL F 2 -20.26 -5.61 -5.04
CA DGL F 2 -20.28 -4.34 -5.78
C DGL F 2 -19.35 -4.12 -7.03
O DGL F 2 -19.87 -3.80 -8.15
CB DGL F 2 -21.53 -4.19 -6.49
CG DGL F 2 -22.20 -5.53 -7.17
CD DGL F 2 -22.70 -5.26 -8.61
OE1 DGL F 2 -23.75 -5.76 -8.99
H DGL F 2 -20.33 -5.69 -4.06
HA DGL F 2 -20.01 -3.70 -4.95
HB2 DGL F 2 -21.33 -3.46 -7.28
HB3 DGL F 2 -22.15 -3.75 -5.78
HG2 DGL F 2 -23.03 -5.83 -6.57
HG3 DGL F 2 -21.49 -6.40 -7.20
N LYS F 3 -21.99 -4.45 -9.38
CA LYS F 3 -22.32 -4.12 -10.75
C LYS F 3 -23.75 -3.55 -10.98
N DAL F 4 -23.90 -2.36 -10.26
CA DAL F 4 -25.10 -1.31 -10.26
CB DAL F 4 -26.67 -1.88 -9.90
C DAL F 4 -24.65 -0.42 -11.63
O DAL F 4 -24.98 -0.77 -12.73
H DAL F 4 -23.16 -2.16 -9.65
HA DAL F 4 -25.25 -0.66 -9.41
HB1 DAL F 4 -26.98 -2.56 -10.68
HB2 DAL F 4 -27.40 -1.05 -9.88
HB3 DAL F 4 -26.76 -2.46 -8.88
N DAL F 5 -23.96 0.72 -11.40
CA DAL F 5 -23.42 1.75 -12.43
CB DAL F 5 -24.86 2.18 -12.83
C DAL F 5 -22.71 0.71 -13.44
O DAL F 5 -22.84 0.83 -14.64
OXT DAL F 5 -21.79 -0.11 -12.89
H DAL F 5 -23.70 0.92 -10.46
HA DAL F 5 -22.75 2.59 -12.25
HB1 DAL F 5 -25.19 1.54 -13.54
HB2 DAL F 5 -24.76 3.23 -13.21
HB3 DAL F 5 -25.51 2.20 -11.97
N ALA G 1 11.91 13.94 12.30
CA ALA G 1 11.47 14.47 13.60
C ALA G 1 9.95 14.68 13.60
N DGL G 2 9.51 15.98 13.48
CA DGL G 2 8.05 16.06 13.31
C DGL G 2 7.25 14.84 12.70
O DGL G 2 6.36 14.27 13.40
CB DGL G 2 7.38 16.04 14.59
CG DGL G 2 8.27 15.60 15.88
CD DGL G 2 7.75 14.32 16.54
OE1 DGL G 2 7.98 14.08 17.72
H DGL G 2 10.15 16.70 13.25
HA DGL G 2 8.03 16.95 12.68
HB2 DGL G 2 6.54 15.36 14.46
HB3 DGL G 2 7.01 17.02 14.67
HG2 DGL G 2 8.23 16.40 16.61
HG3 DGL G 2 9.34 15.45 15.62
N LYS G 3 7.00 13.50 15.80
CA LYS G 3 6.44 12.25 16.28
C LYS G 3 5.38 12.39 17.40
N DAL G 4 4.34 13.22 16.96
CA DAL G 4 2.97 13.58 17.65
CB DAL G 4 3.07 14.09 19.29
C DAL G 4 2.06 12.32 17.02
O DAL G 4 2.26 11.17 17.39
H DAL G 4 4.51 13.64 16.09
HA DAL G 4 2.45 14.52 17.45
HB1 DAL G 4 3.48 13.29 19.87
HB2 DAL G 4 2.06 14.32 19.70
HB3 DAL G 4 3.74 15.05 19.48
N DAL G 5 1.06 12.67 16.14
CA DAL G 5 0.10 11.66 15.45
CB DAL G 5 -0.65 11.15 16.70
C DAL G 5 1.09 10.58 14.73
O DAL G 5 1.92 11.06 13.99
OXT DAL G 5 1.07 9.28 15.09
H DAL G 5 0.97 13.64 15.88
HA DAL G 5 -0.61 11.98 14.67
HB1 DAL G 5 0.12 10.97 17.37
HB2 DAL G 5 -1.14 10.20 16.40
HB3 DAL G 5 -1.36 11.82 17.07
N ALA H 1 -18.42 1.26 5.60
CA ALA H 1 -19.14 0.30 6.44
C ALA H 1 -18.94 0.63 7.90
N DGL H 2 -19.17 -0.40 8.80
CA DGL H 2 -18.80 0.01 10.17
C DGL H 2 -17.47 0.87 10.38
O DGL H 2 -16.39 0.49 9.86
CB DGL H 2 -19.67 0.96 10.75
CG DGL H 2 -21.15 1.12 10.06
CD DGL H 2 -21.70 2.54 10.22
OE1 DGL H 2 -22.85 2.72 10.64
H DGL H 2 -19.34 -1.30 8.48
HA DGL H 2 -18.76 -1.01 10.57
HB2 DGL H 2 -19.15 1.92 10.71
HB3 DGL H 2 -19.72 0.64 11.76
HG2 DGL H 2 -21.82 0.43 10.54
HG3 DGL H 2 -21.13 0.88 8.97
N LYS H 3 -20.89 3.55 9.96
CA LYS H 3 -21.26 4.94 10.02
C LYS H 3 -21.35 5.54 11.45
N DAL H 4 -20.40 4.94 12.28
CA DAL H 4 -19.99 5.29 13.76
CB DAL H 4 -21.14 4.86 14.98
C DAL H 4 -19.36 6.83 13.45
O DAL H 4 -20.09 7.79 13.32
H DAL H 4 -19.93 4.19 11.87
HA DAL H 4 -19.25 4.71 14.32
HB1 DAL H 4 -22.05 5.38 14.80
HB2 DAL H 4 -20.77 5.15 15.98
HB3 DAL H 4 -21.39 3.70 15.02
N DAL H 5 -17.98 6.90 13.42
CA DAL H 5 -17.18 8.22 13.17
CB DAL H 5 -17.67 9.01 14.42
C DAL H 5 -17.74 8.75 11.74
O DAL H 5 -18.78 9.61 11.68
OXT DAL H 5 -17.29 8.19 10.76
H DAL H 5 -17.46 6.07 13.54
HA DAL H 5 -16.10 8.22 13.09
HB1 DAL H 5 -18.69 8.95 14.35
HB2 DAL H 5 -17.33 10.06 14.26
HB3 DAL H 5 -17.28 8.64 15.32
C1 MUB I . 10.27 -5.11 4.17
C2 MUB I . 11.24 -5.23 5.34
C3 MUB I . 11.37 -6.73 5.69
C4 MUB I . 10.01 -7.45 5.55
C5 MUB I . 9.55 -7.39 4.09
C6 MUB I . 8.06 -7.11 4.00
C7 MUB I . 13.52 -5.37 4.61
C8 MUB I . 14.84 -4.71 4.39
C9 MUB I . 11.24 -6.21 8.05
C10 MUB I . 10.29 -6.98 8.98
C11 MUB I . 11.64 -4.70 8.34
O1 MUB I . 10.61 -4.02 3.34
O3 MUB I . 11.97 -6.92 7.02
O4 MUB I . 10.12 -8.82 6.02
O5 MUB I . 10.24 -6.32 3.39
O6 MUB I . 7.30 -8.28 4.28
O7 MUB I . 13.35 -6.51 4.24
O10 MUB I . 10.29 -6.75 10.19
N2 MUB I . 12.55 -4.62 5.10
H1 MUB I . 9.24 -4.91 4.50
H2 MUB I . 10.79 -4.56 6.09
HN2 MUB I . 12.74 -3.69 5.39
H81 MUB I . 15.23 -4.37 5.35
H82 MUB I . 14.73 -3.87 3.74
H83 MUB I . 15.51 -5.43 3.93
H3 MUB I . 12.12 -7.22 5.10
H9 MUB I . 10.34 -6.16 7.40
H111 MUB I . 10.79 -4.10 8.75
H112 MUB I . 11.93 -4.26 7.44
H113 MUB I . 12.49 -4.70 9.01
H4 MUB I . 9.32 -7.18 6.34
H5 MUB I . 9.71 -8.24 3.58
H61 MUB I . 7.83 -6.90 2.92
H62 MUB I . 7.72 -6.21 4.59
HO6 MUB I . 7.85 -9.04 4.55
C1 NAG I . 11.27 -9.54 5.56
C2 NAG I . 11.14 -10.99 5.93
C3 NAG I . 12.34 -11.76 5.45
C4 NAG I . 12.59 -11.49 3.96
C5 NAG I . 12.59 -9.99 3.67
C6 NAG I . 12.73 -9.67 2.17
C7 NAG I . 11.88 -10.67 8.24
C8 NAG I . 11.60 -10.84 9.72
N2 NAG I . 10.97 -11.13 7.37
O3 NAG I . 12.10 -13.14 5.67
O4 NAG I . 13.84 -12.04 3.57
O5 NAG I . 11.39 -9.38 4.14
O6 NAG I . 12.94 -8.29 1.94
O7 NAG I . 12.98 -10.24 7.90
H1 NAG I . 12.12 -9.01 6.09
H2 NAG I . 10.20 -11.52 5.65
H3 NAG I . 13.29 -11.49 5.99
H4 NAG I . 11.88 -12.17 3.43
H5 NAG I . 13.45 -9.47 4.11
H61 NAG I . 11.82 -9.94 1.63
H62 NAG I . 13.51 -10.32 1.76
H81 NAG I . 11.51 -11.90 9.94
H82 NAG I . 10.69 -10.35 9.99
H83 NAG I . 12.42 -10.41 10.29
HN2 NAG I . 10.11 -11.48 7.68
HO3 NAG I . 11.86 -13.25 6.57
HO4 NAG I . 14.55 -11.61 4.05
HO6 NAG I . 12.32 -7.85 2.54
C1 MUB J . -13.32 -8.06 -6.40
C2 MUB J . -14.15 -9.34 -6.51
C3 MUB J . -15.38 -9.00 -7.35
C4 MUB J . -15.97 -7.66 -6.95
C5 MUB J . -14.94 -6.55 -7.22
C6 MUB J . -14.82 -5.63 -6.01
C7 MUB J . -13.43 -10.70 -8.35
C8 MUB J . -12.68 -11.88 -8.87
C9 MUB J . -16.68 -10.45 -5.92
C10 MUB J . -17.91 -9.84 -5.23
C11 MUB J . -15.89 -11.65 -5.27
O1 MUB J . -11.96 -8.35 -6.44
O3 MUB J . -16.37 -10.07 -7.28
O4 MUB J . -17.21 -7.44 -7.65
O5 MUB J . -13.64 -7.14 -7.45
O6 MUB J . -16.10 -5.38 -5.44
O7 MUB J . -13.97 -9.93 -9.14
O10 MUB J . -18.43 -10.42 -4.28
N2 MUB J . -13.40 -10.48 -7.05
H1 MUB J . -13.47 -7.55 -5.44
H2 MUB J . -14.27 -9.60 -5.44
HN2 MUB J . -12.94 -11.13 -6.44
H81 MUB J . -11.62 -11.73 -8.69
H82 MUB J . -12.86 -11.98 -9.92
H83 MUB J . -13.05 -12.76 -8.35
H3 MUB J . -15.17 -9.03 -8.40
H9 MUB J . -16.18 -9.53 -5.53
H111 MUB J . -15.96 -12.60 -5.87
H112 MUB J . -16.30 -11.85 -4.34
H113 MUB J . -14.85 -11.35 -5.13
H4 MUB J . -16.44 -7.70 -5.97
H5 MUB J . -15.19 -5.97 -8.01
H61 MUB J . -14.55 -4.63 -6.43
H62 MUB J . -14.02 -5.90 -5.26
HO6 MUB J . -16.77 -5.05 -6.04
C1 NAG J . -17.16 -7.75 -9.06
C2 NAG J . -18.54 -7.58 -9.67
C3 NAG J . -18.49 -7.90 -11.14
C4 NAG J . -17.36 -7.10 -11.82
C5 NAG J . -16.04 -7.26 -11.06
C6 NAG J . -14.90 -6.44 -11.65
C7 NAG J . -19.45 -9.76 -9.02
C8 NAG J . -20.50 -10.55 -8.27
N2 NAG J . -19.52 -8.42 -8.99
O3 NAG J . -19.74 -7.57 -11.72
O4 NAG J . -17.19 -7.55 -13.15
O5 NAG J . -16.19 -6.90 -9.69
O6 NAG J . -13.68 -6.65 -10.96
O7 NAG J . -18.67 -10.37 -9.75
H1 NAG J . -16.83 -8.83 -9.07
H2 NAG J . -19.06 -6.61 -9.48
H3 NAG J . -18.28 -8.98 -11.36
H4 NAG J . -17.81 -6.09 -11.97
H5 NAG J . -15.65 -8.29 -11.12
H61 NAG J . -15.11 -5.37 -11.57
H62 NAG J . -14.85 -6.64 -12.73
H81 NAG J . -20.32 -11.62 -8.43
H82 NAG J . -21.47 -10.31 -8.63
H83 NAG J . -20.44 -10.31 -7.21
HN2 NAG J . -20.15 -7.97 -8.41
HO3 NAG J . -20.38 -8.12 -11.30
HO4 NAG J . -18.04 -7.67 -13.58
HO6 NAG J . -13.92 -6.69 -10.03
C1 MUB K . 10.33 11.69 8.49
C2 MUB K . 11.80 12.10 8.64
C3 MUB K . 12.38 11.30 9.82
C4 MUB K . 11.38 11.21 10.98
C5 MUB K . 10.14 10.43 10.51
C6 MUB K . 8.87 11.11 10.98
C7 MUB K . 13.37 10.83 7.37
C8 MUB K . 14.24 10.65 6.16
C9 MUB K . 13.57 13.26 10.55
C10 MUB K . 13.22 13.75 11.97
C11 MUB K . 14.04 14.28 9.43
O1 MUB K . 9.95 11.66 7.14
O3 MUB K . 13.65 11.86 10.27
O4 MUB K . 12.02 10.58 12.11
O5 MUB K . 10.10 10.39 9.06
O6 MUB K . 8.87 12.49 10.64
O7 MUB K . 13.23 9.89 8.12
O10 MUB K . 14.11 13.90 12.81
N2 MUB K . 12.60 11.90 7.42
H1 MUB K . 9.65 12.44 8.96
H2 MUB K . 11.71 13.21 8.73
HN2 MUB K . 12.74 12.65 6.79
H81 MUB K . 14.99 11.42 6.14
H82 MUB K . 13.63 10.72 5.28
H83 MUB K . 14.67 9.66 6.21
H3 MUB K . 12.70 10.31 9.52
H9 MUB K . 12.46 13.23 10.46
H111 MUB K . 15.10 14.14 9.12
H112 MUB K . 13.93 15.24 9.80
H113 MUB K . 13.35 14.18 8.57
H4 MUB K . 11.23 12.16 11.50
H5 MUB K . 10.13 9.46 10.86
H61 MUB K . 8.95 11.13 12.09
H62 MUB K . 7.90 10.58 10.75
HO6 MUB K . 8.21 13.02 11.11
C1 NAG K . 12.85 9.45 11.79
C2 NAG K . 13.24 8.75 13.08
C3 NAG K . 14.09 7.54 12.75
C4 NAG K . 13.40 6.66 11.70
C5 NAG K . 12.96 7.50 10.49
C6 NAG K . 12.19 6.67 9.47
C7 NAG K . 15.08 10.31 13.51
C8 NAG K . 15.76 11.27 14.47
N2 NAG K . 13.97 9.68 13.94
O3 NAG K . 14.29 6.80 13.95
O4 NAG K . 14.27 5.64 11.28
O5 NAG K . 12.15 8.59 10.89
O6 NAG K . 12.01 7.37 8.25
O7 NAG K . 15.64 10.04 12.45
H1 NAG K . 13.74 9.93 11.28
H2 NAG K . 12.42 8.49 13.79
H3 NAG K . 15.10 7.80 12.35
H4 NAG K . 12.63 6.11 12.30
H5 NAG K . 13.82 7.87 9.93
H61 NAG K . 11.19 6.40 9.82
H62 NAG K . 12.73 5.72 9.33
H81 NAG K . 16.64 11.68 13.97
H82 NAG K . 16.08 10.76 15.35
H83 NAG K . 15.07 12.06 14.74
HN2 NAG K . 13.55 9.91 14.78
HO3 NAG K . 14.75 7.37 14.54
HO4 NAG K . 14.67 5.22 12.04
HO6 NAG K . 12.10 8.31 8.52
C1 MUB L . -13.60 1.61 4.32
C2 MUB L . -14.62 2.52 3.65
C3 MUB L . -15.60 2.99 4.73
C4 MUB L . -15.72 2.04 5.93
C5 MUB L . -14.35 1.78 6.59
C6 MUB L . -14.22 0.31 6.99
C7 MUB L . -13.99 4.83 3.58
C8 MUB L . -13.42 6.01 2.86
C9 MUB L . -17.49 2.16 3.47
C10 MUB L . -18.35 1.15 4.24
C11 MUB L . -17.37 2.12 1.90
O1 MUB L . -12.40 1.53 3.59
O3 MUB L . -16.92 3.29 4.17
O4 MUB L . -16.66 2.61 6.86
O5 MUB L . -13.28 2.07 5.65
O6 MUB L . -14.43 -0.54 5.87
O7 MUB L . -14.13 4.90 4.78
O10 MUB L . -18.99 0.29 3.63
N2 MUB L . -14.01 3.67 2.95
H1 MUB L . -13.97 0.54 4.37
H2 MUB L . -15.00 1.86 2.82
HN2 MUB L . -13.89 3.63 1.96
H81 MUB L . -12.36 5.87 2.72
H82 MUB L . -13.60 6.89 3.44
H83 MUB L . -13.94 6.10 1.91
H3 MUB L . -15.35 3.97 5.11
H9 MUB L . -16.66 1.51 3.84
H111 MUB L . -17.84 3.01 1.41
H112 MUB L . -17.87 1.27 1.56
H113 MUB L . -16.32 2.01 1.63
H4 MUB L . -16.35 1.18 5.70
H5 MUB L . -14.21 2.35 7.44
H61 MUB L . -15.11 0.11 7.63
H62 MUB L . -13.31 0.05 7.61
HO6 MUB L . -13.70 -1.14 5.68
C1 NAG L . -16.52 4.02 7.08
C2 NAG L . -17.57 4.50 8.07
C3 NAG L . -17.40 5.97 8.37
C4 NAG L . -15.93 6.29 8.73
C5 NAG L . -14.99 5.72 7.67
C6 NAG L . -13.52 5.96 8.03
C7 NAG L . -19.25 4.70 6.30
C8 NAG L . -20.64 4.37 5.78
N2 NAG L . -18.89 4.25 7.51
O3 NAG L . -18.25 6.31 9.46
O4 NAG L . -15.75 7.69 8.81
O5 NAG L . -15.18 4.31 7.52
O6 NAG L . -12.65 5.55 6.97
O7 NAG L . -18.56 5.48 5.64
H1 NAG L . -16.71 4.46 6.06
H2 NAG L . -17.68 3.90 9.01
H3 NAG L . -17.68 6.64 7.51
H4 NAG L . -15.86 5.96 9.79
H5 NAG L . -15.10 6.20 6.69
H61 NAG L . -13.22 5.40 8.91
H62 NAG L . -13.41 7.01 8.29
H81 NAG L . -20.77 4.83 4.81
H82 NAG L . -21.38 4.75 6.45
H83 NAG L . -20.74 3.29 5.71
HN2 NAG L . -19.46 3.63 8.00
HO3 NAG L . -17.86 7.05 9.89
HO4 NAG L . -16.30 8.04 9.51
HO6 NAG L . -13.26 5.17 6.33
P 2PO M . 9.44 -3.03 2.79
O1P 2PO M . 8.15 -3.60 3.21
O2P 2PO M . 9.73 -1.64 3.22
O3P 2PO M . 9.53 -3.08 1.17
P 2PO N . 10.76 -3.71 0.34
O1P 2PO N . 10.25 -4.00 -1.05
O2P 2PO N . 11.92 -2.80 0.50
O3P 2PO N . 11.07 -5.07 1.16
C1 P1W O . 10.95 -6.38 0.58
C2 P1W O . 9.56 -6.95 0.74
C3 P1W O . 9.16 -8.20 0.44
C4 P1W O . 7.74 -8.62 0.67
C5 P1W O . 10.08 -9.29 -0.11
H12 P1W O . 11.67 -7.03 1.05
H11 P1W O . 11.18 -6.31 -0.48
H2 P1W O . 8.90 -6.34 1.34
H41 P1W O . 7.70 -9.35 1.47
H42 P1W O . 7.14 -7.76 0.94
H51 P1W O . 9.91 -9.40 -1.17
H52 P1W O . 9.86 -10.22 0.40
H53 P1W O . 11.11 -9.02 0.08
C1 P1W P . 7.14 -9.25 -0.60
C2 P1W P . 5.65 -9.49 -0.45
C3 P1W P . 5.11 -10.39 0.40
C4 P1W P . 3.61 -10.62 0.55
C5 P1W P . 5.95 -11.25 1.35
H12 P1W P . 7.33 -8.59 -1.42
H11 P1W P . 7.63 -10.21 -0.79
H2 P1W P . 5.06 -9.12 -1.27
H41 P1W P . 3.42 -11.08 1.50
H42 P1W P . 3.09 -9.67 0.49
H51 P1W P . 6.90 -11.43 0.88
H52 P1W P . 5.44 -12.18 1.53
H53 P1W P . 6.09 -10.72 2.28
C1 P1W Q . 3.09 -11.54 -0.56
C2 P1W Q . 1.59 -11.55 -0.52
C3 P1W Q . 0.83 -12.59 -0.16
C4 P1W Q . -0.70 -12.53 -0.18
C5 P1W Q . 1.39 -13.93 0.32
H12 P1W Q . 3.43 -11.19 -1.52
H11 P1W Q . 3.46 -12.55 -0.39
H2 P1W Q . 1.13 -10.63 -0.83
H43 P1W Q . -1.10 -13.39 -0.68
H41 P1W Q . -1.02 -11.62 -0.67
H42 P1W Q . -1.07 -12.52 0.84
H51 P1W Q . 0.58 -14.55 0.67
H52 P1W Q . 2.08 -13.74 1.14
H53 P1W Q . 1.92 -14.42 -0.49
C1 P1W R . -12.51 -2.15 -4.74
C2 P1W R . -13.16 -3.24 -3.90
C3 P1W R . -14.42 -3.18 -3.45
C4 P1W R . -15.04 -4.26 -2.61
C5 P1W R . -15.37 -2.02 -3.75
H12 P1W R . -11.48 -2.04 -4.46
H11 P1W R . -13.03 -1.22 -4.55
H2 P1W R . -12.48 -3.96 -3.50
H41 P1W R . -14.77 -5.23 -3.00
H42 P1W R . -16.12 -4.15 -2.63
H51 P1W R . -16.38 -2.38 -3.69
H52 P1W R . -15.19 -1.66 -4.76
H53 P1W R . -15.21 -1.22 -3.05
C1 P1W S . -14.58 -4.15 -1.15
C2 P1W S . -15.50 -3.30 -0.34
C3 P1W S . -15.92 -3.58 0.91
C4 P1W S . -16.87 -2.68 1.72
C5 P1W S . -15.53 -4.87 1.63
H12 P1W S . -14.54 -5.15 -0.72
H11 P1W S . -13.59 -3.72 -1.13
H2 P1W S . -15.94 -2.47 -0.88
H43 P1W S . -17.29 -1.92 1.08
H41 P1W S . -16.32 -2.21 2.53
H42 P1W S . -17.67 -3.28 2.13
H51 P1W S . -15.89 -5.72 1.07
H52 P1W S . -15.97 -4.86 2.61
H53 P1W S . -14.45 -4.94 1.73
P 2PO T . -11.04 -7.68 -5.32
O1P 2PO T . -11.52 -6.31 -5.07
O2P 2PO T . -10.96 -8.59 -4.15
O3P 2PO T . -9.61 -7.64 -6.05
P 2PO U . -9.43 -6.83 -7.44
O1P 2PO U . -8.47 -7.58 -8.26
O2P 2PO U . -10.77 -6.55 -7.98
O3P 2PO U . -8.76 -5.47 -7.00
C1 P1W V . -9.27 -4.22 -7.47
C2 P1W V . -10.63 -3.88 -6.86
C3 P1W V . -11.24 -2.67 -6.88
C4 P1W V . -12.60 -2.48 -6.23
C5 P1W V . -10.69 -1.37 -7.53
H12 P1W V . -9.34 -4.24 -8.55
H11 P1W V . -8.56 -3.46 -7.18
H2 P1W V . -11.23 -4.74 -6.59
H41 P1W V . -13.16 -3.39 -6.35
H42 P1W V . -13.13 -1.68 -6.73
H51 P1W V . -9.82 -1.61 -8.14
H52 P1W V . -10.38 -0.68 -6.76
H53 P1W V . -11.45 -0.91 -8.15
P 2PO W . 8.40 11.48 6.74
O1P 2PO W . 7.76 10.56 7.72
O2P 2PO W . 7.76 12.80 6.55
O3P 2PO W . 8.45 10.77 5.30
P 2PO X . 8.37 9.18 5.10
O1P 2PO X . 6.94 8.80 5.11
O2P 2PO X . 9.20 8.77 3.91
O3P 2PO X . 9.04 8.60 6.43
C1 P1W Y . 9.39 7.22 6.49
C2 P1W Y . 9.12 6.72 7.89
C3 P1W Y . 8.00 6.86 8.60
C4 P1W Y . 7.96 6.27 10.01
C5 P1W Y . 6.72 7.50 8.08
H12 P1W Y . 10.44 7.10 6.24
H11 P1W Y . 8.79 6.68 5.77
H2 P1W Y . 9.77 5.94 8.22
H41 P1W Y . 8.73 5.52 10.09
H42 P1W Y . 7.00 5.82 10.18
H51 P1W Y . 6.72 7.53 7.00
H52 P1W Y . 6.64 8.51 8.46
H53 P1W Y . 5.86 6.93 8.41
C1 P1W Z . 8.21 7.35 11.06
C2 P1W Z . 8.73 6.69 12.31
C3 P1W Z . 7.95 6.11 13.21
C4 P1W Z . 8.52 5.48 14.48
C5 P1W Z . 6.45 6.00 13.08
H12 P1W Z . 8.94 8.04 10.67
H11 P1W Z . 7.29 7.87 11.28
H2 P1W Z . 9.74 6.96 12.56
H41 P1W Z . 9.54 5.17 14.32
H42 P1W Z . 7.92 4.63 14.75
H51 P1W Z . 6.23 5.35 12.24
H52 P1W Z . 6.03 6.98 12.90
H53 P1W Z . 6.03 5.58 13.98
C1 P1W AA . 8.46 6.50 15.62
C2 P1W AA . 7.30 6.20 16.53
C3 P1W AA . 7.37 5.49 17.67
C4 P1W AA . 6.16 5.20 18.57
C5 P1W AA . 8.68 4.90 18.18
H12 P1W AA . 9.38 6.46 16.19
H11 P1W AA . 8.34 7.50 15.21
H2 P1W AA . 6.36 6.60 16.20
H43 P1W AA . 6.16 4.17 18.88
H41 P1W AA . 5.25 5.41 18.02
H42 P1W AA . 6.19 5.84 19.43
H51 P1W AA . 8.47 4.26 19.02
H52 P1W AA . 9.33 5.70 18.48
H53 P1W AA . 9.17 4.33 17.39
P 2PO BA . -11.30 0.40 3.92
O1P 2PO BA . -10.82 0.61 5.30
O2P 2PO BA . -11.84 -0.94 3.57
O3P 2PO BA . -10.10 0.71 2.89
P 2PO CA . -10.00 2.06 2.04
O1P 2PO CA . -9.22 1.78 0.83
O2P 2PO CA . -11.36 2.66 1.88
O3P 2PO CA . -9.12 3.02 2.97
C1 P1W DA . -9.65 3.44 4.22
C2 P1W DA . -8.50 3.53 5.21
C3 P1W DA . -8.57 3.72 6.52
C4 P1W DA . -7.27 3.77 7.31
C5 P1W DA . -9.88 3.82 7.31
H12 P1W DA . -10.39 2.72 4.57
H11 P1W DA . -10.10 4.40 4.09
H2 P1W DA . -7.59 3.09 4.86
H41 P1W DA . -7.34 4.59 8.02
H42 P1W DA . -6.45 3.95 6.64
H51 P1W DA . -10.11 2.86 7.78
H52 P1W DA . -10.68 4.08 6.65
H53 P1W DA . -9.78 4.58 8.08
C1 P1W EA . -6.99 2.49 8.08
C2 P1W EA . -5.80 2.67 8.96
C3 P1W EA . -5.86 2.87 10.27
C4 P1W EA . -4.64 3.09 11.13
C5 P1W EA . -7.17 2.86 11.05
H12 P1W EA . -7.86 2.27 8.68
H11 P1W EA . -6.82 1.68 7.38
H2 P1W EA . -4.90 2.95 8.43
H41 P1W EA . -4.84 3.83 11.89
H42 P1W EA . -3.82 3.42 10.50
H51 P1W EA . -7.56 1.86 11.07
H52 P1W EA . -7.89 3.51 10.57
H53 P1W EA . -7.00 3.19 12.06
C1 P1W FA . -4.23 1.77 11.81
C2 P1W FA . -3.82 2.03 13.24
C3 P1W FA . -3.64 1.07 14.17
C4 P1W FA . -3.21 1.38 15.62
C5 P1W FA . -3.83 -0.41 13.87
H12 P1W FA . -5.06 1.10 11.79
H11 P1W FA . -3.39 1.35 11.28
H2 P1W FA . -3.68 3.06 13.49
H43 P1W FA . -3.84 0.83 16.31
H41 P1W FA . -3.31 2.44 15.81
H42 P1W FA . -2.19 1.08 15.75
H51 P1W FA . -4.80 -0.72 14.23
H52 P1W FA . -3.05 -0.96 14.38
H53 P1W FA . -3.75 -0.60 12.81
N ZAE A 1 -7.10 -14.47 -2.86
CA ZAE A 1 -7.27 -13.82 -1.52
C ZAE A 1 -6.49 -12.50 -1.43
O ZAE A 1 -6.87 -11.50 -2.03
CB ZAE A 1 -8.75 -13.56 -1.22
CG ZAE A 1 -8.99 -12.67 -0.03
CD1 ZAE A 1 -8.63 -13.08 1.25
CD2 ZAE A 1 -9.55 -11.41 -0.18
CE1 ZAE A 1 -8.86 -12.26 2.36
CE2 ZAE A 1 -9.79 -10.60 0.91
CZ ZAE A 1 -9.42 -11.01 2.17
C10 ZAE A 1 -7.69 -13.66 -3.95
H1 ZAE A 1 -7.56 -15.40 -2.87
HA ZAE A 1 -6.88 -14.50 -0.78
HB2 ZAE A 1 -9.21 -13.10 -2.08
HB3 ZAE A 1 -9.24 -14.50 -1.02
HD1 ZAE A 1 -8.18 -14.05 1.39
HD2 ZAE A 1 -9.84 -11.08 -1.17
HE1 ZAE A 1 -8.57 -12.59 3.34
HE2 ZAE A 1 -10.24 -9.62 0.78
HZ ZAE A 1 -9.60 -10.38 3.03
H11 ZAE A 1 -7.39 -14.05 -4.91
H12 ZAE A 1 -7.35 -12.63 -3.85
H13 ZAE A 1 -8.77 -13.68 -3.87
N ILE A 2 -5.39 -12.53 -0.70
CA ILE A 2 -4.57 -11.34 -0.51
C ILE A 2 -3.38 -11.39 -1.46
N SER A 3 -3.02 -10.24 -2.01
CA SER A 3 -1.86 -10.13 -2.89
C SER A 3 -1.25 -8.74 -2.80
N DAR A 4 0.05 -8.69 -2.93
CA DAR A 4 0.79 -7.45 -2.84
CB DAR A 4 1.43 -7.15 -4.18
CG DAR A 4 0.41 -6.84 -5.24
CD DAR A 4 1.09 -6.41 -6.51
NE DAR A 4 0.19 -6.45 -7.64
CZ DAR A 4 -0.40 -5.37 -8.15
NH1 DAR A 4 -1.13 -5.48 -9.25
NH2 DAR A 4 -0.27 -4.19 -7.55
C DAR A 4 1.89 -7.54 -1.80
O DAR A 4 2.84 -8.31 -1.97
H DAR A 4 0.54 -9.51 -3.13
HA DAR A 4 0.11 -6.66 -2.57
HB2 DAR A 4 2.01 -8.00 -4.48
HB3 DAR A 4 2.08 -6.30 -4.07
HG2 DAR A 4 -0.23 -6.05 -4.90
HG3 DAR A 4 -0.18 -7.73 -5.43
HD2 DAR A 4 1.92 -7.08 -6.71
HD3 DAR A 4 1.46 -5.41 -6.39
HE DAR A 4 0.04 -7.32 -8.07
HH11 DAR A 4 -1.59 -4.62 -9.64
HH12 DAR A 4 -1.24 -6.38 -9.72
HH21 DAR A 4 -0.69 -3.34 -7.97
HH22 DAR A 4 0.23 -4.12 -6.64
N 28J A 5 1.78 -6.75 -0.73
CA 28J A 5 2.81 -6.76 0.28
CB 28J A 5 2.33 -7.41 1.61
CG2 28J A 5 3.51 -8.00 2.35
CG1 28J A 5 1.63 -6.38 2.50
CD1 28J A 5 0.92 -6.98 3.69
C 28J A 5 3.35 -5.36 0.53
O 28J A 5 2.68 -4.35 0.25
HA 28J A 5 3.62 -7.36 -0.10
H22 28J A 5 1.64 -8.21 1.38
H23 28J A 5 3.17 -8.45 3.28
H24 28J A 5 4.23 -7.21 2.59
H25 28J A 5 4.00 -8.75 1.74
H26 28J A 5 0.92 -5.82 1.91
H27 28J A 5 2.38 -5.69 2.88
H28 28J A 5 1.63 -7.47 4.33
H29 28J A 5 0.19 -7.70 3.35
H30 28J A 5 0.42 -6.20 4.25
N ILE A 6 4.60 -5.32 0.98
CA ILE A 6 5.31 -4.09 1.31
C ILE A 6 6.46 -3.79 0.32
N SER A 7 6.60 -2.51 -0.08
CA SER A 7 7.68 -2.11 -1.00
C SER A 7 8.09 -0.68 -0.75
N DTH A 8 8.85 -0.14 -1.70
CA DTH A 8 9.29 1.25 -1.59
CB DTH A 8 9.30 2.06 -2.92
CG2 DTH A 8 7.89 2.21 -3.45
OG1 DTH A 8 10.16 1.45 -3.88
C DTH A 8 10.75 1.20 -1.15
O DTH A 8 11.42 2.22 -0.96
H DTH A 8 9.16 -0.72 -2.46
HA DTH A 8 8.67 1.75 -0.87
HB DTH A 8 9.71 3.06 -2.73
HG21 DTH A 8 7.28 2.70 -2.71
HG22 DTH A 8 7.48 1.24 -3.69
HG23 DTH A 8 7.92 2.83 -4.35
N ALA A 9 11.26 -0.03 -1.11
CA ALA A 9 12.63 -0.26 -0.81
C ALA A 9 13.46 -0.07 -2.09
N LEU A 10 13.23 -0.86 -3.14
CA LEU A 10 14.00 -0.67 -4.38
C LEU A 10 13.44 0.52 -5.13
N ILE A 11 12.14 0.54 -5.25
CA ILE A 11 11.48 1.63 -5.94
C ILE A 11 10.52 2.29 -4.98
N ZAE B 1 8.30 5.08 1.60
CA ZAE B 1 8.23 4.14 2.76
C ZAE B 1 7.55 2.82 2.37
O ZAE B 1 8.04 2.10 1.50
CB ZAE B 1 9.64 3.84 3.31
CG ZAE B 1 9.67 2.58 4.13
CD1 ZAE B 1 9.07 2.53 5.38
CD2 ZAE B 1 10.32 1.43 3.66
CE1 ZAE B 1 9.10 1.36 6.13
CE2 ZAE B 1 10.33 0.28 4.41
CZ ZAE B 1 9.73 0.24 5.65
C10 ZAE B 1 9.29 4.64 0.62
H1 ZAE B 1 8.57 6.02 1.94
HA ZAE B 1 7.65 4.60 3.54
HB2 ZAE B 1 10.32 3.74 2.49
HB3 ZAE B 1 9.94 4.66 3.93
HD1 ZAE B 1 8.58 3.40 5.77
HD2 ZAE B 1 10.80 1.46 2.69
HE1 ZAE B 1 8.62 1.32 7.09
HE2 ZAE B 1 10.83 -0.60 4.04
HZ ZAE B 1 9.75 -0.66 6.23
H11 ZAE B 1 9.12 5.15 -0.32
H12 ZAE B 1 9.21 3.57 0.48
H13 ZAE B 1 10.29 4.87 0.99
N ILE B 2 6.44 2.54 3.00
CA ILE B 2 5.70 1.36 2.70
C ILE B 2 4.82 1.61 1.51
N SER B 3 5.04 0.84 0.46
CA SER B 3 4.26 0.92 -0.73
C SER B 3 3.70 -0.43 -1.06
N DAR B 4 2.65 -0.39 -1.83
CA DAR B 4 1.98 -1.59 -2.25
CB DAR B 4 1.88 -1.65 -3.76
CG DAR B 4 3.17 -1.40 -4.50
CD DAR B 4 2.98 -1.43 -6.00
NE DAR B 4 4.22 -1.16 -6.69
CZ DAR B 4 4.67 -1.88 -7.70
NH1 DAR B 4 3.97 -2.95 -8.11
NH2 DAR B 4 5.80 -1.56 -8.29
C DAR B 4 0.60 -1.59 -1.69
O DAR B 4 -0.13 -0.62 -1.86
H DAR B 4 2.30 0.49 -2.09
HA DAR B 4 2.53 -2.44 -1.89
HB2 DAR B 4 1.16 -0.91 -4.08
HB3 DAR B 4 1.52 -2.63 -4.04
HG2 DAR B 4 3.89 -2.16 -4.21
HG3 DAR B 4 3.55 -0.43 -4.22
HD2 DAR B 4 2.26 -0.68 -6.26
HD3 DAR B 4 2.62 -2.41 -6.28
HE DAR B 4 4.76 -0.40 -6.37
HH11 DAR B 4 4.33 -3.52 -8.91
HH12 DAR B 4 3.09 -3.21 -7.64
HH21 DAR B 4 6.17 -2.12 -9.09
HH22 DAR B 4 6.34 -0.73 -7.96
N 28J B 5 0.24 -2.66 -1.00
CA 28J B 5 -1.10 -2.74 -0.47
CB 28J B 5 -1.18 -2.19 0.99
CG2 28J B 5 -2.56 -1.61 1.26
CG1 28J B 5 -0.89 -3.30 2.01
CD1 28J B 5 -0.56 -2.78 3.39
C 28J B 5 -1.60 -4.18 -0.49
O 28J B 5 -0.84 -5.14 -0.30
HA 28J B 5 -1.74 -2.14 -1.08
H22 28J B 5 -0.45 -1.40 1.10
H23 28J B 5 -3.32 -2.29 0.92
H24 28J B 5 -2.67 -0.66 0.73
H25 28J B 5 -2.68 -1.44 2.32
H26 28J B 5 -0.06 -3.88 1.66
H27 28J B 5 -1.77 -3.92 2.10
H28 28J B 5 -1.39 -2.20 3.78
H29 28J B 5 0.33 -2.16 3.34
H30 28J B 5 -0.37 -3.62 4.05
N ILE B 6 -2.88 -4.30 -0.84
CA ILE B 6 -3.57 -5.59 -0.81
C ILE B 6 -4.62 -5.78 -1.93
N SER B 7 -4.61 -6.97 -2.57
CA SER B 7 -5.58 -7.25 -3.66
C SER B 7 -5.60 -8.71 -4.14
N DTH B 8 -6.39 -8.89 -5.22
CA DTH B 8 -6.49 -10.17 -5.96
CB DTH B 8 -5.80 -10.18 -7.36
CG2 DTH B 8 -4.33 -9.91 -7.24
OG1 DTH B 8 -6.46 -9.23 -8.22
C DTH B 8 -7.92 -10.52 -6.51
O DTH B 8 -7.92 -11.25 -7.49
H DTH B 8 -7.02 -8.18 -5.45
HA DTH B 8 -6.07 -10.95 -5.36
HB DTH B 8 -5.96 -11.17 -7.84
HG21 DTH B 8 -3.88 -9.91 -8.23
HG22 DTH B 8 -3.86 -10.67 -6.63
HG23 DTH B 8 -4.18 -8.94 -6.79
N ALA B 9 -9.04 -9.87 -6.10
CA ALA B 9 -10.36 -10.08 -6.69
C ALA B 9 -10.44 -9.51 -8.10
N LEU B 10 -10.28 -8.24 -8.15
CA LEU B 10 -10.37 -7.50 -9.39
C LEU B 10 -9.21 -7.81 -10.30
N ILE B 11 -8.05 -7.95 -9.68
CA ILE B 11 -6.80 -8.18 -10.39
C ILE B 11 -5.98 -9.16 -9.56
N ZAE C 1 -5.85 -3.82 -6.25
CA ZAE C 1 -6.86 -3.02 -5.51
C ZAE C 1 -6.24 -1.75 -4.93
O ZAE C 1 -6.19 -0.72 -5.59
CB ZAE C 1 -8.01 -2.68 -6.45
CG ZAE C 1 -8.98 -1.71 -5.85
CD1 ZAE C 1 -10.11 -2.16 -5.18
CD2 ZAE C 1 -8.82 -0.35 -6.03
CE1 ZAE C 1 -11.01 -1.27 -4.62
CE2 ZAE C 1 -9.70 0.56 -5.47
CZ ZAE C 1 -10.82 0.09 -4.80
C10 ZAE C 1 -5.43 -3.12 -7.47
H1 ZAE C 1 -6.25 -4.72 -6.53
HA ZAE C 1 -7.22 -3.64 -4.70
HB2 ZAE C 1 -7.62 -2.24 -7.35
HB3 ZAE C 1 -8.54 -3.59 -6.70
HD1 ZAE C 1 -10.26 -3.23 -5.04
HD2 ZAE C 1 -7.94 0.01 -6.56
HE1 ZAE C 1 -11.88 -1.64 -4.08
HE2 ZAE C 1 -9.55 1.62 -5.61
HZ ZAE C 1 -11.53 0.79 -4.36
H11 ZAE C 1 -5.29 -2.08 -7.25
H12 ZAE C 1 -6.20 -3.23 -8.22
H13 ZAE C 1 -4.50 -3.55 -7.82
N ILE C 2 -5.77 -1.84 -3.70
CA ILE C 2 -5.19 -0.69 -3.04
C ILE C 2 -3.67 -0.69 -3.14
N SER C 3 -3.11 0.38 -3.77
CA SER C 3 -1.67 0.51 -3.85
C SER C 3 -1.21 1.89 -3.43
N DAR C 4 -0.13 1.87 -2.66
CA DAR C 4 0.53 3.04 -2.12
CB DAR C 4 1.76 3.42 -2.94
CG DAR C 4 1.49 3.66 -4.42
CD DAR C 4 2.77 4.05 -5.12
NE DAR C 4 2.61 4.06 -6.56
CZ DAR C 4 2.85 5.13 -7.32
NH1 DAR C 4 3.23 6.28 -6.76
NH2 DAR C 4 2.67 5.08 -8.63
C DAR C 4 1.02 2.74 -0.73
O DAR C 4 1.72 1.74 -0.55
H DAR C 4 0.23 0.97 -2.41
HA DAR C 4 -0.17 3.86 -2.10
HB2 DAR C 4 2.48 2.62 -2.87
HB3 DAR C 4 2.18 4.32 -2.54
HG2 DAR C 4 0.77 4.46 -4.52
HG3 DAR C 4 1.11 2.76 -4.86
HD2 DAR C 4 3.54 3.34 -4.86
HD3 DAR C 4 3.06 5.04 -4.80
HE DAR C 4 2.32 3.23 -7.00
HH11 DAR C 4 3.43 7.11 -7.36
HH12 DAR C 4 3.31 6.36 -5.73
HH21 DAR C 4 2.88 5.90 -9.22
HH22 DAR C 4 2.32 4.21 -9.07
N 28J C 5 0.64 3.55 0.26
CA 28J C 5 1.11 3.33 1.62
CB 28J C 5 0.09 2.52 2.43
CG2 28J C 5 0.57 2.29 3.86
CG1 28J C 5 -1.25 3.26 2.42
CD1 28J C 5 -2.40 2.44 2.96
C 28J C 5 1.36 4.64 2.39
O 28J C 5 0.63 5.63 2.18
HA 28J C 5 2.02 2.76 1.57
H22 28J C 5 -0.03 1.56 1.96
H23 28J C 5 -0.22 1.83 4.43
H24 28J C 5 0.85 3.23 4.31
H25 28J C 5 1.43 1.63 3.85
H26 28J C 5 -1.49 3.53 1.40
H27 28J C 5 -1.17 4.16 3.02
H28 28J C 5 -2.52 1.55 2.37
H29 28J C 5 -3.30 3.03 2.93
H30 28J C 5 -2.19 2.18 3.98
N ILE C 6 2.41 4.65 3.24
CA ILE C 6 2.69 5.83 4.10
C ILE C 6 4.16 6.11 4.24
N SER C 7 4.48 7.36 4.09
CA SER C 7 5.85 7.80 4.24
C SER C 7 6.01 9.29 4.38
N DTH C 8 7.28 9.67 4.71
CA DTH C 8 7.75 11.06 4.73
CB DTH C 8 8.35 11.47 3.35
CG2 DTH C 8 7.36 11.19 2.24
OG1 DTH C 8 9.61 10.78 3.09
C DTH C 8 8.93 11.46 5.67
O DTH C 8 9.09 12.66 5.84
H DTH C 8 7.90 8.97 5.06
HA DTH C 8 6.91 11.70 4.94
HB DTH C 8 8.60 12.54 3.37
HG21 DTH C 8 7.11 10.14 2.24
HG22 DTH C 8 7.79 11.46 1.28
HG23 DTH C 8 6.46 11.77 2.41
N ALA C 9 9.80 10.52 6.09
CA ALA C 9 10.97 10.77 6.86
C ALA C 9 12.16 10.77 5.88
N LEU C 10 12.70 9.58 5.52
CA LEU C 10 13.80 9.47 4.53
C LEU C 10 13.45 10.23 3.27
N ILE C 11 12.24 9.98 2.85
CA ILE C 11 11.69 10.60 1.64
C ILE C 11 10.35 11.27 1.97
N ZAE D 1 4.55 13.53 7.45
CA ZAE D 1 3.66 12.50 8.09
C ZAE D 1 3.35 11.33 7.15
O ZAE D 1 4.25 10.60 6.75
CB ZAE D 1 4.30 11.96 9.38
CG ZAE D 1 3.74 10.63 9.84
CD1 ZAE D 1 2.37 10.41 9.89
CD2 ZAE D 1 4.59 9.60 10.24
CE1 ZAE D 1 1.86 9.19 10.31
CE2 ZAE D 1 4.10 8.38 10.65
CZ ZAE D 1 2.73 8.18 10.70
C10 ZAE D 1 5.88 12.97 7.14
H1 ZAE D 1 4.68 14.33 8.09
HA ZAE D 1 2.72 12.98 8.35
HB2 ZAE D 1 5.36 11.83 9.22
HB3 ZAE D 1 4.15 12.68 10.18
HD1 ZAE D 1 1.70 11.20 9.58
HD2 ZAE D 1 5.66 9.76 10.20
HE1 ZAE D 1 0.79 9.03 10.35
HE2 ZAE D 1 4.77 7.59 10.96
HZ ZAE D 1 2.33 7.22 11.03
H11 ZAE D 1 6.39 13.62 6.43
H12 ZAE D 1 5.76 11.99 6.70
H13 ZAE D 1 6.46 12.90 8.04
N ILE D 2 2.08 11.16 6.80
CA ILE D 2 1.67 10.06 5.95
C ILE D 2 1.59 10.47 4.47
N SER D 3 2.58 10.06 3.66
CA SER D 3 2.53 10.39 2.24
C SER D 3 2.31 9.14 1.39
N DAR D 4 1.44 9.34 0.38
CA DAR D 4 1.07 8.29 -0.58
CB DAR D 4 1.62 8.63 -1.96
CG DAR D 4 3.12 8.69 -2.01
CD DAR D 4 3.57 8.87 -3.44
NE DAR D 4 4.97 9.20 -3.52
CZ DAR D 4 5.93 8.30 -3.66
NH1 DAR D 4 7.20 8.67 -3.76
NH2 DAR D 4 5.63 7.01 -3.67
C DAR D 4 -0.44 8.21 -0.72
O DAR D 4 -1.06 9.11 -1.31
H DAR D 4 1.01 10.21 0.30
HA DAR D 4 1.45 7.36 -0.25
HB2 DAR D 4 1.22 9.59 -2.28
HB3 DAR D 4 1.30 7.87 -2.65
HG2 DAR D 4 3.53 7.78 -1.62
HG3 DAR D 4 3.46 9.53 -1.42
HD2 DAR D 4 3.00 9.66 -3.89
HD3 DAR D 4 3.41 7.96 -3.98
HE DAR D 4 5.22 10.16 -3.48
HH11 DAR D 4 7.94 7.97 -3.90
HH12 DAR D 4 7.46 9.68 -3.66
HH21 DAR D 4 6.39 6.30 -3.79
HH22 DAR D 4 4.65 6.69 -3.54
N 28J D 5 -1.05 7.13 -0.25
CA 28J D 5 -2.49 6.98 -0.40
CB 28J D 5 -3.23 7.13 0.93
CG2 28J D 5 -4.63 7.67 0.70
CG1 28J D 5 -3.28 5.80 1.68
CD1 28J D 5 -3.90 5.89 3.05
C 28J D 5 -2.88 5.63 -1.03
O 28J D 5 -2.14 4.64 -0.87
HA 28J D 5 -2.83 7.76 -1.05
H22 28J D 5 -2.69 7.86 1.54
H23 28J D 5 -4.58 8.64 0.22
H24 28J D 5 -5.15 7.76 1.64
H25 28J D 5 -5.18 6.99 0.05
H26 28J D 5 -2.27 5.43 1.78
H27 28J D 5 -3.86 5.10 1.09
H28 28J D 5 -4.93 6.19 2.96
H29 28J D 5 -3.35 6.60 3.64
H30 28J D 5 -3.85 4.91 3.52
N ILE D 6 -4.02 5.62 -1.74
CA ILE D 6 -4.54 4.41 -2.38
C ILE D 6 -4.73 4.58 -3.87
N SER D 7 -4.25 3.60 -4.60
CA SER D 7 -4.43 3.58 -6.04
C SER D 7 -4.38 2.17 -6.60
N DTH D 8 -4.21 2.13 -7.94
CA DTH D 8 -4.04 0.90 -8.68
CB DTH D 8 -2.94 0.97 -9.78
CG2 DTH D 8 -1.60 1.27 -9.13
OG1 DTH D 8 -3.26 1.96 -10.78
C DTH D 8 -5.37 0.67 -9.42
O DTH D 8 -5.79 -0.44 -9.74
H DTH D 8 -4.34 2.99 -8.46
HA DTH D 8 -3.79 0.10 -7.98
HB DTH D 8 -2.87 0.01 -10.30
HG21 DTH D 8 -1.34 0.50 -8.43
HG22 DTH D 8 -1.65 2.23 -8.61
HG23 DTH D 8 -0.84 1.33 -9.90
N ALA D 9 -5.95 1.81 -9.79
CA ALA D 9 -7.15 1.88 -10.51
C ALA D 9 -6.84 2.42 -11.94
N LEU D 10 -6.56 3.73 -12.09
CA LEU D 10 -6.19 4.30 -13.41
C LEU D 10 -4.89 3.69 -13.85
N ILE D 11 -4.06 3.49 -12.86
CA ILE D 11 -2.74 2.91 -13.07
C ILE D 11 -2.44 1.91 -11.97
N ALA E 1 11.05 -11.21 -6.48
CA ALA E 1 11.93 -12.17 -7.17
C ALA E 1 13.08 -12.61 -6.24
N DGL E 2 14.30 -12.81 -6.86
CA DGL E 2 15.42 -13.04 -5.90
C DGL E 2 15.37 -12.47 -4.43
O DGL E 2 15.42 -11.17 -4.30
CB DGL E 2 15.47 -14.49 -5.54
CG DGL E 2 14.23 -15.37 -5.99
CD DGL E 2 13.59 -16.12 -4.79
OE1 DGL E 2 13.39 -17.32 -4.86
H DGL E 2 14.42 -12.47 -7.78
HA DGL E 2 16.22 -12.56 -6.46
HB2 DGL E 2 15.61 -14.53 -4.48
HB3 DGL E 2 16.37 -14.82 -6.01
HG2 DGL E 2 14.55 -16.10 -6.70
HG3 DGL E 2 13.45 -14.76 -6.48
N LYS E 3 13.29 -15.40 -3.72
CA LYS E 3 12.68 -15.94 -2.54
C LYS E 3 13.62 -16.90 -1.73
N DAL E 4 14.91 -16.39 -1.70
CA DAL E 4 16.18 -16.87 -0.91
CB DAL E 4 17.13 -18.10 -1.65
C DAL E 4 15.52 -16.91 0.64
O DAL E 4 15.14 -17.94 1.15
H DAL E 4 15.02 -15.59 -2.25
HA DAL E 4 17.08 -16.26 -0.89
HB1 DAL E 4 16.54 -18.98 -1.73
HB2 DAL E 4 18.03 -18.33 -1.03
HB3 DAL E 4 17.51 -17.83 -2.69
N DAL E 5 15.58 -15.70 1.32
CA DAL E 5 15.13 -15.44 2.74
CB DAL E 5 16.23 -16.24 3.50
C DAL E 5 13.61 -16.06 2.76
O DAL E 5 13.30 -17.13 3.49
OXT DAL E 5 12.80 -15.55 1.99
H DAL E 5 15.88 -14.90 0.78
HA DAL E 5 15.06 -14.43 3.15
HB1 DAL E 5 16.19 -17.20 3.14
HB2 DAL E 5 15.94 -16.24 4.59
HB3 DAL E 5 17.19 -15.84 3.43
N ALA F 1 -18.04 -8.39 -1.01
CA ALA F 1 -18.57 -9.06 0.21
C ALA F 1 -18.37 -8.17 1.45
N DGL F 2 -18.33 -8.84 2.66
CA DGL F 2 -17.94 -7.97 3.81
C DGL F 2 -17.15 -6.63 3.58
O DGL F 2 -17.50 -5.55 4.10
CB DGL F 2 -19.17 -7.36 4.40
CG DGL F 2 -20.11 -6.56 3.40
CD DGL F 2 -20.59 -5.22 3.99
OE1 DGL F 2 -21.78 -5.01 4.20
H DGL F 2 -18.23 -9.83 2.65
HA DGL F 2 -17.33 -8.67 4.37
HB2 DGL F 2 -18.84 -6.71 5.20
HB3 DGL F 2 -19.68 -8.19 4.84
HG2 DGL F 2 -20.98 -7.14 3.19
HG3 DGL F 2 -19.60 -6.36 2.44
N LYS F 3 -19.65 -4.31 4.27
CA LYS F 3 -19.94 -3.00 4.81
C LYS F 3 -20.46 -3.04 6.27
N DAL F 4 -20.09 -4.22 6.88
CA DAL F 4 -20.23 -4.71 8.38
CB DAL F 4 -21.67 -4.28 9.20
C DAL F 4 -18.65 -4.38 8.87
O DAL F 4 -18.38 -4.04 10.00
H DAL F 4 -19.68 -4.86 6.27
HA DAL F 4 -20.49 -5.74 8.62
HB1 DAL F 4 -21.71 -3.21 9.28
HB2 DAL F 4 -21.67 -4.71 10.24
HB3 DAL F 4 -22.62 -4.63 8.69
N DAL F 5 -17.68 -4.67 7.92
CA DAL F 5 -16.18 -4.54 8.07
CB DAL F 5 -15.97 -5.52 9.29
C DAL F 5 -15.97 -2.95 8.35
O DAL F 5 -15.44 -2.64 9.45
OXT DAL F 5 -16.13 -2.05 7.41
H DAL F 5 -18.02 -4.90 7.00
HA DAL F 5 -15.49 -4.80 7.27
HB1 DAL F 5 -16.61 -5.19 10.03
HB2 DAL F 5 -14.90 -5.41 9.62
HB3 DAL F 5 -16.14 -6.52 9.05
N ALA G 1 14.66 1.38 8.49
CA ALA G 1 15.92 0.68 8.79
C ALA G 1 16.28 0.86 10.27
N DGL G 2 16.14 2.14 10.76
CA DGL G 2 16.45 2.25 12.22
C DGL G 2 17.86 2.07 12.87
O DGL G 2 18.84 1.88 12.07
CB DGL G 2 16.25 3.68 12.65
CG DGL G 2 16.16 4.76 11.49
CD DGL G 2 17.54 5.09 10.90
OE1 DGL G 2 17.98 6.23 10.93
H DGL G 2 15.72 2.83 10.21
HA DGL G 2 15.84 1.40 12.51
HB2 DGL G 2 17.06 3.90 13.32
HB3 DGL G 2 15.35 3.65 13.22
HG2 DGL G 2 15.74 5.67 11.87
HG3 DGL G 2 15.50 4.42 10.67
N LYS G 3 18.23 4.09 10.35
CA LYS G 3 19.52 4.23 9.75
C LYS G 3 20.68 4.52 10.78
N DAL G 4 20.85 3.43 11.61
CA DAL G 4 21.94 3.14 12.71
CB DAL G 4 21.70 3.85 14.26
C DAL G 4 23.31 3.29 11.75
O DAL G 4 23.96 4.32 11.69
H DAL G 4 20.17 2.73 11.49
HA DAL G 4 21.98 2.18 13.22
HB1 DAL G 4 21.72 4.92 14.16
HB2 DAL G 4 22.51 3.54 14.96
HB3 DAL G 4 20.70 3.58 14.75
N DAL G 5 23.69 2.13 11.11
CA DAL G 5 24.92 1.93 10.23
CB DAL G 5 26.03 1.94 11.33
C DAL G 5 24.85 3.22 9.23
O DAL G 5 25.94 3.83 9.04
OXT DAL G 5 23.79 3.47 8.49
H DAL G 5 23.05 1.35 11.19
HA DAL G 5 25.04 1.05 9.60
HB1 DAL G 5 25.91 2.82 11.85
HB2 DAL G 5 27.02 1.93 10.80
HB3 DAL G 5 26.01 1.11 11.97
N ALA H 1 -10.25 13.25 -9.45
CA ALA H 1 -11.50 13.52 -10.21
C ALA H 1 -12.69 12.78 -9.57
N DGL H 2 -13.76 12.54 -10.41
CA DGL H 2 -14.80 11.64 -9.81
C DGL H 2 -14.45 10.71 -8.58
O DGL H 2 -13.44 9.90 -8.75
CB DGL H 2 -15.83 12.48 -9.13
CG DGL H 2 -15.27 13.65 -8.19
CD DGL H 2 -16.11 13.80 -6.91
OE1 DGL H 2 -16.50 14.90 -6.54
H DGL H 2 -13.64 12.67 -11.38
HA DGL H 2 -15.04 11.04 -10.69
HB2 DGL H 2 -16.45 11.81 -8.56
HB3 DGL H 2 -16.40 12.87 -9.93
HG2 DGL H 2 -15.32 14.58 -8.73
HG3 DGL H 2 -14.22 13.47 -7.92
N LYS H 3 -16.37 12.69 -6.22
CA LYS H 3 -17.11 12.66 -4.98
C LYS H 3 -18.60 13.09 -5.14
N DAL H 4 -19.13 12.55 -6.32
CA DAL H 4 -20.60 12.55 -6.88
CB DAL H 4 -21.33 14.08 -7.15
C DAL H 4 -21.22 11.30 -5.95
O DAL H 4 -21.68 11.47 -4.84
H DAL H 4 -18.46 12.10 -6.87
HA DAL H 4 -20.77 12.34 -7.94
HB1 DAL H 4 -21.45 14.58 -6.21
HB2 DAL H 4 -22.35 13.95 -7.60
HB3 DAL H 4 -20.75 14.76 -7.84
N DAL H 5 -21.27 10.07 -6.60
CA DAL H 5 -21.84 8.77 -6.06
CB DAL H 5 -23.36 9.17 -5.97
C DAL H 5 -21.04 8.59 -4.64
O DAL H 5 -19.74 8.49 -4.59
OXT DAL H 5 -21.76 8.34 -3.64
H DAL H 5 -20.81 10.03 -7.50
HA DAL H 5 -21.73 7.82 -6.59
HB1 DAL H 5 -23.40 10.04 -5.43
HB2 DAL H 5 -23.88 8.34 -5.41
HB3 DAL H 5 -23.82 9.28 -6.90
C1 MUB I . 11.39 -6.33 -5.10
C2 MUB I . 10.16 -7.19 -5.23
C3 MUB I . 10.40 -8.49 -4.48
C4 MUB I . 11.83 -9.01 -4.75
C5 MUB I . 12.84 -8.02 -4.18
C6 MUB I . 14.00 -7.82 -5.14
C7 MUB I . 8.62 -6.74 -3.45
C8 MUB I . 7.44 -6.03 -2.93
C9 MUB I . 9.21 -9.56 -6.27
C10 MUB I . 10.01 -10.59 -7.09
C11 MUB I . 8.02 -8.77 -6.91
O1 MUB I . 11.00 -5.02 -4.94
O3 MUB I . 9.42 -9.48 -4.84
O4 MUB I . 11.98 -10.35 -4.19
O5 MUB I . 12.21 -6.73 -3.97
O6 MUB I . 14.47 -9.05 -5.67
O7 MUB I . 9.30 -7.43 -2.69
O10 MUB I . 9.65 -10.87 -8.20
N2 MUB I . 8.99 -6.50 -4.69
H1 MUB I . 12.03 -6.38 -6.01
H2 MUB I . 10.00 -7.24 -6.33
HN2 MUB I . 8.42 -5.93 -5.28
H81 MUB I . 7.61 -4.97 -3.01
H82 MUB I . 7.29 -6.29 -1.89
H83 MUB I . 6.58 -6.33 -3.50
H3 MUB I . 10.20 -8.37 -3.41
H9 MUB I . 10.10 -8.97 -6.47
H111 MUB I . 7.05 -9.01 -6.43
H112 MUB I . 7.95 -9.01 -7.92
H113 MUB I . 8.23 -7.69 -6.84
H4 MUB I . 11.95 -9.37 -5.78
H5 MUB I . 13.27 -8.36 -3.28
H61 MUB I . 14.84 -7.53 -4.46
H62 MUB I . 13.92 -6.97 -5.88
HO6 MUB I . 14.73 -9.71 -5.01
C1 NAG I . 11.57 -10.46 -2.82
C2 NAG I . 11.75 -11.90 -2.36
C3 NAG I . 11.36 -12.07 -0.90
C4 NAG I . 12.07 -10.99 -0.04
C5 NAG I . 11.85 -9.60 -0.64
C6 NAG I . 12.57 -8.50 0.14
C7 NAG I . 9.61 -12.68 -3.26
C8 NAG I . 8.86 -13.62 -4.19
N2 NAG I . 10.95 -12.77 -3.20
O3 NAG I . 11.74 -13.36 -0.46
O4 NAG I . 11.54 -11.02 1.27
O5 NAG I . 12.34 -9.58 -1.99
O6 NAG I . 12.61 -7.27 -0.56
O7 NAG I . 8.96 -11.96 -2.51
H1 NAG I . 10.50 -10.16 -2.85
H2 NAG I . 12.72 -12.35 -2.57
H3 NAG I . 10.26 -11.94 -0.73
H4 NAG I . 13.10 -11.41 0.11
H5 NAG I . 10.82 -9.28 -0.62
H61 NAG I . 13.60 -8.77 0.36
H62 NAG I . 12.08 -8.43 1.14
H81 NAG I . 7.80 -13.35 -4.20
H82 NAG I . 8.96 -14.63 -3.84
H83 NAG I . 9.28 -13.55 -5.19
HN2 NAG I . 11.42 -13.35 -3.82
HO3 NAG I . 12.66 -13.46 -0.63
HO4 NAG I . 11.48 -11.92 1.60
HO6 NAG I . 12.51 -7.52 -1.49
C1 MUB J . -13.38 -7.57 -2.71
C2 MUB J . -14.64 -7.39 -3.54
C3 MUB J . -15.68 -6.64 -2.69
C4 MUB J . -15.63 -7.03 -1.20
C5 MUB J . -14.23 -6.76 -0.63
C6 MUB J . -13.76 -7.97 0.18
C7 MUB J . -14.71 -5.38 -4.88
C8 MUB J . -14.49 -4.66 -6.17
C9 MUB J . -17.37 -8.19 -3.40
C10 MUB J . -18.01 -8.97 -2.24
C11 MUB J . -17.29 -8.81 -4.84
O1 MUB J . -12.25 -7.56 -3.50
O3 MUB J . -17.01 -6.82 -3.22
O4 MUB J . -16.65 -6.28 -0.49
O5 MUB J . -13.27 -6.56 -1.69
O6 MUB J . -14.69 -8.33 1.20
O7 MUB J . -14.94 -4.73 -3.87
O10 MUB J . -18.53 -10.05 -2.45
N2 MUB J . -14.39 -6.66 -4.80
H1 MUB J . -13.36 -8.58 -2.20
H2 MUB J . -14.87 -8.43 -3.87
HN2 MUB J . -14.19 -7.19 -5.64
H81 MUB J . -13.56 -4.10 -6.09
H82 MUB J . -15.30 -3.98 -6.35
H83 MUB J . -14.44 -5.40 -6.96
H3 MUB J . -15.56 -5.56 -2.79
H9 MUB J . -16.46 -8.51 -2.90
H111 MUB J . -17.90 -8.23 -5.57
H112 MUB J . -17.67 -9.78 -4.81
H113 MUB J . -16.24 -8.88 -5.15
H4 MUB J . -16.12 -7.99 -1.00
H5 MUB J . -14.19 -5.95 0.03
H61 MUB J . -12.88 -7.64 0.75
H62 MUB J . -13.42 -8.86 -0.44
HO6 MUB J . -15.15 -7.59 1.60
C1 NAG J . -16.71 -4.89 -0.84
C2 NAG J . -17.91 -4.21 -0.20
C3 NAG J . -17.95 -2.75 -0.60
C4 NAG J . -16.59 -2.08 -0.31
C5 NAG J . -15.44 -2.90 -0.92
C6 NAG J . -14.08 -2.31 -0.56
C7 NAG J . -19.53 -4.93 -1.89
C8 NAG J . -20.81 -5.69 -2.21
N2 NAG J . -19.14 -4.89 -0.60
O3 NAG J . -18.97 -2.10 0.14
O4 NAG J . -16.59 -0.77 -0.87
O5 NAG J . -15.49 -4.24 -0.44
O6 NAG J . -13.02 -3.06 -1.12
O7 NAG J . -18.97 -4.29 -2.77
H1 NAG J . -16.83 -4.89 -1.93
H2 NAG J . -18.06 -4.33 0.88
H3 NAG J . -18.17 -2.61 -1.68
H4 NAG J . -16.63 -1.89 0.79
H5 NAG J . -15.44 -2.89 -2.01
H61 NAG J . -13.92 -2.30 0.51
H62 NAG J . -14.08 -1.26 -0.89
H81 NAG J . -20.96 -5.67 -3.30
H82 NAG J . -21.64 -5.21 -1.74
H83 NAG J . -20.72 -6.71 -1.86
HN2 NAG J . -19.60 -5.42 0.06
HO3 NAG J . -19.81 -2.45 -0.13
HO4 NAG J . -17.43 -0.35 -0.71
HO6 NAG J . -13.28 -3.98 -1.00
C1 MUB K . 11.42 6.11 7.92
C2 MUB K . 11.03 4.65 7.69
C3 MUB K . 11.81 3.79 8.68
C4 MUB K . 13.18 4.39 9.07
C5 MUB K . 12.98 5.80 9.70
C6 MUB K . 14.07 6.74 9.20
C7 MUB K . 9.08 3.90 8.92
C8 MUB K . 7.62 3.65 8.98
C9 MUB K . 12.84 2.31 7.07
C10 MUB K . 14.14 1.49 7.24
C11 MUB K . 12.40 2.84 5.68
O1 MUB K . 10.39 6.96 7.54
O3 MUB K . 11.95 2.42 8.19
O4 MUB K . 13.81 3.47 10.00
O5 MUB K . 11.71 6.36 9.31
O6 MUB K . 15.23 6.04 8.78
O7 MUB K . 9.73 3.81 9.96
O10 MUB K . 14.59 0.89 6.28
N2 MUB K . 9.59 4.41 7.80
H1 MUB K . 12.33 6.39 7.31
H2 MUB K . 11.25 4.52 6.60
HN2 MUB K . 9.01 4.48 6.97
H81 MUB K . 7.11 4.60 8.85
H82 MUB K . 7.35 3.25 9.94
H83 MUB K . 7.35 2.94 8.20
H3 MUB K . 11.19 3.55 9.53
H9 MUB K . 13.49 3.09 7.49
H111 MUB K . 11.33 2.60 5.46
H112 MUB K . 12.97 2.38 4.94
H113 MUB K . 12.58 3.92 5.62
H4 MUB K . 13.98 4.26 8.33
H5 MUB K . 13.06 5.77 10.75
H61 MUB K . 14.41 7.30 10.10
H62 MUB K . 13.70 7.49 8.44
HO6 MUB K . 16.06 6.37 9.12
C1 NAG K . 13.04 3.21 11.19
C2 NAG K . 13.64 2.04 11.99
C3 NAG K . 12.96 1.83 13.34
C4 NAG K . 12.73 3.16 14.06
C5 NAG K . 12.09 4.18 13.12
C6 NAG K . 11.82 5.51 13.78
C7 NAG K . 12.43 0.28 10.79
C8 NAG K . 12.49 -0.97 9.93
N2 NAG K . 13.58 0.83 11.19
O3 NAG K . 13.78 0.98 14.14
O4 NAG K . 11.88 2.96 15.17
O5 NAG K . 12.94 4.39 11.99
O6 NAG K . 11.14 6.42 12.92
O7 NAG K . 11.33 0.68 11.18
H1 NAG K . 12.05 2.92 10.80
H2 NAG K . 14.71 2.12 12.10
H3 NAG K . 11.96 1.32 13.24
H4 NAG K . 13.71 3.38 14.56
H5 NAG K . 11.10 3.88 12.78
H61 NAG K . 12.74 6.01 14.08
H62 NAG K . 11.24 5.32 14.72
H81 NAG K . 11.47 -1.30 9.72
H82 NAG K . 13.00 -1.75 10.46
H83 NAG K . 13.02 -0.74 9.01
HN2 NAG K . 14.42 0.49 10.85
HO3 NAG K . 13.95 0.19 13.64
HO4 NAG K . 12.23 2.26 15.73
HO6 NAG K . 10.55 6.90 13.53
C1 MUB L . -6.88 9.18 -9.25
C2 MUB L . -6.74 10.64 -8.85
C3 MUB L . -7.98 11.06 -8.07
C4 MUB L . -9.27 10.65 -8.80
C5 MUB L . -9.25 9.14 -9.02
C6 MUB L . -9.43 8.81 -10.51
C7 MUB L . -5.50 10.67 -6.80
C8 MUB L . -4.25 10.95 -6.02
C9 MUB L . -7.81 13.28 -8.98
C10 MUB L . -9.03 13.71 -9.82
C11 MUB L . -6.40 13.91 -9.25
O1 MUB L . -5.74 8.46 -8.94
O3 MUB L . -8.00 12.47 -7.79
O4 MUB L . -10.41 11.08 -8.00
O5 MUB L . -8.01 8.56 -8.58
O6 MUB L . -8.84 9.82 -11.32
O7 MUB L . -6.43 10.11 -6.24
O10 MUB L . -8.88 14.47 -10.75
N2 MUB L . -5.51 10.91 -8.09
H1 MUB L . -7.00 9.06 -10.34
H2 MUB L . -6.54 11.17 -9.81
HN2 MUB L . -4.73 11.36 -8.52
H81 MUB L . -3.99 12.00 -6.14
H82 MUB L . -3.44 10.34 -6.39
H83 MUB L . -4.43 10.71 -4.98
H3 MUB L . -7.94 10.67 -7.05
H9 MUB L . -7.87 12.39 -9.62
H111 MUB L . -6.03 14.49 -8.38
H112 MUB L . -6.46 14.54 -10.06
H113 MUB L . -5.69 13.10 -9.50
H4 MUB L . -9.53 11.32 -9.62
H5 MUB L . -10.05 8.66 -8.55
H61 MUB L . -10.51 8.93 -10.71
H62 MUB L . -9.15 7.77 -10.81
HO6 MUB L . -9.39 10.09 -12.06
C1 NAG L . -10.30 10.76 -6.60
C2 NAG L . -11.56 11.20 -5.86
C3 NAG L . -11.50 10.81 -4.38
C4 NAG L . -11.08 9.34 -4.25
C5 NAG L . -9.82 9.04 -5.06
C6 NAG L . -9.41 7.58 -4.99
C7 NAG L . -10.79 13.51 -5.56
C8 NAG L . -11.03 14.99 -5.78
N2 NAG L . -11.71 12.64 -6.00
O3 NAG L . -12.78 11.02 -3.80
O4 NAG L . -10.83 9.06 -2.89
O5 NAG L . -10.06 9.37 -6.44
O6 NAG L . -8.10 7.38 -5.49
O7 NAG L . -9.81 13.16 -4.90
H1 NAG L . -9.44 11.37 -6.27
H2 NAG L . -12.51 10.93 -6.30
H3 NAG L . -10.77 11.42 -3.81
H4 NAG L . -12.03 8.77 -4.43
H5 NAG L . -8.95 9.58 -4.71
H61 NAG L . -10.07 6.94 -5.56
H62 NAG L . -9.52 7.27 -3.93
H81 NAG L . -11.92 15.30 -5.23
H82 NAG L . -11.19 15.18 -6.82
H83 NAG L . -10.16 15.55 -5.44
HN2 NAG L . -12.46 12.96 -6.52
HO3 NAG L . -13.41 10.58 -4.37
HO4 NAG L . -11.50 9.45 -2.33
HO6 NAG L . -8.06 7.89 -6.30
P 2PO M . 10.59 -4.11 -6.21
O1P 2PO M . 11.58 -4.32 -7.29
O2P 2PO M . 9.14 -4.24 -6.52
O3P 2PO M . 10.81 -2.68 -5.61
P 2PO N . 9.88 -2.24 -4.42
O1P 2PO N . 10.61 -1.15 -3.74
O2P 2PO N . 8.44 -2.01 -4.91
O3P 2PO N . 9.95 -3.52 -3.49
C1 P1W O . 10.54 -3.41 -2.21
C2 P1W O . 10.20 -4.65 -1.46
C3 P1W O . 10.15 -4.82 -0.14
C4 P1W O . 9.81 -6.16 0.40
C5 P1W O . 10.39 -3.73 0.95
H12 P1W O . 10.17 -2.54 -1.71
H11 P1W O . 11.61 -3.33 -2.32
H2 P1W O . 9.72 -5.40 -2.09
H41 P1W O . 8.73 -6.27 0.47
H42 P1W O . 10.20 -6.90 -0.27
H51 P1W O . 11.32 -3.95 1.47
H52 P1W O . 9.57 -3.75 1.66
H53 P1W O . 10.46 -2.76 0.49
C1 P1W P . 10.42 -6.35 1.78
C2 P1W P . 9.75 -7.49 2.51
C3 P1W P . 10.21 -8.03 3.66
C4 P1W P . 9.54 -9.18 4.39
C5 P1W P . 11.45 -7.50 4.38
H12 P1W P . 11.48 -6.55 1.65
H11 P1W P . 10.30 -5.44 2.34
H2 P1W P . 9.03 -8.03 1.92
H41 P1W P . 10.10 -9.39 5.29
H42 P1W P . 8.53 -8.90 4.66
H51 P1W P . 11.30 -7.61 5.45
H52 P1W P . 11.58 -6.45 4.14
H53 P1W P . 12.31 -8.06 4.07
C1 P1W Q . 9.50 -10.45 3.53
C2 P1W Q . 8.82 -11.57 4.28
C3 P1W Q . 9.45 -12.58 4.90
C4 P1W Q . 8.69 -13.69 5.64
C5 P1W Q . 10.97 -12.73 4.94
H12 P1W Q . 8.95 -10.24 2.63
H11 P1W Q . 10.51 -10.75 3.29
H2 P1W Q . 7.76 -11.57 4.18
H43 P1W Q . 8.06 -14.22 4.94
H41 P1W Q . 8.08 -13.25 6.41
H42 P1W Q . 9.39 -14.37 6.09
H51 P1W Q . 11.42 -11.76 5.09
H52 P1W Q . 11.31 -13.14 4.00
H53 P1W Q . 11.25 -13.40 5.75
C1 P1W R . -8.73 -1.67 -1.79
C2 P1W R . -8.65 -1.03 -0.43
C3 P1W R . -9.66 -0.36 0.12
C4 P1W R . -9.55 0.29 1.48
C5 P1W R . -11.03 -0.21 -0.53
H12 P1W R . -8.04 -1.18 -2.47
H11 P1W R . -9.73 -1.56 -2.18
H2 P1W R . -7.65 -0.90 -0.06
H41 P1W R . -8.65 -0.06 1.97
H42 P1W R . -10.40 0.02 2.08
H51 P1W R . -11.68 0.32 0.14
H52 P1W R . -11.44 -1.18 -0.75
H53 P1W R . -10.93 0.35 -1.45
C1 P1W S . -9.49 1.81 1.32
C2 P1W S . -9.87 2.48 2.61
C3 P1W S . -9.06 3.29 3.33
C4 P1W S . -9.50 3.97 4.63
C5 P1W S . -7.63 3.59 2.92
H12 P1W S . -8.48 2.09 1.05
H11 P1W S . -10.17 2.10 0.54
H2 P1W S . -10.88 2.31 2.93
H43 P1W S . -10.58 4.02 4.66
H41 P1W S . -9.09 4.97 4.66
H42 P1W S . -9.15 3.40 5.47
H51 P1W S . -7.63 4.36 2.15
H52 P1W S . -7.17 2.70 2.53
H53 P1W S . -7.06 3.94 3.78
P 2PO T . -10.85 -8.27 -3.05
O1P 2PO T . -10.21 -7.41 -2.05
O2P 2PO T . -11.12 -9.69 -2.72
O3P 2PO T . -9.97 -8.25 -4.41
P 2PO U . -9.23 -6.93 -4.93
O1P 2PO U . -8.31 -6.49 -3.89
O2P 2PO U . -8.69 -7.17 -6.32
O3P 2PO U . -10.41 -5.86 -5.03
C1 P1W V . -10.87 -5.23 -3.84
C2 P1W V . -9.76 -4.34 -3.30
C3 P1W V . -9.53 -4.06 -2.02
C4 P1W V . -8.35 -3.15 -1.69
C5 P1W V . -10.34 -4.61 -0.84
H12 P1W V . -11.14 -5.98 -3.12
H11 P1W V . -11.73 -4.63 -4.08
H2 P1W V . -8.93 -4.24 -3.96
H41 P1W V . -7.56 -3.34 -2.40
H42 P1W V . -8.01 -3.34 -0.70
H51 P1W V . -11.40 -4.53 -1.05
H52 P1W V . -10.11 -4.06 0.05
H53 P1W V . -10.09 -5.66 -0.69
P 2PO W . 9.90 7.10 6.00
O1P 2PO W . 10.94 7.82 5.24
O2P 2PO W . 9.49 5.76 5.51
O3P 2PO W . 8.59 8.05 6.07
P 2PO X . 7.80 8.27 7.46
O1P 2PO X . 6.45 8.77 7.13
O2P 2PO X . 7.88 7.03 8.26
O3P 2PO X . 8.67 9.46 8.20
C1 P1W Y . 8.04 10.63 8.79
C2 P1W Y . 7.55 10.26 10.17
C3 P1W Y . 7.28 11.11 11.21
C4 P1W Y . 6.72 10.56 12.52
C5 P1W Y . 7.55 12.60 11.18
H12 P1W Y . 7.19 10.91 8.17
H11 P1W Y . 8.73 11.45 8.84
H2 P1W Y . 7.62 9.21 10.36
H41 P1W Y . 7.52 10.12 13.09
H42 P1W Y . 5.97 9.81 12.30
H51 P1W Y . 8.15 12.84 10.32
H52 P1W Y . 8.08 12.89 12.08
H53 P1W Y . 6.61 13.13 11.13
C1 P1W Z . 6.06 11.66 13.39
C2 P1W Z . 4.77 12.12 12.77
C3 P1W Z . 3.57 11.58 13.03
C4 P1W Z . 2.31 12.10 12.37
C5 P1W Z . 3.34 10.42 13.99
H12 P1W Z . 5.88 11.25 14.37
H11 P1W Z . 6.73 12.50 13.46
H2 P1W Z . 4.84 13.04 12.23
H41 P1W Z . 1.46 11.68 12.87
H42 P1W Z . 2.31 11.80 11.32
H51 P1W Z . 4.13 9.70 13.88
H52 P1W Z . 2.39 9.95 13.76
H53 P1W Z . 3.32 10.79 15.00
C1 P1W AA . 2.26 13.63 12.45
C2 P1W AA . 1.59 14.21 11.23
C3 P1W AA . 1.27 15.52 11.08
C4 P1W AA . 0.60 16.08 9.82
C5 P1W AA . 1.52 16.57 12.16
H12 P1W AA . 1.70 13.91 13.33
H11 P1W AA . 3.26 14.02 12.52
H2 P1W AA . 1.50 13.54 10.41
H43 P1W AA . 0.74 15.38 9.00
H41 P1W AA . 1.05 17.02 9.56
H42 P1W AA . -0.45 16.20 9.99
H51 P1W AA . 1.09 17.51 11.85
H52 P1W AA . 2.59 16.69 12.29
H53 P1W AA . 1.08 16.26 13.10
P 2PO BA . -4.43 8.55 -9.86
O1P 2PO BA . -4.70 9.48 -10.96
O2P 2PO BA . -3.26 8.82 -9.00
O3P 2PO BA . -4.28 7.08 -10.48
P 2PO CA . -4.03 5.80 -9.57
O1P 2PO CA . -4.31 4.63 -10.45
O2P 2PO CA . -2.67 5.90 -8.91
O3P 2PO CA . -5.19 5.91 -8.45
C1 P1W DA . -6.59 5.74 -8.78
C2 P1W DA . -7.30 5.24 -7.54
C3 P1W DA . -8.62 5.05 -7.35
C4 P1W DA . -9.07 4.49 -6.01
C5 P1W DA . -9.75 5.37 -8.36
H12 P1W DA . -6.68 5.01 -9.57
H11 P1W DA . -7.00 6.68 -9.10
H2 P1W DA . -6.64 5.13 -6.69
H41 P1W DA . -9.01 5.28 -5.27
H42 P1W DA . -8.41 3.69 -5.72
H51 P1W DA . -10.44 6.08 -7.92
H52 P1W DA . -10.29 4.47 -8.60
H53 P1W DA . -9.33 5.78 -9.26
C1 P1W EA . -10.51 3.98 -6.06
C2 P1W EA . -11.04 3.82 -4.66
C3 P1W EA . -12.36 3.75 -4.38
C4 P1W EA . -12.86 3.61 -2.97
C5 P1W EA . -13.44 3.81 -5.44
H12 P1W EA . -11.11 4.68 -6.60
H11 P1W EA . -10.52 3.02 -6.56
H2 P1W EA . -10.33 4.00 -3.87
H41 P1W EA . -12.09 3.19 -2.35
H42 P1W EA . -13.73 2.96 -2.97
H51 P1W EA . -13.05 3.43 -6.38
H52 P1W EA . -13.78 4.82 -5.58
H53 P1W EA . -14.28 3.19 -5.14
C1 P1W FA . -13.27 4.98 -2.42
C2 P1W FA . -13.54 4.90 -0.94
C3 P1W FA . -13.49 5.95 -0.10
C4 P1W FA . -13.79 5.83 1.41
C5 P1W FA . -13.11 7.37 -0.53
H12 P1W FA . -12.47 5.68 -2.60
H11 P1W FA . -14.17 5.32 -2.92
H2 P1W FA . -13.79 3.92 -0.57
H43 P1W FA . -14.73 6.32 1.63
H41 P1W FA . -12.99 6.28 1.98
H42 P1W FA . -13.88 4.78 1.67
H51 P1W FA . -13.90 7.76 -1.14
H52 P1W FA . -12.20 7.32 -1.10
H53 P1W FA . -12.97 7.99 0.34
N ZAE A 1 -6.08 -16.26 -3.38
CA ZAE A 1 -7.12 -15.27 -2.94
C ZAE A 1 -6.53 -13.87 -2.79
O ZAE A 1 -6.74 -13.00 -3.65
CB ZAE A 1 -8.29 -15.23 -3.94
CG ZAE A 1 -9.60 -14.83 -3.29
CD1 ZAE A 1 -9.92 -15.25 -2.01
CD2 ZAE A 1 -10.51 -14.04 -3.97
CE1 ZAE A 1 -11.12 -14.90 -1.43
CE2 ZAE A 1 -11.71 -13.68 -3.39
CZ ZAE A 1 -12.02 -14.11 -2.12
C10 ZAE A 1 -5.54 -15.94 -4.71
H1 ZAE A 1 -6.48 -17.22 -3.42
HA ZAE A 1 -7.49 -15.59 -1.98
HB2 ZAE A 1 -8.08 -14.52 -4.71
HB3 ZAE A 1 -8.42 -16.20 -4.37
HD1 ZAE A 1 -9.22 -15.87 -1.47
HD2 ZAE A 1 -10.27 -13.69 -4.97
HE1 ZAE A 1 -11.36 -15.23 -0.43
HE2 ZAE A 1 -12.41 -13.06 -3.94
HZ ZAE A 1 -12.96 -13.83 -1.66
H11 ZAE A 1 -4.81 -16.69 -5.01
H12 ZAE A 1 -5.05 -14.97 -4.69
H13 ZAE A 1 -6.34 -15.92 -5.43
N ILE A 2 -5.78 -13.66 -1.72
CA ILE A 2 -5.18 -12.38 -1.46
C ILE A 2 -3.70 -12.43 -1.86
N SER A 3 -3.23 -11.35 -2.47
CA SER A 3 -1.83 -11.23 -2.86
C SER A 3 -1.38 -9.78 -2.83
N DAR A 4 -0.09 -9.59 -3.10
CA DAR A 4 0.50 -8.27 -3.09
CB DAR A 4 0.98 -7.93 -4.49
CG DAR A 4 -0.10 -8.06 -5.52
CD DAR A 4 0.49 -7.96 -6.90
NE DAR A 4 -0.50 -8.01 -7.95
CZ DAR A 4 -0.18 -8.03 -9.23
NH1 DAR A 4 -1.11 -8.09 -10.16
NH2 DAR A 4 1.10 -7.97 -9.58
C DAR A 4 1.66 -8.21 -2.15
O DAR A 4 2.57 -9.05 -2.22
H DAR A 4 0.47 -10.36 -3.33
HA DAR A 4 -0.25 -7.56 -2.79
HB2 DAR A 4 1.79 -8.59 -4.75
HB3 DAR A 4 1.34 -6.91 -4.49
HG2 DAR A 4 -0.83 -7.27 -5.39
HG3 DAR A 4 -0.59 -9.02 -5.41
HD2 DAR A 4 1.19 -8.77 -7.04
HD3 DAR A 4 1.02 -7.01 -6.98
HE DAR A 4 -1.44 -8.03 -7.68
HH11 DAR A 4 -0.85 -8.12 -11.16
HH12 DAR A 4 -2.12 -8.12 -9.89
HH21 DAR A 4 1.37 -8.01 -10.59
HH22 DAR A 4 1.84 -7.89 -8.85
N 28J A 5 1.65 -7.24 -1.25
CA 28J A 5 2.74 -7.09 -0.33
CB 28J A 5 2.51 -7.84 1.01
CG2 28J A 5 1.04 -7.78 1.40
CG1 28J A 5 2.93 -9.32 0.90
CD1 28J A 5 2.90 -10.07 2.23
C 28J A 5 3.00 -5.61 -0.09
O 28J A 5 2.23 -4.73 -0.48
HA 28J A 5 3.61 -7.51 -0.80
H22 28J A 5 3.09 -7.36 1.79
H23 28J A 5 0.76 -6.75 1.55
H24 28J A 5 0.88 -8.34 2.30
H25 28J A 5 0.44 -8.20 0.60
H26 28J A 5 3.93 -9.39 0.50
H27 28J A 5 2.25 -9.83 0.24
H28 28J A 5 3.20 -11.09 2.08
H29 28J A 5 1.91 -10.04 2.64
H30 28J A 5 3.59 -9.59 2.92
N ILE A 6 4.17 -5.35 0.46
CA ILE A 6 4.58 -3.99 0.83
C ILE A 6 6.05 -3.69 0.46
N SER A 7 6.28 -2.61 -0.35
CA SER A 7 7.63 -2.20 -0.76
C SER A 7 7.67 -0.71 -1.17
N DTH A 8 8.78 -0.33 -1.84
CA DTH A 8 8.98 1.02 -2.40
CB DTH A 8 8.94 1.10 -3.95
CG2 DTH A 8 7.65 0.56 -4.49
OG1 DTH A 8 10.06 0.39 -4.51
C DTH A 8 10.43 1.46 -2.00
O DTH A 8 10.78 2.59 -2.39
H DTH A 8 9.54 -0.97 -1.86
HA DTH A 8 8.26 1.70 -1.97
HB DTH A 8 9.06 2.15 -4.26
HG21 DTH A 8 7.54 -0.47 -4.19
HG22 DTH A 8 7.64 0.63 -5.57
HG23 DTH A 8 6.84 1.14 -4.09
N ALA A 9 11.18 0.58 -1.35
CA ALA A 9 12.52 0.79 -1.04
C ALA A 9 13.35 0.73 -2.31
N LEU A 10 13.61 -0.48 -2.66
CA LEU A 10 14.29 -0.87 -3.91
C LEU A 10 13.54 -0.42 -5.16
N ILE A 11 12.25 -0.71 -5.22
CA ILE A 11 11.43 -0.38 -6.39
C ILE A 11 10.18 0.37 -5.93
N ZAE B 1 7.90 5.46 1.24
CA ZAE B 1 8.43 4.47 2.22
C ZAE B 1 7.63 3.17 2.16
O ZAE B 1 8.06 2.21 1.52
CB ZAE B 1 9.89 4.17 1.89
CG ZAE B 1 10.74 3.81 3.08
CD1 ZAE B 1 10.38 2.79 3.91
CD2 ZAE B 1 11.91 4.51 3.35
CE1 ZAE B 1 11.11 2.49 5.05
CE2 ZAE B 1 12.67 4.21 4.47
CZ ZAE B 1 12.27 3.18 5.31
C10 ZAE B 1 7.88 4.86 -0.12
H1 ZAE B 1 8.52 6.30 1.20
HA ZAE B 1 8.36 4.89 3.22
HB2 ZAE B 1 9.92 3.33 1.21
HB3 ZAE B 1 10.33 5.03 1.41
HD1 ZAE B 1 9.47 2.24 3.71
HD2 ZAE B 1 12.23 5.31 2.70
HE1 ZAE B 1 10.79 1.68 5.69
HE2 ZAE B 1 13.57 4.75 4.68
HZ ZAE B 1 12.85 2.95 6.19
H11 ZAE B 1 7.22 4.00 -0.15
H12 ZAE B 1 8.88 4.54 -0.39
H13 ZAE B 1 7.54 5.58 -0.85
N ILE B 2 6.47 3.12 2.79
CA ILE B 2 5.68 1.90 2.75
C ILE B 2 4.57 2.03 1.73
N SER B 3 4.63 1.12 0.76
CA SER B 3 3.65 1.03 -0.30
C SER B 3 3.34 -0.40 -0.63
N DAR B 4 2.25 -0.53 -1.32
CA DAR B 4 1.78 -1.82 -1.73
CB DAR B 4 1.87 -1.97 -3.25
CG DAR B 4 3.27 -1.76 -3.83
CD DAR B 4 3.28 -1.76 -5.36
NE DAR B 4 4.61 -1.47 -5.91
CZ DAR B 4 4.86 -1.36 -7.22
NH1 DAR B 4 3.89 -1.56 -8.10
NH2 DAR B 4 6.09 -1.08 -7.65
C DAR B 4 0.35 -1.95 -1.30
O DAR B 4 -0.34 -0.93 -1.22
H DAR B 4 1.69 0.27 -1.49
HA DAR B 4 2.37 -2.57 -1.24
HB2 DAR B 4 1.20 -1.27 -3.71
HB3 DAR B 4 1.55 -2.97 -3.51
HG2 DAR B 4 3.92 -2.55 -3.47
HG3 DAR B 4 3.63 -0.80 -3.49
HD2 DAR B 4 2.59 -1.01 -5.71
HD3 DAR B 4 2.96 -2.73 -5.71
HE DAR B 4 5.35 -1.34 -5.28
HH11 DAR B 4 4.09 -1.47 -9.12
HH12 DAR B 4 2.94 -1.82 -7.78
HH21 DAR B 4 6.28 -1.00 -8.67
HH22 DAR B 4 6.86 -0.93 -6.97
N 28J B 5 -0.06 -3.17 -0.97
CA 28J B 5 -1.40 -3.41 -0.54
CB 28J B 5 -1.58 -3.17 0.99
CG2 28J B 5 -0.26 -3.32 1.73
CG1 28J B 5 -2.18 -1.77 1.26
CD1 28J B 5 -2.66 -1.57 2.67
C 28J B 5 -1.85 -4.81 -0.86
O 28J B 5 -1.04 -5.72 -1.10
HA 28J B 5 -2.04 -2.71 -1.06
H22 28J B 5 -2.26 -3.92 1.36
H23 28J B 5 -0.42 -3.13 2.78
H24 28J B 5 0.45 -2.60 1.35
H25 28J B 5 0.12 -4.32 1.58
H26 28J B 5 -3.01 -1.62 0.59
H27 28J B 5 -1.42 -1.03 1.06
H28 28J B 5 -1.86 -1.75 3.36
H29 28J B 5 -3.47 -2.26 2.87
H30 28J B 5 -3.01 -0.56 2.79
N ILE B 6 -3.15 -4.96 -0.97
CA ILE B 6 -3.72 -6.28 -1.15
C ILE B 6 -4.58 -6.37 -2.40
N SER B 7 -4.41 -7.47 -3.17
CA SER B 7 -5.15 -7.63 -4.40
C SER B 7 -5.10 -9.03 -4.95
N DTH B 8 -5.94 -9.25 -5.96
CA DTH B 8 -6.01 -10.53 -6.66
CB DTH B 8 -5.53 -10.50 -8.14
CG2 DTH B 8 -4.07 -10.06 -8.21
OG1 DTH B 8 -6.35 -9.64 -8.92
C DTH B 8 -7.42 -11.20 -6.82
O DTH B 8 -7.44 -12.34 -7.26
H DTH B 8 -6.58 -8.55 -6.20
HA DTH B 8 -5.40 -11.25 -6.12
HB DTH B 8 -5.61 -11.50 -8.59
HG21 DTH B 8 -3.46 -10.78 -7.70
HG22 DTH B 8 -3.95 -9.09 -7.73
HG23 DTH B 8 -3.77 -9.99 -9.24
N ALA B 9 -8.51 -10.43 -6.71
CA ALA B 9 -9.84 -10.92 -6.98
C ALA B 9 -10.17 -10.68 -8.41
N LEU B 10 -10.32 -9.42 -8.69
CA LEU B 10 -10.66 -8.97 -10.04
C LEU B 10 -9.43 -8.99 -10.93
N ILE B 11 -8.28 -8.75 -10.30
CA ILE B 11 -7.03 -8.67 -11.02
C ILE B 11 -6.03 -9.56 -10.31
N ZAE C 1 -6.12 -4.21 -5.66
CA ZAE C 1 -7.25 -3.25 -5.47
C ZAE C 1 -6.79 -2.02 -4.67
O ZAE C 1 -6.99 -0.88 -5.09
CB ZAE C 1 -7.80 -2.81 -6.83
CG ZAE C 1 -9.21 -2.30 -6.75
CD1 ZAE C 1 -9.87 -2.19 -5.51
CD2 ZAE C 1 -9.88 -1.92 -7.89
CE1 ZAE C 1 -11.16 -1.70 -5.46
CE2 ZAE C 1 -11.17 -1.43 -7.84
CZ ZAE C 1 -11.82 -1.33 -6.62
C10 ZAE C 1 -5.04 -3.58 -6.45
H1 ZAE C 1 -6.45 -5.05 -6.17
HA ZAE C 1 -8.02 -3.75 -4.92
HB2 ZAE C 1 -7.18 -2.01 -7.22
HB3 ZAE C 1 -7.77 -3.64 -7.51
HD1 ZAE C 1 -9.36 -2.48 -4.61
HD2 ZAE C 1 -9.38 -2.01 -8.85
HE1 ZAE C 1 -11.67 -1.62 -4.51
HE2 ZAE C 1 -11.67 -1.14 -8.75
HZ ZAE C 1 -12.83 -0.94 -6.58
H11 ZAE C 1 -4.22 -4.27 -6.61
H12 ZAE C 1 -4.67 -2.70 -5.92
H13 ZAE C 1 -5.43 -3.26 -7.40
N ILE C 2 -6.19 -2.24 -3.52
CA ILE C 2 -5.74 -1.13 -2.72
C ILE C 2 -4.24 -1.17 -2.57
N SER C 3 -3.63 -0.03 -2.87
CA SER C 3 -2.21 0.17 -2.74
C SER C 3 -1.89 1.57 -2.30
N DAR C 4 -0.66 1.72 -1.93
CA DAR C 4 -0.17 2.99 -1.49
CB DAR C 4 0.94 3.50 -2.41
CG DAR C 4 0.62 3.40 -3.91
CD DAR C 4 1.89 3.27 -4.75
NE DAR C 4 1.63 3.50 -6.17
CZ DAR C 4 2.60 3.74 -7.07
NH1 DAR C 4 3.87 3.77 -6.69
NH2 DAR C 4 2.29 3.96 -8.34
C DAR C 4 0.39 2.81 -0.11
O DAR C 4 0.99 1.75 0.16
H DAR C 4 -0.07 0.93 -1.92
HA DAR C 4 -0.98 3.69 -1.46
HB2 DAR C 4 1.84 2.94 -2.22
HB3 DAR C 4 1.12 4.54 -2.18
HG2 DAR C 4 0.08 4.28 -4.23
HG3 DAR C 4 0.02 2.52 -4.07
HD2 DAR C 4 2.28 2.26 -4.63
HD3 DAR C 4 2.62 3.98 -4.40
HE DAR C 4 0.70 3.48 -6.48
HH11 DAR C 4 4.63 3.95 -7.39
HH12 DAR C 4 4.13 3.63 -5.69
HH21 DAR C 4 3.04 4.13 -9.04
HH22 DAR C 4 1.30 3.96 -8.65
N 28J C 5 0.17 3.79 0.76
CA 28J C 5 0.68 3.70 2.11
CB 28J C 5 -0.34 3.02 3.07
CG2 28J C 5 -1.76 3.20 2.55
CG1 28J C 5 -0.01 1.54 3.23
CD1 28J C 5 -0.59 0.90 4.46
C 28J C 5 1.04 5.05 2.66
O 28J C 5 0.40 6.07 2.32
HA 28J C 5 1.56 3.07 2.08
H22 28J C 5 -0.27 3.50 4.02
H23 28J C 5 -1.84 2.76 1.57
H24 28J C 5 -2.00 4.25 2.50
H25 28J C 5 -2.45 2.71 3.21
H26 28J C 5 1.06 1.42 3.26
H27 28J C 5 -0.39 0.99 2.36
H28 28J C 5 -1.67 1.00 4.44
H29 28J C 5 -0.20 1.40 5.34
H30 28J C 5 -0.33 -0.15 4.49
N ILE C 6 2.13 5.08 3.44
CA ILE C 6 2.51 6.32 4.13
C ILE C 6 4.02 6.52 4.23
N SER C 7 4.48 7.75 3.97
CA SER C 7 5.90 8.07 4.02
C SER C 7 6.20 9.55 4.00
N DTH C 8 7.50 9.86 3.86
CA DTH C 8 8.00 11.22 3.80
CB DTH C 8 9.02 11.47 2.65
CG2 DTH C 8 8.37 11.20 1.32
OG1 DTH C 8 10.16 10.63 2.83
C DTH C 8 8.77 11.61 5.06
O DTH C 8 9.28 12.73 5.10
H DTH C 8 8.14 9.12 3.89
HA DTH C 8 7.16 11.89 3.67
HB DTH C 8 9.38 12.51 2.70
HG21 DTH C 8 7.54 11.87 1.18
HG22 DTH C 8 8.03 10.18 1.27
HG23 DTH C 8 9.10 11.37 0.53
N ALA C 9 8.91 10.68 6.01
CA ALA C 9 9.74 10.89 7.19
C ALA C 9 11.18 10.90 6.79
N LEU C 10 11.62 9.74 6.31
CA LEU C 10 13.00 9.57 5.84
C LEU C 10 13.15 10.02 4.40
N ILE C 11 12.30 9.48 3.55
CA ILE C 11 12.34 9.82 2.14
C ILE C 11 11.17 10.74 1.84
N ZAE D 1 6.06 16.51 6.13
CA ZAE D 1 6.24 15.40 7.13
C ZAE D 1 5.64 14.09 6.64
O ZAE D 1 6.35 13.17 6.23
CB ZAE D 1 7.73 15.19 7.47
CG ZAE D 1 7.96 14.41 8.74
CD1 ZAE D 1 6.96 14.33 9.71
CD2 ZAE D 1 9.18 13.78 8.98
CE1 ZAE D 1 7.18 13.63 10.89
CE2 ZAE D 1 9.39 13.07 10.15
CZ ZAE D 1 8.40 13.00 11.11
C10 ZAE D 1 6.74 16.21 4.86
H1 ZAE D 1 6.46 17.39 6.50
HA ZAE D 1 5.73 15.70 8.04
HB2 ZAE D 1 8.19 14.64 6.65
HB3 ZAE D 1 8.21 16.15 7.56
HD1 ZAE D 1 6.01 14.81 9.54
HD2 ZAE D 1 9.96 13.83 8.23
HE1 ZAE D 1 6.39 13.58 11.63
HE2 ZAE D 1 10.34 12.58 10.33
HZ ZAE D 1 8.56 12.46 12.03
H11 ZAE D 1 6.57 17.01 4.14
H12 ZAE D 1 6.36 15.28 4.45
H13 ZAE D 1 7.81 16.11 5.02
N ILE D 2 4.31 14.01 6.66
CA ILE D 2 3.62 12.82 6.23
C ILE D 2 3.06 13.02 4.82
N SER D 3 3.31 12.03 3.96
CA SER D 3 2.79 12.05 2.60
C SER D 3 2.53 10.64 2.10
N DAR D 4 1.76 10.57 1.01
CA DAR D 4 1.38 9.32 0.40
CB DAR D 4 2.06 9.20 -0.96
CG DAR D 4 3.54 9.31 -0.87
CD DAR D 4 4.12 9.62 -2.23
NE DAR D 4 5.54 9.40 -2.23
CZ DAR D 4 6.27 9.28 -3.32
NH1 DAR D 4 7.57 9.09 -3.22
NH2 DAR D 4 5.68 9.33 -4.52
C DAR D 4 -0.09 9.23 0.19
O DAR D 4 -0.70 10.15 -0.36
H DAR D 4 1.44 11.41 0.61
HA DAR D 4 1.71 8.51 1.03
HB2 DAR D 4 1.69 10.00 -1.60
HB3 DAR D 4 1.81 8.25 -1.39
HG2 DAR D 4 3.94 8.36 -0.53
HG3 DAR D 4 3.80 10.09 -0.18
HD2 DAR D 4 3.92 10.66 -2.46
HD3 DAR D 4 3.67 8.98 -2.96
HE DAR D 4 5.98 9.33 -1.35
HH11 DAR D 4 8.15 9.02 -4.08
HH12 DAR D 4 8.00 8.97 -2.29
HH21 DAR D 4 6.23 9.25 -5.38
HH22 DAR D 4 4.64 9.43 -4.58
N 28J D 5 -0.69 8.12 0.60
CA 28J D 5 -2.11 7.96 0.38
CB 28J D 5 -2.92 8.33 1.65
CG2 28J D 5 -2.07 8.14 2.90
CG1 28J D 5 -3.42 9.78 1.59
CD1 28J D 5 -4.39 10.13 2.69
C 28J D 5 -2.43 6.54 -0.12
O 28J D 5 -1.57 5.65 -0.09
HA 28J D 5 -2.37 8.65 -0.40
H22 28J D 5 -3.78 7.66 1.72
H23 28J D 5 -1.67 7.13 2.92
H24 28J D 5 -2.67 8.31 3.79
H25 28J D 5 -1.26 8.85 2.89
H26 28J D 5 -3.91 9.95 0.64
H27 28J D 5 -2.57 10.44 1.67
H28 28J D 5 -4.73 11.16 2.55
H29 28J D 5 -3.91 10.04 3.65
H30 28J D 5 -5.25 9.48 2.65
N ILE D 6 -3.65 6.41 -0.66
CA ILE D 6 -4.17 5.13 -1.16
C ILE D 6 -4.64 5.20 -2.64
N SER D 7 -4.18 4.23 -3.47
CA SER D 7 -4.59 4.15 -4.89
C SER D 7 -4.50 2.72 -5.38
N DTH D 8 -5.24 2.43 -6.44
CA DTH D 8 -5.24 1.11 -7.06
CB DTH D 8 -4.22 0.93 -8.20
CG2 DTH D 8 -2.85 1.23 -7.68
OG1 DTH D 8 -4.54 1.77 -9.33
C DTH D 8 -6.60 0.83 -7.80
O DTH D 8 -6.82 -0.35 -8.07
H DTH D 8 -5.86 3.12 -6.79
HA DTH D 8 -5.11 0.35 -6.30
HB DTH D 8 -4.26 -0.11 -8.55
HG21 DTH D 8 -2.84 2.22 -7.26
HG22 DTH D 8 -2.13 1.15 -8.47
HG23 DTH D 8 -2.61 0.52 -6.90
N ALA D 9 -7.37 1.85 -8.12
CA ALA D 9 -8.50 1.74 -8.83
C ALA D 9 -8.06 1.65 -10.30
N LEU D 10 -8.04 2.80 -10.96
CA LEU D 10 -7.61 2.94 -12.37
C LEU D 10 -6.16 2.56 -12.56
N ILE D 11 -5.39 2.92 -11.58
CA ILE D 11 -3.95 2.69 -11.58
C ILE D 11 -3.57 1.80 -10.39
N ALA E 1 18.34 -7.64 4.34
CA ALA E 1 18.94 -7.22 5.64
C ALA E 1 17.86 -7.04 6.69
N DGL E 2 18.08 -6.01 7.63
CA DGL E 2 16.92 -5.80 8.53
C DGL E 2 15.46 -6.09 7.99
O DGL E 2 15.27 -6.03 6.74
CB DGL E 2 16.90 -6.75 9.67
CG DGL E 2 16.67 -8.31 9.30
CD DGL E 2 15.51 -8.95 10.10
OE1 DGL E 2 15.67 -9.30 11.27
H DGL E 2 18.83 -5.42 7.52
HA DGL E 2 17.08 -4.75 8.73
HB2 DGL E 2 16.07 -6.41 10.29
HB3 DGL E 2 17.81 -6.60 10.16
HG2 DGL E 2 17.57 -8.84 9.54
HG3 DGL E 2 16.47 -8.47 8.22
N LYS E 3 14.34 -9.07 9.49
CA LYS E 3 13.16 -9.65 10.10
C LYS E 3 12.42 -8.70 11.08
N DAL E 4 12.63 -7.36 10.70
CA DAL E 4 12.02 -6.02 11.28
CB DAL E 4 12.10 -5.80 12.98
C DAL E 4 10.61 -6.00 10.36
O DAL E 4 9.49 -5.97 10.87
H DAL E 4 13.29 -7.26 9.98
HA DAL E 4 12.56 -5.09 11.18
HB1 DAL E 4 11.52 -6.58 13.46
HB2 DAL E 4 11.67 -4.83 13.29
HB3 DAL E 4 13.17 -5.86 13.42
N DAL E 5 10.89 -6.05 8.93
CA DAL E 5 9.64 -6.09 7.86
CB DAL E 5 9.13 -4.69 7.84
C DAL E 5 8.35 -7.00 8.31
O DAL E 5 7.11 -6.66 8.20
OXT DAL E 5 8.67 -8.21 8.27
H DAL E 5 11.77 -6.22 8.70
HA DAL E 5 10.04 -6.51 6.94
HB1 DAL E 5 8.34 -4.76 7.14
HB2 DAL E 5 9.91 -4.02 7.38
HB3 DAL E 5 8.78 -4.27 8.78
N ALA F 1 -16.62 -11.45 -2.56
CA ALA F 1 -17.00 -12.52 -1.61
C ALA F 1 -17.33 -11.92 -0.25
N DGL F 2 -16.32 -12.03 0.74
CA DGL F 2 -16.67 -11.30 1.99
C DGL F 2 -17.08 -9.77 1.90
O DGL F 2 -18.32 -9.46 1.78
CB DGL F 2 -17.91 -11.80 2.62
CG DGL F 2 -18.16 -11.37 4.15
CD DGL F 2 -19.34 -10.37 4.31
OE1 DGL F 2 -19.13 -9.22 4.70
H DGL F 2 -15.46 -12.38 0.50
HA DGL F 2 -15.72 -11.45 2.50
HB2 DGL F 2 -17.83 -12.89 2.56
HB3 DGL F 2 -18.68 -11.47 1.99
HG2 DGL F 2 -17.28 -10.89 4.51
HG3 DGL F 2 -18.37 -12.24 4.81
N LYS F 3 -20.55 -10.79 3.97
CA LYS F 3 -21.75 -9.99 4.06
C LYS F 3 -22.70 -10.38 5.22
N DAL F 4 -22.05 -10.19 6.45
CA DAL F 4 -22.58 -10.31 7.92
CB DAL F 4 -22.61 -11.88 8.62
C DAL F 4 -23.89 -9.23 7.79
O DAL F 4 -24.99 -9.59 7.43
H DAL F 4 -21.10 -9.94 6.36
HA DAL F 4 -21.95 -10.03 8.76
HB1 DAL F 4 -23.29 -12.50 8.05
HB2 DAL F 4 -22.97 -11.85 9.66
HB3 DAL F 4 -21.58 -12.41 8.62
N DAL F 5 -23.60 -7.92 8.12
CA DAL F 5 -24.61 -6.75 8.10
CB DAL F 5 -25.45 -7.15 9.36
C DAL F 5 -25.33 -6.90 6.64
O DAL F 5 -24.60 -7.03 5.70
OXT DAL F 5 -26.66 -7.11 6.56
H DAL F 5 -22.65 -7.70 8.34
HA DAL F 5 -24.29 -5.71 8.16
HB1 DAL F 5 -25.86 -8.06 9.12
HB2 DAL F 5 -26.25 -6.37 9.46
HB3 DAL F 5 -24.88 -7.16 10.29
N ALA G 1 13.57 2.07 11.54
CA ALA G 1 14.62 2.55 12.49
C ALA G 1 13.99 3.11 13.76
N DGL G 2 14.82 3.81 14.54
CA DGL G 2 14.16 4.45 15.75
C DGL G 2 12.94 5.42 15.30
O DGL G 2 12.07 5.66 16.18
CB DGL G 2 13.39 3.53 16.55
CG DGL G 2 14.23 2.37 17.27
CD DGL G 2 13.42 1.63 18.36
OE1 DGL G 2 13.76 0.51 18.74
H DGL G 2 15.74 4.05 14.29
HA DGL G 2 14.99 4.90 16.27
HB2 DGL G 2 12.66 3.08 15.88
HB3 DGL G 2 12.89 4.14 17.26
HG2 DGL G 2 15.09 2.81 17.73
HG3 DGL G 2 14.59 1.61 16.54
N LYS G 3 12.40 2.26 18.89
CA LYS G 3 11.54 1.71 19.92
C LYS G 3 12.18 1.67 21.33
N DAL G 4 12.59 2.95 21.70
CA DAL G 4 13.18 3.50 23.05
CB DAL G 4 14.04 2.38 24.05
C DAL G 4 11.86 4.46 23.52
O DAL G 4 10.94 4.02 24.18
H DAL G 4 12.50 3.62 20.98
HA DAL G 4 14.10 4.09 23.06
HB1 DAL G 4 13.35 1.60 24.36
HB2 DAL G 4 14.43 2.86 24.95
HB3 DAL G 4 14.93 1.86 23.51
N DAL G 5 11.92 5.77 23.07
CA DAL G 5 10.85 6.85 23.36
CB DAL G 5 11.04 6.95 24.91
C DAL G 5 9.46 6.19 22.83
O DAL G 5 8.48 6.46 23.47
OXT DAL G 5 9.40 5.60 21.62
H DAL G 5 12.68 6.01 22.47
HA DAL G 5 10.91 7.85 22.91
HB1 DAL G 5 10.80 6.01 25.27
HB2 DAL G 5 10.30 7.70 25.28
HB3 DAL G 5 12.03 7.27 25.23
N ALA H 1 -8.94 11.26 -13.12
CA ALA H 1 -10.26 11.41 -13.80
C ALA H 1 -11.03 12.59 -13.20
N DGL H 2 -11.11 12.65 -11.80
CA DGL H 2 -11.71 13.90 -11.30
C DGL H 2 -11.67 15.22 -12.18
O DGL H 2 -10.57 15.49 -12.76
CB DGL H 2 -13.18 13.78 -11.23
CG DGL H 2 -13.85 14.11 -9.80
CD DGL H 2 -14.81 12.98 -9.33
OE1 DGL H 2 -15.98 12.98 -9.67
H DGL H 2 -10.54 12.03 -11.28
HA DGL H 2 -11.11 13.99 -10.40
HB2 DGL H 2 -13.39 12.77 -11.51
HB3 DGL H 2 -13.53 14.44 -11.98
HG2 DGL H 2 -14.43 15.00 -9.89
HG3 DGL H 2 -13.10 14.27 -9.00
N LYS H 3 -14.29 12.02 -8.57
CA LYS H 3 -15.04 10.91 -8.04
C LYS H 3 -15.28 9.75 -9.05
N DAL H 4 -16.12 10.19 -10.09
CA DAL H 4 -16.58 9.49 -11.41
CB DAL H 4 -16.24 10.28 -12.89
C DAL H 4 -18.12 8.96 -10.87
O DAL H 4 -19.02 9.73 -10.63
H DAL H 4 -16.50 11.10 -9.93
HA DAL H 4 -16.02 8.64 -11.81
HB1 DAL H 4 -15.17 10.45 -12.94
HB2 DAL H 4 -16.75 11.24 -12.96
HB3 DAL H 4 -16.53 9.65 -13.84
N DAL H 5 -18.23 7.58 -10.72
CA DAL H 5 -19.50 6.85 -10.26
CB DAL H 5 -20.43 7.18 -11.50
C DAL H 5 -19.89 7.57 -8.85
O DAL H 5 -21.08 8.18 -8.68
OXT DAL H 5 -18.99 7.71 -8.06
H DAL H 5 -17.42 7.04 -10.87
HA DAL H 5 -19.52 5.77 -10.05
HB1 DAL H 5 -20.49 8.20 -11.50
HB2 DAL H 5 -21.42 6.72 -11.28
HB3 DAL H 5 -20.06 6.77 -12.43
C1 MUB I . 15.57 -5.21 1.24
C2 MUB I . 16.14 -6.59 0.83
C3 MUB I . 15.97 -7.56 2.03
C4 MUB I . 15.97 -6.86 3.41
C5 MUB I . 14.89 -5.77 3.50
C6 MUB I . 15.43 -4.53 4.18
C7 MUB I . 14.48 -7.95 -0.18
C8 MUB I . 13.84 -8.55 -1.39
C9 MUB I . 18.30 -8.16 1.91
C10 MUB I . 19.06 -7.77 3.19
C11 MUB I . 19.05 -8.23 0.52
O1 MUB I . 15.17 -4.45 0.14
O3 MUB I . 16.95 -8.63 1.99
O4 MUB I . 15.77 -7.90 4.41
O5 MUB I . 14.47 -5.38 2.15
O6 MUB I . 16.65 -4.11 3.58
O7 MUB I . 13.89 -8.04 0.89
O10 MUB I . 20.29 -7.68 3.17
N2 MUB I . 15.50 -7.13 -0.34
H1 MUB I . 16.33 -4.58 1.75
H2 MUB I . 17.18 -6.37 0.51
HN2 MUB I . 15.96 -7.08 -1.24
H81 MUB I . 13.47 -7.74 -2.02
H82 MUB I . 13.03 -9.17 -1.10
H83 MUB I . 14.59 -9.12 -1.91
H3 MUB I . 15.06 -8.15 1.94
H9 MUB I . 17.96 -7.12 2.00
H111 MUB I . 18.86 -7.34 -0.12
H112 MUB I . 18.72 -9.07 0.00
H113 MUB I . 20.11 -8.37 0.72
H4 MUB I . 16.98 -6.64 3.78
H5 MUB I . 14.05 -6.07 4.03
H61 MUB I . 15.75 -4.85 5.20
H62 MUB I . 14.68 -3.70 4.31
HO6 MUB I . 16.74 -3.16 3.50
C1 NAG I . 14.63 -8.75 4.18
C2 NAG I . 14.38 -9.63 5.38
C3 NAG I . 13.22 -10.56 5.09
C4 NAG I . 12.00 -9.74 4.61
C5 NAG I . 12.38 -8.79 3.47
C6 NAG I . 11.22 -7.88 3.06
C7 NAG I . 16.18 -11.17 4.76
C8 NAG I . 17.45 -11.92 5.17
N2 NAG I . 15.59 -10.40 5.68
O3 NAG I . 12.89 -11.26 6.28
O4 NAG I . 10.99 -10.63 4.16
O5 NAG I . 13.48 -7.96 3.86
O6 NAG I . 10.74 -7.12 4.16
O7 NAG I . 15.68 -11.41 3.67
H1 NAG I . 14.95 -9.36 3.29
H2 NAG I . 14.28 -9.18 6.37
H3 NAG I . 13.45 -11.30 4.29
H4 NAG I . 11.57 -9.35 5.56
H5 NAG I . 12.63 -9.31 2.54
H61 NAG I . 10.38 -8.46 2.69
H62 NAG I . 11.57 -7.26 2.23
H81 NAG I . 18.21 -11.20 5.46
H82 NAG I . 17.81 -12.49 4.33
H83 NAG I . 17.21 -12.59 5.99
HN2 NAG I . 16.01 -10.24 6.54
HO3 NAG I . 12.17 -11.84 6.08
HO4 NAG I . 10.17 -10.16 4.06
HO6 NAG I . 11.17 -6.27 4.08
C1 MUB J . -12.22 -8.87 -3.39
C2 MUB J . -13.44 -8.77 -4.33
C3 MUB J . -14.70 -8.71 -3.45
C4 MUB J . -14.58 -9.47 -2.12
C5 MUB J . -13.39 -8.96 -1.29
C6 MUB J . -12.59 -10.13 -0.72
C7 MUB J . -13.98 -6.50 -4.88
C8 MUB J . -13.97 -5.34 -5.82
C9 MUB J . -15.75 -10.49 -4.69
C10 MUB J . -16.17 -11.69 -3.82
C11 MUB J . -15.38 -10.69 -6.21
O1 MUB J . -11.06 -8.37 -3.98
O3 MUB J . -15.89 -9.16 -4.19
O4 MUB J . -15.84 -9.32 -1.40
O5 MUB J . -12.48 -8.21 -2.16
O6 MUB J . -12.21 -11.03 -1.75
O7 MUB J . -14.37 -6.32 -3.73
O10 MUB J . -16.16 -12.83 -4.31
N2 MUB J . -13.38 -7.63 -5.24
H1 MUB J . -11.98 -9.95 -3.20
H2 MUB J . -13.31 -9.65 -5.01
HN2 MUB J . -13.08 -7.75 -6.18
H81 MUB J . -12.94 -4.98 -5.92
H82 MUB J . -14.58 -4.56 -5.43
H83 MUB J . -14.36 -5.68 -6.77
H3 MUB J . -15.00 -7.69 -3.24
H9 MUB J . -14.81 -10.64 -4.14
H111 MUB J . -16.10 -10.21 -6.90
H112 MUB J . -15.36 -11.71 -6.43
H113 MUB J . -14.35 -10.31 -6.37
H4 MUB J . -14.71 -10.55 -2.25
H5 MUB J . -13.66 -8.37 -0.49
H61 MUB J . -13.33 -10.72 -0.15
H62 MUB J . -11.75 -9.86 -0.02
HO6 MUB J . -11.26 -11.19 -1.81
C1 NAG J . -16.38 -8.00 -1.40
C2 NAG J . -17.52 -7.93 -0.41
C3 NAG J . -18.10 -6.53 -0.31
C4 NAG J . -16.98 -5.50 -0.14
C5 NAG J . -15.88 -5.70 -1.18
C6 NAG J . -14.70 -4.75 -1.00
C7 NAG J . -19.17 -8.83 -1.98
C8 NAG J . -20.22 -9.87 -2.31
N2 NAG J . -18.55 -8.88 -0.79
O3 NAG J . -18.97 -6.48 0.81
O4 NAG J . -17.51 -4.19 -0.28
O5 NAG J . -15.36 -7.04 -1.10
O6 NAG J . -14.01 -4.99 0.22
O7 NAG J . -18.99 -7.90 -2.76
H1 NAG J . -16.74 -7.89 -2.45
H2 NAG J . -17.32 -8.34 0.58
H3 NAG J . -18.68 -6.23 -1.22
H4 NAG J . -16.73 -5.54 0.95
H5 NAG J . -16.20 -5.52 -2.20
H61 NAG J . -15.03 -3.70 -0.97
H62 NAG J . -14.05 -4.84 -1.88
H81 NAG J . -21.01 -9.82 -1.56
H82 NAG J . -19.78 -10.85 -2.27
H83 NAG J . -20.61 -9.69 -3.30
HN2 NAG J . -18.72 -9.63 -0.19
HO3 NAG J . -18.70 -7.17 1.40
HO4 NAG J . -18.35 -4.15 0.17
HO6 NAG J . -14.15 -5.93 0.39
C1 MUB K . 11.01 4.53 8.40
C2 MUB K . 10.70 3.03 8.36
C3 MUB K . 10.70 2.50 9.80
C4 MUB K . 11.34 3.51 10.80
C5 MUB K . 10.68 4.89 10.77
C6 MUB K . 11.66 5.98 11.16
C7 MUB K . 8.33 2.69 8.42
C8 MUB K . 7.04 2.38 7.75
C9 MUB K . 12.68 1.22 9.36
C10 MUB K . 13.85 1.61 10.29
C11 MUB K . 12.96 0.59 7.94
O1 MUB K . 10.76 5.09 7.16
O3 MUB K . 11.34 1.20 9.88
O4 MUB K . 11.32 2.93 12.13
O5 MUB K . 10.21 5.17 9.41
O6 MUB K . 12.87 5.43 11.65
O7 MUB K . 8.34 2.92 9.62
O10 MUB K . 15.01 1.36 9.94
N2 MUB K . 9.44 2.75 7.69
H1 MUB K . 12.08 4.72 8.62
H2 MUB K . 11.50 2.69 7.67
HN2 MUB K . 9.39 2.56 6.72
H81 MUB K . 6.86 3.15 7.00
H82 MUB K . 6.26 2.39 8.46
H83 MUB K . 7.13 1.41 7.29
H3 MUB K . 9.69 2.22 10.11
H9 MUB K . 12.65 2.30 9.19
H111 MUB K . 12.60 -0.46 7.87
H112 MUB K . 13.98 0.60 7.77
H113 MUB K . 12.50 1.22 7.18
H4 MUB K . 12.44 3.44 10.74
H5 MUB K . 9.90 4.98 11.43
H61 MUB K . 11.22 6.45 12.07
H62 MUB K . 11.81 6.82 10.42
HO6 MUB K . 12.96 5.53 12.62
C1 NAG K . 10.01 2.55 12.59
C2 NAG K . 10.11 1.99 13.99
C3 NAG K . 8.76 1.54 14.48
C4 NAG K . 7.76 2.71 14.33
C5 NAG K . 7.81 3.29 12.92
C6 NAG K . 6.91 4.51 12.76
C7 NAG K . 10.87 -0.19 13.29
C8 NAG K . 11.90 -1.25 13.43
N2 NAG K . 11.04 0.88 14.04
O3 NAG K . 8.86 1.16 15.83
O4 NAG K . 6.46 2.25 14.62
O5 NAG K . 9.14 3.68 12.55
O6 NAG K . 7.44 5.65 13.43
O7 NAG K . 9.90 -0.35 12.54
H1 NAG K . 9.69 1.78 11.84
H2 NAG K . 10.61 2.53 14.78
H3 NAG K . 8.34 0.68 13.90
H4 NAG K . 8.00 3.35 15.22
H5 NAG K . 7.44 2.60 12.16
H61 NAG K . 5.93 4.32 13.23
H62 NAG K . 6.72 4.67 11.70
H81 NAG K . 12.87 -0.85 13.18
H82 NAG K . 11.66 -2.06 12.76
H83 NAG K . 11.87 -1.62 14.45
HN2 NAG K . 11.82 0.96 14.61
HO3 NAG K . 9.53 0.49 15.88
HO4 NAG K . 6.46 1.77 15.44
HO6 NAG K . 8.34 5.39 13.68
C1 MUB L . -7.76 8.20 -9.35
C2 MUB L . -6.65 9.02 -9.99
C3 MUB L . -7.18 10.44 -10.22
C4 MUB L . -8.70 10.49 -10.31
C5 MUB L . -9.38 9.96 -9.04
C6 MUB L . -10.69 9.24 -9.38
C7 MUB L . -5.21 10.01 -8.34
C8 MUB L . -3.94 10.00 -7.55
C9 MUB L . -6.79 10.15 -12.56
C10 MUB L . -8.09 10.23 -13.36
C11 MUB L . -5.56 9.30 -13.09
O1 MUB L . -7.22 7.09 -8.72
O3 MUB L . -6.60 11.02 -11.42
O4 MUB L . -9.10 11.86 -10.58
O5 MUB L . -8.51 8.99 -8.41
O6 MUB L . -10.47 8.21 -10.33
O7 MUB L . -6.08 10.84 -8.08
O10 MUB L . -8.29 9.43 -14.28
N2 MUB L . -5.42 9.02 -9.20
H1 MUB L . -8.50 7.89 -10.14
H2 MUB L . -6.39 8.40 -10.86
HN2 MUB L . -4.70 8.36 -9.38
H81 MUB L . -3.92 9.11 -6.94
H82 MUB L . -3.90 10.86 -6.93
H83 MUB L . -3.11 10.01 -8.25
H3 MUB L . -6.79 11.13 -9.47
H9 MUB L . -7.40 9.45 -11.99
H111 MUB L . -4.68 9.93 -13.34
H112 MUB L . -5.85 8.81 -13.97
H113 MUB L . -5.32 8.53 -12.35
H4 MUB L . -9.05 10.13 -11.28
H5 MUB L . -9.62 10.67 -8.34
H61 MUB L . -11.33 9.97 -9.92
H62 MUB L . -11.26 8.87 -8.47
HO6 MUB L . -10.43 7.31 -9.98
C1 NAG L . -8.61 12.83 -9.63
C2 NAG L . -9.13 14.20 -10.01
C3 NAG L . -8.74 15.27 -9.02
C4 NAG L . -9.01 14.78 -7.58
C5 NAG L . -8.46 13.38 -7.35
C6 NAG L . -8.78 12.84 -5.95
C7 NAG L . -7.38 14.46 -11.68
C8 NAG L . -6.98 14.81 -13.10
N2 NAG L . -8.66 14.54 -11.34
O3 NAG L . -9.48 16.44 -9.28
O4 NAG L . -8.40 15.67 -6.66
O5 NAG L . -9.01 12.47 -8.30
O6 NAG L . -9.09 11.46 -5.97
O7 NAG L . -6.48 14.24 -10.86
H1 NAG L . -7.49 12.75 -9.76
H2 NAG L . -10.20 14.27 -10.24
H3 NAG L . -7.65 15.52 -9.07
H4 NAG L . -10.10 15.00 -7.43
H5 NAG L . -7.37 13.32 -7.39
H61 NAG L . -9.65 13.34 -5.52
H62 NAG L . -7.94 13.08 -5.30
H81 NAG L . -5.92 14.63 -13.23
H82 NAG L . -7.18 15.85 -13.29
H83 NAG L . -7.55 14.20 -13.80
HN2 NAG L . -9.35 14.71 -12.02
HO3 NAG L . -9.23 16.74 -10.15
HO4 NAG L . -8.45 16.57 -7.00
HO6 NAG L . -8.30 11.04 -6.34
P 2PO M . 14.42 -3.00 0.29
O1P 2PO M . 13.37 -3.11 1.31
O2P 2PO M . 15.46 -1.93 0.48
O3P 2PO M . 13.69 -2.70 -1.14
P 2PO N . 12.28 -3.33 -1.60
O1P 2PO N . 11.47 -2.24 -2.18
O2P 2PO N . 12.52 -4.56 -2.43
O3P 2PO N . 11.61 -3.73 -0.21
C1 P1W O . 10.48 -2.99 0.23
C2 P1W O . 10.45 -3.08 1.76
C3 P1W O . 9.75 -2.33 2.62
C4 P1W O . 9.89 -2.65 4.10
C5 P1W O . 8.77 -1.20 2.27
H12 P1W O . 9.59 -3.40 -0.19
H11 P1W O . 10.60 -1.96 -0.08
H2 P1W O . 10.82 -4.01 2.13
H41 P1W O . 8.91 -2.88 4.50
H42 P1W O . 10.52 -3.51 4.19
H51 P1W O . 8.80 -0.44 3.04
H52 P1W O . 7.77 -1.61 2.22
H53 P1W O . 9.03 -0.77 1.31
C1 P1W P . 10.51 -1.50 4.88
C2 P1W P . 11.85 -1.11 4.31
C3 P1W P . 13.02 -1.61 4.75
C4 P1W P . 14.37 -1.21 4.19
C5 P1W P . 13.11 -2.63 5.87
H12 P1W P . 9.83 -0.66 4.86
H11 P1W P . 10.65 -1.81 5.91
H2 P1W P . 11.84 -0.23 3.69
H41 P1W P . 15.13 -1.80 4.65
H42 P1W P . 14.38 -1.38 3.11
H51 P1W P . 12.65 -3.55 5.54
H52 P1W P . 12.60 -2.26 6.75
H53 P1W P . 14.15 -2.82 6.12
C1 P1W Q . 14.66 0.27 4.47
C2 P1W Q . 14.30 1.12 3.29
C3 P1W Q . 15.19 1.77 2.50
C4 P1W Q . 14.75 2.61 1.29
C5 P1W Q . 16.69 1.70 2.71
H12 P1W Q . 14.09 0.59 5.33
H11 P1W Q . 15.72 0.39 4.68
H2 P1W Q . 13.25 1.20 3.10
H43 P1W Q . 14.87 2.04 0.38
H41 P1W Q . 15.36 3.50 1.24
H42 P1W Q . 13.71 2.89 1.41
H51 P1W Q . 17.01 0.68 2.73
H52 P1W Q . 16.93 2.17 3.66
H53 P1W Q . 17.20 2.23 1.91
C1 P1W R . -10.23 -6.00 0.26
C2 P1W R . -10.58 -7.42 0.66
C3 P1W R . -10.29 -7.94 1.85
C4 P1W R . -10.62 -9.38 2.22
C5 P1W R . -9.64 -7.15 2.99
H12 P1W R . -9.24 -5.98 -0.16
H11 P1W R . -10.27 -5.37 1.13
H2 P1W R . -10.80 -8.08 -0.17
H41 P1W R . -11.61 -9.62 1.86
H42 P1W R . -10.58 -9.48 3.30
H51 P1W R . -10.25 -7.23 3.87
H52 P1W R . -9.55 -6.11 2.70
H53 P1W R . -8.66 -7.56 3.19
C1 P1W S . -9.61 -10.33 1.59
C2 P1W S . -10.16 -11.73 1.52
C3 P1W S . -9.77 -12.76 2.31
C4 P1W S . -10.38 -14.16 2.20
C5 P1W S . -8.69 -12.63 3.38
H12 P1W S . -9.37 -9.99 0.59
H11 P1W S . -8.71 -10.34 2.18
H2 P1W S . -11.03 -11.83 0.90
H43 P1W S . -10.33 -14.66 3.16
H41 P1W S . -9.84 -14.74 1.46
H42 P1W S . -11.41 -14.08 1.91
H51 P1W S . -8.41 -13.61 3.73
H52 P1W S . -9.09 -12.06 4.21
H53 P1W S . -7.83 -12.12 2.98
P 2PO T . -9.61 -8.82 -3.43
O1P 2PO T . -9.30 -8.00 -2.26
O2P 2PO T . -9.59 -10.30 -3.25
O3P 2PO T . -8.55 -8.47 -4.61
P 2PO U . -8.70 -7.26 -5.64
O1P 2PO U . -7.66 -6.25 -5.32
O2P 2PO U . -8.76 -7.80 -7.03
O3P 2PO U . -10.12 -6.63 -5.29
C1 P1W V . -10.17 -5.42 -4.53
C2 P1W V . -10.77 -5.70 -3.17
C3 P1W V . -10.53 -5.04 -2.04
C4 P1W V . -11.22 -5.50 -0.78
C5 P1W V . -9.58 -3.84 -1.89
H12 P1W V . -10.79 -4.70 -5.07
H11 P1W V . -9.18 -5.03 -4.43
H2 P1W V . -11.66 -6.29 -3.20
H41 P1W V . -11.89 -6.30 -1.04
H42 P1W V . -11.77 -4.68 -0.37
H51 P1W V . -8.85 -3.84 -2.69
H52 P1W V . -9.08 -3.89 -0.94
H53 P1W V . -10.16 -2.91 -1.94
P 2PO W . 10.36 6.67 7.04
O1P 2PO W . 10.90 7.39 8.19
O2P 2PO W . 10.68 7.19 5.67
O3P 2PO W . 8.77 6.63 7.20
P 2PO X . 7.95 6.48 5.86
O1P 2PO X . 8.34 7.53 4.91
O2P 2PO X . 8.03 5.06 5.45
O3P 2PO X . 6.45 6.77 6.32
C1 P1W Y . 6.18 7.92 7.14
C2 P1W Y . 6.29 7.53 8.59
C3 P1W Y . 6.20 8.38 9.61
C4 P1W Y . 6.31 7.91 11.04
C5 P1W Y . 5.98 9.89 9.45
H12 P1W Y . 5.18 8.27 6.93
H11 P1W Y . 6.89 8.69 6.92
H2 P1W Y . 6.16 6.47 8.79
H41 P1W Y . 6.92 8.60 11.59
H42 P1W Y . 6.78 6.94 11.04
H51 P1W Y . 6.78 10.43 9.93
H52 P1W Y . 5.04 10.16 9.91
H53 P1W Y . 5.96 10.14 8.39
C1 P1W Z . 4.93 7.79 11.70
C2 P1W Z . 5.07 7.76 13.21
C3 P1W Z . 4.76 8.79 14.02
C4 P1W Z . 4.93 8.73 15.53
C5 P1W Z . 4.20 10.10 13.52
H12 P1W Z . 4.35 8.65 11.42
H11 P1W Z . 4.45 6.90 11.36
H2 P1W Z . 5.68 6.95 13.58
H41 P1W Z . 4.79 7.71 15.86
H42 P1W Z . 4.19 9.36 15.99
H51 P1W Z . 4.25 10.83 14.31
H52 P1W Z . 3.16 9.96 13.22
H53 P1W Z . 4.77 10.45 12.68
C1 P1W AA . 6.32 9.21 15.95
C2 P1W AA . 6.72 8.61 17.26
C3 P1W AA . 7.61 7.62 17.43
C4 P1W AA . 7.99 7.06 18.81
C5 P1W AA . 8.33 6.93 16.27
H12 P1W AA . 7.03 8.93 15.20
H11 P1W AA . 6.31 10.29 16.04
H2 P1W AA . 6.23 9.05 18.12
H43 P1W AA . 7.49 7.62 19.59
H41 P1W AA . 9.06 7.11 18.95
H42 P1W AA . 7.68 6.02 18.87
H51 P1W AA . 7.60 6.52 15.59
H52 P1W AA . 8.94 6.13 16.66
H53 P1W AA . 8.96 7.65 15.75
P 2PO BA . -8.05 5.70 -8.65
O1P 2PO BA . -9.25 5.84 -9.51
O2P 2PO BA . -7.13 4.57 -8.94
O3P 2PO BA . -8.51 5.64 -7.12
P 2PO CA . -7.42 5.36 -5.99
O1P 2PO CA . -7.38 3.91 -5.67
O2P 2PO CA . -6.16 6.01 -6.41
O3P 2PO CA . -8.01 6.13 -4.71
C1 P1W DA . -8.66 7.42 -4.86
C2 P1W DA . -7.61 8.43 -5.11
C3 P1W DA . -6.88 9.07 -4.14
C4 P1W DA . -5.83 10.11 -4.51
C5 P1W DA . -6.99 8.79 -2.64
H12 P1W DA . -9.18 7.66 -3.95
H11 P1W DA . -9.35 7.39 -5.69
H2 P1W DA . -7.16 8.24 -6.03
H41 P1W DA . -6.23 11.10 -4.37
H42 P1W DA . -5.54 9.98 -5.55
H51 P1W DA . -6.91 9.73 -2.09
H52 P1W DA . -6.19 8.14 -2.34
H53 P1W DA . -7.94 8.33 -2.42
C1 P1W EA . -4.56 9.98 -3.65
C2 P1W EA . -3.78 8.74 -3.98
C3 P1W EA . -2.45 8.61 -3.80
C4 P1W EA . -1.68 7.35 -4.14
C5 P1W EA . -1.58 9.71 -3.20
H12 P1W EA . -3.95 10.86 -3.81
H11 P1W EA . -4.84 9.95 -2.60
H2 P1W EA . -4.31 8.03 -4.59
H41 P1W EA . -2.21 6.82 -4.92
H42 P1W EA . -1.61 6.72 -3.26
H51 P1W EA . -0.69 9.27 -2.78
H52 P1W EA . -2.12 10.22 -2.42
H53 P1W EA . -1.30 10.42 -3.97
C1 P1W FA . -0.27 7.69 -4.62
C2 P1W FA . 0.78 7.12 -3.69
C3 P1W FA . 2.06 6.89 -4.02
C4 P1W FA . 3.08 6.32 -3.01
C5 P1W FA . 2.63 7.15 -5.41
H12 P1W FA . -0.13 7.28 -5.61
H11 P1W FA . -0.15 8.76 -4.66
H2 P1W FA . 0.43 6.96 -2.68
H43 P1W FA . 3.85 7.05 -2.82
H41 P1W FA . 3.53 5.42 -3.42
H42 P1W FA . 2.57 6.07 -2.10
H51 P1W FA . 3.06 6.23 -5.79
H52 P1W FA . 3.39 7.90 -5.33
H53 P1W FA . 1.85 7.48 -6.07
N ZAE A 1 -4.75 -14.87 -7.71
CA ZAE A 1 -5.77 -14.14 -6.88
C ZAE A 1 -5.21 -12.82 -6.35
O ZAE A 1 -5.38 -11.76 -6.96
CB ZAE A 1 -7.05 -13.88 -7.66
CG ZAE A 1 -8.30 -14.04 -6.85
CD1 ZAE A 1 -8.33 -14.89 -5.75
CD2 ZAE A 1 -9.47 -13.34 -7.18
CE1 ZAE A 1 -9.49 -15.05 -5.00
CE2 ZAE A 1 -10.61 -13.49 -6.42
CZ ZAE A 1 -10.63 -14.35 -5.34
C10 ZAE A 1 -4.39 -14.10 -8.92
H1 ZAE A 1 -5.14 -15.78 -8.02
HA ZAE A 1 -6.00 -14.76 -6.03
HB2 ZAE A 1 -7.03 -12.87 -8.05
HB3 ZAE A 1 -7.10 -14.57 -8.50
HD1 ZAE A 1 -7.45 -15.44 -5.48
HD2 ZAE A 1 -9.46 -12.68 -8.03
HE1 ZAE A 1 -9.50 -15.71 -4.15
HE2 ZAE A 1 -11.51 -12.95 -6.70
HZ ZAE A 1 -11.53 -14.47 -4.76
H11 ZAE A 1 -3.66 -14.65 -9.50
H12 ZAE A 1 -3.98 -13.14 -8.63
H13 ZAE A 1 -5.27 -13.95 -9.53
N ILE A 2 -4.51 -12.89 -5.23
CA ILE A 2 -3.94 -11.72 -4.61
C ILE A 2 -2.50 -11.55 -5.10
N SER A 3 -2.09 -10.30 -5.29
CA SER A 3 -0.73 -9.97 -5.71
C SER A 3 -0.30 -8.62 -5.13
N DAR A 4 1.00 -8.43 -5.09
CA DAR A 4 1.55 -7.22 -4.57
CB DAR A 4 2.48 -6.59 -5.60
CG DAR A 4 1.76 -6.22 -6.88
CD DAR A 4 0.66 -5.21 -6.61
NE DAR A 4 0.03 -4.75 -7.84
CZ DAR A 4 -0.90 -3.80 -7.88
NH1 DAR A 4 -1.39 -3.39 -9.04
NH2 DAR A 4 -1.37 -3.28 -6.75
C DAR A 4 2.31 -7.48 -3.29
O DAR A 4 3.19 -8.34 -3.26
H DAR A 4 1.61 -9.11 -5.47
HA DAR A 4 0.74 -6.54 -4.37
HB2 DAR A 4 3.27 -7.30 -5.84
HB3 DAR A 4 2.92 -5.70 -5.17
HG2 DAR A 4 1.33 -7.11 -7.30
HG3 DAR A 4 2.48 -5.80 -7.57
HD2 DAR A 4 1.10 -4.35 -6.10
HD3 DAR A 4 -0.09 -5.66 -5.98
HE DAR A 4 0.33 -5.16 -8.69
HH11 DAR A 4 -2.11 -2.64 -9.07
HH12 DAR A 4 -1.05 -3.82 -9.93
HH21 DAR A 4 -2.07 -2.52 -6.76
HH22 DAR A 4 -1.02 -3.62 -5.83
N 28J A 5 1.93 -6.78 -2.23
CA 28J A 5 2.62 -6.94 -0.96
CB 28J A 5 1.75 -7.68 0.11
CG2 28J A 5 0.34 -7.87 -0.42
CG1 28J A 5 2.36 -9.04 0.46
CD1 28J A 5 1.60 -9.79 1.54
C 28J A 5 3.07 -5.58 -0.46
O 28J A 5 2.91 -4.55 -1.13
HA 28J A 5 3.50 -7.54 -1.15
H22 28J A 5 1.71 -7.06 1.00
H23 28J A 5 0.38 -8.47 -1.31
H24 28J A 5 -0.11 -6.92 -0.63
H25 28J A 5 -0.24 -8.40 0.33
H26 28J A 5 3.37 -8.91 0.81
H27 28J A 5 2.36 -9.66 -0.42
H28 28J A 5 0.57 -9.91 1.23
H29 28J A 5 1.63 -9.23 2.47
H30 28J A 5 2.05 -10.76 1.69
N ILE A 6 3.70 -5.60 0.67
CA ILE A 6 4.19 -4.41 1.33
C ILE A 6 5.74 -4.35 1.36
N SER A 7 6.35 -3.31 0.72
CA SER A 7 7.82 -3.16 0.74
C SER A 7 8.24 -1.72 0.50
N DTH A 8 9.50 -1.43 0.82
CA DTH A 8 10.06 -0.10 0.62
CB DTH A 8 11.00 0.02 -0.60
CG2 DTH A 8 10.26 -0.36 -1.85
OG1 DTH A 8 12.15 -0.80 -0.41
C DTH A 8 10.94 0.32 1.80
O DTH A 8 11.22 1.50 2.00
H DTH A 8 10.05 -2.13 1.24
HA DTH A 8 9.23 0.59 0.48
HB DTH A 8 11.37 1.07 -0.68
HG21 DTH A 8 9.91 -1.38 -1.77
HG22 DTH A 8 10.94 -0.28 -2.71
HG23 DTH A 8 9.43 0.30 -2.00
N ALA A 9 11.41 -0.65 2.59
CA ALA A 9 12.30 -0.38 3.69
C ALA A 9 13.74 -0.36 3.20
N LEU A 10 14.30 -1.52 2.90
CA LEU A 10 15.67 -1.61 2.36
C LEU A 10 15.63 -1.41 0.86
N ILE A 11 14.51 -1.76 0.28
CA ILE A 11 14.35 -1.62 -1.17
C ILE A 11 13.15 -0.73 -1.44
N ZAE B 1 8.67 5.41 1.91
CA ZAE B 1 8.90 4.35 2.91
C ZAE B 1 8.18 3.08 2.51
O ZAE B 1 8.74 2.23 1.81
CB ZAE B 1 10.40 4.09 3.07
CG ZAE B 1 10.77 3.37 4.33
CD1 ZAE B 1 9.88 2.52 4.95
CD2 ZAE B 1 12.01 3.58 4.92
CE1 ZAE B 1 10.21 1.87 6.13
CE2 ZAE B 1 12.36 2.93 6.09
CZ ZAE B 1 11.44 2.09 6.71
C10 ZAE B 1 9.57 5.24 0.77
H1 ZAE B 1 8.85 6.34 2.32
HA ZAE B 1 8.50 4.69 3.85
HB2 ZAE B 1 10.73 3.49 2.24
HB3 ZAE B 1 10.91 5.04 3.06
HD1 ZAE B 1 8.91 2.35 4.50
HD2 ZAE B 1 12.73 4.24 4.44
HE1 ZAE B 1 9.49 1.22 6.61
HE2 ZAE B 1 13.32 3.10 6.54
HZ ZAE B 1 11.70 1.59 7.64
H11 ZAE B 1 9.56 4.21 0.45
H12 ZAE B 1 10.58 5.50 1.08
H13 ZAE B 1 9.27 5.88 -0.04
N ILE B 2 6.93 2.97 2.90
CA ILE B 2 6.17 1.79 2.57
C ILE B 2 5.23 2.09 1.42
N SER B 3 5.25 1.19 0.45
CA SER B 3 4.41 1.25 -0.72
C SER B 3 4.04 -0.13 -1.19
N DAR B 4 3.02 -0.16 -1.99
CA DAR B 4 2.52 -1.39 -2.53
CB DAR B 4 2.50 -1.35 -4.04
CG DAR B 4 3.85 -1.08 -4.67
CD DAR B 4 4.64 -2.37 -4.88
NE DAR B 4 5.82 -2.15 -5.72
CZ DAR B 4 6.93 -2.89 -5.63
NH1 DAR B 4 7.04 -3.84 -4.70
NH2 DAR B 4 7.94 -2.65 -6.45
C DAR B 4 1.13 -1.62 -2.00
O DAR B 4 0.31 -0.69 -2.03
H DAR B 4 2.57 0.69 -2.21
HA DAR B 4 3.17 -2.18 -2.20
HB2 DAR B 4 1.82 -0.55 -4.35
HB3 DAR B 4 2.13 -2.29 -4.41
HG2 DAR B 4 4.42 -0.43 -4.01
HG3 DAR B 4 3.71 -0.59 -5.62
HD2 DAR B 4 4.00 -3.08 -5.36
HD3 DAR B 4 4.95 -2.74 -3.92
HE DAR B 4 5.78 -1.44 -6.38
HH11 DAR B 4 7.90 -4.41 -4.65
HH12 DAR B 4 6.27 -3.99 -4.02
HH21 DAR B 4 8.81 -3.23 -6.40
HH22 DAR B 4 7.88 -1.90 -7.17
N 28J B 5 0.86 -2.83 -1.51
CA 28J B 5 -0.45 -3.15 -1.00
CB 28J B 5 -0.47 -3.16 0.57
CG2 28J B 5 0.93 -2.98 1.14
CG1 28J B 5 -1.39 -2.07 1.10
CD1 28J B 5 -1.77 -2.23 2.56
C 28J B 5 -0.91 -4.52 -1.49
O 28J B 5 -0.20 -5.22 -2.23
HA 28J B 5 -1.14 -2.40 -1.33
H22 28J B 5 -0.84 -4.13 0.89
H23 28J B 5 0.87 -2.98 2.22
H24 28J B 5 1.35 -2.05 0.79
H25 28J B 5 1.55 -3.80 0.82
H26 28J B 5 -2.31 -2.06 0.52
H27 28J B 5 -0.90 -1.10 0.99
H28 28J B 5 -2.43 -3.06 2.67
H29 28J B 5 -2.26 -1.33 2.91
H30 28J B 5 -0.88 -2.40 3.14
N ILE B 6 -2.15 -4.85 -1.16
CA ILE B 6 -2.68 -6.17 -1.49
C ILE B 6 -3.93 -6.14 -2.38
N SER B 7 -3.83 -6.66 -3.62
CA SER B 7 -4.94 -6.63 -4.54
C SER B 7 -4.86 -7.65 -5.68
N DTH B 8 -6.05 -8.04 -6.15
CA DTH B 8 -6.18 -8.96 -7.32
CB DTH B 8 -6.29 -8.20 -8.67
CG2 DTH B 8 -5.02 -7.49 -9.00
OG1 DTH B 8 -7.42 -7.30 -8.64
C DTH B 8 -7.51 -9.76 -7.50
O DTH B 8 -7.60 -10.46 -8.52
H DTH B 8 -6.84 -7.78 -5.66
HA DTH B 8 -5.30 -9.56 -7.34
HB DTH B 8 -6.54 -8.94 -9.46
HG21 DTH B 8 -4.81 -6.76 -8.25
HG22 DTH B 8 -5.12 -6.99 -9.96
HG23 DTH B 8 -4.22 -8.20 -9.06
N ALA B 9 -8.59 -9.49 -6.74
CA ALA B 9 -9.91 -10.05 -6.97
C ALA B 9 -10.67 -9.11 -7.87
N LEU B 10 -11.02 -8.05 -7.26
CA LEU B 10 -11.80 -7.00 -7.90
C LEU B 10 -10.97 -6.34 -8.99
N ILE B 11 -9.69 -6.20 -8.70
CA ILE B 11 -8.77 -5.55 -9.63
C ILE B 11 -7.54 -6.43 -9.76
N ZAE C 1 -7.54 -4.75 -3.27
CA ZAE C 1 -8.25 -4.21 -2.08
C ZAE C 1 -7.69 -2.87 -1.68
O ZAE C 1 -8.29 -1.82 -1.93
CB ZAE C 1 -9.76 -4.09 -2.34
CG ZAE C 1 -10.61 -4.11 -1.11
CD1 ZAE C 1 -10.11 -4.59 0.09
CD2 ZAE C 1 -11.94 -3.73 -1.17
CE1 ZAE C 1 -10.90 -4.64 1.23
CE2 ZAE C 1 -12.75 -3.76 -0.02
CZ ZAE C 1 -12.22 -4.24 1.17
C10 ZAE C 1 -8.26 -4.41 -4.50
H1 ZAE C 1 -7.48 -5.78 -3.21
HA ZAE C 1 -8.09 -4.91 -1.26
HB2 ZAE C 1 -9.93 -3.17 -2.86
HB3 ZAE C 1 -10.05 -4.91 -2.97
HD1 ZAE C 1 -9.08 -4.89 0.15
HD2 ZAE C 1 -12.35 -3.36 -2.09
HE1 ZAE C 1 -10.49 -5.00 2.15
HE2 ZAE C 1 -13.77 -3.45 -0.08
HZ ZAE C 1 -12.84 -4.28 2.05
H11 ZAE C 1 -7.66 -4.69 -5.36
H12 ZAE C 1 -8.44 -3.34 -4.53
H13 ZAE C 1 -9.20 -4.93 -4.54
N ILE C 2 -6.50 -2.88 -1.09
CA ILE C 2 -5.88 -1.66 -0.66
C ILE C 2 -4.49 -1.56 -1.24
N SER C 3 -4.20 -0.38 -1.76
CA SER C 3 -2.90 -0.08 -2.31
C SER C 3 -2.53 1.35 -2.00
N DAR C 4 -1.25 1.56 -1.93
CA DAR C 4 -0.72 2.87 -1.64
CB DAR C 4 -0.07 3.47 -2.88
CG DAR C 4 -1.05 3.91 -3.96
CD DAR C 4 -2.02 4.96 -3.44
NE DAR C 4 -2.89 5.47 -4.49
CZ DAR C 4 -3.86 6.34 -4.29
NH1 DAR C 4 -4.12 6.80 -3.07
NH2 DAR C 4 -4.61 6.75 -5.31
C DAR C 4 0.33 2.73 -0.58
O DAR C 4 1.33 2.04 -0.79
H DAR C 4 -0.63 0.80 -2.04
HA DAR C 4 -1.51 3.50 -1.29
HB2 DAR C 4 0.60 2.74 -3.31
HB3 DAR C 4 0.51 4.34 -2.59
HG2 DAR C 4 -1.61 3.05 -4.29
HG3 DAR C 4 -0.50 4.33 -4.78
HD2 DAR C 4 -1.45 5.78 -3.03
HD3 DAR C 4 -2.63 4.52 -2.67
HE DAR C 4 -2.72 5.14 -5.41
HH11 DAR C 4 -4.89 7.48 -2.91
HH12 DAR C 4 -3.55 6.46 -2.26
HH21 DAR C 4 -5.38 7.44 -5.16
HH22 DAR C 4 -4.42 6.40 -6.27
N 28J C 5 0.11 3.36 0.57
CA 28J C 5 1.06 3.30 1.66
CB 28J C 5 0.57 2.37 2.80
CG2 28J C 5 -0.93 2.57 3.05
CG1 28J C 5 0.85 0.90 2.47
CD1 28J C 5 0.76 -0.03 3.66
C 28J C 5 1.34 4.68 2.25
O 28J C 5 0.60 5.64 1.98
HA 28J C 5 1.98 2.89 1.27
H22 28J C 5 1.10 2.63 3.70
H23 28J C 5 -1.11 3.59 3.34
H24 28J C 5 -1.25 1.90 3.84
H25 28J C 5 -1.48 2.33 2.15
H26 28J C 5 1.85 0.83 2.06
H27 28J C 5 0.15 0.56 1.73
H28 28J C 5 1.00 -1.04 3.34
H29 28J C 5 -0.24 -0.01 4.05
H30 28J C 5 1.46 0.29 4.41
N ILE C 6 2.47 4.78 2.96
CA ILE C 6 2.82 6.01 3.68
C ILE C 6 4.28 6.47 3.47
N SER C 7 4.45 7.63 2.81
CA SER C 7 5.80 8.13 2.56
C SER C 7 5.84 9.57 2.01
N DTH C 8 7.09 10.07 1.95
CA DTH C 8 7.40 11.39 1.38
CB DTH C 8 7.93 11.33 -0.09
CG2 DTH C 8 6.90 10.71 -1.00
OG1 DTH C 8 9.18 10.62 -0.14
C DTH C 8 8.58 12.11 2.05
O DTH C 8 8.93 13.19 1.59
H DTH C 8 7.79 9.57 2.41
HA DTH C 8 6.52 11.98 1.39
HB DTH C 8 8.15 12.35 -0.43
HG21 DTH C 8 6.67 9.72 -0.66
HG22 DTH C 8 7.31 10.65 -2.01
HG23 DTH C 8 6.01 11.32 -1.00
N ALA C 9 9.31 11.43 2.96
CA ALA C 9 10.51 11.98 3.59
C ALA C 9 11.69 11.77 2.69
N LEU C 10 11.99 10.52 2.59
CA LEU C 10 13.11 10.04 1.81
C LEU C 10 12.82 10.15 0.33
N ILE C 11 11.57 9.81 0.00
CA ILE C 11 11.13 9.82 -1.39
C ILE C 11 9.78 10.54 -1.43
N ZAE D 1 5.69 15.85 4.26
CA ZAE D 1 5.70 14.89 5.42
C ZAE D 1 5.21 13.49 4.99
O ZAE D 1 6.01 12.63 4.63
CB ZAE D 1 7.09 14.77 6.05
CG ZAE D 1 7.07 14.17 7.43
CD1 ZAE D 1 6.12 14.57 8.37
CD2 ZAE D 1 8.08 13.29 7.84
CE1 ZAE D 1 6.10 14.00 9.64
CE2 ZAE D 1 8.07 12.72 9.10
CZ ZAE D 1 7.11 13.13 10.03
C10 ZAE D 1 6.60 15.41 3.19
H1 ZAE D 1 5.99 16.78 4.58
HA ZAE D 1 5.00 15.26 6.17
HB2 ZAE D 1 7.70 14.14 5.42
HB3 ZAE D 1 7.53 15.75 6.10
HD1 ZAE D 1 5.35 15.25 8.07
HD2 ZAE D 1 8.83 12.98 7.11
HE1 ZAE D 1 5.35 14.31 10.35
HE2 ZAE D 1 8.84 12.03 9.40
HZ ZAE D 1 7.11 12.70 11.02
H11 ZAE D 1 6.52 16.08 2.34
H12 ZAE D 1 6.34 14.41 2.88
H13 ZAE D 1 7.62 15.42 3.55
N ILE D 2 3.91 13.30 5.01
CA ILE D 2 3.32 12.02 4.64
C ILE D 2 2.52 12.17 3.35
N SER D 3 2.57 11.16 2.51
CA SER D 3 1.79 11.14 1.27
C SER D 3 1.42 9.71 0.89
N DAR D 4 0.46 9.60 0.00
CA DAR D 4 -0.03 8.30 -0.44
CB DAR D 4 0.17 8.18 -1.94
CG DAR D 4 1.61 8.10 -2.34
CD DAR D 4 2.32 6.98 -1.59
NE DAR D 4 3.58 6.66 -2.22
CZ DAR D 4 4.35 5.65 -1.86
NH1 DAR D 4 5.46 5.39 -2.55
NH2 DAR D 4 4.03 4.89 -0.82
C DAR D 4 -1.49 8.12 -0.13
O DAR D 4 -2.33 8.86 -0.63
H DAR D 4 0.07 10.41 -0.40
HA DAR D 4 0.54 7.54 0.05
HB2 DAR D 4 -0.27 9.05 -2.41
HB3 DAR D 4 -0.34 7.29 -2.28
HG2 DAR D 4 2.10 9.04 -2.10
HG3 DAR D 4 1.68 7.91 -3.40
HD2 DAR D 4 1.69 6.10 -1.61
HD3 DAR D 4 2.48 7.29 -0.57
HE DAR D 4 3.87 7.24 -2.96
HH11 DAR D 4 6.07 4.58 -2.28
HH12 DAR D 4 5.73 5.98 -3.35
HH21 DAR D 4 4.62 4.07 -0.56
HH22 DAR D 4 3.19 5.13 -0.24
N 28J D 5 -1.81 7.11 0.68
CA 28J D 5 -3.21 6.85 1.01
CB 28J D 5 -3.55 7.32 2.45
CG2 28J D 5 -2.32 7.27 3.34
CG1 28J D 5 -4.11 8.76 2.44
CD1 28J D 5 -4.64 9.22 3.77
C 28J D 5 -3.56 5.36 0.83
O 28J D 5 -2.70 4.54 0.48
HA 28J D 5 -3.81 7.42 0.33
H22 28J D 5 -4.30 6.66 2.86
H23 28J D 5 -1.55 7.91 2.93
H24 28J D 5 -1.94 6.25 3.37
H25 28J D 5 -2.57 7.59 4.34
H26 28J D 5 -4.91 8.82 1.71
H27 28J D 5 -3.31 9.43 2.15
H28 28J D 5 -5.34 8.49 4.16
H29 28J D 5 -5.15 10.17 3.65
H30 28J D 5 -3.83 9.34 4.47
N ILE D 6 -4.86 5.06 1.00
CA ILE D 6 -5.41 3.69 0.89
C ILE D 6 -6.59 3.61 -0.12
N SER D 7 -6.33 2.98 -1.29
CA SER D 7 -7.36 2.78 -2.35
C SER D 7 -6.93 1.65 -3.29
N DTH D 8 -7.85 1.25 -4.17
CA DTH D 8 -7.59 0.21 -5.18
CB DTH D 8 -7.27 0.77 -6.59
CG2 DTH D 8 -6.24 1.88 -6.47
OG1 DTH D 8 -8.47 1.26 -7.23
C DTH D 8 -8.79 -0.75 -5.30
O DTH D 8 -8.59 -1.92 -5.58
H DTH D 8 -8.76 1.63 -4.13
HA DTH D 8 -6.71 -0.39 -4.84
HB DTH D 8 -6.87 -0.02 -7.24
HG21 DTH D 8 -6.62 2.67 -5.85
HG22 DTH D 8 -6.02 2.29 -7.47
HG23 DTH D 8 -5.34 1.48 -6.05
N ALA D 9 -10.00 -0.22 -5.04
CA ALA D 9 -11.25 -0.85 -5.07
C ALA D 9 -11.71 -0.82 -6.52
N LEU D 10 -12.34 0.28 -6.88
CA LEU D 10 -12.85 0.57 -8.23
C LEU D 10 -11.78 1.15 -9.14
N ILE D 11 -10.75 1.64 -8.50
CA ILE D 11 -9.61 2.28 -9.19
C ILE D 11 -8.31 1.80 -8.53
N ALA E 1 14.33 -9.13 -1.21
CA ALA E 1 15.68 -9.33 -1.78
C ALA E 1 16.57 -10.23 -0.91
N DGL E 2 17.92 -9.90 -0.78
CA DGL E 2 18.64 -10.65 0.23
C DGL E 2 17.93 -11.28 1.43
O DGL E 2 17.36 -10.42 2.19
CB DGL E 2 19.05 -12.01 -0.33
CG DGL E 2 18.31 -12.48 -1.65
CD DGL E 2 17.67 -13.86 -1.45
OE1 DGL E 2 18.16 -14.85 -2.00
H DGL E 2 18.23 -9.05 -1.19
HA DGL E 2 19.35 -9.87 0.50
HB2 DGL E 2 18.86 -12.71 0.48
HB3 DGL E 2 20.10 -11.93 -0.47
HG2 DGL E 2 19.05 -12.56 -2.42
HG3 DGL E 2 17.54 -11.76 -1.97
N LYS E 3 16.60 -13.93 -0.68
CA LYS E 3 15.87 -15.14 -0.42
C LYS E 3 16.53 -16.03 0.67
N DAL E 4 16.89 -15.25 1.76
CA DAL E 4 17.47 -15.66 3.17
CB DAL E 4 19.13 -16.00 3.25
C DAL E 4 16.21 -16.62 3.70
O DAL E 4 16.07 -17.78 3.31
H DAL E 4 16.77 -14.28 1.61
HA DAL E 4 17.67 -14.91 3.93
HB1 DAL E 4 19.35 -16.83 2.62
HB2 DAL E 4 19.42 -16.29 4.30
HB3 DAL E 4 19.79 -15.12 2.95
N DAL E 5 15.34 -16.03 4.59
CA DAL E 5 14.14 -16.70 5.27
CB DAL E 5 14.85 -17.78 6.11
C DAL E 5 13.20 -17.21 4.05
O DAL E 5 13.22 -18.45 3.64
OXT DAL E 5 12.46 -16.36 3.58
H DAL E 5 15.51 -15.05 4.78
HA DAL E 5 13.49 -16.11 5.92
HB1 DAL E 5 15.61 -18.13 5.48
HB2 DAL E 5 14.12 -18.59 6.29
HB3 DAL E 5 15.23 -17.43 7.04
N ALA F 1 -13.92 -14.89 -1.90
CA ALA F 1 -14.11 -16.35 -1.84
C ALA F 1 -13.59 -16.90 -0.50
N DGL F 2 -14.20 -18.04 -0.03
CA DGL F 2 -13.52 -18.61 1.17
C DGL F 2 -12.05 -18.28 1.54
O DGL F 2 -11.73 -17.90 2.67
CB DGL F 2 -14.17 -18.07 2.39
CG DGL F 2 -14.42 -16.48 2.40
CD DGL F 2 -13.79 -15.80 3.63
OE1 DGL F 2 -14.50 -15.37 4.53
H DGL F 2 -14.82 -18.51 -0.61
HA DGL F 2 -13.57 -19.67 0.90
HB2 DGL F 2 -13.52 -18.34 3.21
HB3 DGL F 2 -15.09 -18.62 2.48
HG2 DGL F 2 -15.50 -16.30 2.45
HG3 DGL F 2 -14.04 -16.00 1.49
N LYS F 3 -12.46 -15.72 3.67
CA LYS F 3 -11.72 -15.10 4.74
C LYS F 3 -11.55 -15.99 6.01
N DAL F 4 -10.90 -17.16 5.67
CA DAL F 4 -10.37 -18.35 6.57
CB DAL F 4 -11.40 -18.92 7.79
C DAL F 4 -8.77 -17.84 6.75
O DAL F 4 -8.46 -16.89 7.48
H DAL F 4 -10.76 -17.29 4.70
HA DAL F 4 -10.38 -19.38 6.20
HB1 DAL F 4 -11.58 -18.14 8.50
HB2 DAL F 4 -10.91 -19.76 8.35
HB3 DAL F 4 -12.39 -19.31 7.39
N DAL F 5 -7.84 -18.56 6.02
CA DAL F 5 -6.31 -18.33 6.05
CB DAL F 5 -5.98 -18.69 7.50
C DAL F 5 -6.10 -16.79 5.61
O DAL F 5 -6.68 -16.45 4.59
OXT DAL F 5 -5.34 -15.97 6.31
H DAL F 5 -8.21 -19.25 5.40
HA DAL F 5 -5.67 -18.91 5.38
HB1 DAL F 5 -6.79 -18.30 8.05
HB2 DAL F 5 -5.05 -18.17 7.77
HB3 DAL F 5 -5.87 -19.74 7.67
N ALA G 1 14.74 10.95 12.15
CA ALA G 1 14.91 11.83 13.32
C ALA G 1 14.03 11.34 14.49
N DGL G 2 14.47 11.66 15.76
CA DGL G 2 13.48 11.31 16.82
C DGL G 2 11.98 11.08 16.51
O DGL G 2 11.39 10.05 16.87
CB DGL G 2 13.81 9.96 17.34
CG DGL G 2 14.10 8.83 16.25
CD DGL G 2 13.07 7.69 16.26
OE1 DGL G 2 13.24 6.71 16.97
H DGL G 2 15.21 12.28 15.85
HA DGL G 2 13.58 12.21 17.42
HB2 DGL G 2 12.94 9.67 17.92
HB3 DGL G 2 14.63 10.10 18.00
HG2 DGL G 2 15.08 8.39 16.46
HG3 DGL G 2 14.15 9.25 15.22
N LYS G 3 12.01 7.82 15.48
CA LYS G 3 10.95 6.84 15.36
C LYS G 3 10.03 6.76 16.61
N DAL G 4 9.92 7.99 17.22
CA DAL G 4 9.03 8.50 18.42
CB DAL G 4 8.55 7.36 19.57
C DAL G 4 8.03 9.54 17.55
O DAL G 4 6.81 9.44 17.57
H DAL G 4 10.53 8.68 16.82
HA DAL G 4 9.48 9.02 19.26
HB1 DAL G 4 8.08 7.90 20.40
HB2 DAL G 4 9.43 6.85 20.01
HB3 DAL G 4 7.83 6.60 19.20
N DAL G 5 8.68 10.52 16.83
CA DAL G 5 8.02 11.60 15.97
CB DAL G 5 7.12 12.27 17.06
C DAL G 5 7.27 10.85 14.77
O DAL G 5 6.06 11.19 14.65
OXT DAL G 5 7.84 10.01 14.00
H DAL G 5 9.69 10.47 16.82
HA DAL G 5 8.62 12.35 15.46
HB1 DAL G 5 7.77 12.81 17.66
HB2 DAL G 5 6.61 11.50 17.60
HB3 DAL G 5 6.36 12.96 16.62
N ALA H 1 -15.20 9.94 -4.92
CA ALA H 1 -15.89 10.88 -5.84
C ALA H 1 -17.01 10.16 -6.58
N DGL H 2 -18.10 10.92 -6.96
CA DGL H 2 -19.05 10.19 -7.82
C DGL H 2 -18.67 8.90 -8.60
O DGL H 2 -17.69 9.02 -9.43
CB DGL H 2 -20.13 9.58 -6.97
CG DGL H 2 -19.67 8.99 -5.57
CD DGL H 2 -20.28 7.59 -5.30
OE1 DGL H 2 -20.84 7.35 -4.23
H DGL H 2 -18.06 11.89 -6.84
HA DGL H 2 -19.24 11.00 -8.53
HB2 DGL H 2 -20.57 8.81 -7.59
HB3 DGL H 2 -20.86 10.37 -6.87
HG2 DGL H 2 -20.01 9.65 -4.79
HG3 DGL H 2 -18.57 8.91 -5.49
N LYS H 3 -20.17 6.69 -6.25
CA LYS H 3 -20.66 5.35 -6.15
C LYS H 3 -22.22 5.19 -6.27
N DAL H 4 -22.54 4.51 -7.44
CA DAL H 4 -23.92 3.99 -8.00
CB DAL H 4 -25.22 5.08 -8.00
C DAL H 4 -23.90 2.45 -7.37
O DAL H 4 -24.19 2.22 -6.18
H DAL H 4 -21.75 4.33 -8.02
HA DAL H 4 -24.10 3.94 -9.07
HB1 DAL H 4 -24.95 5.95 -8.58
HB2 DAL H 4 -25.48 5.39 -6.99
HB3 DAL H 4 -26.17 4.63 -8.50
N DAL H 5 -23.50 1.46 -8.24
CA DAL H 5 -23.44 -0.06 -7.91
CB DAL H 5 -24.94 -0.38 -7.75
C DAL H 5 -22.51 -0.18 -6.60
O DAL H 5 -22.96 -0.75 -5.49
OXT DAL H 5 -21.39 0.28 -6.71
H DAL H 5 -23.20 1.76 -9.14
HA DAL H 5 -23.01 -0.75 -8.64
HB1 DAL H 5 -25.32 0.46 -7.25
HB2 DAL H 5 -25.02 -1.27 -7.10
HB3 DAL H 5 -25.45 -0.56 -8.67
C1 MUB I . 12.51 -6.45 2.61
C2 MUB I . 11.62 -7.06 1.55
C3 MUB I . 12.10 -8.51 1.28
C4 MUB I . 13.62 -8.69 1.44
C5 MUB I . 14.06 -8.29 2.85
C6 MUB I . 15.37 -7.52 2.83
C7 MUB I . 9.75 -8.05 2.70
C8 MUB I . 8.32 -8.05 3.12
C9 MUB I . 12.06 -8.08 -1.09
C10 MUB I . 13.41 -8.30 -1.79
C11 MUB I . 11.01 -7.04 -1.62
O1 MUB I . 11.76 -5.55 3.40
O3 MUB I . 11.66 -8.97 -0.02
O4 MUB I . 14.00 -10.06 1.14
O5 MUB I . 13.06 -7.45 3.50
O6 MUB I . 15.72 -7.16 1.49
O7 MUB I . 10.49 -8.96 3.10
O10 MUB I . 13.59 -7.80 -2.89
N2 MUB I . 10.21 -7.07 1.95
H1 MUB I . 13.35 -5.86 2.15
H2 MUB I . 11.70 -6.32 0.74
HN2 MUB I . 9.58 -6.34 1.66
H81 MUB I . 8.12 -7.15 3.69
H82 MUB I . 8.11 -8.91 3.72
H83 MUB I . 7.71 -8.09 2.22
H3 MUB I . 11.64 -9.23 1.93
H9 MUB I . 12.71 -7.51 -0.39
H111 MUB I . 10.11 -7.52 -2.04
H112 MUB I . 11.46 -6.47 -2.38
H113 MUB I . 10.77 -6.34 -0.81
H4 MUB I . 14.18 -8.30 0.58
H5 MUB I . 14.25 -9.14 3.46
H61 MUB I . 16.16 -8.25 3.11
H62 MUB I . 15.46 -6.68 3.57
HO6 MUB I . 16.39 -7.74 1.10
C1 NAG I . 13.19 -11.03 1.79
C2 NAG I . 13.70 -12.42 1.42
C3 NAG I . 12.81 -13.46 2.11
C4 NAG I . 12.72 -13.19 3.61
C5 NAG I . 12.33 -11.73 3.88
C6 NAG I . 12.37 -11.40 5.36
C7 NAG I . 12.58 -12.41 -0.75
C8 NAG I . 12.67 -12.59 -2.25
N2 NAG I . 13.69 -12.60 0.00
O3 NAG I . 13.37 -14.74 1.86
O4 NAG I . 11.75 -14.04 4.19
O5 NAG I . 13.23 -10.85 3.21
O6 NAG I . 12.16 -10.01 5.59
O7 NAG I . 11.48 -12.19 -0.24
H1 NAG I . 12.17 -10.87 1.39
H2 NAG I . 14.78 -12.63 1.61
H3 NAG I . 11.77 -13.46 1.70
H4 NAG I . 13.67 -13.61 4.02
H5 NAG I . 11.30 -11.51 3.57
H61 NAG I . 13.33 -11.64 5.81
H62 NAG I . 11.63 -12.03 5.88
H81 NAG I . 11.71 -12.33 -2.69
H82 NAG I . 12.91 -13.61 -2.47
H83 NAG I . 13.45 -11.94 -2.64
HN2 NAG I . 14.54 -12.76 -0.45
HO3 NAG I . 12.96 -15.35 2.48
HO4 NAG I . 11.95 -14.96 3.97
HO6 NAG I . 11.98 -9.63 4.74
C1 MUB J . -10.20 -11.62 -1.63
C2 MUB J . -11.59 -11.25 -2.13
C3 MUB J . -12.62 -11.81 -1.12
C4 MUB J . -12.18 -13.13 -0.50
C5 MUB J . -10.84 -12.96 0.23
C6 MUB J . -9.91 -14.13 -0.08
C7 MUB J . -12.37 -9.11 -1.36
C8 MUB J . -12.60 -7.66 -1.57
C9 MUB J . -13.93 -12.64 -2.96
C10 MUB J . -14.26 -14.15 -2.98
C11 MUB J . -13.81 -11.81 -4.29
O1 MUB J . -9.25 -10.68 -2.03
O3 MUB J . -13.93 -11.93 -1.71
O4 MUB J . -13.22 -13.61 0.39
O5 MUB J . -10.17 -11.75 -0.20
O6 MUB J . -9.80 -14.32 -1.49
O7 MUB J . -12.49 -9.57 -0.22
O10 MUB J . -14.84 -14.62 -3.95
N2 MUB J . -11.79 -9.82 -2.32
H1 MUB J . -9.85 -12.57 -2.10
H2 MUB J . -11.61 -11.66 -3.16
HN2 MUB J . -11.70 -9.41 -3.23
H81 MUB J . -13.25 -7.53 -2.43
H82 MUB J . -11.67 -7.17 -1.74
H83 MUB J . -13.06 -7.25 -0.67
H3 MUB J . -12.82 -11.11 -0.32
H9 MUB J . -12.91 -13.02 -2.75
H111 MUB J . -14.60 -11.05 -4.41
H112 MUB J . -13.87 -12.47 -5.10
H113 MUB J . -12.81 -11.36 -4.33
H4 MUB J . -12.29 -13.96 -1.20
H5 MUB J . -10.94 -12.94 1.28
H61 MUB J . -10.44 -15.04 0.24
H62 MUB J . -8.92 -14.13 0.45
HO6 MUB J . -9.88 -15.25 -1.77
C1 NAG J . -13.89 -12.54 1.09
C2 NAG J . -14.90 -13.14 2.08
C3 NAG J . -15.61 -12.00 2.79
C4 NAG J . -14.59 -11.03 3.40
C5 NAG J . -13.57 -10.56 2.35
C6 NAG J . -12.48 -9.69 2.94
C7 NAG J . -16.58 -13.55 0.36
C8 NAG J . -17.53 -14.50 -0.32
N2 NAG J . -15.83 -13.97 1.40
O3 NAG J . -16.42 -12.55 3.81
O4 NAG J . -15.27 -9.89 3.92
O5 NAG J . -12.94 -11.70 1.75
O6 NAG J . -11.36 -9.58 2.09
O7 NAG J . -16.62 -12.35 0.04
H1 NAG J . -14.45 -12.00 0.29
H2 NAG J . -14.53 -13.90 2.80
H3 NAG J . -16.27 -11.40 2.11
H4 NAG J . -14.24 -11.56 4.32
H5 NAG J . -14.02 -9.94 1.57
H61 NAG J . -12.11 -10.07 3.90
H62 NAG J . -12.94 -8.70 3.16
H81 NAG J . -18.00 -14.00 -1.17
H82 NAG J . -18.30 -14.81 0.37
H83 NAG J . -16.98 -15.38 -0.64
HN2 NAG J . -15.85 -14.93 1.61
HO3 NAG J . -15.86 -13.07 4.37
HO4 NAG J . -16.06 -10.18 4.39
HO6 NAG J . -11.74 -9.62 1.20
C1 MUB K . 11.33 8.45 8.98
C2 MUB K . 12.81 8.70 8.73
C3 MUB K . 13.56 8.34 10.03
C4 MUB K . 12.83 8.83 11.29
C5 MUB K . 11.43 8.21 11.34
C6 MUB K . 10.37 9.30 11.57
C7 MUB K . 13.91 6.78 7.82
C8 MUB K . 14.51 6.04 6.66
C9 MUB K . 15.03 10.22 9.78
C10 MUB K . 15.36 11.16 10.96
C11 MUB K . 15.02 10.75 8.30
O1 MUB K . 10.70 7.91 7.83
O3 MUB K . 14.93 8.80 10.02
O4 MUB K . 13.60 8.47 12.47
O5 MUB K . 11.10 7.56 10.08
O6 MUB K . 10.59 10.40 10.69
O7 MUB K . 13.72 6.17 8.87
O10 MUB K . 16.20 12.05 10.82
N2 MUB K . 13.36 7.96 7.61
H1 MUB K . 10.78 9.42 9.14
H2 MUB K . 12.84 9.76 8.41
HN2 MUB K . 13.53 8.42 6.73
H81 MUB K . 15.01 5.16 7.04
H82 MUB K . 15.22 6.67 6.16
H83 MUB K . 13.72 5.78 5.98
H3 MUB K . 13.72 7.28 10.13
H9 MUB K . 13.99 10.38 10.16
H111 MUB K . 15.52 10.04 7.60
H112 MUB K . 15.53 11.66 8.26
H113 MUB K . 13.99 10.95 8.02
H4 MUB K . 12.93 9.91 11.45
H5 MUB K . 11.30 7.51 12.11
H61 MUB K . 10.60 9.72 12.56
H62 MUB K . 9.30 8.94 11.60
HO6 MUB K . 10.05 11.18 10.89
C1 NAG K . 14.28 7.21 12.33
C2 NAG K . 15.03 6.91 13.64
C3 NAG K . 15.76 5.56 13.46
C4 NAG K . 14.78 4.48 12.98
C5 NAG K . 14.02 4.94 11.74
C6 NAG K . 12.97 3.93 11.29
C7 NAG K . 16.94 8.33 13.12
C8 NAG K . 17.86 9.46 13.53
N2 NAG K . 15.96 7.93 13.96
O3 NAG K . 16.32 5.20 14.72
O4 NAG K . 15.50 3.31 12.68
O5 NAG K . 13.36 6.18 12.00
O6 NAG K . 12.24 4.39 10.17
O7 NAG K . 17.20 7.70 12.09
H1 NAG K . 15.03 7.39 11.53
H2 NAG K . 14.45 6.91 14.59
H3 NAG K . 16.59 5.62 12.72
H4 NAG K . 14.22 4.21 13.91
H5 NAG K . 14.67 5.06 10.86
H61 NAG K . 12.25 3.71 12.08
H62 NAG K . 13.51 2.98 11.09
H81 NAG K . 18.45 9.15 14.38
H82 NAG K . 17.27 10.32 13.81
H83 NAG K . 18.50 9.73 12.70
HN2 NAG K . 15.79 8.47 14.77
HO3 NAG K . 15.60 5.15 15.34
HO4 NAG K . 16.17 3.14 13.35
HO6 NAG K . 12.86 4.98 9.72
C1 MUB L . -13.28 5.16 -4.34
C2 MUB L . -13.04 6.34 -3.42
C3 MUB L . -14.40 7.00 -3.14
C4 MUB L . -15.26 7.09 -4.40
C5 MUB L . -15.54 5.67 -4.92
C6 MUB L . -15.33 5.61 -6.42
C7 MUB L . -13.11 5.64 -1.12
C8 MUB L . -12.42 5.29 0.15
C9 MUB L . -13.44 9.20 -3.32
C10 MUB L . -14.14 10.29 -4.16
C11 MUB L . -11.88 9.20 -3.13
O1 MUB L . -12.46 4.09 -3.94
O3 MUB L . -14.24 8.30 -2.52
O4 MUB L . -16.47 7.82 -4.12
O5 MUB L . -14.65 4.72 -4.30
O6 MUB L . -14.01 6.01 -6.76
O7 MUB L . -14.33 5.52 -1.20
O10 MUB L . -13.73 11.45 -4.11
N2 MUB L . -12.38 5.98 -2.17
H1 MUB L . -13.02 5.40 -5.40
H2 MUB L . -12.29 6.93 -3.98
HN2 MUB L . -11.39 6.07 -2.07
H81 MUB L . -11.81 6.13 0.46
H82 MUB L . -11.81 4.43 -0.01
H83 MUB L . -13.18 5.06 0.90
H3 MUB L . -14.95 6.47 -2.38
H9 MUB L . -13.63 8.61 -4.24
H111 MUB L . -11.58 9.06 -2.07
H112 MUB L . -11.50 10.11 -3.46
H113 MUB L . -11.46 8.42 -3.77
H4 MUB L . -14.91 7.83 -5.12
H5 MUB L . -16.57 5.39 -4.74
H61 MUB L . -15.95 6.44 -6.84
H62 MUB L . -15.69 4.68 -6.95
HO6 MUB L . -13.96 6.65 -7.49
C1 NAG L . -17.14 7.40 -2.93
C2 NAG L . -18.46 8.16 -2.82
C3 NAG L . -19.19 7.73 -1.56
C4 NAG L . -19.32 6.20 -1.53
C5 NAG L . -17.97 5.53 -1.76
C6 NAG L . -18.07 4.01 -1.82
C7 NAG L . -17.34 10.19 -2.00
C8 NAG L . -17.17 11.69 -2.08
N2 NAG L . -18.23 9.59 -2.81
O3 NAG L . -20.48 8.33 -1.55
O4 NAG L . -19.82 5.80 -0.26
O5 NAG L . -17.40 6.00 -2.98
O6 NAG L . -16.84 3.42 -2.24
O7 NAG L . -16.74 9.58 -1.12
H1 NAG L . -16.45 7.67 -2.10
H2 NAG L . -19.10 8.09 -3.72
H3 NAG L . -18.66 8.04 -0.62
H4 NAG L . -20.19 5.98 -2.19
H5 NAG L . -17.27 5.70 -0.93
H61 NAG L . -18.83 3.69 -2.55
H62 NAG L . -18.41 3.65 -0.85
H81 NAG L . -18.11 12.17 -1.86
H82 NAG L . -16.87 11.97 -3.07
H83 NAG L . -16.41 12.01 -1.37
HN2 NAG L . -18.69 10.13 -3.49
HO3 NAG L . -20.90 8.10 -2.37
HO4 NAG L . -20.48 6.43 0.06
HO6 NAG L . -16.46 4.05 -2.86
P 2PO M . 11.04 -4.20 2.79
O1P 2PO M . 12.05 -3.26 2.23
O2P 2PO M . 9.92 -4.57 1.93
O3P 2PO M . 10.44 -3.52 4.12
P 2PO N . 8.92 -3.03 4.11
O1P 2PO N . 8.83 -1.77 3.34
O2P 2PO N . 8.07 -4.18 3.71
O3P 2PO N . 8.62 -2.72 5.65
C1 P1W O . 9.07 -1.51 6.23
C2 P1W O . 8.05 -1.05 7.27
C3 P1W O . 7.49 -1.83 8.19
C4 P1W O . 6.51 -1.23 9.18
C5 P1W O . 7.79 -3.32 8.36
H12 P1W O . 9.15 -0.75 5.46
H11 P1W O . 10.02 -1.67 6.70
H2 P1W O . 8.01 0.01 7.42
H41 P1W O . 6.51 -1.82 10.08
H42 P1W O . 6.84 -0.24 9.39
H51 P1W O . 7.79 -3.58 9.42
H52 P1W O . 8.77 -3.54 7.94
H53 P1W O . 7.04 -3.90 7.85
C1 P1W P . 5.10 -1.15 8.61
C2 P1W P . 4.26 -0.30 9.52
C3 P1W P . 3.24 0.46 9.09
C4 P1W P . 2.42 1.32 10.00
C5 P1W P . 2.77 0.46 7.64
H12 P1W P . 5.14 -0.70 7.63
H11 P1W P . 4.68 -2.13 8.55
H2 P1W P . 4.70 -0.10 10.48
H41 P1W P . 1.39 1.31 9.68
H42 P1W P . 2.49 0.96 11.01
H51 P1W P . 2.66 -0.56 7.30
H52 P1W P . 3.51 0.97 7.02
H53 P1W P . 1.82 0.98 7.57
C1 P1W Q . 2.93 2.78 9.96
C2 P1W Q . 2.13 3.66 10.89
C3 P1W Q . 2.58 4.81 11.45
C4 P1W Q . 1.71 5.66 12.38
C5 P1W Q . 3.97 5.36 11.22
H12 P1W Q . 3.97 2.80 10.25
H11 P1W Q . 2.83 3.17 8.96
H2 P1W Q . 1.15 3.30 11.12
H43 P1W Q . 2.18 6.62 12.53
H41 P1W Q . 1.60 5.16 13.33
H42 P1W Q . 0.74 5.81 11.94
H51 P1W Q . 3.93 6.44 11.23
H52 P1W Q . 4.33 5.02 10.26
H53 P1W Q . 4.65 5.01 12.00
C1 P1W R . -7.75 -9.53 2.27
C2 P1W R . -6.95 -10.73 2.69
C3 P1W R . -5.90 -10.68 3.53
C4 P1W R . -5.10 -11.90 3.90
C5 P1W R . -5.44 -9.40 4.22
H12 P1W R . -7.09 -8.71 2.03
H11 P1W R . -8.41 -9.24 3.07
H2 P1W R . -7.09 -11.61 2.07
H41 P1W R . -5.75 -12.77 3.96
H42 P1W R . -4.62 -11.74 4.85
H51 P1W R . -6.25 -8.69 4.20
H52 P1W R . -4.59 -9.00 3.69
H53 P1W R . -5.16 -9.62 5.24
C1 P1W S . -4.03 -12.18 2.84
C2 P1W S . -3.07 -13.23 3.31
C3 P1W S . -3.13 -14.54 2.99
C4 P1W S . -2.13 -15.58 3.51
C5 P1W S . -4.23 -15.12 2.09
H12 P1W S . -4.50 -12.51 1.93
H11 P1W S . -3.47 -11.27 2.65
H2 P1W S . -2.23 -12.86 3.88
H43 P1W S . -1.53 -15.94 2.67
H41 P1W S . -2.65 -16.41 3.96
H42 P1W S . -1.48 -15.11 4.23
H51 P1W S . -4.12 -16.20 2.07
H52 P1W S . -4.11 -14.73 1.10
H53 P1W S . -5.20 -14.85 2.47
P 2PO T . -8.46 -10.87 -3.42
O1P 2PO T . -7.03 -10.69 -3.15
O2P 2PO T . -8.87 -12.15 -4.05
O3P 2PO T . -8.96 -9.65 -4.38
P 2PO U . -8.64 -8.10 -4.11
O1P 2PO U . -7.26 -7.97 -3.69
O2P 2PO U . -9.11 -7.30 -5.34
O3P 2PO U . -9.58 -7.72 -2.89
C1 P1W V . -8.98 -7.16 -1.73
C2 P1W V . -9.13 -8.12 -0.56
C3 P1W V . -8.23 -8.99 -0.12
C4 P1W V . -8.56 -9.89 1.03
C5 P1W V . -6.82 -9.18 -0.70
H12 P1W V . -9.47 -6.21 -1.49
H11 P1W V . -7.94 -6.97 -1.92
H2 P1W V . -9.93 -7.87 0.11
H41 P1W V . -8.37 -10.90 0.76
H42 P1W V . -9.62 -9.78 1.27
H51 P1W V . -6.72 -10.18 -1.12
H52 P1W V . -6.08 -9.06 0.08
H53 P1W V . -6.64 -8.45 -1.49
P 2PO W . 9.72 8.84 6.92
O1P 2PO W . 8.35 8.32 7.07
O2P 2PO W . 9.94 10.26 7.27
O3P 2PO W . 10.24 8.60 5.39
P 2PO X . 9.23 8.38 4.14
O1P 2PO X . 7.97 9.12 4.40
O2P 2PO X . 9.97 8.70 2.86
O3P 2PO X . 8.90 6.82 4.15
C1 P1W Y . 7.94 6.33 5.10
C2 P1W Y . 8.67 5.58 6.20
C3 P1W Y . 8.14 4.86 7.18
C4 P1W Y . 9.04 4.18 8.16
C5 P1W Y . 6.63 4.61 7.38
H12 P1W Y . 7.24 5.67 4.60
H11 P1W Y . 7.40 7.17 5.52
H2 P1W Y . 9.71 5.39 5.97
H41 P1W Y . 10.07 4.44 7.91
H42 P1W Y . 8.92 3.11 8.11
H51 P1W Y . 6.46 4.10 8.31
H52 P1W Y . 6.25 4.00 6.57
H53 P1W Y . 6.11 5.57 7.38
C1 P1W Z . 8.77 4.66 9.57
C2 P1W Z . 9.12 3.56 10.54
C3 P1W Z . 8.21 2.91 11.28
C4 P1W Z . 8.59 1.84 12.26
C5 P1W Z . 6.71 3.18 11.19
H12 P1W Z . 9.40 5.53 9.77
H11 P1W Z . 7.74 4.93 9.67
H2 P1W Z . 10.16 3.50 10.81
H41 P1W Z . 8.28 2.12 13.26
H42 P1W Z . 9.66 1.69 12.25
H51 P1W Z . 6.54 4.24 11.20
H52 P1W Z . 6.22 2.73 12.04
H53 P1W Z . 6.32 2.76 10.28
C1 P1W AA . 7.91 0.51 11.89
C2 P1W AA . 8.13 -0.51 12.97
C3 P1W AA . 8.89 -1.62 12.84
C4 P1W AA . 9.08 -2.63 13.96
C5 P1W AA . 9.64 -1.95 11.55
H12 P1W AA . 6.85 0.70 11.78
H11 P1W AA . 8.32 0.15 10.96
H2 P1W AA . 7.61 -0.32 13.89
H43 P1W AA . 8.47 -3.51 13.77
H41 P1W AA . 8.78 -2.19 14.91
H42 P1W AA . 10.12 -2.92 14.02
H51 P1W AA . 10.14 -1.06 11.19
H52 P1W AA . 8.94 -2.30 10.82
H53 P1W AA . 10.38 -2.73 11.75
P 2PO BA . -10.95 3.90 -4.51
O1P 2PO BA . -10.90 2.63 -5.31
O2P 2PO BA . -10.48 5.15 -5.16
O3P 2PO BA . -10.10 3.69 -3.19
P 2PO CA . -10.61 2.68 -2.06
O1P 2PO CA . -10.22 1.31 -2.49
O2P 2PO CA . -10.15 3.16 -0.74
O3P 2PO CA . -12.21 2.87 -2.16
C1 P1W DA . -13.10 1.92 -1.55
C2 P1W DA . -12.72 1.74 -0.09
C3 P1W DA . -13.30 0.86 0.76
C4 P1W DA . -12.85 0.71 2.20
C5 P1W DA . -14.52 0.00 0.39
H12 P1W DA . -13.03 0.98 -2.08
H11 P1W DA . -14.12 2.31 -1.61
H2 P1W DA . -12.23 2.61 0.34
H41 P1W DA . -13.54 0.09 2.73
H42 P1W DA . -12.80 1.68 2.66
H51 P1W DA . -14.22 -1.03 0.38
H52 P1W DA . -14.87 0.29 -0.60
H53 P1W DA . -15.30 0.16 1.12
C1 P1W EA . -11.44 0.07 2.27
C2 P1W EA . -10.96 0.01 3.71
C3 P1W EA . -10.09 -0.92 4.17
C4 P1W EA . -9.65 -0.95 5.61
C5 P1W EA . -9.50 -2.02 3.31
H12 P1W EA . -11.49 -0.94 1.88
H11 P1W EA . -10.75 0.65 1.71
H2 P1W EA . -11.52 0.60 4.41
H41 P1W EA . -9.36 0.04 5.92
H42 P1W EA . -8.81 -1.63 5.71
H51 P1W EA . -9.16 -2.81 3.96
H52 P1W EA . -8.65 -1.63 2.75
H53 P1W EA . -10.24 -2.40 2.63
C1 P1W FA . -10.80 -1.44 6.52
C2 P1W FA . -10.26 -1.94 7.83
C3 P1W FA . -10.62 -1.46 9.05
C4 P1W FA . -10.06 -2.04 10.36
C5 P1W FA . -11.59 -0.30 9.24
H12 P1W FA . -11.47 -0.61 6.69
H11 P1W FA . -11.32 -2.24 6.03
H2 P1W FA . -9.63 -2.80 7.76
H43 P1W FA . -9.61 -1.23 10.94
H41 P1W FA . -9.32 -2.78 10.14
H42 P1W FA . -10.86 -2.48 10.92
H51 P1W FA . -11.03 0.62 9.24
H52 P1W FA . -12.10 -0.43 10.17
H53 P1W FA . -12.31 -0.29 8.43
N ZAE A 1 -4.93 -15.42 -8.47
CA ZAE A 1 -5.68 -15.33 -7.16
C ZAE A 1 -5.19 -14.16 -6.33
O ZAE A 1 -5.48 -12.99 -6.62
CB ZAE A 1 -7.19 -15.19 -7.39
CG ZAE A 1 -8.01 -15.67 -6.22
CD1 ZAE A 1 -7.62 -16.80 -5.50
CD2 ZAE A 1 -9.19 -15.05 -5.87
CE1 ZAE A 1 -8.38 -17.25 -4.43
CE2 ZAE A 1 -9.95 -15.48 -4.79
CZ ZAE A 1 -9.55 -16.61 -4.09
C10 ZAE A 1 -5.25 -14.29 -9.37
H1 ZAE A 1 -5.18 -16.30 -8.96
HA ZAE A 1 -5.49 -16.24 -6.62
HB2 ZAE A 1 -7.43 -14.15 -7.56
HB3 ZAE A 1 -7.48 -15.77 -8.26
HD1 ZAE A 1 -6.70 -17.30 -5.76
HD2 ZAE A 1 -9.51 -14.16 -6.42
HE1 ZAE A 1 -8.05 -18.12 -3.87
HE2 ZAE A 1 -10.86 -14.98 -4.53
HZ ZAE A 1 -10.14 -16.96 -3.25
H11 ZAE A 1 -4.59 -14.31 -10.22
H12 ZAE A 1 -5.11 -13.35 -8.83
H13 ZAE A 1 -6.27 -14.36 -9.69
N ILE A 2 -4.44 -14.46 -5.29
CA ILE A 2 -3.93 -13.44 -4.40
C ILE A 2 -2.63 -12.87 -5.01
N SER A 3 -2.58 -11.55 -5.10
CA SER A 3 -1.39 -10.86 -5.60
C SER A 3 -1.21 -9.52 -4.89
N DAR A 4 0.01 -9.02 -4.97
CA DAR A 4 0.36 -7.77 -4.34
CB DAR A 4 0.55 -6.71 -5.40
CG DAR A 4 -0.75 -6.07 -5.80
CD DAR A 4 -0.48 -4.89 -6.71
NE DAR A 4 -1.71 -4.30 -7.22
CZ DAR A 4 -1.77 -3.03 -7.60
NH1 DAR A 4 -2.87 -2.56 -8.16
NH2 DAR A 4 -0.76 -2.22 -7.36
C DAR A 4 1.64 -7.90 -3.53
O DAR A 4 2.60 -8.55 -3.98
H DAR A 4 0.70 -9.50 -5.50
HA DAR A 4 -0.44 -7.49 -3.69
HB2 DAR A 4 0.99 -7.17 -6.28
HB3 DAR A 4 1.22 -5.95 -5.03
HG2 DAR A 4 -1.25 -5.71 -4.91
HG3 DAR A 4 -1.36 -6.79 -6.31
HD2 DAR A 4 0.11 -5.23 -7.54
HD3 DAR A 4 0.07 -4.14 -6.16
HE DAR A 4 -2.49 -4.89 -7.33
HH11 DAR A 4 -2.91 -1.57 -8.48
HH12 DAR A 4 -3.71 -3.17 -8.29
HH21 DAR A 4 -0.80 -1.22 -7.66
HH22 DAR A 4 0.07 -2.56 -6.84
N 28J A 5 1.65 -7.32 -2.33
CA 28J A 5 2.84 -7.38 -1.50
CB 28J A 5 2.71 -8.42 -0.35
CG2 28J A 5 1.32 -8.36 0.27
CG1 28J A 5 2.96 -9.85 -0.86
CD1 28J A 5 4.39 -10.12 -1.29
C 28J A 5 3.19 -5.99 -0.95
O 28J A 5 2.39 -5.04 -0.98
HA 28J A 5 3.65 -7.69 -2.14
H22 28J A 5 3.44 -8.19 0.42
H23 28J A 5 1.25 -9.08 1.07
H24 28J A 5 0.57 -8.58 -0.47
H25 28J A 5 1.15 -7.37 0.68
H26 28J A 5 2.31 -10.05 -1.70
H27 28J A 5 2.72 -10.55 -0.06
H28 28J A 5 4.51 -11.16 -1.54
H29 28J A 5 5.06 -9.86 -0.48
H30 28J A 5 4.63 -9.50 -2.14
N ILE A 6 4.45 -5.86 -0.53
CA ILE A 6 4.94 -4.62 0.08
C ILE A 6 6.34 -4.17 -0.39
N SER A 7 6.57 -2.84 -0.53
CA SER A 7 7.90 -2.34 -0.95
C SER A 7 8.22 -0.98 -0.35
N DTH A 8 9.50 -0.61 -0.47
CA DTH A 8 9.99 0.65 0.07
CB DTH A 8 10.58 1.57 -1.02
CG2 DTH A 8 9.51 1.77 -2.07
OG1 DTH A 8 11.76 1.01 -1.60
C DTH A 8 11.11 0.40 1.09
O DTH A 8 11.46 1.30 1.86
H DTH A 8 10.12 -1.21 -0.94
HA DTH A 8 9.17 1.15 0.55
HB DTH A 8 10.85 2.53 -0.58
HG21 DTH A 8 9.26 0.81 -2.50
HG22 DTH A 8 9.89 2.43 -2.84
HG23 DTH A 8 8.63 2.20 -1.62
N ALA A 9 11.65 -0.82 1.09
CA ALA A 9 12.75 -1.18 1.96
C ALA A 9 14.04 -0.62 1.39
N LEU A 10 14.42 -1.18 0.27
CA LEU A 10 15.63 -0.81 -0.44
C LEU A 10 15.33 0.32 -1.40
N ILE A 11 14.20 0.20 -2.05
CA ILE A 11 13.77 1.21 -2.98
C ILE A 11 12.52 1.89 -2.43
N ZAE B 1 7.81 5.50 0.84
CA ZAE B 1 8.29 4.59 1.91
C ZAE B 1 7.51 3.31 1.89
O ZAE B 1 7.82 2.40 1.12
CB ZAE B 1 9.75 4.25 1.73
CG ZAE B 1 10.44 3.89 3.02
CD1 ZAE B 1 9.74 3.30 4.06
CD2 ZAE B 1 11.76 4.28 3.24
CE1 ZAE B 1 10.37 2.99 5.25
CE2 ZAE B 1 12.40 3.97 4.43
CZ ZAE B 1 11.68 3.38 5.46
C10 ZAE B 1 8.10 4.95 -0.49
H1 ZAE B 1 8.30 6.41 0.92
HA ZAE B 1 8.15 5.07 2.87
HB2 ZAE B 1 9.83 3.41 1.06
HB3 ZAE B 1 10.26 5.09 1.30
HD1 ZAE B 1 8.71 3.00 3.90
HD2 ZAE B 1 12.32 4.74 2.44
HE1 ZAE B 1 9.81 2.52 6.05
HE2 ZAE B 1 13.43 4.26 4.58
HZ ZAE B 1 12.16 3.15 6.40
H11 ZAE B 1 7.60 5.53 -1.23
H12 ZAE B 1 7.74 3.92 -0.53
H13 ZAE B 1 9.17 4.96 -0.66
N ILE B 2 6.44 3.27 2.64
CA ILE B 2 5.72 2.04 2.68
C ILE B 2 4.57 2.13 1.69
N SER B 3 4.63 1.23 0.72
CA SER B 3 3.63 1.16 -0.29
C SER B 3 3.47 -0.25 -0.78
N DAR B 4 2.34 -0.46 -1.38
CA DAR B 4 2.01 -1.75 -1.89
CB DAR B 4 2.39 -1.85 -3.36
CG DAR B 4 3.77 -2.44 -3.60
CD DAR B 4 4.06 -2.64 -5.08
NE DAR B 4 5.39 -3.18 -5.31
CZ DAR B 4 5.82 -3.64 -6.48
NH1 DAR B 4 5.02 -3.62 -7.54
NH2 DAR B 4 7.05 -4.12 -6.60
C DAR B 4 0.53 -1.98 -1.71
O DAR B 4 -0.25 -1.04 -1.92
H DAR B 4 1.71 0.30 -1.47
HA DAR B 4 2.56 -2.49 -1.32
HB2 DAR B 4 2.37 -0.86 -3.78
HB3 DAR B 4 1.66 -2.46 -3.87
HG2 DAR B 4 3.84 -3.39 -3.10
HG3 DAR B 4 4.52 -1.76 -3.20
HD2 DAR B 4 3.99 -1.68 -5.58
HD3 DAR B 4 3.32 -3.31 -5.50
HE DAR B 4 6.00 -3.21 -4.54
HH11 DAR B 4 5.36 -3.97 -8.47
HH12 DAR B 4 4.06 -3.23 -7.46
HH21 DAR B 4 7.39 -4.49 -7.51
HH22 DAR B 4 7.68 -4.12 -5.77
N 28J B 5 0.18 -3.23 -1.31
CA 28J B 5 -1.20 -3.61 -1.10
CB 28J B 5 -1.64 -3.39 0.37
CG2 28J B 5 -0.66 -4.04 1.33
CG1 28J B 5 -1.79 -1.90 0.68
CD1 28J B 5 -2.35 -1.61 2.06
C 28J B 5 -1.42 -5.07 -1.44
O 28J B 5 -0.47 -5.85 -1.66
HA 28J B 5 -1.82 -3.00 -1.73
H22 28J B 5 -2.60 -3.88 0.49
H23 28J B 5 0.32 -3.61 1.18
H24 28J B 5 -0.62 -5.11 1.15
H25 28J B 5 -0.98 -3.86 2.34
H26 28J B 5 -2.46 -1.45 -0.04
H27 28J B 5 -0.83 -1.43 0.62
H28 28J B 5 -1.68 -2.01 2.81
H29 28J B 5 -3.33 -2.07 2.16
H30 28J B 5 -2.45 -0.54 2.20
N ILE B 6 -2.69 -5.44 -1.57
CA ILE B 6 -3.05 -6.84 -1.80
C ILE B 6 -4.40 -6.89 -2.53
N SER B 7 -4.54 -7.83 -3.45
CA SER B 7 -5.79 -7.95 -4.18
C SER B 7 -5.83 -9.26 -4.92
N DTH B 8 -6.93 -9.46 -5.60
CA DTH B 8 -7.14 -10.67 -6.37
CB DTH B 8 -7.24 -10.42 -7.88
CG2 DTH B 8 -5.96 -9.78 -8.34
OG1 DTH B 8 -8.35 -9.59 -8.18
C DTH B 8 -8.51 -11.36 -6.06
O DTH B 8 -8.80 -12.33 -6.76
H DTH B 8 -7.65 -8.76 -5.58
HA DTH B 8 -6.32 -11.34 -6.17
HB DTH B 8 -7.39 -11.36 -8.41
HG21 DTH B 8 -6.03 -9.56 -9.40
HG22 DTH B 8 -5.13 -10.45 -8.17
HG23 DTH B 8 -5.80 -8.86 -7.80
N ALA B 9 -9.31 -10.83 -5.16
CA ALA B 9 -10.64 -11.34 -4.93
C ALA B 9 -11.55 -10.86 -6.05
N LEU B 10 -11.64 -9.53 -6.21
CA LEU B 10 -12.48 -8.95 -7.26
C LEU B 10 -11.76 -9.06 -8.59
N ILE B 11 -10.58 -8.48 -8.62
CA ILE B 11 -9.80 -8.53 -9.84
C ILE B 11 -8.57 -9.39 -9.58
N ZAE C 1 -6.30 -4.07 -5.71
CA ZAE C 1 -7.36 -3.55 -4.79
C ZAE C 1 -6.86 -2.43 -3.92
O ZAE C 1 -6.92 -1.26 -4.30
CB ZAE C 1 -8.57 -3.04 -5.58
CG ZAE C 1 -9.86 -3.10 -4.80
CD1 ZAE C 1 -9.85 -3.34 -3.44
CD2 ZAE C 1 -11.08 -2.89 -5.44
CE1 ZAE C 1 -11.03 -3.42 -2.73
CE2 ZAE C 1 -12.27 -2.97 -4.72
CZ ZAE C 1 -12.24 -3.21 -3.36
C10 ZAE C 1 -6.01 -3.12 -6.76
H1 ZAE C 1 -6.64 -4.96 -6.14
HA ZAE C 1 -7.67 -4.34 -4.18
HB2 ZAE C 1 -8.40 -2.00 -5.84
HB3 ZAE C 1 -8.68 -3.62 -6.48
HD1 ZAE C 1 -8.91 -3.49 -2.95
HD2 ZAE C 1 -11.10 -2.71 -6.50
HE1 ZAE C 1 -11.01 -3.62 -1.67
HE2 ZAE C 1 -13.21 -2.80 -5.21
HZ ZAE C 1 -13.16 -3.27 -2.79
H11 ZAE C 1 -5.34 -3.55 -7.49
H12 ZAE C 1 -5.56 -2.23 -6.33
H13 ZAE C 1 -6.93 -2.84 -7.26
N ILE C 2 -6.32 -2.78 -2.77
CA ILE C 2 -5.91 -1.73 -1.88
C ILE C 2 -4.43 -1.51 -2.06
N SER C 3 -4.11 -0.29 -2.37
CA SER C 3 -2.75 0.09 -2.56
C SER C 3 -2.54 1.51 -2.15
N DAR C 4 -1.31 1.84 -2.00
CA DAR C 4 -0.96 3.18 -1.60
CB DAR C 4 -0.33 4.00 -2.72
CG DAR C 4 -1.31 4.53 -3.76
CD DAR C 4 -0.60 5.30 -4.86
NE DAR C 4 -1.53 5.95 -5.79
CZ DAR C 4 -1.16 6.73 -6.79
NH1 DAR C 4 0.13 6.98 -7.00
NH2 DAR C 4 -2.06 7.28 -7.58
C DAR C 4 0.00 3.07 -0.45
O DAR C 4 0.81 2.13 -0.41
H DAR C 4 -0.60 1.14 -2.12
HA DAR C 4 -1.85 3.66 -1.25
HB2 DAR C 4 0.40 3.39 -3.23
HB3 DAR C 4 0.17 4.84 -2.28
HG2 DAR C 4 -2.03 5.18 -3.28
HG3 DAR C 4 -1.82 3.68 -4.21
HD2 DAR C 4 0.02 4.62 -5.42
HD3 DAR C 4 0.02 6.06 -4.41
HE DAR C 4 -2.50 5.79 -5.65
HH11 DAR C 4 0.43 7.59 -7.78
HH12 DAR C 4 0.85 6.57 -6.36
HH21 DAR C 4 -1.76 7.90 -8.37
HH22 DAR C 4 -3.08 7.10 -7.43
N 28J C 5 -0.11 4.02 0.47
CA 28J C 5 0.74 4.05 1.63
CB 28J C 5 0.04 3.42 2.86
CG2 28J C 5 -1.25 4.16 3.19
CG1 28J C 5 -0.24 1.93 2.60
CD1 28J C 5 0.94 1.02 2.89
C 28J C 5 1.13 5.47 1.98
O 28J C 5 0.54 6.44 1.47
HA 28J C 5 1.63 3.48 1.41
H22 28J C 5 0.71 3.50 3.71
H23 28J C 5 -1.02 5.18 3.44
H24 28J C 5 -1.73 3.68 4.03
H25 28J C 5 -1.91 4.13 2.33
H26 28J C 5 -0.51 1.80 1.56
H27 28J C 5 -1.06 1.62 3.23
H28 28J C 5 0.66 -0.01 2.69
H29 28J C 5 1.24 1.12 3.92
H30 28J C 5 1.77 1.29 2.24
N ILE C 6 2.21 5.59 2.78
CA ILE C 6 2.63 6.92 3.28
C ILE C 6 4.14 6.99 3.49
N SER C 7 4.70 8.19 3.18
CA SER C 7 6.13 8.42 3.31
C SER C 7 6.50 9.91 3.32
N DTH C 8 7.63 10.19 3.98
CA DTH C 8 8.20 11.55 4.05
CB DTH C 8 9.35 11.80 3.04
CG2 DTH C 8 8.83 11.70 1.62
OG1 DTH C 8 10.40 10.85 3.24
C DTH C 8 8.91 11.82 5.38
O DTH C 8 9.41 12.94 5.53
H DTH C 8 8.04 9.49 4.52
HA DTH C 8 7.42 12.26 3.87
HB DTH C 8 9.78 12.80 3.21
HG21 DTH C 8 8.07 12.45 1.47
HG22 DTH C 8 8.40 10.72 1.47
HG23 DTH C 8 9.64 11.86 0.93
N ALA C 9 9.07 10.81 6.26
CA ALA C 9 9.86 10.93 7.46
C ALA C 9 11.32 10.75 7.16
N LEU C 10 11.67 9.51 6.81
CA LEU C 10 13.08 9.20 6.45
C LEU C 10 13.41 9.71 5.07
N ILE C 11 12.45 9.59 4.19
CA ILE C 11 12.65 10.04 2.82
C ILE C 11 11.60 11.08 2.51
N ZAE D 1 6.75 17.38 2.05
CA ZAE D 1 7.11 16.55 3.26
C ZAE D 1 6.45 15.17 3.19
O ZAE D 1 6.99 14.24 2.60
CB ZAE D 1 8.62 16.38 3.39
CG ZAE D 1 9.09 16.27 4.83
CD1 ZAE D 1 8.32 16.78 5.87
CD2 ZAE D 1 10.31 15.68 5.13
CE1 ZAE D 1 8.75 16.69 7.19
CE2 ZAE D 1 10.75 15.57 6.45
CZ ZAE D 1 9.96 16.09 7.47
C10 ZAE D 1 7.28 16.78 0.81
H1 ZAE D 1 7.16 18.33 2.14
HA ZAE D 1 6.74 17.07 4.13
HB2 ZAE D 1 8.93 15.47 2.88
HB3 ZAE D 1 9.11 17.22 2.94
HD1 ZAE D 1 7.38 17.24 5.65
HD2 ZAE D 1 10.93 15.27 4.34
HE1 ZAE D 1 8.15 17.09 7.99
HE2 ZAE D 1 11.69 15.11 6.67
HZ ZAE D 1 10.31 16.02 8.49
H11 ZAE D 1 8.36 16.78 0.83
H12 ZAE D 1 6.95 17.37 -0.04
H13 ZAE D 1 6.91 15.77 0.71
N ILE D 2 5.27 15.05 3.80
CA ILE D 2 4.56 13.79 3.81
C ILE D 2 3.60 13.74 2.62
N SER D 3 3.64 12.63 1.89
CA SER D 3 2.72 12.43 0.77
C SER D 3 2.44 10.94 0.57
N DAR D 4 1.42 10.66 -0.20
CA DAR D 4 0.99 9.30 -0.45
CB DAR D 4 1.42 8.88 -1.84
CG DAR D 4 2.83 8.38 -1.88
CD DAR D 4 3.11 7.68 -3.19
NE DAR D 4 4.53 7.43 -3.34
CZ DAR D 4 5.04 6.70 -4.32
NH1 DAR D 4 6.35 6.59 -4.45
NH2 DAR D 4 4.24 6.04 -5.14
C DAR D 4 -0.51 9.18 -0.37
O DAR D 4 -1.24 9.86 -1.08
H DAR D 4 0.95 11.39 -0.66
HA DAR D 4 1.45 8.66 0.27
HB2 DAR D 4 1.33 9.72 -2.51
HB3 DAR D 4 0.76 8.09 -2.18
HG2 DAR D 4 2.98 7.68 -1.07
HG3 DAR D 4 3.50 9.22 -1.76
HD2 DAR D 4 2.78 8.32 -4.00
HD3 DAR D 4 2.57 6.75 -3.21
HE DAR D 4 5.13 7.87 -2.71
HH11 DAR D 4 6.76 6.02 -5.22
HH12 DAR D 4 6.98 7.08 -3.78
HH21 DAR D 4 4.64 5.47 -5.93
HH22 DAR D 4 3.21 6.05 -5.01
N 28J D 5 -0.98 8.28 0.50
CA 28J D 5 -2.41 8.06 0.62
CB 28J D 5 -2.95 8.44 2.02
CG2 28J D 5 -2.08 7.82 3.10
CG1 28J D 5 -2.98 9.97 2.21
CD1 28J D 5 -4.05 10.66 1.38
C 28J D 5 -2.75 6.61 0.29
O 28J D 5 -1.88 5.80 -0.09
HA 28J D 5 -2.90 8.69 -0.11
H22 28J D 5 -3.95 8.05 2.12
H23 28J D 5 -1.05 8.12 2.95
H24 28J D 5 -2.15 6.74 3.05
H25 28J D 5 -2.41 8.16 4.08
H26 28J D 5 -2.03 10.38 1.93
H27 28J D 5 -3.17 10.19 3.24
H28 28J D 5 -4.06 11.71 1.63
H29 28J D 5 -5.02 10.23 1.62
H30 28J D 5 -3.84 10.53 0.34
N ILE D 6 -4.05 6.32 0.37
CA ILE D 6 -4.60 4.99 0.14
C ILE D 6 -5.85 5.03 -0.78
N SER D 7 -5.93 4.10 -1.78
CA SER D 7 -7.12 4.01 -2.68
C SER D 7 -7.31 2.58 -3.22
N DTH D 8 -8.54 2.30 -3.66
CA DTH D 8 -8.92 0.97 -4.20
CB DTH D 8 -8.85 0.89 -5.74
CG2 DTH D 8 -7.47 1.33 -6.20
OG1 DTH D 8 -9.86 1.69 -6.32
C DTH D 8 -10.34 0.64 -3.78
O DTH D 8 -10.73 -0.53 -3.89
H DTH D 8 -9.23 2.99 -3.59
HA DTH D 8 -8.25 0.24 -3.78
HB DTH D 8 -9.03 -0.15 -6.06
HG21 DTH D 8 -7.41 1.25 -7.27
HG22 DTH D 8 -6.72 0.71 -5.73
HG23 DTH D 8 -7.33 2.37 -5.91
N ALA D 9 -11.12 1.63 -3.38
CA ALA D 9 -12.52 1.49 -3.00
C ALA D 9 -13.35 1.29 -4.21
N LEU D 10 -13.47 2.41 -4.90
CA LEU D 10 -14.25 2.47 -6.12
C LEU D 10 -13.35 2.27 -7.31
N ILE D 11 -12.09 2.65 -7.13
CA ILE D 11 -11.13 2.52 -8.21
C ILE D 11 -9.99 1.64 -7.75
N ALA E 1 17.00 -7.05 -6.28
CA ALA E 1 18.44 -7.37 -6.02
C ALA E 1 18.55 -8.73 -5.34
N DGL E 2 19.62 -8.78 -4.41
CA DGL E 2 19.64 -10.10 -3.61
C DGL E 2 18.11 -10.64 -3.29
O DGL E 2 17.28 -9.85 -2.83
CB DGL E 2 20.16 -11.27 -4.35
CG DGL E 2 20.16 -11.17 -5.95
CD DGL E 2 19.42 -12.34 -6.61
OE1 DGL E 2 20.05 -13.28 -7.11
H DGL E 2 20.20 -8.06 -4.27
HA DGL E 2 20.25 -9.83 -2.75
HB2 DGL E 2 19.51 -12.09 -4.05
HB3 DGL E 2 21.15 -11.45 -4.01
HG2 DGL E 2 21.18 -11.19 -6.29
HG3 DGL E 2 19.70 -10.24 -6.30
N LYS E 3 18.10 -12.30 -6.57
CA LYS E 3 17.27 -13.32 -7.15
C LYS E 3 17.18 -14.61 -6.27
N DAL E 4 17.16 -14.24 -4.91
CA DAL E 4 16.95 -15.11 -3.63
CB DAL E 4 18.32 -16.03 -3.08
C DAL E 4 15.42 -15.70 -3.98
O DAL E 4 15.23 -16.80 -4.53
H DAL E 4 17.26 -13.27 -4.76
HA DAL E 4 16.94 -14.68 -2.64
HB1 DAL E 4 18.56 -16.76 -3.81
HB2 DAL E 4 18.12 -16.53 -2.13
HB3 DAL E 4 19.26 -15.38 -2.90
N DAL E 5 14.39 -14.87 -3.65
CA DAL E 5 12.87 -15.13 -3.79
CB DAL E 5 12.79 -16.28 -2.68
C DAL E 5 12.84 -15.70 -5.34
O DAL E 5 12.89 -14.80 -6.36
OXT DAL E 5 12.51 -16.84 -5.56
H DAL E 5 14.61 -13.99 -3.24
HA DAL E 5 12.10 -14.38 -3.66
HB1 DAL E 5 13.10 -17.15 -3.06
HB2 DAL E 5 11.71 -16.34 -2.37
HB3 DAL E 5 13.32 -16.01 -1.74
N ALA F 1 -14.79 -8.00 3.50
CA ALA F 1 -15.09 -9.33 4.10
C ALA F 1 -14.03 -9.72 5.05
N DGL F 2 -13.69 -11.04 5.13
CA DGL F 2 -12.49 -11.44 5.91
C DGL F 2 -11.37 -10.31 6.25
O DGL F 2 -11.04 -10.03 7.43
CB DGL F 2 -12.96 -11.56 7.46
CG DGL F 2 -13.78 -10.35 8.05
CD DGL F 2 -13.38 -10.01 9.51
OE1 DGL F 2 -14.22 -9.94 10.40
H DGL F 2 -14.17 -11.71 4.54
HA DGL F 2 -12.12 -12.28 5.32
HB2 DGL F 2 -12.02 -11.70 7.99
HB3 DGL F 2 -13.53 -12.45 7.48
HG2 DGL F 2 -14.82 -10.58 8.05
HG3 DGL F 2 -13.65 -9.42 7.46
N LYS F 3 -12.08 -9.88 9.75
CA LYS F 3 -11.53 -9.57 11.05
C LYS F 3 -11.67 -10.73 12.10
N DAL F 4 -11.52 -11.96 11.45
CA DAL F 4 -11.44 -13.41 12.03
CB DAL F 4 -11.65 -13.58 13.74
C DAL F 4 -10.16 -13.98 11.10
O DAL F 4 -9.07 -14.31 11.59
H DAL F 4 -11.44 -11.89 10.47
HA DAL F 4 -12.27 -14.11 11.93
HB1 DAL F 4 -10.85 -13.09 14.23
HB2 DAL F 4 -11.66 -14.63 14.04
HB3 DAL F 4 -12.64 -13.13 14.12
N DAL F 5 -10.39 -14.04 9.75
CA DAL F 5 -9.45 -14.56 8.65
CB DAL F 5 -9.23 -16.03 9.26
C DAL F 5 -8.17 -13.54 8.87
O DAL F 5 -7.06 -13.92 8.59
OXT DAL F 5 -8.42 -12.21 9.05
H DAL F 5 -11.29 -13.74 9.42
HA DAL F 5 -9.71 -14.60 7.59
HB1 DAL F 5 -8.58 -15.98 10.02
HB2 DAL F 5 -8.83 -16.67 8.42
HB3 DAL F 5 -10.18 -16.52 9.56
N ALA G 1 11.06 2.19 10.20
CA ALA G 1 12.44 1.68 10.49
C ALA G 1 13.08 2.42 11.66
N DGL G 2 13.81 1.61 12.57
CA DGL G 2 14.58 2.41 13.58
C DGL G 2 14.97 3.90 13.13
O DGL G 2 14.41 4.87 13.71
CB DGL G 2 13.77 2.74 14.77
CG DGL G 2 12.24 3.05 14.47
CD DGL G 2 11.73 4.30 15.21
OE1 DGL G 2 11.00 4.17 16.19
H DGL G 2 14.00 0.71 12.32
HA DGL G 2 15.45 1.76 13.74
HB2 DGL G 2 14.25 3.64 15.22
HB3 DGL G 2 13.86 1.93 15.42
HG2 DGL G 2 11.67 2.22 14.77
HG3 DGL G 2 12.07 3.22 13.39
N LYS G 3 12.16 5.47 14.78
CA LYS G 3 11.77 6.73 15.37
C LYS G 3 12.50 7.04 16.73
N DAL G 4 13.84 6.62 16.65
CA DAL G 4 15.02 6.80 17.66
CB DAL G 4 15.04 5.75 19.04
C DAL G 4 15.07 8.49 17.66
O DAL G 4 14.47 9.17 18.51
H DAL G 4 14.06 6.15 15.81
HA DAL G 4 16.02 6.43 17.45
HB1 DAL G 4 14.20 5.95 19.64
HB2 DAL G 4 15.95 5.91 19.64
HB3 DAL G 4 15.03 4.64 18.75
N DAL G 5 15.79 9.06 16.65
CA DAL G 5 16.07 10.55 16.41
CB DAL G 5 16.84 10.82 17.79
C DAL G 5 14.52 11.12 16.38
O DAL G 5 13.72 10.62 15.63
OXT DAL G 5 14.10 11.91 17.41
H DAL G 5 16.21 8.44 15.98
HA DAL G 5 16.62 10.95 15.55
HB1 DAL G 5 16.18 10.92 18.54
HB2 DAL G 5 17.44 11.77 17.64
HB3 DAL G 5 17.61 10.04 18.01
N ALA H 1 -11.05 11.96 -4.14
CA ALA H 1 -11.53 12.99 -3.18
C ALA H 1 -10.42 13.74 -2.59
N DGL H 2 -10.57 14.20 -1.33
CA DGL H 2 -9.40 14.85 -0.63
C DGL H 2 -7.91 14.29 -1.13
O DGL H 2 -7.71 13.10 -0.96
CB DGL H 2 -9.19 16.32 -1.24
CG DGL H 2 -9.96 16.66 -2.57
CD DGL H 2 -9.03 17.29 -3.65
OE1 DGL H 2 -9.50 18.04 -4.51
H DGL H 2 -11.43 14.08 -0.84
HA DGL H 2 -9.63 14.71 0.42
HB2 DGL H 2 -8.12 16.37 -1.38
HB3 DGL H 2 -9.48 16.96 -0.46
HG2 DGL H 2 -10.74 17.34 -2.37
HG3 DGL H 2 -10.43 15.76 -3.03
N LYS H 3 -7.74 17.02 -3.55
CA LYS H 3 -6.75 17.53 -4.48
C LYS H 3 -6.70 19.09 -4.56
N DAL H 4 -6.79 19.63 -3.27
CA DAL H 4 -6.66 21.11 -2.78
CB DAL H 4 -7.95 22.19 -3.21
C DAL H 4 -5.01 21.32 -3.08
O DAL H 4 -4.60 22.01 -4.03
H DAL H 4 -6.95 18.96 -2.56
HA DAL H 4 -6.87 21.39 -1.75
HB1 DAL H 4 -7.98 22.29 -4.25
HB2 DAL H 4 -7.82 23.17 -2.74
HB3 DAL H 4 -8.98 21.82 -2.85
N DAL H 5 -4.18 20.66 -2.23
CA DAL H 5 -2.64 20.70 -2.20
CB DAL H 5 -2.49 22.29 -2.11
C DAL H 5 -2.32 20.09 -3.70
O DAL H 5 -1.77 20.90 -4.65
OXT DAL H 5 -2.82 19.02 -4.03
H DAL H 5 -4.59 20.11 -1.51
HA DAL H 5 -2.02 20.18 -1.47
HB1 DAL H 5 -2.96 22.62 -1.29
HB2 DAL H 5 -2.96 22.71 -3.04
HB3 DAL H 5 -1.43 22.63 -2.16
C1 MUB I . 13.22 -5.37 -3.40
C2 MUB I . 13.17 -5.41 -4.94
C3 MUB I . 13.71 -6.76 -5.40
C4 MUB I . 14.81 -7.32 -4.49
C5 MUB I . 14.29 -7.54 -3.08
C6 MUB I . 15.32 -7.17 -2.02
C7 MUB I . 11.00 -6.21 -5.61
C8 MUB I . 9.63 -5.95 -6.16
C9 MUB I . 15.09 -5.61 -6.98
C10 MUB I . 16.59 -5.86 -6.79
C11 MUB I . 14.58 -4.30 -7.71
O1 MUB I . 12.16 -4.60 -2.94
O3 MUB I . 14.17 -6.69 -6.78
O4 MUB I . 15.29 -8.55 -5.09
O5 MUB I . 13.10 -6.70 -2.87
O6 MUB I . 16.63 -7.45 -2.48
O7 MUB I . 11.33 -7.35 -5.31
O10 MUB I . 17.40 -4.99 -7.18
N2 MUB I . 11.84 -5.18 -5.46
H1 MUB I . 14.16 -4.94 -3.05
H2 MUB I . 13.74 -4.49 -5.21
HN2 MUB I . 11.55 -4.26 -5.72
H81 MUB I . 9.72 -5.50 -7.14
H82 MUB I . 9.10 -5.27 -5.50
H83 MUB I . 9.10 -6.89 -6.20
H3 MUB I . 12.90 -7.49 -5.50
H9 MUB I . 15.14 -5.36 -5.94
H111 MUB I . 14.04 -4.54 -8.65
H112 MUB I . 15.40 -3.71 -7.95
H113 MUB I . 13.93 -3.73 -7.02
H4 MUB I . 15.79 -6.84 -4.62
H5 MUB I . 14.06 -8.52 -2.90
H61 MUB I . 15.17 -7.91 -1.20
H62 MUB I . 15.22 -6.15 -1.58
HO6 MUB I . 16.79 -8.41 -2.63
C1 NAG I . 14.25 -9.46 -5.46
C2 NAG I . 14.86 -10.70 -6.09
C3 NAG I . 13.76 -11.66 -6.52
C4 NAG I . 12.77 -11.90 -5.35
C5 NAG I . 12.31 -10.57 -4.76
C6 NAG I . 11.39 -10.75 -3.54
C7 NAG I . 15.18 -9.69 -8.30
C8 NAG I . 16.11 -9.32 -9.42
N2 NAG I . 15.69 -10.31 -7.23
O3 NAG I . 14.34 -12.88 -6.91
O4 NAG I . 11.66 -12.62 -5.83
O5 NAG I . 13.42 -9.78 -4.34
O6 NAG I . 11.05 -9.51 -2.95
O7 NAG I . 13.97 -9.50 -8.42
H1 NAG I . 13.68 -8.89 -6.23
H2 NAG I . 15.60 -11.22 -5.55
H3 NAG I . 13.16 -11.25 -7.36
H4 NAG I . 13.29 -12.65 -4.71
H5 NAG I . 11.69 -9.98 -5.44
H61 NAG I . 11.88 -11.34 -2.75
H62 NAG I . 10.52 -11.34 -3.85
H81 NAG I . 15.54 -8.83 -10.20
H82 NAG I . 16.57 -10.20 -9.83
H83 NAG I . 16.90 -8.66 -9.04
HN2 NAG I . 16.64 -10.46 -7.16
HO3 NAG I . 13.69 -13.57 -6.77
HO4 NAG I . 11.93 -13.48 -6.13
HO6 NAG I . 11.71 -8.89 -3.29
C1 MUB J . -11.58 -6.53 0.13
C2 MUB J . -12.68 -5.59 0.62
C3 MUB J . -12.74 -5.70 2.15
C4 MUB J . -12.32 -7.09 2.65
C5 MUB J . -10.89 -7.44 2.23
C6 MUB J . -10.75 -8.90 1.83
C7 MUB J . -11.85 -3.36 1.01
C8 MUB J . -11.71 -1.94 0.57
C9 MUB J . -15.11 -6.08 1.95
C10 MUB J . -15.55 -7.44 2.50
C11 MUB J . -15.95 -5.36 0.83
O1 MUB J . -11.08 -6.11 -1.10
O3 MUB J . -14.07 -5.35 2.64
O4 MUB J . -12.47 -7.10 4.10
O5 MUB J . -10.52 -6.63 1.07
O6 MUB J . -11.37 -9.75 2.79
O7 MUB J . -11.27 -3.74 2.02
O10 MUB J . -16.61 -7.94 2.10
N2 MUB J . -12.50 -4.21 0.21
H1 MUB J . -11.96 -7.55 -0.01
H2 MUB J . -13.53 -5.92 0.02
HN2 MUB J . -12.95 -3.87 -0.60
H81 MUB J . -11.31 -1.92 -0.45
H82 MUB J . -11.04 -1.42 1.22
H83 MUB J . -12.68 -1.47 0.61
H3 MUB J . -12.16 -4.91 2.63
H9 MUB J . -14.40 -6.70 1.45
H111 MUB J . -16.39 -4.41 1.19
H112 MUB J . -16.73 -6.00 0.53
H113 MUB J . -15.29 -5.20 -0.05
H4 MUB J . -13.11 -7.84 2.50
H5 MUB J . -10.20 -7.30 2.94
H61 MUB J . -9.68 -9.17 1.89
H62 MUB J . -11.11 -9.13 0.79
HO6 MUB J . -11.16 -9.55 3.71
C1 NAG J . -11.88 -5.98 4.74
C2 NAG J . -11.95 -6.15 6.25
C3 NAG J . -11.36 -4.93 6.92
C4 NAG J . -9.95 -4.65 6.36
C5 NAG J . -9.97 -4.60 4.83
C6 NAG J . -8.59 -4.41 4.22
C7 NAG J . -14.29 -5.46 6.33
C8 NAG J . -15.71 -5.75 6.78
N2 NAG J . -13.36 -6.35 6.65
O3 NAG J . -11.27 -5.18 8.31
O4 NAG J . -9.49 -3.41 6.86
O5 NAG J . -10.53 -5.79 4.29
O6 NAG J . -8.62 -4.38 2.80
O7 NAG J . -14.03 -4.37 5.85
H1 NAG J . -12.52 -5.13 4.42
H2 NAG J . -11.60 -7.02 6.72
H3 NAG J . -11.97 -4.03 6.75
H4 NAG J . -9.28 -5.38 6.88
H5 NAG J . -10.52 -3.73 4.43
H61 NAG J . -7.92 -5.25 4.48
H62 NAG J . -8.12 -3.52 4.67
H81 NAG J . -15.72 -5.87 7.86
H82 NAG J . -16.06 -6.66 6.33
H83 NAG J . -16.36 -4.94 6.46
HN2 NAG J . -13.58 -7.20 7.05
HO3 NAG J . -10.83 -4.43 8.70
HO4 NAG J . -10.00 -2.70 6.50
HO6 NAG J . -9.56 -4.23 2.60
C1 MUB K . 9.06 6.42 8.81
C2 MUB K . 8.40 5.04 8.70
C3 MUB K . 8.43 4.40 10.10
C4 MUB K . 9.74 4.75 10.79
C5 MUB K . 9.74 6.25 11.11
C6 MUB K . 11.13 6.84 11.05
C7 MUB K . 6.03 5.03 9.01
C8 MUB K . 4.63 5.09 8.46
C9 MUB K . 8.94 2.39 8.90
C10 MUB K . 10.32 1.76 9.14
C11 MUB K . 8.17 2.16 7.53
O1 MUB K . 8.45 7.29 7.91
O3 MUB K . 8.22 2.96 10.01
O4 MUB K . 9.88 3.95 11.99
O5 MUB K . 8.92 6.95 10.13
O6 MUB K . 12.01 6.20 11.96
O7 MUB K . 6.18 5.01 10.21
O10 MUB K . 10.69 0.83 8.40
N2 MUB K . 7.06 5.09 8.17
H1 MUB K . 10.13 6.37 8.58
H2 MUB K . 8.99 4.58 7.89
HN2 MUB K . 6.89 5.10 7.20
H81 MUB K . 4.52 5.98 7.86
H82 MUB K . 3.93 5.13 9.27
H83 MUB K . 4.46 4.20 7.87
H3 MUB K . 7.55 4.69 10.68
H9 MUB K . 9.54 3.25 8.76
H111 MUB K . 8.24 3.04 6.87
H112 MUB K . 7.17 1.97 7.74
H113 MUB K . 8.59 1.26 7.04
H4 MUB K . 10.63 4.31 10.32
H5 MUB K . 9.40 6.47 12.02
H61 MUB K . 11.05 7.89 11.47
H62 MUB K . 11.56 6.91 10.02
HO6 MUB K . 12.14 5.25 11.75
C1 NAG K . 8.70 3.91 12.80
C2 NAG K . 9.00 3.13 14.06
C3 NAG K . 7.78 3.05 14.95
C4 NAG K . 7.19 4.47 15.16
C5 NAG K . 7.03 5.19 13.83
C6 NAG K . 6.55 6.64 14.00
C7 NAG K . 8.75 0.95 12.99
C8 NAG K . 9.34 -0.42 12.67
N2 NAG K . 9.49 1.77 13.72
O3 NAG K . 8.14 2.51 16.19
O4 NAG K . 5.93 4.36 15.78
O5 NAG K . 8.26 5.24 13.11
O6 NAG K . 6.56 7.36 12.77
O7 NAG K . 7.59 1.19 12.66
H1 NAG K . 7.96 3.39 12.15
H2 NAG K . 9.83 3.39 14.64
H3 NAG K . 6.97 2.45 14.50
H4 NAG K . 7.82 4.91 15.96
H5 NAG K . 6.26 4.77 13.18
H61 NAG K . 7.21 7.20 14.67
H62 NAG K . 5.57 6.63 14.50
H81 NAG K . 9.42 -0.98 13.60
H82 NAG K . 10.31 -0.31 12.24
H83 NAG K . 8.69 -0.92 11.97
HN2 NAG K . 10.39 1.56 13.98
HO3 NAG K . 8.90 2.99 16.50
HO4 NAG K . 5.98 3.73 16.50
HO6 NAG K . 7.34 7.03 12.30
C1 MUB L . -9.71 7.35 -3.06
C2 MUB L . -9.89 7.81 -4.52
C3 MUB L . -9.21 9.19 -4.66
C4 MUB L . -9.22 10.01 -3.35
C5 MUB L . -8.49 9.28 -2.23
C6 MUB L . -9.20 9.45 -0.90
C7 MUB L . -8.20 7.12 -6.08
C8 MUB L . -7.69 6.15 -7.11
C9 MUB L . -11.22 10.01 -5.67
C10 MUB L . -11.86 11.04 -4.73
C11 MUB L . -12.09 9.18 -6.69
O1 MUB L . -9.70 5.98 -3.00
O3 MUB L . -9.79 9.95 -5.77
O4 MUB L . -8.61 11.31 -3.63
O5 MUB L . -8.48 7.86 -2.53
O6 MUB L . -9.34 10.82 -0.56
O7 MUB L . -7.45 8.00 -5.68
O10 MUB L . -13.10 11.07 -4.63
N2 MUB L . -9.36 6.87 -5.48
H1 MUB L . -10.56 7.71 -2.44
H2 MUB L . -10.99 7.74 -4.65
HN2 MUB L . -9.95 6.14 -5.83
H81 MUB L . -8.44 6.01 -7.87
H82 MUB L . -7.46 5.22 -6.65
H83 MUB L . -6.78 6.57 -7.53
H3 MUB L . -8.18 9.08 -5.03
H9 MUB L . -11.22 9.46 -4.76
H111 MUB L . -11.94 9.52 -7.73
H112 MUB L . -13.09 9.31 -6.46
H113 MUB L . -11.85 8.12 -6.58
H4 MUB L . -10.21 10.46 -3.14
H5 MUB L . -7.54 9.60 -2.08
H61 MUB L . -8.49 9.08 -0.12
H62 MUB L . -10.16 8.89 -0.78
HO6 MUB L . -8.61 11.39 -0.88
C1 NAG L . -7.38 11.24 -4.36
C2 NAG L . -6.76 12.62 -4.49
C3 NAG L . -5.47 12.56 -5.26
C4 NAG L . -4.55 11.45 -4.69
C5 NAG L . -5.31 10.13 -4.59
C6 NAG L . -4.46 9.03 -3.96
C7 NAG L . -8.13 13.28 -6.41
C8 NAG L . -9.14 14.24 -7.02
N2 NAG L . -7.73 13.50 -5.15
O3 NAG L . -4.82 13.82 -5.15
O4 NAG L . -3.43 11.30 -5.55
O5 NAG L . -6.48 10.28 -3.79
O6 NAG L . -5.23 7.86 -3.71
O7 NAG L . -7.60 12.43 -7.12
H1 NAG L . -7.72 10.89 -5.37
H2 NAG L . -6.65 13.18 -3.59
H3 NAG L . -5.63 12.34 -6.33
H4 NAG L . -4.10 11.92 -3.79
H5 NAG L . -5.59 9.70 -5.55
H61 NAG L . -4.04 9.32 -2.98
H62 NAG L . -3.60 8.84 -4.62
H81 NAG L . -8.71 15.23 -7.04
H82 NAG L . -10.02 14.25 -6.42
H83 NAG L . -9.39 13.90 -8.02
HN2 NAG L . -8.15 14.19 -4.62
HO3 NAG L . -5.49 14.49 -5.24
HO4 NAG L . -3.05 12.15 -5.73
HO6 NAG L . -6.12 8.18 -3.56
P 2PO M . 12.23 -2.98 -2.97
O1P 2PO M . 13.66 -2.55 -2.96
O2P 2PO M . 11.37 -2.47 -4.06
O3P 2PO M . 11.57 -2.59 -1.57
P 2PO N . 10.91 -3.74 -0.70
O1P 2PO N . 10.42 -3.15 0.57
O2P 2PO N . 9.94 -4.49 -1.57
O3P 2PO N . 12.17 -4.70 -0.40
C1 P1W O . 12.05 -5.79 0.53
C2 P1W O . 10.94 -6.71 0.08
C3 P1W O . 9.70 -6.74 0.61
C4 P1W O . 8.64 -7.69 0.08
C5 P1W O . 9.26 -5.84 1.77
H12 P1W O . 11.84 -5.41 1.51
H11 P1W O . 12.98 -6.33 0.55
H2 P1W O . 11.11 -7.18 -0.86
H41 P1W O . 7.74 -7.13 -0.11
H42 P1W O . 9.00 -8.13 -0.84
H51 P1W O . 9.13 -6.44 2.67
H52 P1W O . 8.32 -5.37 1.51
H53 P1W O . 10.00 -5.08 1.95
C1 P1W P . 8.34 -8.80 1.07
C2 P1W P . 9.53 -9.70 1.22
C3 P1W P . 10.14 -9.93 2.39
C4 P1W P . 11.36 -10.82 2.51
C5 P1W P . 9.68 -9.36 3.72
H12 P1W P . 8.10 -8.35 2.01
H11 P1W P . 7.49 -9.37 0.70
H2 P1W P . 10.03 -9.94 0.30
H41 P1W P . 11.48 -11.14 3.54
H42 P1W P . 11.23 -11.69 1.88
H51 P1W P . 9.95 -8.32 3.77
H52 P1W P . 10.14 -9.89 4.53
H53 P1W P . 8.60 -9.45 3.81
C1 P1W Q . 12.61 -10.07 2.07
C2 P1W Q . 13.71 -11.03 1.68
C3 P1W Q . 14.13 -11.25 0.41
C4 P1W Q . 15.26 -12.23 0.06
C5 P1W Q . 13.53 -10.54 -0.80
H12 P1W Q . 12.38 -9.45 1.22
H11 P1W Q . 12.97 -9.46 2.89
H2 P1W Q . 14.26 -11.44 2.51
H43 P1W Q . 15.88 -11.81 -0.72
H41 P1W Q . 14.83 -13.16 -0.28
H42 P1W Q . 15.85 -12.41 0.95
H51 P1W Q . 13.72 -9.48 -0.72
H52 P1W Q . 12.47 -10.72 -0.82
H53 P1W Q . 13.98 -10.92 -1.71
C1 P1W R . -7.44 -7.54 1.98
C2 P1W R . -7.02 -7.83 3.40
C3 P1W R . -6.09 -7.11 4.07
C4 P1W R . -5.66 -7.47 5.47
C5 P1W R . -5.44 -5.85 3.53
H12 P1W R . -6.83 -6.75 1.57
H11 P1W R . -8.49 -7.26 1.95
H2 P1W R . -7.27 -8.82 3.74
H41 P1W R . -4.63 -7.16 5.63
H42 P1W R . -5.75 -8.54 5.62
H51 P1W R . -5.17 -5.21 4.35
H52 P1W R . -6.13 -5.34 2.87
H53 P1W R . -4.55 -6.11 2.97
C1 P1W S . -6.55 -6.77 6.52
C2 P1W S . -5.78 -6.47 7.78
C3 P1W S . -5.36 -5.24 8.16
C4 P1W S . -4.61 -4.99 9.47
C5 P1W S . -5.59 -3.97 7.33
H12 P1W S . -6.90 -5.83 6.10
H11 P1W S . -7.39 -7.39 6.76
H2 P1W S . -5.80 -7.28 8.50
H43 P1W S . -3.54 -4.95 9.27
H41 P1W S . -4.81 -5.80 10.16
H42 P1W S . -4.93 -4.07 9.91
H51 P1W S . -5.01 -3.17 7.77
H52 P1W S . -6.63 -3.71 7.36
H53 P1W S . -5.28 -4.13 6.32
P 2PO T . -11.79 -6.64 -2.42
O1P 2PO T . -11.90 -8.11 -2.35
O2P 2PO T . -13.05 -5.88 -2.58
O3P 2PO T . -10.78 -6.25 -3.61
P 2PO U . -9.52 -7.16 -3.96
O1P 2PO U . -9.81 -7.78 -5.32
O2P 2PO U . -8.32 -6.33 -3.75
O3P 2PO U . -9.53 -8.29 -2.80
C1 P1W V . -8.51 -9.33 -2.60
C2 P1W V . -8.08 -9.56 -1.13
C3 P1W V . -7.63 -8.57 -0.28
C4 P1W V . -7.21 -8.82 1.16
C5 P1W V . -7.49 -7.12 -0.68
H12 P1W V . -7.65 -9.10 -3.20
H11 P1W V . -8.94 -10.25 -2.97
H2 P1W V . -8.34 -10.52 -0.72
H41 P1W V . -6.15 -9.07 1.17
H42 P1W V . -7.78 -9.64 1.57
H51 P1W V . -6.48 -6.78 -0.46
H52 P1W V . -8.20 -6.52 -0.12
H53 P1W V . -7.69 -7.03 -1.72
P 2PO W . 8.69 7.11 6.33
O1P 2PO W . 9.66 8.11 5.85
O2P 2PO W . 9.01 5.68 6.08
O3P 2PO W . 7.28 7.42 5.70
P 2PO X . 6.37 8.41 6.56
O1P 2PO X . 6.77 9.80 6.31
O2P 2PO X . 4.96 8.02 6.34
O3P 2PO X . 6.77 8.02 8.04
C1 P1W Y . 5.82 8.13 9.08
C2 P1W Y . 5.15 9.48 9.02
C3 P1W Y . 4.18 9.89 9.84
C4 P1W Y . 3.58 11.27 9.72
C5 P1W Y . 3.61 9.03 10.97
H12 P1W Y . 6.32 8.01 10.04
H11 P1W Y . 5.08 7.36 8.96
H2 P1W Y . 5.68 10.22 8.44
H41 P1W Y . 2.53 11.21 9.98
H42 P1W Y . 3.69 11.61 8.72
H51 P1W Y . 2.74 9.51 11.40
H52 P1W Y . 4.36 8.90 11.73
H53 P1W Y . 3.33 8.06 10.57
C1 P1W Z . 4.26 12.27 10.66
C2 P1W Z . 5.48 12.87 10.00
C3 P1W Z . 6.74 12.47 10.27
C4 P1W Z . 7.97 13.09 9.63
C5 P1W Z . 7.08 11.31 11.22
H12 P1W Z . 3.56 13.05 10.89
H11 P1W Z . 4.55 11.75 11.57
H2 P1W Z . 5.32 13.82 9.53
H41 P1W Z . 7.72 13.38 8.61
H42 P1W Z . 8.77 12.36 9.61
H51 P1W Z . 8.15 11.15 11.20
H52 P1W Z . 6.55 10.43 10.91
H53 P1W Z . 6.77 11.57 12.23
C1 P1W AA . 8.43 14.33 10.40
C2 P1W AA . 9.22 13.93 11.62
C3 P1W AA . 10.53 13.60 11.63
C4 P1W AA . 11.27 13.22 12.92
C5 P1W AA . 11.39 13.53 10.38
H12 P1W AA . 9.05 14.92 9.75
H11 P1W AA . 7.57 14.90 10.70
H2 P1W AA . 8.64 13.94 12.54
H43 P1W AA . 12.25 13.67 12.91
H41 P1W AA . 11.36 12.15 12.99
H42 P1W AA . 10.72 13.59 13.77
H51 P1W AA . 11.29 12.56 9.92
H52 P1W AA . 12.42 13.70 10.66
H53 P1W AA . 11.07 14.30 9.68
P 2PO BA . -11.02 5.13 -3.29
O1P 2PO BA . -12.12 6.06 -3.65
O2P 2PO BA . -10.71 4.02 -4.23
O3P 2PO BA . -11.33 4.47 -1.89
P 2PO CA . -10.17 4.07 -0.86
O1P 2PO CA . -10.82 3.92 0.45
O2P 2PO CA . -9.32 2.94 -1.36
O3P 2PO CA . -9.28 5.37 -0.79
C1 P1W DA . -9.72 6.41 0.06
C2 P1W DA . -9.33 6.06 1.48
C3 P1W DA . -9.78 6.63 2.61
C4 P1W DA . -9.29 6.15 3.94
C5 P1W DA . -10.81 7.78 2.68
H12 P1W DA . -10.79 6.49 -0.01
H11 P1W DA . -9.25 7.33 -0.24
H2 P1W DA . -8.91 5.07 1.58
H41 P1W DA . -8.52 5.39 3.78
H42 P1W DA . -10.10 5.72 4.49
H51 P1W DA . -11.30 7.77 3.65
H52 P1W DA . -11.55 7.64 1.90
H53 P1W DA . -10.32 8.73 2.54
C1 P1W EA . -8.67 7.30 4.74
C2 P1W EA . -8.38 6.87 6.16
C3 P1W EA . -7.14 6.80 6.67
C4 P1W EA . -6.84 6.36 8.10
C5 P1W EA . -5.90 7.24 5.91
H12 P1W EA . -7.76 7.59 4.25
H11 P1W EA . -9.36 8.13 4.74
H2 P1W EA . -9.19 6.33 6.63
H41 P1W EA . -7.59 6.73 8.76
H42 P1W EA . -5.87 6.74 8.39
H51 P1W EA . -5.88 8.31 5.84
H52 P1W EA . -5.93 6.81 4.92
H53 P1W EA . -5.01 6.89 6.42
C1 P1W FA . -6.79 4.83 8.21
C2 P1W FA . -6.49 4.41 9.62
C3 P1W FA . -5.27 4.06 10.07
C4 P1W FA . -5.02 3.65 11.53
C5 P1W FA . -4.02 4.03 9.20
H12 P1W FA . -7.77 4.43 7.94
H11 P1W FA . -6.05 4.44 7.55
H2 P1W FA . -7.36 4.30 10.25
H43 P1W FA . -5.85 3.98 12.15
H41 P1W FA . -4.11 4.11 11.89
H42 P1W FA . -4.93 2.58 11.60
H51 P1W FA . -3.16 3.81 9.82
H52 P1W FA . -3.90 4.98 8.72
H53 P1W FA . -4.13 3.26 8.45
N ZAE A 1 -3.25 -11.65 -12.86
CA ZAE A 1 -3.57 -12.29 -11.55
C ZAE A 1 -3.36 -11.31 -10.40
O ZAE A 1 -3.24 -10.10 -10.63
CB ZAE A 1 -5.01 -12.81 -11.49
CG ZAE A 1 -5.06 -14.11 -10.74
CD1 ZAE A 1 -4.72 -15.29 -11.37
CD2 ZAE A 1 -5.42 -14.13 -9.40
CE1 ZAE A 1 -4.69 -16.48 -10.67
CE2 ZAE A 1 -5.39 -15.31 -8.70
CZ ZAE A 1 -5.04 -16.49 -9.34
C10 ZAE A 1 -4.36 -10.80 -13.30
H1 ZAE A 1 -3.10 -12.38 -13.58
HA ZAE A 1 -2.90 -13.13 -11.41
HB2 ZAE A 1 -5.63 -12.09 -10.97
HB3 ZAE A 1 -5.38 -12.96 -12.50
HD1 ZAE A 1 -4.45 -15.28 -12.42
HD2 ZAE A 1 -5.70 -13.21 -8.90
HE1 ZAE A 1 -4.42 -17.39 -11.16
HE2 ZAE A 1 -5.66 -15.33 -7.65
HZ ZAE A 1 -5.02 -17.42 -8.78
H11 ZAE A 1 -4.05 -10.22 -14.16
H12 ZAE A 1 -4.63 -10.13 -12.49
H13 ZAE A 1 -5.21 -11.40 -13.56
N ILE A 2 -3.34 -11.80 -9.18
CA ILE A 2 -3.15 -10.93 -8.05
C ILE A 2 -1.70 -10.63 -7.86
N SER A 3 -1.42 -9.37 -7.63
CA SER A 3 -0.10 -8.92 -7.36
C SER A 3 -0.14 -7.73 -6.41
N DAR A 4 1.06 -7.29 -6.06
CA DAR A 4 1.27 -6.15 -5.20
CB DAR A 4 2.00 -5.10 -6.02
CG DAR A 4 1.24 -4.61 -7.25
CD DAR A 4 -0.01 -3.89 -6.83
NE DAR A 4 -0.78 -3.36 -7.96
CZ DAR A 4 -1.54 -2.28 -7.88
NH1 DAR A 4 -2.19 -1.83 -8.95
NH2 DAR A 4 -1.66 -1.64 -6.71
C DAR A 4 2.16 -6.45 -3.99
O DAR A 4 3.32 -6.83 -4.19
H DAR A 4 1.85 -7.75 -6.43
HA DAR A 4 0.33 -5.76 -4.88
HB2 DAR A 4 2.94 -5.52 -6.36
HB3 DAR A 4 2.21 -4.25 -5.39
HG2 DAR A 4 0.98 -5.47 -7.86
HG3 DAR A 4 1.88 -3.94 -7.80
HD2 DAR A 4 0.26 -3.06 -6.19
HD3 DAR A 4 -0.64 -4.57 -6.29
HE DAR A 4 -0.70 -3.84 -8.82
HH11 DAR A 4 -2.79 -0.99 -8.87
HH12 DAR A 4 -2.10 -2.33 -9.85
HH21 DAR A 4 -2.26 -0.80 -6.65
HH22 DAR A 4 -1.16 -2.00 -5.88
N 28J A 5 1.68 -6.30 -2.75
CA 28J A 5 2.57 -6.59 -1.62
CB 28J A 5 1.98 -7.64 -0.70
CG2 28J A 5 0.60 -8.00 -1.21
CG1 28J A 5 2.89 -8.88 -0.67
CD1 28J A 5 2.40 -9.91 0.29
C 28J A 5 2.93 -5.34 -0.81
O 28J A 5 2.49 -4.22 -1.12
HA 28J A 5 3.47 -6.99 -2.03
H22 28J A 5 1.89 -7.25 0.30
H23 28J A 5 0.68 -8.38 -2.21
H24 28J A 5 -0.01 -7.11 -1.21
H25 28J A 5 0.14 -8.73 -0.57
H26 28J A 5 3.88 -8.58 -0.38
H27 28J A 5 2.91 -9.32 -1.66
H28 28J A 5 1.40 -10.20 0.03
H29 28J A 5 2.40 -9.48 1.29
H30 28J A 5 3.05 -10.77 0.27
N ILE A 6 3.75 -5.53 0.24
CA ILE A 6 4.17 -4.41 1.13
C ILE A 6 5.68 -4.27 1.20
N SER A 7 6.16 -3.15 0.66
CA SER A 7 7.54 -2.76 0.82
C SER A 7 7.79 -1.25 0.74
N DTH A 8 8.99 -0.94 1.27
CA DTH A 8 9.58 0.40 1.26
CB DTH A 8 10.69 0.54 0.17
CG2 DTH A 8 10.15 0.02 -1.16
OG1 DTH A 8 11.87 -0.19 0.52
C DTH A 8 10.24 0.72 2.61
O DTH A 8 10.56 1.87 2.89
H DTH A 8 9.45 -1.62 1.77
HA DTH A 8 8.80 1.13 1.07
HB DTH A 8 10.97 1.59 0.07
HG21 DTH A 8 9.29 0.59 -1.47
HG22 DTH A 8 9.88 -1.02 -1.07
HG23 DTH A 8 10.93 0.12 -1.90
N ALA A 9 10.44 -0.30 3.45
CA ALA A 9 11.09 -0.09 4.74
C ALA A 9 12.60 0.13 4.59
N LEU A 10 13.35 -0.95 4.33
CA LEU A 10 14.80 -0.81 4.11
C LEU A 10 15.02 -0.27 2.72
N ILE A 11 14.28 -0.83 1.78
CA ILE A 11 14.38 -0.39 0.41
C ILE A 11 13.11 0.35 0.02
N ZAE B 1 9.28 4.87 0.55
CA ZAE B 1 8.37 4.55 1.66
C ZAE B 1 7.63 3.24 1.44
O ZAE B 1 7.86 2.54 0.46
CB ZAE B 1 9.20 4.47 2.93
CG ZAE B 1 8.37 4.48 4.14
CD1 ZAE B 1 7.95 5.68 4.67
CD2 ZAE B 1 8.02 3.29 4.78
CE1 ZAE B 1 7.18 5.72 5.82
CE2 ZAE B 1 7.25 3.32 5.92
CZ ZAE B 1 6.84 4.54 6.45
C10 ZAE B 1 10.49 4.04 0.65
H1 ZAE B 1 9.56 5.86 0.61
HA ZAE B 1 7.66 5.35 1.75
HB2 ZAE B 1 9.77 3.56 2.93
HB3 ZAE B 1 9.87 5.32 2.98
HD1 ZAE B 1 8.23 6.60 4.18
HD2 ZAE B 1 8.34 2.36 4.37
HE1 ZAE B 1 6.87 6.67 6.22
HE2 ZAE B 1 6.99 2.40 6.42
HZ ZAE B 1 6.25 4.57 7.35
H11 ZAE B 1 11.01 4.02 -0.29
H12 ZAE B 1 10.20 3.04 0.95
H13 ZAE B 1 11.14 4.46 1.42
N ILE B 2 6.68 2.95 2.33
CA ILE B 2 5.94 1.70 2.28
C ILE B 2 4.77 1.83 1.32
N SER B 3 4.76 0.96 0.28
CA SER B 3 3.69 0.97 -0.72
C SER B 3 3.49 -0.38 -1.35
N DAR B 4 2.31 -0.54 -1.92
CA DAR B 4 1.91 -1.75 -2.61
CB DAR B 4 2.12 -1.70 -4.12
CG DAR B 4 3.57 -1.60 -4.56
CD DAR B 4 4.34 -2.81 -4.07
NE DAR B 4 5.72 -2.77 -4.54
CZ DAR B 4 6.43 -3.87 -4.78
NH1 DAR B 4 5.97 -5.06 -4.45
NH2 DAR B 4 7.66 -3.76 -5.27
C DAR B 4 0.46 -1.99 -2.37
O DAR B 4 -0.31 -1.01 -2.29
H DAR B 4 1.65 0.19 -1.83
HA DAR B 4 2.47 -2.59 -2.20
HB2 DAR B 4 1.59 -0.84 -4.51
HB3 DAR B 4 1.71 -2.59 -4.56
HG2 DAR B 4 4.00 -0.70 -4.15
HG3 DAR B 4 3.60 -1.57 -5.64
HD2 DAR B 4 3.85 -3.70 -4.44
HD3 DAR B 4 4.33 -2.81 -2.99
HE DAR B 4 6.11 -1.90 -4.73
HH11 DAR B 4 6.50 -5.92 -4.70
HH12 DAR B 4 5.07 -5.15 -3.93
HH21 DAR B 4 8.22 -4.61 -5.46
HH22 DAR B 4 8.07 -2.82 -5.48
N 28J B 5 0.11 -3.24 -2.22
CA 28J B 5 -1.25 -3.62 -2.00
CB 28J B 5 -1.59 -3.69 -0.48
CG2 28J B 5 -0.58 -4.55 0.27
CG1 28J B 5 -1.59 -2.29 0.14
CD1 28J B 5 -2.06 -2.24 1.59
C 28J B 5 -1.59 -4.96 -2.70
O 28J B 5 -0.69 -5.64 -3.28
HA 28J B 5 -1.88 -2.85 -2.45
H22 28J B 5 -2.56 -4.13 -0.36
H23 28J B 5 0.41 -4.11 0.17
H24 28J B 5 -0.58 -5.55 -0.12
H25 28J B 5 -0.84 -4.57 1.33
H26 28J B 5 -2.24 -1.65 -0.44
H27 28J B 5 -0.59 -1.90 0.10
H28 28J B 5 -1.36 -2.77 2.22
H29 28J B 5 -3.04 -2.69 1.68
H30 28J B 5 -2.12 -1.21 1.91
N ILE B 6 -2.91 -5.20 -2.80
CA ILE B 6 -3.47 -6.48 -3.30
C ILE B 6 -4.61 -6.23 -4.29
N SER B 7 -4.41 -6.67 -5.54
CA SER B 7 -5.43 -6.51 -6.57
C SER B 7 -5.13 -7.37 -7.79
N DTH B 8 -6.10 -7.55 -8.65
CA DTH B 8 -5.82 -8.28 -9.86
CB DTH B 8 -6.08 -7.43 -11.11
CG2 DTH B 8 -5.26 -6.16 -10.97
OG1 DTH B 8 -7.48 -7.12 -11.21
C DTH B 8 -6.72 -9.52 -10.07
O DTH B 8 -6.41 -10.27 -10.96
H DTH B 8 -7.03 -7.27 -8.46
HA DTH B 8 -4.79 -8.62 -9.87
HB DTH B 8 -5.79 -7.96 -12.01
HG21 DTH B 8 -4.22 -6.41 -10.91
HG22 DTH B 8 -5.57 -5.63 -10.07
HG23 DTH B 8 -5.43 -5.53 -11.84
N ALA B 9 -7.75 -9.67 -9.28
CA ALA B 9 -8.66 -10.69 -9.43
C ALA B 9 -9.62 -10.21 -10.52
N LEU B 10 -10.65 -9.45 -10.15
CA LEU B 10 -11.67 -8.91 -11.09
C LEU B 10 -11.07 -7.96 -12.11
N ILE B 11 -10.10 -7.22 -11.63
CA ILE B 11 -9.41 -6.23 -12.48
C ILE B 11 -7.90 -6.49 -12.42
N ZAE C 1 -7.03 -2.23 -7.01
CA ZAE C 1 -7.14 -2.82 -5.64
C ZAE C 1 -6.59 -1.88 -4.61
O ZAE C 1 -6.43 -0.67 -4.85
CB ZAE C 1 -8.59 -3.16 -5.29
CG ZAE C 1 -8.72 -3.93 -4.01
CD1 ZAE C 1 -8.36 -5.27 -3.98
CD2 ZAE C 1 -9.19 -3.35 -2.84
CE1 ZAE C 1 -8.47 -6.01 -2.82
CE2 ZAE C 1 -9.31 -4.08 -1.67
CZ ZAE C 1 -8.95 -5.42 -1.66
C10 ZAE C 1 -8.31 -1.64 -7.43
H1 ZAE C 1 -6.76 -2.97 -7.68
HA ZAE C 1 -6.55 -3.72 -5.62
HB2 ZAE C 1 -9.15 -2.23 -5.18
HB3 ZAE C 1 -9.02 -3.74 -6.08
HD1 ZAE C 1 -7.99 -5.73 -4.88
HD2 ZAE C 1 -9.47 -2.30 -2.84
HE1 ZAE C 1 -8.18 -7.05 -2.81
HE2 ZAE C 1 -9.68 -3.62 -0.77
HZ ZAE C 1 -9.03 -6.00 -0.76
H11 ZAE C 1 -8.16 -1.07 -8.32
H12 ZAE C 1 -8.69 -1.01 -6.65
H13 ZAE C 1 -9.01 -2.44 -7.64
N ILE C 2 -6.25 -2.40 -3.45
CA ILE C 2 -5.74 -1.55 -2.42
C ILE C 2 -4.27 -1.34 -2.64
N SER C 3 -3.94 -0.06 -2.76
CA SER C 3 -2.59 0.37 -2.94
C SER C 3 -2.39 1.75 -2.38
N DAR C 4 -1.15 2.04 -2.11
CA DAR C 4 -0.75 3.31 -1.58
CB DAR C 4 -0.17 4.20 -2.66
CG DAR C 4 -1.17 4.73 -3.68
CD DAR C 4 -2.24 5.57 -3.00
NE DAR C 4 -3.19 6.13 -3.96
CZ DAR C 4 -3.90 7.22 -3.73
NH1 DAR C 4 -3.78 7.86 -2.58
NH2 DAR C 4 -4.74 7.67 -4.65
C DAR C 4 0.28 3.09 -0.52
O DAR C 4 1.04 2.13 -0.60
H DAR C 4 -0.47 1.34 -2.24
HA DAR C 4 -1.62 3.79 -1.15
HB2 DAR C 4 0.58 3.64 -3.20
HB3 DAR C 4 0.31 5.06 -2.19
HG2 DAR C 4 -1.63 3.90 -4.18
HG3 DAR C 4 -0.65 5.34 -4.39
HD2 DAR C 4 -1.76 6.38 -2.48
HD3 DAR C 4 -2.77 4.95 -2.30
HE DAR C 4 -3.30 5.66 -4.81
HH11 DAR C 4 -4.34 8.73 -2.39
HH12 DAR C 4 -3.14 7.50 -1.84
HH21 DAR C 4 -5.30 8.54 -4.47
HH22 DAR C 4 -4.83 7.18 -5.56
N 28J C 5 0.31 3.96 0.47
CA 28J C 5 1.30 3.83 1.51
CB 28J C 5 0.76 3.00 2.70
CG2 28J C 5 -0.75 3.13 2.82
CG1 28J C 5 1.15 1.53 2.55
CD1 28J C 5 0.85 0.68 3.78
C 28J C 5 1.72 5.20 2.03
O 28J C 5 1.06 6.21 1.75
HA 28J C 5 2.15 3.32 1.10
H22 28J C 5 1.19 3.39 3.61
H23 28J C 5 -1.09 2.69 3.75
H24 28J C 5 -1.23 2.63 1.99
H25 28J C 5 -1.03 4.18 2.81
H26 28J C 5 2.20 1.45 2.34
H27 28J C 5 0.59 1.10 1.72
H28 28J C 5 1.37 -0.27 3.70
H29 28J C 5 -0.21 0.50 3.85
H30 28J C 5 1.20 1.20 4.66
N ILE C 6 2.91 5.23 2.65
CA ILE C 6 3.37 6.48 3.29
C ILE C 6 4.87 6.67 3.15
N SER C 7 5.28 7.83 2.58
CA SER C 7 6.70 8.11 2.43
C SER C 7 6.99 9.59 2.20
N DTH C 8 8.21 9.96 2.54
CA DTH C 8 8.70 11.32 2.34
CB DTH C 8 9.57 11.42 1.06
CG2 DTH C 8 8.76 10.94 -0.13
OG1 DTH C 8 10.75 10.62 1.19
C DTH C 8 9.61 11.92 3.45
O DTH C 8 9.78 13.14 3.46
H DTH C 8 8.81 9.30 2.95
HA DTH C 8 7.85 11.99 2.23
HB DTH C 8 9.90 12.47 0.89
HG21 DTH C 8 7.86 11.53 -0.22
HG22 DTH C 8 8.49 9.90 0.02
HG23 DTH C 8 9.36 11.03 -1.03
N ALA C 9 10.28 11.10 4.29
CA ALA C 9 11.27 11.57 5.28
C ALA C 9 12.61 11.55 4.65
N LEU C 10 13.04 10.32 4.42
CA LEU C 10 14.34 10.07 3.83
C LEU C 10 14.23 10.20 2.34
N ILE C 11 13.10 9.75 1.82
CA ILE C 11 12.89 9.84 0.39
C ILE C 11 11.69 10.73 0.13
N ZAE D 1 7.78 15.81 0.30
CA ZAE D 1 7.07 15.64 1.62
C ZAE D 1 6.42 14.26 1.74
O ZAE D 1 6.64 13.40 0.90
CB ZAE D 1 8.04 15.86 2.79
CG ZAE D 1 7.38 16.33 4.06
CD1 ZAE D 1 7.04 17.67 4.22
CD2 ZAE D 1 7.12 15.44 5.08
CE1 ZAE D 1 6.43 18.09 5.40
CE2 ZAE D 1 6.52 15.86 6.25
CZ ZAE D 1 6.18 17.20 6.42
C10 ZAE D 1 9.04 15.04 0.28
H1 ZAE D 1 8.01 16.81 0.16
HA ZAE D 1 6.29 16.40 1.68
HB2 ZAE D 1 8.54 14.92 3.00
HB3 ZAE D 1 8.78 16.59 2.50
HD1 ZAE D 1 7.23 18.37 3.43
HD2 ZAE D 1 7.39 14.40 4.97
HE1 ZAE D 1 6.17 19.13 5.52
HE2 ZAE D 1 6.32 15.16 7.05
HZ ZAE D 1 5.71 17.53 7.33
H11 ZAE D 1 9.59 15.30 -0.62
H12 ZAE D 1 8.81 13.99 0.28
H13 ZAE D 1 9.63 15.29 1.15
N ILE D 2 5.60 14.08 2.77
CA ILE D 2 4.93 12.80 2.97
C ILE D 2 3.68 12.74 2.10
N SER D 3 3.53 11.63 1.39
CA SER D 3 2.35 11.42 0.55
C SER D 3 2.01 9.94 0.44
N DAR D 4 0.89 9.68 -0.19
CA DAR D 4 0.40 8.32 -0.37
CB DAR D 4 0.55 7.92 -1.81
CG DAR D 4 1.95 8.11 -2.33
CD DAR D 4 2.88 7.09 -1.70
NE DAR D 4 4.21 7.19 -2.29
CZ DAR D 4 4.98 6.14 -2.57
NH1 DAR D 4 6.13 6.34 -3.19
NH2 DAR D 4 4.61 4.93 -2.21
C DAR D 4 -1.05 8.18 0.02
O DAR D 4 -1.90 8.94 -0.45
H DAR D 4 0.38 10.42 -0.59
HA DAR D 4 1.00 7.67 0.25
HB2 DAR D 4 -0.12 8.51 -2.41
HB3 DAR D 4 0.28 6.87 -1.91
HG2 DAR D 4 2.29 9.10 -2.06
HG3 DAR D 4 1.95 7.98 -3.39
HD2 DAR D 4 2.50 6.11 -1.87
HD3 DAR D 4 2.95 7.29 -0.64
HE DAR D 4 4.53 8.09 -2.52
HH11 DAR D 4 6.73 5.51 -3.42
HH12 DAR D 4 6.44 7.29 -3.45
HH21 DAR D 4 5.19 4.10 -2.46
HH22 DAR D 4 3.74 4.79 -1.64
N 28J D 5 -1.34 7.19 0.85
CA 28J D 5 -2.71 6.93 1.24
CB 28J D 5 -2.98 7.28 2.73
CG2 28J D 5 -1.71 7.07 3.55
CG1 28J D 5 -3.45 8.73 2.88
CD1 28J D 5 -3.62 9.17 4.33
C 28J D 5 -3.06 5.48 0.94
O 28J D 5 -2.23 4.69 0.48
HA 28J D 5 -3.34 7.57 0.63
H22 28J D 5 -3.74 6.62 3.11
H23 28J D 5 -1.94 7.22 4.60
H24 28J D 5 -0.96 7.78 3.25
H25 28J D 5 -1.34 6.07 3.39
H26 28J D 5 -4.40 8.85 2.38
H27 28J D 5 -2.73 9.39 2.42
H28 28J D 5 -4.23 10.07 4.36
H29 28J D 5 -2.66 9.38 4.75
H30 28J D 5 -4.12 8.38 4.89
N ILE D 6 -4.33 5.18 1.15
CA ILE D 6 -4.91 3.84 0.98
C ILE D 6 -6.19 3.88 0.10
N SER D 7 -6.18 3.28 -1.12
CA SER D 7 -7.43 3.23 -1.94
C SER D 7 -7.45 2.07 -2.91
N DTH D 8 -8.42 2.15 -3.84
CA DTH D 8 -8.61 1.12 -4.88
CB DTH D 8 -8.89 1.72 -6.29
CG2 DTH D 8 -7.91 2.84 -6.57
OG1 DTH D 8 -10.22 2.20 -6.35
C DTH D 8 -9.80 0.23 -4.50
O DTH D 8 -10.29 -0.51 -5.35
H DTH D 8 -9.04 2.92 -3.82
HA DTH D 8 -7.71 0.54 -4.93
HB DTH D 8 -8.79 0.93 -7.05
HG21 DTH D 8 -6.90 2.46 -6.49
HG22 DTH D 8 -8.05 3.65 -5.87
HG23 DTH D 8 -8.06 3.20 -7.58
N ALA D 9 -10.29 0.30 -3.26
CA ALA D 9 -11.47 -0.48 -2.83
C ALA D 9 -12.65 -0.21 -3.72
N LEU D 10 -12.97 1.07 -3.84
CA LEU D 10 -14.12 1.48 -4.66
C LEU D 10 -13.68 1.68 -6.08
N ILE D 11 -12.70 2.51 -6.25
CA ILE D 11 -12.21 2.78 -7.57
C ILE D 11 -10.77 2.34 -7.65
N ALA E 1 14.99 -9.91 0.38
CA ALA E 1 16.43 -9.89 -0.02
C ALA E 1 17.34 -10.10 1.19
N DGL E 2 17.91 -8.97 1.72
CA DGL E 2 18.76 -9.12 3.02
C DGL E 2 18.25 -10.28 3.99
O DGL E 2 17.09 -10.07 4.54
CB DGL E 2 20.07 -9.83 2.73
CG DGL E 2 20.35 -10.34 1.28
CD DGL E 2 20.68 -11.82 1.25
OE1 DGL E 2 21.42 -12.28 0.37
H DGL E 2 17.66 -8.06 1.37
HA DGL E 2 18.75 -8.09 3.40
HB2 DGL E 2 20.11 -10.65 3.40
HB3 DGL E 2 20.90 -9.12 3.01
HG2 DGL E 2 21.16 -9.78 0.86
HG3 DGL E 2 19.46 -10.14 0.68
N LYS E 3 20.13 -12.56 2.19
CA LYS E 3 20.35 -13.99 2.31
C LYS E 3 21.83 -14.35 2.62
N DAL E 4 22.47 -13.25 3.20
CA DAL E 4 23.91 -13.13 3.83
CB DAL E 4 25.22 -13.73 2.91
C DAL E 4 23.54 -13.48 5.43
O DAL E 4 23.99 -14.47 6.01
H DAL E 4 21.91 -12.44 3.25
HA DAL E 4 24.47 -12.19 3.79
HB1 DAL E 4 25.17 -14.80 2.83
HB2 DAL E 4 26.18 -13.46 3.33
HB3 DAL E 4 25.23 -13.33 1.85
N DAL E 5 22.65 -12.63 6.03
CA DAL E 5 22.16 -12.52 7.54
CB DAL E 5 23.61 -12.73 8.18
C DAL E 5 21.33 -13.97 7.47
O DAL E 5 21.61 -14.85 8.40
OXT DAL E 5 20.47 -14.24 6.61
H DAL E 5 22.29 -11.91 5.42
HA DAL E 5 21.61 -11.69 7.99
HB1 DAL E 5 24.22 -13.38 7.64
HB2 DAL E 5 23.43 -13.13 9.18
HB3 DAL E 5 24.11 -11.75 8.32
N ALA F 1 -15.20 -6.77 0.15
CA ALA F 1 -16.57 -6.21 0.27
C ALA F 1 -17.57 -7.11 -0.43
N DGL F 2 -18.60 -6.50 -1.13
CA DGL F 2 -19.43 -7.32 -2.04
C DGL F 2 -18.96 -8.72 -2.63
O DGL F 2 -19.52 -9.79 -2.45
CB DGL F 2 -20.61 -7.96 -1.11
CG DGL F 2 -20.16 -8.59 0.26
CD DGL F 2 -20.76 -10.00 0.47
OE1 DGL F 2 -21.36 -10.28 1.52
H DGL F 2 -18.56 -5.48 -1.24
HA DGL F 2 -19.56 -6.60 -2.86
HB2 DGL F 2 -21.07 -8.68 -1.71
HB3 DGL F 2 -21.32 -7.14 -0.90
HG2 DGL F 2 -20.49 -7.96 1.07
HG3 DGL F 2 -19.08 -8.66 0.30
N LYS F 3 -20.61 -10.86 -0.51
CA LYS F 3 -21.12 -12.23 -0.48
C LYS F 3 -22.64 -12.33 -0.78
N DAL F 4 -22.90 -11.95 -2.09
CA DAL F 4 -24.24 -12.02 -2.93
CB DAL F 4 -25.66 -12.49 -2.11
C DAL F 4 -23.63 -12.64 -4.38
O DAL F 4 -23.90 -13.77 -4.76
H DAL F 4 -22.10 -11.64 -2.58
HA DAL F 4 -24.80 -11.11 -3.16
HB1 DAL F 4 -25.62 -13.53 -1.85
HB2 DAL F 4 -26.56 -12.31 -2.70
HB3 DAL F 4 -25.81 -11.93 -1.14
N DAL F 5 -22.75 -11.83 -5.04
CA DAL F 5 -22.10 -11.98 -6.49
CB DAL F 5 -23.42 -12.45 -7.22
C DAL F 5 -21.16 -13.29 -6.02
O DAL F 5 -20.40 -13.29 -5.04
OXT DAL F 5 -21.24 -14.35 -6.78
H DAL F 5 -22.55 -10.96 -4.57
HA DAL F 5 -21.56 -11.20 -7.05
HB1 DAL F 5 -23.96 -13.16 -6.68
HB2 DAL F 5 -23.10 -12.88 -8.16
HB3 DAL F 5 -24.05 -11.58 -7.46
N ALA G 1 14.29 0.55 10.93
CA ALA G 1 15.18 -0.64 10.96
C ALA G 1 16.58 -0.30 10.41
N DGL G 2 17.16 -1.37 9.71
CA DGL G 2 18.48 -1.01 8.98
C DGL G 2 18.45 0.54 8.42
O DGL G 2 19.41 1.29 8.77
CB DGL G 2 19.69 -0.98 9.95
CG DGL G 2 19.37 -0.47 11.40
CD DGL G 2 20.15 0.81 11.74
OE1 DGL G 2 21.19 0.75 12.38
H DGL G 2 16.69 -2.18 9.56
HA DGL G 2 18.57 -1.76 8.20
HB2 DGL G 2 20.40 -0.32 9.50
HB3 DGL G 2 20.11 -1.99 10.01
HG2 DGL G 2 19.65 -1.23 12.11
HG3 DGL G 2 18.31 -0.27 11.50
N LYS G 3 19.64 1.94 11.29
CA LYS G 3 20.26 3.22 11.51
C LYS G 3 21.53 3.45 10.63
N DAL G 4 21.38 2.75 9.43
CA DAL G 4 22.31 2.75 8.15
CB DAL G 4 23.99 2.93 8.39
C DAL G 4 21.32 3.64 7.10
O DAL G 4 21.73 4.62 6.50
H DAL G 4 20.57 2.20 9.38
HA DAL G 4 22.59 1.83 7.64
HB1 DAL G 4 24.23 3.90 8.76
HB2 DAL G 4 24.56 2.76 7.46
HB3 DAL G 4 24.40 2.17 9.13
N DAL G 5 20.00 3.23 7.06
CA DAL G 5 18.82 3.70 6.10
CB DAL G 5 19.69 3.77 4.78
C DAL G 5 18.72 5.21 6.83
O DAL G 5 19.16 5.47 7.97
OXT DAL G 5 18.10 6.14 6.16
H DAL G 5 19.78 2.47 7.68
HA DAL G 5 17.86 3.19 5.95
HB1 DAL G 5 19.78 2.84 4.29
HB2 DAL G 5 20.67 4.12 5.09
HB3 DAL G 5 19.28 4.53 4.09
N ALA H 1 -13.75 4.05 6.04
CA ALA H 1 -13.21 3.83 7.40
C ALA H 1 -12.20 4.93 7.79
N DGL H 2 -12.09 5.14 9.17
CA DGL H 2 -10.98 6.13 9.59
C DGL H 2 -9.75 6.30 8.54
O DGL H 2 -9.15 5.23 8.17
CB DGL H 2 -11.39 7.59 9.54
CG DGL H 2 -12.46 7.97 8.45
CD DGL H 2 -12.19 9.34 7.83
OE1 DGL H 2 -13.04 10.23 7.86
H DGL H 2 -12.49 4.48 9.78
HA DGL H 2 -10.75 5.68 10.56
HB2 DGL H 2 -10.49 8.12 9.33
HB3 DGL H 2 -11.76 7.87 10.53
HG2 DGL H 2 -13.42 7.99 8.92
HG3 DGL H 2 -12.45 7.22 7.68
N LYS H 3 -11.02 9.51 7.24
CA LYS H 3 -10.61 10.75 6.60
C LYS H 3 -10.36 11.89 7.62
N DAL H 4 -9.16 11.67 8.28
CA DAL H 4 -8.37 12.60 9.31
CB DAL H 4 -8.81 12.50 10.95
C DAL H 4 -8.24 13.99 8.36
O DAL H 4 -9.11 14.86 8.36
H DAL H 4 -8.72 10.83 8.05
HA DAL H 4 -7.38 12.33 9.67
HB1 DAL H 4 -9.81 12.87 11.12
HB2 DAL H 4 -8.13 13.06 11.59
HB3 DAL H 4 -8.80 11.43 11.34
N DAL H 5 -7.15 14.03 7.53
CA DAL H 5 -6.58 15.21 6.63
CB DAL H 5 -6.48 16.29 7.80
C DAL H 5 -8.03 15.38 5.79
O DAL H 5 -8.60 16.55 5.82
OXT DAL H 5 -8.57 14.46 5.15
H DAL H 5 -6.56 13.21 7.57
HA DAL H 5 -5.69 15.19 5.99
HB1 DAL H 5 -5.57 16.25 8.32
HB2 DAL H 5 -7.30 16.07 8.46
HB3 DAL H 5 -6.66 17.30 7.39
C1 MUB I . 12.16 -6.31 1.99
C2 MUB I . 11.49 -7.64 1.63
C3 MUB I . 12.35 -8.79 2.22
C4 MUB I . 13.79 -8.36 2.47
C5 MUB I . 13.81 -7.26 3.54
C6 MUB I . 15.08 -6.44 3.48
C7 MUB I . 9.89 -8.20 3.34
C8 MUB I . 8.49 -8.27 3.86
C9 MUB I . 12.55 -9.63 -0.02
C10 MUB I . 13.99 -9.66 -0.53
C11 MUB I . 11.34 -9.48 -1.00
O1 MUB I . 11.20 -5.29 1.92
O3 MUB I . 12.28 -9.97 1.35
O4 MUB I . 14.60 -9.50 2.86
O5 MUB I . 12.68 -6.35 3.34
O6 MUB I . 16.22 -7.28 3.40
O7 MUB I . 10.81 -8.64 4.05
O10 MUB I . 14.19 -9.58 -1.75
N2 MUB I . 10.13 -7.71 2.13
H1 MUB I . 13.00 -6.06 1.32
H2 MUB I . 11.43 -7.57 0.54
HN2 MUB I . 9.38 -7.37 1.58
H81 MUB I . 8.48 -8.73 4.83
H82 MUB I . 7.88 -8.85 3.19
H83 MUB I . 8.08 -7.27 3.91
H3 MUB I . 11.88 -9.21 3.14
H9 MUB I . 12.87 -8.64 0.21
H111 MUB I . 10.72 -10.40 -1.00
H112 MUB I . 11.71 -9.37 -1.98
H113 MUB I . 10.76 -8.58 -0.76
H4 MUB I . 14.40 -8.24 1.57
H5 MUB I . 13.78 -7.65 4.52
H61 MUB I . 15.20 -5.99 4.49
H62 MUB I . 15.11 -5.60 2.75
HO6 MUB I . 16.05 -8.22 3.62
C1 NAG I . 13.99 -10.41 3.79
C2 NAG I . 14.95 -11.51 4.11
C3 NAG I . 14.33 -12.49 5.09
C4 NAG I . 13.74 -11.75 6.30
C5 NAG I . 12.86 -10.58 5.84
C6 NAG I . 12.36 -9.74 7.01
C7 NAG I . 14.46 -12.81 2.11
C8 NAG I . 14.96 -13.47 0.83
N2 NAG I . 15.34 -12.18 2.88
O3 NAG I . 15.33 -13.40 5.54
O4 NAG I . 12.95 -12.65 7.07
O5 NAG I . 13.58 -9.71 4.97
O6 NAG I . 11.75 -8.54 6.56
O7 NAG I . 13.28 -12.93 2.42
H1 NAG I . 13.10 -10.77 3.24
H2 NAG I . 15.95 -11.26 4.42
H3 NAG I . 13.50 -13.06 4.63
H4 NAG I . 14.60 -11.56 6.97
H5 NAG I . 11.92 -10.87 5.35
H61 NAG I . 13.18 -9.42 7.67
H62 NAG I . 11.68 -10.35 7.63
H81 NAG I . 15.62 -14.29 1.11
H82 NAG I . 15.51 -12.76 0.24
H83 NAG I . 14.11 -13.82 0.26
HN2 NAG I . 16.27 -12.12 2.59
HO3 NAG I . 15.95 -12.93 6.10
HO4 NAG I . 13.41 -13.49 7.14
HO6 NAG I . 11.50 -8.69 5.65
C1 MUB J . -12.31 -7.12 -3.47
C2 MUB J . -11.72 -7.58 -2.13
C3 MUB J . -12.78 -8.41 -1.39
C4 MUB J . -14.21 -8.18 -1.94
C5 MUB J . -14.29 -8.53 -3.42
C6 MUB J . -15.39 -7.73 -4.11
C7 MUB J . -10.61 -9.70 -2.31
C8 MUB J . -9.36 -10.52 -2.42
C9 MUB J . -12.74 -6.78 0.37
C10 MUB J . -14.09 -6.11 0.61
C11 MUB J . -11.41 -6.04 0.74
O1 MUB J . -11.27 -6.72 -4.31
O3 MUB J . -12.70 -8.18 0.04
O4 MUB J . -15.15 -8.95 -1.15
O5 MUB J . -13.02 -8.20 -4.09
O6 MUB J . -15.26 -6.35 -3.81
O7 MUB J . -11.69 -10.26 -2.50
O10 MUB J . -14.14 -5.08 1.28
N2 MUB J . -10.52 -8.36 -2.30
H1 MUB J . -13.07 -6.33 -3.35
H2 MUB J . -11.41 -6.64 -1.67
HN2 MUB J . -9.64 -7.94 -2.14
H81 MUB J . -8.69 -10.24 -1.63
H82 MUB J . -8.90 -10.35 -3.37
H83 MUB J . -9.64 -11.57 -2.35
H3 MUB J . -12.49 -9.49 -1.42
H9 MUB J . -12.96 -6.48 -0.63
H111 MUB J . -10.78 -6.67 1.41
H112 MUB J . -11.63 -5.17 1.26
H113 MUB J . -10.86 -5.76 -0.17
H4 MUB J . -14.65 -7.23 -1.58
H5 MUB J . -14.52 -9.55 -3.59
H61 MUB J . -16.34 -8.01 -3.59
H62 MUB J . -15.53 -7.94 -5.19
HO6 MUB J . -15.12 -5.77 -4.57
C1 NAG J . -14.77 -10.31 -0.87
C2 NAG J . -15.70 -10.92 0.13
C3 NAG J . -15.16 -12.31 0.46
C4 NAG J . -14.94 -13.14 -0.81
C5 NAG J . -14.13 -12.36 -1.84
C6 NAG J . -14.00 -13.08 -3.18
C7 NAG J . -14.75 -9.86 2.11
C8 NAG J . -14.96 -8.96 3.31
N2 NAG J . -15.80 -10.08 1.31
O3 NAG J . -16.09 -12.97 1.31
O4 NAG J . -14.26 -14.34 -0.47
O5 NAG J . -14.72 -11.08 -2.09
O6 NAG J . -14.37 -12.24 -4.26
O7 NAG J . -13.67 -10.40 1.93
H1 NAG J . -13.76 -10.20 -0.45
H2 NAG J . -16.75 -10.98 -0.04
H3 NAG J . -14.19 -12.24 0.98
H4 NAG J . -15.96 -13.51 -1.07
H5 NAG J . -13.07 -12.22 -1.56
H61 NAG J . -14.66 -13.96 -3.23
H62 NAG J . -12.97 -13.45 -3.26
H81 NAG J . -14.00 -8.84 3.83
H82 NAG J . -15.66 -9.40 3.98
H83 NAG J . -15.33 -8.00 2.98
HN2 NAG J . -16.64 -9.62 1.49
HO3 NAG J . -16.95 -12.98 0.89
HO4 NAG J . -14.63 -14.70 0.33
HO6 NAG J . -14.08 -11.36 -4.00
C1 MUB K . 12.82 4.57 8.21
C2 MUB K . 12.15 3.94 9.44
C3 MUB K . 13.19 3.85 10.56
C4 MUB K . 14.53 3.38 9.97
C5 MUB K . 15.07 4.51 9.09
C6 MUB K . 15.85 3.99 7.90
C7 MUB K . 11.12 5.71 10.71
C8 MUB K . 9.90 6.46 11.15
C9 MUB K . 12.13 1.76 11.16
C10 MUB K . 12.96 0.49 11.28
C11 MUB K . 10.61 1.71 10.82
O1 MUB K . 11.91 5.41 7.56
O3 MUB K . 12.69 3.01 11.64
O4 MUB K . 15.44 3.08 11.06
O5 MUB K . 13.97 5.34 8.58
O6 MUB K . 15.46 2.66 7.60
O7 MUB K . 12.21 6.04 11.16
O10 MUB K . 12.46 -0.51 11.80
N2 MUB K . 10.98 4.69 9.87
H1 MUB K . 13.15 3.81 7.48
H2 MUB K . 11.75 3.00 9.04
HN2 MUB K . 10.09 4.44 9.53
H81 MUB K . 9.24 5.80 11.71
H82 MUB K . 9.37 6.85 10.29
H83 MUB K . 10.21 7.29 11.78
H3 MUB K . 13.25 4.81 11.11
H9 MUB K . 12.65 1.81 10.23
H111 MUB K . 10.43 1.91 9.75
H112 MUB K . 10.11 2.45 11.36
H113 MUB K . 10.20 0.74 11.13
H4 MUB K . 14.57 2.35 9.60
H5 MUB K . 15.77 5.12 9.57
H61 MUB K . 16.90 3.86 8.25
H62 MUB K . 15.89 4.64 7.00
HO6 MUB K . 16.17 2.01 7.68
C1 NAG K . 15.45 4.05 12.12
C2 NAG K . 16.39 3.63 13.20
C3 NAG K . 16.30 4.64 14.34
C4 NAG K . 16.50 6.07 13.83
C5 NAG K . 15.62 6.34 12.60
C6 NAG K . 15.90 7.70 11.96
C7 NAG K . 14.97 2.00 14.28
C8 NAG K . 14.73 0.56 14.70
N2 NAG K . 16.10 2.28 13.65
O3 NAG K . 17.29 4.34 15.31
O4 NAG K . 16.16 6.99 14.86
O5 NAG K . 15.82 5.33 11.61
O6 NAG K . 15.50 7.72 10.60
O7 NAG K . 14.17 2.87 14.62
H1 NAG K . 14.40 4.05 12.47
H2 NAG K . 17.42 3.43 13.02
H3 NAG K . 15.30 4.60 14.82
H4 NAG K . 17.60 6.20 13.76
H5 NAG K . 14.55 6.42 12.84
H61 NAG K . 16.97 7.93 11.96
H62 NAG K . 15.42 8.48 12.58
H81 NAG K . 13.78 0.50 15.22
H82 NAG K . 15.52 0.25 15.36
H83 NAG K . 14.73 -0.07 13.82
HN2 NAG K . 16.71 1.56 13.40
HO3 NAG K . 17.18 3.44 15.61
HO4 NAG K . 16.56 6.71 15.69
HO6 NAG K . 14.66 7.24 10.58
C1 MUB L . -12.45 4.46 1.27
C2 MUB L . -13.95 4.51 1.57
C3 MUB L . -14.15 5.35 2.83
C4 MUB L . -12.86 5.52 3.68
C5 MUB L . -11.70 6.11 2.88
C6 MUB L . -10.36 5.57 3.36
C7 MUB L . -15.11 6.32 0.49
C8 MUB L . -15.96 6.87 -0.62
C9 MUB L . -15.04 3.45 4.01
C10 MUB L . -14.59 3.16 5.44
C11 MUB L . -15.52 2.32 3.06
O1 MUB L . -12.22 4.04 -0.04
O3 MUB L . -15.26 4.83 3.63
O4 MUB L . -13.17 6.32 4.84
O5 MUB L . -11.84 5.75 1.47
O6 MUB L . -10.55 4.73 4.48
O7 MUB L . -14.55 7.14 1.24
O10 MUB L . -15.07 2.18 6.03
N2 MUB L . -14.73 5.04 0.47
H1 MUB L . -11.92 3.77 1.97
H2 MUB L . -14.24 3.45 1.60
HN2 MUB L . -15.19 4.41 -0.13
H81 MUB L . -15.40 6.88 -1.54
H82 MUB L . -16.28 7.88 -0.38
H83 MUB L . -16.85 6.24 -0.70
H3 MUB L . -14.58 6.34 2.58
H9 MUB L . -13.98 3.52 3.90
H111 MUB L . -14.67 1.92 2.46
H112 MUB L . -16.22 2.70 2.38
H113 MUB L . -16.01 1.53 3.63
H4 MUB L . -12.67 4.62 4.30
H5 MUB L . -11.63 7.15 2.95
H61 MUB L . -9.79 6.43 3.78
H62 MUB L . -9.75 5.08 2.57
HO6 MUB L . -10.76 5.16 5.32
C1 NAG L . -14.02 7.47 4.60
C2 NAG L . -14.39 8.14 5.90
C3 NAG L . -15.31 9.32 5.61
C4 NAG L . -14.72 10.24 4.52
C5 NAG L . -14.28 9.42 3.30
C6 NAG L . -13.56 10.28 2.27
C7 NAG L . -16.14 6.56 6.49
C8 NAG L . -16.71 5.57 7.49
N2 NAG L . -15.01 7.19 6.80
O3 NAG L . -15.49 10.06 6.80
O4 NAG L . -15.69 11.18 4.14
O5 NAG L . -13.38 8.37 3.69
O6 NAG L . -13.12 9.50 1.17
O7 NAG L . -16.78 6.82 5.47
H1 NAG L . -14.92 7.01 4.12
H2 NAG L . -13.63 8.45 6.58
H3 NAG L . -16.30 8.99 5.24
H4 NAG L . -13.97 10.86 5.08
H5 NAG L . -15.10 8.99 2.72
H61 NAG L . -12.66 10.76 2.67
H62 NAG L . -14.24 11.09 1.96
H81 NAG L . -16.96 6.10 8.40
H82 NAG L . -15.97 4.82 7.71
H83 NAG L . -17.58 5.09 7.06
HN2 NAG L . -14.54 6.94 7.61
HO3 NAG L . -14.64 10.23 7.20
HO4 NAG L . -16.17 11.49 4.90
HO6 NAG L . -13.47 8.61 1.32
P 2PO M . 11.45 -3.77 2.48
O1P 2PO M . 12.89 -3.48 2.70
O2P 2PO M . 10.68 -2.83 1.62
O3P 2PO M . 10.75 -3.81 3.91
P 2PO N . 9.17 -4.02 3.97
O1P 2PO N . 8.53 -2.71 3.76
O2P 2PO N . 8.81 -5.16 3.08
O3P 2PO N . 8.92 -4.48 5.48
C1 P1W O . 8.70 -3.49 6.50
C2 P1W O . 7.33 -3.70 7.09
C3 P1W O . 6.76 -2.93 8.02
C4 P1W O . 5.38 -3.23 8.53
C5 P1W O . 7.42 -1.68 8.59
H12 P1W O . 8.76 -2.51 6.05
H11 P1W O . 9.46 -3.59 7.25
H2 P1W O . 6.70 -4.34 6.51
H41 P1W O . 4.64 -2.70 7.93
H42 P1W O . 5.21 -4.28 8.44
H51 P1W O . 6.67 -1.02 8.98
H52 P1W O . 8.00 -1.19 7.83
H53 P1W O . 8.08 -1.98 9.40
C1 P1W P . 5.20 -2.87 9.99
C2 P1W P . 4.19 -1.77 10.12
C3 P1W P . 4.33 -0.75 10.96
C4 P1W P . 3.31 0.35 11.12
C5 P1W P . 5.58 -0.56 11.83
H12 P1W P . 4.87 -3.73 10.52
H11 P1W P . 6.15 -2.53 10.39
H2 P1W P . 3.22 -1.99 9.69
H41 P1W P . 2.34 -0.03 10.86
H42 P1W P . 3.30 0.69 12.15
H51 P1W P . 5.76 -1.45 12.39
H52 P1W P . 5.42 0.28 12.49
H53 P1W P . 6.43 -0.35 11.20
C1 P1W Q . 3.63 1.54 10.21
C2 P1W Q . 3.07 2.82 10.76
C3 P1W Q . 1.99 3.46 10.28
C4 P1W Q . 1.45 4.75 10.90
C5 P1W Q . 1.21 2.99 9.06
H12 P1W Q . 4.71 1.64 10.13
H11 P1W Q . 3.23 1.36 9.24
H2 P1W Q . 3.59 3.20 11.62
H43 P1W Q . 2.12 5.08 11.68
H41 P1W Q . 0.47 4.56 11.31
H42 P1W Q . 1.39 5.52 10.14
H51 P1W Q . 0.28 3.54 8.99
H52 P1W Q . 1.00 1.93 9.15
H53 P1W Q . 1.79 3.15 8.16
C1 P1W R . -10.85 -13.63 -4.92
C2 P1W R . -9.70 -14.28 -5.69
C3 P1W R . -8.42 -14.27 -5.25
C4 P1W R . -7.25 -14.88 -6.00
C5 P1W R . -8.01 -13.63 -3.92
H12 P1W R . -10.55 -12.67 -4.57
H11 P1W R . -11.11 -14.27 -4.09
H2 P1W R . -9.91 -14.48 -6.74
H41 P1W R . -6.39 -14.23 -5.94
H42 P1W R . -7.54 -15.01 -7.05
H51 P1W R . -8.70 -13.94 -3.15
H52 P1W R . -8.04 -12.55 -4.01
H53 P1W R . -7.02 -13.94 -3.66
C1 P1W S . -6.90 -16.25 -5.43
C2 P1W S . -7.76 -17.30 -6.06
C3 P1W S . -8.59 -18.10 -5.39
C4 P1W S . -9.43 -19.17 -6.08
C5 P1W S . -8.80 -18.02 -3.88
H12 P1W S . -5.86 -16.46 -5.65
H11 P1W S . -7.05 -16.25 -4.37
H2 P1W S . -7.53 -17.49 -7.09
H43 P1W S . -8.94 -20.12 -6.00
H41 P1W S . -9.56 -18.90 -7.12
H42 P1W S . -10.40 -19.23 -5.61
H51 P1W S . -9.59 -18.70 -3.59
H52 P1W S . -9.08 -17.01 -3.61
H53 P1W S . -7.89 -18.28 -3.36
P 2PO T . -11.59 -5.96 -5.71
O1P 2PO T . -13.00 -5.52 -5.74
O2P 2PO T . -10.53 -4.94 -5.96
O3P 2PO T . -11.39 -7.13 -6.76
P 2PO U . -9.97 -7.82 -6.85
O1P 2PO U . -9.45 -7.68 -8.24
O2P 2PO U . -9.12 -7.39 -5.71
O3P 2PO U . -10.34 -9.34 -6.61
C1 P1W V . -11.69 -9.66 -6.43
C2 P1W V . -11.78 -11.03 -5.83
C3 P1W V . -12.01 -12.16 -6.50
C4 P1W V . -12.07 -13.46 -5.81
C5 P1W V . -12.22 -12.23 -8.04
H12 P1W V . -12.17 -9.65 -7.39
H11 P1W V . -12.14 -8.93 -5.78
H2 P1W V . -11.42 -11.09 -4.81
H41 P1W V . -12.10 -14.25 -6.54
H42 P1W V . -12.96 -13.51 -5.20
H51 P1W V . -11.43 -12.81 -8.49
H52 P1W V . -12.21 -11.23 -8.46
H53 P1W V . -13.18 -12.70 -8.25
P 2PO W . 11.36 5.03 6.08
O1P 2PO W . 12.16 3.90 5.53
O2P 2PO W . 9.89 4.88 6.13
O3P 2PO W . 11.68 6.33 5.24
P 2PO X . 10.86 7.67 5.50
O1P 2PO X . 10.79 8.42 4.18
O2P 2PO X . 9.61 7.32 6.18
O3P 2PO X . 11.81 8.39 6.55
C1 P1W Y . 12.06 7.89 7.85
C2 P1W Y . 12.18 8.99 8.87
C3 P1W Y . 11.10 9.54 9.46
C4 P1W Y . 11.18 10.64 10.50
C5 P1W Y . 9.69 9.10 9.12
H12 P1W Y . 12.97 7.32 7.84
H11 P1W Y . 11.25 7.23 8.11
H2 P1W Y . 13.14 9.06 9.34
H41 P1W Y . 12.07 11.24 10.32
H42 P1W Y . 11.24 10.20 11.49
H51 P1W Y . 9.21 9.87 8.53
H52 P1W Y . 9.13 8.95 10.04
H53 P1W Y . 9.72 8.18 8.56
C1 P1W Z . 9.95 11.56 10.44
C2 P1W Z . 10.05 12.53 9.30
C3 P1W Z . 9.01 12.81 8.46
C4 P1W Z . 9.13 13.78 7.31
C5 P1W Z . 7.63 12.20 8.61
H12 P1W Z . 9.08 10.93 10.32
H11 P1W Z . 9.86 12.10 11.37
H2 P1W Z . 11.06 12.75 9.00
H41 P1W Z . 8.27 14.43 7.31
H42 P1W Z . 9.17 13.23 6.37
H51 P1W Z . 6.95 12.68 7.92
H52 P1W Z . 7.28 12.34 9.62
H53 P1W Z . 7.66 11.14 8.39
C1 P1W AA . 10.40 14.63 7.42
C2 P1W AA . 10.18 16.00 6.84
C3 P1W AA . 10.81 16.51 5.77
C4 P1W AA . 10.52 17.91 5.23
C5 P1W AA . 11.89 15.75 4.99
H12 P1W AA . 10.67 14.73 8.45
H11 P1W AA . 11.20 14.15 6.87
H2 P1W AA . 9.40 16.56 7.32
H43 P1W AA . 9.56 17.92 4.73
H41 P1W AA . 11.29 18.19 4.52
H42 P1W AA . 10.52 18.61 6.05
H51 P1W AA . 11.43 14.93 4.45
H52 P1W AA . 12.63 15.37 5.67
H53 P1W AA . 12.36 16.42 4.29
P 2PO BA . -10.72 3.73 -0.51
O1P 2PO BA . -9.87 4.01 0.67
O2P 2PO BA . -10.63 2.39 -1.12
O3P 2PO BA . -10.42 4.81 -1.66
P 2PO CA . -11.27 4.84 -3.02
O1P 2PO CA . -10.45 4.26 -4.11
O2P 2PO CA . -12.66 4.26 -2.81
O3P 2PO CA . -11.37 6.40 -3.25
C1 P1W DA . -10.22 7.16 -2.99
C2 P1W DA . -10.13 7.27 -1.51
C3 P1W DA . -9.34 8.10 -0.83
C4 P1W DA . -9.36 8.05 0.66
C5 P1W DA . -8.33 9.11 -1.43
H12 P1W DA . -10.33 8.13 -3.42
H11 P1W DA . -9.35 6.66 -3.39
H2 P1W DA . -10.96 6.83 -0.99
H41 P1W DA . -9.95 7.20 0.98
H42 P1W DA . -9.79 8.97 1.04
H51 P1W DA . -8.65 9.40 -2.42
H52 P1W DA . -7.36 8.64 -1.51
H53 P1W DA . -8.25 9.98 -0.80
C1 P1W EA . -7.94 7.89 1.17
C2 P1W EA . -7.94 7.55 2.65
C3 P1W EA . -7.79 8.47 3.63
C4 P1W EA . -7.77 8.17 5.11
C5 P1W EA . -7.71 9.97 3.33
H12 P1W EA . -7.47 7.10 0.62
H11 P1W EA . -7.40 8.82 1.01
H2 P1W EA . -7.87 6.49 2.88
H41 P1W EA . -8.75 7.80 5.41
H42 P1W EA . -7.55 9.07 5.65
H51 P1W EA . -7.82 10.52 4.25
H52 P1W EA . -8.50 10.23 2.64
H53 P1W EA . -6.75 10.19 2.89
C1 P1W FA . -6.73 7.11 5.47
C2 P1W FA . -6.47 7.10 6.95
C3 P1W FA . -6.09 6.03 7.66
C4 P1W FA . -5.83 6.10 9.17
C5 P1W FA . -5.87 4.64 7.07
H12 P1W FA . -7.10 6.14 5.18
H11 P1W FA . -5.81 7.32 4.94
H2 P1W FA . -6.67 8.04 7.44
H43 P1W FA . -4.95 5.52 9.41
H41 P1W FA . -6.69 5.71 9.69
H42 P1W FA . -5.67 7.13 9.45
H51 P1W FA . -5.00 4.66 6.42
H52 P1W FA . -6.74 4.36 6.48
H53 P1W FA . -5.72 3.92 7.85
#